data_3WQ8
#
_entry.id   3WQ8
#
_cell.length_a   97.365
_cell.length_b   148.872
_cell.length_c   148.563
_cell.angle_alpha   120.08
_cell.angle_beta   94.00
_cell.angle_gamma   99.70
#
_symmetry.space_group_name_H-M   'P 1'
#
loop_
_entity.id
_entity.type
_entity.pdbx_description
1 polymer Beta-glucosidase
2 water water
#
_entity_poly.entity_id   1
_entity_poly.type   'polypeptide(L)'
_entity_poly.pdbx_seq_one_letter_code
;MAKFPKNFMFGYSWSGFQFEMGLPGSEVESDWWVWVHDKENIASGLVSGDLPENGPAYWHLYKQDHDIAEKLGMDCIRGG
IEWARIFPKPTFDVKVDVEKDEEGNIISVDVPESTIKELEKIANMEALEHYRKIYSDWKERGKTFILNLYHWPLPLWIHD
PIAVRKLGPDAAPAGWLDEKTVVEFVKFAAFVAYHLDDLVDMWSTMNEPNVVYNQGYINLASGFPPGFLSFEAAEKAKFN
LIQAHIGAYDAIKEYSEKSVGVIYAFAWHDPLAEEYKDEVEEIRKKDYEFVTILHSKGKLDWIGVNYYSRLVYGAKDGHL
VPLPGYGFMSERGGFAKSGRPASDFGWEMYPEGLENLLKYLNNAYELPMIITENGMADAADRYRPHYLVSHLKAVYNAMK
EGADVRGYLHWSLTDNYEWAQGFRMRFGLVYVDFETKKRYLRPSALVSVK
;
_entity_poly.pdbx_strand_id   A,B,C,D,E,F,G,H,I,J,K,L
#
# COMPACT_ATOMS: atom_id res chain seq x y z
N LYS A 3 58.21 30.50 36.65
CA LYS A 3 57.93 31.89 36.14
C LYS A 3 58.57 32.09 34.78
N PHE A 4 57.91 32.88 33.96
CA PHE A 4 58.44 33.25 32.66
C PHE A 4 58.88 34.70 32.78
N PRO A 5 59.86 35.10 31.97
CA PRO A 5 60.24 36.51 31.90
C PRO A 5 59.12 37.53 31.94
N LYS A 6 59.48 38.76 32.28
CA LYS A 6 58.51 39.85 32.46
C LYS A 6 57.77 40.14 31.16
N ASN A 7 58.49 40.04 30.05
CA ASN A 7 57.92 40.44 28.76
C ASN A 7 57.34 39.27 27.93
N PHE A 8 57.21 38.11 28.54
CA PHE A 8 56.79 36.92 27.81
C PHE A 8 55.29 36.94 27.57
N MET A 9 54.88 36.83 26.29
CA MET A 9 53.49 36.99 25.92
C MET A 9 52.70 35.67 25.92
N PHE A 10 51.47 35.71 26.48
CA PHE A 10 50.52 34.58 26.45
C PHE A 10 49.30 35.01 25.63
N GLY A 11 48.75 34.09 24.80
CA GLY A 11 47.70 34.46 23.92
C GLY A 11 47.07 33.39 23.11
N TYR A 12 46.78 33.73 21.85
CA TYR A 12 46.19 32.75 20.90
C TYR A 12 46.24 33.18 19.47
N SER A 13 45.85 32.30 18.57
CA SER A 13 45.95 32.63 17.16
C SER A 13 44.67 32.26 16.46
N TRP A 14 44.34 33.01 15.43
CA TRP A 14 43.17 32.72 14.59
C TRP A 14 43.53 33.02 13.18
N SER A 15 42.77 32.41 12.28
CA SER A 15 42.94 32.56 10.82
C SER A 15 41.59 32.86 10.28
N GLY A 16 41.54 33.69 9.25
CA GLY A 16 40.28 34.18 8.67
C GLY A 16 39.30 33.12 8.21
N PHE A 17 39.79 32.13 7.52
CA PHE A 17 38.88 31.17 6.97
C PHE A 17 38.18 30.44 8.06
N GLN A 18 38.88 30.16 9.15
CA GLN A 18 38.36 29.18 10.12
C GLN A 18 37.47 29.88 11.12
N PHE A 19 37.53 31.20 11.15
CA PHE A 19 36.97 31.97 12.22
C PHE A 19 35.93 32.97 11.71
N GLU A 20 36.29 33.70 10.67
CA GLU A 20 35.53 34.88 10.36
C GLU A 20 34.04 34.55 10.14
N MET A 21 33.78 33.54 9.29
CA MET A 21 32.45 33.27 8.73
C MET A 21 31.54 32.52 9.69
N GLY A 22 30.23 32.65 9.49
CA GLY A 22 29.30 32.08 10.46
C GLY A 22 27.93 32.73 10.54
N LEU A 23 27.86 34.02 10.33
CA LEU A 23 26.58 34.64 10.09
C LEU A 23 26.57 35.28 8.72
N PRO A 24 25.40 35.39 8.09
CA PRO A 24 25.34 36.07 6.78
C PRO A 24 25.93 37.50 6.68
N GLY A 25 26.52 37.80 5.53
CA GLY A 25 27.36 39.00 5.33
C GLY A 25 28.86 38.63 5.27
N SER A 26 29.23 37.57 5.99
CA SER A 26 30.61 37.22 6.32
C SER A 26 31.34 36.60 5.11
N GLU A 27 30.56 36.12 4.15
CA GLU A 27 30.95 34.97 3.37
C GLU A 27 31.93 35.41 2.32
N VAL A 28 32.88 34.56 1.92
CA VAL A 28 33.94 34.99 1.00
C VAL A 28 34.48 33.93 0.08
N GLU A 29 34.39 34.20 -1.21
CA GLU A 29 34.82 33.22 -2.20
C GLU A 29 36.35 33.13 -2.27
N SER A 30 36.84 31.91 -2.24
CA SER A 30 38.27 31.62 -2.28
C SER A 30 38.43 30.25 -2.89
N ASP A 31 39.65 29.84 -3.16
CA ASP A 31 39.85 28.46 -3.68
C ASP A 31 39.32 27.49 -2.65
N TRP A 32 39.64 27.73 -1.38
CA TRP A 32 39.22 26.80 -0.31
C TRP A 32 37.72 26.71 -0.17
N TRP A 33 37.04 27.82 -0.33
CA TRP A 33 35.60 27.85 -0.20
C TRP A 33 35.02 26.88 -1.23
N VAL A 34 35.42 27.11 -2.47
CA VAL A 34 34.88 26.30 -3.53
C VAL A 34 35.13 24.85 -3.17
N TRP A 35 36.35 24.59 -2.70
CA TRP A 35 36.82 23.24 -2.47
C TRP A 35 35.98 22.48 -1.43
N VAL A 36 35.62 23.15 -0.32
CA VAL A 36 34.79 22.51 0.67
C VAL A 36 33.33 22.43 0.28
N HIS A 37 32.92 23.17 -0.74
CA HIS A 37 31.53 23.10 -1.25
C HIS A 37 31.36 22.13 -2.44
N ASP A 38 32.44 21.77 -3.10
CA ASP A 38 32.44 20.84 -4.22
C ASP A 38 31.72 19.54 -3.95
N LYS A 39 30.70 19.25 -4.76
CA LYS A 39 29.81 18.06 -4.59
C LYS A 39 30.61 16.79 -4.62
N GLU A 40 31.52 16.64 -5.62
CA GLU A 40 32.38 15.45 -5.76
C GLU A 40 33.19 15.19 -4.53
N ASN A 41 33.82 16.26 -4.02
CA ASN A 41 34.58 16.18 -2.80
C ASN A 41 33.77 15.73 -1.58
N ILE A 42 32.62 16.38 -1.35
CA ILE A 42 31.78 16.06 -0.20
C ILE A 42 31.36 14.60 -0.25
N ALA A 43 30.84 14.20 -1.41
CA ALA A 43 30.27 12.86 -1.63
C ALA A 43 31.32 11.77 -1.40
N SER A 44 32.56 12.01 -1.82
CA SER A 44 33.62 10.99 -1.71
C SER A 44 34.26 11.00 -0.33
N GLY A 45 33.77 11.83 0.58
CA GLY A 45 34.30 11.85 1.93
C GLY A 45 35.59 12.62 2.08
N LEU A 46 36.05 13.22 1.00
CA LEU A 46 37.36 13.87 1.00
C LEU A 46 37.32 15.13 1.83
N VAL A 47 36.15 15.74 1.94
CA VAL A 47 35.93 16.81 2.94
C VAL A 47 34.72 16.48 3.79
N SER A 48 34.67 17.10 4.93
CA SER A 48 33.61 16.85 5.94
C SER A 48 32.24 17.06 5.41
N GLY A 49 32.05 18.05 4.56
CA GLY A 49 30.69 18.46 4.22
C GLY A 49 30.13 19.53 5.20
N ASP A 50 30.79 19.70 6.36
CA ASP A 50 30.66 20.91 7.13
C ASP A 50 31.11 22.12 6.31
N LEU A 51 30.55 23.30 6.62
CA LEU A 51 30.84 24.49 5.84
C LEU A 51 31.21 25.66 6.72
N PRO A 52 32.12 26.52 6.20
CA PRO A 52 32.71 27.53 7.06
C PRO A 52 31.71 28.61 7.38
N GLU A 53 30.68 28.75 6.55
CA GLU A 53 29.65 29.76 6.82
C GLU A 53 28.77 29.37 8.01
N ASN A 54 29.04 28.20 8.58
CA ASN A 54 28.46 27.77 9.83
C ASN A 54 29.45 27.86 11.01
N GLY A 55 30.45 28.71 10.87
CA GLY A 55 31.51 28.82 11.85
C GLY A 55 31.18 29.75 12.98
N PRO A 56 32.19 30.12 13.77
CA PRO A 56 32.02 30.89 15.01
C PRO A 56 31.70 32.35 14.80
N ALA A 57 31.70 32.80 13.53
CA ALA A 57 31.31 34.16 13.17
C ALA A 57 32.11 35.27 13.89
N TYR A 58 33.43 35.14 13.91
CA TYR A 58 34.29 36.14 14.60
C TYR A 58 34.16 37.52 13.96
N TRP A 59 33.91 37.52 12.66
CA TRP A 59 33.75 38.74 11.90
C TRP A 59 32.73 39.67 12.58
N HIS A 60 31.68 39.09 13.15
CA HIS A 60 30.68 39.84 13.87
C HIS A 60 30.96 39.82 15.38
N LEU A 61 31.37 38.67 15.94
CA LEU A 61 31.42 38.52 17.40
C LEU A 61 32.79 38.69 18.05
N TYR A 62 33.62 39.55 17.50
CA TYR A 62 35.02 39.62 17.90
C TYR A 62 35.14 40.32 19.27
N LYS A 63 34.24 41.25 19.53
CA LYS A 63 34.20 41.98 20.77
C LYS A 63 34.15 41.06 22.03
N GLN A 64 33.22 40.10 22.04
CA GLN A 64 33.12 39.13 23.15
C GLN A 64 34.37 38.30 23.29
N ASP A 65 34.84 37.76 22.17
CA ASP A 65 35.98 36.88 22.15
C ASP A 65 37.15 37.61 22.76
N HIS A 66 37.34 38.85 22.33
CA HIS A 66 38.44 39.68 22.87
C HIS A 66 38.26 39.80 24.37
N ASP A 67 37.05 40.21 24.81
CA ASP A 67 36.73 40.32 26.23
C ASP A 67 37.14 39.09 27.02
N ILE A 68 36.72 37.94 26.52
CA ILE A 68 37.12 36.66 27.14
C ILE A 68 38.63 36.49 27.23
N ALA A 69 39.33 36.70 26.12
CA ALA A 69 40.78 36.53 26.13
C ALA A 69 41.40 37.49 27.15
N GLU A 70 40.85 38.70 27.21
CA GLU A 70 41.45 39.71 28.05
C GLU A 70 41.41 39.16 29.46
N LYS A 71 40.21 38.78 29.88
CA LYS A 71 40.03 38.43 31.29
C LYS A 71 40.64 37.10 31.61
N LEU A 72 41.17 36.43 30.59
CA LEU A 72 41.88 35.18 30.80
C LEU A 72 43.36 35.46 30.94
N GLY A 73 43.68 36.76 31.03
CA GLY A 73 45.07 37.19 31.22
C GLY A 73 45.90 37.25 29.94
N MET A 74 45.26 37.06 28.78
CA MET A 74 46.00 37.02 27.53
C MET A 74 46.38 38.46 27.15
N ASP A 75 47.59 38.63 26.58
CA ASP A 75 48.12 39.94 26.23
C ASP A 75 48.51 40.05 24.74
N CYS A 76 48.48 38.94 24.02
CA CYS A 76 48.89 38.91 22.62
C CYS A 76 48.00 38.02 21.76
N ILE A 77 47.62 38.51 20.57
CA ILE A 77 46.85 37.68 19.60
C ILE A 77 47.55 37.70 18.30
N ARG A 78 47.55 36.57 17.62
CA ARG A 78 48.04 36.56 16.31
C ARG A 78 46.89 36.15 15.44
N GLY A 79 46.57 37.01 14.51
CA GLY A 79 45.45 36.76 13.61
C GLY A 79 45.82 37.06 12.19
N GLY A 80 44.83 36.96 11.30
CA GLY A 80 45.10 37.17 9.91
C GLY A 80 44.34 38.26 9.21
N ILE A 81 44.58 38.31 7.91
CA ILE A 81 43.81 39.11 6.98
C ILE A 81 43.74 38.30 5.73
N GLU A 82 42.56 38.18 5.18
CA GLU A 82 42.33 37.33 3.99
C GLU A 82 42.38 38.03 2.63
N TRP A 83 43.39 37.66 1.82
CA TRP A 83 43.65 38.24 0.49
C TRP A 83 42.38 38.32 -0.33
N ALA A 84 41.72 37.17 -0.45
CA ALA A 84 40.49 37.05 -1.22
C ALA A 84 39.34 37.98 -0.62
N ARG A 85 39.41 38.35 0.63
CA ARG A 85 38.46 39.29 1.17
C ARG A 85 38.82 40.71 0.81
N ILE A 86 40.08 40.99 0.59
CA ILE A 86 40.50 42.38 0.35
C ILE A 86 40.44 42.69 -1.17
N PHE A 87 40.80 41.68 -1.98
CA PHE A 87 40.78 41.81 -3.43
C PHE A 87 39.93 40.75 -4.08
N PRO A 88 38.62 40.78 -3.82
CA PRO A 88 37.77 39.87 -4.58
C PRO A 88 37.96 39.97 -6.10
N LYS A 89 38.23 41.18 -6.62
CA LYS A 89 38.49 41.42 -8.04
C LYS A 89 40.01 41.44 -8.29
N PRO A 90 40.47 40.88 -9.42
CA PRO A 90 41.89 40.79 -9.77
C PRO A 90 42.65 42.10 -9.71
N THR A 91 43.92 42.00 -9.40
CA THR A 91 44.81 43.14 -9.37
C THR A 91 45.77 43.22 -10.59
N PHE A 92 45.71 42.23 -11.49
CA PHE A 92 46.70 42.09 -12.56
C PHE A 92 46.85 43.33 -13.40
N ASP A 93 45.76 44.08 -13.59
CA ASP A 93 45.76 45.28 -14.45
C ASP A 93 46.40 46.50 -13.83
N VAL A 94 46.60 46.52 -12.51
CA VAL A 94 47.39 47.59 -11.83
C VAL A 94 48.85 47.23 -11.94
N LYS A 95 49.54 47.85 -12.90
CA LYS A 95 50.87 47.40 -13.32
C LYS A 95 51.97 47.83 -12.34
N VAL A 96 52.97 46.99 -12.19
CA VAL A 96 54.13 47.33 -11.38
C VAL A 96 55.44 46.94 -12.04
N ASP A 97 56.45 47.74 -11.77
CA ASP A 97 57.77 47.49 -12.31
C ASP A 97 58.38 46.33 -11.55
N VAL A 98 58.71 45.26 -12.27
CA VAL A 98 59.26 44.05 -11.65
C VAL A 98 60.58 43.63 -12.30
N GLU A 99 61.64 43.48 -11.49
CA GLU A 99 62.97 43.18 -12.02
C GLU A 99 63.31 41.72 -11.75
N LYS A 100 63.75 41.01 -12.78
CA LYS A 100 64.12 39.61 -12.67
C LYS A 100 65.56 39.40 -13.20
N ASP A 101 66.31 38.43 -12.66
CA ASP A 101 67.67 38.10 -13.16
C ASP A 101 67.63 36.98 -14.20
N GLU A 102 68.82 36.58 -14.64
CA GLU A 102 69.01 35.52 -15.65
C GLU A 102 68.23 34.23 -15.40
N GLU A 103 68.45 33.64 -14.23
CA GLU A 103 67.86 32.35 -13.84
C GLU A 103 66.32 32.39 -13.70
N GLY A 104 65.76 33.58 -13.53
CA GLY A 104 64.33 33.75 -13.31
C GLY A 104 64.00 33.90 -11.83
N ASN A 105 64.86 34.63 -11.11
CA ASN A 105 64.60 35.01 -9.72
C ASN A 105 63.93 36.38 -9.65
N ILE A 106 63.33 36.70 -8.49
CA ILE A 106 62.68 37.96 -8.24
C ILE A 106 63.70 38.85 -7.52
N ILE A 107 64.10 39.96 -8.12
CA ILE A 107 64.98 40.89 -7.40
C ILE A 107 64.16 41.99 -6.70
N SER A 108 63.14 42.52 -7.39
CA SER A 108 62.32 43.57 -6.83
C SER A 108 60.95 43.64 -7.48
N VAL A 109 60.08 44.43 -6.85
CA VAL A 109 58.71 44.60 -7.29
C VAL A 109 58.28 45.97 -6.76
N ASP A 110 58.50 47.05 -7.50
CA ASP A 110 58.27 48.38 -6.90
C ASP A 110 56.77 48.54 -6.74
N VAL A 111 56.33 48.97 -5.55
CA VAL A 111 54.89 49.30 -5.28
C VAL A 111 54.79 50.63 -4.55
N PRO A 112 54.90 51.73 -5.28
CA PRO A 112 54.89 53.05 -4.64
C PRO A 112 53.56 53.41 -4.08
N GLU A 113 53.50 54.59 -3.50
CA GLU A 113 52.28 55.08 -2.90
C GLU A 113 51.18 55.21 -3.94
N SER A 114 51.55 55.56 -5.18
CA SER A 114 50.57 55.74 -6.26
C SER A 114 49.89 54.43 -6.61
N THR A 115 50.66 53.37 -6.70
CA THR A 115 50.08 52.06 -6.95
C THR A 115 49.10 51.69 -5.87
N ILE A 116 49.39 52.02 -4.62
CA ILE A 116 48.45 51.73 -3.51
C ILE A 116 47.14 52.41 -3.75
N LYS A 117 47.18 53.62 -4.30
CA LYS A 117 45.96 54.38 -4.60
C LYS A 117 45.15 53.76 -5.73
N GLU A 118 45.83 53.25 -6.73
CA GLU A 118 45.17 52.55 -7.84
C GLU A 118 44.53 51.23 -7.36
N LEU A 119 45.17 50.60 -6.37
CA LEU A 119 44.64 49.42 -5.76
C LEU A 119 43.43 49.74 -4.88
N GLU A 120 43.40 50.88 -4.24
CA GLU A 120 42.26 51.24 -3.40
C GLU A 120 40.97 51.24 -4.15
N LYS A 121 41.04 51.56 -5.44
CA LYS A 121 39.85 51.67 -6.32
C LYS A 121 39.10 50.36 -6.52
N ILE A 122 39.86 49.28 -6.68
CA ILE A 122 39.32 47.92 -6.90
C ILE A 122 39.30 47.02 -5.65
N ALA A 123 39.89 47.49 -4.54
CA ALA A 123 39.86 46.77 -3.23
C ALA A 123 38.53 46.93 -2.54
N ASN A 124 38.31 46.06 -1.56
CA ASN A 124 37.13 46.16 -0.77
C ASN A 124 37.51 46.95 0.43
N MET A 125 37.40 48.27 0.34
CA MET A 125 37.77 49.14 1.46
C MET A 125 36.80 49.00 2.60
N GLU A 126 35.61 48.49 2.32
CA GLU A 126 34.67 48.21 3.37
C GLU A 126 35.23 47.15 4.38
N ALA A 127 35.82 46.10 3.82
CA ALA A 127 36.36 44.95 4.56
C ALA A 127 37.64 45.32 5.29
N LEU A 128 38.48 46.07 4.61
CA LEU A 128 39.66 46.65 5.24
C LEU A 128 39.31 47.46 6.49
N GLU A 129 38.32 48.36 6.39
CA GLU A 129 37.86 49.12 7.56
C GLU A 129 37.38 48.20 8.66
N HIS A 130 36.70 47.12 8.30
CA HIS A 130 36.27 46.19 9.34
C HIS A 130 37.48 45.50 10.01
N TYR A 131 38.51 45.13 9.24
CA TYR A 131 39.70 44.61 9.86
C TYR A 131 40.29 45.62 10.88
N ARG A 132 40.29 46.91 10.55
CA ARG A 132 40.76 47.91 11.47
C ARG A 132 39.95 47.87 12.74
N LYS A 133 38.64 47.83 12.60
CA LYS A 133 37.80 47.82 13.82
C LYS A 133 38.21 46.64 14.68
N ILE A 134 38.36 45.48 14.04
CA ILE A 134 38.70 44.27 14.77
C ILE A 134 40.05 44.39 15.43
N TYR A 135 41.05 44.86 14.70
CA TYR A 135 42.39 44.90 15.31
C TYR A 135 42.43 45.95 16.41
N SER A 136 41.81 47.09 16.14
CA SER A 136 41.70 48.15 17.13
C SER A 136 41.02 47.69 18.39
N ASP A 137 39.95 46.92 18.26
CA ASP A 137 39.24 46.51 19.43
C ASP A 137 40.17 45.90 20.45
N TRP A 138 41.17 45.16 19.97
CA TRP A 138 42.14 44.47 20.82
C TRP A 138 43.29 45.39 21.21
N LYS A 139 43.75 46.17 20.24
CA LYS A 139 44.91 47.02 20.44
C LYS A 139 44.65 48.11 21.42
N GLU A 140 43.46 48.70 21.34
CA GLU A 140 43.12 49.84 22.22
C GLU A 140 42.89 49.40 23.64
N ARG A 141 42.90 48.08 23.89
CA ARG A 141 42.91 47.50 25.26
C ARG A 141 44.31 47.45 25.85
N GLY A 142 45.28 47.98 25.11
CA GLY A 142 46.70 48.00 25.53
C GLY A 142 47.30 46.62 25.42
N LYS A 143 47.09 45.96 24.29
CA LYS A 143 47.58 44.61 24.09
C LYS A 143 48.43 44.53 22.83
N THR A 144 49.09 43.39 22.63
CA THR A 144 49.93 43.14 21.41
C THR A 144 49.18 42.36 20.28
N PHE A 145 49.37 42.80 19.04
CA PHE A 145 48.79 42.12 17.92
C PHE A 145 49.85 41.78 16.83
N ILE A 146 49.75 40.56 16.29
CA ILE A 146 50.64 40.06 15.23
C ILE A 146 49.81 39.69 14.05
N LEU A 147 50.13 40.27 12.92
CA LEU A 147 49.34 40.02 11.72
C LEU A 147 50.11 39.09 10.77
N ASN A 148 49.40 38.08 10.26
CA ASN A 148 49.90 37.07 9.37
C ASN A 148 49.23 37.20 8.00
N LEU A 149 49.97 37.36 6.90
CA LEU A 149 49.29 37.87 5.68
C LEU A 149 48.61 36.76 4.90
N TYR A 150 49.15 35.54 5.01
CA TYR A 150 48.60 34.36 4.27
C TYR A 150 48.40 33.17 5.15
N HIS A 151 47.21 32.63 5.10
CA HIS A 151 46.81 31.45 5.91
C HIS A 151 45.97 30.41 5.10
N TRP A 152 46.41 30.23 3.82
CA TRP A 152 46.02 29.19 2.84
C TRP A 152 45.05 29.56 1.72
N PRO A 153 43.91 30.15 2.04
CA PRO A 153 43.05 30.47 0.92
C PRO A 153 43.61 31.56 0.01
N LEU A 154 43.33 31.38 -1.26
CA LEU A 154 43.72 32.28 -2.27
C LEU A 154 42.44 32.81 -2.92
N PRO A 155 42.51 34.01 -3.48
CA PRO A 155 41.54 34.41 -4.54
C PRO A 155 41.20 33.40 -5.62
N LEU A 156 39.94 33.32 -5.99
CA LEU A 156 39.57 32.47 -7.14
C LEU A 156 40.23 32.87 -8.43
N TRP A 157 40.52 34.17 -8.61
CA TRP A 157 41.20 34.64 -9.79
C TRP A 157 42.71 34.33 -9.77
N ILE A 158 43.17 33.81 -8.63
CA ILE A 158 44.55 33.34 -8.45
C ILE A 158 44.59 31.80 -8.61
N HIS A 159 43.54 31.10 -8.17
CA HIS A 159 43.53 29.65 -8.11
C HIS A 159 42.12 29.09 -8.20
N ASP A 160 41.88 28.24 -9.19
CA ASP A 160 40.59 27.52 -9.35
C ASP A 160 40.86 26.02 -9.27
N PRO A 161 40.83 25.46 -8.05
CA PRO A 161 41.37 24.12 -7.80
C PRO A 161 40.54 23.02 -8.47
N ILE A 162 39.29 23.30 -8.71
CA ILE A 162 38.45 22.30 -9.31
C ILE A 162 38.98 22.11 -10.71
N ALA A 163 39.08 23.22 -11.43
CA ALA A 163 39.53 23.23 -12.83
C ALA A 163 40.95 22.66 -12.95
N VAL A 164 41.83 23.15 -12.09
CA VAL A 164 43.19 22.72 -12.13
C VAL A 164 43.20 21.19 -12.03
N ARG A 165 42.41 20.61 -11.12
CA ARG A 165 42.45 19.17 -10.95
C ARG A 165 41.93 18.41 -12.15
N LYS A 166 40.85 18.88 -12.77
CA LYS A 166 40.22 18.19 -13.94
C LYS A 166 41.05 18.37 -15.22
N LEU A 167 41.52 19.60 -15.47
CA LEU A 167 42.15 19.97 -16.75
C LEU A 167 43.65 20.16 -16.67
N GLY A 168 44.19 20.28 -15.46
CA GLY A 168 45.64 20.48 -15.28
C GLY A 168 45.96 21.97 -15.15
N PRO A 169 47.14 22.29 -14.59
CA PRO A 169 47.52 23.68 -14.26
C PRO A 169 47.66 24.65 -15.44
N ASP A 170 47.83 24.14 -16.65
CA ASP A 170 47.96 25.02 -17.81
C ASP A 170 46.61 25.59 -18.24
N ALA A 171 45.54 25.04 -17.70
CA ALA A 171 44.19 25.35 -18.16
C ALA A 171 43.45 26.33 -17.25
N ALA A 172 44.03 26.66 -16.11
CA ALA A 172 43.33 27.53 -15.16
C ALA A 172 44.30 28.27 -14.29
N PRO A 173 43.80 29.24 -13.50
CA PRO A 173 44.63 29.87 -12.47
C PRO A 173 45.26 28.85 -11.49
N ALA A 174 46.57 28.66 -11.56
CA ALA A 174 47.22 27.48 -10.96
C ALA A 174 47.67 27.66 -9.47
N GLY A 175 47.58 28.87 -8.97
CA GLY A 175 47.85 29.13 -7.61
C GLY A 175 49.28 29.43 -7.41
N TRP A 176 49.92 28.76 -6.43
CA TRP A 176 51.36 28.94 -6.22
C TRP A 176 52.24 28.21 -7.32
N LEU A 177 51.61 27.66 -8.35
CA LEU A 177 52.34 27.16 -9.52
C LEU A 177 52.59 28.27 -10.56
N ASP A 178 51.75 29.31 -10.58
CA ASP A 178 51.92 30.43 -11.50
C ASP A 178 52.79 31.49 -10.87
N GLU A 179 53.92 31.76 -11.51
CA GLU A 179 54.91 32.71 -11.02
C GLU A 179 54.25 34.09 -10.86
N LYS A 180 53.24 34.37 -11.69
CA LYS A 180 52.41 35.57 -11.57
C LYS A 180 51.80 35.85 -10.20
N THR A 181 51.46 34.78 -9.48
CA THR A 181 50.75 34.85 -8.19
C THR A 181 51.58 35.54 -7.10
N VAL A 182 52.89 35.41 -7.22
CA VAL A 182 53.84 35.95 -6.27
C VAL A 182 53.84 37.46 -6.30
N VAL A 183 53.82 38.00 -7.51
CA VAL A 183 53.82 39.45 -7.71
C VAL A 183 52.54 40.05 -7.07
N GLU A 184 51.42 39.39 -7.28
CA GLU A 184 50.14 39.94 -6.91
C GLU A 184 50.08 39.91 -5.41
N PHE A 185 50.66 38.87 -4.84
CA PHE A 185 50.74 38.75 -3.38
C PHE A 185 51.56 39.91 -2.77
N VAL A 186 52.73 40.15 -3.37
CA VAL A 186 53.55 41.26 -3.01
C VAL A 186 52.77 42.58 -3.00
N LYS A 187 51.91 42.80 -3.99
CA LYS A 187 51.11 44.01 -4.01
C LYS A 187 50.24 44.03 -2.76
N PHE A 188 49.68 42.84 -2.48
CA PHE A 188 48.82 42.65 -1.36
C PHE A 188 49.55 42.98 -0.07
N ALA A 189 50.79 42.54 0.06
CA ALA A 189 51.57 42.75 1.27
C ALA A 189 51.77 44.21 1.46
N ALA A 190 52.16 44.90 0.40
CA ALA A 190 52.46 46.33 0.50
C ALA A 190 51.21 47.10 0.80
N PHE A 191 50.14 46.76 0.12
CA PHE A 191 48.83 47.36 0.39
C PHE A 191 48.52 47.31 1.92
N VAL A 192 48.74 46.13 2.51
CA VAL A 192 48.33 45.88 3.87
C VAL A 192 49.26 46.59 4.85
N ALA A 193 50.57 46.53 4.58
CA ALA A 193 51.54 47.27 5.39
C ALA A 193 51.16 48.73 5.45
N TYR A 194 50.99 49.32 4.28
CA TYR A 194 50.70 50.75 4.13
C TYR A 194 49.50 51.14 4.99
N HIS A 195 48.49 50.30 5.05
CA HIS A 195 47.20 50.71 5.66
C HIS A 195 47.07 50.34 7.11
N LEU A 196 47.71 49.24 7.53
CA LEU A 196 47.47 48.72 8.88
C LEU A 196 48.68 48.69 9.85
N ASP A 197 49.77 49.33 9.49
CA ASP A 197 50.99 49.16 10.27
C ASP A 197 50.77 49.77 11.62
N ASP A 198 49.90 50.77 11.68
CA ASP A 198 49.65 51.48 12.96
C ASP A 198 49.02 50.57 14.00
N LEU A 199 48.44 49.49 13.58
CA LEU A 199 47.79 48.53 14.47
C LEU A 199 48.57 47.22 14.68
N VAL A 200 49.66 47.00 13.92
CA VAL A 200 50.43 45.78 13.98
C VAL A 200 51.74 45.92 14.70
N ASP A 201 52.03 45.06 15.68
CA ASP A 201 53.36 45.07 16.40
C ASP A 201 54.45 44.23 15.73
N MET A 202 54.04 43.18 15.03
CA MET A 202 54.97 42.24 14.42
C MET A 202 54.26 41.55 13.24
N TRP A 203 55.01 41.21 12.19
CA TRP A 203 54.44 40.61 11.01
C TRP A 203 54.89 39.19 10.75
N SER A 204 54.03 38.46 10.05
CA SER A 204 54.38 37.17 9.50
C SER A 204 53.81 37.17 8.10
N THR A 205 54.65 36.78 7.13
CA THR A 205 54.33 36.78 5.76
C THR A 205 53.32 35.70 5.47
N MET A 206 53.37 34.59 6.20
CA MET A 206 52.52 33.45 5.83
C MET A 206 52.53 32.40 6.91
N ASN A 207 51.67 31.39 6.77
CA ASN A 207 51.45 30.34 7.77
C ASN A 207 51.53 28.93 7.25
N GLU A 208 52.38 28.13 7.84
CA GLU A 208 52.55 26.76 7.40
C GLU A 208 52.62 26.53 5.82
N PRO A 209 53.43 27.31 5.13
CA PRO A 209 53.56 27.04 3.67
C PRO A 209 54.01 25.59 3.21
N ASN A 210 54.86 24.99 4.01
CA ASN A 210 55.13 23.59 3.91
C ASN A 210 53.90 22.68 3.94
N VAL A 211 52.89 23.02 4.72
CA VAL A 211 51.64 22.24 4.74
C VAL A 211 50.91 22.43 3.43
N VAL A 212 50.97 23.65 2.91
CA VAL A 212 50.26 23.99 1.68
C VAL A 212 50.79 23.20 0.50
N TYR A 213 52.11 23.34 0.20
CA TYR A 213 52.68 22.68 -0.97
C TYR A 213 52.72 21.16 -0.83
N ASN A 214 52.97 20.64 0.38
CA ASN A 214 53.04 19.19 0.54
C ASN A 214 51.70 18.51 0.51
N GLN A 215 50.72 19.06 1.24
CA GLN A 215 49.34 18.50 1.30
C GLN A 215 48.55 18.72 0.01
N GLY A 216 48.80 19.83 -0.66
CA GLY A 216 48.10 20.13 -1.90
C GLY A 216 48.52 19.33 -3.10
N TYR A 217 49.79 18.95 -3.18
CA TYR A 217 50.34 18.35 -4.41
C TYR A 217 51.02 16.98 -4.18
N ILE A 218 51.00 16.45 -2.95
CA ILE A 218 51.58 15.11 -2.64
C ILE A 218 50.66 14.19 -1.81
N ASN A 219 50.33 14.57 -0.56
CA ASN A 219 49.38 13.79 0.29
C ASN A 219 47.94 14.07 -0.07
N LEU A 220 47.48 13.48 -1.16
CA LEU A 220 46.11 13.64 -1.65
C LEU A 220 45.07 13.32 -0.60
N ALA A 221 45.36 12.32 0.23
CA ALA A 221 44.46 11.90 1.32
C ALA A 221 44.05 13.05 2.27
N SER A 222 44.79 14.15 2.22
CA SER A 222 44.60 15.27 3.12
C SER A 222 43.36 16.11 2.85
N GLY A 223 42.83 15.97 1.64
CA GLY A 223 41.75 16.81 1.21
C GLY A 223 42.16 18.29 1.02
N PHE A 224 43.46 18.55 0.73
CA PHE A 224 43.89 19.92 0.39
C PHE A 224 43.84 20.15 -1.12
N PRO A 225 43.61 21.41 -1.53
CA PRO A 225 43.54 21.70 -2.95
C PRO A 225 44.95 21.94 -3.45
N PRO A 226 45.17 21.78 -4.79
CA PRO A 226 44.15 21.29 -5.76
C PRO A 226 44.01 19.77 -5.89
N GLY A 227 44.69 19.02 -5.02
CA GLY A 227 44.48 17.60 -4.91
C GLY A 227 44.86 16.84 -6.15
N PHE A 228 46.12 17.02 -6.58
CA PHE A 228 46.69 16.15 -7.63
C PHE A 228 48.14 15.88 -7.39
N LEU A 229 48.57 14.71 -7.81
CA LEU A 229 49.89 14.19 -7.39
C LEU A 229 50.99 14.57 -8.33
N SER A 230 51.96 15.33 -7.83
CA SER A 230 53.14 15.74 -8.59
C SER A 230 54.21 16.41 -7.71
N PHE A 231 55.34 15.74 -7.54
CA PHE A 231 56.45 16.27 -6.74
C PHE A 231 57.00 17.52 -7.39
N GLU A 232 56.96 17.54 -8.73
CA GLU A 232 57.40 18.70 -9.51
C GLU A 232 56.52 19.92 -9.16
N ALA A 233 55.19 19.73 -9.15
CA ALA A 233 54.26 20.77 -8.71
C ALA A 233 54.62 21.27 -7.28
N ALA A 234 54.77 20.33 -6.35
CA ALA A 234 55.13 20.69 -4.99
C ALA A 234 56.39 21.55 -4.94
N GLU A 235 57.42 21.12 -5.65
CA GLU A 235 58.71 21.81 -5.61
C GLU A 235 58.55 23.25 -6.11
N LYS A 236 57.77 23.39 -7.18
CA LYS A 236 57.52 24.66 -7.83
C LYS A 236 56.74 25.58 -6.87
N ALA A 237 55.76 25.01 -6.17
CA ALA A 237 54.93 25.80 -5.24
C ALA A 237 55.81 26.26 -4.07
N LYS A 238 56.58 25.34 -3.54
CA LYS A 238 57.59 25.67 -2.53
C LYS A 238 58.47 26.81 -2.99
N PHE A 239 58.98 26.72 -4.20
CA PHE A 239 59.88 27.73 -4.73
C PHE A 239 59.20 29.13 -4.81
N ASN A 240 58.01 29.19 -5.38
CA ASN A 240 57.28 30.43 -5.40
C ASN A 240 56.84 30.93 -4.03
N LEU A 241 56.68 30.04 -3.06
CA LEU A 241 56.28 30.53 -1.73
C LEU A 241 57.46 31.24 -1.06
N ILE A 242 58.66 30.77 -1.41
CA ILE A 242 59.88 31.35 -0.88
C ILE A 242 60.00 32.77 -1.44
N GLN A 243 59.73 32.91 -2.74
CA GLN A 243 59.76 34.17 -3.41
C GLN A 243 58.71 35.09 -2.75
N ALA A 244 57.49 34.58 -2.60
CA ALA A 244 56.44 35.38 -2.06
C ALA A 244 56.86 35.91 -0.71
N HIS A 245 57.48 35.07 0.09
CA HIS A 245 57.94 35.54 1.39
C HIS A 245 58.95 36.67 1.26
N ILE A 246 60.00 36.42 0.51
CA ILE A 246 61.06 37.38 0.33
C ILE A 246 60.46 38.72 -0.12
N GLY A 247 59.65 38.68 -1.17
CA GLY A 247 59.04 39.87 -1.74
C GLY A 247 58.09 40.60 -0.79
N ALA A 248 57.24 39.84 -0.11
CA ALA A 248 56.42 40.41 0.95
C ALA A 248 57.26 40.98 2.13
N TYR A 249 58.34 40.32 2.49
CA TYR A 249 59.23 40.88 3.48
C TYR A 249 59.69 42.30 3.05
N ASP A 250 60.15 42.44 1.80
CA ASP A 250 60.66 43.72 1.31
C ASP A 250 59.56 44.75 1.20
N ALA A 251 58.36 44.32 0.85
CA ALA A 251 57.22 45.19 0.76
C ALA A 251 56.77 45.74 2.12
N ILE A 252 56.71 44.89 3.12
CA ILE A 252 56.35 45.32 4.46
C ILE A 252 57.41 46.30 4.99
N LYS A 253 58.66 46.01 4.73
CA LYS A 253 59.74 46.84 5.24
C LYS A 253 59.71 48.21 4.63
N GLU A 254 59.16 48.33 3.43
CA GLU A 254 59.16 49.59 2.73
C GLU A 254 58.11 50.53 3.31
N TYR A 255 57.15 49.98 4.07
CA TYR A 255 56.11 50.78 4.70
C TYR A 255 56.00 50.60 6.23
N SER A 256 56.97 49.94 6.84
CA SER A 256 56.91 49.65 8.25
C SER A 256 58.32 49.38 8.76
N GLU A 257 58.57 49.65 10.04
CA GLU A 257 59.90 49.48 10.64
C GLU A 257 59.94 48.34 11.65
N LYS A 258 59.05 47.37 11.48
CA LYS A 258 58.80 46.36 12.48
C LYS A 258 59.35 45.01 12.12
N SER A 259 59.34 44.11 13.10
CA SER A 259 59.87 42.79 12.92
C SER A 259 59.01 41.99 11.97
N VAL A 260 59.62 41.39 10.96
CA VAL A 260 58.90 40.53 10.01
C VAL A 260 59.49 39.15 10.03
N GLY A 261 58.62 38.15 10.05
CA GLY A 261 59.04 36.76 10.10
C GLY A 261 58.15 35.84 9.31
N VAL A 262 58.15 34.56 9.69
CA VAL A 262 57.29 33.59 9.06
C VAL A 262 56.86 32.60 10.12
N ILE A 263 55.74 31.92 9.86
CA ILE A 263 55.14 30.94 10.77
C ILE A 263 55.08 29.60 10.04
N TYR A 264 55.57 28.57 10.68
CA TYR A 264 55.95 27.31 9.99
C TYR A 264 55.55 26.06 10.78
N ALA A 265 55.31 24.98 10.07
CA ALA A 265 54.84 23.75 10.71
C ALA A 265 56.06 22.90 11.02
N PHE A 266 56.41 22.84 12.30
CA PHE A 266 57.56 22.14 12.73
C PHE A 266 57.20 20.82 13.40
N ALA A 267 57.10 19.78 12.60
CA ALA A 267 57.01 18.43 13.16
C ALA A 267 58.37 18.11 13.77
N TRP A 268 58.39 17.42 14.92
CA TRP A 268 59.64 16.91 15.47
C TRP A 268 59.85 15.51 14.94
N HIS A 269 61.01 15.27 14.37
CA HIS A 269 61.31 13.98 13.73
C HIS A 269 62.20 13.09 14.62
N ASP A 270 61.79 11.83 14.80
CA ASP A 270 62.43 10.90 15.76
C ASP A 270 62.74 9.57 15.09
N PRO A 271 63.93 9.05 15.31
CA PRO A 271 64.30 7.74 14.78
C PRO A 271 63.76 6.62 15.70
N LEU A 272 63.08 5.64 15.15
CA LEU A 272 62.55 4.57 15.99
C LEU A 272 63.66 3.90 16.76
N ALA A 273 64.78 3.67 16.05
CA ALA A 273 65.93 2.99 16.57
C ALA A 273 67.16 3.81 16.33
N GLU A 274 68.06 3.79 17.32
CA GLU A 274 69.39 4.44 17.29
C GLU A 274 70.15 4.40 15.95
N GLU A 275 70.01 3.30 15.20
CA GLU A 275 70.70 3.18 13.90
C GLU A 275 70.28 4.20 12.84
N TYR A 276 69.08 4.76 12.98
CA TYR A 276 68.57 5.72 11.99
C TYR A 276 68.88 7.18 12.33
N LYS A 277 69.37 7.42 13.53
CA LYS A 277 69.68 8.78 14.04
C LYS A 277 70.24 9.80 13.02
N ASP A 278 71.18 9.36 12.21
CA ASP A 278 71.78 10.21 11.18
C ASP A 278 70.79 10.49 10.08
N GLU A 279 70.15 9.44 9.60
CA GLU A 279 69.32 9.49 8.41
C GLU A 279 68.11 10.37 8.73
N VAL A 280 67.65 10.31 9.98
CA VAL A 280 66.58 11.17 10.41
C VAL A 280 67.00 12.62 10.50
N GLU A 281 68.18 12.91 11.02
CA GLU A 281 68.66 14.30 10.96
C GLU A 281 68.75 14.90 9.56
N GLU A 282 68.96 14.05 8.58
CA GLU A 282 69.01 14.47 7.20
C GLU A 282 67.64 14.98 6.82
N ILE A 283 66.63 14.28 7.31
CA ILE A 283 65.22 14.62 7.07
C ILE A 283 64.84 15.91 7.76
N ARG A 284 65.29 16.10 8.99
CA ARG A 284 65.09 17.38 9.68
C ARG A 284 65.53 18.53 8.75
N LYS A 285 66.71 18.37 8.18
CA LYS A 285 67.26 19.39 7.34
C LYS A 285 66.35 19.64 6.18
N LYS A 286 65.96 18.59 5.48
CA LYS A 286 65.11 18.77 4.30
C LYS A 286 63.79 19.42 4.69
N ASP A 287 63.16 18.90 5.72
CA ASP A 287 61.87 19.43 6.20
C ASP A 287 61.91 20.91 6.56
N TYR A 288 62.97 21.36 7.25
CA TYR A 288 63.08 22.74 7.66
C TYR A 288 63.76 23.62 6.64
N GLU A 289 64.21 23.02 5.53
CA GLU A 289 65.02 23.74 4.52
C GLU A 289 64.40 25.06 4.15
N PHE A 290 63.07 25.07 3.99
CA PHE A 290 62.30 26.31 3.72
C PHE A 290 62.70 27.47 4.64
N VAL A 291 62.80 27.20 5.94
CA VAL A 291 63.23 28.19 6.87
C VAL A 291 64.71 28.46 6.78
N THR A 292 65.51 27.40 6.73
CA THR A 292 66.95 27.53 6.47
C THR A 292 67.22 28.52 5.31
N ILE A 293 66.54 28.32 4.20
CA ILE A 293 66.78 29.18 3.03
C ILE A 293 66.61 30.67 3.35
N LEU A 294 65.46 30.99 3.92
CA LEU A 294 65.06 32.36 4.17
C LEU A 294 65.99 32.96 5.18
N HIS A 295 66.38 32.17 6.19
CA HIS A 295 67.42 32.58 7.10
C HIS A 295 68.63 33.07 6.32
N SER A 296 69.18 32.21 5.46
CA SER A 296 70.43 32.48 4.77
C SER A 296 70.32 33.70 3.86
N LYS A 297 69.13 34.06 3.41
CA LYS A 297 68.97 35.31 2.65
C LYS A 297 68.78 36.54 3.53
N GLY A 298 68.86 36.37 4.83
CA GLY A 298 68.63 37.48 5.73
C GLY A 298 67.21 38.06 5.69
N LYS A 299 66.19 37.21 5.49
CA LYS A 299 64.80 37.66 5.46
C LYS A 299 63.93 37.05 6.56
N LEU A 300 64.45 37.01 7.79
CA LEU A 300 63.73 36.50 8.95
C LEU A 300 64.16 37.18 10.23
N ASP A 301 63.33 38.08 10.74
CA ASP A 301 63.65 38.76 12.01
C ASP A 301 63.24 37.86 13.15
N TRP A 302 62.28 36.95 12.89
CA TRP A 302 61.80 36.05 13.95
C TRP A 302 61.08 34.88 13.33
N ILE A 303 60.89 33.80 14.12
CA ILE A 303 60.22 32.59 13.65
C ILE A 303 58.99 32.22 14.46
N GLY A 304 57.91 31.91 13.76
CA GLY A 304 56.70 31.44 14.39
C GLY A 304 56.69 29.95 14.44
N VAL A 305 56.88 29.39 15.63
CA VAL A 305 56.91 27.93 15.79
C VAL A 305 55.52 27.43 15.99
N ASN A 306 55.13 26.51 15.14
CA ASN A 306 53.82 25.83 15.27
C ASN A 306 54.11 24.37 15.55
N TYR A 307 53.93 23.95 16.81
CA TYR A 307 54.26 22.58 17.18
C TYR A 307 53.04 21.92 17.79
N TYR A 308 52.83 20.65 17.42
CA TYR A 308 51.67 19.81 17.85
C TYR A 308 52.07 18.36 18.26
N SER A 309 52.80 17.69 17.39
CA SER A 309 53.29 16.36 17.65
C SER A 309 54.56 16.08 16.84
N ARG A 310 54.83 14.81 16.57
CA ARG A 310 56.09 14.37 16.03
C ARG A 310 55.85 13.35 14.97
N LEU A 311 56.92 12.92 14.28
CA LEU A 311 56.84 11.81 13.34
C LEU A 311 57.93 10.84 13.73
N VAL A 312 57.63 9.54 13.76
CA VAL A 312 58.66 8.50 14.08
C VAL A 312 59.01 7.66 12.86
N TYR A 313 60.30 7.55 12.54
CA TYR A 313 60.74 6.86 11.34
C TYR A 313 61.33 5.49 11.63
N GLY A 314 61.00 4.56 10.75
CA GLY A 314 61.55 3.20 10.74
C GLY A 314 61.54 2.60 9.35
N ALA A 315 62.04 1.38 9.25
CA ALA A 315 62.17 0.75 7.96
C ALA A 315 60.91 0.02 7.54
N LYS A 316 60.54 0.24 6.29
CA LYS A 316 59.46 -0.51 5.66
C LYS A 316 59.86 -0.86 4.27
N ASP A 317 59.77 -2.16 3.97
CA ASP A 317 60.17 -2.71 2.68
C ASP A 317 61.40 -1.93 2.19
N GLY A 318 62.43 -1.81 3.03
CA GLY A 318 63.68 -1.15 2.65
C GLY A 318 63.82 0.38 2.70
N HIS A 319 62.76 1.13 2.40
CA HIS A 319 62.82 2.60 2.54
C HIS A 319 62.47 3.04 3.96
N LEU A 320 63.04 4.15 4.39
CA LEU A 320 62.80 4.65 5.71
C LEU A 320 61.63 5.63 5.63
N VAL A 321 60.57 5.36 6.38
CA VAL A 321 59.34 6.15 6.34
C VAL A 321 58.71 6.37 7.70
N PRO A 322 57.84 7.38 7.78
CA PRO A 322 57.16 7.70 9.04
C PRO A 322 56.15 6.67 9.38
N LEU A 323 56.22 6.13 10.60
CA LEU A 323 55.48 4.93 11.00
C LEU A 323 54.14 5.23 11.60
N PRO A 324 53.11 4.46 11.23
CA PRO A 324 51.84 4.60 11.91
C PRO A 324 51.94 4.25 13.38
N GLY A 325 51.04 4.83 14.18
CA GLY A 325 50.94 4.62 15.63
C GLY A 325 51.82 5.55 16.44
N TYR A 326 52.35 6.57 15.78
CA TYR A 326 53.27 7.50 16.41
C TYR A 326 53.03 8.90 15.89
N GLY A 327 52.97 9.86 16.80
CA GLY A 327 52.89 11.27 16.44
C GLY A 327 51.59 11.61 15.77
N PHE A 328 51.70 12.30 14.63
CA PHE A 328 50.57 12.64 13.78
C PHE A 328 49.84 11.43 13.16
N MET A 329 50.35 10.22 13.37
CA MET A 329 49.77 9.06 12.68
C MET A 329 49.27 8.03 13.68
N SER A 330 48.79 8.53 14.81
CA SER A 330 48.29 7.69 15.88
C SER A 330 46.83 7.59 15.72
N GLU A 331 46.21 6.64 16.42
CA GLU A 331 44.76 6.46 16.34
C GLU A 331 44.00 7.63 16.97
N ARG A 332 42.98 8.09 16.26
CA ARG A 332 42.17 9.22 16.70
C ARG A 332 41.42 8.93 17.98
N GLY A 333 41.68 9.71 19.00
CA GLY A 333 41.04 9.51 20.30
C GLY A 333 41.51 8.32 21.07
N GLY A 334 42.62 7.69 20.58
CA GLY A 334 43.19 6.49 21.16
C GLY A 334 44.55 6.70 21.81
N PHE A 335 45.45 5.74 21.60
CA PHE A 335 46.78 5.82 22.18
C PHE A 335 47.80 5.51 21.11
N ALA A 336 48.92 6.21 21.14
CA ALA A 336 49.98 5.87 20.24
C ALA A 336 50.60 4.57 20.73
N LYS A 337 51.45 4.02 19.91
CA LYS A 337 52.23 2.88 20.35
C LYS A 337 53.02 3.14 21.60
N SER A 338 53.49 4.38 21.74
CA SER A 338 54.35 4.76 22.88
C SER A 338 53.59 4.61 24.17
N GLY A 339 52.27 4.63 24.09
CA GLY A 339 51.44 4.63 25.27
C GLY A 339 50.97 6.02 25.67
N ARG A 340 51.42 7.04 24.94
CA ARG A 340 50.86 8.38 25.07
C ARG A 340 49.52 8.46 24.40
N PRO A 341 48.62 9.28 24.94
CA PRO A 341 47.33 9.38 24.31
C PRO A 341 47.47 10.21 23.07
N ALA A 342 46.49 10.12 22.17
CA ALA A 342 46.44 11.01 21.02
C ALA A 342 45.20 11.92 20.99
N SER A 343 45.32 13.11 20.40
CA SER A 343 44.17 13.99 20.18
C SER A 343 43.07 13.37 19.26
N ASP A 344 41.92 14.00 19.22
CA ASP A 344 40.85 13.59 18.32
C ASP A 344 41.33 13.57 16.87
N PHE A 345 42.42 14.28 16.57
CA PHE A 345 43.00 14.26 15.24
C PHE A 345 43.99 13.08 15.07
N GLY A 346 44.24 12.36 16.16
CA GLY A 346 45.11 11.21 16.17
C GLY A 346 46.56 11.63 16.21
N TRP A 347 46.84 12.66 17.02
CA TRP A 347 48.15 13.24 17.10
C TRP A 347 48.62 13.02 18.52
N GLU A 348 49.74 12.33 18.60
CA GLU A 348 50.33 11.99 19.89
C GLU A 348 50.61 13.20 20.75
N MET A 349 50.48 12.97 22.05
CA MET A 349 50.84 13.96 23.04
C MET A 349 52.32 13.84 23.27
N TYR A 350 53.10 14.85 22.90
CA TYR A 350 54.54 14.72 23.00
C TYR A 350 55.23 16.07 23.28
N PRO A 351 55.12 16.58 24.51
CA PRO A 351 55.80 17.81 24.88
C PRO A 351 57.31 17.76 24.72
N GLU A 352 57.88 16.61 24.96
CA GLU A 352 59.34 16.43 24.71
C GLU A 352 59.84 16.96 23.36
N GLY A 353 59.06 16.73 22.33
CA GLY A 353 59.41 17.17 20.97
C GLY A 353 59.64 18.67 20.83
N LEU A 354 58.87 19.42 21.59
CA LEU A 354 58.86 20.87 21.51
C LEU A 354 60.11 21.36 22.18
N GLU A 355 60.42 20.75 23.33
CA GLU A 355 61.62 21.08 24.08
C GLU A 355 62.79 20.78 23.19
N ASN A 356 62.87 19.59 22.62
CA ASN A 356 63.98 19.28 21.68
C ASN A 356 64.00 20.28 20.54
N LEU A 357 62.83 20.56 19.97
CA LEU A 357 62.74 21.41 18.76
C LEU A 357 63.27 22.80 18.97
N LEU A 358 62.82 23.42 20.03
CA LEU A 358 63.26 24.77 20.35
C LEU A 358 64.78 24.85 20.49
N LYS A 359 65.42 23.87 21.10
CA LYS A 359 66.89 23.89 21.23
C LYS A 359 67.54 23.66 19.88
N TYR A 360 66.96 22.78 19.07
CA TYR A 360 67.40 22.62 17.68
C TYR A 360 67.36 23.91 16.84
N LEU A 361 66.27 24.69 16.98
CA LEU A 361 66.04 25.89 16.17
C LEU A 361 66.83 27.06 16.65
N ASN A 362 67.03 27.12 17.95
CA ASN A 362 67.85 28.16 18.55
C ASN A 362 69.31 27.95 18.17
N ASN A 363 69.80 26.72 18.27
CA ASN A 363 71.14 26.44 17.83
C ASN A 363 71.32 26.64 16.31
N ALA A 364 70.37 26.17 15.51
CA ALA A 364 70.45 26.23 14.07
C ALA A 364 70.36 27.65 13.52
N TYR A 365 69.51 28.50 14.12
CA TYR A 365 69.18 29.83 13.54
C TYR A 365 69.54 31.01 14.42
N GLU A 366 69.63 30.78 15.73
CA GLU A 366 69.86 31.86 16.70
C GLU A 366 68.94 33.07 16.53
N LEU A 367 67.67 32.81 16.26
CA LEU A 367 66.69 33.89 16.09
C LEU A 367 65.64 33.96 17.23
N PRO A 368 64.99 35.10 17.40
CA PRO A 368 63.81 35.15 18.34
C PRO A 368 62.61 34.32 17.89
N MET A 369 62.04 33.54 18.81
CA MET A 369 60.95 32.64 18.46
C MET A 369 59.68 32.90 19.24
N ILE A 370 58.54 32.66 18.60
CA ILE A 370 57.28 32.64 19.33
C ILE A 370 56.49 31.40 18.98
N ILE A 371 55.97 30.72 20.00
CA ILE A 371 55.13 29.58 19.77
C ILE A 371 53.86 30.20 19.25
N THR A 372 53.70 30.17 17.92
CA THR A 372 52.56 30.81 17.27
C THR A 372 51.38 29.83 17.09
N GLU A 373 51.57 28.56 17.46
CA GLU A 373 50.45 27.59 17.42
C GLU A 373 50.81 26.38 18.25
N ASN A 374 49.99 26.06 19.23
CA ASN A 374 50.15 24.81 20.04
C ASN A 374 48.90 24.54 20.82
N GLY A 375 48.37 23.34 20.65
CA GLY A 375 47.04 22.97 21.20
C GLY A 375 46.64 21.58 20.75
N MET A 376 45.39 21.19 20.98
CA MET A 376 44.95 19.87 20.55
C MET A 376 43.47 19.78 20.37
N ALA A 377 43.07 18.95 19.42
CA ALA A 377 41.68 18.57 19.24
C ALA A 377 41.21 17.62 20.38
N ASP A 378 40.34 18.16 21.24
CA ASP A 378 39.85 17.47 22.42
C ASP A 378 38.49 18.06 22.72
N ALA A 379 37.45 17.42 22.24
CA ALA A 379 36.08 17.90 22.47
C ALA A 379 35.69 17.86 23.99
N ALA A 380 36.27 16.87 24.67
CA ALA A 380 35.96 16.52 26.02
C ALA A 380 36.81 17.25 27.03
N ASP A 381 37.81 18.03 26.61
CA ASP A 381 38.73 18.68 27.59
C ASP A 381 39.38 17.60 28.51
N ARG A 382 39.43 16.35 28.04
CA ARG A 382 40.06 15.23 28.76
C ARG A 382 41.54 15.43 28.95
N TYR A 383 42.20 15.91 27.95
CA TYR A 383 43.64 16.05 28.02
C TYR A 383 44.17 17.51 27.92
N ARG A 384 43.39 18.40 27.31
CA ARG A 384 43.88 19.75 27.12
C ARG A 384 44.62 20.28 28.36
N PRO A 385 44.02 20.23 29.56
CA PRO A 385 44.73 20.82 30.73
C PRO A 385 46.17 20.34 30.86
N HIS A 386 46.37 19.03 30.80
CA HIS A 386 47.74 18.52 30.84
C HIS A 386 48.57 18.96 29.61
N TYR A 387 47.95 18.98 28.44
CA TYR A 387 48.63 19.34 27.19
C TYR A 387 49.25 20.70 27.31
N LEU A 388 48.49 21.60 27.90
CA LEU A 388 48.88 22.97 28.09
C LEU A 388 50.08 23.03 28.99
N VAL A 389 49.96 22.42 30.16
CA VAL A 389 50.92 22.59 31.24
C VAL A 389 52.17 21.84 30.88
N SER A 390 52.01 20.68 30.31
CA SER A 390 53.22 19.94 29.83
C SER A 390 53.97 20.73 28.83
N HIS A 391 53.26 21.34 27.87
CA HIS A 391 53.94 22.02 26.76
C HIS A 391 54.56 23.33 27.14
N LEU A 392 53.92 24.05 28.05
CA LEU A 392 54.54 25.25 28.62
C LEU A 392 55.83 24.87 29.37
N LYS A 393 55.83 23.74 30.09
CA LYS A 393 57.00 23.26 30.81
C LYS A 393 58.13 22.99 29.81
N ALA A 394 57.78 22.35 28.70
CA ALA A 394 58.71 22.13 27.62
C ALA A 394 59.32 23.42 27.09
N VAL A 395 58.54 24.50 27.02
CA VAL A 395 59.07 25.78 26.51
C VAL A 395 60.00 26.39 27.54
N TYR A 396 59.52 26.42 28.77
CA TYR A 396 60.32 26.84 29.91
C TYR A 396 61.65 26.14 30.06
N ASN A 397 61.68 24.82 29.85
CA ASN A 397 62.94 24.09 29.83
C ASN A 397 63.89 24.54 28.69
N ALA A 398 63.35 24.73 27.50
CA ALA A 398 64.16 25.08 26.34
C ALA A 398 64.79 26.44 26.55
N MET A 399 64.04 27.32 27.19
CA MET A 399 64.50 28.69 27.45
C MET A 399 65.67 28.76 28.43
N LYS A 400 65.64 27.86 29.42
CA LYS A 400 66.69 27.73 30.43
C LYS A 400 67.99 27.31 29.79
N GLU A 401 67.90 26.51 28.75
CA GLU A 401 69.07 26.14 28.02
C GLU A 401 69.39 27.06 26.86
N GLY A 402 68.80 28.28 26.90
CA GLY A 402 69.22 29.38 26.04
C GLY A 402 68.32 29.74 24.88
N ALA A 403 67.27 28.97 24.65
CA ALA A 403 66.37 29.23 23.52
C ALA A 403 65.72 30.57 23.71
N ASP A 404 65.71 31.39 22.66
CA ASP A 404 65.12 32.73 22.78
C ASP A 404 63.63 32.73 22.43
N VAL A 405 62.80 32.46 23.42
CA VAL A 405 61.36 32.38 23.21
C VAL A 405 60.63 33.52 23.87
N ARG A 406 59.93 34.34 23.06
CA ARG A 406 59.31 35.59 23.52
C ARG A 406 57.80 35.49 23.79
N GLY A 407 57.23 34.30 23.56
CA GLY A 407 55.80 34.11 23.88
C GLY A 407 55.24 32.74 23.52
N TYR A 408 54.01 32.51 23.93
CA TYR A 408 53.28 31.31 23.63
C TYR A 408 51.85 31.71 23.27
N LEU A 409 51.38 31.27 22.09
CA LEU A 409 50.02 31.50 21.63
C LEU A 409 49.34 30.16 21.40
N HIS A 410 48.29 29.91 22.16
CA HIS A 410 47.59 28.61 22.07
C HIS A 410 46.78 28.64 20.77
N TRP A 411 46.51 27.46 20.20
CA TRP A 411 45.49 27.31 19.15
C TRP A 411 44.43 26.38 19.62
N SER A 412 43.31 26.91 20.08
CA SER A 412 43.00 28.34 19.95
C SER A 412 42.04 28.75 21.04
N LEU A 413 41.67 30.01 21.09
CA LEU A 413 40.64 30.45 22.09
C LEU A 413 39.37 29.66 21.89
N THR A 414 38.81 29.74 20.67
CA THR A 414 37.54 29.10 20.34
C THR A 414 37.67 27.99 19.33
N ASP A 415 36.68 27.12 19.34
CA ASP A 415 36.53 26.12 18.32
C ASP A 415 36.32 26.86 16.99
N ASN A 416 36.69 26.20 15.88
CA ASN A 416 36.62 26.81 14.59
C ASN A 416 36.58 25.70 13.51
N TYR A 417 36.71 26.06 12.22
CA TYR A 417 36.52 25.15 11.12
C TYR A 417 37.85 24.53 10.71
N GLU A 418 38.06 23.27 11.12
CA GLU A 418 39.32 22.61 10.83
C GLU A 418 39.29 22.04 9.41
N TRP A 419 39.27 22.96 8.47
CA TRP A 419 39.47 22.66 7.04
C TRP A 419 38.68 21.44 6.49
N ALA A 420 39.38 20.43 5.97
CA ALA A 420 38.73 19.28 5.37
C ALA A 420 38.05 18.42 6.41
N GLN A 421 38.46 18.53 7.66
CA GLN A 421 37.85 17.80 8.77
C GLN A 421 36.59 18.48 9.40
N GLY A 422 36.21 19.66 8.90
CA GLY A 422 35.06 20.35 9.45
C GLY A 422 35.19 20.69 10.95
N PHE A 423 34.07 20.61 11.67
CA PHE A 423 33.97 21.06 13.06
C PHE A 423 34.26 19.98 14.08
N ARG A 424 34.40 18.72 13.63
CA ARG A 424 34.63 17.57 14.56
C ARG A 424 35.97 17.71 15.32
N MET A 425 36.94 18.44 14.74
CA MET A 425 38.19 18.73 15.45
C MET A 425 38.03 20.05 16.19
N ARG A 426 37.91 20.00 17.51
CA ARG A 426 37.69 21.21 18.30
C ARG A 426 38.87 21.53 19.15
N PHE A 427 39.55 22.64 18.80
CA PHE A 427 40.83 22.98 19.43
C PHE A 427 40.73 24.04 20.51
N GLY A 428 39.52 24.51 20.77
CA GLY A 428 39.28 25.70 21.60
C GLY A 428 39.45 25.47 23.08
N LEU A 429 40.06 26.42 23.76
CA LEU A 429 39.88 26.56 25.22
C LEU A 429 38.39 27.02 25.55
N VAL A 430 37.71 27.52 24.52
CA VAL A 430 36.35 27.89 24.58
C VAL A 430 35.54 27.05 23.59
N TYR A 431 34.52 26.35 24.07
CA TYR A 431 33.61 25.62 23.20
C TYR A 431 32.74 26.65 22.52
N VAL A 432 32.33 26.34 21.31
CA VAL A 432 31.35 27.14 20.63
C VAL A 432 30.24 26.25 20.08
N ASP A 433 28.99 26.65 20.39
CA ASP A 433 27.79 26.05 19.81
C ASP A 433 27.57 26.70 18.44
N PHE A 434 27.94 25.98 17.38
CA PHE A 434 27.85 26.56 16.04
C PHE A 434 26.42 26.85 15.55
N GLU A 435 25.39 26.36 16.24
CA GLU A 435 23.97 26.75 15.93
C GLU A 435 23.62 28.10 16.52
N THR A 436 24.00 28.31 17.77
CA THR A 436 23.70 29.57 18.50
C THR A 436 24.84 30.61 18.53
N LYS A 437 26.06 30.17 18.16
CA LYS A 437 27.25 30.98 18.16
C LYS A 437 27.62 31.40 19.57
N LYS A 438 27.26 30.57 20.54
CA LYS A 438 27.48 30.93 21.92
C LYS A 438 28.74 30.30 22.41
N ARG A 439 29.45 31.09 23.24
CA ARG A 439 30.72 30.72 23.84
C ARG A 439 30.54 30.22 25.23
N TYR A 440 31.19 29.10 25.52
CA TYR A 440 31.23 28.56 26.85
C TYR A 440 32.65 28.09 27.06
N LEU A 441 33.27 28.52 28.15
CA LEU A 441 34.64 28.13 28.43
C LEU A 441 34.76 26.67 28.88
N ARG A 442 35.75 25.97 28.35
CA ARG A 442 36.13 24.68 28.88
C ARG A 442 36.96 24.89 30.12
N PRO A 443 36.94 23.93 31.06
CA PRO A 443 37.66 24.14 32.33
C PRO A 443 39.14 24.42 32.09
N SER A 444 39.72 23.79 31.09
CA SER A 444 41.14 24.02 30.74
C SER A 444 41.49 25.50 30.55
N ALA A 445 40.48 26.32 30.27
CA ALA A 445 40.66 27.76 30.08
C ALA A 445 41.10 28.43 31.35
N LEU A 446 40.92 27.77 32.48
CA LEU A 446 41.23 28.34 33.79
C LEU A 446 42.60 28.02 34.31
N VAL A 447 43.30 27.12 33.62
CA VAL A 447 44.72 26.92 33.82
C VAL A 447 45.43 28.24 33.51
N SER A 448 44.91 28.94 32.50
CA SER A 448 45.41 30.26 32.01
C SER A 448 45.19 31.50 32.93
N VAL A 449 44.30 31.38 33.93
CA VAL A 449 43.95 32.50 34.84
C VAL A 449 44.87 32.46 36.04
N LYS A 450 45.69 31.40 36.00
CA LYS A 450 47.06 31.27 36.40
C LYS A 450 47.39 31.40 37.90
N LYS B 3 35.87 45.11 49.79
CA LYS B 3 36.39 43.87 50.45
C LYS B 3 35.36 43.31 51.42
N PHE B 4 35.35 41.99 51.55
CA PHE B 4 34.51 41.31 52.53
C PHE B 4 35.43 40.78 53.61
N PRO B 5 34.91 40.61 54.84
CA PRO B 5 35.71 40.05 55.91
C PRO B 5 36.58 38.86 55.49
N LYS B 6 37.59 38.55 56.30
CA LYS B 6 38.52 37.45 56.02
C LYS B 6 37.80 36.09 55.97
N ASN B 7 36.81 35.92 56.85
CA ASN B 7 36.13 34.63 56.98
C ASN B 7 34.80 34.53 56.21
N PHE B 8 34.54 35.47 55.30
CA PHE B 8 33.28 35.51 54.55
C PHE B 8 33.31 34.50 53.42
N MET B 9 32.34 33.60 53.39
CA MET B 9 32.38 32.43 52.47
C MET B 9 31.68 32.74 51.17
N PHE B 10 32.32 32.33 50.06
CA PHE B 10 31.73 32.38 48.72
C PHE B 10 31.56 30.94 48.25
N GLY B 11 30.44 30.67 47.57
CA GLY B 11 30.17 29.31 47.14
C GLY B 11 28.92 29.09 46.31
N TYR B 12 28.22 27.97 46.58
CA TYR B 12 27.02 27.62 45.85
C TYR B 12 26.21 26.52 46.51
N SER B 13 24.99 26.32 46.05
CA SER B 13 24.09 25.41 46.71
C SER B 13 23.54 24.45 45.68
N TRP B 14 23.28 23.24 46.11
CA TRP B 14 22.61 22.25 45.27
C TRP B 14 21.61 21.52 46.13
N SER B 15 20.67 20.87 45.47
CA SER B 15 19.68 20.01 46.11
C SER B 15 19.66 18.72 45.33
N GLY B 16 19.36 17.62 46.02
CA GLY B 16 19.43 16.27 45.44
C GLY B 16 18.57 16.02 44.21
N PHE B 17 17.34 16.46 44.28
CA PHE B 17 16.42 16.17 43.19
C PHE B 17 16.86 16.84 41.91
N GLN B 18 17.40 18.05 42.02
CA GLN B 18 17.69 18.85 40.84
C GLN B 18 19.07 18.52 40.21
N PHE B 19 19.91 17.82 40.95
CA PHE B 19 21.31 17.66 40.57
C PHE B 19 21.72 16.20 40.42
N GLU B 20 21.32 15.38 41.39
CA GLU B 20 21.91 14.06 41.51
C GLU B 20 21.76 13.26 40.21
N MET B 21 20.52 13.21 39.71
CA MET B 21 20.14 12.24 38.68
C MET B 21 20.55 12.69 37.30
N GLY B 22 20.68 11.74 36.37
CA GLY B 22 21.21 12.07 35.05
C GLY B 22 21.86 10.93 34.29
N LEU B 23 22.54 10.04 34.99
CA LEU B 23 23.00 8.78 34.38
C LEU B 23 22.41 7.60 35.13
N PRO B 24 22.25 6.44 34.44
CA PRO B 24 21.62 5.30 35.12
C PRO B 24 22.33 4.82 36.39
N GLY B 25 21.53 4.34 37.36
CA GLY B 25 22.01 4.06 38.72
C GLY B 25 21.57 5.12 39.72
N SER B 26 21.36 6.33 39.23
CA SER B 26 21.10 7.52 40.03
C SER B 26 19.66 7.58 40.61
N GLU B 27 18.77 6.84 40.00
CA GLU B 27 17.39 7.25 39.93
C GLU B 27 16.67 6.94 41.23
N VAL B 28 15.69 7.75 41.64
CA VAL B 28 15.09 7.60 42.98
C VAL B 28 13.63 7.98 43.06
N GLU B 29 12.83 7.04 43.52
CA GLU B 29 11.40 7.28 43.65
C GLU B 29 11.07 8.19 44.85
N SER B 30 10.21 9.17 44.58
CA SER B 30 9.79 10.15 45.57
C SER B 30 8.43 10.64 45.16
N ASP B 31 7.78 11.43 45.98
CA ASP B 31 6.53 12.06 45.54
C ASP B 31 6.78 12.93 44.30
N TRP B 32 7.86 13.71 44.32
CA TRP B 32 8.17 14.60 43.20
C TRP B 32 8.44 13.86 41.90
N TRP B 33 9.14 12.73 42.00
CA TRP B 33 9.47 11.92 40.82
C TRP B 33 8.18 11.46 40.12
N VAL B 34 7.31 10.86 40.91
CA VAL B 34 6.04 10.42 40.37
C VAL B 34 5.33 11.60 39.72
N TRP B 35 5.36 12.74 40.41
CA TRP B 35 4.63 13.91 39.98
C TRP B 35 5.07 14.45 38.61
N VAL B 36 6.38 14.56 38.38
CA VAL B 36 6.89 14.99 37.07
C VAL B 36 6.82 13.93 35.96
N HIS B 37 6.59 12.66 36.34
CA HIS B 37 6.31 11.62 35.34
C HIS B 37 4.82 11.37 35.01
N ASP B 38 3.92 11.83 35.87
CA ASP B 38 2.49 11.67 35.70
C ASP B 38 1.99 12.13 34.34
N LYS B 39 1.37 11.20 33.62
CA LYS B 39 0.88 11.44 32.25
C LYS B 39 -0.08 12.62 32.19
N GLU B 40 -1.07 12.63 33.10
CA GLU B 40 -2.05 13.74 33.19
C GLU B 40 -1.37 15.09 33.32
N ASN B 41 -0.42 15.17 34.25
CA ASN B 41 0.32 16.40 34.51
C ASN B 41 1.09 16.88 33.31
N ILE B 42 1.83 15.97 32.69
CA ILE B 42 2.61 16.33 31.49
C ILE B 42 1.70 16.87 30.38
N ALA B 43 0.65 16.10 30.08
CA ALA B 43 -0.26 16.38 28.96
C ALA B 43 -0.95 17.72 29.15
N SER B 44 -1.33 18.05 30.38
CA SER B 44 -2.02 19.29 30.64
C SER B 44 -1.08 20.50 30.74
N GLY B 45 0.21 20.30 30.54
CA GLY B 45 1.17 21.41 30.59
C GLY B 45 1.53 21.87 31.99
N LEU B 46 1.04 21.17 33.01
CA LEU B 46 1.27 21.53 34.39
C LEU B 46 2.72 21.27 34.78
N VAL B 47 3.38 20.32 34.13
CA VAL B 47 4.82 20.20 34.26
C VAL B 47 5.45 20.22 32.90
N SER B 48 6.74 20.51 32.87
CA SER B 48 7.50 20.60 31.63
C SER B 48 7.43 19.35 30.79
N GLY B 49 7.45 18.18 31.41
CA GLY B 49 7.68 16.94 30.64
C GLY B 49 9.14 16.57 30.50
N ASP B 50 10.02 17.53 30.78
CA ASP B 50 11.42 17.22 31.09
C ASP B 50 11.48 16.32 32.32
N LEU B 51 12.53 15.49 32.42
CA LEU B 51 12.65 14.54 33.52
C LEU B 51 14.00 14.65 34.21
N PRO B 52 14.03 14.42 35.55
CA PRO B 52 15.23 14.65 36.34
C PRO B 52 16.30 13.60 36.09
N GLU B 53 15.91 12.42 35.62
CA GLU B 53 16.90 11.41 35.17
C GLU B 53 17.70 11.83 33.91
N ASN B 54 17.37 12.99 33.32
CA ASN B 54 18.18 13.63 32.27
C ASN B 54 18.97 14.82 32.75
N GLY B 55 19.22 14.87 34.06
CA GLY B 55 19.85 16.00 34.67
C GLY B 55 21.36 15.98 34.55
N PRO B 56 22.02 16.85 35.34
CA PRO B 56 23.46 17.00 35.31
C PRO B 56 24.27 15.86 35.92
N ALA B 57 23.61 14.87 36.50
CA ALA B 57 24.28 13.66 37.01
C ALA B 57 25.40 13.93 38.02
N TYR B 58 25.14 14.81 38.98
CA TYR B 58 26.13 15.12 39.99
C TYR B 58 26.52 13.88 40.80
N TRP B 59 25.56 12.97 40.98
CA TRP B 59 25.75 11.74 41.75
C TRP B 59 26.99 11.00 41.25
N HIS B 60 27.22 11.06 39.95
CA HIS B 60 28.43 10.51 39.35
C HIS B 60 29.54 11.55 39.17
N LEU B 61 29.19 12.76 38.73
CA LEU B 61 30.19 13.71 38.25
C LEU B 61 30.53 14.81 39.23
N TYR B 62 30.55 14.49 40.49
CA TYR B 62 30.74 15.49 41.52
C TYR B 62 32.18 15.96 41.61
N LYS B 63 33.10 15.05 41.34
CA LYS B 63 34.52 15.34 41.36
C LYS B 63 34.90 16.54 40.44
N GLN B 64 34.45 16.54 39.17
CA GLN B 64 34.69 17.67 38.25
C GLN B 64 34.11 18.96 38.76
N ASP B 65 32.84 18.88 39.17
CA ASP B 65 32.08 20.05 39.63
C ASP B 65 32.80 20.69 40.82
N HIS B 66 33.24 19.86 41.76
CA HIS B 66 34.03 20.33 42.89
C HIS B 66 35.28 21.02 42.37
N ASP B 67 36.04 20.35 41.48
CA ASP B 67 37.28 20.92 40.90
C ASP B 67 37.01 22.33 40.39
N ILE B 68 35.95 22.45 39.61
CA ILE B 68 35.59 23.74 39.02
C ILE B 68 35.35 24.79 40.10
N ALA B 69 34.53 24.43 41.10
CA ALA B 69 34.20 25.38 42.14
C ALA B 69 35.48 25.78 42.88
N GLU B 70 36.35 24.81 43.10
CA GLU B 70 37.56 25.09 43.85
C GLU B 70 38.35 26.17 43.12
N LYS B 71 38.63 25.94 41.84
CA LYS B 71 39.46 26.88 41.08
C LYS B 71 38.78 28.17 40.77
N LEU B 72 37.52 28.28 41.11
CA LEU B 72 36.78 29.53 40.97
C LEU B 72 36.86 30.33 42.24
N GLY B 73 37.68 29.84 43.17
CA GLY B 73 37.86 30.50 44.45
C GLY B 73 36.77 30.24 45.47
N MET B 74 35.88 29.29 45.20
CA MET B 74 34.80 28.98 46.14
C MET B 74 35.34 28.15 47.30
N ASP B 75 34.81 28.43 48.49
CA ASP B 75 35.28 27.78 49.71
C ASP B 75 34.18 27.09 50.52
N CYS B 76 32.93 27.30 50.12
CA CYS B 76 31.79 26.73 50.83
C CYS B 76 30.78 26.18 49.83
N ILE B 77 30.24 25.00 50.11
CA ILE B 77 29.05 24.52 49.41
C ILE B 77 27.94 24.20 50.38
N ARG B 78 26.70 24.43 49.96
CA ARG B 78 25.56 23.94 50.71
C ARG B 78 24.84 22.96 49.82
N GLY B 79 24.74 21.73 50.29
CA GLY B 79 24.10 20.70 49.52
C GLY B 79 23.16 19.92 50.40
N GLY B 80 22.58 18.88 49.81
CA GLY B 80 21.56 18.13 50.52
C GLY B 80 21.81 16.64 50.67
N ILE B 81 20.82 16.01 51.28
CA ILE B 81 20.75 14.58 51.37
C ILE B 81 19.28 14.24 51.27
N GLU B 82 18.96 13.26 50.45
CA GLU B 82 17.58 12.98 50.14
C GLU B 82 17.01 11.84 51.00
N TRP B 83 16.01 12.18 51.83
CA TRP B 83 15.27 11.22 52.65
C TRP B 83 14.89 9.94 51.87
N ALA B 84 14.20 10.12 50.74
CA ALA B 84 13.72 9.03 49.91
C ALA B 84 14.86 8.18 49.35
N ARG B 85 16.06 8.74 49.27
CA ARG B 85 17.20 7.94 48.87
C ARG B 85 17.73 7.12 50.02
N ILE B 86 17.57 7.58 51.24
CA ILE B 86 18.18 6.91 52.39
C ILE B 86 17.24 5.84 52.94
N PHE B 87 15.94 6.14 52.92
CA PHE B 87 14.91 5.23 53.42
C PHE B 87 13.86 4.96 52.36
N PRO B 88 14.26 4.23 51.30
CA PRO B 88 13.26 3.86 50.31
C PRO B 88 12.13 3.03 50.94
N LYS B 89 12.44 2.24 51.97
CA LYS B 89 11.45 1.44 52.71
C LYS B 89 11.03 2.19 53.98
N PRO B 90 9.74 2.13 54.38
CA PRO B 90 9.19 2.82 55.59
C PRO B 90 9.91 2.57 56.91
N THR B 91 9.91 3.57 57.79
CA THR B 91 10.58 3.52 59.10
C THR B 91 9.58 3.38 60.25
N PHE B 92 8.29 3.39 59.93
CA PHE B 92 7.24 3.39 60.93
C PHE B 92 7.39 2.29 61.98
N ASP B 93 7.82 1.09 61.57
CA ASP B 93 7.90 -0.08 62.47
C ASP B 93 9.04 -0.03 63.46
N VAL B 94 10.04 0.82 63.22
CA VAL B 94 11.10 1.05 64.19
C VAL B 94 10.54 2.06 65.19
N LYS B 95 10.11 1.57 66.35
CA LYS B 95 9.36 2.37 67.31
C LYS B 95 10.22 3.34 68.13
N VAL B 96 9.65 4.50 68.43
CA VAL B 96 10.33 5.47 69.28
C VAL B 96 9.40 6.11 70.30
N ASP B 97 9.96 6.43 71.44
CA ASP B 97 9.21 7.04 72.53
C ASP B 97 8.99 8.48 72.22
N VAL B 98 7.72 8.88 72.12
CA VAL B 98 7.35 10.23 71.70
C VAL B 98 6.42 10.87 72.72
N GLU B 99 6.81 12.03 73.23
CA GLU B 99 6.04 12.72 74.28
C GLU B 99 5.30 13.93 73.70
N LYS B 100 4.00 14.01 73.96
CA LYS B 100 3.17 15.13 73.51
C LYS B 100 2.48 15.76 74.73
N ASP B 101 2.23 17.08 74.69
CA ASP B 101 1.53 17.77 75.78
C ASP B 101 0.03 17.88 75.49
N GLU B 102 -0.68 18.57 76.39
CA GLU B 102 -2.14 18.79 76.30
C GLU B 102 -2.65 19.29 74.95
N GLU B 103 -2.10 20.42 74.51
CA GLU B 103 -2.50 21.10 73.27
C GLU B 103 -2.24 20.28 71.98
N GLY B 104 -1.35 19.30 72.07
CA GLY B 104 -0.94 18.49 70.91
C GLY B 104 0.36 19.02 70.29
N ASN B 105 1.29 19.44 71.15
CA ASN B 105 2.64 19.83 70.72
C ASN B 105 3.59 18.64 70.81
N ILE B 106 4.76 18.72 70.15
CA ILE B 106 5.82 17.67 70.27
C ILE B 106 6.83 18.16 71.27
N ILE B 107 6.99 17.44 72.35
CA ILE B 107 7.99 17.83 73.33
C ILE B 107 9.30 17.09 73.06
N SER B 108 9.19 15.82 72.70
CA SER B 108 10.38 15.03 72.44
C SER B 108 10.07 13.82 71.56
N VAL B 109 11.16 13.20 71.12
CA VAL B 109 11.11 12.05 70.27
C VAL B 109 12.44 11.35 70.50
N ASP B 110 12.52 10.47 71.48
CA ASP B 110 13.83 9.91 71.83
C ASP B 110 14.27 9.01 70.70
N VAL B 111 15.51 9.19 70.23
CA VAL B 111 16.11 8.34 69.20
C VAL B 111 17.52 7.97 69.65
N PRO B 112 17.64 6.99 70.56
CA PRO B 112 18.94 6.55 71.04
C PRO B 112 19.79 5.85 70.02
N GLU B 113 20.99 5.49 70.45
CA GLU B 113 21.92 4.85 69.55
C GLU B 113 21.42 3.51 69.06
N SER B 114 20.63 2.82 69.89
CA SER B 114 20.05 1.53 69.51
C SER B 114 19.05 1.67 68.35
N THR B 115 18.19 2.69 68.43
CA THR B 115 17.25 2.94 67.32
C THR B 115 18.00 3.22 66.02
N ILE B 116 19.14 3.91 66.08
CA ILE B 116 19.93 4.15 64.88
C ILE B 116 20.36 2.82 64.24
N LYS B 117 20.70 1.84 65.08
CA LYS B 117 21.14 0.53 64.61
C LYS B 117 20.00 -0.25 63.93
N GLU B 118 18.81 -0.14 64.51
CA GLU B 118 17.61 -0.78 63.96
C GLU B 118 17.29 -0.13 62.60
N LEU B 119 17.56 1.17 62.48
CA LEU B 119 17.33 1.89 61.24
C LEU B 119 18.37 1.52 60.19
N GLU B 120 19.61 1.25 60.61
CA GLU B 120 20.65 0.86 59.65
C GLU B 120 20.26 -0.38 58.84
N LYS B 121 19.45 -1.24 59.43
CA LYS B 121 19.02 -2.51 58.79
C LYS B 121 18.15 -2.30 57.56
N ILE B 122 17.24 -1.33 57.64
CA ILE B 122 16.30 -1.02 56.54
C ILE B 122 16.71 0.17 55.65
N ALA B 123 17.76 0.89 56.04
CA ALA B 123 18.26 2.04 55.27
C ALA B 123 19.08 1.55 54.09
N ASN B 124 19.32 2.47 53.17
CA ASN B 124 20.19 2.18 52.07
C ASN B 124 21.59 2.65 52.45
N MET B 125 22.35 1.78 53.09
CA MET B 125 23.69 2.16 53.56
C MET B 125 24.63 2.33 52.39
N GLU B 126 24.27 1.76 51.24
CA GLU B 126 25.02 1.98 50.02
C GLU B 126 25.03 3.49 49.61
N ALA B 127 23.86 4.10 49.66
CA ALA B 127 23.65 5.49 49.28
C ALA B 127 24.27 6.45 50.28
N LEU B 128 24.09 6.15 51.56
CA LEU B 128 24.76 6.87 52.63
C LEU B 128 26.26 6.92 52.40
N GLU B 129 26.89 5.79 52.12
CA GLU B 129 28.33 5.75 51.84
C GLU B 129 28.70 6.62 50.65
N HIS B 130 27.84 6.65 49.63
CA HIS B 130 28.09 7.52 48.48
C HIS B 130 27.99 9.02 48.86
N TYR B 131 27.01 9.42 49.68
CA TYR B 131 26.99 10.77 50.22
C TYR B 131 28.30 11.12 50.97
N ARG B 132 28.83 10.21 51.78
CA ARG B 132 30.13 10.45 52.41
C ARG B 132 31.21 10.71 51.38
N LYS B 133 31.29 9.87 50.33
CA LYS B 133 32.31 10.10 49.33
C LYS B 133 32.17 11.51 48.75
N ILE B 134 30.94 11.89 48.44
CA ILE B 134 30.70 13.18 47.83
C ILE B 134 31.07 14.32 48.78
N TYR B 135 30.62 14.24 50.03
CA TYR B 135 30.93 15.34 50.95
C TYR B 135 32.42 15.38 51.21
N SER B 136 33.02 14.22 51.41
CA SER B 136 34.48 14.13 51.64
C SER B 136 35.27 14.71 50.49
N ASP B 137 34.86 14.43 49.25
CA ASP B 137 35.61 14.93 48.12
C ASP B 137 35.86 16.43 48.27
N TRP B 138 34.88 17.15 48.81
CA TRP B 138 34.94 18.60 48.97
C TRP B 138 35.63 19.00 50.26
N LYS B 139 35.30 18.26 51.33
CA LYS B 139 35.81 18.57 52.64
C LYS B 139 37.29 18.37 52.74
N GLU B 140 37.79 17.27 52.15
CA GLU B 140 39.22 16.94 52.22
C GLU B 140 40.07 17.89 51.38
N ARG B 141 39.43 18.79 50.61
CA ARG B 141 40.12 19.91 49.94
C ARG B 141 40.33 21.11 50.88
N GLY B 142 39.95 20.96 52.14
CA GLY B 142 40.06 22.03 53.12
C GLY B 142 39.02 23.10 52.88
N LYS B 143 37.77 22.69 52.72
CA LYS B 143 36.68 23.61 52.43
C LYS B 143 35.54 23.42 53.40
N THR B 144 34.56 24.32 53.36
CA THR B 144 33.39 24.23 54.22
C THR B 144 32.20 23.56 53.53
N PHE B 145 31.47 22.73 54.28
CA PHE B 145 30.23 22.12 53.80
C PHE B 145 29.03 22.29 54.75
N ILE B 146 27.89 22.66 54.17
CA ILE B 146 26.64 22.85 54.93
C ILE B 146 25.64 21.84 54.41
N LEU B 147 25.05 21.05 55.30
CA LEU B 147 24.09 20.07 54.89
C LEU B 147 22.68 20.50 55.27
N ASN B 148 21.77 20.35 54.31
CA ASN B 148 20.37 20.69 54.45
C ASN B 148 19.57 19.41 54.37
N LEU B 149 18.75 19.11 55.38
CA LEU B 149 18.17 17.75 55.44
C LEU B 149 16.96 17.51 54.49
N TYR B 150 16.16 18.56 54.27
CA TYR B 150 14.97 18.50 53.43
C TYR B 150 14.96 19.57 52.32
N HIS B 151 14.76 19.12 51.07
CA HIS B 151 14.68 20.02 49.90
C HIS B 151 13.56 19.58 48.93
N TRP B 152 12.43 19.23 49.55
CA TRP B 152 11.07 19.06 48.98
C TRP B 152 10.59 17.62 48.74
N PRO B 153 11.42 16.76 48.13
CA PRO B 153 10.83 15.45 47.87
C PRO B 153 10.74 14.65 49.13
N LEU B 154 9.67 13.86 49.17
CA LEU B 154 9.36 13.00 50.29
C LEU B 154 9.33 11.57 49.75
N PRO B 155 9.65 10.60 50.60
CA PRO B 155 9.34 9.19 50.34
C PRO B 155 7.91 8.94 49.84
N LEU B 156 7.78 8.00 48.91
CA LEU B 156 6.45 7.60 48.45
C LEU B 156 5.57 6.99 49.54
N TRP B 157 6.21 6.35 50.51
CA TRP B 157 5.50 5.85 51.69
C TRP B 157 5.11 6.94 52.73
N ILE B 158 5.60 8.16 52.50
CA ILE B 158 5.22 9.34 53.24
C ILE B 158 4.17 10.14 52.50
N HIS B 159 4.25 10.18 51.18
CA HIS B 159 3.36 11.00 50.36
C HIS B 159 3.14 10.41 48.96
N ASP B 160 1.88 10.19 48.58
CA ASP B 160 1.51 9.75 47.24
C ASP B 160 0.59 10.83 46.66
N PRO B 161 1.18 11.83 46.01
CA PRO B 161 0.43 13.02 45.59
C PRO B 161 -0.64 12.77 44.50
N ILE B 162 -0.47 11.72 43.71
CA ILE B 162 -1.44 11.41 42.67
C ILE B 162 -2.73 10.99 43.36
N ALA B 163 -2.61 10.03 44.27
CA ALA B 163 -3.73 9.52 45.07
C ALA B 163 -4.37 10.60 45.92
N VAL B 164 -3.54 11.33 46.65
CA VAL B 164 -4.03 12.39 47.51
C VAL B 164 -4.89 13.35 46.67
N ARG B 165 -4.43 13.75 45.49
CA ARG B 165 -5.21 14.67 44.65
C ARG B 165 -6.55 14.08 44.18
N LYS B 166 -6.58 12.82 43.76
CA LYS B 166 -7.83 12.18 43.26
C LYS B 166 -8.83 11.81 44.36
N LEU B 167 -8.33 11.25 45.45
CA LEU B 167 -9.16 10.68 46.51
C LEU B 167 -9.21 11.53 47.77
N GLY B 168 -8.28 12.47 47.92
CA GLY B 168 -8.21 13.30 49.11
C GLY B 168 -7.23 12.74 50.12
N PRO B 169 -6.78 13.57 51.06
CA PRO B 169 -5.73 13.19 52.04
C PRO B 169 -6.04 12.07 53.03
N ASP B 170 -7.32 11.76 53.22
CA ASP B 170 -7.70 10.68 54.12
C ASP B 170 -7.46 9.30 53.49
N ALA B 171 -7.22 9.27 52.18
CA ALA B 171 -7.17 8.03 51.41
C ALA B 171 -5.75 7.58 51.09
N ALA B 172 -4.74 8.39 51.38
CA ALA B 172 -3.38 8.03 51.04
C ALA B 172 -2.39 8.69 51.95
N PRO B 173 -1.10 8.31 51.85
CA PRO B 173 -0.06 9.02 52.57
C PRO B 173 -0.10 10.52 52.23
N ALA B 174 -0.47 11.36 53.20
CA ALA B 174 -0.79 12.76 52.93
C ALA B 174 0.39 13.78 52.97
N GLY B 175 1.56 13.31 53.39
CA GLY B 175 2.77 14.11 53.36
C GLY B 175 2.90 14.92 54.64
N TRP B 176 3.07 16.23 54.51
CA TRP B 176 3.10 17.11 55.67
C TRP B 176 1.70 17.39 56.30
N LEU B 177 0.66 16.75 55.79
CA LEU B 177 -0.62 16.79 56.41
C LEU B 177 -0.75 15.73 57.51
N ASP B 178 0.00 14.63 57.41
CA ASP B 178 -0.05 13.56 58.41
C ASP B 178 0.96 13.86 59.51
N GLU B 179 0.47 14.01 60.73
CA GLU B 179 1.29 14.36 61.91
C GLU B 179 2.38 13.27 62.07
N LYS B 180 2.08 12.04 61.66
CA LYS B 180 3.05 10.93 61.60
C LYS B 180 4.38 11.23 60.89
N THR B 181 4.31 12.04 59.84
CA THR B 181 5.45 12.31 58.94
C THR B 181 6.59 12.99 59.67
N VAL B 182 6.21 13.78 60.67
CA VAL B 182 7.12 14.60 61.40
C VAL B 182 8.07 13.71 62.20
N VAL B 183 7.48 12.72 62.84
CA VAL B 183 8.22 11.83 63.70
C VAL B 183 9.24 11.08 62.85
N GLU B 184 8.83 10.66 61.67
CA GLU B 184 9.68 9.83 60.81
C GLU B 184 10.83 10.67 60.28
N PHE B 185 10.54 11.93 60.02
CA PHE B 185 11.55 12.90 59.62
C PHE B 185 12.58 13.10 60.73
N VAL B 186 12.10 13.30 61.95
CA VAL B 186 12.98 13.35 63.12
C VAL B 186 13.93 12.14 63.23
N LYS B 187 13.44 10.93 62.95
CA LYS B 187 14.30 9.75 62.96
C LYS B 187 15.39 9.92 61.89
N PHE B 188 14.95 10.41 60.73
CA PHE B 188 15.82 10.68 59.62
C PHE B 188 16.90 11.69 60.01
N ALA B 189 16.51 12.76 60.71
CA ALA B 189 17.47 13.79 61.13
C ALA B 189 18.54 13.20 62.03
N ALA B 190 18.11 12.45 63.03
CA ALA B 190 19.03 11.86 63.99
C ALA B 190 19.93 10.86 63.32
N PHE B 191 19.35 10.05 62.46
CA PHE B 191 20.12 9.09 61.68
C PHE B 191 21.29 9.80 60.97
N VAL B 192 20.97 10.93 60.34
CA VAL B 192 21.93 11.65 59.49
C VAL B 192 22.97 12.36 60.33
N ALA B 193 22.54 13.00 61.41
CA ALA B 193 23.47 13.64 62.36
C ALA B 193 24.49 12.60 62.81
N TYR B 194 23.97 11.48 63.31
CA TYR B 194 24.80 10.43 63.88
C TYR B 194 25.87 9.99 62.92
N HIS B 195 25.54 9.86 61.65
CA HIS B 195 26.45 9.28 60.67
C HIS B 195 27.40 10.26 59.99
N LEU B 196 26.94 11.50 59.79
CA LEU B 196 27.67 12.43 58.92
C LEU B 196 28.18 13.72 59.57
N ASP B 197 28.12 13.80 60.89
CA ASP B 197 28.48 15.04 61.53
C ASP B 197 29.96 15.35 61.32
N ASP B 198 30.77 14.33 61.18
CA ASP B 198 32.18 14.52 60.99
C ASP B 198 32.51 15.25 59.68
N LEU B 199 31.58 15.24 58.73
CA LEU B 199 31.76 15.94 57.45
C LEU B 199 30.99 17.27 57.32
N VAL B 200 30.12 17.59 58.28
CA VAL B 200 29.26 18.77 58.21
C VAL B 200 29.73 19.91 59.13
N ASP B 201 29.88 21.13 58.62
CA ASP B 201 30.24 22.31 59.47
C ASP B 201 29.05 23.05 60.05
N MET B 202 27.91 23.00 59.36
CA MET B 202 26.69 23.71 59.76
C MET B 202 25.47 23.01 59.17
N TRP B 203 24.35 23.07 59.88
CA TRP B 203 23.15 22.35 59.47
C TRP B 203 21.98 23.26 59.12
N SER B 204 21.13 22.78 58.24
CA SER B 204 19.85 23.37 58.01
C SER B 204 18.90 22.21 58.00
N THR B 205 17.80 22.39 58.71
CA THR B 205 16.76 21.39 58.80
C THR B 205 16.01 21.21 57.51
N MET B 206 15.85 22.28 56.73
CA MET B 206 14.98 22.23 55.57
C MET B 206 15.14 23.47 54.69
N ASN B 207 14.49 23.48 53.54
CA ASN B 207 14.65 24.50 52.51
C ASN B 207 13.32 25.05 51.99
N GLU B 208 13.13 26.35 52.08
CA GLU B 208 11.90 26.97 51.57
C GLU B 208 10.58 26.23 51.91
N PRO B 209 10.37 25.92 53.18
CA PRO B 209 9.12 25.23 53.53
C PRO B 209 7.88 26.04 53.16
N ASN B 210 8.00 27.36 53.28
CA ASN B 210 6.94 28.27 52.87
C ASN B 210 6.55 28.11 51.41
N VAL B 211 7.53 27.77 50.57
CA VAL B 211 7.23 27.45 49.18
C VAL B 211 6.46 26.11 49.09
N VAL B 212 6.84 25.15 49.92
CA VAL B 212 6.23 23.83 49.89
C VAL B 212 4.76 23.89 50.23
N TYR B 213 4.42 24.41 51.43
CA TYR B 213 3.00 24.46 51.84
C TYR B 213 2.14 25.41 51.01
N ASN B 214 2.68 26.56 50.62
CA ASN B 214 1.88 27.50 49.83
C ASN B 214 1.63 27.05 48.40
N GLN B 215 2.67 26.60 47.71
CA GLN B 215 2.59 26.15 46.31
C GLN B 215 1.87 24.83 46.17
N GLY B 216 2.04 23.95 47.14
CA GLY B 216 1.41 22.66 47.11
C GLY B 216 -0.10 22.65 47.33
N TYR B 217 -0.61 23.57 48.14
CA TYR B 217 -1.99 23.54 48.60
C TYR B 217 -2.76 24.84 48.37
N ILE B 218 -2.16 25.84 47.74
CA ILE B 218 -2.87 27.09 47.38
C ILE B 218 -2.65 27.54 45.91
N ASN B 219 -1.42 27.87 45.50
CA ASN B 219 -1.14 28.26 44.08
C ASN B 219 -1.00 27.05 43.20
N LEU B 220 -2.13 26.47 42.83
CA LEU B 220 -2.17 25.28 41.97
C LEU B 220 -1.40 25.47 40.68
N ALA B 221 -1.43 26.70 40.14
CA ALA B 221 -0.76 27.02 38.87
C ALA B 221 0.75 26.71 38.89
N SER B 222 1.29 26.51 40.09
CA SER B 222 2.69 26.29 40.26
C SER B 222 3.21 24.92 39.77
N GLY B 223 2.29 23.96 39.65
CA GLY B 223 2.67 22.58 39.41
C GLY B 223 3.37 21.90 40.57
N PHE B 224 3.14 22.33 41.80
CA PHE B 224 3.66 21.62 42.99
C PHE B 224 2.68 20.57 43.46
N PRO B 225 3.17 19.48 44.05
CA PRO B 225 2.29 18.48 44.59
C PRO B 225 1.82 18.90 45.98
N PRO B 226 0.68 18.35 46.45
CA PRO B 226 -0.19 17.46 45.66
C PRO B 226 -1.22 18.14 44.79
N GLY B 227 -1.15 19.47 44.70
CA GLY B 227 -1.94 20.21 43.72
C GLY B 227 -3.43 20.16 43.96
N PHE B 228 -3.86 20.50 45.17
CA PHE B 228 -5.29 20.70 45.45
C PHE B 228 -5.50 21.85 46.39
N LEU B 229 -6.61 22.56 46.22
CA LEU B 229 -6.80 23.86 46.84
C LEU B 229 -7.45 23.76 48.21
N SER B 230 -6.71 24.17 49.25
CA SER B 230 -7.23 24.17 50.62
C SER B 230 -6.33 24.95 51.59
N PHE B 231 -6.80 26.11 52.07
CA PHE B 231 -6.04 26.91 53.02
C PHE B 231 -5.83 26.15 54.32
N GLU B 232 -6.80 25.33 54.67
CA GLU B 232 -6.70 24.50 55.86
C GLU B 232 -5.54 23.52 55.72
N ALA B 233 -5.46 22.86 54.56
CA ALA B 233 -4.33 21.98 54.26
C ALA B 233 -2.98 22.72 54.40
N ALA B 234 -2.87 23.87 53.75
CA ALA B 234 -1.68 24.69 53.86
C ALA B 234 -1.30 24.99 55.31
N GLU B 235 -2.27 25.43 56.12
CA GLU B 235 -2.01 25.82 57.52
C GLU B 235 -1.48 24.64 58.31
N LYS B 236 -2.07 23.48 58.05
CA LYS B 236 -1.70 22.23 58.71
C LYS B 236 -0.29 21.80 58.34
N ALA B 237 0.03 21.93 57.04
CA ALA B 237 1.35 21.58 56.54
C ALA B 237 2.41 22.51 57.16
N LYS B 238 2.12 23.80 57.11
CA LYS B 238 2.94 24.78 57.79
C LYS B 238 3.18 24.41 59.24
N PHE B 239 2.11 24.07 59.95
CA PHE B 239 2.22 23.68 61.35
C PHE B 239 3.13 22.47 61.56
N ASN B 240 2.93 21.41 60.80
CA ASN B 240 3.82 20.25 60.91
C ASN B 240 5.24 20.48 60.44
N LEU B 241 5.45 21.43 59.55
CA LEU B 241 6.83 21.74 59.12
C LEU B 241 7.61 22.47 60.23
N ILE B 242 6.88 23.25 61.02
CA ILE B 242 7.45 23.89 62.19
C ILE B 242 7.88 22.85 63.21
N GLN B 243 7.02 21.88 63.46
CA GLN B 243 7.32 20.77 64.37
C GLN B 243 8.53 20.01 63.84
N ALA B 244 8.50 19.66 62.56
CA ALA B 244 9.59 18.90 61.96
C ALA B 244 10.89 19.62 62.21
N HIS B 245 10.88 20.94 62.06
CA HIS B 245 12.09 21.71 62.28
C HIS B 245 12.57 21.61 63.72
N ILE B 246 11.66 21.94 64.65
CA ILE B 246 11.96 21.90 66.06
C ILE B 246 12.53 20.54 66.45
N GLY B 247 11.83 19.47 66.08
CA GLY B 247 12.26 18.11 66.37
C GLY B 247 13.61 17.73 65.75
N ALA B 248 13.79 18.06 64.47
CA ALA B 248 15.06 17.84 63.81
C ALA B 248 16.19 18.65 64.47
N TYR B 249 15.88 19.88 64.90
CA TYR B 249 16.86 20.68 65.60
C TYR B 249 17.34 19.93 66.86
N ASP B 250 16.41 19.42 67.66
CA ASP B 250 16.76 18.68 68.87
C ASP B 250 17.48 17.38 68.56
N ALA B 251 17.08 16.70 67.49
CA ALA B 251 17.77 15.45 67.06
C ALA B 251 19.23 15.67 66.65
N ILE B 252 19.48 16.71 65.86
CA ILE B 252 20.81 17.03 65.41
C ILE B 252 21.67 17.41 66.61
N LYS B 253 21.10 18.20 67.51
CA LYS B 253 21.84 18.67 68.68
C LYS B 253 22.23 17.52 69.58
N GLU B 254 21.48 16.44 69.55
CA GLU B 254 21.77 15.32 70.41
C GLU B 254 22.99 14.53 69.92
N TYR B 255 23.36 14.67 68.65
CA TYR B 255 24.50 13.94 68.06
C TYR B 255 25.57 14.86 67.44
N SER B 256 25.44 16.17 67.65
CA SER B 256 26.34 17.13 67.02
C SER B 256 26.33 18.42 67.82
N GLU B 257 27.45 19.16 67.81
CA GLU B 257 27.56 20.42 68.60
C GLU B 257 27.58 21.63 67.78
N LYS B 258 27.00 21.53 66.59
CA LYS B 258 27.20 22.51 65.54
C LYS B 258 25.98 23.37 65.34
N SER B 259 26.17 24.43 64.57
CA SER B 259 25.12 25.42 64.38
C SER B 259 24.03 24.85 63.50
N VAL B 260 22.79 24.97 63.96
CA VAL B 260 21.65 24.43 63.23
C VAL B 260 20.68 25.58 62.98
N GLY B 261 20.19 25.63 61.74
CA GLY B 261 19.31 26.70 61.32
C GLY B 261 18.28 26.20 60.32
N VAL B 262 17.76 27.15 59.53
CA VAL B 262 16.77 26.84 58.50
C VAL B 262 16.98 27.76 57.34
N ILE B 263 16.53 27.32 56.16
CA ILE B 263 16.73 28.05 54.90
C ILE B 263 15.36 28.35 54.37
N TYR B 264 15.13 29.62 54.03
CA TYR B 264 13.79 30.11 53.82
C TYR B 264 13.69 31.02 52.59
N ALA B 265 12.50 31.05 52.00
CA ALA B 265 12.26 31.89 50.84
C ALA B 265 11.79 33.27 51.27
N PHE B 266 12.66 34.26 51.12
CA PHE B 266 12.36 35.60 51.54
C PHE B 266 12.11 36.50 50.34
N ALA B 267 10.86 36.58 49.92
CA ALA B 267 10.46 37.64 49.02
C ALA B 267 10.55 38.97 49.77
N TRP B 268 11.01 40.04 49.10
CA TRP B 268 10.90 41.38 49.65
C TRP B 268 9.58 42.00 49.23
N HIS B 269 8.81 42.52 50.19
CA HIS B 269 7.49 43.08 49.92
C HIS B 269 7.52 44.60 49.91
N ASP B 270 6.94 45.18 48.85
CA ASP B 270 6.98 46.64 48.61
C ASP B 270 5.57 47.18 48.37
N PRO B 271 5.25 48.34 48.98
CA PRO B 271 3.99 49.00 48.70
C PRO B 271 4.07 49.83 47.43
N LEU B 272 3.12 49.67 46.51
CA LEU B 272 3.15 50.47 45.29
C LEU B 272 3.17 51.96 45.60
N ALA B 273 2.31 52.34 46.55
CA ALA B 273 2.14 53.71 46.98
C ALA B 273 2.30 53.80 48.49
N GLU B 274 2.89 54.90 48.93
CA GLU B 274 3.07 55.28 50.35
C GLU B 274 1.88 54.96 51.29
N GLU B 275 0.65 55.09 50.81
CA GLU B 275 -0.53 54.81 51.63
C GLU B 275 -0.69 53.36 52.10
N TYR B 276 -0.05 52.43 51.41
CA TYR B 276 -0.12 51.02 51.80
C TYR B 276 1.01 50.55 52.74
N LYS B 277 2.01 51.40 52.94
CA LYS B 277 3.22 51.10 53.80
C LYS B 277 2.96 50.25 55.06
N ASP B 278 1.90 50.58 55.81
CA ASP B 278 1.52 49.86 57.03
C ASP B 278 1.00 48.48 56.72
N GLU B 279 0.07 48.43 55.76
CA GLU B 279 -0.63 47.20 55.38
C GLU B 279 0.34 46.20 54.78
N VAL B 280 1.35 46.69 54.05
CA VAL B 280 2.40 45.82 53.54
C VAL B 280 3.30 45.30 54.64
N GLU B 281 3.67 46.13 55.62
CA GLU B 281 4.45 45.63 56.77
C GLU B 281 3.75 44.50 57.52
N GLU B 282 2.43 44.53 57.50
CA GLU B 282 1.64 43.50 58.13
C GLU B 282 1.87 42.18 57.41
N ILE B 283 1.96 42.27 56.09
CA ILE B 283 2.19 41.13 55.21
C ILE B 283 3.60 40.55 55.38
N ARG B 284 4.59 41.41 55.52
CA ARG B 284 5.94 40.97 55.87
C ARG B 284 5.90 40.05 57.09
N LYS B 285 5.20 40.50 58.12
CA LYS B 285 5.09 39.74 59.34
C LYS B 285 4.46 38.37 59.08
N LYS B 286 3.33 38.33 58.39
CA LYS B 286 2.66 37.05 58.12
C LYS B 286 3.54 36.13 57.29
N ASP B 287 4.12 36.68 56.23
CA ASP B 287 5.02 35.92 55.36
C ASP B 287 6.23 35.31 56.09
N TYR B 288 6.87 36.08 56.96
CA TYR B 288 8.04 35.58 57.68
C TYR B 288 7.70 34.89 59.00
N GLU B 289 6.42 34.87 59.35
CA GLU B 289 5.98 34.35 60.65
C GLU B 289 6.65 33.01 60.97
N PHE B 290 6.73 32.13 59.98
CA PHE B 290 7.37 30.83 60.13
C PHE B 290 8.72 30.96 60.82
N VAL B 291 9.51 31.92 60.37
CA VAL B 291 10.85 32.14 60.97
C VAL B 291 10.73 32.83 62.35
N THR B 292 9.87 33.85 62.44
CA THR B 292 9.54 34.46 63.71
C THR B 292 9.25 33.41 64.77
N ILE B 293 8.36 32.47 64.44
CA ILE B 293 7.97 31.45 65.41
C ILE B 293 9.16 30.68 65.97
N LEU B 294 9.98 30.15 65.06
CA LEU B 294 11.09 29.32 65.42
C LEU B 294 12.08 30.12 66.23
N HIS B 295 12.29 31.38 65.84
CA HIS B 295 13.11 32.30 66.63
C HIS B 295 12.66 32.30 68.06
N SER B 296 11.37 32.57 68.27
CA SER B 296 10.81 32.71 69.60
C SER B 296 10.89 31.45 70.45
N LYS B 297 10.96 30.28 69.82
CA LYS B 297 11.21 29.05 70.58
C LYS B 297 12.69 28.75 70.81
N GLY B 298 13.57 29.65 70.37
CA GLY B 298 15.02 29.44 70.53
C GLY B 298 15.57 28.28 69.73
N LYS B 299 15.02 28.03 68.55
CA LYS B 299 15.46 26.92 67.71
C LYS B 299 16.01 27.40 66.37
N LEU B 300 16.84 28.44 66.41
CA LEU B 300 17.55 28.95 65.23
C LEU B 300 18.93 29.52 65.56
N ASP B 301 20.00 28.81 65.24
CA ASP B 301 21.33 29.33 65.49
C ASP B 301 21.75 30.26 64.35
N TRP B 302 21.15 30.08 63.18
CA TRP B 302 21.45 30.92 62.00
C TRP B 302 20.35 30.79 60.96
N ILE B 303 20.29 31.74 60.03
CA ILE B 303 19.25 31.78 59.01
C ILE B 303 19.83 31.73 57.60
N GLY B 304 19.28 30.83 56.79
CA GLY B 304 19.62 30.78 55.39
C GLY B 304 18.71 31.66 54.60
N VAL B 305 19.23 32.78 54.14
CA VAL B 305 18.44 33.68 53.31
C VAL B 305 18.50 33.22 51.85
N ASN B 306 17.32 33.01 51.25
CA ASN B 306 17.19 32.74 49.82
C ASN B 306 16.44 33.91 49.20
N TYR B 307 17.16 34.78 48.50
CA TYR B 307 16.55 35.97 47.92
C TYR B 307 16.76 35.98 46.42
N TYR B 308 15.71 36.37 45.71
CA TYR B 308 15.71 36.42 44.23
C TYR B 308 15.06 37.75 43.68
N SER B 309 13.87 38.07 44.15
CA SER B 309 13.18 39.27 43.70
C SER B 309 12.23 39.76 44.77
N ARG B 310 11.20 40.50 44.38
CA ARG B 310 10.28 41.15 45.31
C ARG B 310 8.86 40.96 44.87
N LEU B 311 7.94 41.41 45.69
CA LEU B 311 6.51 41.47 45.32
C LEU B 311 6.01 42.91 45.58
N VAL B 312 5.27 43.50 44.63
CA VAL B 312 4.76 44.88 44.82
C VAL B 312 3.24 44.90 44.95
N TYR B 313 2.74 45.55 45.99
CA TYR B 313 1.32 45.49 46.30
C TYR B 313 0.60 46.76 45.98
N GLY B 314 -0.61 46.60 45.45
CA GLY B 314 -1.55 47.72 45.21
C GLY B 314 -3.03 47.24 45.22
N ALA B 315 -3.95 48.15 44.86
CA ALA B 315 -5.38 47.84 44.40
C ALA B 315 -5.73 46.33 44.23
N LEU B 320 -6.30 44.42 48.32
CA LEU B 320 -4.84 44.64 48.32
C LEU B 320 -4.03 43.38 47.96
N VAL B 321 -3.45 43.37 46.76
CA VAL B 321 -2.78 42.16 46.21
C VAL B 321 -1.49 42.48 45.48
N PRO B 322 -0.60 41.46 45.38
CA PRO B 322 0.64 41.60 44.60
C PRO B 322 0.33 41.83 43.13
N LEU B 323 0.90 42.88 42.57
CA LEU B 323 0.59 43.35 41.20
C LEU B 323 1.46 42.73 40.10
N PRO B 324 0.85 42.40 38.95
CA PRO B 324 1.65 41.93 37.83
C PRO B 324 2.55 43.03 37.33
N GLY B 325 3.67 42.62 36.71
CA GLY B 325 4.66 43.51 36.11
C GLY B 325 5.71 43.96 37.11
N TYR B 326 5.76 43.28 38.26
CA TYR B 326 6.70 43.64 39.32
C TYR B 326 7.21 42.40 40.02
N GLY B 327 8.51 42.35 40.23
CA GLY B 327 9.12 41.27 41.00
C GLY B 327 8.96 39.91 40.33
N PHE B 328 8.50 38.93 41.11
CA PHE B 328 8.26 37.57 40.61
C PHE B 328 7.15 37.49 39.54
N MET B 329 6.52 38.60 39.21
CA MET B 329 5.34 38.54 38.35
C MET B 329 5.55 39.44 37.16
N SER B 330 6.80 39.51 36.73
CA SER B 330 7.14 40.29 35.59
C SER B 330 7.11 39.36 34.39
N GLU B 331 7.16 39.93 33.21
CA GLU B 331 7.24 39.14 31.98
C GLU B 331 8.54 38.36 31.84
N ARG B 332 8.43 37.08 31.49
CA ARG B 332 9.60 36.22 31.29
C ARG B 332 10.51 36.73 30.18
N GLY B 333 11.75 37.05 30.52
CA GLY B 333 12.73 37.51 29.53
C GLY B 333 12.53 38.93 29.05
N GLY B 334 11.59 39.65 29.70
CA GLY B 334 11.19 41.00 29.34
C GLY B 334 11.63 42.05 30.35
N PHE B 335 10.76 43.00 30.62
CA PHE B 335 11.07 44.08 31.59
C PHE B 335 9.91 44.28 32.52
N ALA B 336 10.22 44.58 33.79
CA ALA B 336 9.16 44.85 34.75
C ALA B 336 8.67 46.24 34.46
N LYS B 337 7.55 46.59 35.07
CA LYS B 337 7.04 47.92 34.96
C LYS B 337 8.07 48.95 35.37
N SER B 338 8.91 48.59 36.33
CA SER B 338 9.90 49.50 36.88
C SER B 338 10.89 49.85 35.84
N GLY B 339 10.99 49.02 34.79
CA GLY B 339 12.02 49.21 33.78
C GLY B 339 13.22 48.32 34.00
N ARG B 340 13.25 47.59 35.12
CA ARG B 340 14.28 46.62 35.38
C ARG B 340 14.01 45.40 34.55
N PRO B 341 15.07 44.72 34.06
CA PRO B 341 14.85 43.50 33.29
C PRO B 341 14.41 42.39 34.22
N ALA B 342 13.76 41.36 33.66
CA ALA B 342 13.41 40.16 34.43
C ALA B 342 14.11 38.89 33.91
N SER B 343 14.33 37.92 34.80
CA SER B 343 14.95 36.65 34.42
C SER B 343 14.05 35.86 33.48
N ASP B 344 14.60 34.80 32.91
CA ASP B 344 13.81 33.88 32.09
C ASP B 344 12.63 33.36 32.89
N PHE B 345 12.69 33.42 34.21
CA PHE B 345 11.54 32.99 35.08
C PHE B 345 10.51 34.14 35.28
N GLY B 346 10.85 35.33 34.77
CA GLY B 346 10.00 36.50 34.85
C GLY B 346 10.09 37.11 36.22
N TRP B 347 11.29 37.16 36.76
CA TRP B 347 11.52 37.68 38.10
C TRP B 347 12.40 38.90 37.99
N GLU B 348 11.88 40.01 38.47
CA GLU B 348 12.57 41.28 38.37
C GLU B 348 13.98 41.26 38.99
N MET B 349 14.87 42.04 38.39
CA MET B 349 16.20 42.26 38.94
C MET B 349 16.10 43.36 39.98
N TYR B 350 16.33 43.03 41.25
CA TYR B 350 16.07 44.01 42.32
C TYR B 350 16.99 43.84 43.52
N PRO B 351 18.29 44.15 43.32
CA PRO B 351 19.25 44.03 44.43
C PRO B 351 18.85 44.87 45.68
N GLU B 352 18.21 46.02 45.47
CA GLU B 352 17.74 46.85 46.58
C GLU B 352 16.98 46.04 47.63
N GLY B 353 16.14 45.10 47.18
CA GLY B 353 15.30 44.30 48.08
C GLY B 353 16.07 43.45 49.08
N LEU B 354 17.25 42.99 48.64
CA LEU B 354 18.10 42.16 49.45
C LEU B 354 18.74 43.00 50.51
N GLU B 355 19.18 44.20 50.11
CA GLU B 355 19.80 45.15 51.04
C GLU B 355 18.76 45.49 52.08
N ASN B 356 17.56 45.87 51.66
CA ASN B 356 16.51 46.16 52.64
C ASN B 356 16.23 44.96 53.50
N LEU B 357 16.09 43.78 52.88
CA LEU B 357 15.73 42.56 53.59
C LEU B 357 16.71 42.20 54.70
N LEU B 358 17.99 42.22 54.38
CA LEU B 358 19.02 41.87 55.35
C LEU B 358 18.99 42.79 56.56
N LYS B 359 18.72 44.07 56.36
CA LYS B 359 18.60 44.97 57.51
C LYS B 359 17.32 44.68 58.29
N TYR B 360 16.24 44.39 57.60
CA TYR B 360 15.01 43.95 58.27
C TYR B 360 15.17 42.72 59.15
N LEU B 361 15.93 41.73 58.66
CA LEU B 361 16.08 40.44 59.35
C LEU B 361 17.08 40.50 60.48
N ASN B 362 18.08 41.34 60.31
CA ASN B 362 19.07 41.57 61.35
C ASN B 362 18.42 42.30 62.53
N ASN B 363 17.65 43.34 62.22
CA ASN B 363 16.97 44.04 63.25
C ASN B 363 15.91 43.17 63.92
N ALA B 364 15.16 42.42 63.12
CA ALA B 364 14.06 41.59 63.63
C ALA B 364 14.53 40.39 64.46
N TYR B 365 15.66 39.78 64.09
CA TYR B 365 16.09 38.51 64.68
C TYR B 365 17.49 38.53 65.33
N GLU B 366 18.33 39.46 64.92
CA GLU B 366 19.71 39.57 65.43
C GLU B 366 20.51 38.26 65.39
N LEU B 367 20.31 37.49 64.33
CA LEU B 367 20.98 36.20 64.16
C LEU B 367 22.03 36.20 63.03
N PRO B 368 22.99 35.26 63.07
CA PRO B 368 23.93 35.13 61.93
C PRO B 368 23.23 34.65 60.65
N MET B 369 23.52 35.30 59.52
CA MET B 369 22.83 34.97 58.27
C MET B 369 23.81 34.52 57.19
N ILE B 370 23.31 33.65 56.31
CA ILE B 370 24.05 33.33 55.08
C ILE B 370 23.08 33.38 53.90
N ILE B 371 23.51 34.06 52.84
CA ILE B 371 22.73 34.05 51.61
C ILE B 371 22.93 32.66 51.05
N THR B 372 21.95 31.80 51.29
CA THR B 372 22.06 30.38 50.91
C THR B 372 21.53 30.13 49.48
N GLU B 373 20.98 31.16 48.86
CA GLU B 373 20.48 31.05 47.51
C GLU B 373 20.29 32.46 46.93
N ASN B 374 20.97 32.72 45.82
CA ASN B 374 20.76 33.95 45.06
C ASN B 374 21.37 33.80 43.68
N GLY B 375 20.56 34.07 42.66
CA GLY B 375 20.94 33.82 41.26
C GLY B 375 19.78 34.12 40.33
N MET B 376 19.91 33.74 39.05
CA MET B 376 18.83 33.98 38.12
C MET B 376 18.86 33.04 36.96
N ALA B 377 17.68 32.73 36.47
CA ALA B 377 17.50 32.04 35.20
C ALA B 377 17.84 32.96 33.98
N ASP B 378 18.96 32.67 33.32
CA ASP B 378 19.50 33.47 32.24
C ASP B 378 20.33 32.49 31.38
N ALA B 379 19.72 31.95 30.33
CA ALA B 379 20.42 31.02 29.44
C ALA B 379 21.57 31.70 28.67
N ALA B 380 21.37 32.98 28.40
CA ALA B 380 22.27 33.77 27.61
C ALA B 380 23.40 34.42 28.39
N ASP B 381 23.41 34.34 29.72
CA ASP B 381 24.40 35.10 30.53
C ASP B 381 24.31 36.64 30.25
N ARG B 382 23.17 37.10 29.73
CA ARG B 382 22.97 38.53 29.41
C ARG B 382 23.06 39.38 30.65
N TYR B 383 22.47 38.92 31.74
CA TYR B 383 22.36 39.73 32.93
C TYR B 383 23.07 39.16 34.17
N ARG B 384 23.29 37.84 34.19
CA ARG B 384 23.93 37.23 35.34
C ARG B 384 25.10 38.06 35.87
N PRO B 385 26.07 38.44 35.02
CA PRO B 385 27.20 39.22 35.57
C PRO B 385 26.77 40.41 36.42
N HIS B 386 25.89 41.23 35.90
CA HIS B 386 25.41 42.36 36.69
C HIS B 386 24.64 41.89 37.93
N TYR B 387 23.87 40.84 37.77
CA TYR B 387 23.06 40.33 38.86
C TYR B 387 23.93 40.02 40.07
N LEU B 388 25.06 39.37 39.76
CA LEU B 388 25.98 38.90 40.75
C LEU B 388 26.55 40.08 41.51
N VAL B 389 27.09 41.02 40.75
CA VAL B 389 27.81 42.12 41.32
C VAL B 389 26.83 43.05 42.05
N SER B 390 25.67 43.29 41.47
CA SER B 390 24.70 44.19 42.08
C SER B 390 24.26 43.62 43.40
N HIS B 391 24.00 42.32 43.42
CA HIS B 391 23.52 41.68 44.66
C HIS B 391 24.61 41.53 45.74
N LEU B 392 25.87 41.27 45.35
CA LEU B 392 26.97 41.26 46.30
C LEU B 392 27.16 42.66 46.93
N LYS B 393 26.99 43.71 46.12
CA LYS B 393 27.02 45.07 46.63
C LYS B 393 25.92 45.27 47.68
N ALA B 394 24.71 44.80 47.37
CA ALA B 394 23.58 44.87 48.30
C ALA B 394 23.87 44.19 49.63
N VAL B 395 24.59 43.07 49.61
CA VAL B 395 24.96 42.37 50.85
C VAL B 395 25.99 43.19 51.61
N TYR B 396 27.03 43.59 50.90
CA TYR B 396 28.08 44.45 51.45
C TYR B 396 27.54 45.73 52.12
N ASN B 397 26.56 46.38 51.49
CA ASN B 397 25.91 47.53 52.12
C ASN B 397 25.20 47.16 53.41
N ALA B 398 24.46 46.06 53.40
CA ALA B 398 23.68 45.66 54.54
C ALA B 398 24.60 45.37 55.73
N MET B 399 25.76 44.80 55.44
CA MET B 399 26.74 44.42 56.47
C MET B 399 27.37 45.63 57.15
N LYS B 400 27.60 46.67 56.35
CA LYS B 400 28.18 47.89 56.80
C LYS B 400 27.20 48.58 57.79
N GLU B 401 25.90 48.39 57.60
CA GLU B 401 24.90 48.92 58.52
C GLU B 401 24.54 47.92 59.61
N GLY B 402 25.40 46.91 59.81
CA GLY B 402 25.36 46.04 60.98
C GLY B 402 24.83 44.62 60.79
N ALA B 403 24.33 44.31 59.60
CA ALA B 403 23.78 42.99 59.33
C ALA B 403 24.88 41.95 59.48
N ASP B 404 24.60 40.89 60.22
CA ASP B 404 25.62 39.85 60.44
C ASP B 404 25.57 38.77 59.34
N VAL B 405 26.27 39.01 58.24
CA VAL B 405 26.28 38.07 57.11
C VAL B 405 27.62 37.37 56.97
N ARG B 406 27.61 36.05 57.04
CA ARG B 406 28.83 35.25 57.08
C ARG B 406 29.22 34.60 55.73
N GLY B 407 28.38 34.79 54.72
CA GLY B 407 28.68 34.23 53.41
C GLY B 407 27.64 34.45 52.34
N TYR B 408 27.99 34.10 51.11
CA TYR B 408 27.09 34.19 49.94
C TYR B 408 27.28 32.94 49.12
N LEU B 409 26.18 32.25 48.88
CA LEU B 409 26.18 31.03 48.06
C LEU B 409 25.26 31.28 46.85
N HIS B 410 25.85 31.23 45.65
CA HIS B 410 25.07 31.48 44.46
C HIS B 410 24.25 30.23 44.18
N TRP B 411 23.13 30.41 43.51
CA TRP B 411 22.38 29.29 42.93
C TRP B 411 22.37 29.54 41.46
N SER B 412 23.24 28.85 40.75
CA SER B 412 24.02 27.73 41.28
C SER B 412 25.24 27.55 40.40
N LEU B 413 26.13 26.65 40.77
CA LEU B 413 27.30 26.39 39.93
C LEU B 413 26.85 25.96 38.52
N THR B 414 26.07 24.88 38.45
CA THR B 414 25.63 24.29 37.20
C THR B 414 24.13 24.40 37.01
N ASP B 415 23.71 24.29 35.75
CA ASP B 415 22.31 24.24 35.38
C ASP B 415 21.80 22.93 35.95
N ASN B 416 20.48 22.88 36.18
CA ASN B 416 19.87 21.76 36.90
C ASN B 416 18.38 21.71 36.58
N TYR B 417 17.64 20.82 37.23
CA TYR B 417 16.22 20.59 36.92
C TYR B 417 15.32 21.51 37.75
N GLU B 418 14.81 22.58 37.14
CA GLU B 418 13.99 23.52 37.87
C GLU B 418 12.57 22.99 37.93
N TRP B 419 12.43 21.90 38.69
CA TRP B 419 11.13 21.36 39.07
C TRP B 419 10.07 21.28 37.94
N ALA B 420 8.93 21.96 38.11
CA ALA B 420 7.84 21.88 37.15
C ALA B 420 8.19 22.55 35.82
N GLN B 421 9.21 23.41 35.84
CA GLN B 421 9.65 24.14 34.67
C GLN B 421 10.72 23.40 33.91
N GLY B 422 11.14 22.24 34.38
CA GLY B 422 12.16 21.49 33.66
C GLY B 422 13.47 22.24 33.53
N PHE B 423 14.14 22.06 32.40
CA PHE B 423 15.53 22.56 32.17
C PHE B 423 15.57 23.96 31.56
N ARG B 424 14.44 24.45 31.09
CA ARG B 424 14.39 25.75 30.40
C ARG B 424 14.84 26.91 31.33
N MET B 425 14.71 26.74 32.65
CA MET B 425 15.23 27.74 33.59
C MET B 425 16.65 27.35 33.99
N ARG B 426 17.63 28.06 33.45
CA ARG B 426 19.03 27.70 33.67
C ARG B 426 19.70 28.73 34.58
N PHE B 427 20.00 28.32 35.83
CA PHE B 427 20.52 29.22 36.87
C PHE B 427 22.04 29.14 37.05
N GLY B 428 22.72 28.29 36.25
CA GLY B 428 24.12 27.99 36.43
C GLY B 428 25.10 29.08 36.00
N LEU B 429 26.15 29.26 36.78
CA LEU B 429 27.39 29.94 36.33
C LEU B 429 28.09 29.03 35.29
N VAL B 430 27.73 27.76 35.32
CA VAL B 430 28.23 26.78 34.40
C VAL B 430 27.06 26.21 33.59
N TYR B 431 27.17 26.28 32.28
CA TYR B 431 26.20 25.65 31.38
C TYR B 431 26.47 24.18 31.41
N VAL B 432 25.41 23.40 31.27
CA VAL B 432 25.54 21.96 31.14
C VAL B 432 24.72 21.49 29.94
N ASP B 433 25.38 20.71 29.09
CA ASP B 433 24.74 20.02 27.97
C ASP B 433 24.13 18.72 28.50
N PHE B 434 22.81 18.72 28.72
CA PHE B 434 22.17 17.57 29.36
C PHE B 434 22.19 16.27 28.52
N GLU B 435 22.56 16.34 27.24
CA GLU B 435 22.75 15.13 26.44
C GLU B 435 24.10 14.50 26.68
N THR B 436 25.14 15.32 26.75
CA THR B 436 26.52 14.86 26.94
C THR B 436 27.02 14.95 28.38
N LYS B 437 26.29 15.67 29.22
CA LYS B 437 26.67 15.92 30.61
C LYS B 437 27.96 16.72 30.71
N LYS B 438 28.21 17.54 29.72
CA LYS B 438 29.44 18.30 29.69
C LYS B 438 29.24 19.69 30.24
N ARG B 439 30.25 20.14 31.00
CA ARG B 439 30.30 21.45 31.66
C ARG B 439 31.08 22.44 30.83
N TYR B 440 30.50 23.61 30.65
CA TYR B 440 31.17 24.72 30.01
C TYR B 440 30.83 25.95 30.81
N LEU B 441 31.83 26.71 31.24
CA LEU B 441 31.60 27.86 32.08
C LEU B 441 31.03 29.01 31.28
N ARG B 442 30.05 29.70 31.85
CA ARG B 442 29.57 30.96 31.29
C ARG B 442 30.54 32.05 31.71
N PRO B 443 30.69 33.10 30.91
CA PRO B 443 31.64 34.16 31.26
C PRO B 443 31.39 34.72 32.66
N SER B 444 30.13 34.83 33.08
CA SER B 444 29.78 35.35 34.42
C SER B 444 30.53 34.60 35.55
N ALA B 445 30.95 33.36 35.26
CA ALA B 445 31.70 32.54 36.23
C ALA B 445 33.04 33.14 36.57
N LEU B 446 33.52 34.06 35.73
CA LEU B 446 34.84 34.69 35.93
C LEU B 446 34.82 36.00 36.71
N VAL B 447 33.62 36.50 36.98
CA VAL B 447 33.45 37.58 37.94
C VAL B 447 33.96 37.07 39.28
N SER B 448 33.70 35.79 39.54
CA SER B 448 34.07 35.07 40.78
C SER B 448 35.58 34.77 41.01
N VAL B 449 36.40 34.90 39.96
CA VAL B 449 37.85 34.59 40.00
C VAL B 449 38.67 35.87 40.23
N LYS B 450 37.98 37.02 40.17
CA LYS B 450 38.64 38.34 40.39
C LYS B 450 37.70 39.41 40.98
N LYS C 3 37.08 -38.98 52.83
CA LYS C 3 37.49 -37.74 53.56
C LYS C 3 38.69 -37.08 52.90
N PHE C 4 38.74 -35.77 52.96
CA PHE C 4 39.89 -35.01 52.52
C PHE C 4 40.58 -34.45 53.77
N PRO C 5 41.90 -34.19 53.69
CA PRO C 5 42.64 -33.64 54.83
C PRO C 5 41.96 -32.49 55.55
N LYS C 6 42.42 -32.23 56.76
CA LYS C 6 41.85 -31.20 57.62
C LYS C 6 41.94 -29.83 56.96
N ASN C 7 43.04 -29.59 56.26
CA ASN C 7 43.29 -28.27 55.69
C ASN C 7 42.92 -28.13 54.22
N PHE C 8 42.19 -29.08 53.66
CA PHE C 8 41.83 -29.07 52.25
C PHE C 8 40.69 -28.10 51.95
N MET C 9 40.94 -27.14 51.07
CA MET C 9 39.98 -26.05 50.82
C MET C 9 38.99 -26.37 49.66
N PHE C 10 37.70 -26.05 49.89
CA PHE C 10 36.64 -26.13 48.88
C PHE C 10 36.14 -24.72 48.61
N GLY C 11 35.86 -24.42 47.33
CA GLY C 11 35.50 -23.06 46.96
C GLY C 11 35.18 -22.82 45.50
N TYR C 12 35.61 -21.68 45.00
CA TYR C 12 35.29 -21.28 43.61
C TYR C 12 36.12 -20.11 43.10
N SER C 13 36.04 -19.83 41.81
CA SER C 13 36.91 -18.84 41.23
C SER C 13 36.14 -17.93 40.35
N TRP C 14 36.60 -16.70 40.27
CA TRP C 14 35.92 -15.70 39.42
C TRP C 14 37.00 -14.88 38.83
N SER C 15 36.65 -14.21 37.74
CA SER C 15 37.52 -13.23 37.10
C SER C 15 36.71 -12.01 36.89
N GLY C 16 37.40 -10.88 36.87
CA GLY C 16 36.74 -9.55 36.76
C GLY C 16 35.87 -9.34 35.55
N PHE C 17 36.38 -9.70 34.39
CA PHE C 17 35.68 -9.40 33.15
C PHE C 17 34.35 -10.13 33.12
N GLN C 18 34.31 -11.35 33.66
CA GLN C 18 33.17 -12.22 33.47
C GLN C 18 32.12 -12.00 34.55
N PHE C 19 32.50 -11.35 35.63
CA PHE C 19 31.66 -11.29 36.81
C PHE C 19 31.30 -9.85 37.22
N GLU C 20 32.28 -8.96 37.21
CA GLU C 20 32.12 -7.64 37.81
C GLU C 20 30.91 -6.88 37.25
N MET C 21 30.85 -6.80 35.91
CA MET C 21 29.94 -5.87 35.21
C MET C 21 28.52 -6.40 35.12
N GLY C 22 27.55 -5.48 35.02
CA GLY C 22 26.15 -5.91 35.05
C GLY C 22 25.16 -4.87 35.44
N LEU C 23 25.53 -3.99 36.34
CA LEU C 23 24.73 -2.79 36.59
C LEU C 23 25.56 -1.54 36.32
N PRO C 24 24.91 -0.42 35.93
CA PRO C 24 25.68 0.80 35.66
C PRO C 24 26.59 1.30 36.79
N GLY C 25 27.74 1.87 36.39
CA GLY C 25 28.82 2.18 37.33
C GLY C 25 29.99 1.21 37.20
N SER C 26 29.69 -0.01 36.75
CA SER C 26 30.61 -1.17 36.78
C SER C 26 31.64 -1.13 35.64
N GLU C 27 31.35 -0.34 34.63
CA GLU C 27 31.75 -0.68 33.28
C GLU C 27 33.21 -0.27 33.07
N VAL C 28 33.97 -0.98 32.24
CA VAL C 28 35.42 -0.75 32.15
C VAL C 28 36.04 -1.05 30.80
N GLU C 29 36.70 -0.07 30.24
CA GLU C 29 37.31 -0.20 28.93
C GLU C 29 38.59 -1.01 28.98
N SER C 30 38.70 -1.95 28.06
CA SER C 30 39.81 -2.87 27.98
C SER C 30 39.89 -3.30 26.53
N ASP C 31 40.94 -4.01 26.16
CA ASP C 31 41.00 -4.57 24.82
C ASP C 31 39.79 -5.51 24.61
N TRP C 32 39.50 -6.36 25.59
CA TRP C 32 38.40 -7.33 25.45
C TRP C 32 37.04 -6.64 25.27
N TRP C 33 36.81 -5.57 26.04
CA TRP C 33 35.56 -4.85 25.97
C TRP C 33 35.32 -4.35 24.53
N VAL C 34 36.31 -3.65 24.03
CA VAL C 34 36.22 -3.19 22.70
C VAL C 34 35.87 -4.36 21.80
N TRP C 35 36.57 -5.46 22.01
CA TRP C 35 36.51 -6.62 21.08
C TRP C 35 35.14 -7.27 21.01
N VAL C 36 34.50 -7.44 22.16
CA VAL C 36 33.12 -7.92 22.17
C VAL C 36 32.05 -6.90 21.77
N HIS C 37 32.40 -5.61 21.70
CA HIS C 37 31.48 -4.59 21.14
C HIS C 37 31.63 -4.31 19.63
N ASP C 38 32.78 -4.68 19.06
CA ASP C 38 33.13 -4.42 17.66
C ASP C 38 32.06 -4.90 16.72
N LYS C 39 31.54 -3.97 15.91
CA LYS C 39 30.41 -4.23 14.98
C LYS C 39 30.76 -5.32 14.01
N GLU C 40 31.94 -5.23 13.41
CA GLU C 40 32.42 -6.29 12.50
C GLU C 40 32.36 -7.66 13.14
N ASN C 41 32.92 -7.77 14.33
CA ASN C 41 33.01 -9.03 15.02
C ASN C 41 31.65 -9.60 15.31
N ILE C 42 30.74 -8.76 15.86
CA ILE C 42 29.36 -9.20 16.20
C ILE C 42 28.61 -9.72 14.93
N ALA C 43 28.65 -8.92 13.88
CA ALA C 43 27.97 -9.21 12.62
C ALA C 43 28.48 -10.51 12.01
N SER C 44 29.80 -10.76 12.09
CA SER C 44 30.37 -11.98 11.44
C SER C 44 30.20 -13.22 12.30
N GLY C 45 29.55 -13.09 13.45
CA GLY C 45 29.34 -14.23 14.34
C GLY C 45 30.57 -14.65 15.15
N LEU C 46 31.64 -13.89 15.06
CA LEU C 46 32.89 -14.21 15.74
C LEU C 46 32.79 -14.01 17.22
N VAL C 47 31.90 -13.12 17.64
CA VAL C 47 31.49 -13.06 19.04
C VAL C 47 29.98 -13.10 19.18
N SER C 48 29.53 -13.49 20.36
CA SER C 48 28.11 -13.71 20.64
C SER C 48 27.26 -12.51 20.30
N GLY C 49 27.77 -11.32 20.55
CA GLY C 49 26.91 -10.16 20.59
C GLY C 49 26.26 -9.88 21.96
N ASP C 50 26.30 -10.87 22.85
CA ASP C 50 26.09 -10.63 24.27
C ASP C 50 27.17 -9.67 24.77
N LEU C 51 26.88 -8.95 25.85
CA LEU C 51 27.81 -7.98 26.35
C LEU C 51 28.00 -8.12 27.85
N PRO C 52 29.20 -7.75 28.34
CA PRO C 52 29.53 -8.03 29.73
C PRO C 52 28.85 -7.10 30.70
N GLU C 53 28.45 -5.94 30.22
CA GLU C 53 27.68 -5.02 31.04
C GLU C 53 26.28 -5.53 31.37
N ASN C 54 25.91 -6.68 30.81
CA ASN C 54 24.67 -7.37 31.16
C ASN C 54 24.91 -8.58 32.07
N GLY C 55 26.06 -8.58 32.74
CA GLY C 55 26.51 -9.75 33.49
C GLY C 55 25.95 -9.73 34.88
N PRO C 56 26.55 -10.55 35.76
CA PRO C 56 25.93 -10.90 37.06
C PRO C 56 26.15 -9.83 38.09
N ALA C 57 26.86 -8.77 37.70
CA ALA C 57 27.04 -7.59 38.52
C ALA C 57 27.61 -7.89 39.90
N TYR C 58 28.67 -8.67 39.95
CA TYR C 58 29.34 -9.02 41.23
C TYR C 58 29.93 -7.81 41.93
N TRP C 59 30.37 -6.84 41.13
CA TRP C 59 30.90 -5.58 41.63
C TRP C 59 29.94 -4.96 42.65
N HIS C 60 28.62 -5.08 42.41
CA HIS C 60 27.61 -4.59 43.36
C HIS C 60 27.12 -5.68 44.28
N LEU C 61 26.88 -6.88 43.76
CA LEU C 61 26.15 -7.91 44.49
C LEU C 61 27.04 -9.00 45.10
N TYR C 62 28.22 -8.62 45.55
CA TYR C 62 29.19 -9.58 46.05
C TYR C 62 28.78 -10.15 47.42
N LYS C 63 28.11 -9.32 48.22
CA LYS C 63 27.69 -9.67 49.55
C LYS C 63 26.79 -10.94 49.55
N GLN C 64 25.77 -10.97 48.71
CA GLN C 64 24.88 -12.16 48.57
C GLN C 64 25.64 -13.38 48.14
N ASP C 65 26.45 -13.23 47.08
CA ASP C 65 27.21 -14.33 46.50
C ASP C 65 28.13 -14.95 47.53
N HIS C 66 28.83 -14.10 48.29
CA HIS C 66 29.62 -14.55 49.40
C HIS C 66 28.76 -15.33 50.39
N ASP C 67 27.65 -14.74 50.85
CA ASP C 67 26.71 -15.42 51.76
C ASP C 67 26.41 -16.84 51.27
N ILE C 68 26.01 -16.93 50.00
CA ILE C 68 25.67 -18.21 49.41
C ILE C 68 26.83 -19.17 49.51
N ALA C 69 28.01 -18.74 49.07
CA ALA C 69 29.16 -19.63 49.12
C ALA C 69 29.44 -20.07 50.56
N GLU C 70 29.30 -19.14 51.51
CA GLU C 70 29.61 -19.45 52.90
C GLU C 70 28.72 -20.58 53.34
N LYS C 71 27.41 -20.40 53.16
CA LYS C 71 26.48 -21.40 53.69
C LYS C 71 26.40 -22.66 52.81
N LEU C 72 27.18 -22.70 51.74
CA LEU C 72 27.40 -23.92 50.98
C LEU C 72 28.65 -24.69 51.46
N GLY C 73 29.22 -24.21 52.57
CA GLY C 73 30.41 -24.82 53.16
C GLY C 73 31.73 -24.46 52.50
N MET C 74 31.72 -23.49 51.61
CA MET C 74 32.95 -23.06 50.94
C MET C 74 33.80 -22.23 51.88
N ASP C 75 35.13 -22.44 51.81
CA ASP C 75 36.10 -21.76 52.69
C ASP C 75 37.21 -20.97 51.95
N CYS C 76 37.24 -21.08 50.64
CA CYS C 76 38.26 -20.41 49.85
C CYS C 76 37.69 -19.89 48.54
N ILE C 77 38.08 -18.68 48.15
CA ILE C 77 37.75 -18.16 46.83
C ILE C 77 38.98 -17.73 46.13
N ARG C 78 39.01 -17.86 44.83
CA ARG C 78 40.08 -17.27 44.06
C ARG C 78 39.48 -16.31 43.05
N GLY C 79 39.94 -15.07 43.11
CA GLY C 79 39.29 -14.02 42.36
C GLY C 79 40.38 -13.13 41.85
N GLY C 80 39.97 -12.07 41.16
CA GLY C 80 40.92 -11.26 40.47
C GLY C 80 40.88 -9.79 40.77
N ILE C 81 41.78 -9.09 40.09
CA ILE C 81 41.78 -7.66 40.10
C ILE C 81 42.15 -7.22 38.71
N GLU C 82 41.41 -6.27 38.17
CA GLU C 82 41.58 -5.91 36.77
C GLU C 82 42.50 -4.70 36.51
N TRP C 83 43.62 -4.95 35.84
CA TRP C 83 44.61 -3.93 35.48
C TRP C 83 43.98 -2.68 34.92
N ALA C 84 43.18 -2.88 33.88
CA ALA C 84 42.49 -1.78 33.21
C ALA C 84 41.51 -1.04 34.14
N ARG C 85 41.06 -1.68 35.22
CA ARG C 85 40.22 -0.99 36.17
C ARG C 85 41.05 -0.14 37.09
N ILE C 86 42.32 -0.50 37.31
CA ILE C 86 43.11 0.17 38.33
C ILE C 86 43.90 1.32 37.67
N PHE C 87 44.33 1.08 36.44
CA PHE C 87 45.07 2.08 35.69
C PHE C 87 44.43 2.42 34.33
N PRO C 88 43.28 3.13 34.37
CA PRO C 88 42.64 3.45 33.11
C PRO C 88 43.52 4.37 32.31
N LYS C 89 44.34 5.17 32.99
CA LYS C 89 45.35 6.04 32.34
C LYS C 89 46.72 5.38 32.37
N PRO C 90 47.53 5.54 31.30
CA PRO C 90 48.88 4.92 31.17
C PRO C 90 49.82 5.19 32.34
N THR C 91 50.70 4.23 32.59
CA THR C 91 51.73 4.35 33.64
C THR C 91 53.17 4.63 33.09
N PHE C 92 53.32 4.65 31.77
CA PHE C 92 54.66 4.73 31.14
C PHE C 92 55.50 5.89 31.70
N ASP C 93 54.87 7.02 32.05
CA ASP C 93 55.61 8.22 32.45
C ASP C 93 56.10 8.21 33.87
N VAL C 94 55.59 7.28 34.67
CA VAL C 94 56.16 7.03 36.01
C VAL C 94 57.35 6.12 35.86
N LYS C 95 58.56 6.71 35.86
CA LYS C 95 59.79 5.99 35.43
C LYS C 95 60.34 5.04 36.47
N VAL C 96 60.91 3.94 36.00
CA VAL C 96 61.52 2.99 36.91
C VAL C 96 62.84 2.50 36.39
N ASP C 97 63.73 2.19 37.32
CA ASP C 97 65.03 1.65 36.99
C ASP C 97 64.92 0.20 36.61
N VAL C 98 65.31 -0.11 35.37
CA VAL C 98 65.13 -1.47 34.85
C VAL C 98 66.47 -1.97 34.35
N GLU C 99 66.91 -3.12 34.86
CA GLU C 99 68.20 -3.68 34.49
C GLU C 99 68.01 -4.81 33.49
N LYS C 100 68.75 -4.75 32.36
CA LYS C 100 68.68 -5.81 31.34
C LYS C 100 70.06 -6.22 30.83
N ASP C 101 70.04 -7.30 30.06
CA ASP C 101 71.15 -7.67 29.19
C ASP C 101 70.97 -7.09 27.78
N GLU C 102 71.87 -7.47 26.88
CA GLU C 102 71.87 -7.06 25.47
C GLU C 102 70.53 -7.20 24.73
N GLU C 103 69.99 -8.41 24.71
CA GLU C 103 68.71 -8.74 24.00
C GLU C 103 67.49 -7.99 24.48
N GLY C 104 67.56 -7.51 25.72
CA GLY C 104 66.42 -6.89 26.36
C GLY C 104 65.69 -7.89 27.26
N ASN C 105 66.44 -8.75 27.94
CA ASN C 105 65.87 -9.67 28.94
C ASN C 105 65.81 -8.92 30.24
N ILE C 106 64.99 -9.40 31.17
CA ILE C 106 64.66 -8.68 32.36
C ILE C 106 65.41 -9.27 33.56
N ILE C 107 66.31 -8.52 34.18
CA ILE C 107 66.90 -8.99 35.41
C ILE C 107 66.12 -8.41 36.61
N SER C 108 65.75 -7.13 36.54
CA SER C 108 65.05 -6.47 37.63
C SER C 108 64.29 -5.25 37.15
N VAL C 109 63.46 -4.73 38.03
CA VAL C 109 62.60 -3.62 37.74
C VAL C 109 62.31 -3.01 39.08
N ASP C 110 63.13 -2.07 39.55
CA ASP C 110 62.96 -1.56 40.92
C ASP C 110 61.70 -0.75 40.95
N VAL C 111 60.84 -1.02 41.94
CA VAL C 111 59.61 -0.24 42.18
C VAL C 111 59.52 0.06 43.68
N PRO C 112 60.28 1.05 44.14
CA PRO C 112 60.24 1.47 45.52
C PRO C 112 58.94 2.07 45.97
N GLU C 113 58.90 2.39 47.26
CA GLU C 113 57.71 2.92 47.87
C GLU C 113 57.33 4.27 47.27
N SER C 114 58.33 5.04 46.85
CA SER C 114 58.09 6.33 46.21
C SER C 114 57.37 6.18 44.86
N THR C 115 57.77 5.23 44.05
CA THR C 115 57.10 4.99 42.80
C THR C 115 55.65 4.63 43.05
N ILE C 116 55.38 3.85 44.08
CA ILE C 116 53.99 3.49 44.39
C ILE C 116 53.16 4.75 44.63
N LYS C 117 53.75 5.75 45.27
CA LYS C 117 53.05 6.99 45.54
C LYS C 117 52.76 7.77 44.27
N GLU C 118 53.71 7.76 43.36
CA GLU C 118 53.54 8.44 42.10
C GLU C 118 52.43 7.78 41.33
N LEU C 119 52.31 6.47 41.50
CA LEU C 119 51.31 5.74 40.79
C LEU C 119 49.97 6.01 41.39
N GLU C 120 49.92 6.22 42.69
CA GLU C 120 48.63 6.49 43.37
C GLU C 120 47.91 7.69 42.78
N LYS C 121 48.69 8.62 42.23
CA LYS C 121 48.16 9.87 41.65
C LYS C 121 47.33 9.66 40.41
N ILE C 122 47.76 8.73 39.57
CA ILE C 122 47.08 8.41 38.31
C ILE C 122 46.16 7.17 38.36
N ALA C 123 46.22 6.41 39.45
CA ALA C 123 45.43 5.18 39.59
C ALA C 123 44.02 5.55 39.97
N ASN C 124 43.13 4.57 39.84
CA ASN C 124 41.77 4.76 40.28
C ASN C 124 41.65 4.24 41.71
N MET C 125 41.94 5.09 42.68
CA MET C 125 41.96 4.66 44.06
C MET C 125 40.56 4.36 44.52
N GLU C 126 39.59 4.90 43.82
CA GLU C 126 38.21 4.60 44.14
C GLU C 126 37.96 3.07 43.98
N ALA C 127 38.46 2.54 42.87
CA ALA C 127 38.24 1.15 42.47
C ALA C 127 39.01 0.20 43.38
N LEU C 128 40.24 0.58 43.67
CA LEU C 128 41.08 -0.14 44.63
C LEU C 128 40.37 -0.28 45.93
N GLU C 129 39.82 0.80 46.46
CA GLU C 129 39.03 0.73 47.72
C GLU C 129 37.84 -0.22 47.62
N HIS C 130 37.17 -0.23 46.48
CA HIS C 130 36.08 -1.17 46.29
C HIS C 130 36.59 -2.62 46.28
N TYR C 131 37.72 -2.90 45.63
CA TYR C 131 38.33 -4.24 45.73
C TYR C 131 38.59 -4.63 47.20
N ARG C 132 39.10 -3.71 48.01
CA ARG C 132 39.25 -4.00 49.43
C ARG C 132 37.93 -4.38 50.08
N LYS C 133 36.89 -3.60 49.84
CA LYS C 133 35.58 -3.95 50.42
C LYS C 133 35.17 -5.36 50.05
N ILE C 134 35.29 -5.68 48.75
CA ILE C 134 34.92 -6.99 48.28
C ILE C 134 35.78 -8.09 48.93
N TYR C 135 37.09 -7.91 48.96
CA TYR C 135 37.93 -8.97 49.51
C TYR C 135 37.67 -9.10 50.99
N SER C 136 37.57 -7.98 51.65
CA SER C 136 37.29 -7.98 53.10
C SER C 136 36.00 -8.67 53.41
N ASP C 137 34.99 -8.46 52.57
CA ASP C 137 33.70 -9.04 52.88
C ASP C 137 33.81 -10.52 53.12
N TRP C 138 34.72 -11.15 52.37
CA TRP C 138 34.95 -12.60 52.41
C TRP C 138 35.95 -12.99 53.45
N LYS C 139 37.02 -12.19 53.53
CA LYS C 139 38.08 -12.44 54.48
C LYS C 139 37.62 -12.32 55.93
N GLU C 140 36.82 -11.30 56.23
CA GLU C 140 36.41 -11.05 57.62
C GLU C 140 35.39 -12.06 58.11
N ARG C 141 34.93 -12.93 57.23
CA ARG C 141 34.13 -14.13 57.62
C ARG C 141 35.03 -15.30 58.10
N GLY C 142 36.35 -15.08 58.14
CA GLY C 142 37.31 -16.10 58.55
C GLY C 142 37.53 -17.11 57.46
N LYS C 143 37.75 -16.64 56.24
CA LYS C 143 37.89 -17.52 55.09
C LYS C 143 39.17 -17.22 54.34
N THR C 144 39.53 -18.06 53.39
CA THR C 144 40.74 -17.87 52.60
C THR C 144 40.49 -17.20 51.24
N PHE C 145 41.38 -16.31 50.87
CA PHE C 145 41.30 -15.68 49.57
C PHE C 145 42.61 -15.73 48.77
N ILE C 146 42.45 -16.00 47.48
CA ILE C 146 43.57 -16.04 46.58
C ILE C 146 43.34 -14.95 45.55
N LEU C 147 44.33 -14.08 45.36
CA LEU C 147 44.25 -13.11 44.32
C LEU C 147 45.14 -13.51 43.05
N ASN C 148 44.52 -13.36 41.86
CA ASN C 148 45.14 -13.57 40.62
C ASN C 148 45.28 -12.22 39.87
N LEU C 149 46.47 -11.84 39.41
CA LEU C 149 46.62 -10.46 38.97
C LEU C 149 46.15 -10.22 37.54
N TYR C 150 46.29 -11.21 36.67
CA TYR C 150 45.91 -11.11 35.25
C TYR C 150 44.94 -12.22 34.82
N HIS C 151 43.81 -11.83 34.22
CA HIS C 151 42.81 -12.76 33.71
C HIS C 151 42.24 -12.29 32.37
N TRP C 152 43.18 -11.86 31.49
CA TRP C 152 43.08 -11.69 30.00
C TRP C 152 42.91 -10.24 29.48
N PRO C 153 41.96 -9.48 30.05
CA PRO C 153 41.88 -8.13 29.54
C PRO C 153 43.05 -7.23 29.91
N LEU C 154 43.39 -6.37 28.96
CA LEU C 154 44.50 -5.44 29.07
C LEU C 154 43.95 -4.04 28.90
N PRO C 155 44.58 -3.04 29.53
CA PRO C 155 44.37 -1.66 29.21
C PRO C 155 44.41 -1.33 27.74
N LEU C 156 43.56 -0.43 27.32
CA LEU C 156 43.53 -0.03 25.92
C LEU C 156 44.83 0.60 25.52
N TRP C 157 45.50 1.25 26.50
CA TRP C 157 46.80 1.93 26.22
C TRP C 157 47.95 0.93 26.18
N ILE C 158 47.65 -0.32 26.51
CA ILE C 158 48.55 -1.45 26.35
C ILE C 158 48.25 -2.20 25.07
N HIS C 159 46.98 -2.30 24.69
CA HIS C 159 46.56 -3.15 23.52
C HIS C 159 45.27 -2.70 22.86
N ASP C 160 45.36 -2.43 21.57
CA ASP C 160 44.20 -1.99 20.77
C ASP C 160 44.05 -3.06 19.67
N PRO C 161 43.28 -4.11 19.95
CA PRO C 161 43.19 -5.24 19.09
C PRO C 161 42.51 -5.01 17.72
N ILE C 162 41.65 -4.01 17.65
CA ILE C 162 41.00 -3.68 16.41
C ILE C 162 42.09 -3.19 15.46
N ALA C 163 42.85 -2.20 15.94
CA ALA C 163 43.95 -1.59 15.15
C ALA C 163 45.03 -2.60 14.79
N VAL C 164 45.43 -3.36 15.79
CA VAL C 164 46.47 -4.34 15.60
C VAL C 164 46.06 -5.30 14.46
N ARG C 165 44.82 -5.76 14.47
CA ARG C 165 44.35 -6.65 13.42
C ARG C 165 44.34 -6.01 12.02
N LYS C 166 43.86 -4.77 11.88
CA LYS C 166 43.79 -4.08 10.57
C LYS C 166 45.15 -3.64 10.04
N LEU C 167 45.98 -3.08 10.90
CA LEU C 167 47.22 -2.43 10.47
C LEU C 167 48.47 -3.22 10.81
N GLY C 168 48.36 -4.20 11.71
CA GLY C 168 49.49 -4.99 12.17
C GLY C 168 50.05 -4.43 13.47
N PRO C 169 50.80 -5.24 14.22
CA PRO C 169 51.34 -4.87 15.54
C PRO C 169 52.33 -3.69 15.61
N ASP C 170 52.97 -3.32 14.50
CA ASP C 170 53.88 -2.17 14.49
C ASP C 170 53.13 -0.83 14.52
N ALA C 171 51.83 -0.88 14.29
CA ALA C 171 51.02 0.32 14.13
C ALA C 171 50.21 0.68 15.36
N ALA C 172 50.17 -0.18 16.36
CA ALA C 172 49.34 0.11 17.57
C ALA C 172 49.88 -0.56 18.80
N PRO C 173 49.33 -0.24 19.96
CA PRO C 173 49.69 -0.95 21.18
C PRO C 173 49.46 -2.45 21.03
N ALA C 174 50.54 -3.22 20.98
CA ALA C 174 50.50 -4.62 20.50
C ALA C 174 50.24 -5.69 21.59
N GLY C 175 50.22 -5.25 22.84
CA GLY C 175 49.79 -6.10 23.91
C GLY C 175 50.94 -6.85 24.44
N TRP C 176 50.82 -8.19 24.55
CA TRP C 176 51.96 -9.02 24.96
C TRP C 176 53.03 -9.18 23.85
N LEU C 177 52.86 -8.51 22.72
CA LEU C 177 53.91 -8.47 21.70
C LEU C 177 54.92 -7.35 21.99
N ASP C 178 54.51 -6.30 22.71
CA ASP C 178 55.40 -5.20 23.04
C ASP C 178 56.10 -5.49 24.36
N GLU C 179 57.42 -5.55 24.31
CA GLU C 179 58.24 -5.85 25.47
C GLU C 179 57.96 -4.81 26.60
N LYS C 180 57.61 -3.59 26.23
CA LYS C 180 57.13 -2.52 27.16
C LYS C 180 56.06 -2.92 28.15
N THR C 181 55.14 -3.74 27.68
CA THR C 181 53.97 -4.12 28.43
C THR C 181 54.33 -4.81 29.76
N VAL C 182 55.43 -5.54 29.71
CA VAL C 182 55.85 -6.39 30.78
C VAL C 182 56.25 -5.55 31.98
N VAL C 183 57.03 -4.52 31.70
CA VAL C 183 57.48 -3.61 32.73
C VAL C 183 56.25 -2.95 33.40
N GLU C 184 55.26 -2.59 32.62
CA GLU C 184 54.15 -1.85 33.16
C GLU C 184 53.33 -2.77 34.04
N PHE C 185 53.29 -4.03 33.61
CA PHE C 185 52.57 -5.05 34.40
C PHE C 185 53.25 -5.20 35.75
N VAL C 186 54.56 -5.30 35.72
CA VAL C 186 55.36 -5.38 36.94
C VAL C 186 55.06 -4.22 37.92
N LYS C 187 54.89 -3.03 37.40
CA LYS C 187 54.52 -1.91 38.27
C LYS C 187 53.15 -2.17 38.92
N PHE C 188 52.27 -2.69 38.08
CA PHE C 188 50.93 -3.07 38.49
C PHE C 188 51.00 -4.10 39.61
N ALA C 189 51.87 -5.11 39.44
CA ALA C 189 51.95 -6.17 40.40
C ALA C 189 52.38 -5.57 41.75
N ALA C 190 53.43 -4.78 41.73
CA ALA C 190 53.99 -4.22 42.95
C ALA C 190 52.97 -3.30 43.61
N PHE C 191 52.31 -2.52 42.81
CA PHE C 191 51.26 -1.65 43.30
C PHE C 191 50.26 -2.45 44.15
N VAL C 192 49.85 -3.60 43.60
CA VAL C 192 48.76 -4.39 44.16
C VAL C 192 49.24 -5.11 45.40
N ALA C 193 50.44 -5.66 45.32
CA ALA C 193 51.04 -6.28 46.48
C ALA C 193 51.03 -5.30 47.62
N TYR C 194 51.62 -4.13 47.36
CA TYR C 194 51.83 -3.12 48.36
C TYR C 194 50.52 -2.79 49.10
N HIS C 195 49.42 -2.75 48.38
CA HIS C 195 48.20 -2.26 48.92
C HIS C 195 47.31 -3.31 49.52
N LEU C 196 47.34 -4.52 48.97
CA LEU C 196 46.32 -5.51 49.32
C LEU C 196 46.83 -6.79 50.00
N ASP C 197 48.10 -6.81 50.37
CA ASP C 197 48.67 -8.05 50.87
C ASP C 197 47.99 -8.46 52.16
N ASP C 198 47.49 -7.47 52.89
CA ASP C 198 46.83 -7.77 54.16
C ASP C 198 45.57 -8.58 53.99
N LEU C 199 44.99 -8.60 52.80
CA LEU C 199 43.78 -9.35 52.50
C LEU C 199 44.01 -10.64 51.70
N VAL C 200 45.22 -10.86 51.19
CA VAL C 200 45.53 -11.99 50.32
C VAL C 200 46.33 -13.10 50.99
N ASP C 201 45.87 -14.36 50.92
CA ASP C 201 46.61 -15.53 51.53
C ASP C 201 47.61 -16.17 50.59
N MET C 202 47.36 -16.06 49.29
CA MET C 202 48.19 -16.66 48.28
C MET C 202 48.02 -15.89 46.95
N TRP C 203 49.07 -15.80 46.17
CA TRP C 203 49.05 -15.10 44.90
C TRP C 203 49.21 -15.97 43.64
N SER C 204 48.65 -15.48 42.54
CA SER C 204 48.87 -16.02 41.25
C SER C 204 49.10 -14.81 40.37
N THR C 205 50.15 -14.89 39.56
CA THR C 205 50.55 -13.84 38.69
C THR C 205 49.57 -13.70 37.53
N MET C 206 48.97 -14.80 37.08
CA MET C 206 48.15 -14.73 35.86
C MET C 206 47.35 -15.99 35.69
N ASN C 207 46.50 -16.02 34.68
CA ASN C 207 45.55 -17.10 34.45
C ASN C 207 45.56 -17.59 32.98
N GLU C 208 45.77 -18.87 32.80
CA GLU C 208 45.75 -19.47 31.45
C GLU C 208 46.50 -18.68 30.32
N PRO C 209 47.74 -18.30 30.58
CA PRO C 209 48.45 -17.54 29.59
C PRO C 209 48.66 -18.27 28.27
N ASN C 210 48.85 -19.57 28.36
CA ASN C 210 48.76 -20.41 27.21
C ASN C 210 47.50 -20.25 26.36
N VAL C 211 46.37 -19.99 26.99
CA VAL C 211 45.13 -19.76 26.25
C VAL C 211 45.20 -18.44 25.53
N VAL C 212 45.81 -17.47 26.17
CA VAL C 212 45.88 -16.12 25.63
C VAL C 212 46.70 -16.09 24.39
N TYR C 213 47.95 -16.58 24.47
CA TYR C 213 48.82 -16.53 23.30
C TYR C 213 48.36 -17.44 22.16
N ASN C 214 47.87 -18.63 22.49
CA ASN C 214 47.50 -19.57 21.44
C ASN C 214 46.25 -19.18 20.75
N GLN C 215 45.22 -18.82 21.52
CA GLN C 215 43.91 -18.43 20.97
C GLN C 215 43.96 -17.08 20.26
N GLY C 216 44.77 -16.16 20.77
CA GLY C 216 44.85 -14.83 20.20
C GLY C 216 45.56 -14.74 18.88
N TYR C 217 46.54 -15.61 18.66
CA TYR C 217 47.44 -15.50 17.53
C TYR C 217 47.56 -16.74 16.64
N ILE C 218 46.84 -17.83 16.98
CA ILE C 218 46.82 -19.06 16.15
C ILE C 218 45.39 -19.62 15.83
N ASN C 219 44.60 -20.01 16.82
CA ASN C 219 43.20 -20.44 16.61
C ASN C 219 42.27 -19.25 16.49
N LEU C 220 42.27 -18.61 15.33
CA LEU C 220 41.40 -17.48 15.03
C LEU C 220 39.95 -17.78 15.30
N ALA C 221 39.51 -19.02 15.03
CA ALA C 221 38.09 -19.42 15.21
C ALA C 221 37.57 -19.17 16.61
N SER C 222 38.51 -18.93 17.54
CA SER C 222 38.22 -18.80 18.97
C SER C 222 37.59 -17.46 19.34
N GLY C 223 37.74 -16.48 18.45
CA GLY C 223 37.21 -15.14 18.72
C GLY C 223 38.00 -14.43 19.78
N PHE C 224 39.28 -14.79 19.94
CA PHE C 224 40.16 -14.07 20.89
C PHE C 224 40.88 -12.96 20.18
N PRO C 225 41.18 -11.87 20.89
CA PRO C 225 41.95 -10.80 20.29
C PRO C 225 43.42 -11.16 20.32
N PRO C 226 44.20 -10.55 19.42
CA PRO C 226 43.72 -9.64 18.39
C PRO C 226 43.29 -10.29 17.10
N GLY C 227 43.23 -11.61 17.10
CA GLY C 227 42.63 -12.35 15.99
C GLY C 227 43.36 -12.21 14.67
N PHE C 228 44.67 -12.50 14.67
CA PHE C 228 45.43 -12.63 13.44
C PHE C 228 46.46 -13.75 13.52
N LEU C 229 46.73 -14.38 12.39
CA LEU C 229 47.46 -15.65 12.38
C LEU C 229 48.98 -15.48 12.22
N SER C 230 49.72 -15.88 13.24
CA SER C 230 51.17 -15.80 13.26
C SER C 230 51.80 -16.57 14.43
N PHE C 231 52.47 -17.67 14.12
CA PHE C 231 53.15 -18.47 15.14
C PHE C 231 54.24 -17.65 15.82
N GLU C 232 54.88 -16.78 15.03
CA GLU C 232 55.93 -15.91 15.55
C GLU C 232 55.32 -15.01 16.64
N ALA C 233 54.16 -14.42 16.34
CA ALA C 233 53.48 -13.60 17.31
C ALA C 233 53.21 -14.40 18.60
N ALA C 234 52.62 -15.57 18.43
CA ALA C 234 52.34 -16.43 19.56
C ALA C 234 53.59 -16.69 20.42
N GLU C 235 54.71 -17.03 19.78
CA GLU C 235 55.94 -17.33 20.49
C GLU C 235 56.41 -16.15 21.31
N LYS C 236 56.33 -14.98 20.70
CA LYS C 236 56.77 -13.72 21.30
C LYS C 236 55.91 -13.37 22.51
N ALA C 237 54.59 -13.60 22.37
CA ALA C 237 53.64 -13.30 23.47
C ALA C 237 53.89 -14.26 24.62
N LYS C 238 54.01 -15.55 24.28
CA LYS C 238 54.46 -16.55 25.27
C LYS C 238 55.73 -16.09 26.00
N PHE C 239 56.73 -15.63 25.26
CA PHE C 239 57.98 -15.23 25.86
C PHE C 239 57.82 -14.06 26.86
N ASN C 240 57.12 -13.02 26.43
CA ASN C 240 56.87 -11.92 27.32
C ASN C 240 56.00 -12.30 28.50
N LEU C 241 55.15 -13.30 28.35
CA LEU C 241 54.26 -13.63 29.47
C LEU C 241 55.06 -14.33 30.55
N ILE C 242 56.11 -15.02 30.10
CA ILE C 242 57.04 -15.67 31.01
C ILE C 242 57.79 -14.60 31.83
N GLN C 243 58.22 -13.54 31.14
CA GLN C 243 58.90 -12.43 31.77
C GLN C 243 57.95 -11.77 32.74
N ALA C 244 56.74 -11.51 32.30
CA ALA C 244 55.75 -10.82 33.15
C ALA C 244 55.53 -11.60 34.41
N HIS C 245 55.50 -12.93 34.28
CA HIS C 245 55.37 -13.76 35.50
C HIS C 245 56.56 -13.62 36.46
N ILE C 246 57.75 -13.82 35.92
CA ILE C 246 58.99 -13.71 36.68
C ILE C 246 59.05 -12.35 37.41
N GLY C 247 58.88 -11.28 36.66
CA GLY C 247 58.91 -9.93 37.18
C GLY C 247 57.87 -9.67 38.25
N ALA C 248 56.65 -10.06 37.97
CA ALA C 248 55.59 -9.95 38.94
C ALA C 248 55.89 -10.80 40.22
N TYR C 249 56.48 -11.97 40.04
CA TYR C 249 56.82 -12.82 41.18
C TYR C 249 57.77 -12.05 42.08
N ASP C 250 58.80 -11.43 41.49
CA ASP C 250 59.76 -10.64 42.23
C ASP C 250 59.14 -9.40 42.88
N ALA C 251 58.21 -8.77 42.19
CA ALA C 251 57.53 -7.58 42.74
C ALA C 251 56.66 -7.89 43.94
N ILE C 252 55.92 -8.98 43.86
CA ILE C 252 55.04 -9.37 44.94
C ILE C 252 55.90 -9.74 46.13
N LYS C 253 57.01 -10.44 45.88
CA LYS C 253 57.86 -10.90 46.99
C LYS C 253 58.46 -9.74 47.71
N GLU C 254 58.61 -8.62 47.03
CA GLU C 254 59.28 -7.50 47.59
C GLU C 254 58.35 -6.78 48.58
N TYR C 255 57.03 -7.02 48.48
CA TYR C 255 56.06 -6.41 49.38
C TYR C 255 55.19 -7.40 50.13
N SER C 256 55.52 -8.68 50.07
CA SER C 256 54.70 -9.72 50.66
C SER C 256 55.55 -10.95 50.91
N GLU C 257 55.20 -11.74 51.93
CA GLU C 257 55.99 -12.93 52.32
C GLU C 257 55.23 -14.20 52.03
N LYS C 258 54.32 -14.13 51.05
CA LYS C 258 53.35 -15.20 50.80
C LYS C 258 53.64 -16.02 49.55
N SER C 259 52.91 -17.13 49.41
CA SER C 259 53.15 -18.06 48.31
C SER C 259 52.68 -17.46 47.02
N VAL C 260 53.54 -17.51 46.00
CA VAL C 260 53.19 -16.95 44.70
C VAL C 260 53.35 -18.04 43.66
N GLY C 261 52.37 -18.13 42.79
CA GLY C 261 52.35 -19.16 41.78
C GLY C 261 51.75 -18.66 40.50
N VAL C 262 51.25 -19.60 39.69
CA VAL C 262 50.56 -19.27 38.43
C VAL C 262 49.43 -20.25 38.26
N ILE C 263 48.45 -19.85 37.45
CA ILE C 263 47.28 -20.67 37.13
C ILE C 263 47.27 -20.93 35.64
N TYR C 264 47.13 -22.20 35.26
CA TYR C 264 47.42 -22.62 33.90
C TYR C 264 46.36 -23.57 33.34
N ALA C 265 46.20 -23.59 32.02
CA ALA C 265 45.22 -24.45 31.35
C ALA C 265 45.86 -25.77 31.01
N PHE C 266 45.48 -26.82 31.76
CA PHE C 266 46.09 -28.13 31.58
C PHE C 266 45.15 -29.09 30.89
N ALA C 267 45.21 -29.12 29.57
CA ALA C 267 44.52 -30.18 28.83
C ALA C 267 45.25 -31.48 29.11
N TRP C 268 44.53 -32.60 29.30
CA TRP C 268 45.18 -33.89 29.36
C TRP C 268 45.28 -34.47 27.94
N HIS C 269 46.47 -34.92 27.54
CA HIS C 269 46.71 -35.39 26.18
C HIS C 269 46.82 -36.91 26.13
N ASP C 270 46.07 -37.52 25.18
CA ASP C 270 45.89 -38.97 25.11
C ASP C 270 46.16 -39.46 23.70
N PRO C 271 46.89 -40.58 23.58
CA PRO C 271 47.15 -41.16 22.26
C PRO C 271 46.01 -42.08 21.86
N LEU C 272 45.49 -41.95 20.66
CA LEU C 272 44.35 -42.78 20.24
C LEU C 272 44.73 -44.24 20.31
N ALA C 273 45.94 -44.51 19.83
CA ALA C 273 46.51 -45.85 19.75
C ALA C 273 47.88 -45.87 20.42
N GLU C 274 48.14 -46.96 21.11
CA GLU C 274 49.41 -47.24 21.77
C GLU C 274 50.68 -46.80 21.01
N GLU C 275 50.67 -46.87 19.68
CA GLU C 275 51.85 -46.52 18.88
C GLU C 275 52.26 -45.06 18.98
N TYR C 276 51.32 -44.20 19.38
CA TYR C 276 51.60 -42.76 19.46
C TYR C 276 52.04 -42.31 20.85
N LYS C 277 51.95 -43.20 21.84
CA LYS C 277 52.30 -42.91 23.25
C LYS C 277 53.50 -41.99 23.49
N ASP C 278 54.59 -42.23 22.76
CA ASP C 278 55.82 -41.45 22.86
C ASP C 278 55.61 -40.05 22.30
N GLU C 279 55.03 -40.00 21.11
CA GLU C 279 54.88 -38.78 20.35
C GLU C 279 53.93 -37.87 21.10
N VAL C 280 52.92 -38.44 21.75
CA VAL C 280 52.03 -37.66 22.57
C VAL C 280 52.72 -37.10 23.82
N GLU C 281 53.56 -37.90 24.48
CA GLU C 281 54.28 -37.35 25.61
C GLU C 281 55.16 -36.17 25.26
N GLU C 282 55.59 -36.13 24.01
CA GLU C 282 56.42 -35.06 23.55
C GLU C 282 55.58 -33.80 23.56
N ILE C 283 54.33 -33.97 23.16
CA ILE C 283 53.36 -32.88 23.11
C ILE C 283 53.02 -32.38 24.52
N ARG C 284 52.85 -33.29 25.47
CA ARG C 284 52.68 -32.89 26.84
C ARG C 284 53.78 -31.91 27.24
N LYS C 285 55.00 -32.26 26.90
CA LYS C 285 56.15 -31.45 27.28
C LYS C 285 56.03 -30.08 26.67
N LYS C 286 55.75 -30.02 25.36
CA LYS C 286 55.65 -28.72 24.69
C LYS C 286 54.52 -27.89 25.29
N ASP C 287 53.37 -28.51 25.44
CA ASP C 287 52.22 -27.84 26.01
C ASP C 287 52.46 -27.27 27.39
N TYR C 288 53.13 -28.02 28.25
CA TYR C 288 53.36 -27.55 29.64
C TYR C 288 54.66 -26.78 29.81
N GLU C 289 55.42 -26.66 28.73
CA GLU C 289 56.77 -26.08 28.77
C GLU C 289 56.75 -24.78 29.54
N PHE C 290 55.74 -23.95 29.29
CA PHE C 290 55.56 -22.68 30.03
C PHE C 290 55.75 -22.83 31.52
N VAL C 291 55.12 -23.85 32.08
CA VAL C 291 55.26 -24.10 33.52
C VAL C 291 56.61 -24.71 33.86
N THR C 292 57.06 -25.70 33.07
CA THR C 292 58.40 -26.25 33.19
C THR C 292 59.42 -25.12 33.30
N ILE C 293 59.34 -24.16 32.39
CA ILE C 293 60.33 -23.05 32.38
C ILE C 293 60.42 -22.31 33.72
N LEU C 294 59.26 -21.89 34.20
CA LEU C 294 59.16 -21.11 35.40
C LEU C 294 59.63 -21.92 36.58
N HIS C 295 59.24 -23.20 36.60
CA HIS C 295 59.74 -24.13 37.61
C HIS C 295 61.25 -24.04 37.66
N SER C 296 61.90 -24.27 36.51
CA SER C 296 63.36 -24.32 36.44
C SER C 296 64.05 -22.99 36.86
N LYS C 297 63.35 -21.86 36.76
CA LYS C 297 63.90 -20.62 37.28
C LYS C 297 63.61 -20.41 38.78
N GLY C 298 62.98 -21.37 39.42
CA GLY C 298 62.62 -21.22 40.83
C GLY C 298 61.60 -20.13 41.12
N LYS C 299 60.67 -19.91 40.20
CA LYS C 299 59.66 -18.85 40.36
C LYS C 299 58.22 -19.41 40.45
N LEU C 300 58.03 -20.50 41.20
CA LEU C 300 56.74 -21.11 41.40
C LEU C 300 56.65 -21.73 42.78
N ASP C 301 55.93 -21.10 43.68
CA ASP C 301 55.72 -21.70 45.00
C ASP C 301 54.58 -22.73 44.95
N TRP C 302 53.68 -22.58 43.96
CA TRP C 302 52.54 -23.48 43.83
C TRP C 302 51.95 -23.32 42.46
N ILE C 303 51.15 -24.30 42.05
CA ILE C 303 50.52 -24.33 40.75
C ILE C 303 48.99 -24.35 40.83
N GLY C 304 48.36 -23.47 40.07
CA GLY C 304 46.94 -23.52 39.89
C GLY C 304 46.53 -24.38 38.71
N VAL C 305 45.97 -25.56 39.00
CA VAL C 305 45.54 -26.46 37.94
C VAL C 305 44.14 -26.07 37.51
N ASN C 306 43.97 -25.84 36.21
CA ASN C 306 42.65 -25.62 35.59
C ASN C 306 42.37 -26.73 34.64
N TYR C 307 41.49 -27.65 35.03
CA TYR C 307 41.22 -28.82 34.20
C TYR C 307 39.77 -28.90 33.90
N TYR C 308 39.48 -29.26 32.64
CA TYR C 308 38.12 -29.42 32.13
C TYR C 308 37.91 -30.73 31.29
N SER C 309 38.81 -31.01 30.37
CA SER C 309 38.71 -32.17 29.52
C SER C 309 40.06 -32.53 28.97
N ARG C 310 40.09 -33.21 27.81
CA ARG C 310 41.31 -33.80 27.26
C ARG C 310 41.38 -33.54 25.78
N LEU C 311 42.51 -33.93 25.16
CA LEU C 311 42.64 -33.94 23.71
C LEU C 311 43.16 -35.32 23.27
N VAL C 312 42.57 -35.91 22.21
CA VAL C 312 42.97 -37.26 21.75
C VAL C 312 43.59 -37.19 20.40
N TYR C 313 44.79 -37.77 20.26
CA TYR C 313 45.59 -37.61 19.05
C TYR C 313 45.64 -38.88 18.22
N GLY C 314 45.55 -38.67 16.90
CA GLY C 314 45.68 -39.74 15.90
C GLY C 314 46.14 -39.19 14.53
N ALA C 315 46.15 -40.07 13.51
CA ALA C 315 46.09 -39.73 12.02
C ALA C 315 45.76 -38.27 11.72
N LEU C 320 49.83 -35.93 12.64
CA LEU C 320 49.48 -36.30 14.02
C LEU C 320 48.79 -35.11 14.70
N VAL C 321 47.47 -35.21 14.84
CA VAL C 321 46.66 -34.09 15.30
C VAL C 321 45.55 -34.52 16.24
N PRO C 322 45.05 -33.55 17.04
CA PRO C 322 43.91 -33.79 17.96
C PRO C 322 42.64 -34.08 17.17
N LEU C 323 41.98 -35.19 17.48
CA LEU C 323 40.88 -35.73 16.69
C LEU C 323 39.52 -35.26 17.13
N PRO C 324 38.60 -35.07 16.17
CA PRO C 324 37.28 -34.57 16.56
C PRO C 324 36.55 -35.72 17.18
N GLY C 325 35.55 -35.38 18.03
CA GLY C 325 34.75 -36.35 18.73
C GLY C 325 35.37 -36.82 20.04
N TYR C 326 36.37 -36.10 20.52
CA TYR C 326 37.07 -36.41 21.76
C TYR C 326 37.48 -35.15 22.53
N GLY C 327 37.22 -35.13 23.83
CA GLY C 327 37.67 -34.08 24.70
C GLY C 327 37.01 -32.76 24.36
N PHE C 328 37.83 -31.72 24.24
CA PHE C 328 37.37 -30.38 23.85
C PHE C 328 36.80 -30.29 22.43
N MET C 329 36.80 -31.40 21.68
CA MET C 329 36.36 -31.33 20.29
C MET C 329 35.20 -32.27 20.04
N SER C 330 34.37 -32.40 21.07
CA SER C 330 33.22 -33.27 20.98
C SER C 330 32.05 -32.38 20.59
N GLU C 331 30.96 -33.01 20.18
CA GLU C 331 29.74 -32.31 19.86
C GLU C 331 29.12 -31.59 21.11
N ARG C 332 28.76 -30.32 20.93
CA ARG C 332 28.12 -29.56 21.94
C ARG C 332 26.80 -30.16 22.38
N GLY C 333 26.71 -30.54 23.63
CA GLY C 333 25.47 -31.06 24.20
C GLY C 333 25.18 -32.49 23.83
N GLY C 334 26.17 -33.11 23.18
CA GLY C 334 26.05 -34.47 22.63
C GLY C 334 26.87 -35.50 23.35
N PHE C 335 27.51 -36.37 22.59
CA PHE C 335 28.37 -37.41 23.20
C PHE C 335 29.65 -37.56 22.41
N ALA C 336 30.73 -37.78 23.10
CA ALA C 336 32.01 -37.95 22.43
C ALA C 336 31.99 -39.32 21.82
N LYS C 337 32.99 -39.61 21.00
CA LYS C 337 33.13 -40.95 20.48
C LYS C 337 33.22 -42.00 21.55
N SER C 338 33.84 -41.64 22.66
CA SER C 338 34.07 -42.56 23.73
C SER C 338 32.75 -42.98 24.31
N GLY C 339 31.72 -42.19 24.09
CA GLY C 339 30.44 -42.47 24.68
C GLY C 339 30.17 -41.64 25.94
N ARG C 340 31.17 -40.92 26.41
CA ARG C 340 30.99 -39.99 27.47
C ARG C 340 30.25 -38.74 26.97
N PRO C 341 29.43 -38.12 27.83
CA PRO C 341 28.65 -36.97 27.37
C PRO C 341 29.55 -35.78 27.32
N ALA C 342 29.17 -34.74 26.58
CA ALA C 342 29.96 -33.51 26.51
C ALA C 342 29.16 -32.30 27.01
N SER C 343 29.85 -31.32 27.56
CA SER C 343 29.22 -30.12 28.01
C SER C 343 28.57 -29.32 26.85
N ASP C 344 27.78 -28.32 27.19
CA ASP C 344 27.27 -27.39 26.23
C ASP C 344 28.38 -26.77 25.40
N PHE C 345 29.60 -26.74 25.90
CA PHE C 345 30.75 -26.22 25.12
C PHE C 345 31.32 -27.29 24.17
N GLY C 346 30.82 -28.52 24.30
CA GLY C 346 31.31 -29.65 23.54
C GLY C 346 32.60 -30.23 24.06
N TRP C 347 32.67 -30.35 25.37
CA TRP C 347 33.87 -30.79 26.03
C TRP C 347 33.54 -32.06 26.73
N GLU C 348 34.24 -33.12 26.35
CA GLU C 348 34.02 -34.41 26.98
C GLU C 348 34.10 -34.38 28.57
N MET C 349 33.29 -35.24 29.17
CA MET C 349 33.38 -35.53 30.59
C MET C 349 34.46 -36.57 30.79
N TYR C 350 35.55 -36.21 31.45
CA TYR C 350 36.68 -37.11 31.58
C TYR C 350 37.48 -36.89 32.87
N PRO C 351 36.91 -37.31 33.99
CA PRO C 351 37.61 -37.21 35.24
C PRO C 351 38.95 -37.96 35.27
N GLU C 352 39.02 -39.08 34.58
CA GLU C 352 40.31 -39.84 34.46
C GLU C 352 41.53 -38.97 34.12
N GLY C 353 41.32 -38.01 33.24
CA GLY C 353 42.37 -37.09 32.82
C GLY C 353 42.99 -36.27 33.93
N LEU C 354 42.16 -35.92 34.91
CA LEU C 354 42.55 -35.04 36.03
C LEU C 354 43.33 -35.83 37.02
N GLU C 355 42.86 -37.05 37.28
CA GLU C 355 43.62 -38.03 38.07
C GLU C 355 45.01 -38.27 37.41
N ASN C 356 45.05 -38.57 36.13
CA ASN C 356 46.37 -38.79 35.47
C ASN C 356 47.19 -37.53 35.56
N LEU C 357 46.57 -36.38 35.31
CA LEU C 357 47.31 -35.11 35.21
C LEU C 357 47.98 -34.81 36.50
N LEU C 358 47.25 -34.93 37.59
CA LEU C 358 47.79 -34.58 38.91
C LEU C 358 48.98 -35.42 39.24
N LYS C 359 48.97 -36.67 38.88
CA LYS C 359 50.13 -37.53 39.14
C LYS C 359 51.27 -37.14 38.24
N TYR C 360 50.97 -36.83 36.98
CA TYR C 360 51.99 -36.30 36.08
C TYR C 360 52.71 -35.05 36.63
N LEU C 361 51.93 -34.13 37.23
CA LEU C 361 52.44 -32.79 37.63
C LEU C 361 53.15 -32.84 38.95
N ASN C 362 52.70 -33.77 39.78
CA ASN C 362 53.35 -34.01 41.05
C ASN C 362 54.70 -34.65 40.80
N ASN C 363 54.75 -35.63 39.92
CA ASN C 363 56.01 -36.26 39.61
C ASN C 363 56.93 -35.26 38.92
N ALA C 364 56.39 -34.50 37.99
CA ALA C 364 57.20 -33.59 37.16
C ALA C 364 57.74 -32.41 37.89
N TYR C 365 56.97 -31.89 38.83
CA TYR C 365 57.30 -30.61 39.50
C TYR C 365 57.43 -30.67 41.05
N GLU C 366 56.81 -31.66 41.67
CA GLU C 366 56.84 -31.85 43.14
C GLU C 366 56.48 -30.58 43.90
N LEU C 367 55.49 -29.86 43.38
CA LEU C 367 55.03 -28.62 43.99
C LEU C 367 53.62 -28.73 44.57
N PRO C 368 53.26 -27.86 45.53
CA PRO C 368 51.86 -27.82 45.98
C PRO C 368 50.90 -27.39 44.88
N MET C 369 49.78 -28.10 44.74
CA MET C 369 48.78 -27.78 43.71
C MET C 369 47.39 -27.44 44.26
N ILE C 370 46.68 -26.56 43.55
CA ILE C 370 45.30 -26.35 43.83
C ILE C 370 44.52 -26.41 42.50
N ILE C 371 43.43 -27.17 42.50
CA ILE C 371 42.55 -27.15 41.40
C ILE C 371 41.89 -25.76 41.49
N THR C 372 42.40 -24.85 40.68
CA THR C 372 41.88 -23.48 40.61
C THR C 372 40.73 -23.27 39.61
N GLU C 373 40.38 -24.31 38.84
CA GLU C 373 39.25 -24.22 37.93
C GLU C 373 38.85 -25.61 37.49
N ASN C 374 37.60 -25.95 37.72
CA ASN C 374 37.03 -27.23 37.24
C ASN C 374 35.51 -27.17 37.34
N GLY C 375 34.86 -27.42 36.21
CA GLY C 375 33.42 -27.30 36.10
C GLY C 375 32.96 -27.58 34.68
N MET C 376 31.69 -27.30 34.38
CA MET C 376 31.21 -27.51 33.02
C MET C 376 30.03 -26.65 32.65
N ALA C 377 29.94 -26.34 31.36
CA ALA C 377 28.76 -25.65 30.78
C ALA C 377 27.56 -26.58 30.63
N ASP C 378 26.53 -26.35 31.47
CA ASP C 378 25.39 -27.26 31.60
C ASP C 378 24.27 -26.42 32.12
N ALA C 379 23.46 -25.91 31.20
CA ALA C 379 22.36 -25.01 31.60
C ALA C 379 21.32 -25.79 32.39
N ALA C 380 21.22 -27.08 32.05
CA ALA C 380 20.20 -27.99 32.56
C ALA C 380 20.60 -28.74 33.84
N ASP C 381 21.82 -28.56 34.32
CA ASP C 381 22.22 -29.28 35.55
C ASP C 381 22.08 -30.81 35.32
N ARG C 382 22.05 -31.22 34.06
CA ARG C 382 21.92 -32.63 33.70
C ARG C 382 23.09 -33.41 34.21
N TYR C 383 24.29 -32.85 34.08
CA TYR C 383 25.47 -33.62 34.38
C TYR C 383 26.31 -33.06 35.49
N ARG C 384 26.23 -31.76 35.70
CA ARG C 384 27.08 -31.14 36.73
C ARG C 384 27.23 -32.02 37.97
N PRO C 385 26.12 -32.50 38.58
CA PRO C 385 26.27 -33.31 39.83
C PRO C 385 27.28 -34.42 39.69
N HIS C 386 27.18 -35.20 38.64
CA HIS C 386 28.15 -36.25 38.45
C HIS C 386 29.54 -35.66 38.19
N TYR C 387 29.58 -34.57 37.43
CA TYR C 387 30.86 -33.98 37.03
C TYR C 387 31.65 -33.65 38.25
N LEU C 388 30.95 -33.07 39.21
CA LEU C 388 31.52 -32.65 40.45
C LEU C 388 32.10 -33.86 41.19
N VAL C 389 31.27 -34.86 41.42
CA VAL C 389 31.62 -35.94 42.31
C VAL C 389 32.68 -36.79 41.61
N SER C 390 32.55 -36.99 40.31
CA SER C 390 33.54 -37.78 39.59
C SER C 390 34.89 -37.11 39.72
N HIS C 391 34.92 -35.79 39.51
CA HIS C 391 36.19 -35.09 39.48
C HIS C 391 36.83 -34.97 40.84
N LEU C 392 36.01 -34.82 41.88
CA LEU C 392 36.54 -34.83 43.28
C LEU C 392 37.14 -36.18 43.64
N LYS C 393 36.52 -37.24 43.13
CA LYS C 393 37.05 -38.59 43.28
C LYS C 393 38.40 -38.68 42.61
N ALA C 394 38.51 -38.16 41.38
CA ALA C 394 39.77 -38.12 40.63
C ALA C 394 40.88 -37.40 41.41
N VAL C 395 40.54 -36.35 42.13
CA VAL C 395 41.56 -35.61 42.92
C VAL C 395 41.97 -36.45 44.12
N TYR C 396 40.97 -36.90 44.86
CA TYR C 396 41.16 -37.80 45.98
C TYR C 396 42.03 -39.01 45.65
N ASN C 397 41.82 -39.61 44.50
CA ASN C 397 42.71 -40.72 44.05
C ASN C 397 44.13 -40.27 43.86
N ALA C 398 44.31 -39.12 43.22
CA ALA C 398 45.64 -38.64 42.87
C ALA C 398 46.43 -38.35 44.15
N MET C 399 45.71 -37.87 45.17
CA MET C 399 46.32 -37.52 46.44
C MET C 399 46.81 -38.72 47.19
N LYS C 400 46.08 -39.82 47.08
CA LYS C 400 46.43 -41.10 47.69
C LYS C 400 47.72 -41.66 47.10
N GLU C 401 47.96 -41.42 45.81
CA GLU C 401 49.19 -41.83 45.19
C GLU C 401 50.24 -40.74 45.34
N GLY C 402 50.03 -39.77 46.23
CA GLY C 402 51.08 -38.83 46.64
C GLY C 402 50.99 -37.40 46.14
N ALA C 403 50.04 -37.12 45.26
CA ALA C 403 49.93 -35.76 44.70
C ALA C 403 49.64 -34.79 45.82
N ASP C 404 50.38 -33.67 45.87
CA ASP C 404 50.17 -32.70 46.93
C ASP C 404 49.10 -31.66 46.54
N VAL C 405 47.84 -32.00 46.78
CA VAL C 405 46.73 -31.10 46.42
C VAL C 405 46.10 -30.48 47.67
N ARG C 406 46.14 -29.17 47.74
CA ARG C 406 45.69 -28.45 48.92
C ARG C 406 44.23 -27.87 48.84
N GLY C 407 43.56 -28.06 47.70
CA GLY C 407 42.19 -27.63 47.58
C GLY C 407 41.55 -27.87 46.22
N TYR C 408 40.25 -27.58 46.15
CA TYR C 408 39.49 -27.62 44.92
C TYR C 408 38.56 -26.42 44.84
N LEU C 409 38.67 -25.67 43.74
CA LEU C 409 37.82 -24.50 43.46
C LEU C 409 37.02 -24.74 42.19
N HIS C 410 35.71 -24.79 42.32
CA HIS C 410 34.85 -25.05 41.18
C HIS C 410 34.79 -23.79 40.36
N TRP C 411 34.57 -23.95 39.05
CA TRP C 411 34.22 -22.81 38.19
C TRP C 411 32.83 -23.09 37.65
N SER C 412 31.81 -22.45 38.22
CA SER C 412 31.99 -21.38 39.21
C SER C 412 30.73 -21.32 40.06
N LEU C 413 30.69 -20.47 41.07
CA LEU C 413 29.50 -20.32 41.86
C LEU C 413 28.33 -19.94 41.01
N THR C 414 28.48 -18.80 40.30
CA THR C 414 27.41 -18.25 39.42
C THR C 414 27.75 -18.29 37.95
N ASP C 415 26.71 -18.22 37.13
CA ASP C 415 26.85 -18.08 35.72
C ASP C 415 27.49 -16.72 35.49
N ASN C 416 28.16 -16.57 34.35
CA ASN C 416 28.93 -15.38 34.05
C ASN C 416 29.11 -15.26 32.52
N TYR C 417 29.92 -14.30 32.07
CA TYR C 417 30.11 -14.02 30.65
C TYR C 417 31.28 -14.86 30.08
N GLU C 418 30.93 -15.91 29.37
CA GLU C 418 31.94 -16.79 28.76
C GLU C 418 32.48 -16.20 27.46
N TRP C 419 33.18 -15.08 27.63
CA TRP C 419 33.93 -14.43 26.56
C TRP C 419 33.22 -14.34 25.19
N ALA C 420 33.80 -14.93 24.15
CA ALA C 420 33.27 -14.81 22.81
C ALA C 420 31.93 -15.56 22.69
N GLN C 421 31.66 -16.48 23.60
CA GLN C 421 30.47 -17.30 23.57
C GLN C 421 29.33 -16.67 24.34
N GLY C 422 29.56 -15.51 24.92
CA GLY C 422 28.49 -14.84 25.66
C GLY C 422 27.96 -15.64 26.85
N PHE C 423 26.65 -15.54 27.11
CA PHE C 423 26.02 -16.13 28.27
C PHE C 423 25.49 -17.56 28.04
N ARG C 424 25.49 -18.03 26.78
CA ARG C 424 24.96 -19.38 26.45
C ARG C 424 25.76 -20.54 27.11
N MET C 425 27.03 -20.32 27.43
CA MET C 425 27.76 -21.26 28.26
C MET C 425 27.56 -20.86 29.75
N ARG C 426 26.79 -21.66 30.50
CA ARG C 426 26.53 -21.40 31.93
C ARG C 426 27.19 -22.43 32.84
N PHE C 427 28.22 -21.98 33.56
CA PHE C 427 29.07 -22.89 34.35
C PHE C 427 28.73 -22.92 35.83
N GLY C 428 27.72 -22.15 36.22
CA GLY C 428 27.40 -21.89 37.64
C GLY C 428 26.73 -23.04 38.38
N LEU C 429 27.13 -23.27 39.62
CA LEU C 429 26.34 -24.04 40.55
C LEU C 429 25.07 -23.21 40.88
N VAL C 430 25.13 -21.92 40.58
CA VAL C 430 24.03 -21.01 40.79
C VAL C 430 23.66 -20.41 39.44
N TYR C 431 22.40 -20.57 39.07
CA TYR C 431 21.86 -19.92 37.87
C TYR C 431 21.71 -18.44 38.19
N VAL C 432 21.91 -17.59 37.18
CA VAL C 432 21.64 -16.18 37.30
C VAL C 432 20.76 -15.73 36.14
N ASP C 433 19.66 -15.04 36.51
CA ASP C 433 18.79 -14.37 35.55
C ASP C 433 19.40 -13.01 35.21
N PHE C 434 20.06 -12.92 34.06
CA PHE C 434 20.82 -11.70 33.75
C PHE C 434 19.96 -10.45 33.52
N GLU C 435 18.66 -10.60 33.42
CA GLU C 435 17.75 -9.44 33.37
C GLU C 435 17.49 -8.88 34.75
N THR C 436 17.22 -9.76 35.70
CA THR C 436 16.92 -9.36 37.08
C THR C 436 18.09 -9.42 38.05
N LYS C 437 19.18 -10.07 37.63
CA LYS C 437 20.37 -10.30 38.44
C LYS C 437 20.09 -11.17 39.65
N LYS C 438 19.13 -12.05 39.51
CA LYS C 438 18.73 -12.85 40.63
C LYS C 438 19.38 -14.20 40.58
N ARG C 439 19.75 -14.66 41.77
CA ARG C 439 20.41 -15.93 41.97
C ARG C 439 19.39 -17.01 42.34
N TYR C 440 19.50 -18.16 41.69
CA TYR C 440 18.74 -19.33 42.05
C TYR C 440 19.71 -20.52 42.01
N LEU C 441 19.81 -21.30 43.08
CA LEU C 441 20.76 -22.41 43.14
C LEU C 441 20.31 -23.57 42.31
N ARG C 442 21.24 -24.16 41.55
CA ARG C 442 20.94 -25.39 40.83
C ARG C 442 21.08 -26.53 41.83
N PRO C 443 20.40 -27.64 41.59
CA PRO C 443 20.41 -28.70 42.61
C PRO C 443 21.82 -29.16 42.87
N SER C 444 22.65 -29.20 41.82
CA SER C 444 24.03 -29.64 41.95
C SER C 444 24.79 -28.89 43.06
N ALA C 445 24.31 -27.69 43.39
CA ALA C 445 24.94 -26.89 44.46
C ALA C 445 24.85 -27.57 45.82
N LEU C 446 23.94 -28.54 45.95
CA LEU C 446 23.70 -29.18 47.23
C LEU C 446 24.52 -30.46 47.45
N VAL C 447 25.21 -30.89 46.42
CA VAL C 447 26.20 -31.91 46.55
C VAL C 447 27.24 -31.37 47.50
N SER C 448 27.49 -30.06 47.40
CA SER C 448 28.50 -29.31 48.20
C SER C 448 28.17 -29.10 49.70
N VAL C 449 26.91 -29.33 50.10
CA VAL C 449 26.43 -29.10 51.48
C VAL C 449 26.39 -30.44 52.25
N LYS C 450 26.59 -31.53 51.49
CA LYS C 450 26.47 -32.97 51.83
C LYS C 450 25.81 -33.42 53.14
N LYS D 3 16.96 -21.77 69.43
CA LYS D 3 17.12 -23.26 69.54
C LYS D 3 15.70 -23.89 69.68
N PHE D 4 15.30 -24.91 68.90
CA PHE D 4 13.97 -25.54 69.05
C PHE D 4 14.17 -26.92 69.66
N PRO D 5 13.17 -27.44 70.39
CA PRO D 5 13.27 -28.78 70.96
C PRO D 5 13.85 -29.83 70.02
N LYS D 6 14.29 -30.94 70.60
CA LYS D 6 14.93 -32.02 69.83
C LYS D 6 13.96 -32.63 68.81
N ASN D 7 12.68 -32.74 69.18
CA ASN D 7 11.69 -33.40 68.33
C ASN D 7 10.85 -32.46 67.45
N PHE D 8 11.27 -31.20 67.34
CA PHE D 8 10.53 -30.22 66.58
C PHE D 8 10.76 -30.39 65.10
N MET D 9 9.68 -30.54 64.34
CA MET D 9 9.79 -30.86 62.91
C MET D 9 9.83 -29.61 62.05
N PHE D 10 10.71 -29.63 61.07
CA PHE D 10 10.71 -28.63 59.98
C PHE D 10 10.38 -29.30 58.68
N GLY D 11 9.63 -28.60 57.84
CA GLY D 11 9.23 -29.17 56.58
C GLY D 11 8.41 -28.28 55.69
N TYR D 12 7.41 -28.89 55.08
CA TYR D 12 6.60 -28.21 54.05
C TYR D 12 5.32 -28.94 53.67
N SER D 13 4.43 -28.27 52.96
CA SER D 13 3.15 -28.83 52.71
C SER D 13 2.83 -28.69 51.24
N TRP D 14 2.12 -29.69 50.72
CA TRP D 14 1.65 -29.65 49.34
C TRP D 14 0.22 -30.18 49.34
N SER D 15 -0.50 -29.82 48.28
CA SER D 15 -1.84 -30.27 48.03
C SER D 15 -1.87 -30.79 46.62
N GLY D 16 -2.71 -31.77 46.36
CA GLY D 16 -2.77 -32.46 45.05
C GLY D 16 -3.08 -31.59 43.85
N PHE D 17 -4.05 -30.70 44.02
CA PHE D 17 -4.48 -29.89 42.88
C PHE D 17 -3.37 -28.95 42.44
N GLN D 18 -2.63 -28.41 43.41
CA GLN D 18 -1.68 -27.38 43.11
C GLN D 18 -0.30 -27.93 42.62
N PHE D 19 -0.07 -29.22 42.84
CA PHE D 19 1.25 -29.79 42.68
C PHE D 19 1.28 -30.93 41.66
N GLU D 20 0.31 -31.84 41.77
CA GLU D 20 0.43 -33.13 41.10
C GLU D 20 0.62 -32.95 39.61
N MET D 21 -0.25 -32.13 39.02
CA MET D 21 -0.39 -32.07 37.56
C MET D 21 0.68 -31.22 36.90
N GLY D 22 0.94 -31.49 35.62
CA GLY D 22 2.05 -30.80 34.94
C GLY D 22 2.66 -31.53 33.76
N LEU D 23 2.70 -32.86 33.80
CA LEU D 23 2.98 -33.61 32.58
C LEU D 23 1.80 -34.53 32.26
N PRO D 24 1.55 -34.82 30.96
CA PRO D 24 0.47 -35.76 30.62
C PRO D 24 0.45 -37.12 31.39
N GLY D 25 -0.75 -37.61 31.66
CA GLY D 25 -0.96 -38.76 32.53
C GLY D 25 -1.50 -38.32 33.90
N SER D 26 -1.18 -37.09 34.28
CA SER D 26 -1.39 -36.58 35.62
C SER D 26 -2.86 -36.17 35.87
N GLU D 27 -3.57 -35.95 34.80
CA GLU D 27 -4.63 -34.94 34.81
C GLU D 27 -5.84 -35.52 35.51
N VAL D 28 -6.64 -34.70 36.21
CA VAL D 28 -7.79 -35.23 36.96
C VAL D 28 -8.99 -34.33 37.02
N GLU D 29 -10.14 -34.87 36.60
CA GLU D 29 -11.38 -34.10 36.62
C GLU D 29 -11.89 -33.91 38.03
N SER D 30 -12.24 -32.67 38.36
CA SER D 30 -12.77 -32.29 39.66
C SER D 30 -13.62 -31.05 39.46
N ASP D 31 -14.34 -30.62 40.49
CA ASP D 31 -15.11 -29.38 40.36
C ASP D 31 -14.14 -28.23 40.04
N TRP D 32 -13.02 -28.20 40.74
CA TRP D 32 -12.07 -27.10 40.56
C TRP D 32 -11.48 -27.07 39.14
N TRP D 33 -11.19 -28.25 38.61
CA TRP D 33 -10.64 -28.37 37.26
C TRP D 33 -11.60 -27.69 36.25
N VAL D 34 -12.85 -28.15 36.28
CA VAL D 34 -13.83 -27.58 35.39
C VAL D 34 -13.81 -26.05 35.56
N TRP D 35 -13.76 -25.61 36.81
CA TRP D 35 -13.93 -24.23 37.17
C TRP D 35 -12.84 -23.36 36.58
N VAL D 36 -11.58 -23.80 36.67
CA VAL D 36 -10.46 -23.03 36.09
C VAL D 36 -10.34 -23.17 34.55
N HIS D 37 -11.05 -24.13 33.96
CA HIS D 37 -11.15 -24.22 32.50
C HIS D 37 -12.36 -23.50 31.88
N ASP D 38 -13.38 -23.21 32.68
CA ASP D 38 -14.60 -22.55 32.22
C ASP D 38 -14.33 -21.27 31.44
N LYS D 39 -14.83 -21.24 30.19
CA LYS D 39 -14.62 -20.11 29.27
C LYS D 39 -15.11 -18.81 29.88
N GLU D 40 -16.34 -18.83 30.42
CA GLU D 40 -16.95 -17.62 31.03
C GLU D 40 -16.06 -17.05 32.12
N ASN D 41 -15.61 -17.94 32.99
CA ASN D 41 -14.75 -17.54 34.10
C ASN D 41 -13.45 -16.94 33.63
N ILE D 42 -12.78 -17.61 32.68
CA ILE D 42 -11.50 -17.10 32.16
C ILE D 42 -11.67 -15.70 31.56
N ALA D 43 -12.66 -15.59 30.67
CA ALA D 43 -12.91 -14.35 29.91
C ALA D 43 -13.21 -13.18 30.82
N SER D 44 -13.98 -13.42 31.89
CA SER D 44 -14.37 -12.34 32.79
C SER D 44 -13.26 -11.99 33.79
N GLY D 45 -12.11 -12.63 33.70
CA GLY D 45 -11.02 -12.34 34.62
C GLY D 45 -11.16 -12.93 36.01
N LEU D 46 -12.19 -13.74 36.22
CA LEU D 46 -12.47 -14.33 37.53
C LEU D 46 -11.43 -15.37 37.90
N VAL D 47 -10.85 -16.01 36.88
CA VAL D 47 -9.70 -16.88 37.09
C VAL D 47 -8.58 -16.46 36.16
N SER D 48 -7.37 -16.86 36.53
CA SER D 48 -6.12 -16.51 35.80
C SER D 48 -6.12 -16.94 34.37
N GLY D 49 -6.69 -18.09 34.07
CA GLY D 49 -6.56 -18.63 32.71
C GLY D 49 -5.32 -19.50 32.60
N ASP D 50 -4.41 -19.40 33.57
CA ASP D 50 -3.45 -20.45 33.81
C ASP D 50 -4.16 -21.76 34.12
N LEU D 51 -3.51 -22.89 33.84
CA LEU D 51 -4.12 -24.19 34.06
C LEU D 51 -3.20 -25.13 34.85
N PRO D 52 -3.79 -26.01 35.67
CA PRO D 52 -3.01 -26.81 36.57
C PRO D 52 -2.22 -27.90 35.88
N GLU D 53 -2.67 -28.31 34.71
CA GLU D 53 -1.93 -29.29 33.92
C GLU D 53 -0.58 -28.73 33.42
N ASN D 54 -0.31 -27.45 33.69
CA ASN D 54 0.98 -26.82 33.40
C ASN D 54 1.77 -26.60 34.65
N GLY D 55 1.43 -27.35 35.68
CA GLY D 55 2.03 -27.18 36.99
C GLY D 55 3.37 -27.90 37.13
N PRO D 56 3.83 -28.05 38.38
CA PRO D 56 5.19 -28.51 38.69
C PRO D 56 5.35 -30.03 38.52
N ALA D 57 4.27 -30.71 38.19
CA ALA D 57 4.29 -32.13 37.89
C ALA D 57 4.91 -33.01 38.99
N TYR D 58 4.51 -32.79 40.23
CA TYR D 58 5.02 -33.56 41.36
C TYR D 58 4.68 -35.05 41.22
N TRP D 59 3.54 -35.32 40.60
CA TRP D 59 3.07 -36.68 40.40
C TRP D 59 4.17 -37.52 39.74
N HIS D 60 4.93 -36.89 38.85
CA HIS D 60 6.06 -37.56 38.21
C HIS D 60 7.40 -37.25 38.91
N LEU D 61 7.61 -35.98 39.30
CA LEU D 61 8.93 -35.53 39.74
C LEU D 61 9.11 -35.44 41.26
N TYR D 62 8.50 -36.34 41.99
CA TYR D 62 8.48 -36.24 43.44
C TYR D 62 9.84 -36.60 44.03
N LYS D 63 10.52 -37.52 43.35
CA LYS D 63 11.83 -38.02 43.79
C LYS D 63 12.83 -36.87 43.97
N GLN D 64 12.97 -35.99 42.97
CA GLN D 64 13.88 -34.83 43.09
C GLN D 64 13.48 -33.91 44.24
N ASP D 65 12.19 -33.58 44.29
CA ASP D 65 11.66 -32.65 45.25
C ASP D 65 11.94 -33.15 46.64
N HIS D 66 11.69 -34.42 46.84
CA HIS D 66 12.03 -35.07 48.12
C HIS D 66 13.54 -34.93 48.40
N ASP D 67 14.38 -35.33 47.44
CA ASP D 67 15.84 -35.16 47.59
C ASP D 67 16.16 -33.75 48.10
N ILE D 68 15.63 -32.75 47.42
CA ILE D 68 15.92 -31.36 47.78
C ILE D 68 15.53 -31.10 49.24
N ALA D 69 14.32 -31.50 49.61
CA ALA D 69 13.84 -31.21 50.94
C ALA D 69 14.71 -31.90 51.93
N GLU D 70 15.14 -33.11 51.58
CA GLU D 70 15.97 -33.89 52.51
C GLU D 70 17.24 -33.12 52.81
N LYS D 71 17.97 -32.75 51.77
CA LYS D 71 19.28 -32.12 51.98
C LYS D 71 19.13 -30.67 52.40
N LEU D 72 17.91 -30.18 52.53
CA LEU D 72 17.64 -28.88 53.15
C LEU D 72 17.35 -29.03 54.66
N GLY D 73 17.56 -30.25 55.16
CA GLY D 73 17.37 -30.55 56.57
C GLY D 73 15.94 -30.80 56.98
N MET D 74 15.02 -30.88 56.02
CA MET D 74 13.61 -31.07 56.34
C MET D 74 13.39 -32.50 56.75
N ASP D 75 12.53 -32.70 57.73
CA ASP D 75 12.24 -34.04 58.28
C ASP D 75 10.75 -34.44 58.22
N CYS D 76 9.88 -33.50 57.85
CA CYS D 76 8.46 -33.73 57.85
C CYS D 76 7.82 -33.09 56.61
N ILE D 77 6.91 -33.82 55.95
CA ILE D 77 6.07 -33.25 54.90
C ILE D 77 4.62 -33.48 55.20
N ARG D 78 3.77 -32.52 54.86
CA ARG D 78 2.37 -32.73 54.93
C ARG D 78 1.86 -32.60 53.51
N GLY D 79 1.24 -33.66 53.02
CA GLY D 79 0.73 -33.68 51.69
C GLY D 79 -0.67 -34.23 51.67
N GLY D 80 -1.22 -34.37 50.48
CA GLY D 80 -2.58 -34.82 50.34
C GLY D 80 -2.82 -36.04 49.48
N ILE D 81 -4.10 -36.35 49.37
CA ILE D 81 -4.58 -37.40 48.51
C ILE D 81 -5.90 -36.90 48.00
N GLU D 82 -6.09 -37.00 46.69
CA GLU D 82 -7.24 -36.40 46.05
C GLU D 82 -8.38 -37.38 45.83
N TRP D 83 -9.51 -37.10 46.50
CA TRP D 83 -10.78 -37.86 46.39
C TRP D 83 -11.13 -38.20 44.92
N ALA D 84 -11.18 -37.15 44.09
CA ALA D 84 -11.54 -37.28 42.70
C ALA D 84 -10.54 -38.10 41.93
N ARG D 85 -9.31 -38.21 42.42
CA ARG D 85 -8.35 -39.10 41.78
C ARG D 85 -8.55 -40.55 42.18
N ILE D 86 -9.09 -40.81 43.36
CA ILE D 86 -9.22 -42.16 43.85
C ILE D 86 -10.57 -42.75 43.41
N PHE D 87 -11.62 -41.92 43.39
CA PHE D 87 -12.97 -42.37 42.99
C PHE D 87 -13.54 -41.55 41.84
N PRO D 88 -12.96 -41.71 40.64
CA PRO D 88 -13.48 -40.94 39.53
C PRO D 88 -14.94 -41.31 39.26
N LYS D 89 -15.32 -42.56 39.57
CA LYS D 89 -16.70 -43.05 39.43
C LYS D 89 -17.37 -43.00 40.80
N PRO D 90 -18.69 -42.67 40.86
CA PRO D 90 -19.47 -42.54 42.09
C PRO D 90 -19.45 -43.75 43.02
N THR D 91 -19.54 -43.49 44.33
CA THR D 91 -19.55 -44.54 45.36
C THR D 91 -20.97 -44.81 45.94
N PHE D 92 -21.96 -44.03 45.52
CA PHE D 92 -23.30 -44.04 46.14
C PHE D 92 -23.89 -45.42 46.25
N ASP D 93 -23.65 -46.26 45.24
CA ASP D 93 -24.29 -47.58 45.17
C ASP D 93 -23.69 -48.60 46.11
N VAL D 94 -22.48 -48.34 46.62
CA VAL D 94 -21.89 -49.21 47.65
C VAL D 94 -22.51 -48.77 48.96
N LYS D 95 -23.50 -49.52 49.44
CA LYS D 95 -24.33 -49.09 50.58
C LYS D 95 -23.64 -49.24 51.94
N VAL D 96 -23.94 -48.32 52.86
CA VAL D 96 -23.43 -48.39 54.25
C VAL D 96 -24.40 -47.89 55.34
N ASP D 97 -24.12 -48.29 56.59
CA ASP D 97 -24.84 -47.91 57.81
C ASP D 97 -24.22 -46.67 58.61
N VAL D 98 -25.02 -45.63 58.82
CA VAL D 98 -24.60 -44.43 59.60
C VAL D 98 -25.74 -43.94 60.47
N GLU D 99 -25.47 -43.77 61.77
CA GLU D 99 -26.52 -43.38 62.71
C GLU D 99 -26.40 -41.90 63.03
N LYS D 100 -27.51 -41.16 62.90
CA LYS D 100 -27.51 -39.76 63.26
C LYS D 100 -28.46 -39.55 64.44
N ASP D 101 -28.09 -38.65 65.35
CA ASP D 101 -28.97 -38.39 66.50
C ASP D 101 -30.10 -37.54 65.95
N GLU D 102 -30.96 -37.10 66.85
CA GLU D 102 -32.14 -36.30 66.51
C GLU D 102 -31.85 -35.06 65.64
N GLU D 103 -30.94 -34.22 66.11
CA GLU D 103 -30.59 -32.95 65.45
C GLU D 103 -29.96 -33.13 64.05
N GLY D 104 -29.44 -34.32 63.76
CA GLY D 104 -28.76 -34.62 62.51
C GLY D 104 -27.24 -34.69 62.63
N ASN D 105 -26.74 -34.95 63.83
CA ASN D 105 -25.28 -34.98 64.10
C ASN D 105 -24.79 -36.43 63.80
N ILE D 106 -23.49 -36.71 63.75
CA ILE D 106 -23.07 -38.12 63.44
C ILE D 106 -22.91 -38.86 64.76
N ILE D 107 -23.57 -40.01 64.92
CA ILE D 107 -23.44 -40.79 66.18
C ILE D 107 -22.26 -41.68 65.97
N SER D 108 -22.33 -42.45 64.87
CA SER D 108 -21.23 -43.34 64.46
C SER D 108 -21.41 -43.82 62.97
N VAL D 109 -20.63 -44.82 62.51
CA VAL D 109 -20.49 -45.09 61.08
C VAL D 109 -19.88 -46.42 60.73
N ASP D 110 -20.58 -47.27 59.99
CA ASP D 110 -19.97 -48.46 59.64
C ASP D 110 -19.54 -48.59 58.18
N VAL D 111 -18.24 -48.80 58.08
CA VAL D 111 -17.60 -49.14 56.84
C VAL D 111 -16.67 -50.33 57.14
N PRO D 112 -17.22 -51.56 57.21
CA PRO D 112 -16.40 -52.74 57.45
C PRO D 112 -15.42 -53.06 56.36
N GLU D 113 -14.65 -54.10 56.60
CA GLU D 113 -13.64 -54.52 55.67
C GLU D 113 -14.25 -54.96 54.35
N SER D 114 -15.47 -55.52 54.39
CA SER D 114 -16.16 -55.95 53.18
C SER D 114 -16.53 -54.77 52.29
N THR D 115 -17.04 -53.69 52.88
CA THR D 115 -17.31 -52.47 52.10
C THR D 115 -16.05 -51.93 51.42
N ILE D 116 -14.91 -51.99 52.10
CA ILE D 116 -13.65 -51.57 51.49
C ILE D 116 -13.35 -52.38 50.21
N LYS D 117 -13.66 -53.68 50.24
CA LYS D 117 -13.45 -54.53 49.08
C LYS D 117 -14.37 -54.16 47.92
N GLU D 118 -15.62 -53.81 48.24
CA GLU D 118 -16.59 -53.41 47.22
C GLU D 118 -16.17 -52.10 46.60
N LEU D 119 -15.53 -51.27 47.39
CA LEU D 119 -15.02 -50.01 46.91
C LEU D 119 -13.77 -50.20 46.05
N GLU D 120 -12.93 -51.17 46.38
CA GLU D 120 -11.74 -51.44 45.57
C GLU D 120 -12.06 -51.71 44.11
N LYS D 121 -13.25 -52.28 43.84
CA LYS D 121 -13.69 -52.63 42.48
C LYS D 121 -13.92 -51.41 41.57
N ILE D 122 -14.48 -50.35 42.12
CA ILE D 122 -14.72 -49.10 41.40
C ILE D 122 -13.68 -47.96 41.62
N ALA D 123 -12.74 -48.16 42.55
CA ALA D 123 -11.65 -47.19 42.79
C ALA D 123 -10.55 -47.31 41.77
N ASN D 124 -9.71 -46.29 41.72
CA ASN D 124 -8.60 -46.30 40.81
C ASN D 124 -7.44 -46.81 41.59
N MET D 125 -7.28 -48.11 41.62
CA MET D 125 -6.21 -48.71 42.40
C MET D 125 -4.84 -48.43 41.79
N GLU D 126 -4.83 -48.06 40.52
CA GLU D 126 -3.60 -47.62 39.90
C GLU D 126 -3.03 -46.35 40.63
N ALA D 127 -3.90 -45.38 40.89
CA ALA D 127 -3.55 -44.09 41.47
C ALA D 127 -3.17 -44.24 42.93
N LEU D 128 -3.95 -45.04 43.65
CA LEU D 128 -3.63 -45.41 45.02
C LEU D 128 -2.23 -45.99 45.14
N GLU D 129 -1.88 -46.95 44.27
CA GLU D 129 -0.49 -47.49 44.25
C GLU D 129 0.56 -46.40 44.00
N HIS D 130 0.25 -45.44 43.13
CA HIS D 130 1.19 -44.34 42.92
C HIS D 130 1.32 -43.45 44.16
N TYR D 131 0.23 -43.15 44.86
CA TYR D 131 0.34 -42.46 46.15
C TYR D 131 1.25 -43.21 47.14
N ARG D 132 1.12 -44.53 47.22
CA ARG D 132 2.07 -45.30 48.02
C ARG D 132 3.52 -45.07 47.60
N LYS D 133 3.81 -45.14 46.31
CA LYS D 133 5.17 -44.92 45.87
C LYS D 133 5.66 -43.57 46.38
N ILE D 134 4.80 -42.55 46.21
CA ILE D 134 5.19 -41.18 46.58
C ILE D 134 5.40 -41.09 48.08
N TYR D 135 4.49 -41.62 48.86
CA TYR D 135 4.65 -41.49 50.28
C TYR D 135 5.84 -42.30 50.78
N SER D 136 5.98 -43.50 50.25
CA SER D 136 7.15 -44.36 50.56
C SER D 136 8.48 -43.73 50.21
N ASP D 137 8.54 -43.06 49.07
CA ASP D 137 9.80 -42.41 48.71
C ASP D 137 10.36 -41.54 49.83
N TRP D 138 9.45 -40.86 50.57
CA TRP D 138 9.80 -39.93 51.63
C TRP D 138 9.95 -40.66 52.94
N LYS D 139 9.03 -41.59 53.20
CA LYS D 139 9.02 -42.34 54.46
C LYS D 139 10.19 -43.27 54.63
N GLU D 140 10.60 -43.94 53.56
CA GLU D 140 11.74 -44.87 53.61
C GLU D 140 13.09 -44.15 53.74
N ARG D 141 13.09 -42.82 53.64
CA ARG D 141 14.27 -41.98 54.00
C ARG D 141 14.37 -41.71 55.51
N GLY D 142 13.46 -42.28 56.27
CA GLY D 142 13.44 -42.13 57.70
C GLY D 142 12.93 -40.77 58.05
N LYS D 143 11.80 -40.38 57.45
CA LYS D 143 11.22 -39.06 57.70
C LYS D 143 9.77 -39.17 58.08
N THR D 144 9.17 -38.06 58.49
CA THR D 144 7.78 -38.04 58.93
C THR D 144 6.85 -37.61 57.81
N PHE D 145 5.68 -38.24 57.73
CA PHE D 145 4.64 -37.81 56.78
C PHE D 145 3.26 -37.60 57.42
N ILE D 146 2.60 -36.51 57.05
CA ILE D 146 1.27 -36.21 57.50
C ILE D 146 0.34 -36.18 56.30
N LEU D 147 -0.76 -36.93 56.35
CA LEU D 147 -1.69 -36.96 55.24
C LEU D 147 -2.98 -36.20 55.58
N ASN D 148 -3.40 -35.38 54.62
CA ASN D 148 -4.56 -34.56 54.73
C ASN D 148 -5.58 -35.03 53.70
N LEU D 149 -6.80 -35.39 54.11
CA LEU D 149 -7.67 -36.11 53.18
C LEU D 149 -8.37 -35.22 52.14
N TYR D 150 -8.69 -33.99 52.54
CA TYR D 150 -9.41 -33.03 51.69
C TYR D 150 -8.68 -31.68 51.57
N HIS D 151 -8.46 -31.24 50.33
CA HIS D 151 -7.81 -29.93 50.05
C HIS D 151 -8.48 -29.20 48.86
N TRP D 152 -9.82 -29.24 48.90
CA TRP D 152 -10.78 -28.40 48.16
C TRP D 152 -11.49 -29.03 46.94
N PRO D 153 -10.75 -29.67 46.03
CA PRO D 153 -11.47 -30.27 44.94
C PRO D 153 -12.30 -31.46 45.34
N LEU D 154 -13.47 -31.52 44.70
CA LEU D 154 -14.44 -32.58 44.89
C LEU D 154 -14.66 -33.28 43.57
N PRO D 155 -15.01 -34.59 43.61
CA PRO D 155 -15.50 -35.28 42.45
C PRO D 155 -16.58 -34.54 41.69
N LEU D 156 -16.55 -34.65 40.38
CA LEU D 156 -17.59 -34.06 39.60
C LEU D 156 -18.96 -34.65 39.88
N TRP D 157 -18.99 -35.92 40.28
CA TRP D 157 -20.24 -36.58 40.68
C TRP D 157 -20.73 -36.19 42.07
N ILE D 158 -19.90 -35.43 42.78
CA ILE D 158 -20.22 -34.81 44.03
C ILE D 158 -20.60 -33.33 43.85
N HIS D 159 -19.95 -32.63 42.92
CA HIS D 159 -20.18 -31.20 42.72
C HIS D 159 -19.93 -30.74 41.29
N ASP D 160 -20.93 -30.11 40.67
CA ASP D 160 -20.82 -29.53 39.33
C ASP D 160 -21.09 -28.02 39.46
N PRO D 161 -20.04 -27.23 39.76
CA PRO D 161 -20.17 -25.83 40.11
C PRO D 161 -20.69 -24.92 38.98
N ILE D 162 -20.49 -25.33 37.74
CA ILE D 162 -21.00 -24.55 36.61
C ILE D 162 -22.52 -24.61 36.63
N ALA D 163 -23.05 -25.82 36.68
CA ALA D 163 -24.48 -26.06 36.79
C ALA D 163 -25.10 -25.42 38.04
N VAL D 164 -24.49 -25.68 39.18
CA VAL D 164 -25.00 -25.17 40.41
C VAL D 164 -25.15 -23.67 40.32
N ARG D 165 -24.14 -22.98 39.81
CA ARG D 165 -24.24 -21.52 39.66
C ARG D 165 -25.37 -21.04 38.72
N LYS D 166 -25.56 -21.70 37.56
CA LYS D 166 -26.60 -21.29 36.58
C LYS D 166 -28.03 -21.64 37.02
N LEU D 167 -28.20 -22.83 37.55
CA LEU D 167 -29.50 -23.39 37.79
C LEU D 167 -29.86 -23.43 39.27
N GLY D 168 -28.86 -23.30 40.13
CA GLY D 168 -29.09 -23.42 41.57
C GLY D 168 -28.81 -24.83 42.09
N PRO D 169 -28.60 -24.97 43.40
CA PRO D 169 -28.20 -26.26 44.04
C PRO D 169 -29.17 -27.43 43.99
N ASP D 170 -30.45 -27.17 43.74
CA ASP D 170 -31.42 -28.27 43.62
C ASP D 170 -31.32 -28.98 42.26
N ALA D 171 -30.59 -28.38 41.32
CA ALA D 171 -30.54 -28.84 39.94
C ALA D 171 -29.29 -29.65 39.60
N ALA D 172 -28.33 -29.71 40.51
CA ALA D 172 -27.09 -30.43 40.23
C ALA D 172 -26.43 -30.93 41.50
N PRO D 173 -25.38 -31.76 41.36
CA PRO D 173 -24.59 -32.15 42.52
C PRO D 173 -24.07 -30.91 43.27
N ALA D 174 -24.58 -30.65 44.48
CA ALA D 174 -24.40 -29.36 45.16
C ALA D 174 -23.14 -29.23 46.05
N GLY D 175 -22.43 -30.34 46.22
CA GLY D 175 -21.15 -30.32 46.90
C GLY D 175 -21.38 -30.49 48.37
N TRP D 176 -20.82 -29.59 49.17
CA TRP D 176 -21.04 -29.60 50.61
C TRP D 176 -22.43 -29.09 51.04
N LEU D 177 -23.29 -28.79 50.07
CA LEU D 177 -24.68 -28.47 50.36
C LEU D 177 -25.55 -29.73 50.44
N ASP D 178 -25.14 -30.80 49.77
CA ASP D 178 -25.85 -32.07 49.80
C ASP D 178 -25.34 -32.91 50.96
N GLU D 179 -26.24 -33.21 51.88
CA GLU D 179 -25.92 -33.98 53.07
C GLU D 179 -25.30 -35.35 52.65
N LYS D 180 -25.73 -35.87 51.50
CA LYS D 180 -25.13 -37.10 50.87
C LYS D 180 -23.61 -37.14 50.80
N THR D 181 -23.02 -35.99 50.53
CA THR D 181 -21.62 -35.85 50.23
C THR D 181 -20.77 -36.31 51.39
N VAL D 182 -21.31 -36.12 52.59
CA VAL D 182 -20.60 -36.34 53.83
C VAL D 182 -20.36 -37.81 54.02
N VAL D 183 -21.39 -38.58 53.72
CA VAL D 183 -21.34 -40.01 53.83
C VAL D 183 -20.30 -40.58 52.88
N GLU D 184 -20.28 -40.05 51.67
CA GLU D 184 -19.37 -40.59 50.64
C GLU D 184 -17.93 -40.26 50.98
N PHE D 185 -17.74 -39.09 51.58
CA PHE D 185 -16.45 -38.68 52.06
C PHE D 185 -15.97 -39.63 53.16
N VAL D 186 -16.84 -39.90 54.11
CA VAL D 186 -16.55 -40.87 55.15
C VAL D 186 -16.08 -42.23 54.58
N LYS D 187 -16.70 -42.70 53.52
CA LYS D 187 -16.24 -43.95 52.90
C LYS D 187 -14.81 -43.78 52.38
N PHE D 188 -14.58 -42.62 51.78
CA PHE D 188 -13.29 -42.24 51.25
C PHE D 188 -12.25 -42.25 52.38
N ALA D 189 -12.59 -41.65 53.52
CA ALA D 189 -11.69 -41.62 54.63
C ALA D 189 -11.28 -43.02 55.05
N ALA D 190 -12.28 -43.88 55.25
CA ALA D 190 -12.02 -45.22 55.76
C ALA D 190 -11.21 -45.99 54.73
N PHE D 191 -11.55 -45.82 53.47
CA PHE D 191 -10.80 -46.48 52.40
C PHE D 191 -9.31 -46.17 52.52
N VAL D 192 -9.04 -44.89 52.75
CA VAL D 192 -7.67 -44.38 52.75
C VAL D 192 -6.95 -44.83 54.01
N ALA D 193 -7.61 -44.76 55.16
CA ALA D 193 -7.02 -45.23 56.43
C ALA D 193 -6.61 -46.67 56.27
N TYR D 194 -7.55 -47.48 55.81
CA TYR D 194 -7.33 -48.91 55.64
C TYR D 194 -6.10 -49.21 54.82
N HIS D 195 -5.89 -48.46 53.77
CA HIS D 195 -4.85 -48.81 52.80
C HIS D 195 -3.49 -48.19 53.09
N LEU D 196 -3.47 -46.99 53.67
CA LEU D 196 -2.22 -46.21 53.74
C LEU D 196 -1.72 -45.90 55.15
N ASP D 197 -2.33 -46.49 56.17
CA ASP D 197 -1.97 -46.12 57.50
C ASP D 197 -0.52 -46.47 57.80
N ASP D 198 -0.03 -47.51 57.15
CA ASP D 198 1.33 -47.92 57.37
C ASP D 198 2.36 -46.86 56.94
N LEU D 199 1.95 -45.92 56.10
CA LEU D 199 2.82 -44.84 55.61
C LEU D 199 2.56 -43.47 56.27
N VAL D 200 1.49 -43.34 57.04
CA VAL D 200 1.08 -42.07 57.63
C VAL D 200 1.38 -41.98 59.13
N ASP D 201 2.06 -40.90 59.58
CA ASP D 201 2.34 -40.72 61.03
C ASP D 201 1.23 -39.96 61.75
N MET D 202 0.51 -39.11 61.02
CA MET D 202 -0.50 -38.24 61.60
C MET D 202 -1.51 -37.86 60.53
N TRP D 203 -2.77 -37.68 60.92
CA TRP D 203 -3.81 -37.38 59.98
C TRP D 203 -4.44 -35.98 60.14
N SER D 204 -4.94 -35.47 59.03
CA SER D 204 -5.82 -34.31 59.03
C SER D 204 -6.94 -34.66 58.10
N THR D 205 -8.15 -34.41 58.58
CA THR D 205 -9.37 -34.68 57.85
C THR D 205 -9.52 -33.75 56.66
N MET D 206 -9.05 -32.52 56.77
CA MET D 206 -9.33 -31.52 55.73
C MET D 206 -8.51 -30.27 55.94
N ASN D 207 -8.57 -29.36 54.97
CA ASN D 207 -7.72 -28.17 54.91
C ASN D 207 -8.50 -26.87 54.67
N GLU D 208 -8.37 -25.91 55.58
CA GLU D 208 -9.07 -24.63 55.43
C GLU D 208 -10.58 -24.69 55.00
N PRO D 209 -11.39 -25.46 55.72
CA PRO D 209 -12.80 -25.59 55.32
C PRO D 209 -13.54 -24.26 55.41
N ASN D 210 -13.15 -23.47 56.40
CA ASN D 210 -13.62 -22.11 56.49
C ASN D 210 -13.40 -21.30 55.19
N VAL D 211 -12.28 -21.54 54.50
CA VAL D 211 -12.00 -20.85 53.27
C VAL D 211 -12.95 -21.36 52.19
N VAL D 212 -13.22 -22.66 52.22
CA VAL D 212 -14.10 -23.25 51.24
C VAL D 212 -15.51 -22.68 51.32
N TYR D 213 -16.17 -22.81 52.48
CA TYR D 213 -17.55 -22.32 52.61
C TYR D 213 -17.68 -20.82 52.46
N ASN D 214 -16.76 -20.05 53.01
CA ASN D 214 -16.89 -18.59 52.97
C ASN D 214 -16.62 -18.01 51.60
N GLN D 215 -15.53 -18.44 50.96
CA GLN D 215 -15.16 -17.97 49.60
C GLN D 215 -16.08 -18.51 48.52
N GLY D 216 -16.58 -19.73 48.68
CA GLY D 216 -17.45 -20.35 47.69
C GLY D 216 -18.85 -19.77 47.62
N TYR D 217 -19.37 -19.32 48.77
CA TYR D 217 -20.78 -18.93 48.89
C TYR D 217 -21.02 -17.51 49.43
N ILE D 218 -19.96 -16.74 49.72
CA ILE D 218 -20.09 -15.33 50.18
C ILE D 218 -19.17 -14.32 49.43
N ASN D 219 -17.85 -14.47 49.53
CA ASN D 219 -16.90 -13.60 48.81
C ASN D 219 -16.72 -14.06 47.36
N LEU D 220 -17.71 -13.73 46.53
CA LEU D 220 -17.69 -14.09 45.10
C LEU D 220 -16.42 -13.63 44.37
N ALA D 221 -15.91 -12.47 44.77
CA ALA D 221 -14.71 -11.89 44.14
C ALA D 221 -13.50 -12.84 44.16
N SER D 222 -13.58 -13.87 44.99
CA SER D 222 -12.48 -14.80 45.22
C SER D 222 -12.23 -15.76 44.08
N GLY D 223 -13.24 -15.93 43.22
CA GLY D 223 -13.15 -16.91 42.14
C GLY D 223 -13.23 -18.34 42.62
N PHE D 224 -13.84 -18.58 43.78
CA PHE D 224 -14.03 -19.95 44.26
C PHE D 224 -15.35 -20.46 43.75
N PRO D 225 -15.43 -21.76 43.55
CA PRO D 225 -16.71 -22.36 43.22
C PRO D 225 -17.58 -22.58 44.45
N PRO D 226 -18.93 -22.68 44.25
CA PRO D 226 -19.61 -22.50 42.97
C PRO D 226 -19.96 -21.03 42.64
N GLY D 227 -19.49 -20.08 43.44
CA GLY D 227 -19.54 -18.69 43.09
C GLY D 227 -20.95 -18.15 43.00
N PHE D 228 -21.74 -18.34 44.06
CA PHE D 228 -23.06 -17.68 44.18
C PHE D 228 -23.34 -17.26 45.61
N LEU D 229 -24.04 -16.15 45.78
CA LEU D 229 -24.13 -15.48 47.08
C LEU D 229 -25.31 -15.95 47.92
N SER D 230 -25.00 -16.56 49.06
CA SER D 230 -26.00 -17.05 49.99
C SER D 230 -25.40 -17.45 51.35
N PHE D 231 -25.69 -16.68 52.41
CA PHE D 231 -25.21 -16.98 53.76
C PHE D 231 -25.78 -18.30 54.25
N GLU D 232 -27.01 -18.59 53.81
CA GLU D 232 -27.66 -19.86 54.13
C GLU D 232 -26.86 -21.05 53.56
N ALA D 233 -26.48 -20.95 52.29
CA ALA D 233 -25.60 -21.93 51.66
C ALA D 233 -24.31 -22.10 52.48
N ALA D 234 -23.63 -20.98 52.76
CA ALA D 234 -22.42 -21.03 53.54
C ALA D 234 -22.61 -21.79 54.87
N GLU D 235 -23.66 -21.46 55.59
CA GLU D 235 -23.93 -22.07 56.90
C GLU D 235 -24.12 -23.59 56.79
N LYS D 236 -24.84 -23.98 55.74
CA LYS D 236 -25.13 -25.37 55.46
C LYS D 236 -23.86 -26.14 55.12
N ALA D 237 -23.00 -25.51 54.31
CA ALA D 237 -21.75 -26.11 53.92
C ALA D 237 -20.87 -26.28 55.15
N LYS D 238 -20.77 -25.20 55.93
CA LYS D 238 -20.05 -25.26 57.19
C LYS D 238 -20.55 -26.43 58.04
N PHE D 239 -21.85 -26.55 58.15
CA PHE D 239 -22.42 -27.59 58.98
C PHE D 239 -22.00 -28.99 58.48
N ASN D 240 -22.15 -29.23 57.19
CA ASN D 240 -21.77 -30.53 56.67
C ASN D 240 -20.26 -30.80 56.74
N LEU D 241 -19.45 -29.75 56.74
CA LEU D 241 -18.02 -29.97 56.80
C LEU D 241 -17.60 -30.39 58.18
N ILE D 242 -18.37 -29.92 59.17
CA ILE D 242 -18.19 -30.35 60.54
C ILE D 242 -18.51 -31.84 60.68
N GLN D 243 -19.62 -32.24 60.07
CA GLN D 243 -20.03 -33.64 60.05
C GLN D 243 -18.99 -34.49 59.34
N ALA D 244 -18.57 -34.05 58.17
CA ALA D 244 -17.55 -34.77 57.42
C ALA D 244 -16.32 -34.99 58.28
N HIS D 245 -15.90 -33.96 59.04
CA HIS D 245 -14.74 -34.12 59.90
C HIS D 245 -14.95 -35.17 60.98
N ILE D 246 -16.04 -35.01 61.72
CA ILE D 246 -16.41 -35.96 62.78
C ILE D 246 -16.44 -37.40 62.27
N GLY D 247 -17.17 -37.62 61.17
CA GLY D 247 -17.26 -38.93 60.54
C GLY D 247 -15.94 -39.52 60.06
N ALA D 248 -15.16 -38.68 59.37
CA ALA D 248 -13.85 -39.08 58.94
C ALA D 248 -12.94 -39.38 60.14
N TYR D 249 -13.07 -38.60 61.21
CA TYR D 249 -12.28 -38.86 62.41
C TYR D 249 -12.55 -40.28 62.92
N ASP D 250 -13.82 -40.63 62.97
CA ASP D 250 -14.17 -41.99 63.33
C ASP D 250 -13.60 -43.03 62.45
N ALA D 251 -13.77 -42.79 61.17
CA ALA D 251 -13.43 -43.77 60.17
C ALA D 251 -11.95 -44.08 60.23
N ILE D 252 -11.15 -43.04 60.37
CA ILE D 252 -9.71 -43.20 60.47
C ILE D 252 -9.36 -43.97 61.75
N LYS D 253 -10.03 -43.63 62.84
CA LYS D 253 -9.74 -44.26 64.12
C LYS D 253 -10.07 -45.73 64.08
N GLU D 254 -11.00 -46.10 63.23
CA GLU D 254 -11.45 -47.44 63.10
C GLU D 254 -10.40 -48.33 62.43
N TYR D 255 -9.48 -47.73 61.69
CA TYR D 255 -8.42 -48.49 60.98
C TYR D 255 -7.00 -48.01 61.29
N SER D 256 -6.86 -47.17 62.29
CA SER D 256 -5.56 -46.59 62.61
C SER D 256 -5.56 -46.10 64.07
N GLU D 257 -4.40 -46.12 64.72
CA GLU D 257 -4.26 -45.73 66.16
C GLU D 257 -3.58 -44.39 66.30
N LYS D 258 -3.63 -43.57 65.27
CA LYS D 258 -2.78 -42.39 65.18
C LYS D 258 -3.52 -41.09 65.41
N SER D 259 -2.76 -40.03 65.57
CA SER D 259 -3.32 -38.73 65.90
C SER D 259 -4.07 -38.16 64.70
N VAL D 260 -5.31 -37.75 64.93
CA VAL D 260 -6.13 -37.19 63.88
C VAL D 260 -6.55 -35.79 64.29
N GLY D 261 -6.44 -34.87 63.35
CA GLY D 261 -6.76 -33.48 63.59
C GLY D 261 -7.34 -32.84 62.36
N VAL D 262 -7.23 -31.52 62.30
CA VAL D 262 -7.75 -30.73 61.19
C VAL D 262 -6.80 -29.57 60.97
N ILE D 263 -6.83 -29.02 59.75
CA ILE D 263 -5.98 -27.91 59.34
C ILE D 263 -6.88 -26.75 58.96
N TYR D 264 -6.59 -25.57 59.47
CA TYR D 264 -7.54 -24.49 59.42
C TYR D 264 -6.88 -23.18 59.07
N ALA D 265 -7.67 -22.27 58.48
CA ALA D 265 -7.16 -20.93 58.17
C ALA D 265 -7.40 -19.97 59.32
N PHE D 266 -6.31 -19.58 59.97
CA PHE D 266 -6.39 -18.74 61.13
C PHE D 266 -5.89 -17.36 60.77
N ALA D 267 -6.79 -16.50 60.33
CA ALA D 267 -6.49 -15.06 60.27
C ALA D 267 -6.40 -14.54 61.69
N TRP D 268 -5.43 -13.66 61.97
CA TRP D 268 -5.40 -12.96 63.25
C TRP D 268 -6.19 -11.67 63.13
N HIS D 269 -7.12 -11.45 64.06
CA HIS D 269 -8.04 -10.31 64.00
C HIS D 269 -7.59 -9.23 64.97
N ASP D 270 -7.50 -8.00 64.47
CA ASP D 270 -6.99 -6.85 65.25
C ASP D 270 -7.96 -5.67 65.20
N PRO D 271 -8.18 -5.02 66.35
CA PRO D 271 -9.02 -3.82 66.39
C PRO D 271 -8.22 -2.58 66.03
N LEU D 272 -8.69 -1.77 65.09
CA LEU D 272 -7.93 -0.57 64.68
C LEU D 272 -7.67 0.32 65.88
N ALA D 273 -8.71 0.46 66.71
CA ALA D 273 -8.67 1.29 67.89
C ALA D 273 -9.13 0.47 69.09
N GLU D 274 -8.50 0.73 70.23
CA GLU D 274 -8.84 0.18 71.56
C GLU D 274 -10.34 0.00 71.87
N GLU D 275 -11.18 0.91 71.40
CA GLU D 275 -12.64 0.84 71.65
C GLU D 275 -13.35 -0.38 71.04
N TYR D 276 -12.76 -0.98 70.01
CA TYR D 276 -13.36 -2.13 69.35
C TYR D 276 -12.90 -3.48 69.93
N LYS D 277 -11.89 -3.45 70.80
CA LYS D 277 -11.26 -4.66 71.39
C LYS D 277 -12.22 -5.81 71.72
N ASP D 278 -13.35 -5.47 72.32
CA ASP D 278 -14.36 -6.46 72.72
C ASP D 278 -15.05 -7.04 71.51
N GLU D 279 -15.47 -6.14 70.63
CA GLU D 279 -16.27 -6.49 69.48
C GLU D 279 -15.44 -7.36 68.55
N VAL D 280 -14.15 -7.10 68.48
CA VAL D 280 -13.24 -7.93 67.68
C VAL D 280 -13.05 -9.30 68.28
N GLU D 281 -12.92 -9.40 69.60
CA GLU D 281 -12.84 -10.70 70.26
C GLU D 281 -14.06 -11.58 69.98
N GLU D 282 -15.19 -10.92 69.77
CA GLU D 282 -16.43 -11.61 69.45
C GLU D 282 -16.26 -12.29 68.08
N ILE D 283 -15.61 -11.56 67.18
CA ILE D 283 -15.35 -12.04 65.82
C ILE D 283 -14.35 -13.21 65.82
N ARG D 284 -13.29 -13.12 66.62
CA ARG D 284 -12.38 -14.25 66.81
C ARG D 284 -13.18 -15.50 67.09
N LYS D 285 -14.11 -15.39 68.03
CA LYS D 285 -14.91 -16.52 68.45
C LYS D 285 -15.69 -17.07 67.27
N LYS D 286 -16.40 -16.21 66.54
CA LYS D 286 -17.21 -16.68 65.42
C LYS D 286 -16.33 -17.33 64.36
N ASP D 287 -15.24 -16.64 64.01
CA ASP D 287 -14.30 -17.13 63.02
C ASP D 287 -13.72 -18.51 63.36
N TYR D 288 -13.31 -18.71 64.61
CA TYR D 288 -12.72 -19.99 65.00
C TYR D 288 -13.76 -21.02 65.45
N GLU D 289 -15.04 -20.63 65.49
CA GLU D 289 -16.11 -21.48 66.06
C GLU D 289 -16.00 -22.89 65.53
N PHE D 290 -15.75 -23.02 64.22
CA PHE D 290 -15.57 -24.32 63.60
C PHE D 290 -14.64 -25.26 64.41
N VAL D 291 -13.50 -24.73 64.81
CA VAL D 291 -12.56 -25.50 65.59
C VAL D 291 -13.07 -25.68 67.02
N THR D 292 -13.59 -24.62 67.62
CA THR D 292 -14.23 -24.70 68.92
C THR D 292 -15.20 -25.88 68.97
N ILE D 293 -16.09 -25.94 67.98
CA ILE D 293 -17.10 -26.99 67.97
C ILE D 293 -16.49 -28.39 68.05
N LEU D 294 -15.54 -28.66 67.17
CA LEU D 294 -14.91 -29.97 67.07
C LEU D 294 -14.17 -30.31 68.34
N HIS D 295 -13.47 -29.32 68.90
CA HIS D 295 -12.86 -29.46 70.23
C HIS D 295 -13.87 -30.01 71.20
N SER D 296 -15.00 -29.31 71.36
CA SER D 296 -16.02 -29.66 72.37
C SER D 296 -16.66 -31.04 72.14
N LYS D 297 -16.63 -31.57 70.92
CA LYS D 297 -17.05 -32.95 70.71
C LYS D 297 -15.94 -33.96 70.94
N GLY D 298 -14.75 -33.51 71.35
CA GLY D 298 -13.62 -34.42 71.55
C GLY D 298 -13.12 -35.09 70.27
N LYS D 299 -13.17 -34.38 69.14
CA LYS D 299 -12.72 -34.93 67.86
C LYS D 299 -11.52 -34.19 67.25
N LEU D 300 -10.53 -33.87 68.09
CA LEU D 300 -9.31 -33.16 67.68
C LEU D 300 -8.10 -33.56 68.52
N ASP D 301 -7.22 -34.39 67.97
CA ASP D 301 -6.04 -34.76 68.70
C ASP D 301 -4.96 -33.71 68.53
N TRP D 302 -5.06 -32.92 67.46
CA TRP D 302 -4.09 -31.84 67.21
C TRP D 302 -4.64 -30.89 66.18
N ILE D 303 -4.06 -29.69 66.10
CA ILE D 303 -4.52 -28.62 65.21
C ILE D 303 -3.45 -28.20 64.22
N GLY D 304 -3.83 -28.14 62.97
CA GLY D 304 -2.95 -27.59 61.94
C GLY D 304 -3.19 -26.10 61.78
N VAL D 305 -2.27 -25.30 62.26
CA VAL D 305 -2.37 -23.85 62.13
C VAL D 305 -1.82 -23.45 60.76
N ASN D 306 -2.63 -22.71 60.03
CA ASN D 306 -2.24 -22.10 58.77
C ASN D 306 -2.32 -20.60 58.97
N TYR D 307 -1.18 -19.95 59.09
CA TYR D 307 -1.16 -18.52 59.31
C TYR D 307 -0.35 -17.83 58.23
N TYR D 308 -0.85 -16.69 57.77
CA TYR D 308 -0.22 -15.86 56.75
C TYR D 308 -0.21 -14.32 57.09
N SER D 309 -1.35 -13.79 57.49
CA SER D 309 -1.46 -12.37 57.84
C SER D 309 -2.61 -12.17 58.80
N ARG D 310 -3.16 -10.96 58.81
CA ARG D 310 -4.17 -10.57 59.79
C ARG D 310 -5.27 -9.78 59.10
N LEU D 311 -6.30 -9.44 59.86
CA LEU D 311 -7.37 -8.55 59.40
C LEU D 311 -7.56 -7.48 60.43
N VAL D 312 -7.66 -6.21 59.99
CA VAL D 312 -7.83 -5.08 60.93
C VAL D 312 -9.19 -4.46 60.80
N TYR D 313 -9.89 -4.31 61.92
CA TYR D 313 -11.27 -3.84 61.88
C TYR D 313 -11.42 -2.42 62.37
N GLY D 314 -12.30 -1.70 61.69
CA GLY D 314 -12.72 -0.35 62.07
C GLY D 314 -14.12 -0.03 61.60
N ALA D 315 -14.58 1.18 61.88
CA ALA D 315 -15.94 1.53 61.51
C ALA D 315 -16.07 2.07 60.09
N LEU D 320 -18.96 -2.13 61.41
CA LEU D 320 -17.66 -2.65 61.86
C LEU D 320 -17.13 -3.75 60.91
N VAL D 321 -16.12 -3.38 60.11
CA VAL D 321 -15.64 -4.25 59.02
C VAL D 321 -14.13 -4.24 58.88
N PRO D 322 -13.58 -5.29 58.23
CA PRO D 322 -12.15 -5.37 57.95
C PRO D 322 -11.73 -4.28 56.97
N LEU D 323 -10.71 -3.50 57.33
CA LEU D 323 -10.30 -2.31 56.58
C LEU D 323 -9.24 -2.56 55.52
N PRO D 324 -9.36 -1.87 54.38
CA PRO D 324 -8.36 -2.03 53.35
C PRO D 324 -7.08 -1.39 53.81
N GLY D 325 -5.96 -1.86 53.25
CA GLY D 325 -4.60 -1.39 53.60
C GLY D 325 -3.97 -2.11 54.79
N TYR D 326 -4.58 -3.21 55.21
CA TYR D 326 -4.13 -3.96 56.38
C TYR D 326 -4.30 -5.45 56.18
N GLY D 327 -3.27 -6.22 56.52
CA GLY D 327 -3.34 -7.66 56.50
C GLY D 327 -3.57 -8.15 55.08
N PHE D 328 -4.55 -9.04 54.92
CA PHE D 328 -4.90 -9.64 53.63
C PHE D 328 -5.43 -8.64 52.62
N MET D 329 -5.57 -7.38 53.01
CA MET D 329 -6.24 -6.42 52.14
C MET D 329 -5.31 -5.25 51.85
N SER D 330 -4.03 -5.57 51.77
CA SER D 330 -3.04 -4.55 51.54
C SER D 330 -2.76 -4.57 50.04
N GLU D 331 -2.08 -3.54 49.55
CA GLU D 331 -1.71 -3.45 48.14
C GLU D 331 -0.72 -4.52 47.75
N ARG D 332 -1.01 -5.18 46.63
CA ARG D 332 -0.13 -6.23 46.11
C ARG D 332 1.26 -5.70 45.76
N GLY D 333 2.27 -6.26 46.41
CA GLY D 333 3.66 -5.90 46.14
C GLY D 333 4.06 -4.55 46.72
N GLY D 334 3.17 -3.97 47.53
CA GLY D 334 3.32 -2.63 48.09
C GLY D 334 3.55 -2.61 49.58
N PHE D 335 2.91 -1.66 50.27
CA PHE D 335 3.04 -1.56 51.72
C PHE D 335 1.69 -1.38 52.35
N ALA D 336 1.49 -1.99 53.51
CA ALA D 336 0.24 -1.82 54.22
C ALA D 336 0.28 -0.44 54.83
N LYS D 337 -0.87 0.01 55.32
CA LYS D 337 -0.94 1.30 56.02
C LYS D 337 0.00 1.31 57.22
N SER D 338 0.25 0.15 57.82
CA SER D 338 1.15 0.05 58.96
C SER D 338 2.55 0.44 58.58
N GLY D 339 2.88 0.32 57.30
CA GLY D 339 4.24 0.49 56.85
C GLY D 339 4.97 -0.82 56.66
N ARG D 340 4.35 -1.95 57.03
CA ARG D 340 4.89 -3.27 56.72
C ARG D 340 4.68 -3.57 55.26
N PRO D 341 5.64 -4.28 54.63
CA PRO D 341 5.45 -4.64 53.24
C PRO D 341 4.37 -5.71 53.12
N ALA D 342 3.79 -5.84 51.93
CA ALA D 342 2.86 -6.93 51.64
C ALA D 342 3.36 -7.87 50.50
N SER D 343 2.93 -9.13 50.55
CA SER D 343 3.29 -10.10 49.55
C SER D 343 2.70 -9.75 48.19
N ASP D 344 3.14 -10.46 47.16
CA ASP D 344 2.58 -10.30 45.85
C ASP D 344 1.08 -10.51 45.90
N PHE D 345 0.59 -11.20 46.93
CA PHE D 345 -0.85 -11.42 47.08
C PHE D 345 -1.53 -10.26 47.81
N GLY D 346 -0.71 -9.33 48.28
CA GLY D 346 -1.19 -8.15 48.97
C GLY D 346 -1.54 -8.49 50.40
N TRP D 347 -0.69 -9.30 51.03
CA TRP D 347 -0.93 -9.76 52.36
C TRP D 347 0.17 -9.24 53.25
N GLU D 348 -0.20 -8.47 54.26
CA GLU D 348 0.76 -7.84 55.15
C GLU D 348 1.71 -8.83 55.81
N MET D 349 2.94 -8.38 56.03
CA MET D 349 3.94 -9.14 56.77
C MET D 349 3.67 -8.86 58.24
N TYR D 350 3.27 -9.87 59.00
CA TYR D 350 2.86 -9.63 60.38
C TYR D 350 3.13 -10.81 61.31
N PRO D 351 4.42 -11.07 61.63
CA PRO D 351 4.76 -12.22 62.49
C PRO D 351 4.11 -12.11 63.87
N GLU D 352 3.91 -10.87 64.34
CA GLU D 352 3.23 -10.64 65.64
C GLU D 352 1.91 -11.40 65.77
N GLY D 353 1.13 -11.44 64.68
CA GLY D 353 -0.16 -12.11 64.67
C GLY D 353 -0.13 -13.61 64.96
N LEU D 354 0.95 -14.25 64.52
CA LEU D 354 1.17 -15.67 64.74
C LEU D 354 1.53 -15.96 66.19
N GLU D 355 2.42 -15.12 66.75
CA GLU D 355 2.78 -15.20 68.15
C GLU D 355 1.52 -15.01 69.00
N ASN D 356 0.75 -13.94 68.76
CA ASN D 356 -0.51 -13.76 69.50
C ASN D 356 -1.43 -14.94 69.31
N LEU D 357 -1.57 -15.40 68.06
CA LEU D 357 -2.51 -16.49 67.70
C LEU D 357 -2.21 -17.79 68.45
N LEU D 358 -0.96 -18.21 68.42
CA LEU D 358 -0.55 -19.44 69.10
C LEU D 358 -0.87 -19.40 70.59
N LYS D 359 -0.68 -18.27 71.25
CA LYS D 359 -1.00 -18.18 72.66
C LYS D 359 -2.51 -18.21 72.85
N TYR D 360 -3.25 -17.54 71.98
CA TYR D 360 -4.72 -17.62 72.01
C TYR D 360 -5.26 -19.07 71.87
N LEU D 361 -4.66 -19.86 70.98
CA LEU D 361 -5.14 -21.20 70.65
C LEU D 361 -4.72 -22.23 71.70
N ASN D 362 -3.57 -22.00 72.29
CA ASN D 362 -3.07 -22.86 73.36
C ASN D 362 -3.89 -22.65 74.61
N ASN D 363 -4.16 -21.39 74.94
CA ASN D 363 -5.04 -21.10 76.05
C ASN D 363 -6.47 -21.61 75.79
N ALA D 364 -6.99 -21.37 74.60
CA ALA D 364 -8.36 -21.73 74.28
C ALA D 364 -8.61 -23.24 74.19
N TYR D 365 -7.63 -24.00 73.69
CA TYR D 365 -7.85 -25.43 73.36
C TYR D 365 -6.89 -26.41 74.04
N GLU D 366 -5.73 -25.92 74.47
CA GLU D 366 -4.71 -26.75 75.14
C GLU D 366 -4.37 -28.02 74.37
N LEU D 367 -4.29 -27.91 73.05
CA LEU D 367 -3.98 -29.04 72.16
C LEU D 367 -2.63 -28.92 71.49
N PRO D 368 -2.04 -30.06 71.06
CA PRO D 368 -0.79 -29.99 70.27
C PRO D 368 -0.98 -29.34 68.91
N MET D 369 -0.08 -28.42 68.53
CA MET D 369 -0.25 -27.65 67.29
C MET D 369 0.93 -27.83 66.35
N ILE D 370 0.64 -27.77 65.06
CA ILE D 370 1.68 -27.69 64.08
C ILE D 370 1.35 -26.57 63.11
N ILE D 371 2.35 -25.75 62.83
CA ILE D 371 2.20 -24.74 61.80
C ILE D 371 2.24 -25.50 60.46
N THR D 372 1.07 -25.78 59.92
CA THR D 372 0.93 -26.63 58.75
C THR D 372 1.01 -25.81 57.47
N GLU D 373 1.07 -24.48 57.61
CA GLU D 373 1.14 -23.60 56.43
C GLU D 373 1.59 -22.19 56.85
N ASN D 374 2.70 -21.73 56.30
CA ASN D 374 3.18 -20.38 56.52
C ASN D 374 4.23 -20.07 55.49
N GLY D 375 4.03 -18.95 54.80
CA GLY D 375 4.91 -18.55 53.71
C GLY D 375 4.39 -17.30 53.04
N MET D 376 4.95 -16.93 51.90
CA MET D 376 4.46 -15.75 51.18
C MET D 376 4.75 -15.76 49.69
N ALA D 377 3.86 -15.13 48.94
CA ALA D 377 4.02 -14.93 47.49
C ALA D 377 5.03 -13.81 47.23
N ASP D 378 6.21 -14.22 46.75
CA ASP D 378 7.36 -13.35 46.58
C ASP D 378 8.20 -13.94 45.45
N ALA D 379 7.98 -13.46 44.22
CA ALA D 379 8.71 -14.02 43.07
C ALA D 379 10.22 -13.69 43.14
N ALA D 380 10.48 -12.56 43.76
CA ALA D 380 11.79 -11.96 43.87
C ALA D 380 12.58 -12.37 45.11
N ASP D 381 12.00 -13.15 46.01
CA ASP D 381 12.73 -13.56 47.22
C ASP D 381 13.18 -12.32 48.00
N ARG D 382 12.52 -11.19 47.72
CA ARG D 382 12.84 -9.91 48.38
C ARG D 382 12.63 -9.98 49.89
N TYR D 383 11.53 -10.62 50.30
CA TYR D 383 11.16 -10.62 51.70
C TYR D 383 11.14 -12.02 52.33
N ARG D 384 10.97 -13.05 51.51
CA ARG D 384 10.88 -14.40 52.06
C ARG D 384 11.90 -14.65 53.21
N PRO D 385 13.20 -14.38 52.99
CA PRO D 385 14.14 -14.66 54.08
C PRO D 385 13.75 -14.05 55.44
N HIS D 386 13.41 -12.75 55.47
CA HIS D 386 12.95 -12.13 56.75
C HIS D 386 11.60 -12.78 57.18
N TYR D 387 10.74 -13.09 56.22
CA TYR D 387 9.45 -13.67 56.54
C TYR D 387 9.61 -14.95 57.35
N LEU D 388 10.55 -15.76 56.88
CA LEU D 388 10.82 -17.05 57.47
C LEU D 388 11.29 -16.88 58.89
N VAL D 389 12.33 -16.05 59.05
CA VAL D 389 13.03 -15.91 60.32
C VAL D 389 12.15 -15.16 61.31
N SER D 390 11.45 -14.13 60.84
CA SER D 390 10.55 -13.41 61.72
C SER D 390 9.48 -14.34 62.25
N HIS D 391 8.91 -15.16 61.37
CA HIS D 391 7.76 -16.02 61.79
C HIS D 391 8.19 -17.21 62.65
N LEU D 392 9.38 -17.75 62.40
CA LEU D 392 9.95 -18.78 63.28
C LEU D 392 10.19 -18.20 64.67
N LYS D 393 10.66 -16.95 64.72
CA LYS D 393 10.86 -16.26 66.00
C LYS D 393 9.53 -16.15 66.74
N ALA D 394 8.48 -15.77 66.01
CA ALA D 394 7.14 -15.71 66.57
C ALA D 394 6.66 -17.03 67.16
N VAL D 395 7.00 -18.15 66.53
CA VAL D 395 6.61 -19.46 67.04
C VAL D 395 7.41 -19.74 68.30
N TYR D 396 8.73 -19.56 68.20
CA TYR D 396 9.63 -19.74 69.32
C TYR D 396 9.21 -18.94 70.56
N ASN D 397 8.77 -17.71 70.37
CA ASN D 397 8.25 -16.91 71.49
C ASN D 397 7.02 -17.53 72.09
N ALA D 398 6.10 -17.99 71.24
CA ALA D 398 4.81 -18.52 71.70
C ALA D 398 5.03 -19.78 72.53
N MET D 399 6.03 -20.57 72.12
CA MET D 399 6.38 -21.82 72.80
C MET D 399 6.98 -21.63 74.19
N LYS D 400 7.76 -20.55 74.34
CA LYS D 400 8.32 -20.15 75.61
C LYS D 400 7.23 -19.77 76.62
N GLU D 401 6.14 -19.18 76.14
CA GLU D 401 5.01 -18.85 77.02
C GLU D 401 4.04 -20.03 77.13
N GLY D 402 4.48 -21.23 76.73
CA GLY D 402 3.73 -22.45 76.99
C GLY D 402 2.96 -23.08 75.82
N ALA D 403 2.93 -22.42 74.66
CA ALA D 403 2.23 -22.96 73.50
C ALA D 403 2.86 -24.30 73.08
N ASP D 404 2.04 -25.33 72.89
CA ASP D 404 2.55 -26.66 72.54
C ASP D 404 2.67 -26.84 71.03
N VAL D 405 3.80 -26.39 70.48
CA VAL D 405 4.01 -26.44 69.01
C VAL D 405 5.05 -27.49 68.67
N ARG D 406 4.66 -28.47 67.84
CA ARG D 406 5.50 -29.63 67.53
C ARG D 406 6.20 -29.57 66.19
N GLY D 407 5.95 -28.51 65.43
CA GLY D 407 6.67 -28.34 64.16
C GLY D 407 6.26 -27.13 63.37
N TYR D 408 7.00 -26.89 62.29
CA TYR D 408 6.72 -25.79 61.35
C TYR D 408 6.88 -26.33 59.95
N LEU D 409 5.84 -26.18 59.13
CA LEU D 409 5.84 -26.59 57.71
C LEU D 409 5.63 -25.37 56.84
N HIS D 410 6.63 -25.02 56.06
CA HIS D 410 6.54 -23.83 55.20
C HIS D 410 5.63 -24.15 54.04
N TRP D 411 4.98 -23.13 53.48
CA TRP D 411 4.25 -23.28 52.20
C TRP D 411 4.93 -22.34 51.26
N SER D 412 5.80 -22.87 50.41
CA SER D 412 5.98 -24.31 50.20
C SER D 412 7.36 -24.53 49.60
N LEU D 413 7.74 -25.79 49.42
CA LEU D 413 9.06 -26.07 48.84
C LEU D 413 9.15 -25.45 47.47
N THR D 414 8.21 -25.83 46.60
CA THR D 414 8.17 -25.33 45.22
C THR D 414 6.98 -24.42 44.92
N ASP D 415 7.12 -23.65 43.84
CA ASP D 415 6.04 -22.87 43.29
C ASP D 415 5.03 -23.86 42.77
N ASN D 416 3.79 -23.42 42.71
CA ASN D 416 2.68 -24.28 42.39
C ASN D 416 1.49 -23.43 41.86
N TYR D 417 0.33 -24.05 41.65
CA TYR D 417 -0.82 -23.38 41.07
C TYR D 417 -1.70 -22.76 42.15
N GLU D 418 -1.61 -21.45 42.31
CA GLU D 418 -2.41 -20.77 43.36
C GLU D 418 -3.83 -20.49 42.92
N TRP D 419 -4.55 -21.59 42.76
CA TRP D 419 -5.96 -21.58 42.44
C TRP D 419 -6.41 -20.52 41.37
N ALA D 420 -7.29 -19.61 41.75
CA ALA D 420 -7.87 -18.65 40.80
C ALA D 420 -6.81 -17.66 40.30
N GLN D 421 -5.72 -17.52 41.06
CA GLN D 421 -4.66 -16.60 40.74
C GLN D 421 -3.57 -17.23 39.85
N GLY D 422 -3.71 -18.51 39.52
CA GLY D 422 -2.74 -19.14 38.64
C GLY D 422 -1.34 -19.18 39.23
N PHE D 423 -0.32 -19.03 38.37
CA PHE D 423 1.07 -19.20 38.75
C PHE D 423 1.73 -17.90 39.20
N ARG D 424 1.06 -16.76 39.02
CA ARG D 424 1.66 -15.44 39.36
C ARG D 424 1.98 -15.30 40.88
N MET D 425 1.27 -16.06 41.70
CA MET D 425 1.61 -16.11 43.11
C MET D 425 2.56 -17.26 43.30
N ARG D 426 3.82 -16.95 43.55
CA ARG D 426 4.83 -17.97 43.75
C ARG D 426 5.31 -18.04 45.21
N PHE D 427 4.96 -19.13 45.89
CA PHE D 427 5.23 -19.27 47.34
C PHE D 427 6.44 -20.09 47.67
N GLY D 428 7.12 -20.61 46.64
CA GLY D 428 8.18 -21.62 46.81
C GLY D 428 9.50 -21.09 47.35
N LEU D 429 10.12 -21.85 48.24
CA LEU D 429 11.55 -21.68 48.53
C LEU D 429 12.36 -22.10 47.28
N VAL D 430 11.69 -22.83 46.40
CA VAL D 430 12.24 -23.31 45.18
C VAL D 430 11.44 -22.76 44.03
N TYR D 431 12.11 -22.06 43.14
CA TYR D 431 11.48 -21.58 41.91
C TYR D 431 11.28 -22.76 40.99
N VAL D 432 10.19 -22.76 40.21
CA VAL D 432 9.99 -23.76 39.17
C VAL D 432 9.65 -23.12 37.84
N ASP D 433 10.38 -23.51 36.81
CA ASP D 433 10.14 -23.09 35.44
C ASP D 433 9.07 -24.00 34.88
N PHE D 434 7.84 -23.52 34.83
CA PHE D 434 6.72 -24.38 34.46
C PHE D 434 6.76 -24.88 33.02
N GLU D 435 7.63 -24.32 32.17
CA GLU D 435 7.82 -24.85 30.80
C GLU D 435 8.71 -26.09 30.82
N THR D 436 9.81 -26.00 31.55
CA THR D 436 10.79 -27.07 31.59
C THR D 436 10.64 -28.00 32.81
N LYS D 437 9.86 -27.58 33.80
CA LYS D 437 9.67 -28.31 35.04
C LYS D 437 10.95 -28.41 35.85
N LYS D 438 11.80 -27.43 35.69
CA LYS D 438 13.07 -27.43 36.36
C LYS D 438 13.03 -26.64 37.63
N ARG D 439 13.73 -27.17 38.62
CA ARG D 439 13.82 -26.58 39.96
C ARG D 439 15.11 -25.78 40.09
N TYR D 440 14.98 -24.59 40.65
CA TYR D 440 16.12 -23.78 41.02
C TYR D 440 15.80 -23.20 42.40
N LEU D 441 16.69 -23.37 43.37
CA LEU D 441 16.44 -22.90 44.71
C LEU D 441 16.60 -21.40 44.81
N ARG D 442 15.70 -20.77 45.53
CA ARG D 442 15.84 -19.37 45.86
C ARG D 442 16.79 -19.29 47.04
N PRO D 443 17.50 -18.15 47.19
CA PRO D 443 18.46 -18.04 48.29
C PRO D 443 17.83 -18.29 49.65
N SER D 444 16.60 -17.83 49.83
CA SER D 444 15.85 -18.01 51.09
C SER D 444 15.82 -19.48 51.55
N ALA D 445 15.98 -20.39 50.59
CA ALA D 445 15.99 -21.82 50.90
C ALA D 445 17.15 -22.18 51.81
N LEU D 446 18.17 -21.34 51.84
CA LEU D 446 19.41 -21.65 52.60
C LEU D 446 19.41 -21.15 54.03
N VAL D 447 18.39 -20.38 54.37
CA VAL D 447 18.13 -20.01 55.73
C VAL D 447 17.88 -21.31 56.47
N SER D 448 17.22 -22.24 55.77
CA SER D 448 16.84 -23.59 56.25
C SER D 448 17.99 -24.62 56.46
N VAL D 449 19.21 -24.34 55.90
CA VAL D 449 20.42 -25.25 55.95
C VAL D 449 21.17 -24.90 57.26
N LYS D 450 20.90 -23.70 57.76
CA LYS D 450 21.53 -23.13 58.94
C LYS D 450 20.47 -22.82 60.00
N LYS E 3 -9.98 -73.70 9.27
CA LYS E 3 -9.68 -73.66 10.74
C LYS E 3 -8.19 -73.81 10.99
N PHE E 4 -7.73 -73.14 12.03
CA PHE E 4 -6.33 -73.21 12.42
C PHE E 4 -6.28 -73.99 13.72
N PRO E 5 -5.13 -74.61 14.03
CA PRO E 5 -4.97 -75.36 15.27
C PRO E 5 -5.48 -74.65 16.50
N LYS E 6 -5.71 -75.40 17.55
CA LYS E 6 -6.26 -74.88 18.79
C LYS E 6 -5.36 -73.82 19.40
N ASN E 7 -4.04 -74.02 19.29
CA ASN E 7 -3.08 -73.14 19.93
C ASN E 7 -2.48 -72.09 19.01
N PHE E 8 -3.08 -71.89 17.85
CA PHE E 8 -2.58 -70.90 16.89
C PHE E 8 -2.96 -69.48 17.28
N MET E 9 -1.95 -68.61 17.43
CA MET E 9 -2.17 -67.25 17.99
C MET E 9 -2.45 -66.21 16.93
N PHE E 10 -3.44 -65.37 17.18
CA PHE E 10 -3.74 -64.21 16.33
C PHE E 10 -3.48 -62.98 17.14
N GLY E 11 -2.92 -61.96 16.50
CA GLY E 11 -2.57 -60.76 17.21
C GLY E 11 -2.02 -59.60 16.38
N TYR E 12 -1.02 -58.92 16.96
CA TYR E 12 -0.41 -57.76 16.32
C TYR E 12 0.92 -57.34 16.93
N SER E 13 1.65 -56.47 16.26
CA SER E 13 2.94 -56.14 16.69
C SER E 13 3.07 -54.62 16.74
N TRP E 14 3.84 -54.13 17.72
CA TRP E 14 4.16 -52.73 17.80
C TRP E 14 5.63 -52.62 18.09
N SER E 15 6.17 -51.46 17.80
CA SER E 15 7.56 -51.11 18.16
C SER E 15 7.46 -49.76 18.91
N GLY E 16 8.37 -49.53 19.85
CA GLY E 16 8.42 -48.31 20.65
C GLY E 16 8.50 -46.96 19.93
N PHE E 17 9.35 -46.85 18.95
CA PHE E 17 9.55 -45.59 18.25
C PHE E 17 8.33 -45.21 17.49
N GLN E 18 7.64 -46.18 16.93
CA GLN E 18 6.49 -45.86 16.11
C GLN E 18 5.14 -45.57 16.91
N PHE E 19 5.11 -45.98 18.17
CA PHE E 19 3.87 -46.12 18.86
C PHE E 19 3.87 -45.31 20.15
N GLU E 20 4.95 -45.42 20.89
CA GLU E 20 4.93 -44.91 22.24
C GLU E 20 4.55 -43.42 22.30
N MET E 21 5.22 -42.62 21.48
CA MET E 21 5.23 -41.17 21.63
C MET E 21 3.99 -40.54 21.05
N GLY E 22 3.65 -39.34 21.51
CA GLY E 22 2.42 -38.71 21.05
C GLY E 22 1.83 -37.67 21.99
N LEU E 23 1.97 -37.88 23.29
CA LEU E 23 1.64 -36.83 24.22
C LEU E 23 2.90 -36.49 24.99
N PRO E 24 3.05 -35.22 25.41
CA PRO E 24 4.18 -34.86 26.27
C PRO E 24 4.48 -35.73 27.53
N GLY E 25 5.77 -35.90 27.82
CA GLY E 25 6.28 -36.87 28.79
C GLY E 25 6.88 -38.12 28.11
N SER E 26 6.39 -38.44 26.90
CA SER E 26 6.63 -39.70 26.18
C SER E 26 8.03 -39.71 25.55
N GLU E 27 8.61 -38.54 25.39
CA GLU E 27 9.51 -38.29 24.31
C GLU E 27 10.84 -38.92 24.64
N VAL E 28 11.60 -39.39 23.63
CA VAL E 28 12.89 -40.06 23.91
C VAL E 28 13.95 -39.89 22.88
N GLU E 29 15.10 -39.42 23.34
CA GLU E 29 16.20 -39.13 22.43
C GLU E 29 16.87 -40.41 21.99
N SER E 30 17.09 -40.52 20.68
CA SER E 30 17.70 -41.68 20.05
C SER E 30 18.39 -41.20 18.79
N ASP E 31 19.16 -42.06 18.14
CA ASP E 31 19.68 -41.70 16.85
C ASP E 31 18.51 -41.37 15.88
N TRP E 32 17.45 -42.19 15.88
CA TRP E 32 16.33 -42.00 14.94
C TRP E 32 15.61 -40.70 15.18
N TRP E 33 15.45 -40.34 16.44
CA TRP E 33 14.79 -39.10 16.80
C TRP E 33 15.51 -37.91 16.19
N VAL E 34 16.80 -37.85 16.48
CA VAL E 34 17.58 -36.79 15.92
C VAL E 34 17.38 -36.75 14.40
N TRP E 35 17.40 -37.93 13.81
CA TRP E 35 17.43 -38.08 12.35
C TRP E 35 16.18 -37.57 11.67
N VAL E 36 15.01 -37.86 12.26
CA VAL E 36 13.76 -37.28 11.75
C VAL E 36 13.52 -35.82 12.09
N HIS E 37 14.26 -35.27 13.03
CA HIS E 37 14.21 -33.83 13.35
C HIS E 37 15.25 -32.96 12.59
N ASP E 38 16.32 -33.57 12.07
CA ASP E 38 17.38 -32.88 11.34
C ASP E 38 16.88 -31.99 10.21
N LYS E 39 17.20 -30.70 10.29
CA LYS E 39 16.70 -29.66 9.36
C LYS E 39 17.08 -29.98 7.95
N GLU E 40 18.34 -30.33 7.75
CA GLU E 40 18.81 -30.76 6.39
C GLU E 40 17.95 -31.88 5.79
N ASN E 41 17.73 -32.92 6.57
CA ASN E 41 16.97 -34.06 6.13
C ASN E 41 15.56 -33.69 5.79
N ILE E 42 14.90 -32.93 6.67
CA ILE E 42 13.50 -32.52 6.40
C ILE E 42 13.38 -31.69 5.12
N ALA E 43 14.22 -30.68 5.02
CA ALA E 43 14.23 -29.77 3.88
C ALA E 43 14.47 -30.50 2.57
N SER E 44 15.37 -31.50 2.56
CA SER E 44 15.70 -32.19 1.31
C SER E 44 14.69 -33.28 0.96
N GLY E 45 13.63 -33.42 1.75
CA GLY E 45 12.60 -34.39 1.49
C GLY E 45 12.95 -35.81 1.89
N LEU E 46 14.13 -35.99 2.49
CA LEU E 46 14.67 -37.32 2.78
C LEU E 46 13.83 -37.94 3.88
N VAL E 47 13.22 -37.11 4.69
CA VAL E 47 12.23 -37.57 5.67
C VAL E 47 10.99 -36.75 5.56
N SER E 48 9.91 -37.32 6.02
CA SER E 48 8.59 -36.72 5.93
C SER E 48 8.48 -35.35 6.55
N GLY E 49 9.15 -35.14 7.67
CA GLY E 49 8.95 -33.90 8.41
C GLY E 49 7.79 -34.02 9.40
N ASP E 50 6.98 -35.07 9.27
CA ASP E 50 6.24 -35.57 10.38
C ASP E 50 7.18 -35.94 11.54
N LEU E 51 6.64 -35.91 12.77
CA LEU E 51 7.45 -36.24 13.95
C LEU E 51 6.76 -37.26 14.84
N PRO E 52 7.55 -38.11 15.49
CA PRO E 52 7.00 -39.22 16.27
C PRO E 52 6.33 -38.77 17.54
N GLU E 53 6.70 -37.59 18.04
CA GLU E 53 6.00 -37.00 19.22
C GLU E 53 4.53 -36.58 18.90
N ASN E 54 4.13 -36.71 17.62
CA ASN E 54 2.75 -36.56 17.18
C ASN E 54 2.09 -37.88 16.89
N GLY E 55 2.62 -38.95 17.47
CA GLY E 55 2.13 -40.29 17.21
C GLY E 55 0.93 -40.69 18.04
N PRO E 56 0.61 -41.99 18.03
CA PRO E 56 -0.60 -42.53 18.64
C PRO E 56 -0.57 -42.58 20.17
N ALA E 57 0.55 -42.22 20.77
CA ALA E 57 0.69 -42.10 22.24
C ALA E 57 0.32 -43.35 23.01
N TYR E 58 0.81 -44.49 22.56
CA TYR E 58 0.52 -45.78 23.22
C TYR E 58 1.03 -45.80 24.65
N TRP E 59 2.11 -45.06 24.88
CA TRP E 59 2.76 -44.97 26.19
C TRP E 59 1.73 -44.56 27.23
N HIS E 60 0.80 -43.72 26.84
CA HIS E 60 -0.33 -43.35 27.73
C HIS E 60 -1.60 -44.14 27.48
N LEU E 61 -1.94 -44.38 26.20
CA LEU E 61 -3.24 -44.94 25.85
C LEU E 61 -3.28 -46.45 25.57
N TYR E 62 -2.48 -47.21 26.29
CA TYR E 62 -2.29 -48.62 25.97
C TYR E 62 -3.52 -49.42 26.39
N LYS E 63 -4.14 -48.96 27.48
CA LYS E 63 -5.30 -49.63 28.06
C LYS E 63 -6.45 -49.80 27.03
N GLN E 64 -6.80 -48.72 26.33
CA GLN E 64 -7.83 -48.78 25.28
C GLN E 64 -7.43 -49.76 24.19
N ASP E 65 -6.19 -49.60 23.71
CA ASP E 65 -5.71 -50.35 22.56
C ASP E 65 -5.74 -51.83 22.87
N HIS E 66 -5.30 -52.17 24.06
CA HIS E 66 -5.43 -53.53 24.54
C HIS E 66 -6.90 -53.96 24.52
N ASP E 67 -7.79 -53.18 25.16
CA ASP E 67 -9.22 -53.50 25.15
C ASP E 67 -9.70 -53.86 23.74
N ILE E 68 -9.38 -52.99 22.79
CA ILE E 68 -9.79 -53.20 21.42
C ILE E 68 -9.30 -54.52 20.90
N ALA E 69 -8.02 -54.77 21.07
CA ALA E 69 -7.44 -56.02 20.55
C ALA E 69 -8.12 -57.22 21.21
N GLU E 70 -8.39 -57.10 22.51
CA GLU E 70 -8.99 -58.21 23.23
C GLU E 70 -10.31 -58.58 22.58
N LYS E 71 -11.19 -57.59 22.46
CA LYS E 71 -12.52 -57.90 21.98
C LYS E 71 -12.55 -58.07 20.46
N LEU E 72 -11.40 -57.99 19.82
CA LEU E 72 -11.26 -58.39 18.41
C LEU E 72 -10.83 -59.85 18.29
N GLY E 73 -10.80 -60.54 19.43
CA GLY E 73 -10.40 -61.94 19.51
C GLY E 73 -8.90 -62.19 19.51
N MET E 74 -8.09 -61.14 19.65
CA MET E 74 -6.62 -61.29 19.62
C MET E 74 -6.15 -61.82 20.96
N ASP E 75 -5.16 -62.70 20.91
CA ASP E 75 -4.65 -63.38 22.10
C ASP E 75 -3.14 -63.20 22.31
N CYS E 76 -2.46 -62.61 21.33
CA CYS E 76 -1.02 -62.48 21.39
C CYS E 76 -0.60 -61.14 20.86
N ILE E 77 0.32 -60.49 21.57
CA ILE E 77 0.94 -59.26 21.05
C ILE E 77 2.40 -59.41 21.05
N ARG E 78 3.05 -58.84 20.06
CA ARG E 78 4.48 -58.73 20.11
C ARG E 78 4.80 -57.22 20.13
N GLY E 79 5.50 -56.80 21.17
CA GLY E 79 5.86 -55.42 21.31
C GLY E 79 7.30 -55.30 21.73
N GLY E 80 7.74 -54.07 21.97
CA GLY E 80 9.12 -53.84 22.23
C GLY E 80 9.46 -53.19 23.54
N ILE E 81 10.75 -52.96 23.70
CA ILE E 81 11.27 -52.14 24.77
C ILE E 81 12.45 -51.38 24.19
N GLU E 82 12.51 -50.07 24.45
CA GLU E 82 13.48 -49.24 23.81
C GLU E 82 14.72 -48.99 24.66
N TRP E 83 15.85 -49.47 24.17
CA TRP E 83 17.17 -49.29 24.81
C TRP E 83 17.36 -47.87 25.31
N ALA E 84 17.21 -46.92 24.39
CA ALA E 84 17.43 -45.50 24.64
C ALA E 84 16.45 -44.97 25.66
N ARG E 85 15.32 -45.63 25.84
CA ARG E 85 14.43 -45.26 26.94
C ARG E 85 14.88 -45.82 28.27
N ILE E 86 15.58 -46.95 28.28
CA ILE E 86 15.95 -47.58 29.54
C ILE E 86 17.30 -46.99 30.04
N PHE E 87 18.20 -46.72 29.08
CA PHE E 87 19.55 -46.22 29.40
C PHE E 87 19.85 -44.92 28.65
N PRO E 88 19.14 -43.85 29.03
CA PRO E 88 19.46 -42.58 28.43
C PRO E 88 20.90 -42.20 28.67
N LYS E 89 21.48 -42.60 29.83
CA LYS E 89 22.90 -42.35 30.17
C LYS E 89 23.74 -43.60 29.88
N PRO E 90 24.98 -43.44 29.38
CA PRO E 90 25.86 -44.53 28.94
C PRO E 90 26.13 -45.57 30.01
N THR E 91 26.36 -46.81 29.56
CA THR E 91 26.61 -47.94 30.43
C THR E 91 28.08 -48.36 30.43
N PHE E 92 28.88 -47.71 29.60
CA PHE E 92 30.28 -48.13 29.38
C PHE E 92 31.07 -48.28 30.66
N ASP E 93 30.82 -47.40 31.63
CA ASP E 93 31.61 -47.40 32.88
C ASP E 93 31.28 -48.53 33.84
N VAL E 94 30.11 -49.17 33.66
CA VAL E 94 29.79 -50.39 34.42
C VAL E 94 30.52 -51.54 33.72
N LYS E 95 31.67 -51.95 34.28
CA LYS E 95 32.57 -52.90 33.61
C LYS E 95 32.09 -54.36 33.65
N VAL E 96 32.38 -55.09 32.58
CA VAL E 96 32.10 -56.48 32.55
C VAL E 96 33.23 -57.30 31.94
N ASP E 97 33.34 -58.51 32.42
CA ASP E 97 34.36 -59.43 31.94
C ASP E 97 33.94 -59.98 30.60
N VAL E 98 34.77 -59.72 29.58
CA VAL E 98 34.44 -60.11 28.21
C VAL E 98 35.55 -60.91 27.59
N GLU E 99 35.21 -62.10 27.11
CA GLU E 99 36.22 -63.04 26.57
C GLU E 99 36.14 -63.08 25.05
N LYS E 100 37.28 -62.91 24.40
CA LYS E 100 37.32 -62.88 22.95
C LYS E 100 38.38 -63.90 22.46
N ASP E 101 38.22 -64.46 21.26
CA ASP E 101 39.23 -65.35 20.66
C ASP E 101 40.19 -64.57 19.76
N GLU E 102 41.10 -65.31 19.11
CA GLU E 102 42.12 -64.76 18.21
C GLU E 102 41.61 -63.79 17.14
N GLU E 103 40.66 -64.27 16.34
CA GLU E 103 40.08 -63.52 15.21
C GLU E 103 39.33 -62.24 15.62
N GLY E 104 38.92 -62.16 16.90
CA GLY E 104 38.13 -61.04 17.39
C GLY E 104 36.64 -61.39 17.40
N ASN E 105 36.32 -62.63 17.78
CA ASN E 105 34.94 -63.06 18.00
C ASN E 105 34.56 -62.89 19.47
N ILE E 106 33.27 -62.93 19.77
CA ILE E 106 32.74 -62.82 21.12
C ILE E 106 32.49 -64.24 21.62
N ILE E 107 33.16 -64.67 22.70
CA ILE E 107 32.83 -65.95 23.28
C ILE E 107 31.84 -65.77 24.47
N SER E 108 32.04 -64.74 25.28
CA SER E 108 31.18 -64.51 26.42
C SER E 108 31.22 -63.04 26.86
N VAL E 109 30.31 -62.71 27.78
CA VAL E 109 30.20 -61.38 28.34
C VAL E 109 29.52 -61.58 29.66
N ASP E 110 30.26 -61.81 30.74
CA ASP E 110 29.59 -62.16 32.01
C ASP E 110 28.84 -60.93 32.49
N VAL E 111 27.57 -61.09 32.86
CA VAL E 111 26.75 -60.02 33.48
C VAL E 111 26.02 -60.61 34.70
N PRO E 112 26.71 -60.76 35.83
CA PRO E 112 26.11 -61.28 37.05
C PRO E 112 25.05 -60.39 37.64
N GLU E 113 24.46 -60.89 38.70
CA GLU E 113 23.42 -60.18 39.37
C GLU E 113 23.92 -58.84 39.92
N SER E 114 25.19 -58.77 40.32
CA SER E 114 25.76 -57.55 40.87
C SER E 114 25.85 -56.48 39.80
N THR E 115 26.25 -56.85 38.59
CA THR E 115 26.29 -55.88 37.49
C THR E 115 24.90 -55.32 37.20
N ILE E 116 23.87 -56.15 37.29
CA ILE E 116 22.49 -55.66 37.14
C ILE E 116 22.19 -54.56 38.14
N LYS E 117 22.70 -54.71 39.38
CA LYS E 117 22.47 -53.73 40.44
C LYS E 117 23.17 -52.41 40.17
N GLU E 118 24.38 -52.51 39.62
CA GLU E 118 25.15 -51.31 39.26
C GLU E 118 24.43 -50.59 38.12
N LEU E 119 23.76 -51.35 37.26
CA LEU E 119 23.06 -50.79 36.14
C LEU E 119 21.78 -50.13 36.61
N GLU E 120 21.13 -50.68 37.63
CA GLU E 120 19.88 -50.09 38.14
C GLU E 120 20.06 -48.68 38.57
N LYS E 121 21.28 -48.32 39.01
CA LYS E 121 21.62 -46.96 39.46
C LYS E 121 21.54 -45.89 38.41
N ILE E 122 22.01 -46.21 37.21
CA ILE E 122 22.01 -45.29 36.05
C ILE E 122 20.86 -45.48 35.03
N ALA E 123 20.07 -46.54 35.21
CA ALA E 123 18.90 -46.81 34.35
C ALA E 123 17.72 -45.94 34.74
N ASN E 124 16.75 -45.89 33.86
CA ASN E 124 15.56 -45.19 34.13
C ASN E 124 14.59 -46.17 34.67
N MET E 125 14.60 -46.37 35.97
CA MET E 125 13.71 -47.36 36.58
C MET E 125 12.28 -46.89 36.56
N GLU E 126 12.06 -45.61 36.36
CA GLU E 126 10.73 -45.11 36.16
C GLU E 126 10.09 -45.72 34.89
N ALA E 127 10.84 -45.72 33.81
CA ALA E 127 10.39 -46.18 32.47
C ALA E 127 10.23 -47.69 32.43
N LEU E 128 11.17 -48.39 33.04
CA LEU E 128 11.04 -49.82 33.26
C LEU E 128 9.74 -50.16 33.92
N GLU E 129 9.41 -49.49 35.02
CA GLU E 129 8.13 -49.74 35.74
C GLU E 129 6.95 -49.51 34.85
N HIS E 130 7.04 -48.48 34.02
CA HIS E 130 5.94 -48.25 33.08
C HIS E 130 5.80 -49.39 32.04
N TYR E 131 6.93 -49.90 31.51
CA TYR E 131 6.87 -51.07 30.65
C TYR E 131 6.19 -52.27 31.38
N ARG E 132 6.50 -52.53 32.65
CA ARG E 132 5.76 -53.54 33.40
C ARG E 132 4.26 -53.28 33.43
N LYS E 133 3.86 -52.04 33.71
CA LYS E 133 2.43 -51.76 33.70
C LYS E 133 1.82 -52.13 32.36
N ILE E 134 2.48 -51.70 31.30
CA ILE E 134 1.94 -51.95 29.95
C ILE E 134 1.88 -53.43 29.66
N TYR E 135 2.95 -54.15 29.93
CA TYR E 135 2.93 -55.56 29.62
C TYR E 135 1.89 -56.26 30.48
N SER E 136 1.86 -55.93 31.76
CA SER E 136 0.89 -56.53 32.69
C SER E 136 -0.52 -56.31 32.24
N ASP E 137 -0.81 -55.11 31.75
CA ASP E 137 -2.16 -54.81 31.39
C ASP E 137 -2.69 -55.85 30.48
N TRP E 138 -1.82 -56.35 29.60
CA TRP E 138 -2.19 -57.34 28.56
C TRP E 138 -2.08 -58.76 29.07
N LYS E 139 -1.01 -59.02 29.82
CA LYS E 139 -0.78 -60.33 30.38
C LYS E 139 -1.83 -60.75 31.40
N GLU E 140 -2.25 -59.82 32.27
CA GLU E 140 -3.22 -60.15 33.34
C GLU E 140 -4.62 -60.36 32.80
N ARG E 141 -4.81 -60.13 31.50
CA ARG E 141 -6.06 -60.52 30.76
C ARG E 141 -6.03 -61.98 30.31
N GLY E 142 -4.96 -62.70 30.65
CA GLY E 142 -4.80 -64.10 30.28
C GLY E 142 -4.43 -64.20 28.83
N LYS E 143 -3.45 -63.40 28.39
CA LYS E 143 -3.03 -63.39 26.98
C LYS E 143 -1.54 -63.59 26.87
N THR E 144 -1.07 -63.79 25.66
CA THR E 144 0.36 -64.03 25.43
C THR E 144 1.07 -62.71 25.08
N PHE E 145 2.29 -62.54 25.58
CA PHE E 145 3.13 -61.46 25.11
C PHE E 145 4.55 -61.91 24.65
N ILE E 146 5.02 -61.31 23.56
CA ILE E 146 6.35 -61.55 23.03
C ILE E 146 7.09 -60.24 23.08
N LEU E 147 8.27 -60.24 23.67
CA LEU E 147 9.06 -59.06 23.72
C LEU E 147 10.25 -59.16 22.71
N ASN E 148 10.47 -58.05 22.00
CA ASN E 148 11.56 -57.88 21.05
C ASN E 148 12.52 -56.80 21.54
N LEU E 149 13.81 -57.11 21.71
CA LEU E 149 14.66 -56.18 22.48
C LEU E 149 15.13 -54.95 21.63
N TYR E 150 15.30 -55.16 20.32
CA TYR E 150 15.77 -54.10 19.39
C TYR E 150 14.87 -53.91 18.20
N HIS E 151 14.46 -52.65 17.98
CA HIS E 151 13.59 -52.27 16.82
C HIS E 151 14.02 -50.93 16.17
N TRP E 152 15.33 -50.81 16.03
CA TRP E 152 16.09 -49.82 15.22
C TRP E 152 16.75 -48.63 15.95
N PRO E 153 16.00 -47.90 16.77
CA PRO E 153 16.67 -46.80 17.42
C PRO E 153 17.73 -47.25 18.45
N LEU E 154 18.80 -46.49 18.47
CA LEU E 154 19.88 -46.71 19.36
C LEU E 154 20.05 -45.45 20.23
N PRO E 155 20.58 -45.61 21.44
CA PRO E 155 21.03 -44.50 22.24
C PRO E 155 21.91 -43.51 21.49
N LEU E 156 21.75 -42.21 21.79
CA LEU E 156 22.63 -41.21 21.21
C LEU E 156 24.09 -41.42 21.58
N TRP E 157 24.32 -41.99 22.75
CA TRP E 157 25.69 -42.28 23.19
C TRP E 157 26.29 -43.51 22.53
N ILE E 158 25.44 -44.22 21.76
CA ILE E 158 25.80 -45.38 20.96
C ILE E 158 25.95 -44.98 19.52
N HIS E 159 25.11 -44.05 19.06
CA HIS E 159 25.14 -43.61 17.64
C HIS E 159 24.67 -42.16 17.47
N ASP E 160 25.51 -41.34 16.83
CA ASP E 160 25.15 -39.94 16.48
C ASP E 160 25.23 -39.83 14.94
N PRO E 161 24.13 -40.14 14.25
CA PRO E 161 24.12 -40.32 12.80
C PRO E 161 24.40 -39.02 12.03
N ILE E 162 24.11 -37.88 12.64
CA ILE E 162 24.37 -36.63 11.95
C ILE E 162 25.87 -36.50 11.81
N ALA E 163 26.55 -36.65 12.94
CA ALA E 163 28.01 -36.53 13.00
C ALA E 163 28.66 -37.57 12.14
N VAL E 164 28.24 -38.81 12.32
CA VAL E 164 28.82 -39.88 11.59
C VAL E 164 28.78 -39.52 10.09
N ARG E 165 27.64 -39.03 9.59
CA ARG E 165 27.50 -38.72 8.16
C ARG E 165 28.42 -37.59 7.71
N LYS E 166 28.57 -36.52 8.51
CA LYS E 166 29.44 -35.38 8.16
C LYS E 166 30.92 -35.65 8.28
N LEU E 167 31.31 -36.30 9.38
CA LEU E 167 32.73 -36.48 9.75
C LEU E 167 33.25 -37.89 9.55
N GLY E 168 32.35 -38.87 9.40
CA GLY E 168 32.73 -40.25 9.22
C GLY E 168 32.67 -40.98 10.55
N PRO E 169 32.59 -42.31 10.52
CA PRO E 169 32.47 -43.16 11.71
C PRO E 169 33.60 -43.08 12.76
N ASP E 170 34.79 -42.61 12.38
CA ASP E 170 35.92 -42.54 13.32
C ASP E 170 35.76 -41.33 14.26
N ALA E 171 34.83 -40.47 13.96
CA ALA E 171 34.69 -39.19 14.62
C ALA E 171 33.55 -39.15 15.60
N ALA E 172 32.72 -40.18 15.62
CA ALA E 172 31.55 -40.16 16.51
C ALA E 172 31.13 -41.55 16.88
N PRO E 173 30.20 -41.66 17.84
CA PRO E 173 29.58 -42.98 18.13
C PRO E 173 28.99 -43.63 16.86
N ALA E 174 29.60 -44.70 16.39
CA ALA E 174 29.32 -45.20 15.00
C ALA E 174 28.16 -46.22 14.88
N GLY E 175 27.63 -46.62 16.01
CA GLY E 175 26.46 -47.45 16.03
C GLY E 175 26.90 -48.89 15.89
N TRP E 176 26.28 -49.63 14.95
CA TRP E 176 26.62 -51.05 14.79
C TRP E 176 27.96 -51.23 14.03
N LEU E 177 28.66 -50.13 13.78
CA LEU E 177 30.04 -50.19 13.30
C LEU E 177 31.06 -50.34 14.43
N ASP E 178 30.73 -49.85 15.64
CA ASP E 178 31.64 -49.96 16.80
C ASP E 178 31.38 -51.28 17.50
N GLU E 179 32.40 -52.11 17.55
CA GLU E 179 32.32 -53.40 18.19
C GLU E 179 31.87 -53.25 19.67
N LYS E 180 32.23 -52.12 20.30
CA LYS E 180 31.78 -51.73 21.65
C LYS E 180 30.26 -51.80 21.89
N THR E 181 29.48 -51.49 20.86
CA THR E 181 28.03 -51.37 20.94
C THR E 181 27.36 -52.70 21.32
N VAL E 182 28.02 -53.77 20.91
CA VAL E 182 27.48 -55.10 21.06
C VAL E 182 27.45 -55.44 22.50
N VAL E 183 28.56 -55.13 23.18
CA VAL E 183 28.75 -55.48 24.58
C VAL E 183 27.71 -54.73 25.42
N GLU E 184 27.46 -53.48 25.07
CA GLU E 184 26.54 -52.68 25.81
C GLU E 184 25.13 -53.20 25.60
N PHE E 185 24.85 -53.68 24.37
CA PHE E 185 23.53 -54.26 24.05
C PHE E 185 23.31 -55.51 24.87
N VAL E 186 24.33 -56.37 24.91
CA VAL E 186 24.27 -57.54 25.79
C VAL E 186 23.91 -57.18 27.22
N LYS E 187 24.51 -56.12 27.76
CA LYS E 187 24.18 -55.74 29.12
C LYS E 187 22.68 -55.44 29.18
N PHE E 188 22.23 -54.75 28.14
CA PHE E 188 20.85 -54.34 28.05
C PHE E 188 19.94 -55.57 28.03
N ALA E 189 20.31 -56.57 27.27
CA ALA E 189 19.52 -57.79 27.17
C ALA E 189 19.39 -58.47 28.50
N ALA E 190 20.52 -58.64 29.16
CA ALA E 190 20.54 -59.29 30.48
C ALA E 190 19.76 -58.49 31.51
N PHE E 191 19.93 -57.19 31.49
CA PHE E 191 19.13 -56.30 32.35
C PHE E 191 17.63 -56.58 32.21
N VAL E 192 17.19 -56.68 30.93
CA VAL E 192 15.75 -56.78 30.61
C VAL E 192 15.24 -58.14 30.95
N ALA E 193 16.01 -59.18 30.65
CA ALA E 193 15.63 -60.56 31.02
C ALA E 193 15.40 -60.62 32.49
N TYR E 194 16.40 -60.17 33.25
CA TYR E 194 16.40 -60.25 34.68
C TYR E 194 15.13 -59.63 35.25
N HIS E 195 14.69 -58.50 34.70
CA HIS E 195 13.62 -57.75 35.29
C HIS E 195 12.23 -58.11 34.81
N LEU E 196 12.10 -58.51 33.54
CA LEU E 196 10.78 -58.67 32.92
C LEU E 196 10.39 -60.09 32.48
N ASP E 197 11.16 -61.09 32.88
CA ASP E 197 10.90 -62.43 32.35
C ASP E 197 9.59 -62.95 32.84
N ASP E 198 9.16 -62.47 34.00
CA ASP E 198 7.87 -62.88 34.56
C ASP E 198 6.67 -62.44 33.74
N LEU E 199 6.84 -61.46 32.89
CA LEU E 199 5.80 -61.01 31.97
C LEU E 199 5.93 -61.48 30.49
N VAL E 200 7.04 -62.09 30.12
CA VAL E 200 7.31 -62.43 28.75
C VAL E 200 7.14 -63.91 28.51
N ASP E 201 6.38 -64.31 27.46
CA ASP E 201 6.28 -65.74 27.05
C ASP E 201 7.33 -66.23 26.05
N MET E 202 7.84 -65.32 25.22
CA MET E 202 8.81 -65.67 24.18
C MET E 202 9.62 -64.40 23.81
N TRP E 203 10.89 -64.58 23.45
CA TRP E 203 11.81 -63.46 23.17
C TRP E 203 12.29 -63.39 21.71
N SER E 204 12.59 -62.17 21.30
CA SER E 204 13.21 -61.91 20.08
C SER E 204 14.26 -60.87 20.41
N THR E 205 15.49 -61.14 19.93
CA THR E 205 16.64 -60.33 20.16
C THR E 205 16.52 -59.02 19.41
N MET E 206 15.89 -59.03 18.21
CA MET E 206 15.91 -57.86 17.36
C MET E 206 14.99 -58.02 16.20
N ASN E 207 14.83 -56.94 15.44
CA ASN E 207 13.81 -56.84 14.40
C ASN E 207 14.38 -56.33 13.04
N GLU E 208 14.15 -57.06 11.99
CA GLU E 208 14.65 -56.67 10.67
C GLU E 208 16.14 -56.09 10.58
N PRO E 209 17.15 -56.83 11.08
CA PRO E 209 18.47 -56.23 11.16
C PRO E 209 18.98 -56.01 9.77
N ASN E 210 18.55 -56.89 8.88
CA ASN E 210 18.88 -56.78 7.45
C ASN E 210 18.41 -55.50 6.82
N VAL E 211 17.29 -54.99 7.33
CA VAL E 211 16.81 -53.66 6.90
C VAL E 211 17.71 -52.57 7.45
N VAL E 212 18.17 -52.76 8.68
CA VAL E 212 19.01 -51.77 9.33
C VAL E 212 20.33 -51.57 8.61
N TYR E 213 21.12 -52.65 8.49
CA TYR E 213 22.45 -52.54 7.82
C TYR E 213 22.36 -52.17 6.35
N ASN E 214 21.38 -52.73 5.63
CA ASN E 214 21.30 -52.47 4.21
C ASN E 214 20.82 -51.07 3.89
N GLN E 215 19.74 -50.63 4.54
CA GLN E 215 19.15 -49.30 4.27
C GLN E 215 20.01 -48.20 4.83
N GLY E 216 20.68 -48.45 5.96
CA GLY E 216 21.50 -47.43 6.60
C GLY E 216 22.79 -47.10 5.87
N TYR E 217 23.39 -48.10 5.21
CA TYR E 217 24.74 -47.99 4.65
C TYR E 217 24.85 -48.32 3.17
N ILE E 218 23.74 -48.64 2.49
CA ILE E 218 23.71 -48.85 1.03
C ILE E 218 22.59 -48.08 0.29
N ASN E 219 21.32 -48.37 0.57
CA ASN E 219 20.20 -47.65 -0.06
C ASN E 219 19.94 -46.34 0.63
N LEU E 220 20.77 -45.35 0.31
CA LEU E 220 20.65 -44.00 0.81
C LEU E 220 19.22 -43.42 0.63
N ALA E 221 18.61 -43.70 -0.50
CA ALA E 221 17.29 -43.18 -0.82
C ALA E 221 16.24 -43.45 0.30
N SER E 222 16.55 -44.39 1.18
CA SER E 222 15.61 -44.92 2.12
C SER E 222 15.35 -43.98 3.26
N GLY E 223 16.25 -43.03 3.42
CA GLY E 223 16.17 -42.11 4.55
C GLY E 223 16.48 -42.79 5.88
N PHE E 224 17.26 -43.89 5.86
CA PHE E 224 17.72 -44.53 7.11
C PHE E 224 19.04 -43.91 7.55
N PRO E 225 19.29 -43.84 8.86
CA PRO E 225 20.59 -43.39 9.34
C PRO E 225 21.62 -44.50 9.30
N PRO E 226 22.92 -44.15 9.26
CA PRO E 226 23.40 -42.78 9.15
C PRO E 226 23.48 -42.19 7.76
N GLY E 227 22.97 -42.93 6.75
CA GLY E 227 22.86 -42.40 5.40
C GLY E 227 24.19 -42.04 4.76
N PHE E 228 25.10 -43.00 4.71
CA PHE E 228 26.31 -42.86 3.86
C PHE E 228 26.68 -44.19 3.20
N LEU E 229 27.25 -44.11 2.02
CA LEU E 229 27.37 -45.28 1.16
C LEU E 229 28.67 -46.02 1.38
N SER E 230 28.57 -47.27 1.82
CA SER E 230 29.72 -48.13 2.05
C SER E 230 29.35 -49.57 2.31
N PHE E 231 29.68 -50.46 1.36
CA PHE E 231 29.39 -51.90 1.52
C PHE E 231 30.17 -52.49 2.69
N GLU E 232 31.36 -51.95 2.89
CA GLU E 232 32.23 -52.36 4.00
C GLU E 232 31.53 -52.05 5.32
N ALA E 233 30.99 -50.84 5.44
CA ALA E 233 30.18 -50.49 6.60
C ALA E 233 29.02 -51.47 6.81
N ALA E 234 28.24 -51.69 5.77
CA ALA E 234 27.14 -52.64 5.83
C ALA E 234 27.57 -54.03 6.34
N GLU E 235 28.66 -54.54 5.81
CA GLU E 235 29.13 -55.86 6.16
C GLU E 235 29.49 -55.91 7.62
N LYS E 236 30.14 -54.85 8.08
CA LYS E 236 30.62 -54.74 9.45
C LYS E 236 29.42 -54.67 10.42
N ALA E 237 28.40 -53.92 10.03
CA ALA E 237 27.22 -53.77 10.83
C ALA E 237 26.53 -55.12 10.92
N LYS E 238 26.35 -55.75 9.77
CA LYS E 238 25.79 -57.10 9.71
C LYS E 238 26.53 -58.01 10.66
N PHE E 239 27.85 -57.96 10.63
CA PHE E 239 28.65 -58.82 11.48
C PHE E 239 28.40 -58.58 12.99
N ASN E 240 28.45 -57.33 13.39
CA ASN E 240 28.18 -57.00 14.79
C ASN E 240 26.73 -57.28 15.20
N LEU E 241 25.80 -57.26 14.27
CA LEU E 241 24.40 -57.54 14.65
C LEU E 241 24.21 -59.05 14.92
N ILE E 242 25.00 -59.86 14.22
CA ILE E 242 25.04 -61.30 14.46
C ILE E 242 25.56 -61.58 15.86
N GLN E 243 26.63 -60.86 16.24
CA GLN E 243 27.24 -60.96 17.56
C GLN E 243 26.26 -60.51 18.60
N ALA E 244 25.65 -59.37 18.37
CA ALA E 244 24.65 -58.85 19.31
C ALA E 244 23.53 -59.86 19.54
N HIS E 245 23.05 -60.53 18.47
CA HIS E 245 22.06 -61.56 18.64
C HIS E 245 22.58 -62.73 19.53
N ILE E 246 23.73 -63.28 19.16
CA ILE E 246 24.27 -64.40 19.86
C ILE E 246 24.43 -64.08 21.34
N GLY E 247 25.09 -62.97 21.63
CA GLY E 247 25.32 -62.51 22.99
C GLY E 247 24.03 -62.26 23.77
N ALA E 248 23.08 -61.58 23.17
CA ALA E 248 21.77 -61.36 23.78
C ALA E 248 21.02 -62.70 24.00
N TYR E 249 21.16 -63.64 23.05
CA TYR E 249 20.56 -64.94 23.25
C TYR E 249 21.12 -65.58 24.57
N ASP E 250 22.44 -65.54 24.75
CA ASP E 250 23.07 -66.15 25.92
C ASP E 250 22.69 -65.40 27.16
N ALA E 251 22.56 -64.10 27.06
CA ALA E 251 22.18 -63.29 28.21
C ALA E 251 20.76 -63.59 28.70
N ILE E 252 19.82 -63.70 27.77
CA ILE E 252 18.42 -63.96 28.09
C ILE E 252 18.33 -65.33 28.70
N LYS E 253 19.08 -66.27 28.14
CA LYS E 253 19.03 -67.66 28.65
C LYS E 253 19.55 -67.75 30.06
N GLU E 254 20.45 -66.84 30.45
CA GLU E 254 21.07 -66.90 31.74
C GLU E 254 20.08 -66.44 32.84
N TYR E 255 19.02 -65.71 32.46
CA TYR E 255 18.01 -65.26 33.40
C TYR E 255 16.60 -65.67 33.04
N SER E 256 16.44 -66.59 32.06
CA SER E 256 15.09 -67.01 31.62
C SER E 256 15.19 -68.36 30.99
N GLU E 257 14.12 -69.15 31.04
CA GLU E 257 14.08 -70.52 30.48
C GLU E 257 13.22 -70.62 29.25
N LYS E 258 13.07 -69.50 28.53
CA LYS E 258 12.08 -69.37 27.49
C LYS E 258 12.63 -69.39 26.10
N SER E 259 11.74 -69.52 25.12
CA SER E 259 12.13 -69.57 23.73
C SER E 259 12.66 -68.22 23.25
N VAL E 260 13.85 -68.23 22.66
CA VAL E 260 14.50 -67.00 22.15
C VAL E 260 14.82 -67.15 20.67
N GLY E 261 14.49 -66.11 19.92
CA GLY E 261 14.55 -66.15 18.46
C GLY E 261 14.84 -64.76 17.95
N VAL E 262 14.52 -64.56 16.69
CA VAL E 262 14.82 -63.31 16.02
C VAL E 262 13.69 -63.07 15.05
N ILE E 263 13.51 -61.79 14.70
CA ILE E 263 12.49 -61.37 13.75
C ILE E 263 13.18 -60.70 12.54
N TYR E 264 12.81 -61.14 11.33
CA TYR E 264 13.59 -60.83 10.15
C TYR E 264 12.74 -60.41 8.96
N ALA E 265 13.29 -59.58 8.09
CA ALA E 265 12.58 -59.14 6.87
C ALA E 265 12.80 -60.12 5.73
N PHE E 266 11.77 -60.88 5.40
CA PHE E 266 11.88 -61.89 4.38
C PHE E 266 11.15 -61.45 3.14
N ALA E 267 11.85 -60.77 2.28
CA ALA E 267 11.34 -60.56 0.93
C ALA E 267 11.31 -61.92 0.23
N TRP E 268 10.26 -62.19 -0.56
CA TRP E 268 10.30 -63.35 -1.47
C TRP E 268 10.89 -62.97 -2.80
N HIS E 269 11.87 -63.73 -3.25
CA HIS E 269 12.60 -63.42 -4.48
C HIS E 269 12.14 -64.30 -5.64
N ASP E 270 11.85 -63.68 -6.79
CA ASP E 270 11.25 -64.35 -7.97
C ASP E 270 12.06 -64.02 -9.21
N PRO E 271 12.35 -65.03 -10.03
CA PRO E 271 12.96 -64.81 -11.33
C PRO E 271 11.92 -64.39 -12.39
N LEU E 272 12.18 -63.30 -13.11
CA LEU E 272 11.22 -62.85 -14.15
C LEU E 272 10.98 -63.95 -15.17
N ALA E 273 12.07 -64.61 -15.57
CA ALA E 273 12.05 -65.67 -16.53
C ALA E 273 12.77 -66.89 -15.97
N GLU E 274 12.22 -68.07 -16.31
CA GLU E 274 12.75 -69.37 -15.98
C GLU E 274 14.30 -69.50 -16.03
N GLU E 275 14.94 -68.82 -16.98
CA GLU E 275 16.40 -68.93 -17.13
C GLU E 275 17.20 -68.40 -15.93
N TYR E 276 16.58 -67.54 -15.12
CA TYR E 276 17.27 -66.97 -13.96
C TYR E 276 17.06 -67.77 -12.66
N LYS E 277 16.15 -68.75 -12.69
CA LYS E 277 15.79 -69.57 -11.52
C LYS E 277 16.91 -69.94 -10.55
N ASP E 278 18.05 -70.34 -11.10
CA ASP E 278 19.23 -70.73 -10.32
C ASP E 278 19.84 -69.51 -9.65
N GLU E 279 20.01 -68.47 -10.45
CA GLU E 279 20.74 -67.29 -10.05
C GLU E 279 19.95 -66.61 -8.96
N VAL E 280 18.64 -66.66 -9.04
CA VAL E 280 17.78 -66.09 -8.02
C VAL E 280 17.82 -66.88 -6.74
N GLU E 281 17.84 -68.20 -6.83
CA GLU E 281 18.05 -69.00 -5.60
C GLU E 281 19.36 -68.69 -4.87
N GLU E 282 20.36 -68.27 -5.61
CA GLU E 282 21.63 -67.89 -5.03
C GLU E 282 21.43 -66.66 -4.16
N ILE E 283 20.57 -65.76 -4.64
CA ILE E 283 20.24 -64.53 -3.96
C ILE E 283 19.44 -64.79 -2.71
N ARG E 284 18.49 -65.72 -2.78
CA ARG E 284 17.77 -66.14 -1.59
C ARG E 284 18.74 -66.50 -0.48
N LYS E 285 19.74 -67.29 -0.85
CA LYS E 285 20.71 -67.71 0.12
C LYS E 285 21.41 -66.50 0.73
N LYS E 286 21.92 -65.59 -0.11
CA LYS E 286 22.68 -64.43 0.41
C LYS E 286 21.80 -63.56 1.29
N ASP E 287 20.61 -63.28 0.82
CA ASP E 287 19.65 -62.49 1.57
C ASP E 287 19.28 -63.09 2.95
N TYR E 288 19.04 -64.39 3.03
CA TYR E 288 18.69 -65.03 4.28
C TYR E 288 19.90 -65.49 5.11
N GLU E 289 21.10 -65.33 4.57
CA GLU E 289 22.33 -65.86 5.19
C GLU E 289 22.35 -65.52 6.68
N PHE E 290 21.99 -64.28 7.02
CA PHE E 290 21.94 -63.84 8.42
C PHE E 290 21.26 -64.90 9.30
N VAL E 291 20.13 -65.41 8.83
CA VAL E 291 19.37 -66.36 9.61
C VAL E 291 20.03 -67.74 9.53
N THR E 292 20.48 -68.10 8.34
CA THR E 292 21.25 -69.30 8.16
C THR E 292 22.39 -69.39 9.18
N ILE E 293 23.12 -68.32 9.29
CA ILE E 293 24.26 -68.28 10.22
C ILE E 293 23.89 -68.62 11.66
N LEU E 294 22.88 -67.92 12.16
CA LEU E 294 22.44 -68.07 13.53
C LEU E 294 21.86 -69.43 13.79
N HIS E 295 21.09 -69.94 12.83
CA HIS E 295 20.68 -71.34 12.84
C HIS E 295 21.87 -72.25 13.11
N SER E 296 22.92 -72.15 12.27
CA SER E 296 24.04 -73.08 12.33
C SER E 296 24.82 -72.96 13.65
N LYS E 297 24.75 -71.82 14.35
CA LYS E 297 25.36 -71.71 15.69
C LYS E 297 24.43 -72.19 16.79
N GLY E 298 23.24 -72.69 16.43
CA GLY E 298 22.31 -73.17 17.45
C GLY E 298 21.78 -72.06 18.35
N LYS E 299 21.61 -70.87 17.80
CA LYS E 299 21.07 -69.75 18.58
C LYS E 299 19.69 -69.22 18.10
N LEU E 300 18.76 -70.14 17.77
CA LEU E 300 17.44 -69.81 17.25
C LEU E 300 16.42 -70.84 17.66
N ASP E 301 15.61 -70.53 18.66
CA ASP E 301 14.58 -71.46 19.06
C ASP E 301 13.39 -71.32 18.15
N TRP E 302 13.25 -70.14 17.52
CA TRP E 302 12.09 -69.85 16.66
C TRP E 302 12.39 -68.62 15.82
N ILE E 303 11.65 -68.48 14.71
CA ILE E 303 11.85 -67.40 13.72
C ILE E 303 10.60 -66.52 13.58
N GLY E 304 10.82 -65.23 13.66
CA GLY E 304 9.81 -64.29 13.36
C GLY E 304 9.80 -63.90 11.90
N VAL E 305 8.83 -64.39 11.18
CA VAL E 305 8.72 -64.04 9.78
C VAL E 305 8.00 -62.70 9.66
N ASN E 306 8.60 -61.77 8.94
CA ASN E 306 7.97 -60.51 8.54
C ASN E 306 7.86 -60.46 7.06
N TYR E 307 6.67 -60.67 6.54
CA TYR E 307 6.47 -60.73 5.07
C TYR E 307 5.46 -59.69 4.67
N TYR E 308 5.77 -59.01 3.58
CA TYR E 308 4.92 -57.96 2.97
C TYR E 308 4.73 -58.12 1.39
N SER E 309 5.83 -58.29 0.67
CA SER E 309 5.78 -58.44 -0.78
C SER E 309 7.01 -59.19 -1.26
N ARG E 310 7.40 -58.97 -2.51
CA ARG E 310 8.41 -59.75 -3.14
C ARG E 310 9.33 -58.84 -3.92
N LEU E 311 10.39 -59.42 -4.50
CA LEU E 311 11.25 -58.74 -5.45
C LEU E 311 11.38 -59.60 -6.71
N VAL E 312 11.27 -58.99 -7.90
CA VAL E 312 11.35 -59.75 -9.17
C VAL E 312 12.56 -59.37 -9.98
N TYR E 313 13.34 -60.36 -10.39
CA TYR E 313 14.65 -60.10 -10.98
C TYR E 313 14.66 -60.37 -12.45
N GLY E 314 15.37 -59.50 -13.14
CA GLY E 314 15.62 -59.66 -14.56
C GLY E 314 16.91 -58.98 -14.97
N ALA E 315 17.19 -59.03 -16.26
CA ALA E 315 18.40 -58.42 -16.72
C ALA E 315 18.14 -56.95 -16.98
N LEU E 320 22.00 -58.59 -13.51
CA LEU E 320 20.80 -59.17 -12.89
C LEU E 320 20.32 -58.43 -11.61
N VAL E 321 19.19 -57.73 -11.72
CA VAL E 321 18.72 -56.82 -10.66
C VAL E 321 17.23 -56.84 -10.47
N PRO E 322 16.78 -56.38 -9.30
CA PRO E 322 15.35 -56.34 -8.99
C PRO E 322 14.69 -55.28 -9.84
N LEU E 323 13.61 -55.67 -10.54
CA LEU E 323 12.96 -54.83 -11.54
C LEU E 323 11.86 -53.93 -10.98
N PRO E 324 11.80 -52.68 -11.47
CA PRO E 324 10.68 -51.82 -11.09
C PRO E 324 9.37 -52.36 -11.63
N GLY E 325 8.27 -52.00 -10.96
CA GLY E 325 6.92 -52.44 -11.32
C GLY E 325 6.54 -53.80 -10.74
N TYR E 326 7.33 -54.28 -9.79
CA TYR E 326 7.09 -55.58 -9.16
C TYR E 326 7.43 -55.53 -7.67
N GLY E 327 6.56 -56.09 -6.84
CA GLY E 327 6.85 -56.26 -5.44
C GLY E 327 6.99 -54.92 -4.79
N PHE E 328 8.07 -54.76 -4.02
CA PHE E 328 8.36 -53.53 -3.27
C PHE E 328 8.66 -52.35 -4.16
N MET E 329 8.67 -52.55 -5.47
CA MET E 329 9.08 -51.48 -6.35
C MET E 329 7.97 -51.14 -7.34
N SER E 330 6.74 -51.28 -6.89
CA SER E 330 5.57 -51.02 -7.72
C SER E 330 5.13 -49.59 -7.44
N GLU E 331 4.27 -49.05 -8.29
CA GLU E 331 3.77 -47.69 -8.11
C GLU E 331 2.87 -47.56 -6.90
N ARG E 332 3.13 -46.52 -6.13
CA ARG E 332 2.37 -46.28 -4.90
C ARG E 332 0.91 -46.02 -5.18
N GLY E 333 0.05 -46.85 -4.60
CA GLY E 333 -1.41 -46.70 -4.77
C GLY E 333 -1.93 -47.11 -6.15
N GLY E 334 -1.05 -47.76 -6.92
CA GLY E 334 -1.31 -48.14 -8.30
C GLY E 334 -1.36 -49.64 -8.48
N PHE E 335 -0.74 -50.11 -9.56
CA PHE E 335 -0.77 -51.53 -9.89
C PHE E 335 0.59 -51.95 -10.32
N ALA E 336 0.98 -53.14 -9.94
CA ALA E 336 2.27 -53.69 -10.40
C ALA E 336 2.09 -54.09 -11.83
N LYS E 337 3.21 -54.39 -12.48
CA LYS E 337 3.13 -54.91 -13.81
C LYS E 337 2.30 -56.16 -13.90
N SER E 338 2.35 -56.97 -12.84
CA SER E 338 1.62 -58.23 -12.80
C SER E 338 0.15 -57.98 -12.92
N GLY E 339 -0.29 -56.78 -12.57
CA GLY E 339 -1.71 -56.47 -12.52
C GLY E 339 -2.26 -56.48 -11.14
N ARG E 340 -1.45 -56.92 -10.18
CA ARG E 340 -1.87 -56.89 -8.77
C ARG E 340 -1.78 -55.46 -8.29
N PRO E 341 -2.69 -55.06 -7.42
CA PRO E 341 -2.60 -53.74 -6.85
C PRO E 341 -1.44 -53.63 -5.87
N ALA E 342 -0.97 -52.39 -5.63
CA ALA E 342 0.07 -52.17 -4.67
C ALA E 342 -0.42 -51.25 -3.52
N SER E 343 0.17 -51.43 -2.34
CA SER E 343 -0.14 -50.59 -1.21
C SER E 343 0.22 -49.13 -1.46
N ASP E 344 -0.20 -48.27 -0.57
CA ASP E 344 0.24 -46.89 -0.56
C ASP E 344 1.75 -46.78 -0.55
N PHE E 345 2.45 -47.80 -0.07
CA PHE E 345 3.92 -47.81 -0.05
C PHE E 345 4.51 -48.28 -1.41
N GLY E 346 3.60 -48.73 -2.30
CA GLY E 346 3.97 -49.22 -3.61
C GLY E 346 4.52 -50.63 -3.53
N TRP E 347 3.87 -51.46 -2.70
CA TRP E 347 4.34 -52.81 -2.47
C TRP E 347 3.25 -53.72 -2.98
N GLU E 348 3.63 -54.54 -3.96
CA GLU E 348 2.66 -55.44 -4.57
C GLU E 348 1.90 -56.32 -3.53
N MET E 349 0.64 -56.62 -3.86
CA MET E 349 -0.11 -57.60 -3.13
C MET E 349 0.29 -58.99 -3.66
N TYR E 350 0.90 -59.83 -2.82
CA TYR E 350 1.41 -61.11 -3.31
C TYR E 350 1.40 -62.22 -2.24
N PRO E 351 0.20 -62.70 -1.85
CA PRO E 351 0.13 -63.77 -0.86
C PRO E 351 0.93 -65.03 -1.26
N GLU E 352 0.99 -65.32 -2.53
CA GLU E 352 1.74 -66.48 -3.02
C GLU E 352 3.15 -66.57 -2.46
N GLY E 353 3.80 -65.41 -2.35
CA GLY E 353 5.17 -65.33 -1.87
C GLY E 353 5.37 -65.82 -0.43
N LEU E 354 4.36 -65.60 0.40
CA LEU E 354 4.37 -66.01 1.78
C LEU E 354 4.21 -67.51 1.90
N GLU E 355 3.28 -68.06 1.12
CA GLU E 355 3.10 -69.49 1.02
C GLU E 355 4.42 -70.13 0.56
N ASN E 356 5.01 -69.64 -0.53
CA ASN E 356 6.30 -70.21 -0.99
C ASN E 356 7.34 -70.06 0.10
N LEU E 357 7.38 -68.88 0.72
CA LEU E 357 8.43 -68.58 1.67
C LEU E 357 8.41 -69.55 2.84
N LEU E 358 7.22 -69.74 3.41
CA LEU E 358 7.09 -70.57 4.59
C LEU E 358 7.57 -71.98 4.32
N LYS E 359 7.31 -72.49 3.13
CA LYS E 359 7.77 -73.84 2.80
C LYS E 359 9.27 -73.83 2.62
N TYR E 360 9.81 -72.78 2.02
CA TYR E 360 11.25 -72.62 1.91
C TYR E 360 11.96 -72.62 3.27
N LEU E 361 11.37 -71.92 4.24
CA LEU E 361 12.01 -71.72 5.54
C LEU E 361 11.88 -72.96 6.42
N ASN E 362 10.79 -73.68 6.23
CA ASN E 362 10.53 -74.86 7.00
C ASN E 362 11.48 -75.93 6.54
N ASN E 363 11.63 -76.05 5.23
CA ASN E 363 12.56 -77.01 4.69
C ASN E 363 13.98 -76.64 5.06
N ALA E 364 14.32 -75.37 4.95
CA ALA E 364 15.67 -74.91 5.17
C ALA E 364 16.12 -75.00 6.63
N TYR E 365 15.22 -74.73 7.57
CA TYR E 365 15.58 -74.56 8.99
C TYR E 365 14.86 -75.50 9.94
N GLU E 366 13.72 -76.01 9.54
CA GLU E 366 12.91 -76.90 10.39
C GLU E 366 12.67 -76.36 11.82
N LEU E 367 12.41 -75.05 11.91
CA LEU E 367 12.14 -74.39 13.19
C LEU E 367 10.71 -73.91 13.34
N PRO E 368 10.24 -73.69 14.57
CA PRO E 368 8.90 -73.06 14.78
C PRO E 368 8.87 -71.58 14.31
N MET E 369 7.82 -71.21 13.55
CA MET E 369 7.73 -69.87 12.97
C MET E 369 6.48 -69.13 13.40
N ILE E 370 6.60 -67.83 13.50
CA ILE E 370 5.46 -66.98 13.73
C ILE E 370 5.52 -65.82 12.76
N ILE E 371 4.40 -65.57 12.09
CA ILE E 371 4.30 -64.42 11.24
C ILE E 371 4.24 -63.26 12.21
N THR E 372 5.38 -62.62 12.41
CA THR E 372 5.51 -61.51 13.37
C THR E 372 5.21 -60.14 12.76
N GLU E 373 4.98 -60.12 11.43
CA GLU E 373 4.61 -58.87 10.76
C GLU E 373 4.03 -59.20 9.38
N ASN E 374 2.80 -58.75 9.15
CA ASN E 374 2.16 -58.83 7.82
C ASN E 374 0.95 -57.92 7.77
N GLY E 375 0.94 -57.05 6.77
CA GLY E 375 -0.08 -56.00 6.67
C GLY E 375 0.20 -55.11 5.50
N MET E 376 -0.53 -54.01 5.38
CA MET E 376 -0.29 -53.09 4.24
C MET E 376 -0.74 -51.68 4.52
N ALA E 377 -0.02 -50.73 3.93
CA ALA E 377 -0.38 -49.30 3.95
C ALA E 377 -1.55 -49.04 3.01
N ASP E 378 -2.71 -48.74 3.62
CA ASP E 378 -3.96 -48.61 2.91
C ASP E 378 -4.81 -47.69 3.76
N ALA E 379 -4.78 -46.40 3.46
CA ALA E 379 -5.56 -45.42 4.24
C ALA E 379 -7.08 -45.60 4.07
N ALA E 380 -7.44 -46.07 2.88
CA ALA E 380 -8.82 -46.26 2.48
C ALA E 380 -9.45 -47.62 2.87
N ASP E 381 -8.67 -48.58 3.41
CA ASP E 381 -9.20 -49.93 3.69
C ASP E 381 -9.74 -50.57 2.39
N ARG E 382 -9.29 -50.07 1.24
CA ARG E 382 -9.70 -50.60 -0.08
C ARG E 382 -9.30 -52.06 -0.24
N TYR E 383 -8.08 -52.42 0.20
CA TYR E 383 -7.57 -53.74 -0.05
C TYR E 383 -7.31 -54.55 1.22
N ARG E 384 -7.06 -53.88 2.32
CA ARG E 384 -6.72 -54.59 3.54
C ARG E 384 -7.57 -55.87 3.76
N PRO E 385 -8.89 -55.78 3.73
CA PRO E 385 -9.69 -57.01 3.93
C PRO E 385 -9.25 -58.21 3.09
N HIS E 386 -9.07 -58.02 1.80
CA HIS E 386 -8.56 -59.11 0.96
C HIS E 386 -7.11 -59.48 1.36
N TYR E 387 -6.31 -58.49 1.69
CA TYR E 387 -4.91 -58.72 2.02
C TYR E 387 -4.81 -59.69 3.19
N LEU E 388 -5.66 -59.44 4.17
CA LEU E 388 -5.72 -60.22 5.38
C LEU E 388 -6.07 -61.68 5.05
N VAL E 389 -7.19 -61.84 4.36
CA VAL E 389 -7.74 -63.16 4.12
C VAL E 389 -6.84 -63.91 3.14
N SER E 390 -6.34 -63.24 2.12
CA SER E 390 -5.48 -63.91 1.15
C SER E 390 -4.26 -64.43 1.85
N HIS E 391 -3.67 -63.61 2.71
CA HIS E 391 -2.40 -64.00 3.36
C HIS E 391 -2.57 -65.07 4.43
N LEU E 392 -3.68 -65.04 5.14
CA LEU E 392 -3.99 -66.09 6.09
C LEU E 392 -4.16 -67.42 5.37
N LYS E 393 -4.78 -67.37 4.20
CA LYS E 393 -4.95 -68.55 3.36
C LYS E 393 -3.57 -69.08 3.01
N ALA E 394 -2.67 -68.18 2.62
CA ALA E 394 -1.30 -68.56 2.29
C ALA E 394 -0.58 -69.26 3.42
N VAL E 395 -0.83 -68.82 4.65
CA VAL E 395 -0.19 -69.44 5.82
C VAL E 395 -0.81 -70.84 6.01
N TYR E 396 -2.14 -70.86 6.01
CA TYR E 396 -2.89 -72.11 6.12
C TYR E 396 -2.47 -73.18 5.10
N ASN E 397 -2.22 -72.77 3.86
CA ASN E 397 -1.70 -73.70 2.86
C ASN E 397 -0.32 -74.22 3.26
N ALA E 398 0.56 -73.33 3.69
CA ALA E 398 1.93 -73.70 3.95
C ALA E 398 1.96 -74.72 5.08
N MET E 399 1.04 -74.53 6.04
CA MET E 399 0.97 -75.38 7.24
C MET E 399 0.53 -76.79 6.92
N LYS E 400 -0.37 -76.90 5.95
CA LYS E 400 -0.85 -78.19 5.43
C LYS E 400 0.27 -78.99 4.78
N GLU E 401 1.21 -78.31 4.15
CA GLU E 401 2.32 -78.98 3.53
C GLU E 401 3.50 -79.07 4.50
N GLY E 402 3.23 -78.87 5.80
CA GLY E 402 4.19 -79.20 6.88
C GLY E 402 4.89 -78.06 7.60
N ALA E 403 4.69 -76.84 7.13
CA ALA E 403 5.34 -75.70 7.75
C ALA E 403 4.86 -75.52 9.18
N ASP E 404 5.80 -75.35 10.13
CA ASP E 404 5.43 -75.26 11.55
C ASP E 404 5.15 -73.81 11.97
N VAL E 405 3.94 -73.36 11.76
CA VAL E 405 3.57 -72.00 12.06
C VAL E 405 2.66 -71.95 13.26
N ARG E 406 3.10 -71.23 14.31
CA ARG E 406 2.40 -71.16 15.57
C ARG E 406 1.53 -69.89 15.79
N GLY E 407 1.54 -68.98 14.84
CA GLY E 407 0.67 -67.79 14.95
C GLY E 407 0.82 -66.78 13.83
N TYR E 408 -0.04 -65.77 13.84
CA TYR E 408 -0.01 -64.68 12.87
C TYR E 408 -0.26 -63.39 13.62
N LEU E 409 0.63 -62.43 13.45
CA LEU E 409 0.49 -61.13 14.06
C LEU E 409 0.46 -60.08 12.97
N HIS E 410 -0.65 -59.36 12.90
CA HIS E 410 -0.81 -58.38 11.84
C HIS E 410 0.05 -57.17 12.22
N TRP E 411 0.51 -56.41 11.22
CA TRP E 411 1.05 -55.08 11.46
C TRP E 411 0.18 -54.08 10.77
N SER E 412 -0.68 -53.39 11.50
CA SER E 412 -0.69 -53.41 12.97
C SER E 412 -2.09 -53.03 13.45
N LEU E 413 -2.33 -53.06 14.76
CA LEU E 413 -3.64 -52.71 15.26
C LEU E 413 -3.93 -51.29 14.78
N THR E 414 -3.05 -50.35 15.14
CA THR E 414 -3.26 -48.94 14.89
C THR E 414 -2.28 -48.40 13.90
N ASP E 415 -2.65 -47.27 13.34
CA ASP E 415 -1.74 -46.49 12.54
C ASP E 415 -0.64 -45.99 13.49
N ASN E 416 0.52 -45.70 12.90
CA ASN E 416 1.69 -45.33 13.67
C ASN E 416 2.68 -44.56 12.75
N TYR E 417 3.88 -44.28 13.25
CA TYR E 417 4.87 -43.47 12.54
C TYR E 417 5.79 -44.35 11.66
N GLU E 418 5.54 -44.35 10.36
CA GLU E 418 6.33 -45.19 9.46
C GLU E 418 7.64 -44.53 9.07
N TRP E 419 8.49 -44.39 10.09
CA TRP E 419 9.83 -43.91 9.95
C TRP E 419 9.99 -42.70 9.03
N ALA E 420 10.79 -42.82 7.99
CA ALA E 420 11.12 -41.69 7.11
C ALA E 420 9.90 -41.20 6.33
N GLN E 421 8.89 -42.06 6.21
CA GLN E 421 7.68 -41.75 5.48
C GLN E 421 6.60 -41.09 6.34
N GLY E 422 6.88 -40.89 7.62
CA GLY E 422 5.91 -40.26 8.49
C GLY E 422 4.59 -41.04 8.62
N PHE E 423 3.50 -40.30 8.73
CA PHE E 423 2.17 -40.89 8.99
C PHE E 423 1.40 -41.27 7.71
N ARG E 424 1.87 -40.85 6.54
CA ARG E 424 1.13 -41.08 5.29
C ARG E 424 0.98 -42.58 4.97
N MET E 425 1.87 -43.42 5.51
CA MET E 425 1.71 -44.87 5.41
C MET E 425 0.96 -45.38 6.63
N ARG E 426 -0.32 -45.72 6.45
CA ARG E 426 -1.16 -46.16 7.55
C ARG E 426 -1.45 -47.64 7.46
N PHE E 427 -0.87 -48.42 8.38
CA PHE E 427 -0.95 -49.87 8.34
C PHE E 427 -1.98 -50.46 9.26
N GLY E 428 -2.72 -49.60 9.99
CA GLY E 428 -3.63 -50.03 11.07
C GLY E 428 -4.93 -50.67 10.62
N LEU E 429 -5.36 -51.70 11.34
CA LEU E 429 -6.75 -52.15 11.32
C LEU E 429 -7.64 -51.08 12.03
N VAL E 430 -6.98 -50.24 12.79
CA VAL E 430 -7.61 -49.14 13.48
C VAL E 430 -6.98 -47.84 12.97
N TYR E 431 -7.82 -46.94 12.47
CA TYR E 431 -7.39 -45.60 12.11
C TYR E 431 -7.17 -44.82 13.40
N VAL E 432 -6.19 -43.92 13.36
CA VAL E 432 -5.94 -43.01 14.48
C VAL E 432 -5.84 -41.56 13.97
N ASP E 433 -6.63 -40.69 14.61
CA ASP E 433 -6.58 -39.24 14.36
C ASP E 433 -5.46 -38.67 15.20
N PHE E 434 -4.32 -38.41 14.58
CA PHE E 434 -3.14 -38.02 15.35
C PHE E 434 -3.23 -36.65 16.03
N GLU E 435 -4.25 -35.85 15.71
CA GLU E 435 -4.53 -34.60 16.45
C GLU E 435 -5.25 -34.88 17.76
N THR E 436 -6.26 -35.74 17.71
CA THR E 436 -7.06 -36.06 18.89
C THR E 436 -6.66 -37.34 19.61
N LYS E 437 -5.82 -38.16 18.94
CA LYS E 437 -5.40 -39.46 19.44
C LYS E 437 -6.56 -40.44 19.56
N LYS E 438 -7.56 -40.28 18.72
CA LYS E 438 -8.76 -41.08 18.83
C LYS E 438 -8.71 -42.23 17.87
N ARG E 439 -9.20 -43.36 18.36
CA ARG E 439 -9.23 -44.61 17.62
C ARG E 439 -10.59 -44.81 16.99
N TYR E 440 -10.56 -45.21 15.73
CA TYR E 440 -11.75 -45.62 15.02
C TYR E 440 -11.38 -46.85 14.19
N LEU E 441 -12.14 -47.93 14.33
CA LEU E 441 -11.84 -49.14 13.64
C LEU E 441 -12.17 -49.03 12.17
N ARG E 442 -11.27 -49.53 11.31
CA ARG E 442 -11.56 -49.71 9.92
C ARG E 442 -12.38 -50.99 9.79
N PRO E 443 -13.21 -51.10 8.73
CA PRO E 443 -14.07 -52.28 8.59
C PRO E 443 -13.29 -53.57 8.55
N SER E 444 -12.13 -53.53 7.92
CA SER E 444 -11.23 -54.71 7.86
C SER E 444 -10.96 -55.35 9.23
N ALA E 445 -11.10 -54.55 10.29
CA ALA E 445 -10.88 -55.04 11.65
C ALA E 445 -11.88 -56.09 12.03
N LEU E 446 -13.00 -56.15 11.30
CA LEU E 446 -14.07 -57.09 11.62
C LEU E 446 -13.99 -58.43 10.90
N VAL E 447 -13.05 -58.54 9.97
CA VAL E 447 -12.71 -59.83 9.39
C VAL E 447 -12.18 -60.68 10.52
N SER E 448 -11.47 -60.03 11.45
CA SER E 448 -10.86 -60.63 12.67
C SER E 448 -11.81 -61.12 13.80
N VAL E 449 -13.07 -60.69 13.77
CA VAL E 449 -14.09 -61.02 14.81
C VAL E 449 -14.93 -62.22 14.36
N LYS E 450 -14.75 -62.59 13.09
CA LYS E 450 -15.44 -63.69 12.44
C LYS E 450 -14.43 -64.64 11.77
N LYS F 3 -30.25 -64.13 27.89
CA LYS F 3 -30.67 -64.52 26.51
C LYS F 3 -32.07 -64.01 26.20
N PHE F 4 -32.27 -63.66 24.94
CA PHE F 4 -33.55 -63.16 24.46
C PHE F 4 -34.18 -64.25 23.60
N PRO F 5 -35.52 -64.26 23.50
CA PRO F 5 -36.21 -65.21 22.64
C PRO F 5 -35.53 -65.43 21.28
N LYS F 6 -35.88 -66.54 20.63
CA LYS F 6 -35.29 -66.91 19.34
C LYS F 6 -35.59 -65.87 18.25
N ASN F 7 -36.80 -65.30 18.29
CA ASN F 7 -37.24 -64.37 17.24
C ASN F 7 -37.09 -62.88 17.60
N PHE F 8 -36.33 -62.58 18.65
CA PHE F 8 -36.13 -61.21 19.08
C PHE F 8 -35.14 -60.49 18.17
N MET F 9 -35.54 -59.37 17.59
CA MET F 9 -34.72 -58.67 16.59
C MET F 9 -33.76 -57.62 17.19
N PHE F 10 -32.51 -57.63 16.72
CA PHE F 10 -31.52 -56.59 17.04
C PHE F 10 -31.20 -55.82 15.77
N GLY F 11 -31.06 -54.49 15.88
CA GLY F 11 -30.85 -53.67 14.70
C GLY F 11 -30.62 -52.18 14.93
N TYR F 12 -31.20 -51.37 14.06
CA TYR F 12 -31.01 -49.92 14.12
C TYR F 12 -32.01 -49.14 13.28
N SER F 13 -32.06 -47.83 13.47
CA SER F 13 -33.07 -47.04 12.81
C SER F 13 -32.41 -45.86 12.16
N TRP F 14 -32.97 -45.45 11.02
CA TRP F 14 -32.51 -44.25 10.35
C TRP F 14 -33.75 -43.50 9.89
N SER F 15 -33.57 -42.22 9.61
CA SER F 15 -34.58 -41.36 9.00
C SER F 15 -33.93 -40.68 7.82
N GLY F 16 -34.73 -40.37 6.80
CA GLY F 16 -34.22 -39.78 5.55
C GLY F 16 -33.46 -38.46 5.68
N PHE F 17 -33.99 -37.54 6.48
CA PHE F 17 -33.41 -36.20 6.56
C PHE F 17 -32.03 -36.26 7.19
N GLN F 18 -31.85 -37.15 8.16
CA GLN F 18 -30.62 -37.18 8.93
C GLN F 18 -29.50 -38.03 8.26
N PHE F 19 -29.88 -38.86 7.29
CA PHE F 19 -28.97 -39.87 6.76
C PHE F 19 -28.73 -39.73 5.24
N GLU F 20 -29.80 -39.52 4.49
CA GLU F 20 -29.74 -39.68 3.05
C GLU F 20 -28.66 -38.78 2.43
N MET F 21 -28.70 -37.51 2.80
CA MET F 21 -27.94 -36.48 2.10
C MET F 21 -26.47 -36.43 2.50
N GLY F 22 -25.63 -35.91 1.62
CA GLY F 22 -24.20 -35.90 1.91
C GLY F 22 -23.30 -35.82 0.69
N LEU F 23 -23.70 -36.41 -0.42
CA LEU F 23 -23.01 -36.17 -1.69
C LEU F 23 -23.99 -35.59 -2.69
N PRO F 24 -23.50 -34.77 -3.64
CA PRO F 24 -24.42 -34.20 -4.65
C PRO F 24 -25.31 -35.19 -5.42
N GLY F 25 -26.53 -34.76 -5.72
CA GLY F 25 -27.58 -35.63 -6.26
C GLY F 25 -28.63 -35.95 -5.21
N SER F 26 -28.21 -35.93 -3.95
CA SER F 26 -28.99 -36.42 -2.81
C SER F 26 -30.10 -35.44 -2.39
N GLU F 27 -29.95 -34.20 -2.79
CA GLU F 27 -30.40 -33.09 -1.97
C GLU F 27 -31.92 -32.94 -2.15
N VAL F 28 -32.63 -32.50 -1.12
CA VAL F 28 -34.09 -32.46 -1.22
C VAL F 28 -34.73 -31.33 -0.44
N GLU F 29 -35.50 -30.54 -1.15
CA GLU F 29 -36.20 -29.42 -0.53
C GLU F 29 -37.37 -29.90 0.35
N SER F 30 -37.43 -29.34 1.55
CA SER F 30 -38.46 -29.65 2.52
C SER F 30 -38.59 -28.43 3.43
N ASP F 31 -39.60 -28.40 4.30
CA ASP F 31 -39.70 -27.33 5.28
C ASP F 31 -38.42 -27.31 6.15
N TRP F 32 -37.98 -28.48 6.59
CA TRP F 32 -36.78 -28.57 7.44
C TRP F 32 -35.52 -28.06 6.75
N TRP F 33 -35.37 -28.39 5.47
CA TRP F 33 -34.20 -27.96 4.70
C TRP F 33 -34.09 -26.44 4.70
N VAL F 34 -35.18 -25.81 4.30
CA VAL F 34 -35.20 -24.37 4.30
C VAL F 34 -34.82 -23.87 5.68
N TRP F 35 -35.39 -24.50 6.71
CA TRP F 35 -35.28 -24.04 8.10
C TRP F 35 -33.84 -24.05 8.60
N VAL F 36 -33.11 -25.12 8.33
CA VAL F 36 -31.67 -25.17 8.71
C VAL F 36 -30.76 -24.32 7.82
N HIS F 37 -31.25 -23.86 6.67
CA HIS F 37 -30.48 -22.95 5.80
C HIS F 37 -30.79 -21.46 5.97
N ASP F 38 -31.93 -21.17 6.58
CA ASP F 38 -32.34 -19.81 6.88
C ASP F 38 -31.24 -18.99 7.59
N LYS F 39 -30.86 -17.88 6.95
CA LYS F 39 -29.82 -16.97 7.44
C LYS F 39 -30.13 -16.46 8.85
N GLU F 40 -31.36 -15.97 9.07
CA GLU F 40 -31.78 -15.47 10.40
C GLU F 40 -31.57 -16.52 11.49
N ASN F 41 -32.04 -17.73 11.22
CA ASN F 41 -31.92 -18.84 12.15
C ASN F 41 -30.49 -19.19 12.48
N ILE F 42 -29.66 -19.32 11.45
CA ILE F 42 -28.23 -19.62 11.66
C ILE F 42 -27.54 -18.55 12.53
N ALA F 43 -27.71 -17.29 12.12
CA ALA F 43 -27.06 -16.14 12.76
C ALA F 43 -27.46 -15.99 14.22
N SER F 44 -28.73 -16.25 14.54
CA SER F 44 -29.21 -16.14 15.92
C SER F 44 -28.84 -17.36 16.80
N GLY F 45 -28.14 -18.34 16.25
CA GLY F 45 -27.75 -19.53 17.00
C GLY F 45 -28.87 -20.55 17.20
N LEU F 46 -30.03 -20.30 16.59
CA LEU F 46 -31.20 -21.16 16.77
C LEU F 46 -30.98 -22.52 16.09
N VAL F 47 -30.16 -22.55 15.05
CA VAL F 47 -29.72 -23.81 14.47
C VAL F 47 -28.21 -23.81 14.40
N SER F 48 -27.66 -25.01 14.32
CA SER F 48 -26.21 -25.22 14.31
C SER F 48 -25.50 -24.46 13.19
N GLY F 49 -26.11 -24.36 12.02
CA GLY F 49 -25.39 -23.85 10.86
C GLY F 49 -24.69 -24.98 10.10
N ASP F 50 -24.56 -26.14 10.73
CA ASP F 50 -24.29 -27.37 10.00
C ASP F 50 -25.43 -27.63 9.00
N LEU F 51 -25.13 -28.35 7.93
CA LEU F 51 -26.13 -28.60 6.89
C LEU F 51 -26.22 -30.09 6.54
N PRO F 52 -27.44 -30.56 6.20
CA PRO F 52 -27.65 -31.99 6.00
C PRO F 52 -27.01 -32.51 4.74
N GLU F 53 -26.78 -31.62 3.77
CA GLU F 53 -26.07 -32.02 2.55
C GLU F 53 -24.58 -32.36 2.80
N ASN F 54 -24.13 -32.18 4.05
CA ASN F 54 -22.81 -32.61 4.49
C ASN F 54 -22.89 -33.84 5.36
N GLY F 55 -24.00 -34.58 5.24
CA GLY F 55 -24.25 -35.74 6.07
C GLY F 55 -23.57 -37.00 5.58
N PRO F 56 -24.00 -38.14 6.11
CA PRO F 56 -23.32 -39.43 5.91
C PRO F 56 -23.59 -40.05 4.55
N ALA F 57 -24.45 -39.41 3.75
CA ALA F 57 -24.69 -39.81 2.35
C ALA F 57 -25.16 -41.24 2.18
N TYR F 58 -26.10 -41.66 3.01
CA TYR F 58 -26.62 -43.04 2.97
C TYR F 58 -27.29 -43.35 1.63
N TRP F 59 -27.88 -42.32 1.04
CA TRP F 59 -28.52 -42.43 -0.28
C TRP F 59 -27.57 -43.09 -1.30
N HIS F 60 -26.27 -42.77 -1.20
CA HIS F 60 -25.28 -43.40 -2.06
C HIS F 60 -24.59 -44.59 -1.38
N LEU F 61 -24.25 -44.46 -0.10
CA LEU F 61 -23.36 -45.45 0.57
C LEU F 61 -24.07 -46.50 1.41
N TYR F 62 -25.26 -46.91 1.00
CA TYR F 62 -26.10 -47.75 1.85
C TYR F 62 -25.53 -49.16 1.88
N LYS F 63 -24.91 -49.56 0.78
CA LYS F 63 -24.36 -50.90 0.61
C LYS F 63 -23.34 -51.24 1.72
N GLN F 64 -22.38 -50.35 1.97
CA GLN F 64 -21.38 -50.53 3.05
C GLN F 64 -22.03 -50.62 4.40
N ASP F 65 -22.90 -49.65 4.65
CA ASP F 65 -23.57 -49.54 5.93
C ASP F 65 -24.35 -50.83 6.24
N HIS F 66 -25.08 -51.32 5.25
CA HIS F 66 -25.77 -52.57 5.38
C HIS F 66 -24.75 -53.66 5.72
N ASP F 67 -23.69 -53.79 4.91
CA ASP F 67 -22.63 -54.79 5.17
C ASP F 67 -22.19 -54.77 6.63
N ILE F 68 -21.86 -53.58 7.10
CA ILE F 68 -21.44 -53.40 8.49
C ILE F 68 -22.49 -53.94 9.46
N ALA F 69 -23.73 -53.51 9.30
CA ALA F 69 -24.79 -53.95 10.21
C ALA F 69 -24.95 -55.48 10.16
N GLU F 70 -24.84 -56.04 8.97
CA GLU F 70 -25.01 -57.47 8.81
C GLU F 70 -23.98 -58.18 9.67
N LYS F 71 -22.71 -57.85 9.45
CA LYS F 71 -21.63 -58.58 10.11
C LYS F 71 -21.51 -58.17 11.58
N LEU F 72 -22.36 -57.25 12.04
CA LEU F 72 -22.48 -56.95 13.46
C LEU F 72 -23.59 -57.77 14.11
N GLY F 73 -24.14 -58.72 13.34
CA GLY F 73 -25.21 -59.59 13.81
C GLY F 73 -26.60 -58.99 13.79
N MET F 74 -26.76 -57.81 13.18
CA MET F 74 -28.06 -57.15 13.12
C MET F 74 -28.94 -57.84 12.08
N ASP F 75 -30.22 -57.97 12.41
CA ASP F 75 -31.19 -58.66 11.54
C ASP F 75 -32.39 -57.82 11.12
N CYS F 76 -32.52 -56.63 11.70
CA CYS F 76 -33.66 -55.78 11.44
C CYS F 76 -33.21 -54.32 11.33
N ILE F 77 -33.74 -53.60 10.34
CA ILE F 77 -33.58 -52.15 10.26
C ILE F 77 -34.93 -51.46 10.15
N ARG F 78 -35.03 -50.29 10.76
CA ARG F 78 -36.21 -49.50 10.58
C ARG F 78 -35.72 -48.24 9.96
N GLY F 79 -36.25 -47.96 8.80
CA GLY F 79 -35.86 -46.75 8.08
C GLY F 79 -37.08 -46.04 7.54
N GLY F 80 -36.84 -45.00 6.76
CA GLY F 80 -37.93 -44.20 6.28
C GLY F 80 -38.02 -44.02 4.79
N ILE F 81 -39.02 -43.23 4.42
CA ILE F 81 -39.20 -42.77 3.07
C ILE F 81 -39.72 -41.35 3.17
N GLU F 82 -39.12 -40.45 2.39
CA GLU F 82 -39.40 -39.04 2.56
C GLU F 82 -40.46 -38.52 1.56
N TRP F 83 -41.59 -38.09 2.11
CA TRP F 83 -42.69 -37.50 1.35
C TRP F 83 -42.23 -36.48 0.31
N ALA F 84 -41.46 -35.49 0.77
CA ALA F 84 -40.92 -34.45 -0.10
C ALA F 84 -39.99 -34.99 -1.21
N ARG F 85 -39.40 -36.18 -0.99
CA ARG F 85 -38.58 -36.87 -2.03
C ARG F 85 -39.35 -38.08 -2.73
N ILE F 86 -40.65 -38.01 -2.63
CA ILE F 86 -41.50 -38.70 -3.57
C ILE F 86 -42.43 -37.77 -4.35
N PHE F 87 -42.89 -36.71 -3.69
CA PHE F 87 -43.79 -35.74 -4.32
C PHE F 87 -43.25 -34.32 -4.20
N PRO F 88 -42.15 -34.04 -4.92
CA PRO F 88 -41.67 -32.65 -4.92
C PRO F 88 -42.73 -31.68 -5.44
N LYS F 89 -43.58 -32.12 -6.38
CA LYS F 89 -44.70 -31.34 -6.90
C LYS F 89 -46.00 -31.71 -6.18
N PRO F 90 -46.89 -30.74 -5.92
CA PRO F 90 -48.16 -30.94 -5.18
C PRO F 90 -49.07 -32.02 -5.73
N THR F 91 -49.83 -32.67 -4.84
CA THR F 91 -50.77 -33.73 -5.20
C THR F 91 -52.25 -33.26 -5.15
N PHE F 92 -52.48 -32.01 -4.75
CA PHE F 92 -53.83 -31.50 -4.52
C PHE F 92 -54.78 -31.72 -5.69
N ASP F 93 -54.28 -31.59 -6.93
CA ASP F 93 -55.12 -31.67 -8.13
C ASP F 93 -55.55 -33.08 -8.51
N VAL F 94 -54.89 -34.09 -7.96
CA VAL F 94 -55.36 -35.47 -8.11
C VAL F 94 -56.46 -35.69 -7.07
N LYS F 95 -57.71 -35.63 -7.51
CA LYS F 95 -58.87 -35.59 -6.58
C LYS F 95 -59.23 -36.94 -5.97
N VAL F 96 -59.70 -36.93 -4.73
CA VAL F 96 -60.15 -38.16 -4.05
C VAL F 96 -61.41 -37.96 -3.18
N ASP F 97 -62.17 -39.05 -3.01
CA ASP F 97 -63.35 -39.13 -2.13
C ASP F 97 -63.04 -39.38 -0.62
N VAL F 98 -63.49 -38.50 0.29
CA VAL F 98 -63.27 -38.64 1.75
C VAL F 98 -64.51 -38.20 2.55
N GLU F 99 -65.00 -39.08 3.44
CA GLU F 99 -66.20 -38.80 4.19
C GLU F 99 -65.88 -38.41 5.63
N LYS F 100 -66.45 -37.29 6.10
CA LYS F 100 -66.31 -36.91 7.52
C LYS F 100 -67.65 -36.65 8.18
N ASP F 101 -67.67 -36.73 9.51
CA ASP F 101 -68.86 -36.49 10.32
C ASP F 101 -68.91 -35.06 10.87
N GLU F 102 -69.91 -34.79 11.71
CA GLU F 102 -70.14 -33.48 12.33
C GLU F 102 -68.92 -32.85 13.04
N GLU F 103 -68.35 -33.62 13.98
CA GLU F 103 -67.22 -33.18 14.81
C GLU F 103 -65.92 -32.91 14.02
N GLY F 104 -65.83 -33.45 12.81
CA GLY F 104 -64.66 -33.29 11.93
C GLY F 104 -63.80 -34.52 11.82
N ASN F 105 -64.38 -35.68 12.14
CA ASN F 105 -63.62 -36.93 12.22
C ASN F 105 -63.57 -37.59 10.83
N ILE F 106 -62.61 -38.47 10.62
CA ILE F 106 -62.49 -39.16 9.33
C ILE F 106 -63.19 -40.51 9.50
N ILE F 107 -64.18 -40.78 8.63
CA ILE F 107 -64.91 -42.08 8.68
C ILE F 107 -64.56 -43.00 7.49
N SER F 108 -64.17 -42.44 6.33
CA SER F 108 -63.62 -43.25 5.22
C SER F 108 -62.77 -42.42 4.27
N VAL F 109 -62.08 -43.12 3.37
CA VAL F 109 -61.16 -42.50 2.40
C VAL F 109 -60.86 -43.33 1.17
N ASP F 110 -61.19 -42.86 -0.02
CA ASP F 110 -60.85 -43.69 -1.11
C ASP F 110 -59.66 -43.24 -1.96
N VAL F 111 -58.71 -44.16 -2.12
CA VAL F 111 -57.58 -44.00 -3.05
C VAL F 111 -57.44 -45.29 -3.86
N PRO F 112 -58.28 -45.46 -4.91
CA PRO F 112 -58.21 -46.66 -5.74
C PRO F 112 -56.95 -46.77 -6.55
N GLU F 113 -56.87 -47.87 -7.27
CA GLU F 113 -55.71 -48.14 -8.08
C GLU F 113 -55.53 -47.08 -9.16
N SER F 114 -56.63 -46.51 -9.65
CA SER F 114 -56.57 -45.47 -10.70
C SER F 114 -55.93 -44.18 -10.18
N THR F 115 -56.29 -43.77 -8.97
CA THR F 115 -55.65 -42.61 -8.35
C THR F 115 -54.15 -42.82 -8.20
N ILE F 116 -53.73 -44.03 -7.84
CA ILE F 116 -52.28 -44.33 -7.76
C ILE F 116 -51.59 -44.06 -9.11
N LYS F 117 -52.25 -44.41 -10.20
CA LYS F 117 -51.71 -44.19 -11.55
C LYS F 117 -51.58 -42.71 -11.90
N GLU F 118 -52.58 -41.93 -11.49
CA GLU F 118 -52.56 -40.49 -11.70
C GLU F 118 -51.44 -39.85 -10.88
N LEU F 119 -51.16 -40.43 -9.72
CA LEU F 119 -50.11 -39.95 -8.87
C LEU F 119 -48.75 -40.33 -9.45
N GLU F 120 -48.64 -41.49 -10.08
CA GLU F 120 -47.36 -41.89 -10.68
C GLU F 120 -46.82 -40.87 -11.68
N LYS F 121 -47.72 -40.14 -12.34
CA LYS F 121 -47.37 -39.15 -13.37
C LYS F 121 -46.58 -37.96 -12.81
N ILE F 122 -46.98 -37.49 -11.62
CA ILE F 122 -46.36 -36.33 -10.95
C ILE F 122 -45.32 -36.70 -9.86
N ALA F 123 -45.24 -37.98 -9.51
CA ALA F 123 -44.28 -38.45 -8.50
C ALA F 123 -42.90 -38.56 -9.10
N ASN F 124 -41.92 -38.68 -8.22
CA ASN F 124 -40.56 -38.90 -8.66
C ASN F 124 -40.32 -40.39 -8.64
N MET F 125 -40.64 -41.05 -9.75
CA MET F 125 -40.50 -42.50 -9.81
C MET F 125 -39.04 -42.90 -9.83
N GLU F 126 -38.17 -41.97 -10.17
CA GLU F 126 -36.74 -42.19 -10.09
C GLU F 126 -36.31 -42.49 -8.62
N ALA F 127 -36.82 -41.68 -7.70
CA ALA F 127 -36.49 -41.75 -6.28
C ALA F 127 -37.10 -42.98 -5.62
N LEU F 128 -38.36 -43.24 -5.98
CA LEU F 128 -39.04 -44.44 -5.56
C LEU F 128 -38.22 -45.67 -5.93
N GLU F 129 -37.78 -45.77 -7.18
CA GLU F 129 -36.92 -46.90 -7.60
C GLU F 129 -35.64 -47.00 -6.75
N HIS F 130 -35.04 -45.87 -6.41
CA HIS F 130 -33.87 -45.90 -5.55
C HIS F 130 -34.20 -46.42 -4.13
N TYR F 131 -35.33 -46.00 -3.55
CA TYR F 131 -35.78 -46.59 -2.30
C TYR F 131 -35.91 -48.12 -2.41
N ARG F 132 -36.47 -48.63 -3.51
CA ARG F 132 -36.50 -50.08 -3.71
C ARG F 132 -35.10 -50.69 -3.69
N LYS F 133 -34.16 -50.10 -4.41
CA LYS F 133 -32.81 -50.64 -4.40
C LYS F 133 -32.29 -50.71 -2.97
N ILE F 134 -32.47 -49.62 -2.23
CA ILE F 134 -31.97 -49.54 -0.85
C ILE F 134 -32.64 -50.57 0.03
N TYR F 135 -33.96 -50.66 -0.02
CA TYR F 135 -34.62 -51.64 0.84
C TYR F 135 -34.25 -53.05 0.41
N SER F 136 -34.22 -53.31 -0.89
CA SER F 136 -33.86 -54.63 -1.40
C SER F 136 -32.46 -55.02 -0.95
N ASP F 137 -31.53 -54.08 -0.98
CA ASP F 137 -30.16 -54.42 -0.65
C ASP F 137 -30.10 -55.14 0.69
N TRP F 138 -30.98 -54.73 1.61
CA TRP F 138 -31.05 -55.29 2.98
C TRP F 138 -31.93 -56.51 3.05
N LYS F 139 -33.06 -56.45 2.36
CA LYS F 139 -34.05 -57.52 2.38
C LYS F 139 -33.53 -58.78 1.72
N GLU F 140 -32.81 -58.64 0.60
CA GLU F 140 -32.31 -59.80 -0.14
C GLU F 140 -31.14 -60.48 0.57
N ARG F 141 -30.67 -59.90 1.67
CA ARG F 141 -29.75 -60.56 2.61
C ARG F 141 -30.47 -61.46 3.64
N GLY F 142 -31.80 -61.57 3.50
CA GLY F 142 -32.60 -62.41 4.39
C GLY F 142 -32.78 -61.74 5.72
N LYS F 143 -33.15 -60.47 5.70
CA LYS F 143 -33.27 -59.69 6.91
C LYS F 143 -34.62 -59.01 6.96
N THR F 144 -34.95 -58.42 8.11
CA THR F 144 -36.22 -57.76 8.29
C THR F 144 -36.11 -56.26 8.06
N PHE F 145 -37.14 -55.68 7.45
CA PHE F 145 -37.22 -54.23 7.31
C PHE F 145 -38.56 -53.64 7.77
N ILE F 146 -38.48 -52.52 8.48
CA ILE F 146 -39.66 -51.79 8.93
C ILE F 146 -39.65 -50.40 8.32
N LEU F 147 -40.75 -50.02 7.68
CA LEU F 147 -40.79 -48.74 7.07
C LEU F 147 -41.67 -47.79 7.88
N ASN F 148 -41.18 -46.58 8.05
CA ASN F 148 -41.86 -45.51 8.74
C ASN F 148 -42.18 -44.37 7.76
N LEU F 149 -43.44 -43.96 7.64
CA LEU F 149 -43.79 -43.08 6.50
C LEU F 149 -43.41 -41.60 6.70
N TYR F 150 -43.47 -41.15 7.95
CA TYR F 150 -43.20 -39.74 8.31
C TYR F 150 -42.16 -39.60 9.43
N HIS F 151 -41.14 -38.79 9.18
CA HIS F 151 -40.08 -38.52 10.15
C HIS F 151 -39.65 -37.04 10.13
N TRP F 152 -40.68 -36.19 10.05
CA TRP F 152 -40.70 -34.74 10.35
C TRP F 152 -40.74 -33.79 9.14
N PRO F 153 -39.83 -33.98 8.16
CA PRO F 153 -39.91 -33.02 7.08
C PRO F 153 -41.16 -33.18 6.22
N LEU F 154 -41.67 -32.04 5.78
CA LEU F 154 -42.83 -31.95 4.94
C LEU F 154 -42.42 -31.28 3.64
N PRO F 155 -43.10 -31.64 2.53
CA PRO F 155 -43.04 -30.85 1.32
C PRO F 155 -43.18 -29.33 1.52
N LEU F 156 -42.43 -28.56 0.75
CA LEU F 156 -42.56 -27.12 0.79
C LEU F 156 -43.95 -26.61 0.39
N TRP F 157 -44.61 -27.35 -0.49
CA TRP F 157 -45.99 -27.04 -0.87
C TRP F 157 -47.05 -27.41 0.19
N ILE F 158 -46.59 -28.10 1.23
CA ILE F 158 -47.38 -28.45 2.41
C ILE F 158 -47.10 -27.47 3.52
N HIS F 159 -45.84 -27.05 3.65
CA HIS F 159 -45.42 -26.19 4.77
C HIS F 159 -44.24 -25.28 4.40
N ASP F 160 -44.41 -23.97 4.58
CA ASP F 160 -43.35 -22.96 4.37
C ASP F 160 -43.12 -22.25 5.71
N PRO F 161 -42.23 -22.79 6.56
CA PRO F 161 -42.12 -22.36 7.96
C PRO F 161 -41.58 -20.93 8.13
N ILE F 162 -40.83 -20.46 7.14
CA ILE F 162 -40.29 -19.11 7.20
C ILE F 162 -41.45 -18.12 7.12
N ALA F 163 -42.29 -18.30 6.09
CA ALA F 163 -43.49 -17.50 5.86
C ALA F 163 -44.48 -17.61 7.02
N VAL F 164 -44.77 -18.85 7.42
CA VAL F 164 -45.71 -19.08 8.50
C VAL F 164 -45.28 -18.28 9.74
N ARG F 165 -43.98 -18.33 10.08
CA ARG F 165 -43.51 -17.58 11.25
C ARG F 165 -43.64 -16.06 11.12
N LYS F 166 -43.31 -15.48 9.95
CA LYS F 166 -43.40 -14.01 9.75
C LYS F 166 -44.81 -13.48 9.61
N LEU F 167 -45.63 -14.18 8.82
CA LEU F 167 -46.95 -13.68 8.44
C LEU F 167 -48.09 -14.40 9.17
N GLY F 168 -47.82 -15.55 9.78
CA GLY F 168 -48.86 -16.33 10.45
C GLY F 168 -49.40 -17.43 9.53
N PRO F 169 -50.03 -18.46 10.12
CA PRO F 169 -50.52 -19.64 9.37
C PRO F 169 -51.61 -19.43 8.29
N ASP F 170 -52.33 -18.31 8.34
CA ASP F 170 -53.35 -18.04 7.32
C ASP F 170 -52.71 -17.54 6.00
N ALA F 171 -51.43 -17.20 6.03
CA ALA F 171 -50.73 -16.57 4.90
C ALA F 171 -49.85 -17.52 4.10
N ALA F 172 -49.69 -18.76 4.56
CA ALA F 172 -48.83 -19.71 3.84
C ALA F 172 -49.27 -21.15 4.11
N PRO F 173 -48.66 -22.12 3.38
CA PRO F 173 -48.88 -23.54 3.67
C PRO F 173 -48.52 -23.85 5.14
N ALA F 174 -49.52 -24.15 5.97
CA ALA F 174 -49.35 -24.16 7.45
C ALA F 174 -48.86 -25.49 8.06
N GLY F 175 -48.80 -26.52 7.23
CA GLY F 175 -48.26 -27.79 7.65
C GLY F 175 -49.34 -28.63 8.28
N TRP F 176 -49.09 -29.13 9.49
CA TRP F 176 -50.12 -29.90 10.21
C TRP F 176 -51.25 -29.03 10.81
N LEU F 177 -51.22 -27.73 10.52
CA LEU F 177 -52.31 -26.86 10.91
C LEU F 177 -53.40 -26.85 9.85
N ASP F 178 -53.05 -27.14 8.60
CA ASP F 178 -54.03 -27.18 7.51
C ASP F 178 -54.59 -28.58 7.43
N GLU F 179 -55.90 -28.67 7.63
CA GLU F 179 -56.59 -29.94 7.60
C GLU F 179 -56.38 -30.66 6.23
N LYS F 180 -56.19 -29.87 5.17
CA LYS F 180 -55.79 -30.35 3.83
C LYS F 180 -54.58 -31.29 3.77
N THR F 181 -53.61 -31.06 4.64
CA THR F 181 -52.33 -31.79 4.66
C THR F 181 -52.53 -33.28 4.94
N VAL F 182 -53.56 -33.58 5.71
CA VAL F 182 -53.85 -34.93 6.18
C VAL F 182 -54.24 -35.81 5.01
N VAL F 183 -55.11 -35.26 4.16
CA VAL F 183 -55.61 -35.96 2.99
C VAL F 183 -54.46 -36.28 2.05
N GLU F 184 -53.57 -35.32 1.86
CA GLU F 184 -52.46 -35.48 0.92
C GLU F 184 -51.48 -36.53 1.43
N PHE F 185 -51.31 -36.55 2.76
CA PHE F 185 -50.49 -37.55 3.42
C PHE F 185 -51.09 -38.95 3.19
N VAL F 186 -52.39 -39.07 3.41
CA VAL F 186 -53.10 -40.33 3.13
C VAL F 186 -52.87 -40.86 1.71
N LYS F 187 -52.87 -39.96 0.73
CA LYS F 187 -52.56 -40.37 -0.64
C LYS F 187 -51.15 -40.93 -0.68
N PHE F 188 -50.25 -40.24 0.01
CA PHE F 188 -48.86 -40.62 0.11
C PHE F 188 -48.72 -42.01 0.72
N ALA F 189 -49.47 -42.27 1.78
CA ALA F 189 -49.42 -43.57 2.44
C ALA F 189 -49.86 -44.68 1.51
N ALA F 190 -50.99 -44.48 0.86
CA ALA F 190 -51.52 -45.49 -0.06
C ALA F 190 -50.55 -45.72 -1.23
N PHE F 191 -50.04 -44.62 -1.79
CA PHE F 191 -49.06 -44.71 -2.86
C PHE F 191 -47.93 -45.65 -2.47
N VAL F 192 -47.42 -45.46 -1.24
CA VAL F 192 -46.22 -46.17 -0.74
C VAL F 192 -46.53 -47.63 -0.42
N ALA F 193 -47.67 -47.87 0.22
CA ALA F 193 -48.14 -49.24 0.45
C ALA F 193 -48.22 -50.01 -0.86
N TYR F 194 -48.94 -49.45 -1.82
CA TYR F 194 -49.16 -50.07 -3.11
C TYR F 194 -47.85 -50.49 -3.76
N HIS F 195 -46.83 -49.65 -3.68
CA HIS F 195 -45.60 -49.88 -4.42
C HIS F 195 -44.55 -50.72 -3.70
N LEU F 196 -44.48 -50.61 -2.38
CA LEU F 196 -43.35 -51.16 -1.64
C LEU F 196 -43.68 -52.25 -0.63
N ASP F 197 -44.91 -52.74 -0.65
CA ASP F 197 -45.30 -53.67 0.39
C ASP F 197 -44.52 -54.97 0.29
N ASP F 198 -44.08 -55.30 -0.92
CA ASP F 198 -43.32 -56.53 -1.12
C ASP F 198 -41.96 -56.50 -0.43
N LEU F 199 -41.46 -55.32 -0.09
CA LEU F 199 -40.19 -55.16 0.64
C LEU F 199 -40.32 -54.86 2.14
N VAL F 200 -41.53 -54.59 2.63
CA VAL F 200 -41.76 -54.17 4.00
C VAL F 200 -42.33 -55.29 4.83
N ASP F 201 -41.76 -55.59 5.99
CA ASP F 201 -42.35 -56.55 6.93
C ASP F 201 -43.38 -55.96 7.90
N MET F 202 -43.25 -54.67 8.17
CA MET F 202 -44.03 -54.13 9.21
C MET F 202 -43.99 -52.57 9.06
N TRP F 203 -45.12 -51.89 9.34
CA TRP F 203 -45.25 -50.42 9.09
C TRP F 203 -45.40 -49.52 10.33
N SER F 204 -44.96 -48.28 10.18
CA SER F 204 -45.22 -47.26 11.13
C SER F 204 -45.64 -46.08 10.32
N THR F 205 -46.72 -45.45 10.76
CA THR F 205 -47.28 -44.29 10.09
C THR F 205 -46.40 -43.06 10.25
N MET F 206 -45.73 -42.94 11.38
CA MET F 206 -45.01 -41.70 11.68
C MET F 206 -44.10 -41.88 12.89
N ASN F 207 -43.30 -40.86 13.17
CA ASN F 207 -42.23 -40.90 14.18
C ASN F 207 -42.28 -39.71 15.14
N GLU F 208 -42.40 -39.97 16.43
CA GLU F 208 -42.40 -38.89 17.43
C GLU F 208 -43.29 -37.65 17.10
N PRO F 209 -44.57 -37.88 16.77
CA PRO F 209 -45.43 -36.72 16.41
C PRO F 209 -45.61 -35.72 17.56
N ASN F 210 -45.65 -36.25 18.77
CA ASN F 210 -45.61 -35.41 19.97
C ASN F 210 -44.40 -34.46 20.01
N VAL F 211 -43.24 -34.89 19.52
CA VAL F 211 -42.09 -34.00 19.44
C VAL F 211 -42.37 -32.89 18.41
N VAL F 212 -43.04 -33.26 17.31
CA VAL F 212 -43.29 -32.33 16.22
C VAL F 212 -44.19 -31.20 16.67
N TYR F 213 -45.37 -31.54 17.16
CA TYR F 213 -46.32 -30.50 17.59
C TYR F 213 -45.87 -29.70 18.81
N ASN F 214 -45.25 -30.36 19.79
CA ASN F 214 -44.84 -29.64 20.99
C ASN F 214 -43.65 -28.72 20.73
N GLN F 215 -42.62 -29.22 20.06
CA GLN F 215 -41.39 -28.44 19.78
C GLN F 215 -41.59 -27.36 18.73
N GLY F 216 -42.44 -27.64 17.74
CA GLY F 216 -42.73 -26.68 16.69
C GLY F 216 -43.55 -25.47 17.11
N TYR F 217 -44.46 -25.64 18.07
CA TYR F 217 -45.44 -24.62 18.41
C TYR F 217 -45.47 -24.20 19.89
N ILE F 218 -44.61 -24.78 20.74
CA ILE F 218 -44.52 -24.41 22.18
C ILE F 218 -43.08 -24.15 22.68
N ASN F 219 -42.20 -25.15 22.66
CA ASN F 219 -40.79 -24.98 23.05
C ASN F 219 -39.99 -24.37 21.91
N LEU F 220 -40.13 -23.06 21.72
CA LEU F 220 -39.39 -22.32 20.68
C LEU F 220 -37.88 -22.50 20.75
N ALA F 221 -37.34 -22.61 21.98
CA ALA F 221 -35.90 -22.80 22.20
C ALA F 221 -35.33 -24.01 21.44
N SER F 222 -36.21 -24.91 21.00
CA SER F 222 -35.82 -26.16 20.37
C SER F 222 -35.26 -26.01 18.95
N GLY F 223 -35.54 -24.88 18.32
CA GLY F 223 -35.19 -24.68 16.93
C GLY F 223 -36.00 -25.52 15.97
N PHE F 224 -37.22 -25.93 16.35
CA PHE F 224 -38.10 -26.66 15.42
C PHE F 224 -38.95 -25.66 14.66
N PRO F 225 -39.29 -25.99 13.42
CA PRO F 225 -40.24 -25.18 12.70
C PRO F 225 -41.69 -25.47 13.12
N PRO F 226 -42.61 -24.50 12.88
CA PRO F 226 -42.28 -23.17 12.34
C PRO F 226 -41.84 -22.14 13.37
N GLY F 227 -41.66 -22.56 14.62
CA GLY F 227 -41.08 -21.71 15.64
C GLY F 227 -41.92 -20.48 15.99
N PHE F 228 -43.19 -20.69 16.34
CA PHE F 228 -44.03 -19.62 16.93
C PHE F 228 -44.93 -20.17 18.01
N LEU F 229 -45.20 -19.35 19.02
CA LEU F 229 -45.78 -19.83 20.27
C LEU F 229 -47.31 -19.78 20.25
N SER F 230 -47.94 -20.95 20.36
CA SER F 230 -49.39 -21.05 20.42
C SER F 230 -49.84 -22.46 20.80
N PHE F 231 -50.40 -22.61 22.01
CA PHE F 231 -50.95 -23.89 22.48
C PHE F 231 -52.10 -24.37 21.59
N GLU F 232 -52.85 -23.41 21.06
CA GLU F 232 -53.95 -23.70 20.12
C GLU F 232 -53.38 -24.35 18.85
N ALA F 233 -52.31 -23.78 18.29
CA ALA F 233 -51.60 -24.36 17.14
C ALA F 233 -51.14 -25.80 17.44
N ALA F 234 -50.45 -25.98 18.57
CA ALA F 234 -50.03 -27.32 19.00
C ALA F 234 -51.20 -28.32 19.07
N GLU F 235 -52.31 -27.93 19.70
CA GLU F 235 -53.49 -28.80 19.85
C GLU F 235 -54.05 -29.22 18.48
N LYS F 236 -54.10 -28.25 17.57
CA LYS F 236 -54.60 -28.45 16.20
C LYS F 236 -53.71 -29.39 15.40
N ALA F 237 -52.40 -29.20 15.55
CA ALA F 237 -51.42 -30.05 14.89
C ALA F 237 -51.54 -31.49 15.43
N LYS F 238 -51.57 -31.61 16.75
CA LYS F 238 -51.80 -32.90 17.41
C LYS F 238 -53.03 -33.57 16.85
N PHE F 239 -54.12 -32.81 16.76
CA PHE F 239 -55.37 -33.37 16.25
C PHE F 239 -55.25 -33.88 14.81
N ASN F 240 -54.69 -33.07 13.92
CA ASN F 240 -54.47 -33.52 12.55
C ASN F 240 -53.45 -34.65 12.40
N LEU F 241 -52.51 -34.78 13.32
CA LEU F 241 -51.56 -35.90 13.26
C LEU F 241 -52.21 -37.24 13.65
N ILE F 242 -53.19 -37.16 14.53
CA ILE F 242 -54.02 -38.30 14.90
C ILE F 242 -54.83 -38.78 13.68
N GLN F 243 -55.42 -37.82 12.96
CA GLN F 243 -56.19 -38.09 11.72
C GLN F 243 -55.29 -38.69 10.66
N ALA F 244 -54.14 -38.04 10.45
CA ALA F 244 -53.15 -38.57 9.50
C ALA F 244 -52.80 -40.01 9.82
N HIS F 245 -52.61 -40.35 11.09
CA HIS F 245 -52.31 -41.72 11.46
C HIS F 245 -53.45 -42.70 11.13
N ILE F 246 -54.63 -42.36 11.61
CA ILE F 246 -55.83 -43.16 11.34
C ILE F 246 -56.02 -43.41 9.83
N GLY F 247 -55.99 -42.33 9.05
CA GLY F 247 -56.13 -42.40 7.59
C GLY F 247 -55.06 -43.22 6.89
N ALA F 248 -53.81 -42.96 7.26
CA ALA F 248 -52.68 -43.75 6.76
C ALA F 248 -52.78 -45.24 7.16
N TYR F 249 -53.25 -45.51 8.38
CA TYR F 249 -53.47 -46.89 8.81
C TYR F 249 -54.46 -47.59 7.85
N ASP F 250 -55.58 -46.93 7.56
CA ASP F 250 -56.57 -47.49 6.64
C ASP F 250 -56.06 -47.61 5.21
N ALA F 251 -55.27 -46.65 4.76
CA ALA F 251 -54.66 -46.69 3.42
C ALA F 251 -53.68 -47.85 3.24
N ILE F 252 -52.83 -48.07 4.24
CA ILE F 252 -51.86 -49.15 4.20
C ILE F 252 -52.57 -50.50 4.22
N LYS F 253 -53.60 -50.59 5.05
CA LYS F 253 -54.36 -51.84 5.17
C LYS F 253 -55.08 -52.20 3.89
N GLU F 254 -55.40 -51.20 3.09
CA GLU F 254 -56.12 -51.46 1.86
C GLU F 254 -55.20 -52.07 0.79
N TYR F 255 -53.89 -51.93 0.94
CA TYR F 255 -52.92 -52.48 -0.03
C TYR F 255 -51.89 -53.41 0.58
N SER F 256 -52.09 -53.80 1.84
CA SER F 256 -51.10 -54.62 2.54
C SER F 256 -51.79 -55.32 3.70
N GLU F 257 -51.31 -56.51 4.05
CA GLU F 257 -51.94 -57.32 5.09
C GLU F 257 -51.05 -57.40 6.34
N LYS F 258 -50.22 -56.38 6.52
CA LYS F 258 -49.15 -56.40 7.53
C LYS F 258 -49.43 -55.52 8.74
N SER F 259 -48.61 -55.69 9.78
CA SER F 259 -48.81 -54.99 11.03
C SER F 259 -48.50 -53.52 10.85
N VAL F 260 -49.42 -52.67 11.27
CA VAL F 260 -49.22 -51.23 11.17
C VAL F 260 -49.32 -50.63 12.57
N GLY F 261 -48.38 -49.74 12.87
CA GLY F 261 -48.30 -49.12 14.18
C GLY F 261 -47.81 -47.69 14.06
N VAL F 262 -47.28 -47.20 15.18
CA VAL F 262 -46.75 -45.83 15.26
C VAL F 262 -45.52 -45.88 16.14
N ILE F 263 -44.63 -44.89 15.95
CA ILE F 263 -43.40 -44.74 16.72
C ILE F 263 -43.45 -43.42 17.47
N TYR F 264 -43.19 -43.47 18.78
CA TYR F 264 -43.51 -42.36 19.66
C TYR F 264 -42.40 -42.04 20.63
N ALA F 265 -42.32 -40.79 21.07
CA ALA F 265 -41.33 -40.37 22.05
C ALA F 265 -41.86 -40.55 23.47
N PHE F 266 -41.34 -41.56 24.16
CA PHE F 266 -41.78 -41.88 25.49
C PHE F 266 -40.77 -41.45 26.54
N ALA F 267 -40.91 -40.22 27.00
CA ALA F 267 -40.18 -39.81 28.20
C ALA F 267 -40.77 -40.59 29.38
N TRP F 268 -39.92 -41.05 30.30
CA TRP F 268 -40.42 -41.58 31.58
C TRP F 268 -40.54 -40.45 32.59
N HIS F 269 -41.70 -40.32 33.22
CA HIS F 269 -41.98 -39.23 34.16
C HIS F 269 -41.90 -39.68 35.62
N ASP F 270 -41.16 -38.94 36.43
CA ASP F 270 -40.83 -39.31 37.82
C ASP F 270 -41.14 -38.17 38.77
N PRO F 271 -41.77 -38.48 39.90
CA PRO F 271 -42.01 -37.46 40.91
C PRO F 271 -40.77 -37.28 41.79
N LEU F 272 -40.33 -36.05 42.00
CA LEU F 272 -39.16 -35.82 42.86
C LEU F 272 -39.40 -36.39 44.25
N ALA F 273 -40.60 -36.14 44.77
CA ALA F 273 -41.00 -36.58 46.09
C ALA F 273 -42.31 -37.35 46.00
N GLU F 274 -42.42 -38.38 46.83
CA GLU F 274 -43.62 -39.23 47.01
C GLU F 274 -44.97 -38.49 46.97
N GLU F 275 -45.02 -37.26 47.48
CA GLU F 275 -46.28 -36.48 47.51
C GLU F 275 -46.84 -36.12 46.12
N TYR F 276 -45.99 -36.12 45.11
CA TYR F 276 -46.42 -35.78 43.76
C TYR F 276 -46.84 -36.99 42.91
N LYS F 277 -46.58 -38.20 43.40
CA LYS F 277 -46.87 -39.46 42.70
C LYS F 277 -48.16 -39.51 41.86
N ASP F 278 -49.25 -39.00 42.42
CA ASP F 278 -50.55 -38.94 41.75
C ASP F 278 -50.54 -37.94 40.62
N GLU F 279 -50.04 -36.74 40.92
CA GLU F 279 -50.07 -35.62 40.01
C GLU F 279 -49.18 -35.93 38.80
N VAL F 280 -48.08 -36.65 39.03
CA VAL F 280 -47.21 -37.10 37.93
C VAL F 280 -47.86 -38.17 37.06
N GLU F 281 -48.57 -39.12 37.66
CA GLU F 281 -49.35 -40.09 36.88
C GLU F 281 -50.38 -39.45 35.96
N GLU F 282 -50.89 -38.29 36.37
CA GLU F 282 -51.82 -37.54 35.57
C GLU F 282 -51.14 -37.03 34.31
N ILE F 283 -49.88 -36.61 34.48
CA ILE F 283 -49.04 -36.14 33.40
C ILE F 283 -48.66 -37.27 32.43
N ARG F 284 -48.33 -38.45 32.95
CA ARG F 284 -48.13 -39.63 32.09
C ARG F 284 -49.30 -39.80 31.13
N LYS F 285 -50.50 -39.72 31.68
CA LYS F 285 -51.70 -39.88 30.87
C LYS F 285 -51.78 -38.82 29.78
N LYS F 286 -51.61 -37.55 30.14
CA LYS F 286 -51.68 -36.49 29.13
C LYS F 286 -50.61 -36.65 28.07
N ASP F 287 -49.38 -36.90 28.51
CA ASP F 287 -48.24 -37.11 27.60
C ASP F 287 -48.44 -38.25 26.61
N TYR F 288 -48.95 -39.39 27.09
CA TYR F 288 -49.16 -40.55 26.23
C TYR F 288 -50.55 -40.57 25.56
N GLU F 289 -51.40 -39.58 25.88
CA GLU F 289 -52.78 -39.53 25.38
C GLU F 289 -52.86 -39.81 23.89
N PHE F 290 -51.97 -39.21 23.11
CA PHE F 290 -51.87 -39.49 21.68
C PHE F 290 -51.94 -40.99 21.34
N VAL F 291 -51.17 -41.80 22.06
CA VAL F 291 -51.16 -43.25 21.83
C VAL F 291 -52.41 -43.92 22.43
N THR F 292 -52.80 -43.51 23.65
CA THR F 292 -54.11 -43.89 24.21
C THR F 292 -55.28 -43.73 23.21
N ILE F 293 -55.37 -42.54 22.62
CA ILE F 293 -56.45 -42.13 21.72
C ILE F 293 -56.50 -42.75 20.29
N LEU F 294 -55.38 -43.35 19.83
CA LEU F 294 -55.30 -44.33 18.73
C LEU F 294 -55.59 -45.78 19.14
N HIS F 295 -55.05 -46.21 20.28
CA HIS F 295 -55.40 -47.52 20.85
C HIS F 295 -56.90 -47.68 20.88
N SER F 296 -57.59 -46.73 21.50
CA SER F 296 -59.05 -46.81 21.69
C SER F 296 -59.86 -46.82 20.37
N LYS F 297 -59.31 -46.29 19.29
CA LYS F 297 -59.97 -46.45 17.98
C LYS F 297 -59.60 -47.76 17.27
N GLY F 298 -58.81 -48.62 17.90
CA GLY F 298 -58.36 -49.87 17.27
C GLY F 298 -57.46 -49.69 16.05
N LYS F 299 -56.61 -48.65 16.07
CA LYS F 299 -55.70 -48.37 14.94
C LYS F 299 -54.21 -48.49 15.32
N LEU F 300 -53.86 -49.55 16.06
CA LEU F 300 -52.48 -49.82 16.49
C LEU F 300 -52.25 -51.30 16.61
N ASP F 301 -51.55 -51.90 15.65
CA ASP F 301 -51.21 -53.32 15.76
C ASP F 301 -49.97 -53.51 16.62
N TRP F 302 -49.14 -52.45 16.73
CA TRP F 302 -47.91 -52.49 17.53
C TRP F 302 -47.40 -51.08 17.78
N ILE F 303 -46.53 -50.93 18.79
CA ILE F 303 -46.01 -49.63 19.21
C ILE F 303 -44.49 -49.57 19.10
N GLY F 304 -44.00 -48.51 18.48
CA GLY F 304 -42.59 -48.24 18.45
C GLY F 304 -42.18 -47.39 19.63
N VAL F 305 -41.48 -48.00 20.58
CA VAL F 305 -41.01 -47.27 21.75
C VAL F 305 -39.67 -46.61 21.43
N ASN F 306 -39.63 -45.30 21.62
CA ASN F 306 -38.42 -44.54 21.54
C ASN F 306 -38.13 -44.03 22.92
N TYR F 307 -37.14 -44.63 23.58
CA TYR F 307 -36.76 -44.19 24.93
C TYR F 307 -35.27 -43.79 25.00
N TYR F 308 -35.02 -42.71 25.74
CA TYR F 308 -33.68 -42.12 25.92
C TYR F 308 -33.38 -41.74 27.41
N SER F 309 -34.30 -41.00 28.03
CA SER F 309 -34.14 -40.59 29.41
C SER F 309 -35.48 -40.34 30.05
N ARG F 310 -35.51 -39.50 31.09
CA ARG F 310 -36.70 -39.27 31.90
C ARG F 310 -36.89 -37.79 32.15
N LEU F 311 -37.99 -37.44 32.81
CA LEU F 311 -38.23 -36.08 33.32
C LEU F 311 -38.60 -36.18 34.79
N VAL F 312 -38.02 -35.32 35.64
CA VAL F 312 -38.32 -35.34 37.08
C VAL F 312 -39.07 -34.09 37.49
N TYR F 313 -40.20 -34.26 38.17
CA TYR F 313 -41.07 -33.15 38.51
C TYR F 313 -41.04 -32.78 39.99
N GLY F 314 -41.06 -31.48 40.23
CA GLY F 314 -41.12 -30.90 41.57
C GLY F 314 -41.78 -29.53 41.56
N ALA F 315 -41.88 -28.92 42.72
CA ALA F 315 -42.55 -27.66 42.81
C ALA F 315 -41.59 -26.53 42.52
N LEU F 320 -46.00 -27.06 39.54
CA LEU F 320 -45.42 -28.39 39.33
C LEU F 320 -44.81 -28.56 37.93
N VAL F 321 -43.48 -28.59 37.86
CA VAL F 321 -42.75 -28.57 36.58
C VAL F 321 -41.54 -29.50 36.56
N PRO F 322 -41.11 -29.91 35.34
CA PRO F 322 -39.91 -30.71 35.18
C PRO F 322 -38.67 -29.95 35.61
N LEU F 323 -37.88 -30.55 36.49
CA LEU F 323 -36.75 -29.88 37.15
C LEU F 323 -35.43 -30.01 36.40
N PRO F 324 -34.66 -28.90 36.35
CA PRO F 324 -33.34 -29.01 35.77
C PRO F 324 -32.44 -29.94 36.59
N GLY F 325 -31.43 -30.53 35.94
CA GLY F 325 -30.47 -31.44 36.56
C GLY F 325 -30.94 -32.87 36.61
N TYR F 326 -32.00 -33.17 35.86
CA TYR F 326 -32.56 -34.52 35.82
C TYR F 326 -33.05 -34.87 34.43
N GLY F 327 -32.72 -36.09 33.98
CA GLY F 327 -33.23 -36.60 32.72
C GLY F 327 -32.75 -35.79 31.54
N PHE F 328 -33.68 -35.40 30.67
CA PHE F 328 -33.39 -34.56 29.51
C PHE F 328 -32.91 -33.15 29.83
N MET F 329 -32.83 -32.79 31.10
CA MET F 329 -32.49 -31.43 31.46
C MET F 329 -31.25 -31.41 32.35
N SER F 330 -30.34 -32.35 32.09
CA SER F 330 -29.10 -32.46 32.84
C SER F 330 -28.05 -31.72 32.05
N GLU F 331 -26.92 -31.44 32.69
CA GLU F 331 -25.83 -30.74 32.04
C GLU F 331 -25.21 -31.59 30.94
N ARG F 332 -24.99 -30.97 29.80
CA ARG F 332 -24.39 -31.64 28.66
C ARG F 332 -23.00 -32.13 28.97
N GLY F 333 -22.79 -33.44 28.86
CA GLY F 333 -21.47 -34.03 29.07
C GLY F 333 -21.05 -34.08 30.54
N GLY F 334 -21.99 -33.77 31.43
CA GLY F 334 -21.75 -33.70 32.87
C GLY F 334 -22.41 -34.80 33.67
N PHE F 335 -22.97 -34.42 34.82
CA PHE F 335 -23.69 -35.39 35.67
C PHE F 335 -25.01 -34.82 36.14
N ALA F 336 -26.03 -35.66 36.21
CA ALA F 336 -27.33 -35.20 36.67
C ALA F 336 -27.21 -35.07 38.17
N LYS F 337 -28.21 -34.47 38.78
CA LYS F 337 -28.25 -34.36 40.24
C LYS F 337 -28.20 -35.73 40.88
N SER F 338 -28.78 -36.72 40.20
CA SER F 338 -28.82 -38.07 40.71
C SER F 338 -27.43 -38.64 40.85
N GLY F 339 -26.48 -38.09 40.11
CA GLY F 339 -25.14 -38.63 40.09
C GLY F 339 -24.90 -39.52 38.90
N ARG F 340 -25.95 -39.78 38.12
CA ARG F 340 -25.78 -40.47 36.84
C ARG F 340 -25.16 -39.53 35.83
N PRO F 341 -24.29 -40.05 34.95
CA PRO F 341 -23.76 -39.20 33.88
C PRO F 341 -24.81 -38.87 32.82
N ALA F 342 -24.61 -37.79 32.07
CA ALA F 342 -25.51 -37.43 31.00
C ALA F 342 -24.80 -37.43 29.63
N SER F 343 -25.57 -37.69 28.56
CA SER F 343 -25.05 -37.64 27.20
C SER F 343 -24.62 -36.25 26.78
N ASP F 344 -23.93 -36.17 25.67
CA ASP F 344 -23.54 -34.88 25.09
C ASP F 344 -24.77 -34.00 24.90
N PHE F 345 -25.95 -34.61 24.83
CA PHE F 345 -27.20 -33.84 24.68
C PHE F 345 -27.73 -33.38 26.04
N GLY F 346 -27.09 -33.85 27.10
CA GLY F 346 -27.45 -33.49 28.46
C GLY F 346 -28.65 -34.28 28.89
N TRP F 347 -28.66 -35.56 28.52
CA TRP F 347 -29.75 -36.45 28.85
C TRP F 347 -29.23 -37.52 29.78
N GLU F 348 -29.82 -37.59 30.96
CA GLU F 348 -29.42 -38.55 31.98
C GLU F 348 -29.39 -40.00 31.47
N MET F 349 -28.45 -40.77 31.99
CA MET F 349 -28.40 -42.21 31.77
C MET F 349 -29.37 -42.85 32.78
N TYR F 350 -30.44 -43.46 32.29
CA TYR F 350 -31.47 -43.97 33.19
C TYR F 350 -32.19 -45.19 32.64
N PRO F 351 -31.48 -46.33 32.58
CA PRO F 351 -32.13 -47.58 32.12
C PRO F 351 -33.39 -48.00 32.93
N GLU F 352 -33.42 -47.70 34.23
CA GLU F 352 -34.61 -47.94 35.06
C GLU F 352 -35.92 -47.43 34.43
N GLY F 353 -35.90 -46.24 33.83
CA GLY F 353 -37.09 -45.63 33.22
C GLY F 353 -37.72 -46.44 32.10
N LEU F 354 -36.85 -47.14 31.35
CA LEU F 354 -37.26 -47.98 30.23
C LEU F 354 -37.93 -49.24 30.74
N GLU F 355 -37.33 -49.84 31.77
CA GLU F 355 -37.91 -50.99 32.46
C GLU F 355 -39.28 -50.60 33.02
N ASN F 356 -39.37 -49.49 33.77
CA ASN F 356 -40.68 -49.03 34.27
C ASN F 356 -41.64 -48.76 33.13
N LEU F 357 -41.17 -48.06 32.09
CA LEU F 357 -42.02 -47.67 30.95
C LEU F 357 -42.65 -48.85 30.23
N LEU F 358 -41.84 -49.87 29.91
CA LEU F 358 -42.32 -51.05 29.21
C LEU F 358 -43.41 -51.79 29.99
N LYS F 359 -43.29 -51.86 31.31
CA LYS F 359 -44.34 -52.47 32.13
C LYS F 359 -45.58 -51.57 32.17
N TYR F 360 -45.41 -50.27 32.29
CA TYR F 360 -46.52 -49.32 32.17
C TYR F 360 -47.32 -49.44 30.84
N LEU F 361 -46.60 -49.60 29.71
CA LEU F 361 -47.23 -49.63 28.36
C LEU F 361 -47.86 -50.99 28.03
N ASN F 362 -47.27 -52.06 28.56
CA ASN F 362 -47.82 -53.38 28.42
C ASN F 362 -49.10 -53.51 29.24
N ASN F 363 -49.10 -53.03 30.50
CA ASN F 363 -50.31 -53.00 31.36
C ASN F 363 -51.38 -52.09 30.71
N ALA F 364 -50.96 -50.92 30.24
CA ALA F 364 -51.90 -49.92 29.70
C ALA F 364 -52.52 -50.30 28.34
N TYR F 365 -51.75 -50.95 27.47
CA TYR F 365 -52.18 -51.19 26.10
C TYR F 365 -52.22 -52.66 25.66
N GLU F 366 -51.45 -53.52 26.33
CA GLU F 366 -51.36 -54.95 26.00
C GLU F 366 -51.05 -55.24 24.53
N LEU F 367 -50.18 -54.42 23.94
CA LEU F 367 -49.81 -54.53 22.52
C LEU F 367 -48.38 -54.99 22.31
N PRO F 368 -48.07 -55.58 21.14
CA PRO F 368 -46.65 -55.86 20.81
C PRO F 368 -45.78 -54.60 20.65
N MET F 369 -44.60 -54.60 21.27
CA MET F 369 -43.73 -53.41 21.26
C MET F 369 -42.37 -53.68 20.66
N ILE F 370 -41.81 -52.65 20.04
CA ILE F 370 -40.41 -52.72 19.63
C ILE F 370 -39.71 -51.44 20.06
N ILE F 371 -38.55 -51.59 20.65
CA ILE F 371 -37.74 -50.45 20.99
C ILE F 371 -37.19 -49.97 19.64
N THR F 372 -37.85 -48.96 19.09
CA THR F 372 -37.53 -48.46 17.75
C THR F 372 -36.44 -47.37 17.78
N GLU F 373 -36.04 -46.95 19.00
CA GLU F 373 -35.03 -45.92 19.13
C GLU F 373 -34.50 -45.96 20.57
N ASN F 374 -33.19 -46.17 20.71
CA ASN F 374 -32.51 -46.09 22.01
C ASN F 374 -31.00 -46.02 21.80
N GLY F 375 -30.39 -45.00 22.37
CA GLY F 375 -28.96 -44.72 22.18
C GLY F 375 -28.56 -43.46 22.89
N MET F 376 -27.36 -42.95 22.62
CA MET F 376 -26.95 -41.70 23.24
C MET F 376 -25.89 -40.96 22.48
N ALA F 377 -25.93 -39.63 22.59
CA ALA F 377 -24.91 -38.76 22.04
C ALA F 377 -23.65 -38.85 22.91
N ASP F 378 -22.62 -39.46 22.32
CA ASP F 378 -21.37 -39.72 23.00
C ASP F 378 -20.31 -39.79 21.92
N ALA F 379 -19.62 -38.68 21.68
CA ALA F 379 -18.55 -38.64 20.65
C ALA F 379 -17.35 -39.54 21.02
N ALA F 380 -17.15 -39.65 22.33
CA ALA F 380 -16.01 -40.36 22.90
C ALA F 380 -16.25 -41.85 23.15
N ASP F 381 -17.45 -42.36 22.96
CA ASP F 381 -17.72 -43.76 23.30
C ASP F 381 -17.39 -44.04 24.79
N ARG F 382 -17.35 -42.99 25.59
CA ARG F 382 -17.11 -43.12 27.01
C ARG F 382 -18.18 -43.96 27.70
N TYR F 383 -19.44 -43.75 27.34
CA TYR F 383 -20.54 -44.39 28.06
C TYR F 383 -21.36 -45.34 27.20
N ARG F 384 -21.35 -45.13 25.89
CA ARG F 384 -22.19 -45.95 25.04
C ARG F 384 -22.19 -47.45 25.42
N PRO F 385 -21.00 -48.07 25.54
CA PRO F 385 -21.02 -49.49 25.94
C PRO F 385 -21.89 -49.86 27.15
N HIS F 386 -21.75 -49.13 28.25
CA HIS F 386 -22.62 -49.37 29.42
C HIS F 386 -24.09 -49.02 29.08
N TYR F 387 -24.29 -47.96 28.29
CA TYR F 387 -25.66 -47.52 27.94
C TYR F 387 -26.43 -48.65 27.26
N LEU F 388 -25.72 -49.29 26.35
CA LEU F 388 -26.24 -50.39 25.57
C LEU F 388 -26.67 -51.53 26.49
N VAL F 389 -25.72 -51.99 27.30
CA VAL F 389 -25.90 -53.19 28.08
C VAL F 389 -26.89 -52.91 29.19
N SER F 390 -26.81 -51.74 29.80
CA SER F 390 -27.77 -51.40 30.87
C SER F 390 -29.19 -51.40 30.32
N HIS F 391 -29.38 -50.80 29.15
CA HIS F 391 -30.72 -50.65 28.59
C HIS F 391 -31.29 -51.96 28.04
N LEU F 392 -30.43 -52.82 27.48
CA LEU F 392 -30.86 -54.17 27.08
C LEU F 392 -31.30 -55.00 28.30
N LYS F 393 -30.58 -54.85 29.41
CA LYS F 393 -30.97 -55.47 30.66
C LYS F 393 -32.37 -54.98 31.11
N ALA F 394 -32.61 -53.67 31.02
CA ALA F 394 -33.92 -53.07 31.33
C ALA F 394 -35.06 -53.63 30.49
N VAL F 395 -34.79 -53.93 29.22
CA VAL F 395 -35.80 -54.55 28.34
C VAL F 395 -36.03 -56.01 28.78
N TYR F 396 -34.94 -56.75 28.92
CA TYR F 396 -34.97 -58.13 29.38
C TYR F 396 -35.74 -58.31 30.69
N ASN F 397 -35.56 -57.39 31.64
CA ASN F 397 -36.35 -57.40 32.89
C ASN F 397 -37.85 -57.19 32.64
N ALA F 398 -38.18 -56.21 31.79
CA ALA F 398 -39.58 -55.87 31.53
C ALA F 398 -40.31 -57.04 30.89
N MET F 399 -39.57 -57.78 30.04
CA MET F 399 -40.12 -58.95 29.33
C MET F 399 -40.44 -60.13 30.24
N LYS F 400 -39.59 -60.31 31.26
CA LYS F 400 -39.78 -61.34 32.29
C LYS F 400 -41.05 -61.09 33.07
N GLU F 401 -41.40 -59.83 33.27
CA GLU F 401 -42.63 -59.49 33.97
C GLU F 401 -43.80 -59.34 33.03
N GLY F 402 -43.66 -59.85 31.81
CA GLY F 402 -44.78 -60.01 30.87
C GLY F 402 -44.86 -59.04 29.69
N ALA F 403 -43.99 -58.04 29.65
CA ALA F 403 -44.01 -57.06 28.58
C ALA F 403 -43.73 -57.76 27.24
N ASP F 404 -44.57 -57.49 26.24
CA ASP F 404 -44.40 -58.14 24.93
C ASP F 404 -43.47 -57.34 24.01
N VAL F 405 -42.17 -57.58 24.13
CA VAL F 405 -41.18 -56.85 23.34
C VAL F 405 -40.54 -57.76 22.30
N ARG F 406 -40.68 -57.39 21.02
CA ARG F 406 -40.24 -58.23 19.91
C ARG F 406 -38.91 -57.82 19.27
N GLY F 407 -38.32 -56.74 19.76
CA GLY F 407 -36.99 -56.35 19.27
C GLY F 407 -36.42 -55.07 19.88
N TYR F 408 -35.17 -54.79 19.55
CA TYR F 408 -34.47 -53.60 19.99
C TYR F 408 -33.68 -53.04 18.81
N LEU F 409 -33.93 -51.78 18.50
CA LEU F 409 -33.23 -51.08 17.42
C LEU F 409 -32.48 -49.89 18.00
N HIS F 410 -31.15 -49.90 17.89
CA HIS F 410 -30.33 -48.83 18.46
C HIS F 410 -30.44 -47.62 17.54
N TRP F 411 -30.31 -46.42 18.11
CA TRP F 411 -30.16 -45.21 17.31
C TRP F 411 -28.81 -44.64 17.63
N SER F 412 -27.83 -44.87 16.75
CA SER F 412 -28.03 -45.48 15.45
C SER F 412 -26.75 -46.11 15.00
N LEU F 413 -26.75 -46.75 13.84
CA LEU F 413 -25.53 -47.37 13.34
C LEU F 413 -24.47 -46.31 13.20
N THR F 414 -24.78 -45.30 12.39
CA THR F 414 -23.84 -44.23 12.09
C THR F 414 -24.27 -42.88 12.64
N ASP F 415 -23.30 -41.99 12.75
CA ASP F 415 -23.55 -40.61 13.13
C ASP F 415 -24.34 -40.03 12.00
N ASN F 416 -25.09 -38.98 12.32
CA ASN F 416 -26.00 -38.38 11.36
C ASN F 416 -26.33 -36.96 11.81
N TYR F 417 -27.28 -36.31 11.14
CA TYR F 417 -27.56 -34.88 11.35
C TYR F 417 -28.65 -34.71 12.40
N GLU F 418 -28.26 -34.32 13.62
CA GLU F 418 -29.21 -34.17 14.71
C GLU F 418 -29.88 -32.83 14.64
N TRP F 419 -30.69 -32.68 13.58
CA TRP F 419 -31.58 -31.55 13.39
C TRP F 419 -30.96 -30.15 13.72
N ALA F 420 -31.55 -29.43 14.68
CA ALA F 420 -31.11 -28.07 14.99
C ALA F 420 -29.73 -28.06 15.66
N GLN F 421 -29.32 -29.19 16.21
CA GLN F 421 -28.04 -29.35 16.84
C GLN F 421 -26.89 -29.76 15.88
N GLY F 422 -27.20 -29.98 14.61
CA GLY F 422 -26.17 -30.32 13.65
C GLY F 422 -25.49 -31.63 13.98
N PHE F 423 -24.19 -31.70 13.70
CA PHE F 423 -23.42 -32.94 13.80
C PHE F 423 -22.78 -33.15 15.18
N ARG F 424 -22.81 -32.13 16.05
CA ARG F 424 -22.14 -32.20 17.37
C ARG F 424 -22.75 -33.30 18.29
N MET F 425 -24.02 -33.67 18.04
CA MET F 425 -24.62 -34.82 18.72
C MET F 425 -24.40 -36.08 17.88
N ARG F 426 -23.49 -36.94 18.32
CA ARG F 426 -23.11 -38.12 17.55
C ARG F 426 -23.62 -39.37 18.24
N PHE F 427 -24.64 -40.00 17.65
CA PHE F 427 -25.34 -41.15 18.28
C PHE F 427 -24.89 -42.53 17.77
N GLY F 428 -23.93 -42.54 16.83
CA GLY F 428 -23.55 -43.74 16.09
C GLY F 428 -22.72 -44.74 16.87
N LEU F 429 -23.01 -46.02 16.67
CA LEU F 429 -22.06 -47.10 17.00
C LEU F 429 -20.87 -47.02 16.02
N VAL F 430 -21.10 -46.31 14.92
CA VAL F 430 -20.10 -46.09 13.92
C VAL F 430 -19.89 -44.59 13.80
N TYR F 431 -18.64 -44.17 13.98
CA TYR F 431 -18.27 -42.80 13.71
C TYR F 431 -18.25 -42.59 12.21
N VAL F 432 -18.59 -41.38 11.78
CA VAL F 432 -18.47 -40.98 10.40
C VAL F 432 -17.74 -39.66 10.26
N ASP F 433 -16.69 -39.67 9.43
CA ASP F 433 -15.96 -38.47 9.06
C ASP F 433 -16.74 -37.77 7.95
N PHE F 434 -17.47 -36.71 8.31
CA PHE F 434 -18.36 -36.06 7.34
C PHE F 434 -17.66 -35.34 6.19
N GLU F 435 -16.35 -35.17 6.26
CA GLU F 435 -15.57 -34.68 5.11
C GLU F 435 -15.27 -35.77 4.09
N THR F 436 -14.86 -36.93 4.58
CA THR F 436 -14.50 -38.07 3.72
C THR F 436 -15.63 -39.11 3.55
N LYS F 437 -16.67 -39.04 4.39
CA LYS F 437 -17.78 -39.98 4.40
C LYS F 437 -17.34 -41.38 4.80
N LYS F 438 -16.27 -41.44 5.59
CA LYS F 438 -15.69 -42.72 5.92
C LYS F 438 -16.19 -43.19 7.26
N ARG F 439 -16.45 -44.50 7.31
CA ARG F 439 -16.97 -45.17 8.48
C ARG F 439 -15.84 -45.80 9.27
N TYR F 440 -15.89 -45.57 10.59
CA TYR F 440 -14.98 -46.22 11.49
C TYR F 440 -15.81 -46.64 12.68
N LEU F 441 -15.76 -47.90 13.04
CA LEU F 441 -16.55 -48.40 14.15
C LEU F 441 -16.00 -47.92 15.49
N ARG F 442 -16.88 -47.50 16.37
CA ARG F 442 -16.50 -47.27 17.74
C ARG F 442 -16.42 -48.62 18.43
N PRO F 443 -15.59 -48.73 19.47
CA PRO F 443 -15.52 -50.00 20.19
C PRO F 443 -16.87 -50.55 20.66
N SER F 444 -17.75 -49.67 21.12
CA SER F 444 -19.08 -50.06 21.59
C SER F 444 -19.85 -50.92 20.57
N ALA F 445 -19.47 -50.78 19.29
CA ALA F 445 -20.09 -51.57 18.22
C ALA F 445 -19.82 -53.06 18.38
N LEU F 446 -18.82 -53.42 19.17
CA LEU F 446 -18.44 -54.84 19.36
C LEU F 446 -19.09 -55.53 20.55
N VAL F 447 -19.80 -54.75 21.36
CA VAL F 447 -20.70 -55.30 22.35
C VAL F 447 -21.75 -56.13 21.60
N SER F 448 -22.14 -55.62 20.44
CA SER F 448 -23.16 -56.20 19.52
C SER F 448 -22.76 -57.51 18.78
N VAL F 449 -21.47 -57.84 18.76
CA VAL F 449 -20.93 -59.03 18.03
C VAL F 449 -20.85 -60.23 18.99
N LYS F 450 -21.22 -59.97 20.24
CA LYS F 450 -21.79 -61.00 21.13
C LYS F 450 -23.22 -60.60 21.50
N LYS G 3 -33.91 -40.83 -52.46
CA LYS G 3 -34.46 -41.82 -51.46
C LYS G 3 -33.42 -42.87 -51.12
N PHE G 4 -33.45 -43.32 -49.88
CA PHE G 4 -32.59 -44.40 -49.44
C PHE G 4 -33.49 -45.62 -49.23
N PRO G 5 -32.95 -46.84 -49.36
CA PRO G 5 -33.70 -48.05 -49.09
C PRO G 5 -34.56 -48.00 -47.85
N LYS G 6 -35.51 -48.90 -47.78
CA LYS G 6 -36.50 -48.94 -46.71
C LYS G 6 -35.86 -49.20 -45.37
N ASN G 7 -34.81 -50.02 -45.38
CA ASN G 7 -34.18 -50.43 -44.14
C ASN G 7 -32.91 -49.62 -43.77
N PHE G 8 -32.68 -48.50 -44.44
CA PHE G 8 -31.47 -47.72 -44.25
C PHE G 8 -31.54 -46.87 -43.00
N MET G 9 -30.58 -47.02 -42.10
CA MET G 9 -30.68 -46.43 -40.76
C MET G 9 -30.03 -45.06 -40.72
N PHE G 10 -30.72 -44.11 -40.07
CA PHE G 10 -30.13 -42.80 -39.74
C PHE G 10 -30.00 -42.66 -38.23
N GLY G 11 -28.92 -42.02 -37.77
CA GLY G 11 -28.65 -41.97 -36.35
C GLY G 11 -27.40 -41.24 -35.93
N TYR G 12 -26.74 -41.76 -34.89
CA TYR G 12 -25.57 -41.08 -34.29
C TYR G 12 -24.74 -42.00 -33.36
N SER G 13 -23.57 -41.54 -32.98
CA SER G 13 -22.67 -42.37 -32.25
C SER G 13 -22.09 -41.61 -31.09
N TRP G 14 -21.79 -42.34 -30.02
CA TRP G 14 -21.24 -41.75 -28.82
C TRP G 14 -20.29 -42.76 -28.28
N SER G 15 -19.40 -42.26 -27.45
CA SER G 15 -18.43 -43.06 -26.74
C SER G 15 -18.45 -42.64 -25.31
N GLY G 16 -18.14 -43.57 -24.41
CA GLY G 16 -18.27 -43.35 -22.95
C GLY G 16 -17.44 -42.23 -22.34
N PHE G 17 -16.18 -42.16 -22.76
CA PHE G 17 -15.28 -41.16 -22.21
C PHE G 17 -15.76 -39.74 -22.56
N GLN G 18 -16.28 -39.55 -23.77
CA GLN G 18 -16.57 -38.22 -24.25
C GLN G 18 -17.99 -37.70 -23.79
N PHE G 19 -18.85 -38.60 -23.32
CA PHE G 19 -20.27 -38.32 -23.17
C PHE G 19 -20.74 -38.57 -21.73
N GLU G 20 -20.34 -39.70 -21.16
CA GLU G 20 -20.94 -40.16 -19.94
C GLU G 20 -20.83 -39.10 -18.84
N MET G 21 -19.60 -38.60 -18.63
CA MET G 21 -19.27 -37.82 -17.42
C MET G 21 -19.75 -36.39 -17.51
N GLY G 22 -19.95 -35.75 -16.36
CA GLY G 22 -20.45 -34.38 -16.37
C GLY G 22 -21.17 -33.93 -15.11
N LEU G 23 -21.87 -34.84 -14.45
CA LEU G 23 -22.36 -34.56 -13.08
C LEU G 23 -21.78 -35.57 -12.11
N PRO G 24 -21.64 -35.17 -10.82
CA PRO G 24 -21.01 -36.12 -9.86
C PRO G 24 -21.69 -37.48 -9.73
N GLY G 25 -20.89 -38.53 -9.49
CA GLY G 25 -21.36 -39.91 -9.58
C GLY G 25 -20.85 -40.61 -10.82
N SER G 26 -20.60 -39.83 -11.86
CA SER G 26 -20.31 -40.32 -13.22
C SER G 26 -18.87 -40.85 -13.39
N GLU G 27 -18.00 -40.46 -12.48
CA GLU G 27 -16.62 -40.24 -12.83
C GLU G 27 -15.91 -41.57 -12.87
N VAL G 28 -14.90 -41.75 -13.71
CA VAL G 28 -14.25 -43.05 -13.85
C VAL G 28 -12.78 -43.02 -14.20
N GLU G 29 -11.99 -43.66 -13.37
CA GLU G 29 -10.56 -43.69 -13.57
C GLU G 29 -10.20 -44.59 -14.74
N SER G 30 -9.33 -44.08 -15.60
CA SER G 30 -8.82 -44.79 -16.76
C SER G 30 -7.42 -44.28 -17.05
N ASP G 31 -6.69 -44.89 -17.97
CA ASP G 31 -5.45 -44.28 -18.46
C ASP G 31 -5.74 -42.85 -19.04
N TRP G 32 -6.78 -42.69 -19.86
CA TRP G 32 -7.08 -41.39 -20.45
C TRP G 32 -7.41 -40.33 -19.40
N TRP G 33 -8.16 -40.71 -18.37
CA TRP G 33 -8.52 -39.78 -17.30
C TRP G 33 -7.26 -39.19 -16.65
N VAL G 34 -6.40 -40.08 -16.20
CA VAL G 34 -5.16 -39.65 -15.61
C VAL G 34 -4.44 -38.72 -16.58
N TRP G 35 -4.42 -39.09 -17.84
CA TRP G 35 -3.68 -38.37 -18.85
C TRP G 35 -4.15 -36.92 -19.06
N VAL G 36 -5.46 -36.70 -19.14
CA VAL G 36 -5.98 -35.34 -19.25
C VAL G 36 -5.96 -34.54 -17.95
N HIS G 37 -5.73 -35.20 -16.81
CA HIS G 37 -5.53 -34.49 -15.52
C HIS G 37 -4.07 -34.19 -15.16
N ASP G 38 -3.14 -34.90 -15.78
CA ASP G 38 -1.71 -34.74 -15.54
C ASP G 38 -1.26 -33.30 -15.64
N LYS G 39 -0.66 -32.81 -14.55
CA LYS G 39 -0.20 -31.43 -14.45
C LYS G 39 0.76 -31.09 -15.55
N GLU G 40 1.76 -31.94 -15.73
CA GLU G 40 2.77 -31.72 -16.77
C GLU G 40 2.10 -31.49 -18.10
N ASN G 41 1.19 -32.38 -18.44
CA ASN G 41 0.54 -32.36 -19.74
C ASN G 41 -0.25 -31.12 -19.93
N ILE G 42 -1.03 -30.74 -18.92
CA ILE G 42 -1.85 -29.50 -18.99
C ILE G 42 -0.97 -28.25 -19.18
N ALA G 43 0.04 -28.14 -18.32
CA ALA G 43 0.96 -26.99 -18.33
C ALA G 43 1.69 -26.83 -19.67
N SER G 44 2.11 -27.95 -20.29
CA SER G 44 2.86 -27.89 -21.55
C SER G 44 1.95 -27.73 -22.76
N GLY G 45 0.65 -27.60 -22.54
CA GLY G 45 -0.29 -27.37 -23.63
C GLY G 45 -0.62 -28.62 -24.42
N LEU G 46 -0.12 -29.76 -23.97
CA LEU G 46 -0.29 -31.02 -24.71
C LEU G 46 -1.72 -31.48 -24.63
N VAL G 47 -2.42 -31.10 -23.57
CA VAL G 47 -3.87 -31.28 -23.51
C VAL G 47 -4.53 -29.97 -23.17
N SER G 48 -5.80 -29.89 -23.49
CA SER G 48 -6.60 -28.68 -23.30
C SER G 48 -6.61 -28.18 -21.91
N GLY G 49 -6.63 -29.07 -20.95
CA GLY G 49 -6.88 -28.65 -19.55
C GLY G 49 -8.38 -28.60 -19.21
N ASP G 50 -9.24 -28.65 -20.22
CA ASP G 50 -10.60 -29.07 -20.03
C ASP G 50 -10.64 -30.48 -19.45
N LEU G 51 -11.73 -30.80 -18.74
CA LEU G 51 -11.84 -32.11 -18.11
C LEU G 51 -13.17 -32.79 -18.44
N PRO G 52 -13.14 -34.14 -18.59
CA PRO G 52 -14.32 -34.86 -18.99
C PRO G 52 -15.45 -34.91 -17.95
N GLU G 53 -15.11 -34.75 -16.68
CA GLU G 53 -16.14 -34.59 -15.64
C GLU G 53 -17.00 -33.32 -15.78
N ASN G 54 -16.66 -32.46 -16.76
CA ASN G 54 -17.45 -31.26 -17.08
C ASN G 54 -18.20 -31.43 -18.36
N GLY G 55 -18.41 -32.69 -18.74
CA GLY G 55 -18.99 -33.02 -20.02
C GLY G 55 -20.49 -32.99 -20.00
N PRO G 56 -21.12 -33.59 -21.00
CA PRO G 56 -22.56 -33.45 -21.26
C PRO G 56 -23.39 -34.34 -20.36
N ALA G 57 -22.73 -35.16 -19.52
CA ALA G 57 -23.40 -35.96 -18.49
C ALA G 57 -24.46 -36.91 -19.00
N TYR G 58 -24.16 -37.62 -20.09
CA TYR G 58 -25.14 -38.51 -20.73
C TYR G 58 -25.53 -39.63 -19.78
N TRP G 59 -24.60 -39.99 -18.89
CA TRP G 59 -24.83 -41.03 -17.88
C TRP G 59 -26.11 -40.73 -17.08
N HIS G 60 -26.36 -39.45 -16.81
CA HIS G 60 -27.60 -39.03 -16.16
C HIS G 60 -28.68 -38.61 -17.14
N LEU G 61 -28.31 -37.87 -18.19
CA LEU G 61 -29.30 -37.20 -19.03
C LEU G 61 -29.61 -37.90 -20.35
N TYR G 62 -29.58 -39.22 -20.36
CA TYR G 62 -29.70 -39.97 -21.59
C TYR G 62 -31.13 -39.93 -22.13
N LYS G 63 -32.09 -39.87 -21.21
CA LYS G 63 -33.51 -39.85 -21.52
C LYS G 63 -33.89 -38.69 -22.47
N GLN G 64 -33.48 -37.46 -22.14
CA GLN G 64 -33.71 -36.29 -23.04
C GLN G 64 -33.08 -36.48 -24.38
N ASP G 65 -31.80 -36.89 -24.37
CA ASP G 65 -31.00 -37.00 -25.60
C ASP G 65 -31.65 -38.01 -26.55
N HIS G 66 -32.05 -39.14 -26.00
CA HIS G 66 -32.81 -40.13 -26.73
C HIS G 66 -34.07 -39.48 -27.29
N ASP G 67 -34.88 -38.83 -26.44
CA ASP G 67 -36.11 -38.12 -26.90
C ASP G 67 -35.83 -37.23 -28.12
N ILE G 68 -34.80 -36.40 -28.00
CA ILE G 68 -34.40 -35.53 -29.09
C ILE G 68 -34.07 -36.31 -30.36
N ALA G 69 -33.23 -37.34 -30.23
CA ALA G 69 -32.89 -38.12 -31.42
C ALA G 69 -34.14 -38.74 -32.05
N GLU G 70 -35.04 -39.22 -31.19
CA GLU G 70 -36.22 -39.91 -31.68
C GLU G 70 -36.96 -38.96 -32.55
N LYS G 71 -37.27 -37.79 -32.01
CA LYS G 71 -38.11 -36.87 -32.75
C LYS G 71 -37.41 -36.23 -33.90
N LEU G 72 -36.12 -36.49 -34.04
CA LEU G 72 -35.36 -36.02 -35.18
C LEU G 72 -35.34 -37.08 -36.26
N GLY G 73 -36.14 -38.12 -36.05
CA GLY G 73 -36.31 -39.19 -37.04
C GLY G 73 -35.23 -40.24 -37.01
N MET G 74 -34.37 -40.19 -36.01
CA MET G 74 -33.28 -41.16 -35.92
C MET G 74 -33.82 -42.49 -35.42
N ASP G 75 -33.27 -43.58 -35.95
CA ASP G 75 -33.73 -44.95 -35.66
C ASP G 75 -32.62 -45.87 -35.15
N CYS G 76 -31.38 -45.40 -35.19
CA CYS G 76 -30.21 -46.21 -34.79
C CYS G 76 -29.21 -45.39 -34.04
N ILE G 77 -28.69 -45.94 -32.95
CA ILE G 77 -27.56 -45.34 -32.22
C ILE G 77 -26.45 -46.33 -32.08
N ARG G 78 -25.21 -45.84 -32.15
CA ARG G 78 -24.08 -46.67 -31.84
C ARG G 78 -23.38 -46.04 -30.68
N GLY G 79 -23.27 -46.81 -29.61
CA GLY G 79 -22.72 -46.29 -28.39
C GLY G 79 -21.76 -47.30 -27.81
N GLY G 80 -21.22 -46.99 -26.63
CA GLY G 80 -20.22 -47.83 -26.06
C GLY G 80 -20.50 -48.35 -24.67
N ILE G 81 -19.52 -49.11 -24.17
CA ILE G 81 -19.49 -49.56 -22.82
C ILE G 81 -18.04 -49.51 -22.41
N GLU G 82 -17.76 -48.92 -21.23
CA GLU G 82 -16.38 -48.65 -20.81
C GLU G 82 -15.80 -49.73 -19.88
N TRP G 83 -14.78 -50.42 -20.39
CA TRP G 83 -14.06 -51.46 -19.67
C TRP G 83 -13.79 -51.04 -18.24
N ALA G 84 -13.14 -49.88 -18.10
CA ALA G 84 -12.68 -49.37 -16.81
C ALA G 84 -13.82 -49.05 -15.92
N ARG G 85 -15.01 -48.84 -16.49
CA ARG G 85 -16.20 -48.67 -15.66
C ARG G 85 -16.74 -49.99 -15.17
N ILE G 86 -16.51 -51.06 -15.91
CA ILE G 86 -17.12 -52.35 -15.56
C ILE G 86 -16.18 -53.14 -14.61
N PHE G 87 -14.87 -53.01 -14.84
CA PHE G 87 -13.89 -53.69 -14.07
C PHE G 87 -12.86 -52.72 -13.50
N PRO G 88 -13.30 -51.88 -12.56
CA PRO G 88 -12.34 -51.02 -11.92
C PRO G 88 -11.23 -51.80 -11.26
N LYS G 89 -11.54 -53.02 -10.74
CA LYS G 89 -10.55 -53.91 -10.12
C LYS G 89 -10.11 -54.96 -11.11
N PRO G 90 -8.81 -55.37 -11.08
CA PRO G 90 -8.19 -56.28 -12.06
C PRO G 90 -8.88 -57.62 -12.17
N THR G 91 -8.83 -58.22 -13.35
CA THR G 91 -9.45 -59.52 -13.63
C THR G 91 -8.42 -60.67 -13.69
N PHE G 92 -7.14 -60.34 -13.58
CA PHE G 92 -6.05 -61.30 -13.83
C PHE G 92 -6.21 -62.58 -13.03
N ASP G 93 -6.70 -62.47 -11.79
CA ASP G 93 -6.79 -63.63 -10.88
C ASP G 93 -7.92 -64.60 -11.21
N VAL G 94 -8.90 -64.18 -12.01
CA VAL G 94 -9.93 -65.09 -12.52
C VAL G 94 -9.35 -65.82 -13.72
N LYS G 95 -8.88 -67.05 -13.50
CA LYS G 95 -8.05 -67.76 -14.48
C LYS G 95 -8.86 -68.36 -15.63
N VAL G 96 -8.25 -68.35 -16.81
CA VAL G 96 -8.88 -68.93 -17.96
C VAL G 96 -7.91 -69.77 -18.79
N ASP G 97 -8.45 -70.80 -19.40
CA ASP G 97 -7.67 -71.70 -20.24
C ASP G 97 -7.42 -71.05 -21.55
N VAL G 98 -6.15 -70.85 -21.86
CA VAL G 98 -5.76 -70.11 -23.04
C VAL G 98 -4.81 -70.97 -23.84
N GLU G 99 -5.15 -71.21 -25.10
CA GLU G 99 -4.35 -72.10 -25.95
C GLU G 99 -3.47 -71.27 -26.88
N LYS G 100 -2.15 -71.57 -26.91
CA LYS G 100 -1.21 -70.95 -27.88
C LYS G 100 -0.54 -72.00 -28.71
N ASP G 101 -0.05 -71.56 -29.85
CA ASP G 101 0.77 -72.39 -30.72
C ASP G 101 2.26 -72.15 -30.46
N GLU G 102 3.08 -72.82 -31.27
CA GLU G 102 4.55 -72.75 -31.19
C GLU G 102 5.16 -71.34 -31.13
N GLU G 103 4.82 -70.52 -32.12
CA GLU G 103 5.35 -69.16 -32.27
C GLU G 103 4.95 -68.21 -31.13
N GLY G 104 3.90 -68.55 -30.40
CA GLY G 104 3.39 -67.71 -29.32
C GLY G 104 2.18 -66.89 -29.78
N ASN G 105 1.33 -67.50 -30.62
CA ASN G 105 0.06 -66.88 -31.05
C ASN G 105 -1.05 -67.34 -30.12
N ILE G 106 -2.19 -66.67 -30.16
CA ILE G 106 -3.30 -67.12 -29.37
C ILE G 106 -4.31 -67.81 -30.28
N ILE G 107 -4.66 -69.04 -29.96
CA ILE G 107 -5.66 -69.77 -30.74
C ILE G 107 -7.07 -69.62 -30.09
N SER G 108 -7.15 -69.63 -28.77
CA SER G 108 -8.44 -69.55 -28.07
C SER G 108 -8.27 -69.05 -26.65
N VAL G 109 -9.39 -68.80 -25.99
CA VAL G 109 -9.44 -68.29 -24.66
C VAL G 109 -10.79 -68.70 -24.08
N ASP G 110 -10.88 -69.86 -23.44
CA ASP G 110 -12.21 -70.36 -23.03
C ASP G 110 -12.68 -69.48 -21.91
N VAL G 111 -13.93 -69.02 -22.00
CA VAL G 111 -14.57 -68.25 -20.94
C VAL G 111 -16.00 -68.80 -20.72
N PRO G 112 -16.13 -69.91 -19.99
CA PRO G 112 -17.42 -70.52 -19.74
C PRO G 112 -18.31 -69.71 -18.85
N GLU G 113 -19.49 -70.23 -18.64
CA GLU G 113 -20.48 -69.54 -17.86
C GLU G 113 -20.02 -69.37 -16.41
N SER G 114 -19.25 -70.33 -15.91
CA SER G 114 -18.72 -70.26 -14.55
C SER G 114 -17.74 -69.08 -14.38
N THR G 115 -16.83 -68.90 -15.33
CA THR G 115 -15.93 -67.76 -15.28
C THR G 115 -16.69 -66.44 -15.24
N ILE G 116 -17.77 -66.34 -16.01
CA ILE G 116 -18.61 -65.13 -15.98
C ILE G 116 -19.13 -64.86 -14.55
N LYS G 117 -19.48 -65.93 -13.82
CA LYS G 117 -19.94 -65.79 -12.44
C LYS G 117 -18.84 -65.31 -11.49
N GLU G 118 -17.63 -65.80 -11.70
CA GLU G 118 -16.50 -65.37 -10.91
C GLU G 118 -16.20 -63.91 -11.18
N LEU G 119 -16.45 -63.48 -12.40
CA LEU G 119 -16.20 -62.11 -12.78
C LEU G 119 -17.25 -61.22 -12.20
N GLU G 120 -18.47 -61.71 -12.05
CA GLU G 120 -19.55 -60.90 -11.50
C GLU G 120 -19.24 -60.41 -10.12
N LYS G 121 -18.44 -61.18 -9.40
CA LYS G 121 -18.09 -60.87 -8.00
C LYS G 121 -17.24 -59.60 -7.88
N ILE G 122 -16.30 -59.42 -8.82
CA ILE G 122 -15.38 -58.28 -8.83
C ILE G 122 -15.78 -57.14 -9.78
N ALA G 123 -16.81 -57.37 -10.59
CA ALA G 123 -17.31 -56.34 -11.53
C ALA G 123 -18.17 -55.34 -10.82
N ASN G 124 -18.43 -54.22 -11.50
CA ASN G 124 -19.31 -53.23 -10.96
C ASN G 124 -20.67 -53.47 -11.52
N MET G 125 -21.44 -54.32 -10.87
CA MET G 125 -22.75 -54.72 -11.41
C MET G 125 -23.71 -53.55 -11.31
N GLU G 126 -23.39 -52.59 -10.48
CA GLU G 126 -24.18 -51.37 -10.40
C GLU G 126 -24.16 -50.63 -11.77
N ALA G 127 -22.95 -50.52 -12.33
CA ALA G 127 -22.72 -49.80 -13.58
C ALA G 127 -23.29 -50.54 -14.79
N LEU G 128 -23.07 -51.85 -14.82
CA LEU G 128 -23.69 -52.71 -15.79
C LEU G 128 -25.18 -52.51 -15.83
N GLU G 129 -25.84 -52.54 -14.68
CA GLU G 129 -27.31 -52.28 -14.62
C GLU G 129 -27.68 -50.93 -15.17
N HIS G 130 -26.86 -49.92 -14.92
CA HIS G 130 -27.14 -48.62 -15.51
C HIS G 130 -27.00 -48.66 -17.05
N TYR G 131 -25.99 -49.32 -17.58
CA TYR G 131 -25.91 -49.46 -19.02
C TYR G 131 -27.20 -50.09 -19.57
N ARG G 132 -27.72 -51.13 -18.92
CA ARG G 132 -28.96 -51.72 -19.36
C ARG G 132 -30.06 -50.67 -19.40
N LYS G 133 -30.20 -49.87 -18.35
CA LYS G 133 -31.24 -48.88 -18.37
C LYS G 133 -31.06 -47.99 -19.59
N ILE G 134 -29.82 -47.54 -19.83
CA ILE G 134 -29.57 -46.62 -20.90
C ILE G 134 -29.86 -47.26 -22.25
N TYR G 135 -29.38 -48.48 -22.46
CA TYR G 135 -29.67 -49.11 -23.73
C TYR G 135 -31.17 -49.35 -23.89
N SER G 136 -31.81 -49.82 -22.82
CA SER G 136 -33.25 -50.12 -22.87
C SER G 136 -34.05 -48.90 -23.18
N ASP G 137 -33.67 -47.77 -22.62
CA ASP G 137 -34.41 -46.57 -22.84
C ASP G 137 -34.61 -46.33 -24.32
N TRP G 138 -33.58 -46.66 -25.11
CA TRP G 138 -33.59 -46.45 -26.56
C TRP G 138 -34.25 -47.63 -27.29
N LYS G 139 -33.91 -48.84 -26.84
CA LYS G 139 -34.38 -50.04 -27.47
C LYS G 139 -35.87 -50.21 -27.33
N GLU G 140 -36.41 -49.90 -26.16
CA GLU G 140 -37.84 -50.09 -25.92
C GLU G 140 -38.71 -49.09 -26.68
N ARG G 141 -38.07 -48.12 -27.33
CA ARG G 141 -38.76 -47.20 -28.25
C ARG G 141 -38.94 -47.81 -29.62
N GLY G 142 -38.52 -49.06 -29.77
CA GLY G 142 -38.55 -49.75 -31.05
C GLY G 142 -37.49 -49.21 -31.98
N LYS G 143 -36.25 -49.10 -31.49
CA LYS G 143 -35.16 -48.59 -32.30
C LYS G 143 -33.97 -49.55 -32.30
N THR G 144 -32.98 -49.27 -33.13
CA THR G 144 -31.79 -50.16 -33.26
C THR G 144 -30.62 -49.64 -32.43
N PHE G 145 -29.89 -50.57 -31.80
CA PHE G 145 -28.70 -50.20 -31.05
C PHE G 145 -27.48 -51.04 -31.44
N ILE G 146 -26.35 -50.36 -31.63
CA ILE G 146 -25.06 -51.03 -31.93
C ILE G 146 -24.11 -50.77 -30.76
N LEU G 147 -23.52 -51.82 -30.18
CA LEU G 147 -22.62 -51.65 -29.12
C LEU G 147 -21.18 -51.86 -29.59
N ASN G 148 -20.30 -50.95 -29.15
CA ASN G 148 -18.87 -51.00 -29.47
C ASN G 148 -18.08 -51.21 -28.19
N LEU G 149 -17.23 -52.24 -28.13
CA LEU G 149 -16.71 -52.63 -26.80
C LEU G 149 -15.52 -51.80 -26.30
N TYR G 150 -14.71 -51.33 -27.24
CA TYR G 150 -13.53 -50.48 -26.95
C TYR G 150 -13.54 -49.12 -27.70
N HIS G 151 -13.37 -48.02 -26.95
CA HIS G 151 -13.29 -46.67 -27.53
C HIS G 151 -12.22 -45.82 -26.83
N TRP G 152 -11.08 -46.48 -26.59
CA TRP G 152 -9.74 -45.92 -26.24
C TRP G 152 -9.31 -46.04 -24.79
N PRO G 153 -10.16 -45.65 -23.85
CA PRO G 153 -9.64 -45.75 -22.49
C PRO G 153 -9.50 -47.18 -22.02
N LEU G 154 -8.45 -47.40 -21.25
CA LEU G 154 -8.14 -48.67 -20.67
C LEU G 154 -8.12 -48.51 -19.14
N PRO G 155 -8.42 -49.60 -18.40
CA PRO G 155 -8.22 -49.68 -16.98
C PRO G 155 -6.83 -49.26 -16.55
N LEU G 156 -6.76 -48.58 -15.41
CA LEU G 156 -5.46 -48.19 -14.88
C LEU G 156 -4.58 -49.39 -14.59
N TRP G 157 -5.21 -50.51 -14.24
CA TRP G 157 -4.48 -51.75 -13.96
C TRP G 157 -4.03 -52.47 -15.24
N ILE G 158 -4.48 -51.95 -16.38
CA ILE G 158 -4.05 -52.39 -17.70
C ILE G 158 -2.99 -51.45 -18.24
N HIS G 159 -3.10 -50.15 -17.96
CA HIS G 159 -2.21 -49.12 -18.55
C HIS G 159 -2.04 -47.88 -17.68
N ASP G 160 -0.79 -47.56 -17.35
CA ASP G 160 -0.46 -46.38 -16.54
C ASP G 160 0.47 -45.53 -17.41
N PRO G 161 -0.11 -44.65 -18.23
CA PRO G 161 0.63 -43.94 -19.26
C PRO G 161 1.65 -42.92 -18.73
N ILE G 162 1.42 -42.42 -17.55
CA ILE G 162 2.38 -41.50 -16.94
C ILE G 162 3.66 -42.27 -16.67
N ALA G 163 3.53 -43.40 -15.99
CA ALA G 163 4.68 -44.27 -15.64
C ALA G 163 5.37 -44.80 -16.86
N VAL G 164 4.57 -45.31 -17.79
CA VAL G 164 5.12 -45.87 -18.98
C VAL G 164 6.00 -44.83 -19.66
N ARG G 165 5.52 -43.59 -19.77
CA ARG G 165 6.32 -42.57 -20.44
C ARG G 165 7.63 -42.26 -19.73
N LYS G 166 7.61 -42.15 -18.38
CA LYS G 166 8.82 -41.79 -17.60
C LYS G 166 9.83 -42.92 -17.47
N LEU G 167 9.34 -44.12 -17.21
CA LEU G 167 10.19 -45.26 -16.92
C LEU G 167 10.30 -46.27 -18.05
N GLY G 168 9.41 -46.20 -19.04
CA GLY G 168 9.39 -47.15 -20.15
C GLY G 168 8.41 -48.29 -19.88
N PRO G 169 7.98 -49.00 -20.93
CA PRO G 169 6.95 -50.04 -20.84
C PRO G 169 7.26 -51.26 -19.94
N ASP G 170 8.52 -51.51 -19.65
CA ASP G 170 8.90 -52.68 -18.83
C ASP G 170 8.63 -52.41 -17.36
N ALA G 171 8.36 -51.17 -17.04
CA ALA G 171 8.26 -50.74 -15.65
C ALA G 171 6.82 -50.57 -15.17
N ALA G 172 5.86 -50.67 -16.06
CA ALA G 172 4.46 -50.42 -15.66
C ALA G 172 3.51 -51.17 -16.56
N PRO G 173 2.22 -51.23 -16.16
CA PRO G 173 1.19 -51.72 -17.08
C PRO G 173 1.23 -51.02 -18.47
N ALA G 174 1.65 -51.74 -19.51
CA ALA G 174 2.04 -51.13 -20.82
C ALA G 174 0.89 -50.97 -21.85
N GLY G 175 -0.28 -51.49 -21.52
CA GLY G 175 -1.46 -51.27 -22.31
C GLY G 175 -1.48 -52.29 -23.41
N TRP G 176 -1.65 -51.83 -24.65
CA TRP G 176 -1.67 -52.75 -25.78
C TRP G 176 -0.27 -53.27 -26.16
N LEU G 177 0.75 -52.90 -25.38
CA LEU G 177 2.07 -53.47 -25.54
C LEU G 177 2.18 -54.80 -24.79
N ASP G 178 1.39 -54.99 -23.73
CA ASP G 178 1.43 -56.21 -22.94
C ASP G 178 0.47 -57.19 -23.54
N GLU G 179 1.02 -58.32 -23.97
CA GLU G 179 0.22 -59.37 -24.56
C GLU G 179 -0.89 -59.87 -23.58
N LYS G 180 -0.62 -59.79 -22.27
CA LYS G 180 -1.57 -60.08 -21.16
C LYS G 180 -2.93 -59.27 -21.28
N THR G 181 -2.89 -58.07 -21.86
CA THR G 181 -4.06 -57.17 -21.96
C THR G 181 -5.16 -57.72 -22.84
N VAL G 182 -4.74 -58.47 -23.84
CA VAL G 182 -5.63 -59.00 -24.85
C VAL G 182 -6.58 -60.04 -24.23
N VAL G 183 -6.01 -60.93 -23.42
CA VAL G 183 -6.73 -61.97 -22.75
C VAL G 183 -7.78 -61.35 -21.83
N GLU G 184 -7.39 -60.33 -21.12
CA GLU G 184 -8.31 -59.69 -20.16
C GLU G 184 -9.46 -59.01 -20.90
N PHE G 185 -9.15 -58.43 -22.06
CA PHE G 185 -10.14 -57.79 -22.91
C PHE G 185 -11.13 -58.84 -23.37
N VAL G 186 -10.60 -59.97 -23.84
CA VAL G 186 -11.45 -61.10 -24.22
C VAL G 186 -12.44 -61.55 -23.13
N LYS G 187 -11.99 -61.56 -21.89
CA LYS G 187 -12.89 -61.83 -20.78
C LYS G 187 -14.01 -60.76 -20.71
N PHE G 188 -13.58 -59.52 -20.91
CA PHE G 188 -14.46 -58.38 -20.90
C PHE G 188 -15.51 -58.53 -22.00
N ALA G 189 -15.08 -58.94 -23.19
CA ALA G 189 -16.00 -59.08 -24.32
C ALA G 189 -17.07 -60.14 -24.00
N ALA G 190 -16.63 -61.30 -23.50
CA ALA G 190 -17.54 -62.41 -23.23
C ALA G 190 -18.49 -62.03 -22.10
N PHE G 191 -17.95 -61.37 -21.07
CA PHE G 191 -18.77 -60.85 -19.98
C PHE G 191 -19.93 -60.01 -20.55
N VAL G 192 -19.60 -59.12 -21.49
CA VAL G 192 -20.53 -58.14 -22.00
C VAL G 192 -21.54 -58.80 -22.93
N ALA G 193 -21.06 -59.69 -23.78
CA ALA G 193 -21.95 -60.45 -24.65
C ALA G 193 -22.99 -61.16 -23.80
N TYR G 194 -22.49 -61.90 -22.82
CA TYR G 194 -23.32 -62.74 -21.97
C TYR G 194 -24.44 -61.95 -21.33
N HIS G 195 -24.15 -60.73 -20.92
CA HIS G 195 -25.12 -59.93 -20.14
C HIS G 195 -26.02 -59.03 -20.95
N LEU G 196 -25.54 -58.52 -22.07
CA LEU G 196 -26.28 -57.46 -22.78
C LEU G 196 -26.76 -57.82 -24.21
N ASP G 197 -26.69 -59.08 -24.60
CA ASP G 197 -26.96 -59.41 -26.00
C ASP G 197 -28.42 -59.20 -26.31
N ASP G 198 -29.26 -59.32 -25.28
CA ASP G 198 -30.68 -59.07 -25.46
C ASP G 198 -31.02 -57.62 -25.87
N LEU G 199 -30.12 -56.68 -25.63
CA LEU G 199 -30.31 -55.27 -25.99
C LEU G 199 -29.49 -54.80 -27.20
N VAL G 200 -28.59 -55.63 -27.72
CA VAL G 200 -27.72 -55.25 -28.82
C VAL G 200 -28.13 -55.88 -30.15
N ASP G 201 -28.28 -55.09 -31.21
CA ASP G 201 -28.58 -55.63 -32.57
C ASP G 201 -27.33 -56.01 -33.40
N MET G 202 -26.20 -55.35 -33.14
CA MET G 202 -24.98 -55.55 -33.87
C MET G 202 -23.81 -55.14 -32.98
N TRP G 203 -22.67 -55.82 -33.16
CA TRP G 203 -21.49 -55.54 -32.38
C TRP G 203 -20.30 -54.96 -33.17
N SER G 204 -19.48 -54.19 -32.45
CA SER G 204 -18.20 -53.80 -32.92
C SER G 204 -17.25 -54.03 -31.75
N THR G 205 -16.10 -54.63 -32.05
CA THR G 205 -15.14 -54.97 -31.08
C THR G 205 -14.48 -53.73 -30.57
N MET G 206 -14.32 -52.71 -31.41
CA MET G 206 -13.47 -51.60 -31.06
C MET G 206 -13.60 -50.45 -32.06
N ASN G 207 -12.96 -49.31 -31.76
CA ASN G 207 -13.14 -48.08 -32.50
C ASN G 207 -11.81 -47.40 -32.85
N GLU G 208 -11.58 -47.16 -34.14
CA GLU G 208 -10.35 -46.49 -34.60
C GLU G 208 -9.01 -46.99 -33.94
N PRO G 209 -8.78 -48.29 -33.95
CA PRO G 209 -7.55 -48.79 -33.32
C PRO G 209 -6.30 -48.25 -33.96
N ASN G 210 -6.37 -48.04 -35.27
CA ASN G 210 -5.32 -47.35 -35.99
C ASN G 210 -4.98 -45.97 -35.43
N VAL G 211 -5.99 -45.27 -34.91
CA VAL G 211 -5.74 -43.98 -34.28
C VAL G 211 -5.06 -44.15 -32.93
N VAL G 212 -5.43 -45.21 -32.22
CA VAL G 212 -4.81 -45.51 -30.95
C VAL G 212 -3.31 -45.80 -31.07
N TYR G 213 -2.93 -46.83 -31.85
CA TYR G 213 -1.51 -47.17 -31.96
C TYR G 213 -0.66 -46.10 -32.60
N ASN G 214 -1.17 -45.44 -33.64
CA ASN G 214 -0.36 -44.47 -34.35
C ASN G 214 -0.14 -43.25 -33.53
N GLN G 215 -1.21 -42.70 -32.98
CA GLN G 215 -1.16 -41.44 -32.22
C GLN G 215 -0.47 -41.61 -30.89
N GLY G 216 -0.65 -42.77 -30.28
CA GLY G 216 -0.06 -43.04 -28.97
C GLY G 216 1.46 -43.22 -28.99
N TYR G 217 1.99 -43.76 -30.08
CA TYR G 217 3.36 -44.22 -30.12
C TYR G 217 4.19 -43.65 -31.28
N ILE G 218 3.59 -42.80 -32.11
CA ILE G 218 4.31 -42.12 -33.22
C ILE G 218 4.10 -40.62 -33.30
N ASN G 219 2.88 -40.16 -33.56
CA ASN G 219 2.63 -38.70 -33.54
C ASN G 219 2.36 -38.15 -32.16
N LEU G 220 3.47 -37.91 -31.45
CA LEU G 220 3.48 -37.36 -30.12
C LEU G 220 2.69 -36.07 -30.00
N ALA G 221 2.74 -35.25 -31.04
CA ALA G 221 2.04 -33.96 -31.06
C ALA G 221 0.54 -34.10 -30.75
N SER G 222 0.02 -35.33 -30.87
CA SER G 222 -1.42 -35.59 -30.80
C SER G 222 -1.98 -35.51 -29.38
N GLY G 223 -1.09 -35.60 -28.40
CA GLY G 223 -1.51 -35.65 -27.04
C GLY G 223 -2.21 -36.94 -26.68
N PHE G 224 -1.92 -38.03 -27.40
CA PHE G 224 -2.43 -39.35 -27.02
C PHE G 224 -1.47 -40.03 -26.09
N PRO G 225 -1.99 -40.87 -25.18
CA PRO G 225 -1.10 -41.68 -24.33
C PRO G 225 -0.60 -42.91 -25.08
N PRO G 226 0.57 -43.45 -24.66
CA PRO G 226 1.39 -42.93 -23.56
C PRO G 226 2.43 -41.91 -23.98
N GLY G 227 2.38 -41.50 -25.23
CA GLY G 227 3.15 -40.34 -25.66
C GLY G 227 4.64 -40.56 -25.61
N PHE G 228 5.11 -41.64 -26.25
CA PHE G 228 6.54 -41.82 -26.47
C PHE G 228 6.80 -42.46 -27.81
N LEU G 229 7.93 -42.09 -28.41
CA LEU G 229 8.17 -42.36 -29.84
C LEU G 229 8.87 -43.70 -30.10
N SER G 230 8.17 -44.59 -30.79
CA SER G 230 8.69 -45.92 -31.12
C SER G 230 7.80 -46.67 -32.12
N PHE G 231 8.31 -46.84 -33.34
CA PHE G 231 7.58 -47.58 -34.38
C PHE G 231 7.40 -49.04 -33.99
N GLU G 232 8.38 -49.56 -33.26
CA GLU G 232 8.30 -50.93 -32.75
C GLU G 232 7.11 -51.05 -31.79
N ALA G 233 6.99 -50.10 -30.88
CA ALA G 233 5.83 -50.05 -29.99
C ALA G 233 4.52 -50.04 -30.79
N ALA G 234 4.41 -49.12 -31.74
CA ALA G 234 3.22 -49.02 -32.60
C ALA G 234 2.88 -50.33 -33.26
N GLU G 235 3.87 -51.00 -33.86
CA GLU G 235 3.66 -52.26 -34.54
C GLU G 235 3.11 -53.32 -33.58
N LYS G 236 3.66 -53.35 -32.37
CA LYS G 236 3.31 -54.34 -31.37
C LYS G 236 1.89 -54.09 -30.93
N ALA G 237 1.53 -52.82 -30.75
CA ALA G 237 0.19 -52.45 -30.28
C ALA G 237 -0.82 -52.82 -31.35
N LYS G 238 -0.48 -52.46 -32.60
CA LYS G 238 -1.27 -52.88 -33.76
C LYS G 238 -1.49 -54.38 -33.75
N PHE G 239 -0.42 -55.13 -33.54
CA PHE G 239 -0.50 -56.59 -33.52
C PHE G 239 -1.45 -57.15 -32.40
N ASN G 240 -1.26 -56.71 -31.18
CA ASN G 240 -2.18 -57.08 -30.12
C ASN G 240 -3.64 -56.57 -30.28
N LEU G 241 -3.86 -55.47 -30.98
CA LEU G 241 -5.22 -55.01 -31.22
C LEU G 241 -5.94 -55.87 -32.24
N ILE G 242 -5.17 -56.42 -33.18
CA ILE G 242 -5.69 -57.41 -34.08
C ILE G 242 -6.14 -58.67 -33.31
N GLN G 243 -5.30 -59.13 -32.38
CA GLN G 243 -5.60 -60.31 -31.57
C GLN G 243 -6.81 -60.03 -30.75
N ALA G 244 -6.83 -58.89 -30.12
CA ALA G 244 -7.97 -58.52 -29.27
C ALA G 244 -9.25 -58.55 -30.05
N HIS G 245 -9.21 -58.08 -31.30
CA HIS G 245 -10.40 -58.15 -32.15
C HIS G 245 -10.85 -59.59 -32.46
N ILE G 246 -9.92 -60.38 -32.99
CA ILE G 246 -10.17 -61.76 -33.27
C ILE G 246 -10.75 -62.48 -32.03
N GLY G 247 -10.07 -62.37 -30.87
CA GLY G 247 -10.53 -62.99 -29.64
C GLY G 247 -11.89 -62.52 -29.15
N ALA G 248 -12.09 -61.22 -29.16
CA ALA G 248 -13.38 -60.65 -28.81
C ALA G 248 -14.48 -61.09 -29.84
N TYR G 249 -14.14 -61.19 -31.12
CA TYR G 249 -15.09 -61.71 -32.07
C TYR G 249 -15.56 -63.13 -31.67
N ASP G 250 -14.60 -64.01 -31.38
CA ASP G 250 -14.94 -65.38 -30.95
C ASP G 250 -15.74 -65.40 -29.63
N ALA G 251 -15.42 -64.51 -28.70
CA ALA G 251 -16.12 -64.45 -27.41
C ALA G 251 -17.57 -64.02 -27.56
N ILE G 252 -17.80 -63.01 -28.39
CA ILE G 252 -19.14 -62.52 -28.63
C ILE G 252 -19.96 -63.60 -29.32
N LYS G 253 -19.33 -64.28 -30.29
CA LYS G 253 -20.05 -65.32 -31.04
C LYS G 253 -20.41 -66.48 -30.16
N GLU G 254 -19.70 -66.68 -29.07
CA GLU G 254 -19.97 -67.77 -28.21
C GLU G 254 -21.22 -67.52 -27.34
N TYR G 255 -21.64 -66.27 -27.21
CA TYR G 255 -22.81 -65.92 -26.41
C TYR G 255 -23.83 -65.07 -27.15
N SER G 256 -23.69 -64.97 -28.47
CA SER G 256 -24.61 -64.16 -29.28
C SER G 256 -24.54 -64.66 -30.74
N GLU G 257 -25.63 -64.51 -31.48
CA GLU G 257 -25.73 -65.01 -32.84
C GLU G 257 -25.80 -63.86 -33.83
N LYS G 258 -25.21 -62.71 -33.43
CA LYS G 258 -25.35 -61.48 -34.14
C LYS G 258 -24.12 -61.08 -34.94
N SER G 259 -24.30 -60.07 -35.79
CA SER G 259 -23.24 -59.58 -36.64
C SER G 259 -22.20 -58.87 -35.83
N VAL G 260 -20.94 -59.25 -36.03
CA VAL G 260 -19.83 -58.63 -35.30
C VAL G 260 -18.86 -58.08 -36.31
N GLY G 261 -18.39 -56.88 -36.03
CA GLY G 261 -17.50 -56.16 -36.94
C GLY G 261 -16.54 -55.27 -36.18
N VAL G 262 -16.01 -54.27 -36.88
CA VAL G 262 -15.05 -53.35 -36.30
C VAL G 262 -15.27 -52.01 -36.92
N ILE G 263 -14.88 -50.96 -36.18
CA ILE G 263 -15.08 -49.57 -36.59
C ILE G 263 -13.69 -48.94 -36.74
N TYR G 264 -13.44 -48.31 -37.87
CA TYR G 264 -12.11 -47.93 -38.25
C TYR G 264 -12.02 -46.50 -38.80
N ALA G 265 -10.84 -45.88 -38.66
CA ALA G 265 -10.61 -44.52 -39.19
C ALA G 265 -10.09 -44.62 -40.61
N PHE G 266 -10.95 -44.27 -41.56
CA PHE G 266 -10.62 -44.37 -42.97
C PHE G 266 -10.36 -42.98 -43.59
N ALA G 267 -9.13 -42.53 -43.53
CA ALA G 267 -8.73 -41.33 -44.29
C ALA G 267 -8.75 -41.72 -45.76
N TRP G 268 -9.21 -40.82 -46.64
CA TRP G 268 -9.07 -41.03 -48.06
C TRP G 268 -7.76 -40.43 -48.51
N HIS G 269 -6.96 -41.21 -49.22
CA HIS G 269 -5.62 -40.80 -49.67
C HIS G 269 -5.58 -40.44 -51.17
N ASP G 270 -5.01 -39.26 -51.47
CA ASP G 270 -5.09 -38.63 -52.81
C ASP G 270 -3.68 -38.23 -53.23
N PRO G 271 -3.30 -38.54 -54.47
CA PRO G 271 -2.05 -38.08 -55.00
C PRO G 271 -2.16 -36.65 -55.51
N LEU G 272 -1.25 -35.77 -55.12
CA LEU G 272 -1.30 -34.37 -55.59
C LEU G 272 -1.27 -34.30 -57.10
N ALA G 273 -0.41 -35.12 -57.69
CA ALA G 273 -0.21 -35.20 -59.11
C ALA G 273 -0.33 -36.65 -59.55
N GLU G 274 -0.90 -36.82 -60.75
CA GLU G 274 -1.01 -38.09 -61.47
C GLU G 274 0.20 -39.06 -61.37
N GLU G 275 1.43 -38.54 -61.33
CA GLU G 275 2.63 -39.39 -61.24
C GLU G 275 2.76 -40.20 -59.94
N TYR G 276 2.09 -39.77 -58.88
CA TYR G 276 2.14 -40.48 -57.60
C TYR G 276 1.02 -41.52 -57.40
N LYS G 277 0.04 -41.53 -58.29
CA LYS G 277 -1.13 -42.45 -58.25
C LYS G 277 -0.85 -43.86 -57.73
N ASP G 278 0.22 -44.49 -58.21
CA ASP G 278 0.60 -45.86 -57.82
C ASP G 278 1.08 -45.89 -56.38
N GLU G 279 1.99 -44.97 -56.08
CA GLU G 279 2.66 -44.92 -54.82
C GLU G 279 1.63 -44.65 -53.74
N VAL G 280 0.63 -43.83 -54.05
CA VAL G 280 -0.44 -43.54 -53.11
C VAL G 280 -1.31 -44.73 -52.87
N GLU G 281 -1.65 -45.47 -53.93
CA GLU G 281 -2.38 -46.73 -53.72
C GLU G 281 -1.69 -47.73 -52.80
N GLU G 282 -0.37 -47.66 -52.78
CA GLU G 282 0.43 -48.53 -51.92
C GLU G 282 0.18 -48.17 -50.50
N ILE G 283 0.06 -46.87 -50.28
CA ILE G 283 -0.25 -46.31 -48.95
C ILE G 283 -1.66 -46.65 -48.47
N ARG G 284 -2.64 -46.58 -49.37
CA ARG G 284 -3.96 -47.07 -49.06
C ARG G 284 -3.86 -48.46 -48.42
N LYS G 285 -3.10 -49.32 -49.07
CA LYS G 285 -3.03 -50.72 -48.67
C LYS G 285 -2.47 -50.80 -47.29
N LYS G 286 -1.36 -50.11 -47.04
CA LYS G 286 -0.72 -50.13 -45.72
C LYS G 286 -1.63 -49.58 -44.65
N ASP G 287 -2.24 -48.43 -44.93
CA ASP G 287 -3.21 -47.79 -43.99
C ASP G 287 -4.41 -48.66 -43.63
N TYR G 288 -5.02 -49.33 -44.62
CA TYR G 288 -6.17 -50.19 -44.34
C TYR G 288 -5.80 -51.64 -44.01
N GLU G 289 -4.49 -51.98 -44.06
CA GLU G 289 -4.04 -53.36 -43.82
C GLU G 289 -4.73 -54.01 -42.63
N PHE G 290 -4.85 -53.28 -41.52
CA PHE G 290 -5.50 -53.76 -40.32
C PHE G 290 -6.82 -54.43 -40.70
N VAL G 291 -7.61 -53.77 -41.54
CA VAL G 291 -8.93 -54.31 -41.88
C VAL G 291 -8.78 -55.44 -42.89
N THR G 292 -7.90 -55.27 -43.87
CA THR G 292 -7.52 -56.37 -44.77
C THR G 292 -7.24 -57.65 -44.01
N ILE G 293 -6.39 -57.53 -42.98
CA ILE G 293 -5.98 -58.71 -42.21
C ILE G 293 -7.19 -59.46 -41.67
N LEU G 294 -8.05 -58.73 -40.97
CA LEU G 294 -9.16 -59.31 -40.26
C LEU G 294 -10.09 -59.90 -41.24
N HIS G 295 -10.30 -59.21 -42.36
CA HIS G 295 -11.07 -59.76 -43.47
C HIS G 295 -10.55 -61.15 -43.79
N SER G 296 -9.26 -61.26 -44.10
CA SER G 296 -8.67 -62.50 -44.57
C SER G 296 -8.73 -63.65 -43.53
N LYS G 297 -8.85 -63.32 -42.24
CA LYS G 297 -9.11 -64.36 -41.25
C LYS G 297 -10.59 -64.66 -41.06
N GLY G 298 -11.46 -64.04 -41.85
CA GLY G 298 -12.90 -64.30 -41.75
C GLY G 298 -13.51 -63.84 -40.44
N LYS G 299 -12.99 -62.76 -39.88
CA LYS G 299 -13.49 -62.21 -38.64
C LYS G 299 -14.06 -60.80 -38.80
N LEU G 300 -14.85 -60.59 -39.85
CA LEU G 300 -15.58 -59.35 -40.07
C LEU G 300 -16.92 -59.55 -40.74
N ASP G 301 -18.03 -59.45 -39.99
CA ASP G 301 -19.35 -59.58 -40.59
C ASP G 301 -19.76 -58.26 -41.23
N TRP G 302 -19.16 -57.17 -40.75
CA TRP G 302 -19.50 -55.82 -41.28
C TRP G 302 -18.43 -54.83 -40.85
N ILE G 303 -18.35 -53.67 -41.54
CA ILE G 303 -17.35 -52.65 -41.30
C ILE G 303 -17.97 -51.29 -40.95
N GLY G 304 -17.46 -50.71 -39.88
CA GLY G 304 -17.87 -49.40 -39.46
C GLY G 304 -16.94 -48.40 -40.09
N VAL G 305 -17.44 -47.68 -41.09
CA VAL G 305 -16.66 -46.62 -41.72
C VAL G 305 -16.78 -45.33 -40.92
N ASN G 306 -15.63 -44.77 -40.56
CA ASN G 306 -15.53 -43.46 -39.93
C ASN G 306 -14.81 -42.56 -40.83
N TYR G 307 -15.53 -41.65 -41.49
CA TYR G 307 -14.91 -40.78 -42.50
C TYR G 307 -15.15 -39.36 -42.13
N TYR G 308 -14.11 -38.53 -42.31
CA TYR G 308 -14.12 -37.11 -42.03
C TYR G 308 -13.48 -36.23 -43.14
N SER G 309 -12.28 -36.59 -43.54
CA SER G 309 -11.58 -35.86 -44.57
C SER G 309 -10.56 -36.78 -45.24
N ARG G 310 -9.51 -36.20 -45.80
CA ARG G 310 -8.57 -36.91 -46.68
C ARG G 310 -7.19 -36.49 -46.36
N LEU G 311 -6.21 -37.12 -46.99
CA LEU G 311 -4.80 -36.72 -46.94
C LEU G 311 -4.27 -36.61 -48.36
N VAL G 312 -3.55 -35.52 -48.68
CA VAL G 312 -3.01 -35.34 -50.03
C VAL G 312 -1.50 -35.44 -50.05
N TYR G 313 -0.96 -36.26 -50.93
CA TYR G 313 0.45 -36.54 -50.92
C TYR G 313 1.18 -35.89 -52.08
N GLY G 314 2.38 -35.43 -51.76
CA GLY G 314 3.32 -34.91 -52.73
C GLY G 314 4.75 -35.06 -52.27
N ALA G 315 5.68 -34.57 -53.07
CA ALA G 315 7.07 -34.74 -52.72
C ALA G 315 7.58 -33.65 -51.79
N LYS G 316 8.31 -34.08 -50.76
CA LYS G 316 9.08 -33.16 -49.88
C LYS G 316 10.48 -33.78 -49.73
N ASP G 317 11.53 -33.02 -50.10
CA ASP G 317 12.92 -33.45 -50.04
C ASP G 317 13.00 -34.92 -50.35
N GLY G 318 12.42 -35.30 -51.48
CA GLY G 318 12.52 -36.68 -51.99
C GLY G 318 11.54 -37.74 -51.51
N HIS G 319 11.16 -37.69 -50.24
CA HIS G 319 10.16 -38.63 -49.72
C HIS G 319 8.74 -38.10 -49.98
N LEU G 320 7.82 -39.01 -50.17
CA LEU G 320 6.47 -38.63 -50.47
C LEU G 320 5.72 -38.58 -49.17
N VAL G 321 5.14 -37.43 -48.87
CA VAL G 321 4.47 -37.21 -47.60
C VAL G 321 3.16 -36.45 -47.75
N PRO G 322 2.26 -36.59 -46.77
CA PRO G 322 1.04 -35.83 -46.73
C PRO G 322 1.30 -34.34 -46.59
N LEU G 323 0.73 -33.54 -47.49
CA LEU G 323 1.00 -32.11 -47.61
C LEU G 323 0.07 -31.21 -46.74
N PRO G 324 0.64 -30.15 -46.14
CA PRO G 324 -0.17 -29.21 -45.41
C PRO G 324 -1.06 -28.44 -46.37
N GLY G 325 -2.20 -27.96 -45.84
CA GLY G 325 -3.20 -27.25 -46.57
C GLY G 325 -4.25 -28.11 -47.24
N TYR G 326 -4.29 -29.37 -46.87
CA TYR G 326 -5.16 -30.33 -47.53
C TYR G 326 -5.66 -31.36 -46.52
N GLY G 327 -6.97 -31.63 -46.56
CA GLY G 327 -7.56 -32.67 -45.73
C GLY G 327 -7.42 -32.34 -44.27
N PHE G 328 -6.95 -33.31 -43.49
CA PHE G 328 -6.74 -33.16 -42.06
C PHE G 328 -5.69 -32.13 -41.66
N MET G 329 -5.05 -31.50 -42.63
CA MET G 329 -3.88 -30.66 -42.33
C MET G 329 -4.11 -29.26 -42.86
N SER G 330 -5.38 -28.87 -42.86
CA SER G 330 -5.75 -27.59 -43.39
C SER G 330 -5.82 -26.67 -42.20
N GLU G 331 -5.90 -25.37 -42.46
CA GLU G 331 -5.97 -24.38 -41.40
C GLU G 331 -7.28 -24.46 -40.66
N ARG G 332 -7.20 -24.41 -39.34
CA ARG G 332 -8.37 -24.48 -38.49
C ARG G 332 -9.31 -23.30 -38.68
N GLY G 333 -10.54 -23.57 -39.10
CA GLY G 333 -11.54 -22.53 -39.35
C GLY G 333 -11.32 -21.73 -40.62
N GLY G 334 -10.38 -22.19 -41.46
CA GLY G 334 -9.96 -21.48 -42.65
C GLY G 334 -10.36 -22.20 -43.94
N PHE G 335 -9.44 -22.22 -44.90
CA PHE G 335 -9.69 -22.88 -46.17
C PHE G 335 -8.50 -23.71 -46.58
N ALA G 336 -8.76 -24.85 -47.20
CA ALA G 336 -7.69 -25.70 -47.67
C ALA G 336 -7.18 -25.06 -48.92
N LYS G 337 -6.05 -25.55 -49.38
CA LYS G 337 -5.54 -25.06 -50.66
C LYS G 337 -6.51 -25.26 -51.80
N SER G 338 -7.29 -26.34 -51.72
CA SER G 338 -8.27 -26.66 -52.73
C SER G 338 -9.33 -25.56 -52.80
N GLY G 339 -9.46 -24.78 -51.75
CA GLY G 339 -10.50 -23.76 -51.72
C GLY G 339 -11.73 -24.22 -50.97
N ARG G 340 -11.78 -25.51 -50.59
CA ARG G 340 -12.79 -26.01 -49.70
C ARG G 340 -12.55 -25.50 -48.30
N PRO G 341 -13.63 -25.21 -47.56
CA PRO G 341 -13.45 -24.77 -46.19
C PRO G 341 -13.00 -25.93 -45.31
N ALA G 342 -12.42 -25.62 -44.16
CA ALA G 342 -12.06 -26.66 -43.17
C ALA G 342 -12.81 -26.47 -41.85
N SER G 343 -13.05 -27.58 -41.15
CA SER G 343 -13.63 -27.53 -39.83
C SER G 343 -12.77 -26.78 -38.79
N ASP G 344 -13.35 -26.51 -37.64
CA ASP G 344 -12.59 -25.95 -36.50
C ASP G 344 -11.42 -26.81 -36.14
N PHE G 345 -11.47 -28.08 -36.48
CA PHE G 345 -10.30 -28.97 -36.30
C PHE G 345 -9.21 -28.85 -37.45
N GLY G 346 -9.53 -28.05 -38.47
CA GLY G 346 -8.67 -27.84 -39.61
C GLY G 346 -8.73 -29.07 -40.54
N TRP G 347 -9.94 -29.61 -40.76
CA TRP G 347 -10.11 -30.74 -41.61
C TRP G 347 -10.94 -30.31 -42.79
N GLU G 348 -10.37 -30.53 -43.97
CA GLU G 348 -11.06 -30.17 -45.21
C GLU G 348 -12.45 -30.80 -45.37
N MET G 349 -13.34 -30.06 -46.02
CA MET G 349 -14.66 -30.57 -46.39
C MET G 349 -14.52 -31.30 -47.71
N TYR G 350 -14.73 -32.61 -47.71
CA TYR G 350 -14.44 -33.39 -48.89
C TYR G 350 -15.33 -34.62 -49.01
N PRO G 351 -16.60 -34.40 -49.29
CA PRO G 351 -17.50 -35.52 -49.52
C PRO G 351 -17.06 -36.50 -50.61
N GLU G 352 -16.41 -35.98 -51.66
CA GLU G 352 -15.89 -36.84 -52.74
C GLU G 352 -15.11 -38.04 -52.22
N GLY G 353 -14.32 -37.81 -51.19
CA GLY G 353 -13.49 -38.88 -50.60
C GLY G 353 -14.27 -40.10 -50.10
N LEU G 354 -15.46 -39.80 -49.57
CA LEU G 354 -16.29 -40.79 -48.95
C LEU G 354 -16.92 -41.62 -50.03
N GLU G 355 -17.36 -40.97 -51.10
CA GLU G 355 -17.87 -41.65 -52.26
C GLU G 355 -16.78 -42.55 -52.79
N ASN G 356 -15.58 -42.01 -53.01
CA ASN G 356 -14.54 -42.86 -53.54
C ASN G 356 -14.30 -44.01 -52.60
N LEU G 357 -14.22 -43.70 -51.31
CA LEU G 357 -13.81 -44.68 -50.28
C LEU G 357 -14.74 -45.87 -50.25
N LEU G 358 -16.02 -45.59 -50.23
CA LEU G 358 -17.01 -46.62 -50.16
C LEU G 358 -16.91 -47.57 -51.35
N LYS G 359 -16.62 -47.06 -52.53
CA LYS G 359 -16.48 -47.94 -53.68
C LYS G 359 -15.21 -48.73 -53.55
N TYR G 360 -14.16 -48.10 -53.06
CA TYR G 360 -12.89 -48.83 -52.79
C TYR G 360 -13.08 -50.02 -51.82
N LEU G 361 -13.86 -49.80 -50.76
CA LEU G 361 -14.03 -50.78 -49.68
C LEU G 361 -14.99 -51.89 -50.06
N ASN G 362 -15.97 -51.53 -50.88
CA ASN G 362 -16.93 -52.50 -51.38
C ASN G 362 -16.26 -53.43 -52.38
N ASN G 363 -15.44 -52.86 -53.23
CA ASN G 363 -14.68 -53.69 -54.17
C ASN G 363 -13.63 -54.54 -53.45
N ALA G 364 -12.94 -53.93 -52.50
CA ALA G 364 -11.87 -54.60 -51.80
C ALA G 364 -12.33 -55.73 -50.87
N TYR G 365 -13.48 -55.55 -50.23
CA TYR G 365 -13.92 -56.46 -49.17
C TYR G 365 -15.27 -57.12 -49.40
N GLU G 366 -16.13 -56.49 -50.19
CA GLU G 366 -17.49 -56.96 -50.46
C GLU G 366 -18.30 -57.27 -49.19
N LEU G 367 -18.15 -56.43 -48.17
CA LEU G 367 -18.86 -56.60 -46.92
C LEU G 367 -19.94 -55.51 -46.66
N PRO G 368 -20.93 -55.80 -45.82
CA PRO G 368 -21.90 -54.73 -45.42
C PRO G 368 -21.23 -53.60 -44.62
N MET G 369 -21.54 -52.35 -44.98
CA MET G 369 -20.91 -51.18 -44.32
C MET G 369 -21.92 -50.25 -43.65
N ILE G 370 -21.50 -49.63 -42.55
CA ILE G 370 -22.28 -48.56 -41.95
C ILE G 370 -21.36 -47.37 -41.64
N ILE G 371 -21.79 -46.17 -42.06
CA ILE G 371 -21.05 -44.99 -41.75
C ILE G 371 -21.30 -44.82 -40.28
N THR G 372 -20.33 -45.23 -39.47
CA THR G 372 -20.46 -45.19 -38.02
C THR G 372 -19.94 -43.90 -37.44
N GLU G 373 -19.39 -43.03 -38.28
CA GLU G 373 -18.94 -41.72 -37.79
C GLU G 373 -18.75 -40.81 -38.99
N ASN G 374 -19.45 -39.67 -38.98
CA ASN G 374 -19.23 -38.60 -39.98
C ASN G 374 -19.89 -37.31 -39.56
N GLY G 375 -19.11 -36.23 -39.57
CA GLY G 375 -19.51 -34.96 -38.97
C GLY G 375 -18.35 -33.96 -39.01
N MET G 376 -18.50 -32.80 -38.37
CA MET G 376 -17.43 -31.82 -38.33
C MET G 376 -17.51 -30.88 -37.16
N ALA G 377 -16.35 -30.44 -36.70
CA ALA G 377 -16.24 -29.45 -35.62
C ALA G 377 -16.57 -28.04 -36.20
N ASP G 378 -17.72 -27.51 -35.76
CA ASP G 378 -18.28 -26.27 -36.31
C ASP G 378 -19.15 -25.70 -35.20
N ALA G 379 -18.58 -24.80 -34.39
CA ALA G 379 -19.32 -24.21 -33.31
C ALA G 379 -20.47 -23.31 -33.83
N ALA G 380 -20.23 -22.71 -34.98
CA ALA G 380 -21.13 -21.76 -35.61
C ALA G 380 -22.18 -22.37 -36.52
N ASP G 381 -22.16 -23.68 -36.77
CA ASP G 381 -23.16 -24.29 -37.68
C ASP G 381 -23.07 -23.64 -39.08
N ARG G 382 -21.93 -23.01 -39.36
CA ARG G 382 -21.68 -22.36 -40.64
C ARG G 382 -21.69 -23.34 -41.80
N TYR G 383 -21.09 -24.50 -41.58
CA TYR G 383 -21.00 -25.47 -42.65
C TYR G 383 -21.70 -26.79 -42.40
N ARG G 384 -21.89 -27.15 -41.15
CA ARG G 384 -22.55 -28.44 -40.86
C ARG G 384 -23.73 -28.82 -41.81
N PRO G 385 -24.74 -27.95 -41.94
CA PRO G 385 -25.80 -28.28 -42.93
C PRO G 385 -25.29 -28.83 -44.27
N HIS G 386 -24.40 -28.10 -44.92
CA HIS G 386 -23.92 -28.55 -46.19
C HIS G 386 -23.11 -29.85 -46.02
N TYR G 387 -22.39 -29.96 -44.91
CA TYR G 387 -21.55 -31.10 -44.66
C TYR G 387 -22.38 -32.36 -44.67
N LEU G 388 -23.52 -32.24 -44.02
CA LEU G 388 -24.45 -33.33 -43.85
C LEU G 388 -24.98 -33.77 -45.21
N VAL G 389 -25.50 -32.82 -45.97
CA VAL G 389 -26.21 -33.12 -47.20
C VAL G 389 -25.20 -33.55 -48.26
N SER G 390 -24.05 -32.91 -48.30
CA SER G 390 -23.06 -33.30 -49.26
C SER G 390 -22.64 -34.73 -49.01
N HIS G 391 -22.40 -35.07 -47.74
CA HIS G 391 -21.85 -36.41 -47.44
C HIS G 391 -22.89 -37.52 -47.60
N LEU G 392 -24.15 -37.22 -47.30
CA LEU G 392 -25.24 -38.17 -47.59
C LEU G 392 -25.38 -38.44 -49.10
N LYS G 393 -25.22 -37.39 -49.91
CA LYS G 393 -25.23 -37.52 -51.34
C LYS G 393 -24.06 -38.44 -51.76
N ALA G 394 -22.89 -38.26 -51.19
CA ALA G 394 -21.75 -39.12 -51.47
C ALA G 394 -22.04 -40.59 -51.15
N VAL G 395 -22.80 -40.85 -50.09
CA VAL G 395 -23.09 -42.24 -49.72
C VAL G 395 -24.09 -42.80 -50.73
N TYR G 396 -25.14 -42.04 -50.95
CA TYR G 396 -26.15 -42.36 -51.99
C TYR G 396 -25.54 -42.68 -53.36
N ASN G 397 -24.55 -41.92 -53.78
CA ASN G 397 -23.88 -42.22 -55.05
C ASN G 397 -23.14 -43.52 -55.03
N ALA G 398 -22.46 -43.79 -53.93
CA ALA G 398 -21.64 -45.01 -53.79
C ALA G 398 -22.52 -46.24 -53.82
N MET G 399 -23.71 -46.09 -53.23
CA MET G 399 -24.66 -47.18 -53.17
C MET G 399 -25.21 -47.56 -54.53
N LYS G 400 -25.41 -46.55 -55.38
CA LYS G 400 -25.92 -46.72 -56.75
C LYS G 400 -24.93 -47.49 -57.57
N GLU G 401 -23.66 -47.31 -57.30
CA GLU G 401 -22.64 -48.09 -57.97
C GLU G 401 -22.31 -49.40 -57.27
N GLY G 402 -23.19 -49.84 -56.37
CA GLY G 402 -23.14 -51.17 -55.78
C GLY G 402 -22.67 -51.30 -54.34
N ALA G 403 -22.18 -50.20 -53.76
CA ALA G 403 -21.65 -50.26 -52.40
C ALA G 403 -22.78 -50.69 -51.45
N ASP G 404 -22.50 -51.68 -50.57
CA ASP G 404 -23.52 -52.16 -49.65
C ASP G 404 -23.48 -51.35 -48.33
N VAL G 405 -24.20 -50.24 -48.31
CA VAL G 405 -24.27 -49.38 -47.12
C VAL G 405 -25.63 -49.48 -46.49
N ARG G 406 -25.65 -49.92 -45.23
CA ARG G 406 -26.92 -50.13 -44.51
C ARG G 406 -27.38 -48.98 -43.61
N GLY G 407 -26.57 -47.92 -43.52
CA GLY G 407 -26.93 -46.79 -42.64
C GLY G 407 -25.90 -45.68 -42.55
N TYR G 408 -26.31 -44.58 -41.92
CA TYR G 408 -25.42 -43.44 -41.66
C TYR G 408 -25.66 -42.93 -40.24
N LEU G 409 -24.57 -42.84 -39.47
CA LEU G 409 -24.62 -42.35 -38.07
C LEU G 409 -23.72 -41.12 -37.96
N HIS G 410 -24.33 -39.97 -37.66
CA HIS G 410 -23.57 -38.72 -37.61
C HIS G 410 -22.78 -38.73 -36.33
N TRP G 411 -21.68 -38.01 -36.31
CA TRP G 411 -20.94 -37.73 -35.04
C TRP G 411 -20.94 -36.25 -34.85
N SER G 412 -21.85 -35.74 -34.01
CA SER G 412 -22.67 -36.56 -33.17
C SER G 412 -23.93 -35.76 -32.82
N LEU G 413 -24.85 -36.35 -32.05
CA LEU G 413 -26.02 -35.63 -31.64
C LEU G 413 -25.58 -34.39 -30.89
N THR G 414 -24.82 -34.58 -29.79
CA THR G 414 -24.44 -33.47 -28.89
C THR G 414 -22.96 -33.23 -28.92
N ASP G 415 -22.59 -32.04 -28.48
CA ASP G 415 -21.21 -31.70 -28.26
C ASP G 415 -20.73 -32.59 -27.12
N ASN G 416 -19.42 -32.82 -27.10
CA ASN G 416 -18.81 -33.74 -26.16
C ASN G 416 -17.30 -33.40 -25.97
N TYR G 417 -16.57 -34.24 -25.26
CA TYR G 417 -15.18 -33.96 -24.94
C TYR G 417 -14.20 -34.53 -25.97
N GLU G 418 -13.67 -33.65 -26.81
CA GLU G 418 -12.81 -34.12 -27.92
C GLU G 418 -11.41 -34.33 -27.44
N TRP G 419 -11.29 -35.32 -26.57
CA TRP G 419 -10.00 -35.80 -26.05
C TRP G 419 -8.97 -34.70 -25.65
N ALA G 420 -7.79 -34.68 -26.30
CA ALA G 420 -6.74 -33.75 -25.95
C ALA G 420 -7.16 -32.27 -26.26
N GLN G 421 -8.12 -32.08 -27.16
CA GLN G 421 -8.55 -30.79 -27.59
C GLN G 421 -9.68 -30.22 -26.71
N GLY G 422 -10.13 -30.98 -25.72
CA GLY G 422 -11.17 -30.49 -24.86
C GLY G 422 -12.47 -30.22 -25.56
N PHE G 423 -13.19 -29.19 -25.10
CA PHE G 423 -14.52 -28.88 -25.59
C PHE G 423 -14.55 -27.90 -26.78
N ARG G 424 -13.41 -27.29 -27.12
CA ARG G 424 -13.35 -26.32 -28.25
C ARG G 424 -13.71 -26.94 -29.64
N MET G 425 -13.57 -28.26 -29.78
CA MET G 425 -14.10 -28.95 -30.97
C MET G 425 -15.50 -29.44 -30.72
N ARG G 426 -16.49 -28.77 -31.31
CA ARG G 426 -17.89 -29.10 -31.08
C ARG G 426 -18.50 -29.73 -32.33
N PHE G 427 -18.81 -31.05 -32.23
CA PHE G 427 -19.29 -31.83 -33.37
C PHE G 427 -20.79 -32.05 -33.39
N GLY G 428 -21.49 -31.52 -32.39
CA GLY G 428 -22.92 -31.80 -32.19
C GLY G 428 -23.87 -31.13 -33.18
N LEU G 429 -24.92 -31.86 -33.60
CA LEU G 429 -26.13 -31.26 -34.16
C LEU G 429 -26.89 -30.48 -33.05
N VAL G 430 -26.56 -30.83 -31.82
CA VAL G 430 -27.09 -30.18 -30.66
C VAL G 430 -25.93 -29.54 -29.90
N TYR G 431 -26.03 -28.24 -29.68
CA TYR G 431 -25.12 -27.55 -28.79
C TYR G 431 -25.42 -27.94 -27.34
N VAL G 432 -24.40 -27.97 -26.51
CA VAL G 432 -24.53 -28.19 -25.10
C VAL G 432 -23.75 -27.15 -24.31
N ASP G 433 -24.46 -26.50 -23.37
CA ASP G 433 -23.86 -25.58 -22.41
C ASP G 433 -23.30 -26.40 -21.26
N PHE G 434 -21.99 -26.60 -21.25
CA PHE G 434 -21.38 -27.50 -20.30
C PHE G 434 -21.45 -27.02 -18.85
N GLU G 435 -21.84 -25.78 -18.60
CA GLU G 435 -22.06 -25.32 -17.24
C GLU G 435 -23.43 -25.78 -16.74
N THR G 436 -24.45 -25.64 -17.58
CA THR G 436 -25.85 -25.93 -17.20
C THR G 436 -26.32 -27.31 -17.67
N LYS G 437 -25.54 -27.92 -18.57
CA LYS G 437 -25.89 -29.22 -19.18
C LYS G 437 -27.12 -29.14 -20.03
N LYS G 438 -27.37 -27.96 -20.59
CA LYS G 438 -28.59 -27.76 -21.35
C LYS G 438 -28.35 -27.93 -22.81
N ARG G 439 -29.33 -28.57 -23.46
CA ARG G 439 -29.29 -28.86 -24.89
C ARG G 439 -30.04 -27.78 -25.63
N TYR G 440 -29.43 -27.33 -26.71
CA TYR G 440 -30.10 -26.45 -27.64
C TYR G 440 -29.74 -26.96 -29.04
N LEU G 441 -30.73 -27.21 -29.87
CA LEU G 441 -30.47 -27.73 -31.21
C LEU G 441 -29.89 -26.65 -32.11
N ARG G 442 -28.90 -27.02 -32.89
CA ARG G 442 -28.43 -26.17 -33.95
C ARG G 442 -29.39 -26.33 -35.11
N PRO G 443 -29.51 -25.29 -35.95
CA PRO G 443 -30.41 -25.41 -37.10
C PRO G 443 -30.15 -26.63 -37.97
N SER G 444 -28.88 -26.97 -38.16
CA SER G 444 -28.50 -28.12 -38.99
C SER G 444 -29.24 -29.38 -38.57
N ALA G 445 -29.69 -29.42 -37.31
CA ALA G 445 -30.38 -30.59 -36.79
C ALA G 445 -31.69 -30.80 -37.51
N LEU G 446 -32.17 -29.77 -38.21
CA LEU G 446 -33.50 -29.85 -38.88
C LEU G 446 -33.44 -30.30 -40.31
N VAL G 447 -32.24 -30.41 -40.84
CA VAL G 447 -32.03 -31.02 -42.12
C VAL G 447 -32.51 -32.45 -41.98
N SER G 448 -32.28 -33.01 -40.78
CA SER G 448 -32.63 -34.40 -40.40
C SER G 448 -34.13 -34.71 -40.21
N VAL G 449 -34.97 -33.68 -40.10
CA VAL G 449 -36.43 -33.82 -39.85
C VAL G 449 -37.22 -33.73 -41.16
N LYS G 450 -36.49 -33.42 -42.23
CA LYS G 450 -37.06 -33.35 -43.58
C LYS G 450 -36.09 -33.83 -44.68
N LYS H 3 -56.10 -35.31 -31.32
CA LYS H 3 -56.05 -34.72 -32.70
C LYS H 3 -56.91 -33.48 -32.78
N PHE H 4 -56.44 -32.54 -33.60
CA PHE H 4 -57.15 -31.30 -33.85
C PHE H 4 -57.69 -31.35 -35.25
N PRO H 5 -58.78 -30.62 -35.51
CA PRO H 5 -59.34 -30.58 -36.85
C PRO H 5 -58.29 -30.43 -37.97
N LYS H 6 -58.71 -30.74 -39.19
CA LYS H 6 -57.82 -30.68 -40.36
C LYS H 6 -57.31 -29.25 -40.60
N ASN H 7 -58.17 -28.26 -40.37
CA ASN H 7 -57.83 -26.87 -40.68
C ASN H 7 -57.33 -26.04 -39.50
N PHE H 8 -56.97 -26.71 -38.41
CA PHE H 8 -56.53 -26.02 -37.22
C PHE H 8 -55.09 -25.59 -37.38
N MET H 9 -54.84 -24.28 -37.19
CA MET H 9 -53.53 -23.72 -37.43
C MET H 9 -52.63 -23.75 -36.18
N PHE H 10 -51.36 -24.13 -36.39
CA PHE H 10 -50.31 -24.01 -35.37
C PHE H 10 -49.31 -22.98 -35.85
N GLY H 11 -48.80 -22.15 -34.92
CA GLY H 11 -47.85 -21.12 -35.29
C GLY H 11 -47.26 -20.29 -34.16
N TYR H 12 -47.14 -18.98 -34.42
CA TYR H 12 -46.53 -18.08 -33.48
C TYR H 12 -46.78 -16.61 -33.80
N SER H 13 -46.45 -15.72 -32.87
CA SER H 13 -46.77 -14.34 -33.03
C SER H 13 -45.56 -13.52 -32.73
N TRP H 14 -45.44 -12.40 -33.43
CA TRP H 14 -44.37 -11.45 -33.18
C TRP H 14 -44.98 -10.06 -33.26
N SER H 15 -44.29 -9.11 -32.64
CA SER H 15 -44.63 -7.70 -32.72
C SER H 15 -43.39 -6.96 -33.13
N GLY H 16 -43.55 -5.84 -33.84
CA GLY H 16 -42.45 -5.08 -34.38
C GLY H 16 -41.41 -4.60 -33.38
N PHE H 17 -41.88 -4.05 -32.26
CA PHE H 17 -40.96 -3.42 -31.31
C PHE H 17 -40.06 -4.45 -30.68
N GLN H 18 -40.58 -5.64 -30.46
CA GLN H 18 -39.88 -6.66 -29.71
C GLN H 18 -38.96 -7.55 -30.60
N PHE H 19 -39.18 -7.49 -31.91
CA PHE H 19 -38.50 -8.39 -32.83
C PHE H 19 -37.64 -7.67 -33.90
N GLU H 20 -38.18 -6.61 -34.49
CA GLU H 20 -37.59 -6.05 -35.70
C GLU H 20 -36.11 -5.65 -35.51
N MET H 21 -35.86 -4.89 -34.44
CA MET H 21 -34.60 -4.19 -34.23
C MET H 21 -33.50 -5.09 -33.68
N GLY H 22 -32.24 -4.72 -33.94
CA GLY H 22 -31.14 -5.60 -33.56
C GLY H 22 -29.86 -5.48 -34.35
N LEU H 23 -29.96 -5.15 -35.62
CA LEU H 23 -28.78 -4.69 -36.38
C LEU H 23 -29.02 -3.29 -36.96
N PRO H 24 -27.94 -2.50 -37.17
CA PRO H 24 -28.16 -1.15 -37.64
C PRO H 24 -28.96 -1.04 -38.95
N GLY H 25 -29.74 0.03 -39.08
CA GLY H 25 -30.68 0.19 -40.18
C GLY H 25 -32.10 -0.03 -39.72
N SER H 26 -32.24 -0.80 -38.65
CA SER H 26 -33.54 -1.29 -38.16
C SER H 26 -34.32 -0.22 -37.38
N GLU H 27 -33.61 0.79 -36.92
CA GLU H 27 -33.97 1.43 -35.66
C GLU H 27 -35.14 2.38 -35.89
N VAL H 28 -36.04 2.56 -34.91
CA VAL H 28 -37.25 3.39 -35.14
C VAL H 28 -37.75 4.16 -33.93
N GLU H 29 -37.87 5.47 -34.09
CA GLU H 29 -38.33 6.31 -33.01
C GLU H 29 -39.82 6.16 -32.77
N SER H 30 -40.16 6.01 -31.50
CA SER H 30 -41.54 5.83 -31.06
C SER H 30 -41.64 6.34 -29.63
N ASP H 31 -42.84 6.43 -29.07
CA ASP H 31 -42.96 6.75 -27.68
C ASP H 31 -42.22 5.70 -26.84
N TRP H 32 -42.42 4.43 -27.15
CA TRP H 32 -41.76 3.37 -26.37
C TRP H 32 -40.23 3.46 -26.42
N TRP H 33 -39.70 3.77 -27.61
CA TRP H 33 -38.25 3.85 -27.80
C TRP H 33 -37.67 4.88 -26.85
N VAL H 34 -38.24 6.08 -26.92
CA VAL H 34 -37.80 7.13 -26.03
C VAL H 34 -37.86 6.64 -24.57
N TRP H 35 -38.95 5.96 -24.25
CA TRP H 35 -39.25 5.56 -22.89
C TRP H 35 -38.23 4.58 -22.33
N VAL H 36 -37.83 3.60 -23.11
CA VAL H 36 -36.78 2.66 -22.64
C VAL H 36 -35.36 3.24 -22.69
N HIS H 37 -35.17 4.37 -23.38
CA HIS H 37 -33.86 5.05 -23.41
C HIS H 37 -33.72 6.17 -22.36
N ASP H 38 -34.85 6.65 -21.84
CA ASP H 38 -34.88 7.69 -20.81
C ASP H 38 -33.97 7.42 -19.63
N LYS H 39 -33.01 8.32 -19.41
CA LYS H 39 -32.02 8.20 -18.33
C LYS H 39 -32.68 8.03 -16.98
N GLU H 40 -33.64 8.90 -16.66
CA GLU H 40 -34.37 8.84 -15.38
C GLU H 40 -34.97 7.46 -15.15
N ASN H 41 -35.67 6.95 -16.16
CA ASN H 41 -36.30 5.62 -16.10
C ASN H 41 -35.32 4.50 -15.89
N ILE H 42 -34.23 4.50 -16.65
CA ILE H 42 -33.19 3.47 -16.48
C ILE H 42 -32.59 3.48 -15.08
N ALA H 43 -32.17 4.67 -14.65
CA ALA H 43 -31.51 4.84 -13.37
C ALA H 43 -32.40 4.43 -12.20
N SER H 44 -33.70 4.72 -12.28
CA SER H 44 -34.61 4.38 -11.19
C SER H 44 -35.04 2.93 -11.20
N GLY H 45 -34.53 2.15 -12.13
CA GLY H 45 -34.90 0.73 -12.24
C GLY H 45 -36.26 0.46 -12.89
N LEU H 46 -36.93 1.50 -13.37
CA LEU H 46 -38.29 1.38 -13.88
C LEU H 46 -38.29 0.63 -15.18
N VAL H 47 -37.17 0.70 -15.88
CA VAL H 47 -36.98 -0.14 -17.05
C VAL H 47 -35.65 -0.85 -16.91
N SER H 48 -35.54 -1.95 -17.64
CA SER H 48 -34.36 -2.78 -17.60
C SER H 48 -33.07 -2.04 -17.87
N GLY H 49 -33.08 -1.11 -18.81
CA GLY H 49 -31.82 -0.58 -19.35
C GLY H 49 -31.28 -1.39 -20.54
N ASP H 50 -31.80 -2.59 -20.75
CA ASP H 50 -31.68 -3.26 -22.03
C ASP H 50 -32.35 -2.41 -23.11
N LEU H 51 -31.90 -2.56 -24.36
CA LEU H 51 -32.43 -1.75 -25.44
C LEU H 51 -32.85 -2.62 -26.62
N PRO H 52 -33.89 -2.19 -27.32
CA PRO H 52 -34.45 -3.01 -28.40
C PRO H 52 -33.54 -3.10 -29.63
N GLU H 53 -32.68 -2.11 -29.82
CA GLU H 53 -31.74 -2.16 -30.92
C GLU H 53 -30.71 -3.31 -30.76
N ASN H 54 -30.76 -4.02 -29.62
CA ASN H 54 -29.93 -5.21 -29.38
C ASN H 54 -30.70 -6.45 -29.48
N GLY H 55 -31.80 -6.37 -30.18
CA GLY H 55 -32.76 -7.47 -30.23
C GLY H 55 -32.40 -8.51 -31.25
N PRO H 56 -33.35 -9.39 -31.53
CA PRO H 56 -33.12 -10.50 -32.44
C PRO H 56 -33.03 -10.14 -33.94
N ALA H 57 -33.25 -8.87 -34.31
CA ALA H 57 -33.05 -8.38 -35.65
C ALA H 57 -33.82 -9.12 -36.72
N TYR H 58 -35.09 -9.34 -36.46
CA TYR H 58 -35.97 -10.03 -37.43
C TYR H 58 -36.06 -9.26 -38.76
N TRP H 59 -35.98 -7.95 -38.67
CA TRP H 59 -36.08 -7.06 -39.82
C TRP H 59 -35.09 -7.49 -40.87
N HIS H 60 -33.93 -7.97 -40.44
CA HIS H 60 -32.92 -8.53 -41.36
C HIS H 60 -33.01 -10.07 -41.47
N LEU H 61 -33.21 -10.77 -40.35
CA LEU H 61 -33.03 -12.24 -40.33
C LEU H 61 -34.32 -13.05 -40.39
N TYR H 62 -35.31 -12.54 -41.10
CA TYR H 62 -36.63 -13.14 -41.08
C TYR H 62 -36.64 -14.44 -41.85
N LYS H 63 -35.82 -14.50 -42.88
CA LYS H 63 -35.71 -15.67 -43.75
C LYS H 63 -35.40 -16.96 -42.95
N GLN H 64 -34.38 -16.93 -42.09
CA GLN H 64 -34.03 -18.09 -41.22
C GLN H 64 -35.15 -18.47 -40.30
N ASP H 65 -35.69 -17.45 -39.63
CA ASP H 65 -36.74 -17.64 -38.67
C ASP H 65 -37.94 -18.31 -39.31
N HIS H 66 -38.33 -17.82 -40.48
CA HIS H 66 -39.40 -18.45 -41.26
C HIS H 66 -39.03 -19.91 -41.54
N ASP H 67 -37.83 -20.15 -42.09
CA ASP H 67 -37.36 -21.51 -42.36
C ASP H 67 -37.60 -22.42 -41.15
N ILE H 68 -37.11 -21.97 -40.00
CA ILE H 68 -37.24 -22.73 -38.78
C ILE H 68 -38.71 -23.05 -38.51
N ALA H 69 -39.57 -22.03 -38.56
CA ALA H 69 -40.96 -22.24 -38.22
C ALA H 69 -41.56 -23.22 -39.19
N GLU H 70 -41.18 -23.10 -40.44
CA GLU H 70 -41.74 -23.99 -41.48
C GLU H 70 -41.43 -25.44 -41.11
N LYS H 71 -40.17 -25.74 -40.86
CA LYS H 71 -39.80 -27.13 -40.58
C LYS H 71 -40.22 -27.61 -39.25
N LEU H 72 -40.78 -26.73 -38.45
CA LEU H 72 -41.32 -27.12 -37.17
C LEU H 72 -42.80 -27.44 -37.32
N GLY H 73 -43.25 -27.47 -38.58
CA GLY H 73 -44.63 -27.80 -38.89
C GLY H 73 -45.58 -26.64 -38.76
N MET H 74 -45.09 -25.43 -38.54
CA MET H 74 -45.97 -24.27 -38.34
C MET H 74 -46.54 -23.84 -39.68
N ASP H 75 -47.81 -23.44 -39.68
CA ASP H 75 -48.52 -23.05 -40.89
C ASP H 75 -49.11 -21.64 -40.85
N CYS H 76 -49.04 -20.99 -39.69
CA CYS H 76 -49.62 -19.67 -39.52
C CYS H 76 -48.71 -18.79 -38.65
N ILE H 77 -48.51 -17.54 -39.08
CA ILE H 77 -47.86 -16.53 -38.22
C ILE H 77 -48.74 -15.32 -38.04
N ARG H 78 -48.70 -14.73 -36.87
CA ARG H 78 -49.36 -13.47 -36.67
C ARG H 78 -48.27 -12.50 -36.33
N GLY H 79 -48.17 -11.47 -37.14
CA GLY H 79 -47.14 -10.47 -36.94
C GLY H 79 -47.73 -9.09 -37.08
N GLY H 80 -46.86 -8.09 -37.00
CA GLY H 80 -47.33 -6.72 -37.01
C GLY H 80 -46.72 -5.82 -38.05
N ILE H 81 -47.16 -4.58 -37.97
CA ILE H 81 -46.64 -3.51 -38.79
C ILE H 81 -46.67 -2.31 -37.88
N GLU H 82 -45.56 -1.60 -37.84
CA GLU H 82 -45.42 -0.49 -36.89
C GLU H 82 -45.74 0.91 -37.50
N TRP H 83 -46.80 1.52 -36.97
CA TRP H 83 -47.26 2.86 -37.37
C TRP H 83 -46.10 3.82 -37.49
N ALA H 84 -45.31 3.94 -36.42
CA ALA H 84 -44.18 4.87 -36.35
C ALA H 84 -43.12 4.55 -37.44
N ARG H 85 -43.08 3.31 -37.94
CA ARG H 85 -42.15 2.98 -38.99
C ARG H 85 -42.70 3.40 -40.31
N ILE H 86 -44.02 3.47 -40.45
CA ILE H 86 -44.61 3.77 -41.76
C ILE H 86 -44.81 5.29 -41.92
N PHE H 87 -45.15 5.95 -40.82
CA PHE H 87 -45.35 7.41 -40.81
C PHE H 87 -44.47 8.09 -39.74
N PRO H 88 -43.15 8.05 -39.95
CA PRO H 88 -42.31 8.85 -39.07
C PRO H 88 -42.72 10.32 -39.01
N LYS H 89 -43.19 10.90 -40.14
CA LYS H 89 -43.66 12.31 -40.22
C LYS H 89 -45.19 12.34 -40.08
N PRO H 90 -45.76 13.38 -39.40
CA PRO H 90 -47.20 13.50 -39.09
C PRO H 90 -48.11 13.46 -40.32
N THR H 91 -49.31 12.92 -40.12
CA THR H 91 -50.32 12.79 -41.18
C THR H 91 -51.47 13.83 -41.04
N PHE H 92 -51.43 14.65 -39.98
CA PHE H 92 -52.49 15.59 -39.68
C PHE H 92 -52.91 16.47 -40.85
N ASP H 93 -51.95 16.91 -41.65
CA ASP H 93 -52.23 17.87 -42.73
C ASP H 93 -52.90 17.27 -43.94
N VAL H 94 -52.86 15.94 -44.07
CA VAL H 94 -53.62 15.25 -45.11
C VAL H 94 -55.05 15.14 -44.58
N LYS H 95 -55.93 16.04 -45.05
CA LYS H 95 -57.29 16.18 -44.48
C LYS H 95 -58.28 15.11 -44.90
N VAL H 96 -59.17 14.75 -43.98
CA VAL H 96 -60.22 13.78 -44.30
C VAL H 96 -61.58 14.20 -43.71
N ASP H 97 -62.63 13.83 -44.42
CA ASP H 97 -64.00 14.11 -43.99
C ASP H 97 -64.39 13.17 -42.89
N VAL H 98 -64.72 13.72 -41.72
CA VAL H 98 -65.01 12.93 -40.53
C VAL H 98 -66.37 13.32 -39.94
N GLU H 99 -67.25 12.34 -39.76
CA GLU H 99 -68.61 12.58 -39.28
C GLU H 99 -68.76 12.12 -37.82
N LYS H 100 -69.29 13.01 -36.97
CA LYS H 100 -69.50 12.70 -35.57
C LYS H 100 -70.98 12.99 -35.22
N ASP H 101 -71.55 12.27 -34.23
CA ASP H 101 -72.93 12.54 -33.79
C ASP H 101 -72.96 13.54 -32.63
N GLU H 102 -74.18 13.78 -32.14
CA GLU H 102 -74.46 14.56 -30.96
C GLU H 102 -73.88 13.55 -30.00
N GLU H 103 -73.17 13.91 -28.94
CA GLU H 103 -72.59 13.00 -27.90
C GLU H 103 -71.11 12.97 -28.09
N GLY H 104 -70.66 12.96 -29.34
CA GLY H 104 -69.24 12.94 -29.66
C GLY H 104 -68.75 11.52 -29.95
N ASN H 105 -69.57 10.75 -30.66
CA ASN H 105 -69.18 9.42 -31.15
C ASN H 105 -68.64 9.52 -32.58
N ILE H 106 -67.94 8.48 -33.03
CA ILE H 106 -67.37 8.42 -34.37
C ILE H 106 -68.33 7.64 -35.27
N ILE H 107 -68.85 8.26 -36.33
CA ILE H 107 -69.67 7.51 -37.26
C ILE H 107 -68.83 7.06 -38.49
N SER H 108 -67.97 7.94 -39.00
CA SER H 108 -67.17 7.61 -40.18
C SER H 108 -65.93 8.50 -40.31
N VAL H 109 -65.08 8.11 -41.25
CA VAL H 109 -63.86 8.80 -41.54
C VAL H 109 -63.52 8.44 -42.97
N ASP H 110 -64.00 9.20 -43.96
CA ASP H 110 -63.85 8.74 -45.39
C ASP H 110 -62.35 8.92 -45.77
N VAL H 111 -61.76 7.84 -46.29
CA VAL H 111 -60.36 7.81 -46.74
C VAL H 111 -60.33 7.19 -48.15
N PRO H 112 -60.67 7.99 -49.18
CA PRO H 112 -60.65 7.52 -50.55
C PRO H 112 -59.28 7.21 -51.09
N GLU H 113 -59.27 6.73 -52.33
CA GLU H 113 -58.05 6.33 -52.97
C GLU H 113 -57.10 7.52 -53.14
N SER H 114 -57.66 8.71 -53.32
CA SER H 114 -56.86 9.93 -53.47
C SER H 114 -56.10 10.27 -52.18
N THR H 115 -56.77 10.18 -51.04
CA THR H 115 -56.10 10.39 -49.77
C THR H 115 -54.93 9.42 -49.60
N ILE H 116 -55.10 8.17 -50.02
CA ILE H 116 -54.01 7.19 -49.92
C ILE H 116 -52.79 7.71 -50.70
N LYS H 117 -53.01 8.34 -51.84
CA LYS H 117 -51.92 8.84 -52.69
C LYS H 117 -51.21 10.01 -52.03
N GLU H 118 -51.97 10.86 -51.34
CA GLU H 118 -51.41 11.99 -50.62
C GLU H 118 -50.58 11.49 -49.46
N LEU H 119 -51.00 10.37 -48.88
CA LEU H 119 -50.28 9.77 -47.80
C LEU H 119 -49.00 9.09 -48.27
N GLU H 120 -49.03 8.52 -49.45
CA GLU H 120 -47.82 7.89 -50.00
C GLU H 120 -46.63 8.83 -50.07
N LYS H 121 -46.91 10.13 -50.23
CA LYS H 121 -45.88 11.16 -50.39
C LYS H 121 -45.05 11.35 -49.12
N ILE H 122 -45.73 11.32 -47.98
CA ILE H 122 -45.07 11.50 -46.66
C ILE H 122 -44.77 10.19 -45.89
N ALA H 123 -45.24 9.05 -46.40
CA ALA H 123 -44.96 7.74 -45.79
C ALA H 123 -43.57 7.25 -46.15
N ASN H 124 -43.10 6.26 -45.40
CA ASN H 124 -41.85 5.61 -45.70
C ASN H 124 -42.13 4.43 -46.58
N MET H 125 -42.17 4.65 -47.88
CA MET H 125 -42.50 3.57 -48.79
C MET H 125 -41.38 2.54 -48.84
N GLU H 126 -40.19 2.94 -48.42
CA GLU H 126 -39.09 2.00 -48.33
C GLU H 126 -39.42 0.87 -47.33
N ALA H 127 -39.96 1.27 -46.18
CA ALA H 127 -40.27 0.36 -45.06
C ALA H 127 -41.47 -0.52 -45.38
N LEU H 128 -42.47 0.08 -45.99
CA LEU H 128 -43.59 -0.65 -46.51
C LEU H 128 -43.14 -1.75 -47.43
N GLU H 129 -42.27 -1.45 -48.39
CA GLU H 129 -41.75 -2.48 -49.30
C GLU H 129 -41.04 -3.59 -48.56
N HIS H 130 -40.31 -3.25 -47.51
CA HIS H 130 -39.67 -4.28 -46.73
C HIS H 130 -40.70 -5.15 -46.00
N TYR H 131 -41.77 -4.57 -45.46
CA TYR H 131 -42.83 -5.38 -44.90
C TYR H 131 -43.41 -6.38 -45.92
N ARG H 132 -43.62 -5.94 -47.15
CA ARG H 132 -44.03 -6.87 -48.20
C ARG H 132 -43.05 -8.01 -48.36
N LYS H 133 -41.77 -7.70 -48.44
CA LYS H 133 -40.80 -8.79 -48.59
C LYS H 133 -40.96 -9.80 -47.46
N ILE H 134 -41.07 -9.28 -46.24
CA ILE H 134 -41.16 -10.15 -45.07
C ILE H 134 -42.42 -10.98 -45.11
N TYR H 135 -43.55 -10.34 -45.35
CA TYR H 135 -44.79 -11.12 -45.37
C TYR H 135 -44.78 -12.12 -46.52
N SER H 136 -44.31 -11.70 -47.69
CA SER H 136 -44.23 -12.58 -48.85
C SER H 136 -43.35 -13.78 -48.55
N ASP H 137 -42.23 -13.58 -47.87
CA ASP H 137 -41.31 -14.68 -47.66
C ASP H 137 -42.04 -15.85 -47.05
N TRP H 138 -43.03 -15.54 -46.20
CA TRP H 138 -43.82 -16.55 -45.49
C TRP H 138 -45.01 -17.02 -46.31
N LYS H 139 -45.67 -16.07 -46.94
CA LYS H 139 -46.88 -16.36 -47.71
C LYS H 139 -46.62 -17.21 -48.94
N GLU H 140 -45.51 -16.93 -49.63
CA GLU H 140 -45.18 -17.66 -50.85
C GLU H 140 -44.70 -19.08 -50.55
N ARG H 141 -44.54 -19.43 -49.28
CA ARG H 141 -44.33 -20.82 -48.84
C ARG H 141 -45.64 -21.62 -48.73
N GLY H 142 -46.74 -20.97 -49.08
CA GLY H 142 -48.06 -21.58 -48.98
C GLY H 142 -48.51 -21.65 -47.54
N LYS H 143 -48.39 -20.54 -46.81
CA LYS H 143 -48.76 -20.51 -45.41
C LYS H 143 -49.74 -19.38 -45.12
N THR H 144 -50.27 -19.34 -43.91
CA THR H 144 -51.22 -18.31 -43.48
C THR H 144 -50.55 -17.16 -42.68
N PHE H 145 -50.98 -15.92 -42.96
CA PHE H 145 -50.49 -14.77 -42.24
C PHE H 145 -51.61 -13.90 -41.72
N ILE H 146 -51.47 -13.49 -40.46
CA ILE H 146 -52.41 -12.59 -39.82
C ILE H 146 -51.68 -11.28 -39.46
N LEU H 147 -52.22 -10.14 -39.86
CA LEU H 147 -51.59 -8.90 -39.58
C LEU H 147 -52.36 -8.17 -38.50
N ASN H 148 -51.60 -7.64 -37.55
CA ASN H 148 -52.13 -6.87 -36.43
C ASN H 148 -51.65 -5.43 -36.57
N LEU H 149 -52.55 -4.44 -36.58
CA LEU H 149 -52.10 -3.10 -36.95
C LEU H 149 -51.37 -2.31 -35.83
N TYR H 150 -51.78 -2.54 -34.59
CA TYR H 150 -51.23 -1.83 -33.43
C TYR H 150 -50.73 -2.80 -32.33
N HIS H 151 -49.48 -2.60 -31.90
CA HIS H 151 -48.88 -3.42 -30.83
C HIS H 151 -48.04 -2.57 -29.85
N TRP H 152 -48.62 -1.41 -29.51
CA TRP H 152 -48.27 -0.51 -28.40
C TRP H 152 -47.52 0.81 -28.79
N PRO H 153 -46.44 0.71 -29.56
CA PRO H 153 -45.76 1.95 -29.79
C PRO H 153 -46.51 2.84 -30.71
N LEU H 154 -46.38 4.13 -30.44
CA LEU H 154 -47.01 5.18 -31.19
C LEU H 154 -45.92 6.08 -31.74
N PRO H 155 -46.20 6.76 -32.87
CA PRO H 155 -45.40 7.86 -33.34
C PRO H 155 -45.11 8.91 -32.29
N LEU H 156 -43.90 9.44 -32.30
CA LEU H 156 -43.56 10.52 -31.38
C LEU H 156 -44.41 11.77 -31.58
N TRP H 157 -44.87 12.00 -32.80
CA TRP H 157 -45.79 13.11 -33.11
C TRP H 157 -47.24 12.84 -32.66
N ILE H 158 -47.50 11.60 -32.22
CA ILE H 158 -48.76 11.19 -31.61
C ILE H 158 -48.64 11.23 -30.07
N HIS H 159 -47.48 10.87 -29.53
CA HIS H 159 -47.30 10.71 -28.10
C HIS H 159 -45.85 10.95 -27.65
N ASP H 160 -45.65 11.88 -26.72
CA ASP H 160 -44.33 12.17 -26.13
C ASP H 160 -44.42 11.94 -24.61
N PRO H 161 -44.14 10.71 -24.15
CA PRO H 161 -44.52 10.26 -22.82
C PRO H 161 -43.65 10.91 -21.75
N ILE H 162 -42.47 11.34 -22.13
CA ILE H 162 -41.61 12.02 -21.18
C ILE H 162 -42.29 13.33 -20.78
N ALA H 163 -42.63 14.12 -21.80
CA ALA H 163 -43.28 15.40 -21.62
C ALA H 163 -44.62 15.25 -20.90
N VAL H 164 -45.42 14.33 -21.40
CA VAL H 164 -46.74 14.13 -20.85
C VAL H 164 -46.61 13.89 -19.36
N ARG H 165 -45.66 13.05 -18.95
CA ARG H 165 -45.48 12.76 -17.52
C ARG H 165 -45.06 13.99 -16.71
N LYS H 166 -44.12 14.80 -17.21
CA LYS H 166 -43.62 15.98 -16.46
C LYS H 166 -44.62 17.13 -16.42
N LEU H 167 -45.24 17.40 -17.56
CA LEU H 167 -46.06 18.61 -17.73
C LEU H 167 -47.55 18.32 -17.74
N GLY H 168 -47.93 17.07 -17.94
CA GLY H 168 -49.34 16.69 -18.08
C GLY H 168 -49.78 16.62 -19.54
N PRO H 169 -50.89 15.93 -19.81
CA PRO H 169 -51.41 15.70 -21.18
C PRO H 169 -51.84 16.92 -22.03
N ASP H 170 -52.12 18.06 -21.41
CA ASP H 170 -52.48 19.25 -22.18
C ASP H 170 -51.24 19.92 -22.82
N ALA H 171 -50.06 19.49 -22.40
CA ALA H 171 -48.81 20.16 -22.77
C ALA H 171 -48.06 19.43 -23.87
N ALA H 172 -48.49 18.25 -24.26
CA ALA H 172 -47.78 17.49 -25.28
C ALA H 172 -48.71 16.56 -26.03
N PRO H 173 -48.21 15.92 -27.12
CA PRO H 173 -48.97 14.84 -27.79
C PRO H 173 -49.35 13.71 -26.81
N ALA H 174 -50.64 13.59 -26.50
CA ALA H 174 -51.10 12.81 -25.30
C ALA H 174 -51.38 11.32 -25.58
N GLY H 175 -51.33 10.95 -26.85
CA GLY H 175 -51.43 9.57 -27.24
C GLY H 175 -52.88 9.21 -27.41
N TRP H 176 -53.32 8.14 -26.76
CA TRP H 176 -54.73 7.76 -26.79
C TRP H 176 -55.66 8.67 -25.95
N LEU H 177 -55.10 9.71 -25.37
CA LEU H 177 -55.90 10.70 -24.67
C LEU H 177 -56.43 11.75 -25.64
N ASP H 178 -55.71 11.96 -26.75
CA ASP H 178 -56.10 12.96 -27.74
C ASP H 178 -57.00 12.29 -28.75
N GLU H 179 -58.22 12.79 -28.84
CA GLU H 179 -59.23 12.24 -29.72
C GLU H 179 -58.71 12.26 -31.17
N LYS H 180 -57.86 13.24 -31.48
CA LYS H 180 -57.16 13.32 -32.76
C LYS H 180 -56.39 12.08 -33.24
N THR H 181 -55.85 11.34 -32.28
CA THR H 181 -55.02 10.18 -32.55
C THR H 181 -55.77 9.07 -33.28
N VAL H 182 -57.07 9.01 -33.01
CA VAL H 182 -57.92 7.96 -33.51
C VAL H 182 -58.08 8.09 -35.01
N VAL H 183 -58.31 9.32 -35.44
CA VAL H 183 -58.51 9.63 -36.86
C VAL H 183 -57.24 9.33 -37.66
N GLU H 184 -56.09 9.65 -37.07
CA GLU H 184 -54.83 9.41 -37.75
C GLU H 184 -54.52 7.91 -37.87
N PHE H 185 -54.92 7.16 -36.83
CA PHE H 185 -54.79 5.72 -36.82
C PHE H 185 -55.67 5.11 -37.92
N VAL H 186 -56.91 5.57 -37.99
CA VAL H 186 -57.79 5.18 -39.08
C VAL H 186 -57.18 5.38 -40.48
N LYS H 187 -56.48 6.50 -40.69
CA LYS H 187 -55.81 6.73 -41.98
C LYS H 187 -54.74 5.66 -42.18
N PHE H 188 -54.07 5.35 -41.09
CA PHE H 188 -53.06 4.31 -41.07
C PHE H 188 -53.62 2.96 -41.45
N ALA H 189 -54.78 2.63 -40.88
CA ALA H 189 -55.41 1.35 -41.15
C ALA H 189 -55.74 1.24 -42.62
N ALA H 190 -56.36 2.27 -43.15
CA ALA H 190 -56.81 2.23 -44.54
C ALA H 190 -55.60 2.15 -45.45
N PHE H 191 -54.59 2.94 -45.13
CA PHE H 191 -53.35 2.91 -45.90
C PHE H 191 -52.85 1.48 -46.03
N VAL H 192 -52.86 0.77 -44.89
CA VAL H 192 -52.25 -0.54 -44.80
C VAL H 192 -53.12 -1.58 -45.50
N ALA H 193 -54.43 -1.50 -45.31
CA ALA H 193 -55.37 -2.39 -46.01
C ALA H 193 -55.12 -2.27 -47.50
N TYR H 194 -55.17 -1.03 -47.99
CA TYR H 194 -55.04 -0.73 -49.40
C TYR H 194 -53.80 -1.38 -50.00
N HIS H 195 -52.69 -1.35 -49.28
CA HIS H 195 -51.43 -1.77 -49.85
C HIS H 195 -51.08 -3.24 -49.65
N LEU H 196 -51.52 -3.83 -48.54
CA LEU H 196 -51.05 -5.17 -48.17
C LEU H 196 -52.11 -6.27 -48.09
N ASP H 197 -53.33 -5.99 -48.55
CA ASP H 197 -54.40 -6.96 -48.37
C ASP H 197 -54.11 -8.24 -49.17
N ASP H 198 -53.36 -8.11 -50.26
CA ASP H 198 -53.01 -9.28 -51.07
C ASP H 198 -52.13 -10.29 -50.31
N LEU H 199 -51.48 -9.86 -49.24
CA LEU H 199 -50.62 -10.73 -48.41
C LEU H 199 -51.24 -11.17 -47.09
N VAL H 200 -52.38 -10.59 -46.69
CA VAL H 200 -52.98 -10.83 -45.40
C VAL H 200 -54.20 -11.71 -45.46
N ASP H 201 -54.28 -12.78 -44.64
CA ASP H 201 -55.48 -13.67 -44.60
C ASP H 201 -56.54 -13.25 -43.60
N MET H 202 -56.13 -12.57 -42.55
CA MET H 202 -57.01 -12.16 -41.49
C MET H 202 -56.39 -10.95 -40.76
N TRP H 203 -57.25 -10.06 -40.27
CA TRP H 203 -56.78 -8.84 -39.61
C TRP H 203 -57.11 -8.74 -38.15
N SER H 204 -56.25 -8.01 -37.43
CA SER H 204 -56.53 -7.60 -36.08
C SER H 204 -56.17 -6.15 -36.03
N THR H 205 -57.08 -5.35 -35.46
CA THR H 205 -56.92 -3.92 -35.36
C THR H 205 -55.82 -3.57 -34.37
N MET H 206 -55.65 -4.37 -33.32
CA MET H 206 -54.77 -3.97 -32.21
C MET H 206 -54.58 -5.12 -31.24
N ASN H 207 -53.67 -4.90 -30.28
CA ASN H 207 -53.15 -5.95 -29.40
C ASN H 207 -53.16 -5.55 -27.94
N GLU H 208 -53.86 -6.32 -27.13
CA GLU H 208 -53.91 -6.03 -25.69
C GLU H 208 -54.14 -4.49 -25.30
N PRO H 209 -55.17 -3.86 -25.86
CA PRO H 209 -55.40 -2.44 -25.54
C PRO H 209 -55.74 -2.21 -24.07
N ASN H 210 -56.41 -3.18 -23.47
CA ASN H 210 -56.55 -3.21 -22.02
C ASN H 210 -55.23 -3.12 -21.23
N VAL H 211 -54.17 -3.74 -21.74
CA VAL H 211 -52.85 -3.65 -21.10
C VAL H 211 -52.32 -2.24 -21.25
N VAL H 212 -52.57 -1.63 -22.40
CA VAL H 212 -52.06 -0.32 -22.69
C VAL H 212 -52.66 0.70 -21.76
N TYR H 213 -53.99 0.82 -21.75
CA TYR H 213 -54.65 1.85 -20.91
C TYR H 213 -54.51 1.62 -19.40
N ASN H 214 -54.60 0.37 -18.96
CA ASN H 214 -54.45 0.08 -17.54
C ASN H 214 -53.04 0.26 -17.00
N GLN H 215 -52.04 -0.29 -17.69
CA GLN H 215 -50.64 -0.21 -17.27
C GLN H 215 -50.08 1.18 -17.44
N GLY H 216 -50.50 1.88 -18.47
CA GLY H 216 -49.98 3.22 -18.74
C GLY H 216 -50.46 4.32 -17.83
N TYR H 217 -51.69 4.20 -17.33
CA TYR H 217 -52.34 5.24 -16.55
C TYR H 217 -52.85 4.82 -15.16
N ILE H 218 -52.60 3.56 -14.74
CA ILE H 218 -52.95 3.08 -13.37
C ILE H 218 -51.84 2.31 -12.63
N ASN H 219 -51.40 1.17 -13.13
CA ASN H 219 -50.27 0.42 -12.53
C ASN H 219 -48.95 0.99 -12.96
N LEU H 220 -48.57 2.10 -12.32
CA LEU H 220 -47.28 2.76 -12.56
C LEU H 220 -46.07 1.81 -12.43
N ALA H 221 -46.15 0.87 -11.48
CA ALA H 221 -45.05 -0.09 -11.24
C ALA H 221 -44.65 -0.89 -12.49
N SER H 222 -45.52 -0.88 -13.50
CA SER H 222 -45.34 -1.67 -14.71
C SER H 222 -44.25 -1.15 -15.64
N GLY H 223 -43.90 0.12 -15.49
CA GLY H 223 -42.95 0.76 -16.38
C GLY H 223 -43.54 1.04 -17.76
N PHE H 224 -44.87 1.17 -17.86
CA PHE H 224 -45.48 1.54 -19.14
C PHE H 224 -45.59 3.03 -19.24
N PRO H 225 -45.53 3.57 -20.46
CA PRO H 225 -45.74 4.99 -20.65
C PRO H 225 -47.24 5.30 -20.69
N PRO H 226 -47.61 6.57 -20.36
CA PRO H 226 -46.69 7.62 -19.94
C PRO H 226 -46.40 7.65 -18.45
N GLY H 227 -46.88 6.64 -17.72
CA GLY H 227 -46.51 6.46 -16.33
C GLY H 227 -46.97 7.59 -15.42
N PHE H 228 -48.27 7.90 -15.44
CA PHE H 228 -48.88 8.81 -14.45
C PHE H 228 -50.27 8.35 -14.06
N LEU H 229 -50.62 8.58 -12.80
CA LEU H 229 -51.80 7.92 -12.20
C LEU H 229 -53.08 8.73 -12.37
N SER H 230 -54.05 8.16 -13.08
CA SER H 230 -55.32 8.80 -13.32
C SER H 230 -56.33 7.86 -13.95
N PHE H 231 -57.35 7.47 -13.18
CA PHE H 231 -58.41 6.56 -13.68
C PHE H 231 -59.18 7.22 -14.82
N GLU H 232 -59.31 8.55 -14.72
CA GLU H 232 -59.97 9.33 -15.77
C GLU H 232 -59.20 9.20 -17.08
N ALA H 233 -57.87 9.35 -17.02
CA ALA H 233 -57.02 9.12 -18.18
C ALA H 233 -57.22 7.72 -18.77
N ALA H 234 -57.14 6.69 -17.91
CA ALA H 234 -57.37 5.31 -18.34
C ALA H 234 -58.71 5.14 -19.07
N GLU H 235 -59.78 5.69 -18.51
CA GLU H 235 -61.11 5.56 -19.08
C GLU H 235 -61.17 6.19 -20.46
N LYS H 236 -60.55 7.36 -20.58
CA LYS H 236 -60.53 8.14 -21.82
C LYS H 236 -59.73 7.40 -22.90
N ALA H 237 -58.62 6.79 -22.50
CA ALA H 237 -57.78 6.01 -23.42
C ALA H 237 -58.54 4.79 -23.89
N LYS H 238 -59.13 4.08 -22.92
CA LYS H 238 -60.02 2.97 -23.24
C LYS H 238 -61.08 3.39 -24.27
N PHE H 239 -61.72 4.52 -24.03
CA PHE H 239 -62.76 4.99 -24.93
C PHE H 239 -62.27 5.24 -26.35
N ASN H 240 -61.18 5.96 -26.47
CA ASN H 240 -60.60 6.19 -27.79
C ASN H 240 -60.04 4.95 -28.45
N LEU H 241 -59.63 3.95 -27.68
CA LEU H 241 -59.13 2.71 -28.28
C LEU H 241 -60.28 1.90 -28.90
N ILE H 242 -61.45 2.04 -28.30
CA ILE H 242 -62.67 1.45 -28.84
C ILE H 242 -63.01 2.08 -30.19
N GLN H 243 -62.92 3.40 -30.22
CA GLN H 243 -63.18 4.14 -31.44
C GLN H 243 -62.18 3.72 -32.50
N ALA H 244 -60.91 3.70 -32.13
CA ALA H 244 -59.87 3.37 -33.07
C ALA H 244 -60.15 2.03 -33.68
N HIS H 245 -60.61 1.08 -32.86
CA HIS H 245 -60.92 -0.25 -33.39
C HIS H 245 -62.06 -0.20 -34.40
N ILE H 246 -63.17 0.39 -33.97
CA ILE H 246 -64.33 0.53 -34.83
C ILE H 246 -63.98 1.18 -36.17
N GLY H 247 -63.30 2.32 -36.11
CA GLY H 247 -62.87 3.03 -37.31
C GLY H 247 -61.94 2.23 -38.20
N ALA H 248 -60.94 1.61 -37.59
CA ALA H 248 -60.03 0.75 -38.34
C ALA H 248 -60.77 -0.44 -38.96
N TYR H 249 -61.74 -0.99 -38.25
CA TYR H 249 -62.51 -2.07 -38.80
C TYR H 249 -63.18 -1.62 -40.09
N ASP H 250 -63.83 -0.46 -40.05
CA ASP H 250 -64.51 0.07 -41.23
C ASP H 250 -63.52 0.40 -42.34
N ALA H 251 -62.35 0.91 -41.99
CA ALA H 251 -61.32 1.23 -42.99
C ALA H 251 -60.77 0.01 -43.70
N ILE H 252 -60.50 -1.05 -42.96
CA ILE H 252 -60.01 -2.28 -43.54
C ILE H 252 -61.09 -2.90 -44.44
N LYS H 253 -62.35 -2.86 -44.00
CA LYS H 253 -63.45 -3.45 -44.77
C LYS H 253 -63.67 -2.72 -46.07
N GLU H 254 -63.31 -1.45 -46.12
CA GLU H 254 -63.50 -0.69 -47.32
C GLU H 254 -62.49 -1.09 -48.42
N TYR H 255 -61.38 -1.73 -48.04
CA TYR H 255 -60.34 -2.11 -49.01
C TYR H 255 -60.01 -3.59 -48.98
N SER H 256 -60.81 -4.37 -48.27
CA SER H 256 -60.51 -5.79 -48.08
C SER H 256 -61.80 -6.51 -47.70
N GLU H 257 -61.90 -7.78 -48.07
CA GLU H 257 -63.14 -8.56 -47.84
C GLU H 257 -62.93 -9.63 -46.79
N LYS H 258 -61.96 -9.41 -45.91
CA LYS H 258 -61.46 -10.46 -45.02
C LYS H 258 -61.90 -10.27 -43.60
N SER H 259 -61.67 -11.31 -42.80
CA SER H 259 -62.11 -11.31 -41.41
C SER H 259 -61.29 -10.32 -40.61
N VAL H 260 -61.97 -9.45 -39.86
CA VAL H 260 -61.29 -8.47 -39.02
C VAL H 260 -61.75 -8.65 -37.58
N GLY H 261 -60.78 -8.62 -36.67
CA GLY H 261 -61.05 -8.84 -35.25
C GLY H 261 -60.14 -8.00 -34.38
N VAL H 262 -59.96 -8.46 -33.15
CA VAL H 262 -59.07 -7.80 -32.20
C VAL H 262 -58.40 -8.85 -31.36
N ILE H 263 -57.24 -8.49 -30.79
CA ILE H 263 -56.42 -9.41 -29.98
C ILE H 263 -56.37 -8.78 -28.56
N TYR H 264 -56.68 -9.57 -27.55
CA TYR H 264 -56.95 -9.02 -26.22
C TYR H 264 -56.26 -9.82 -25.09
N ALA H 265 -55.96 -9.16 -23.98
CA ALA H 265 -55.36 -9.83 -22.83
C ALA H 265 -56.42 -10.37 -21.88
N PHE H 266 -56.57 -11.69 -21.87
CA PHE H 266 -57.64 -12.32 -21.11
C PHE H 266 -57.07 -13.02 -19.89
N ALA H 267 -56.98 -12.29 -18.79
CA ALA H 267 -56.67 -12.92 -17.52
C ALA H 267 -57.90 -13.73 -17.14
N TRP H 268 -57.68 -14.94 -16.60
CA TRP H 268 -58.80 -15.69 -16.01
C TRP H 268 -58.92 -15.30 -14.54
N HIS H 269 -60.13 -14.93 -14.12
CA HIS H 269 -60.38 -14.47 -12.76
C HIS H 269 -61.03 -15.56 -11.90
N ASP H 270 -60.47 -15.76 -10.71
CA ASP H 270 -60.87 -16.87 -9.82
C ASP H 270 -61.13 -16.34 -8.42
N PRO H 271 -62.22 -16.82 -7.79
CA PRO H 271 -62.50 -16.46 -6.41
C PRO H 271 -61.73 -17.36 -5.43
N LEU H 272 -61.05 -16.78 -4.46
CA LEU H 272 -60.29 -17.61 -3.50
C LEU H 272 -61.19 -18.59 -2.78
N ALA H 273 -62.36 -18.08 -2.40
CA ALA H 273 -63.36 -18.84 -1.68
C ALA H 273 -64.71 -18.71 -2.39
N GLU H 274 -65.46 -19.82 -2.37
CA GLU H 274 -66.81 -19.94 -2.91
C GLU H 274 -67.72 -18.73 -2.70
N GLU H 275 -67.59 -18.06 -1.56
CA GLU H 275 -68.46 -16.89 -1.22
C GLU H 275 -68.28 -15.68 -2.16
N TYR H 276 -67.15 -15.60 -2.83
CA TYR H 276 -66.88 -14.49 -3.74
C TYR H 276 -67.26 -14.76 -5.21
N LYS H 277 -67.61 -16.01 -5.53
CA LYS H 277 -67.99 -16.43 -6.90
C LYS H 277 -68.79 -15.44 -7.74
N ASP H 278 -69.83 -14.84 -7.15
CA ASP H 278 -70.71 -13.88 -7.84
C ASP H 278 -69.91 -12.59 -8.10
N GLU H 279 -69.17 -12.15 -7.08
CA GLU H 279 -68.50 -10.85 -7.12
C GLU H 279 -67.36 -10.87 -8.08
N VAL H 280 -66.74 -12.03 -8.18
CA VAL H 280 -65.72 -12.23 -9.18
C VAL H 280 -66.29 -12.24 -10.59
N GLU H 281 -67.44 -12.87 -10.80
CA GLU H 281 -68.08 -12.82 -12.14
C GLU H 281 -68.37 -11.39 -12.61
N GLU H 282 -68.60 -10.51 -11.64
CA GLU H 282 -68.88 -9.12 -11.94
C GLU H 282 -67.64 -8.54 -12.56
N ILE H 283 -66.50 -8.94 -12.02
CA ILE H 283 -65.19 -8.44 -12.42
C ILE H 283 -64.83 -8.95 -13.83
N ARG H 284 -65.14 -10.22 -14.09
CA ARG H 284 -65.00 -10.73 -15.43
C ARG H 284 -65.67 -9.81 -16.41
N LYS H 285 -66.89 -9.43 -16.10
CA LYS H 285 -67.65 -8.58 -16.99
C LYS H 285 -66.93 -7.27 -17.22
N LYS H 286 -66.50 -6.60 -16.15
CA LYS H 286 -65.83 -5.32 -16.32
C LYS H 286 -64.58 -5.48 -17.14
N ASP H 287 -63.78 -6.45 -16.75
CA ASP H 287 -62.50 -6.71 -17.41
C ASP H 287 -62.66 -6.95 -18.93
N TYR H 288 -63.66 -7.73 -19.32
CA TYR H 288 -63.84 -8.02 -20.73
C TYR H 288 -64.70 -7.03 -21.46
N GLU H 289 -65.25 -6.06 -20.71
CA GLU H 289 -66.26 -5.12 -21.26
C GLU H 289 -65.84 -4.56 -22.62
N PHE H 290 -64.54 -4.21 -22.74
CA PHE H 290 -63.97 -3.76 -24.00
C PHE H 290 -64.38 -4.64 -25.19
N VAL H 291 -64.26 -5.95 -25.02
CA VAL H 291 -64.65 -6.86 -26.09
C VAL H 291 -66.18 -6.98 -26.22
N THR H 292 -66.88 -7.10 -25.08
CA THR H 292 -68.34 -7.02 -25.04
C THR H 292 -68.87 -5.86 -25.87
N ILE H 293 -68.31 -4.68 -25.64
CA ILE H 293 -68.77 -3.50 -26.36
C ILE H 293 -68.72 -3.68 -27.88
N LEU H 294 -67.53 -4.08 -28.36
CA LEU H 294 -67.28 -4.16 -29.78
C LEU H 294 -68.18 -5.20 -30.35
N HIS H 295 -68.34 -6.31 -29.61
CA HIS H 295 -69.29 -7.37 -30.01
C HIS H 295 -70.62 -6.75 -30.32
N SER H 296 -71.15 -6.01 -29.34
CA SER H 296 -72.48 -5.44 -29.45
C SER H 296 -72.64 -4.42 -30.60
N LYS H 297 -71.55 -3.80 -31.04
CA LYS H 297 -71.64 -2.95 -32.22
C LYS H 297 -71.45 -3.73 -33.52
N GLY H 298 -71.30 -5.05 -33.44
CA GLY H 298 -71.10 -5.85 -34.65
C GLY H 298 -69.78 -5.58 -35.37
N LYS H 299 -68.74 -5.29 -34.61
CA LYS H 299 -67.41 -5.00 -35.19
C LYS H 299 -66.33 -6.00 -34.78
N LEU H 300 -66.68 -7.29 -34.80
CA LEU H 300 -65.76 -8.38 -34.44
C LEU H 300 -66.07 -9.64 -35.22
N ASP H 301 -65.28 -9.94 -36.24
CA ASP H 301 -65.50 -11.19 -36.99
C ASP H 301 -64.83 -12.37 -36.26
N TRP H 302 -63.84 -12.08 -35.41
CA TRP H 302 -63.14 -13.10 -34.66
C TRP H 302 -62.38 -12.47 -33.52
N ILE H 303 -61.99 -13.29 -32.53
CA ILE H 303 -61.27 -12.81 -31.33
C ILE H 303 -59.91 -13.47 -31.16
N GLY H 304 -58.90 -12.65 -30.92
CA GLY H 304 -57.57 -13.15 -30.60
C GLY H 304 -57.38 -13.29 -29.12
N VAL H 305 -57.40 -14.54 -28.65
CA VAL H 305 -57.23 -14.79 -27.25
C VAL H 305 -55.77 -14.83 -26.93
N ASN H 306 -55.36 -14.01 -25.95
CA ASN H 306 -54.02 -14.03 -25.38
C ASN H 306 -54.12 -14.46 -23.95
N TYR H 307 -53.73 -15.69 -23.66
CA TYR H 307 -53.84 -16.20 -22.31
C TYR H 307 -52.48 -16.68 -21.84
N TYR H 308 -52.20 -16.37 -20.55
CA TYR H 308 -50.93 -16.71 -19.87
C TYR H 308 -51.13 -17.30 -18.42
N SER H 309 -51.94 -16.60 -17.62
CA SER H 309 -52.22 -17.04 -16.27
C SER H 309 -53.54 -16.48 -15.80
N ARG H 310 -53.70 -16.35 -14.48
CA ARG H 310 -54.96 -15.99 -13.86
C ARG H 310 -54.74 -14.95 -12.77
N LEU H 311 -55.83 -14.47 -12.18
CA LEU H 311 -55.78 -13.62 -10.99
C LEU H 311 -56.74 -14.19 -9.96
N VAL H 312 -56.31 -14.27 -8.70
CA VAL H 312 -57.15 -14.84 -7.64
C VAL H 312 -57.56 -13.79 -6.65
N TYR H 313 -58.86 -13.69 -6.37
CA TYR H 313 -59.38 -12.63 -5.54
C TYR H 313 -59.81 -13.10 -4.17
N GLY H 314 -59.51 -12.25 -3.18
CA GLY H 314 -59.91 -12.45 -1.79
C GLY H 314 -60.05 -11.12 -1.06
N ALA H 315 -60.40 -11.19 0.21
CA ALA H 315 -60.64 -9.97 0.95
C ALA H 315 -59.37 -9.41 1.56
N LYS H 316 -59.23 -8.09 1.42
CA LYS H 316 -58.19 -7.35 2.13
C LYS H 316 -58.78 -6.04 2.58
N ASP H 317 -58.60 -5.76 3.86
CA ASP H 317 -59.14 -4.58 4.50
C ASP H 317 -60.50 -4.26 3.87
N GLY H 318 -61.38 -5.26 3.82
CA GLY H 318 -62.76 -5.04 3.34
C GLY H 318 -63.06 -5.01 1.83
N HIS H 319 -62.13 -4.54 1.02
CA HIS H 319 -62.30 -4.59 -0.43
C HIS H 319 -61.78 -5.89 -0.99
N LEU H 320 -62.38 -6.32 -2.08
CA LEU H 320 -61.99 -7.57 -2.71
C LEU H 320 -60.95 -7.26 -3.78
N VAL H 321 -59.77 -7.88 -3.67
CA VAL H 321 -58.66 -7.58 -4.56
C VAL H 321 -57.88 -8.80 -4.95
N PRO H 322 -57.13 -8.71 -6.06
CA PRO H 322 -56.28 -9.79 -6.52
C PRO H 322 -55.15 -10.03 -5.54
N LEU H 323 -55.01 -11.28 -5.11
CA LEU H 323 -54.07 -11.68 -4.06
C LEU H 323 -52.67 -12.07 -4.57
N PRO H 324 -51.62 -11.66 -3.82
CA PRO H 324 -50.28 -12.10 -4.16
C PRO H 324 -50.13 -13.58 -3.93
N GLY H 325 -49.18 -14.19 -4.66
CA GLY H 325 -48.89 -15.65 -4.62
C GLY H 325 -49.75 -16.49 -5.57
N TYR H 326 -50.46 -15.83 -6.48
CA TYR H 326 -51.39 -16.49 -7.36
C TYR H 326 -51.34 -15.84 -8.72
N GLY H 327 -51.30 -16.66 -9.77
CA GLY H 327 -51.43 -16.19 -11.13
C GLY H 327 -50.29 -15.27 -11.48
N PHE H 328 -50.61 -14.11 -12.04
CA PHE H 328 -49.62 -13.11 -12.44
C PHE H 328 -48.87 -12.48 -11.26
N MET H 329 -49.18 -12.86 -10.03
CA MET H 329 -48.60 -12.19 -8.87
C MET H 329 -47.88 -13.21 -8.00
N SER H 330 -47.32 -14.23 -8.66
CA SER H 330 -46.59 -15.29 -7.95
C SER H 330 -45.13 -14.90 -7.97
N GLU H 331 -44.33 -15.59 -7.16
CA GLU H 331 -42.89 -15.35 -7.11
C GLU H 331 -42.21 -15.76 -8.43
N ARG H 332 -41.38 -14.88 -8.93
CA ARG H 332 -40.60 -15.14 -10.13
C ARG H 332 -39.67 -16.33 -10.02
N GLY H 333 -39.88 -17.33 -10.86
CA GLY H 333 -39.04 -18.53 -10.87
C GLY H 333 -39.30 -19.47 -9.73
N GLY H 334 -40.37 -19.18 -8.98
CA GLY H 334 -40.73 -19.93 -7.77
C GLY H 334 -42.01 -20.74 -7.90
N PHE H 335 -42.85 -20.71 -6.85
CA PHE H 335 -44.08 -21.46 -6.87
C PHE H 335 -45.18 -20.58 -6.35
N ALA H 336 -46.37 -20.72 -6.93
CA ALA H 336 -47.51 -19.99 -6.42
C ALA H 336 -47.95 -20.66 -5.12
N LYS H 337 -48.82 -19.97 -4.37
CA LYS H 337 -49.42 -20.55 -3.15
C LYS H 337 -50.16 -21.85 -3.50
N SER H 338 -50.69 -21.99 -4.72
CA SER H 338 -51.36 -23.23 -5.16
C SER H 338 -50.40 -24.41 -5.23
N GLY H 339 -49.10 -24.12 -5.35
CA GLY H 339 -48.12 -25.17 -5.50
C GLY H 339 -47.72 -25.37 -6.95
N ARG H 340 -48.40 -24.68 -7.85
CA ARG H 340 -47.99 -24.67 -9.24
C ARG H 340 -46.76 -23.82 -9.38
N PRO H 341 -45.85 -24.21 -10.30
CA PRO H 341 -44.69 -23.35 -10.55
C PRO H 341 -45.09 -22.07 -11.27
N ALA H 342 -44.25 -21.04 -11.17
CA ALA H 342 -44.46 -19.82 -11.93
C ALA H 342 -43.29 -19.54 -12.94
N SER H 343 -43.60 -18.83 -14.01
CA SER H 343 -42.60 -18.44 -14.98
C SER H 343 -41.58 -17.47 -14.38
N ASP H 344 -40.52 -17.24 -15.14
CA ASP H 344 -39.53 -16.23 -14.77
C ASP H 344 -40.19 -14.90 -14.56
N PHE H 345 -41.37 -14.70 -15.15
CA PHE H 345 -42.12 -13.42 -14.94
C PHE H 345 -42.99 -13.46 -13.65
N GLY H 346 -43.02 -14.64 -13.01
CA GLY H 346 -43.76 -14.84 -11.80
C GLY H 346 -45.23 -15.03 -12.10
N TRP H 347 -45.52 -15.79 -13.16
CA TRP H 347 -46.88 -16.00 -13.61
C TRP H 347 -47.18 -17.45 -13.48
N GLU H 348 -48.19 -17.75 -12.66
CA GLU H 348 -48.54 -19.13 -12.39
C GLU H 348 -48.79 -19.97 -13.66
N MET H 349 -48.47 -21.24 -13.58
CA MET H 349 -48.83 -22.19 -14.61
C MET H 349 -50.26 -22.64 -14.34
N TYR H 350 -51.19 -22.32 -15.25
CA TYR H 350 -52.60 -22.61 -14.98
C TYR H 350 -53.41 -22.88 -16.26
N PRO H 351 -53.15 -24.02 -16.93
CA PRO H 351 -53.91 -24.37 -18.13
C PRO H 351 -55.44 -24.40 -17.91
N GLU H 352 -55.86 -24.80 -16.73
CA GLU H 352 -57.29 -24.81 -16.40
C GLU H 352 -57.99 -23.51 -16.79
N GLY H 353 -57.34 -22.38 -16.53
CA GLY H 353 -57.91 -21.08 -16.77
C GLY H 353 -58.30 -20.85 -18.21
N LEU H 354 -57.51 -21.43 -19.09
CA LEU H 354 -57.68 -21.24 -20.52
C LEU H 354 -58.88 -22.04 -20.97
N GLU H 355 -58.98 -23.27 -20.44
CA GLU H 355 -60.10 -24.14 -20.72
C GLU H 355 -61.36 -23.44 -20.25
N ASN H 356 -61.38 -22.95 -19.01
CA ASN H 356 -62.56 -22.22 -18.51
C ASN H 356 -62.83 -21.02 -19.36
N LEU H 357 -61.77 -20.25 -19.68
CA LEU H 357 -61.92 -18.99 -20.44
C LEU H 357 -62.58 -19.20 -21.79
N LEU H 358 -62.10 -20.19 -22.54
CA LEU H 358 -62.61 -20.43 -23.89
C LEU H 358 -64.07 -20.78 -23.85
N LYS H 359 -64.51 -21.52 -22.86
CA LYS H 359 -65.93 -21.84 -22.77
C LYS H 359 -66.71 -20.60 -22.38
N TYR H 360 -66.18 -19.80 -21.46
CA TYR H 360 -66.78 -18.52 -21.13
C TYR H 360 -66.97 -17.55 -22.33
N LEU H 361 -65.97 -17.48 -23.20
CA LEU H 361 -65.98 -16.56 -24.35
C LEU H 361 -66.84 -17.06 -25.50
N ASN H 362 -66.90 -18.38 -25.65
CA ASN H 362 -67.72 -18.99 -26.67
C ASN H 362 -69.19 -18.81 -26.31
N ASN H 363 -69.51 -19.06 -25.04
CA ASN H 363 -70.88 -18.86 -24.58
C ASN H 363 -71.26 -17.39 -24.63
N ALA H 364 -70.35 -16.52 -24.18
CA ALA H 364 -70.62 -15.10 -24.13
C ALA H 364 -70.76 -14.43 -25.51
N TYR H 365 -69.96 -14.86 -26.48
CA TYR H 365 -69.82 -14.13 -27.76
C TYR H 365 -70.14 -14.98 -29.01
N GLU H 366 -70.02 -16.30 -28.91
CA GLU H 366 -70.29 -17.23 -30.02
C GLU H 366 -69.52 -16.89 -31.30
N LEU H 367 -68.28 -16.45 -31.14
CA LEU H 367 -67.44 -16.03 -32.27
C LEU H 367 -66.27 -16.98 -32.53
N PRO H 368 -65.74 -17.01 -33.75
CA PRO H 368 -64.48 -17.75 -33.98
C PRO H 368 -63.30 -17.20 -33.20
N MET H 369 -62.52 -18.09 -32.57
CA MET H 369 -61.37 -17.66 -31.75
C MET H 369 -60.05 -18.24 -32.23
N ILE H 370 -58.97 -17.48 -32.04
CA ILE H 370 -57.62 -18.02 -32.22
C ILE H 370 -56.74 -17.64 -31.01
N ILE H 371 -56.04 -18.61 -30.46
CA ILE H 371 -55.16 -18.36 -29.36
C ILE H 371 -54.03 -17.65 -30.03
N THR H 372 -54.05 -16.33 -29.93
CA THR H 372 -53.05 -15.50 -30.62
C THR H 372 -51.78 -15.25 -29.78
N GLU H 373 -51.80 -15.72 -28.53
CA GLU H 373 -50.63 -15.57 -27.64
C GLU H 373 -50.74 -16.51 -26.44
N ASN H 374 -49.77 -17.41 -26.31
CA ASN H 374 -49.71 -18.29 -25.18
C ASN H 374 -48.31 -18.90 -25.12
N GLY H 375 -47.69 -18.76 -23.95
CA GLY H 375 -46.30 -19.18 -23.74
C GLY H 375 -45.81 -18.79 -22.34
N MET H 376 -44.51 -18.90 -22.09
CA MET H 376 -43.98 -18.52 -20.78
C MET H 376 -42.54 -18.17 -20.81
N ALA H 377 -42.18 -17.23 -19.94
CA ALA H 377 -40.80 -16.89 -19.70
C ALA H 377 -40.07 -18.01 -18.90
N ASP H 378 -39.14 -18.70 -19.58
CA ASP H 378 -38.45 -19.87 -19.04
C ASP H 378 -37.15 -19.97 -19.79
N ALA H 379 -36.08 -19.43 -19.22
CA ALA H 379 -34.78 -19.44 -19.90
C ALA H 379 -34.25 -20.84 -20.00
N ALA H 380 -34.62 -21.64 -19.01
CA ALA H 380 -34.10 -22.99 -18.83
C ALA H 380 -34.91 -24.08 -19.52
N ASP H 381 -36.04 -23.74 -20.13
CA ASP H 381 -36.87 -24.76 -20.79
C ASP H 381 -37.27 -25.82 -19.78
N ARG H 382 -37.23 -25.45 -18.50
CA ARG H 382 -37.62 -26.35 -17.40
C ARG H 382 -39.11 -26.72 -17.49
N TYR H 383 -39.95 -25.75 -17.84
CA TYR H 383 -41.38 -25.99 -17.82
C TYR H 383 -42.05 -25.85 -19.17
N ARG H 384 -41.47 -25.06 -20.05
CA ARG H 384 -42.11 -24.85 -21.35
C ARG H 384 -42.75 -26.12 -21.97
N PRO H 385 -41.99 -27.22 -22.13
CA PRO H 385 -42.62 -28.43 -22.67
C PRO H 385 -43.99 -28.79 -22.05
N HIS H 386 -44.07 -28.86 -20.72
CA HIS H 386 -45.35 -29.15 -20.07
C HIS H 386 -46.33 -28.02 -20.36
N TYR H 387 -45.85 -26.78 -20.34
CA TYR H 387 -46.72 -25.63 -20.52
C TYR H 387 -47.47 -25.73 -21.82
N LEU H 388 -46.72 -26.13 -22.84
CA LEU H 388 -47.22 -26.26 -24.19
C LEU H 388 -48.32 -27.32 -24.23
N VAL H 389 -47.97 -28.52 -23.77
CA VAL H 389 -48.84 -29.67 -23.90
C VAL H 389 -50.05 -29.50 -22.99
N SER H 390 -49.84 -28.98 -21.78
CA SER H 390 -50.96 -28.77 -20.87
C SER H 390 -51.94 -27.81 -21.49
N HIS H 391 -51.43 -26.73 -22.07
CA HIS H 391 -52.32 -25.67 -22.59
C HIS H 391 -53.02 -26.07 -23.86
N LEU H 392 -52.35 -26.85 -24.70
CA LEU H 392 -52.98 -27.40 -25.90
C LEU H 392 -54.13 -28.34 -25.50
N LYS H 393 -53.94 -29.10 -24.43
CA LYS H 393 -54.96 -30.00 -23.90
C LYS H 393 -56.16 -29.17 -23.46
N ALA H 394 -55.90 -28.08 -22.77
CA ALA H 394 -56.93 -27.15 -22.36
C ALA H 394 -57.74 -26.62 -23.52
N VAL H 395 -57.09 -26.35 -24.65
CA VAL H 395 -57.81 -25.84 -25.83
C VAL H 395 -58.66 -26.96 -26.41
N TYR H 396 -58.03 -28.10 -26.59
CA TYR H 396 -58.70 -29.30 -27.08
C TYR H 396 -59.94 -29.67 -26.27
N ASN H 397 -59.86 -29.57 -24.95
CA ASN H 397 -61.05 -29.79 -24.11
C ASN H 397 -62.14 -28.77 -24.41
N ALA H 398 -61.76 -27.49 -24.55
CA ALA H 398 -62.74 -26.41 -24.71
C ALA H 398 -63.48 -26.55 -26.01
N MET H 399 -62.75 -27.03 -27.01
CA MET H 399 -63.33 -27.27 -28.36
C MET H 399 -64.36 -28.40 -28.40
N LYS H 400 -64.11 -29.45 -27.60
CA LYS H 400 -65.02 -30.58 -27.45
C LYS H 400 -66.34 -30.13 -26.88
N GLU H 401 -66.30 -29.15 -25.99
CA GLU H 401 -67.52 -28.63 -25.39
C GLU H 401 -68.07 -27.48 -26.18
N GLY H 402 -67.63 -27.36 -27.44
CA GLY H 402 -68.27 -26.48 -28.43
C GLY H 402 -67.55 -25.18 -28.77
N ALA H 403 -66.45 -24.86 -28.08
CA ALA H 403 -65.71 -23.61 -28.32
C ALA H 403 -65.15 -23.62 -29.73
N ASP H 404 -65.37 -22.53 -30.47
CA ASP H 404 -64.94 -22.49 -31.87
C ASP H 404 -63.53 -21.95 -32.02
N VAL H 405 -62.54 -22.83 -31.91
CA VAL H 405 -61.15 -22.41 -31.92
C VAL H 405 -60.52 -22.88 -33.20
N ARG H 406 -60.02 -21.94 -33.99
CA ARG H 406 -59.45 -22.23 -35.29
C ARG H 406 -57.89 -22.34 -35.35
N GLY H 407 -57.22 -22.09 -34.23
CA GLY H 407 -55.77 -22.19 -34.18
C GLY H 407 -55.12 -21.83 -32.87
N TYR H 408 -53.82 -22.10 -32.79
CA TYR H 408 -53.01 -21.81 -31.61
C TYR H 408 -51.68 -21.25 -32.10
N LEU H 409 -51.35 -20.05 -31.60
CA LEU H 409 -50.10 -19.40 -31.93
C LEU H 409 -49.33 -19.19 -30.63
N HIS H 410 -48.18 -19.83 -30.53
CA HIS H 410 -47.36 -19.71 -29.33
C HIS H 410 -46.71 -18.33 -29.32
N TRP H 411 -46.41 -17.81 -28.13
CA TRP H 411 -45.51 -16.66 -28.01
C TRP H 411 -44.30 -17.12 -27.24
N SER H 412 -43.19 -17.35 -27.92
CA SER H 412 -43.03 -17.04 -29.36
C SER H 412 -41.97 -17.93 -29.93
N LEU H 413 -41.73 -17.84 -31.23
CA LEU H 413 -40.67 -18.67 -31.84
C LEU H 413 -39.36 -18.37 -31.15
N THR H 414 -38.98 -17.09 -31.16
CA THR H 414 -37.69 -16.65 -30.62
C THR H 414 -37.83 -15.78 -29.42
N ASP H 415 -36.74 -15.68 -28.67
CA ASP H 415 -36.64 -14.71 -27.59
C ASP H 415 -36.66 -13.33 -28.23
N ASN H 416 -37.12 -12.36 -27.45
CA ASN H 416 -37.30 -11.01 -27.95
C ASN H 416 -37.26 -10.00 -26.77
N TYR H 417 -37.57 -8.73 -27.02
CA TYR H 417 -37.44 -7.67 -26.01
C TYR H 417 -38.74 -7.50 -25.23
N GLU H 418 -38.76 -8.03 -24.00
CA GLU H 418 -39.98 -7.97 -23.21
C GLU H 418 -40.10 -6.62 -22.53
N TRP H 419 -40.33 -5.61 -23.36
CA TRP H 419 -40.63 -4.26 -22.92
C TRP H 419 -39.76 -3.76 -21.71
N ALA H 420 -40.40 -3.41 -20.60
CA ALA H 420 -39.72 -2.78 -19.48
C ALA H 420 -38.81 -3.76 -18.81
N GLN H 421 -39.06 -5.04 -19.03
CA GLN H 421 -38.25 -6.09 -18.44
C GLN H 421 -37.02 -6.48 -19.28
N GLY H 422 -36.83 -5.86 -20.44
CA GLY H 422 -35.70 -6.18 -21.27
C GLY H 422 -35.67 -7.63 -21.75
N PHE H 423 -34.47 -8.21 -21.83
CA PHE H 423 -34.25 -9.55 -22.41
C PHE H 423 -34.27 -10.67 -21.37
N ARG H 424 -34.28 -10.34 -20.07
CA ARG H 424 -34.30 -11.38 -19.01
C ARG H 424 -35.56 -12.32 -19.09
N MET H 425 -36.66 -11.82 -19.65
CA MET H 425 -37.82 -12.66 -19.87
C MET H 425 -37.71 -13.26 -21.25
N ARG H 426 -37.41 -14.56 -21.30
CA ARG H 426 -37.25 -15.23 -22.56
C ARG H 426 -38.40 -16.19 -22.82
N PHE H 427 -39.24 -15.84 -23.82
CA PHE H 427 -40.42 -16.63 -24.15
C PHE H 427 -40.28 -17.62 -25.31
N GLY H 428 -39.10 -17.67 -25.93
CA GLY H 428 -38.88 -18.37 -27.19
C GLY H 428 -38.79 -19.87 -27.11
N LEU H 429 -39.42 -20.57 -28.07
CA LEU H 429 -39.12 -21.95 -28.35
C LEU H 429 -37.67 -22.05 -28.95
N VAL H 430 -37.18 -20.91 -29.41
CA VAL H 430 -35.84 -20.77 -29.90
C VAL H 430 -35.11 -19.73 -29.04
N TYR H 431 -33.99 -20.14 -28.47
CA TYR H 431 -33.10 -19.22 -27.78
C TYR H 431 -32.39 -18.35 -28.82
N VAL H 432 -32.09 -17.11 -28.46
CA VAL H 432 -31.31 -16.23 -29.30
C VAL H 432 -30.20 -15.60 -28.46
N ASP H 433 -28.97 -15.71 -28.98
CA ASP H 433 -27.80 -15.03 -28.45
C ASP H 433 -27.79 -13.60 -29.00
N PHE H 434 -28.21 -12.64 -28.17
CA PHE H 434 -28.40 -11.27 -28.67
C PHE H 434 -27.10 -10.56 -29.07
N GLU H 435 -25.93 -11.14 -28.77
CA GLU H 435 -24.66 -10.60 -29.23
C GLU H 435 -24.39 -11.04 -30.64
N THR H 436 -24.63 -12.31 -30.93
CA THR H 436 -24.34 -12.89 -32.23
C THR H 436 -25.54 -12.99 -33.15
N LYS H 437 -26.73 -12.82 -32.57
CA LYS H 437 -28.01 -12.96 -33.29
C LYS H 437 -28.27 -14.39 -33.77
N LYS H 438 -27.70 -15.35 -33.06
CA LYS H 438 -27.75 -16.71 -33.51
C LYS H 438 -28.87 -17.43 -32.81
N ARG H 439 -29.54 -18.28 -33.58
CA ARG H 439 -30.66 -19.07 -33.14
C ARG H 439 -30.19 -20.45 -32.73
N TYR H 440 -30.69 -20.90 -31.57
CA TYR H 440 -30.52 -22.28 -31.14
C TYR H 440 -31.85 -22.75 -30.57
N LEU H 441 -32.37 -23.87 -31.06
CA LEU H 441 -33.69 -24.34 -30.63
C LEU H 441 -33.63 -24.92 -29.24
N ARG H 442 -34.61 -24.59 -28.42
CA ARG H 442 -34.76 -25.25 -27.15
C ARG H 442 -35.43 -26.58 -27.41
N PRO H 443 -35.21 -27.57 -26.53
CA PRO H 443 -35.82 -28.88 -26.77
C PRO H 443 -37.33 -28.80 -26.91
N SER H 444 -37.98 -27.91 -26.13
CA SER H 444 -39.45 -27.74 -26.18
C SER H 444 -39.98 -27.47 -27.58
N ALA H 445 -39.11 -26.97 -28.45
CA ALA H 445 -39.46 -26.73 -29.84
C ALA H 445 -39.84 -28.00 -30.57
N LEU H 446 -39.41 -29.16 -30.06
CA LEU H 446 -39.61 -30.45 -30.76
C LEU H 446 -40.86 -31.17 -30.33
N VAL H 447 -41.53 -30.64 -29.33
CA VAL H 447 -42.88 -31.07 -28.99
C VAL H 447 -43.75 -30.78 -30.21
N SER H 448 -43.43 -29.66 -30.88
CA SER H 448 -44.13 -29.14 -32.08
C SER H 448 -43.95 -29.93 -33.39
N VAL H 449 -42.94 -30.81 -33.45
CA VAL H 449 -42.59 -31.58 -34.66
C VAL H 449 -43.18 -33.00 -34.60
N LYS H 450 -43.68 -33.35 -33.41
CA LYS H 450 -44.12 -34.73 -33.12
C LYS H 450 -45.22 -34.83 -32.04
N LYS I 3 -13.29 27.09 -68.30
CA LYS I 3 -14.48 26.20 -68.48
C LYS I 3 -14.04 24.83 -68.98
N PHE I 4 -14.79 23.81 -68.56
CA PHE I 4 -14.58 22.46 -69.03
C PHE I 4 -15.73 22.15 -69.97
N PRO I 5 -15.51 21.24 -70.95
CA PRO I 5 -16.61 20.82 -71.84
C PRO I 5 -17.94 20.58 -71.16
N LYS I 6 -19.00 20.58 -71.96
CA LYS I 6 -20.36 20.41 -71.48
C LYS I 6 -20.53 19.06 -70.79
N ASN I 7 -19.88 18.03 -71.33
CA ASN I 7 -20.07 16.67 -70.84
C ASN I 7 -18.99 16.18 -69.84
N PHE I 8 -18.19 17.10 -69.32
CA PHE I 8 -17.11 16.74 -68.41
C PHE I 8 -17.62 16.46 -67.02
N MET I 9 -17.34 15.28 -66.50
CA MET I 9 -17.89 14.84 -65.21
C MET I 9 -16.99 15.20 -64.01
N PHE I 10 -17.63 15.69 -62.94
CA PHE I 10 -16.97 15.92 -61.65
C PHE I 10 -17.60 14.98 -60.62
N GLY I 11 -16.79 14.44 -59.74
CA GLY I 11 -17.27 13.51 -58.77
C GLY I 11 -16.26 12.98 -57.77
N TYR I 12 -16.34 11.69 -57.49
CA TYR I 12 -15.50 11.04 -56.48
C TYR I 12 -15.49 9.51 -56.55
N SER I 13 -14.62 8.89 -55.81
CA SER I 13 -14.49 7.46 -55.91
C SER I 13 -14.44 6.89 -54.52
N TRP I 14 -14.96 5.68 -54.41
CA TRP I 14 -14.91 4.92 -53.14
C TRP I 14 -14.65 3.48 -53.50
N SER I 15 -14.16 2.76 -52.50
CA SER I 15 -13.90 1.32 -52.62
C SER I 15 -14.55 0.73 -51.42
N GLY I 16 -15.02 -0.50 -51.56
CA GLY I 16 -15.74 -1.22 -50.50
C GLY I 16 -15.02 -1.37 -49.17
N PHE I 17 -13.74 -1.74 -49.21
CA PHE I 17 -13.03 -2.08 -47.97
C PHE I 17 -12.90 -0.84 -47.13
N GLN I 18 -12.69 0.29 -47.80
CA GLN I 18 -12.32 1.51 -47.09
C GLN I 18 -13.58 2.29 -46.59
N PHE I 19 -14.75 1.94 -47.11
CA PHE I 19 -15.91 2.76 -46.92
C PHE I 19 -17.07 2.01 -46.27
N GLU I 20 -17.31 0.80 -46.76
CA GLU I 20 -18.54 0.14 -46.44
C GLU I 20 -18.72 -0.01 -44.95
N MET I 21 -17.69 -0.55 -44.31
CA MET I 21 -17.81 -1.02 -42.93
C MET I 21 -17.78 0.10 -41.89
N GLY I 22 -18.34 -0.14 -40.71
CA GLY I 22 -18.41 0.91 -39.71
C GLY I 22 -19.52 0.77 -38.68
N LEU I 23 -20.66 0.24 -39.08
CA LEU I 23 -21.66 -0.19 -38.09
C LEU I 23 -21.92 -1.69 -38.20
N PRO I 24 -22.28 -2.38 -37.09
CA PRO I 24 -22.53 -3.84 -37.16
C PRO I 24 -23.52 -4.31 -38.21
N GLY I 25 -23.22 -5.46 -38.78
CA GLY I 25 -23.93 -5.96 -39.98
C GLY I 25 -23.06 -5.88 -41.23
N SER I 26 -22.17 -4.89 -41.24
CA SER I 26 -21.41 -4.46 -42.43
C SER I 26 -20.27 -5.43 -42.77
N GLU I 27 -19.89 -6.22 -41.77
CA GLU I 27 -18.53 -6.67 -41.63
C GLU I 27 -18.27 -7.79 -42.65
N VAL I 28 -17.06 -7.90 -43.21
CA VAL I 28 -16.80 -8.91 -44.28
C VAL I 28 -15.40 -9.49 -44.30
N GLU I 29 -15.35 -10.80 -44.21
CA GLU I 29 -14.07 -11.49 -44.17
C GLU I 29 -13.42 -11.47 -45.55
N SER I 30 -12.15 -11.17 -45.57
CA SER I 30 -11.35 -11.10 -46.77
C SER I 30 -9.90 -11.32 -46.38
N ASP I 31 -9.00 -11.44 -47.34
CA ASP I 31 -7.56 -11.53 -47.01
C ASP I 31 -7.07 -10.28 -46.31
N TRP I 32 -7.49 -9.13 -46.79
CA TRP I 32 -7.17 -7.85 -46.14
C TRP I 32 -7.69 -7.73 -44.69
N TRP I 33 -8.92 -8.18 -44.45
CA TRP I 33 -9.50 -8.10 -43.13
C TRP I 33 -8.63 -8.88 -42.12
N VAL I 34 -8.38 -10.13 -42.46
CA VAL I 34 -7.55 -10.92 -41.61
C VAL I 34 -6.25 -10.17 -41.37
N TRP I 35 -5.70 -9.62 -42.44
CA TRP I 35 -4.37 -9.00 -42.40
C TRP I 35 -4.26 -7.79 -41.45
N VAL I 36 -5.24 -6.89 -41.50
CA VAL I 36 -5.27 -5.79 -40.54
C VAL I 36 -5.67 -6.19 -39.11
N HIS I 37 -6.24 -7.37 -38.90
CA HIS I 37 -6.53 -7.91 -37.52
C HIS I 37 -5.45 -8.81 -36.91
N ASP I 38 -4.54 -9.33 -37.74
CA ASP I 38 -3.45 -10.12 -37.31
C ASP I 38 -2.65 -9.49 -36.19
N LYS I 39 -2.56 -10.22 -35.07
CA LYS I 39 -1.84 -9.77 -33.85
C LYS I 39 -0.39 -9.44 -34.14
N GLU I 40 0.32 -10.36 -34.80
CA GLU I 40 1.76 -10.14 -35.17
C GLU I 40 1.95 -8.84 -35.92
N ASN I 41 1.12 -8.63 -36.94
CA ASN I 41 1.16 -7.43 -37.75
C ASN I 41 0.92 -6.16 -36.96
N ILE I 42 -0.14 -6.16 -36.15
CA ILE I 42 -0.45 -4.98 -35.33
C ILE I 42 0.74 -4.64 -34.38
N ALA I 43 1.20 -5.66 -33.65
CA ALA I 43 2.20 -5.50 -32.63
C ALA I 43 3.50 -4.97 -33.23
N SER I 44 3.86 -5.44 -34.42
CA SER I 44 5.14 -5.05 -35.03
C SER I 44 5.04 -3.68 -35.74
N GLY I 45 3.89 -3.02 -35.67
CA GLY I 45 3.72 -1.72 -36.27
C GLY I 45 3.51 -1.75 -37.78
N LEU I 46 3.40 -2.95 -38.35
CA LEU I 46 3.29 -3.11 -39.80
C LEU I 46 1.96 -2.63 -40.28
N VAL I 47 0.96 -2.72 -39.42
CA VAL I 47 -0.33 -2.07 -39.70
C VAL I 47 -0.73 -1.19 -38.55
N SER I 48 -1.61 -0.24 -38.83
CA SER I 48 -2.03 0.77 -37.85
C SER I 48 -2.56 0.17 -36.59
N GLY I 49 -3.30 -0.92 -36.70
CA GLY I 49 -4.09 -1.37 -35.56
C GLY I 49 -5.50 -0.74 -35.51
N ASP I 50 -5.71 0.31 -36.29
CA ASP I 50 -7.06 0.74 -36.64
C ASP I 50 -7.75 -0.38 -37.39
N LEU I 51 -9.08 -0.41 -37.33
CA LEU I 51 -9.82 -1.48 -37.98
C LEU I 51 -10.96 -0.93 -38.85
N PRO I 52 -11.28 -1.64 -39.95
CA PRO I 52 -12.20 -1.09 -40.94
C PRO I 52 -13.61 -1.10 -40.46
N GLU I 53 -13.90 -1.96 -39.51
CA GLU I 53 -15.26 -2.00 -38.92
C GLU I 53 -15.56 -0.74 -38.08
N ASN I 54 -14.55 0.13 -37.92
CA ASN I 54 -14.74 1.43 -37.30
C ASN I 54 -14.78 2.55 -38.33
N GLY I 55 -15.10 2.20 -39.57
CA GLY I 55 -15.04 3.14 -40.68
C GLY I 55 -16.28 3.97 -40.80
N PRO I 56 -16.44 4.61 -41.95
CA PRO I 56 -17.49 5.62 -42.18
C PRO I 56 -18.85 5.01 -42.41
N ALA I 57 -18.93 3.69 -42.43
CA ALA I 57 -20.21 2.98 -42.55
C ALA I 57 -21.07 3.41 -43.72
N TYR I 58 -20.47 3.51 -44.90
CA TYR I 58 -21.22 3.88 -46.12
C TYR I 58 -22.32 2.86 -46.47
N TRP I 59 -22.08 1.60 -46.15
CA TRP I 59 -23.04 0.52 -46.36
C TRP I 59 -24.44 0.90 -45.78
N HIS I 60 -24.45 1.60 -44.66
CA HIS I 60 -25.69 2.08 -44.05
C HIS I 60 -25.97 3.52 -44.42
N LEU I 61 -24.93 4.40 -44.43
CA LEU I 61 -25.16 5.85 -44.54
C LEU I 61 -24.94 6.44 -45.93
N TYR I 62 -25.27 5.69 -46.97
CA TYR I 62 -24.95 6.09 -48.35
C TYR I 62 -25.86 7.22 -48.82
N LYS I 63 -27.08 7.21 -48.32
CA LYS I 63 -28.09 8.20 -48.66
C LYS I 63 -27.60 9.65 -48.38
N GLN I 64 -27.09 9.91 -47.17
CA GLN I 64 -26.56 11.23 -46.81
C GLN I 64 -25.42 11.63 -47.70
N ASP I 65 -24.48 10.70 -47.85
CA ASP I 65 -23.25 10.94 -48.60
C ASP I 65 -23.60 11.33 -50.02
N HIS I 66 -24.51 10.57 -50.62
CA HIS I 66 -25.00 10.90 -51.93
C HIS I 66 -25.58 12.32 -51.91
N ASP I 67 -26.50 12.62 -50.99
CA ASP I 67 -27.10 13.94 -50.88
C ASP I 67 -26.01 15.02 -50.94
N ILE I 68 -25.00 14.83 -50.11
CA ILE I 68 -23.92 15.79 -50.01
C ILE I 68 -23.26 15.98 -51.38
N ALA I 69 -22.90 14.87 -52.00
CA ALA I 69 -22.22 14.95 -53.27
C ALA I 69 -23.12 15.66 -54.29
N GLU I 70 -24.41 15.38 -54.25
CA GLU I 70 -25.32 15.95 -55.23
C GLU I 70 -25.28 17.44 -55.12
N LYS I 71 -25.52 17.95 -53.92
CA LYS I 71 -25.60 19.40 -53.76
C LYS I 71 -24.23 20.08 -53.80
N LEU I 72 -23.17 19.31 -53.96
CA LEU I 72 -21.83 19.85 -54.22
C LEU I 72 -21.57 19.96 -55.72
N GLY I 73 -22.61 19.69 -56.51
CA GLY I 73 -22.55 19.75 -57.96
C GLY I 73 -21.97 18.52 -58.63
N MET I 74 -21.73 17.45 -57.87
CA MET I 74 -21.11 16.24 -58.42
C MET I 74 -22.14 15.51 -59.23
N ASP I 75 -21.69 14.96 -60.36
CA ASP I 75 -22.60 14.24 -61.29
C ASP I 75 -22.17 12.77 -61.57
N CYS I 76 -20.99 12.37 -61.09
CA CYS I 76 -20.46 11.03 -61.37
C CYS I 76 -19.77 10.45 -60.16
N ILE I 77 -20.05 9.19 -59.87
CA ILE I 77 -19.31 8.47 -58.79
C ILE I 77 -18.72 7.22 -59.33
N ARG I 78 -17.56 6.85 -58.83
CA ARG I 78 -17.00 5.56 -59.18
C ARG I 78 -16.84 4.83 -57.89
N GLY I 79 -17.52 3.70 -57.82
CA GLY I 79 -17.50 2.90 -56.63
C GLY I 79 -17.26 1.46 -56.98
N GLY I 80 -17.32 0.61 -55.96
CA GLY I 80 -16.97 -0.77 -56.15
C GLY I 80 -18.01 -1.76 -55.72
N ILE I 81 -17.64 -3.02 -55.87
CA ILE I 81 -18.41 -4.15 -55.39
C ILE I 81 -17.41 -5.17 -54.96
N GLU I 82 -17.63 -5.73 -53.79
CA GLU I 82 -16.64 -6.57 -53.21
C GLU I 82 -16.89 -8.04 -53.43
N TRP I 83 -15.95 -8.68 -54.15
CA TRP I 83 -15.99 -10.14 -54.41
C TRP I 83 -16.32 -10.95 -53.17
N ALA I 84 -15.51 -10.74 -52.13
CA ALA I 84 -15.66 -11.45 -50.83
C ALA I 84 -17.00 -11.17 -50.12
N ARG I 85 -17.65 -10.06 -50.46
CA ARG I 85 -19.01 -9.85 -49.98
C ARG I 85 -20.04 -10.62 -50.79
N ILE I 86 -19.77 -10.92 -52.07
CA ILE I 86 -20.79 -11.51 -52.93
C ILE I 86 -20.70 -13.01 -52.86
N PHE I 87 -19.48 -13.51 -52.75
CA PHE I 87 -19.23 -14.96 -52.66
C PHE I 87 -18.41 -15.34 -51.43
N PRO I 88 -19.02 -15.20 -50.23
CA PRO I 88 -18.31 -15.60 -49.01
C PRO I 88 -17.96 -17.08 -49.06
N LYS I 89 -18.77 -17.89 -49.74
CA LYS I 89 -18.49 -19.33 -49.98
C LYS I 89 -17.86 -19.54 -51.38
N PRO I 90 -16.91 -20.48 -51.53
CA PRO I 90 -16.20 -20.77 -52.80
C PRO I 90 -17.08 -21.11 -54.00
N THR I 91 -16.59 -20.76 -55.18
CA THR I 91 -17.31 -20.98 -56.44
C THR I 91 -16.74 -22.13 -57.24
N PHE I 92 -15.66 -22.73 -56.75
CA PHE I 92 -14.89 -23.69 -57.53
C PHE I 92 -15.73 -24.84 -58.06
N ASP I 93 -16.72 -25.26 -57.26
CA ASP I 93 -17.57 -26.40 -57.62
C ASP I 93 -18.61 -26.13 -58.70
N VAL I 94 -18.92 -24.86 -58.99
CA VAL I 94 -19.75 -24.51 -60.14
C VAL I 94 -18.87 -24.50 -61.38
N LYS I 95 -18.93 -25.57 -62.16
CA LYS I 95 -17.94 -25.84 -63.22
C LYS I 95 -18.17 -25.01 -64.49
N VAL I 96 -17.08 -24.62 -65.13
CA VAL I 96 -17.19 -23.90 -66.36
C VAL I 96 -16.17 -24.40 -67.40
N ASP I 97 -16.60 -24.32 -68.66
CA ASP I 97 -15.77 -24.71 -69.76
C ASP I 97 -14.71 -23.64 -69.99
N VAL I 98 -13.43 -24.03 -69.89
CA VAL I 98 -12.31 -23.09 -70.00
C VAL I 98 -11.30 -23.59 -71.03
N GLU I 99 -11.01 -22.75 -72.02
CA GLU I 99 -10.13 -23.14 -73.13
C GLU I 99 -8.79 -22.48 -72.96
N LYS I 100 -7.74 -23.27 -73.06
CA LYS I 100 -6.39 -22.78 -72.86
C LYS I 100 -5.51 -23.19 -74.07
N ASP I 101 -4.49 -22.40 -74.42
CA ASP I 101 -3.54 -22.78 -75.49
C ASP I 101 -2.32 -23.50 -74.93
N GLU I 102 -1.37 -23.80 -75.81
CA GLU I 102 -0.12 -24.51 -75.46
C GLU I 102 0.65 -23.95 -74.27
N GLU I 103 0.99 -22.66 -74.35
CA GLU I 103 1.81 -21.96 -73.34
C GLU I 103 1.15 -21.86 -71.96
N GLY I 104 -0.18 -22.02 -71.92
CA GLY I 104 -0.94 -21.87 -70.70
C GLY I 104 -1.56 -20.47 -70.60
N ASN I 105 -2.05 -19.97 -71.73
CA ASN I 105 -2.83 -18.72 -71.78
C ASN I 105 -4.32 -19.02 -71.69
N ILE I 106 -5.12 -17.99 -71.37
CA ILE I 106 -6.57 -18.09 -71.25
C ILE I 106 -7.18 -17.62 -72.57
N ILE I 107 -7.89 -18.49 -73.30
CA ILE I 107 -8.55 -18.03 -74.51
C ILE I 107 -10.02 -17.67 -74.20
N SER I 108 -10.68 -18.48 -73.38
CA SER I 108 -12.08 -18.24 -73.05
C SER I 108 -12.46 -18.94 -71.74
N VAL I 109 -13.65 -18.58 -71.27
CA VAL I 109 -14.20 -19.09 -70.04
C VAL I 109 -15.69 -18.95 -70.19
N ASP I 110 -16.38 -19.94 -70.70
CA ASP I 110 -17.79 -19.76 -70.98
C ASP I 110 -18.50 -19.67 -69.64
N VAL I 111 -19.35 -18.66 -69.46
CA VAL I 111 -20.24 -18.54 -68.29
C VAL I 111 -21.65 -18.20 -68.78
N PRO I 112 -22.41 -19.19 -69.21
CA PRO I 112 -23.77 -18.96 -69.69
C PRO I 112 -24.73 -18.55 -68.61
N GLU I 113 -25.96 -18.32 -69.04
CA GLU I 113 -26.97 -17.91 -68.13
C GLU I 113 -27.22 -18.96 -67.06
N SER I 114 -27.07 -20.22 -67.42
CA SER I 114 -27.35 -21.32 -66.47
C SER I 114 -26.33 -21.31 -65.36
N THR I 115 -25.07 -21.10 -65.68
CA THR I 115 -24.04 -20.99 -64.65
C THR I 115 -24.38 -19.85 -63.67
N ILE I 116 -24.89 -18.73 -64.18
CA ILE I 116 -25.25 -17.61 -63.33
C ILE I 116 -26.28 -18.06 -62.32
N LYS I 117 -27.20 -18.91 -62.75
CA LYS I 117 -28.24 -19.43 -61.84
C LYS I 117 -27.68 -20.36 -60.77
N GLU I 118 -26.71 -21.19 -61.15
CA GLU I 118 -26.03 -22.06 -60.19
C GLU I 118 -25.22 -21.25 -59.17
N LEU I 119 -24.69 -20.11 -59.61
CA LEU I 119 -23.98 -19.21 -58.74
C LEU I 119 -24.92 -18.50 -57.80
N GLU I 120 -26.12 -18.16 -58.26
CA GLU I 120 -27.08 -17.45 -57.40
C GLU I 120 -27.36 -18.21 -56.11
N LYS I 121 -27.27 -19.54 -56.18
CA LYS I 121 -27.58 -20.42 -55.04
C LYS I 121 -26.63 -20.27 -53.87
N ILE I 122 -25.35 -20.09 -54.20
CA ILE I 122 -24.29 -19.93 -53.19
C ILE I 122 -23.86 -18.48 -52.91
N ALA I 123 -24.35 -17.54 -53.72
CA ALA I 123 -24.00 -16.13 -53.56
C ALA I 123 -24.80 -15.52 -52.44
N ASN I 124 -24.36 -14.36 -52.00
CA ASN I 124 -25.11 -13.63 -51.00
C ASN I 124 -26.04 -12.67 -51.71
N MET I 125 -27.23 -13.12 -52.06
CA MET I 125 -28.14 -12.30 -52.84
C MET I 125 -28.65 -11.16 -52.00
N GLU I 126 -28.56 -11.29 -50.69
CA GLU I 126 -28.94 -10.16 -49.78
C GLU I 126 -28.06 -8.97 -50.09
N ALA I 127 -26.77 -9.23 -50.22
CA ALA I 127 -25.74 -8.19 -50.37
C ALA I 127 -25.81 -7.55 -51.73
N LEU I 128 -26.00 -8.40 -52.74
CA LEU I 128 -26.23 -7.93 -54.09
C LEU I 128 -27.39 -6.96 -54.12
N GLU I 129 -28.52 -7.32 -53.51
CA GLU I 129 -29.67 -6.42 -53.47
C GLU I 129 -29.34 -5.10 -52.80
N HIS I 130 -28.54 -5.14 -51.76
CA HIS I 130 -28.13 -3.91 -51.11
C HIS I 130 -27.26 -3.06 -52.06
N TYR I 131 -26.32 -3.67 -52.80
CA TYR I 131 -25.57 -2.93 -53.78
C TYR I 131 -26.51 -2.23 -54.79
N ARG I 132 -27.54 -2.93 -55.24
CA ARG I 132 -28.53 -2.27 -56.09
C ARG I 132 -29.12 -1.04 -55.41
N LYS I 133 -29.54 -1.16 -54.16
CA LYS I 133 -30.15 -0.04 -53.50
C LYS I 133 -29.20 1.13 -53.53
N ILE I 134 -27.94 0.83 -53.19
CA ILE I 134 -26.92 1.87 -53.13
C ILE I 134 -26.70 2.50 -54.49
N TYR I 135 -26.52 1.69 -55.52
CA TYR I 135 -26.26 2.28 -56.83
C TYR I 135 -27.49 3.05 -57.31
N SER I 136 -28.67 2.48 -57.10
CA SER I 136 -29.92 3.12 -57.51
C SER I 136 -30.09 4.46 -56.82
N ASP I 137 -29.72 4.54 -55.56
CA ASP I 137 -29.94 5.78 -54.83
C ASP I 137 -29.32 6.94 -55.54
N TRP I 138 -28.18 6.68 -56.18
CA TRP I 138 -27.43 7.69 -56.91
C TRP I 138 -27.93 7.82 -58.35
N LYS I 139 -28.20 6.69 -58.99
CA LYS I 139 -28.56 6.67 -60.38
C LYS I 139 -29.90 7.30 -60.60
N GLU I 140 -30.85 7.04 -59.70
CA GLU I 140 -32.23 7.56 -59.88
C GLU I 140 -32.29 9.05 -59.61
N ARG I 141 -31.19 9.65 -59.16
CA ARG I 141 -31.03 11.13 -59.11
C ARG I 141 -30.62 11.75 -60.45
N GLY I 142 -30.52 10.90 -61.47
CA GLY I 142 -30.14 11.34 -62.82
C GLY I 142 -28.66 11.62 -62.87
N LYS I 143 -27.85 10.68 -62.35
CA LYS I 143 -26.40 10.86 -62.29
C LYS I 143 -25.70 9.70 -62.93
N THR I 144 -24.40 9.82 -63.10
CA THR I 144 -23.58 8.75 -63.69
C THR I 144 -22.91 7.87 -62.62
N PHE I 145 -22.85 6.55 -62.88
CA PHE I 145 -22.13 5.63 -62.00
C PHE I 145 -21.16 4.71 -62.75
N ILE I 146 -19.96 4.56 -62.19
CA ILE I 146 -18.94 3.70 -62.74
C ILE I 146 -18.64 2.64 -61.74
N LEU I 147 -18.71 1.39 -62.14
CA LEU I 147 -18.43 0.30 -61.25
C LEU I 147 -17.06 -0.31 -61.56
N ASN I 148 -16.30 -0.53 -60.47
CA ASN I 148 -14.98 -1.15 -60.53
C ASN I 148 -15.03 -2.53 -59.84
N LEU I 149 -14.66 -3.64 -60.53
CA LEU I 149 -14.97 -4.95 -59.97
C LEU I 149 -14.02 -5.40 -58.82
N TYR I 150 -12.75 -4.97 -58.91
CA TYR I 150 -11.71 -5.36 -57.94
C TYR I 150 -10.95 -4.17 -57.37
N HIS I 151 -10.91 -4.09 -56.02
CA HIS I 151 -10.22 -3.00 -55.31
C HIS I 151 -9.43 -3.56 -54.08
N TRP I 152 -8.76 -4.67 -54.35
CA TRP I 152 -7.69 -5.33 -53.56
C TRP I 152 -8.08 -6.56 -52.69
N PRO I 153 -9.13 -6.45 -51.89
CA PRO I 153 -9.41 -7.63 -51.10
C PRO I 153 -9.90 -8.80 -51.94
N LEU I 154 -9.51 -9.98 -51.50
CA LEU I 154 -9.91 -11.21 -52.09
C LEU I 154 -10.64 -12.03 -51.05
N PRO I 155 -11.52 -12.91 -51.48
CA PRO I 155 -12.03 -13.99 -50.64
C PRO I 155 -10.99 -14.80 -49.89
N LEU I 156 -11.29 -15.16 -48.65
CA LEU I 156 -10.38 -15.97 -47.88
C LEU I 156 -10.13 -17.32 -48.54
N TRP I 157 -11.13 -17.82 -49.27
CA TRP I 157 -10.98 -19.08 -49.96
C TRP I 157 -10.14 -18.97 -51.24
N ILE I 158 -9.80 -17.72 -51.58
CA ILE I 158 -8.93 -17.42 -52.70
C ILE I 158 -7.52 -17.15 -52.19
N HIS I 159 -7.43 -16.50 -51.01
CA HIS I 159 -6.12 -16.07 -50.47
C HIS I 159 -6.09 -15.97 -48.97
N ASP I 160 -5.15 -16.68 -48.36
CA ASP I 160 -4.96 -16.70 -46.88
C ASP I 160 -3.54 -16.22 -46.64
N PRO I 161 -3.37 -14.91 -46.51
CA PRO I 161 -2.07 -14.29 -46.51
C PRO I 161 -1.24 -14.63 -45.27
N ILE I 162 -1.90 -14.94 -44.17
CA ILE I 162 -1.17 -15.31 -42.96
C ILE I 162 -0.43 -16.62 -43.24
N ALA I 163 -1.17 -17.61 -43.71
CA ALA I 163 -0.66 -18.93 -44.05
C ALA I 163 0.38 -18.89 -45.16
N VAL I 164 0.04 -18.20 -46.23
CA VAL I 164 0.95 -18.05 -47.33
C VAL I 164 2.32 -17.50 -46.82
N ARG I 165 2.31 -16.46 -45.98
CA ARG I 165 3.57 -15.91 -45.47
C ARG I 165 4.35 -16.91 -44.61
N LYS I 166 3.69 -17.67 -43.72
CA LYS I 166 4.39 -18.62 -42.82
C LYS I 166 4.86 -19.90 -43.49
N LEU I 167 4.00 -20.47 -44.34
CA LEU I 167 4.22 -21.77 -44.95
C LEU I 167 4.56 -21.72 -46.43
N GLY I 168 4.31 -20.59 -47.09
CA GLY I 168 4.65 -20.42 -48.50
C GLY I 168 3.42 -20.67 -49.33
N PRO I 169 3.42 -20.17 -50.58
CA PRO I 169 2.25 -20.26 -51.48
C PRO I 169 1.73 -21.66 -51.85
N ASP I 170 2.55 -22.69 -51.71
CA ASP I 170 2.12 -24.04 -52.08
C ASP I 170 1.24 -24.65 -50.98
N ALA I 171 1.17 -24.00 -49.84
CA ALA I 171 0.51 -24.55 -48.65
C ALA I 171 -0.85 -23.96 -48.39
N ALA I 172 -1.24 -22.94 -49.15
CA ALA I 172 -2.50 -22.25 -48.88
C ALA I 172 -3.00 -21.58 -50.13
N PRO I 173 -4.24 -21.07 -50.07
CA PRO I 173 -4.78 -20.27 -51.18
C PRO I 173 -3.89 -19.06 -51.49
N ALA I 174 -3.22 -19.06 -52.65
CA ALA I 174 -2.09 -18.15 -52.90
C ALA I 174 -2.45 -16.80 -53.54
N GLY I 175 -3.70 -16.66 -53.92
CA GLY I 175 -4.21 -15.38 -54.35
C GLY I 175 -3.98 -15.24 -55.83
N TRP I 176 -3.38 -14.12 -56.24
CA TRP I 176 -3.09 -13.92 -57.65
C TRP I 176 -1.88 -14.79 -58.14
N LEU I 177 -1.37 -15.65 -57.27
CA LEU I 177 -0.34 -16.58 -57.65
C LEU I 177 -0.95 -17.84 -58.22
N ASP I 178 -2.20 -18.15 -57.82
CA ASP I 178 -2.89 -19.36 -58.32
C ASP I 178 -3.60 -18.99 -59.56
N GLU I 179 -3.26 -19.66 -60.63
CA GLU I 179 -3.89 -19.44 -61.92
C GLU I 179 -5.40 -19.69 -61.81
N LYS I 180 -5.81 -20.61 -60.93
CA LYS I 180 -7.25 -20.82 -60.56
C LYS I 180 -8.07 -19.56 -60.28
N THR I 181 -7.43 -18.60 -59.63
CA THR I 181 -8.10 -17.43 -59.07
C THR I 181 -8.74 -16.60 -60.18
N VAL I 182 -8.11 -16.68 -61.34
CA VAL I 182 -8.47 -15.87 -62.45
C VAL I 182 -9.84 -16.29 -62.97
N VAL I 183 -10.01 -17.60 -63.07
CA VAL I 183 -11.24 -18.19 -63.60
C VAL I 183 -12.37 -17.81 -62.69
N GLU I 184 -12.14 -17.85 -61.40
CA GLU I 184 -13.18 -17.61 -60.44
C GLU I 184 -13.60 -16.15 -60.49
N PHE I 185 -12.61 -15.29 -60.71
CA PHE I 185 -12.83 -13.84 -60.83
C PHE I 185 -13.68 -13.58 -62.08
N VAL I 186 -13.31 -14.22 -63.19
CA VAL I 186 -14.14 -14.18 -64.38
C VAL I 186 -15.61 -14.56 -64.16
N LYS I 187 -15.87 -15.58 -63.35
CA LYS I 187 -17.25 -15.93 -63.01
C LYS I 187 -17.89 -14.76 -62.30
N PHE I 188 -17.11 -14.18 -61.41
CA PHE I 188 -17.57 -13.06 -60.61
C PHE I 188 -17.94 -11.91 -61.50
N ALA I 189 -17.10 -11.64 -62.50
CA ALA I 189 -17.34 -10.52 -63.40
C ALA I 189 -18.63 -10.72 -64.13
N ALA I 190 -18.82 -11.92 -64.67
CA ALA I 190 -20.00 -12.21 -65.48
C ALA I 190 -21.23 -12.16 -64.62
N PHE I 191 -21.12 -12.70 -63.43
CA PHE I 191 -22.21 -12.62 -62.47
C PHE I 191 -22.67 -11.17 -62.33
N VAL I 192 -21.69 -10.27 -62.18
CA VAL I 192 -21.98 -8.90 -61.79
C VAL I 192 -22.54 -8.15 -62.98
N ALA I 193 -21.94 -8.39 -64.13
CA ALA I 193 -22.44 -7.79 -65.37
C ALA I 193 -23.89 -8.14 -65.54
N TYR I 194 -24.15 -9.43 -65.50
CA TYR I 194 -25.50 -9.95 -65.71
C TYR I 194 -26.52 -9.27 -64.84
N HIS I 195 -26.16 -9.01 -63.59
CA HIS I 195 -27.16 -8.53 -62.60
C HIS I 195 -27.29 -7.01 -62.53
N LEU I 196 -26.20 -6.28 -62.76
CA LEU I 196 -26.16 -4.87 -62.44
C LEU I 196 -25.92 -3.92 -63.60
N ASP I 197 -25.98 -4.44 -64.81
CA ASP I 197 -25.62 -3.61 -65.94
C ASP I 197 -26.61 -2.48 -66.10
N ASP I 198 -27.83 -2.71 -65.69
CA ASP I 198 -28.86 -1.69 -65.79
C ASP I 198 -28.57 -0.45 -64.95
N LEU I 199 -27.70 -0.56 -63.94
CA LEU I 199 -27.30 0.54 -63.07
C LEU I 199 -25.92 1.12 -63.37
N VAL I 200 -25.13 0.49 -64.24
CA VAL I 200 -23.75 0.90 -64.50
C VAL I 200 -23.57 1.58 -65.84
N ASP I 201 -22.94 2.76 -65.90
CA ASP I 201 -22.69 3.47 -67.19
C ASP I 201 -21.37 3.13 -67.84
N MET I 202 -20.38 2.74 -67.02
CA MET I 202 -19.02 2.40 -67.50
C MET I 202 -18.35 1.44 -66.48
N TRP I 203 -17.52 0.52 -66.98
CA TRP I 203 -16.90 -0.50 -66.17
C TRP I 203 -15.38 -0.37 -66.07
N SER I 204 -14.85 -0.80 -64.91
CA SER I 204 -13.45 -0.99 -64.74
C SER I 204 -13.32 -2.36 -64.14
N THR I 205 -12.40 -3.16 -64.69
CA THR I 205 -12.16 -4.50 -64.24
C THR I 205 -11.48 -4.50 -62.89
N MET I 206 -10.66 -3.49 -62.59
CA MET I 206 -9.85 -3.52 -61.37
C MET I 206 -9.13 -2.20 -61.14
N ASN I 207 -8.40 -2.10 -60.00
CA ASN I 207 -7.91 -0.83 -59.46
C ASN I 207 -6.50 -0.94 -58.93
N GLU I 208 -5.64 -0.09 -59.43
CA GLU I 208 -4.21 -0.15 -59.10
C GLU I 208 -3.58 -1.61 -58.96
N PRO I 209 -3.75 -2.47 -59.98
CA PRO I 209 -3.17 -3.82 -59.83
C PRO I 209 -1.61 -3.85 -59.66
N ASN I 210 -0.95 -2.91 -60.31
CA ASN I 210 0.44 -2.64 -60.09
C ASN I 210 0.79 -2.39 -58.61
N VAL I 211 -0.11 -1.76 -57.86
CA VAL I 211 0.14 -1.55 -56.43
C VAL I 211 0.03 -2.89 -55.73
N VAL I 212 -0.91 -3.69 -56.17
CA VAL I 212 -1.15 -4.97 -55.52
C VAL I 212 0.03 -5.89 -55.64
N TYR I 213 0.44 -6.20 -56.87
CA TYR I 213 1.59 -7.14 -57.05
C TYR I 213 2.93 -6.60 -56.54
N ASN I 214 3.18 -5.30 -56.72
CA ASN I 214 4.44 -4.75 -56.28
C ASN I 214 4.55 -4.66 -54.76
N GLN I 215 3.52 -4.11 -54.10
CA GLN I 215 3.52 -3.89 -52.64
C GLN I 215 3.37 -5.18 -51.89
N GLY I 216 2.65 -6.12 -52.46
CA GLY I 216 2.43 -7.40 -51.83
C GLY I 216 3.61 -8.36 -51.80
N TYR I 217 4.44 -8.29 -52.83
CA TYR I 217 5.49 -9.27 -53.02
C TYR I 217 6.91 -8.67 -53.15
N ILE I 218 7.06 -7.34 -53.05
CA ILE I 218 8.40 -6.67 -53.16
C ILE I 218 8.66 -5.62 -52.07
N ASN I 219 7.88 -4.56 -52.00
CA ASN I 219 7.99 -3.55 -50.91
C ASN I 219 7.28 -4.01 -49.65
N LEU I 220 7.93 -4.92 -48.90
CA LEU I 220 7.42 -5.45 -47.63
C LEU I 220 7.06 -4.37 -46.63
N ALA I 221 7.84 -3.29 -46.63
CA ALA I 221 7.58 -2.16 -45.72
C ALA I 221 6.16 -1.60 -45.82
N SER I 222 5.46 -1.92 -46.91
CA SER I 222 4.19 -1.32 -47.20
C SER I 222 3.05 -1.79 -46.30
N GLY I 223 3.27 -2.93 -45.69
CA GLY I 223 2.21 -3.61 -44.97
C GLY I 223 1.12 -4.19 -45.87
N PHE I 224 1.43 -4.51 -47.15
CA PHE I 224 0.45 -5.23 -48.03
C PHE I 224 0.62 -6.73 -47.91
N PRO I 225 -0.47 -7.47 -48.08
CA PRO I 225 -0.37 -8.92 -48.02
C PRO I 225 0.10 -9.43 -49.36
N PRO I 226 0.67 -10.65 -49.37
CA PRO I 226 0.93 -11.47 -48.20
C PRO I 226 2.24 -11.18 -47.52
N GLY I 227 2.93 -10.13 -47.95
CA GLY I 227 4.13 -9.66 -47.24
C GLY I 227 5.27 -10.68 -47.23
N PHE I 228 5.68 -11.16 -48.41
CA PHE I 228 6.95 -11.90 -48.54
C PHE I 228 7.69 -11.55 -49.84
N LEU I 229 9.02 -11.61 -49.81
CA LEU I 229 9.86 -11.00 -50.86
C LEU I 229 10.24 -11.96 -51.97
N SER I 230 9.74 -11.67 -53.20
CA SER I 230 9.96 -12.51 -54.36
C SER I 230 9.51 -11.86 -55.64
N PHE I 231 10.48 -11.45 -56.45
CA PHE I 231 10.19 -10.83 -57.74
C PHE I 231 9.42 -11.80 -58.64
N GLU I 232 9.75 -13.08 -58.49
CA GLU I 232 9.09 -14.14 -59.27
C GLU I 232 7.60 -14.15 -58.93
N ALA I 233 7.30 -14.10 -57.66
CA ALA I 233 5.92 -14.00 -57.23
C ALA I 233 5.22 -12.77 -57.83
N ALA I 234 5.84 -11.60 -57.70
CA ALA I 234 5.30 -10.38 -58.27
C ALA I 234 5.00 -10.55 -59.75
N GLU I 235 5.95 -11.12 -60.51
CA GLU I 235 5.78 -11.24 -61.96
C GLU I 235 4.56 -12.08 -62.25
N LYS I 236 4.42 -13.16 -61.48
CA LYS I 236 3.38 -14.16 -61.68
C LYS I 236 2.02 -13.52 -61.38
N ALA I 237 1.97 -12.75 -60.31
CA ALA I 237 0.76 -12.07 -59.93
C ALA I 237 0.37 -11.06 -61.01
N LYS I 238 1.34 -10.24 -61.42
CA LYS I 238 1.15 -9.36 -62.54
C LYS I 238 0.57 -10.10 -63.76
N PHE I 239 1.15 -11.25 -64.09
CA PHE I 239 0.70 -12.00 -65.26
C PHE I 239 -0.75 -12.49 -65.13
N ASN I 240 -1.09 -13.06 -64.00
CA ASN I 240 -2.48 -13.42 -63.76
C ASN I 240 -3.45 -12.24 -63.67
N LEU I 241 -2.97 -11.07 -63.29
CA LEU I 241 -3.88 -9.92 -63.19
C LEU I 241 -4.24 -9.42 -64.56
N ILE I 242 -3.31 -9.62 -65.47
CA ILE I 242 -3.54 -9.28 -66.85
C ILE I 242 -4.63 -10.18 -67.43
N GLN I 243 -4.52 -11.46 -67.11
CA GLN I 243 -5.47 -12.49 -67.58
C GLN I 243 -6.82 -12.21 -67.00
N ALA I 244 -6.83 -11.96 -65.69
CA ALA I 244 -8.08 -11.60 -65.04
C ALA I 244 -8.74 -10.42 -65.75
N HIS I 245 -7.97 -9.38 -66.10
CA HIS I 245 -8.55 -8.25 -66.78
C HIS I 245 -9.15 -8.63 -68.13
N ILE I 246 -8.34 -9.28 -68.96
CA ILE I 246 -8.78 -9.72 -70.26
C ILE I 246 -10.06 -10.53 -70.14
N GLY I 247 -10.05 -11.55 -69.28
CA GLY I 247 -11.22 -12.43 -69.08
C GLY I 247 -12.46 -11.69 -68.58
N ALA I 248 -12.27 -10.84 -67.60
CA ALA I 248 -13.36 -10.02 -67.07
C ALA I 248 -13.88 -9.03 -68.15
N TYR I 249 -12.98 -8.51 -68.99
CA TYR I 249 -13.41 -7.66 -70.08
C TYR I 249 -14.38 -8.46 -71.01
N ASP I 250 -14.00 -9.68 -71.37
CA ASP I 250 -14.83 -10.52 -72.23
C ASP I 250 -16.12 -10.91 -71.54
N ALA I 251 -16.07 -11.18 -70.24
CA ALA I 251 -17.28 -11.54 -69.48
C ALA I 251 -18.29 -10.42 -69.40
N ILE I 252 -17.81 -9.22 -69.15
CA ILE I 252 -18.69 -8.04 -69.07
C ILE I 252 -19.31 -7.75 -70.43
N LYS I 253 -18.51 -7.89 -71.47
CA LYS I 253 -19.01 -7.60 -72.81
C LYS I 253 -20.08 -8.59 -73.21
N GLU I 254 -20.08 -9.78 -72.63
CA GLU I 254 -21.04 -10.82 -73.02
C GLU I 254 -22.39 -10.56 -72.42
N TYR I 255 -22.44 -9.68 -71.40
CA TYR I 255 -23.72 -9.30 -70.79
C TYR I 255 -23.96 -7.81 -70.72
N SER I 256 -23.18 -7.02 -71.44
CA SER I 256 -23.33 -5.54 -71.40
C SER I 256 -22.70 -4.95 -72.63
N GLU I 257 -23.21 -3.80 -73.06
CA GLU I 257 -22.74 -3.18 -74.30
C GLU I 257 -22.00 -1.88 -74.02
N LYS I 258 -21.42 -1.81 -72.82
CA LYS I 258 -20.83 -0.57 -72.31
C LYS I 258 -19.32 -0.53 -72.32
N SER I 259 -18.79 0.65 -72.06
CA SER I 259 -17.34 0.86 -72.11
C SER I 259 -16.66 0.17 -70.92
N VAL I 260 -15.62 -0.62 -71.22
CA VAL I 260 -14.92 -1.34 -70.16
C VAL I 260 -13.45 -0.95 -70.23
N GLY I 261 -12.87 -0.68 -69.05
CA GLY I 261 -11.53 -0.20 -68.95
C GLY I 261 -10.89 -0.72 -67.69
N VAL I 262 -9.84 -0.01 -67.25
CA VAL I 262 -9.09 -0.37 -66.05
C VAL I 262 -8.67 0.89 -65.41
N ILE I 263 -8.38 0.80 -64.12
CA ILE I 263 -7.94 1.93 -63.31
C ILE I 263 -6.57 1.59 -62.77
N TYR I 264 -5.63 2.50 -62.92
CA TYR I 264 -4.24 2.21 -62.68
C TYR I 264 -3.51 3.32 -61.83
N ALA I 265 -2.47 2.94 -61.12
CA ALA I 265 -1.66 3.88 -60.37
C ALA I 265 -0.54 4.42 -61.22
N PHE I 266 -0.66 5.70 -61.57
CA PHE I 266 0.30 6.32 -62.51
C PHE I 266 1.15 7.31 -61.74
N ALA I 267 2.27 6.83 -61.22
CA ALA I 267 3.28 7.73 -60.71
C ALA I 267 3.91 8.42 -61.91
N TRP I 268 4.20 9.74 -61.79
CA TRP I 268 4.99 10.40 -62.79
C TRP I 268 6.45 10.28 -62.42
N HIS I 269 7.25 9.84 -63.37
CA HIS I 269 8.68 9.60 -63.13
C HIS I 269 9.55 10.71 -63.71
N ASP I 270 10.49 11.21 -62.90
CA ASP I 270 11.32 12.38 -63.23
C ASP I 270 12.77 12.10 -62.99
N PRO I 271 13.64 12.54 -63.92
CA PRO I 271 15.09 12.38 -63.74
C PRO I 271 15.64 13.53 -62.94
N LEU I 272 16.40 13.25 -61.89
CA LEU I 272 16.94 14.33 -61.06
C LEU I 272 17.75 15.28 -61.94
N ALA I 273 18.53 14.69 -62.83
CA ALA I 273 19.43 15.42 -63.71
C ALA I 273 19.18 14.96 -65.14
N GLU I 274 19.27 15.93 -66.06
CA GLU I 274 19.23 15.73 -67.51
C GLU I 274 19.91 14.46 -68.06
N GLU I 275 21.03 14.04 -67.48
CA GLU I 275 21.76 12.84 -67.94
C GLU I 275 20.98 11.51 -67.81
N TYR I 276 19.98 11.49 -66.91
CA TYR I 276 19.20 10.28 -66.69
C TYR I 276 17.92 10.20 -67.54
N LYS I 277 17.58 11.31 -68.20
CA LYS I 277 16.37 11.41 -69.04
C LYS I 277 15.96 10.16 -69.84
N ASP I 278 16.92 9.52 -70.49
CA ASP I 278 16.68 8.31 -71.27
C ASP I 278 16.35 7.12 -70.38
N GLU I 279 17.18 6.94 -69.35
CA GLU I 279 17.08 5.82 -68.45
C GLU I 279 15.76 5.87 -67.67
N VAL I 280 15.30 7.07 -67.35
CA VAL I 280 14.02 7.23 -66.69
C VAL I 280 12.86 6.91 -67.63
N GLU I 281 12.93 7.33 -68.88
CA GLU I 281 11.86 6.93 -69.82
C GLU I 281 11.74 5.46 -70.02
N GLU I 282 12.83 4.75 -69.81
CA GLU I 282 12.82 3.30 -69.86
C GLU I 282 11.94 2.77 -68.74
N ILE I 283 12.06 3.43 -67.59
CA ILE I 283 11.30 3.07 -66.40
C ILE I 283 9.81 3.38 -66.56
N ARG I 284 9.48 4.53 -67.14
CA ARG I 284 8.10 4.81 -67.48
C ARG I 284 7.51 3.61 -68.22
N LYS I 285 8.25 3.13 -69.21
CA LYS I 285 7.74 2.07 -70.04
C LYS I 285 7.46 0.84 -69.18
N LYS I 286 8.43 0.44 -68.34
CA LYS I 286 8.26 -0.77 -67.54
C LYS I 286 7.09 -0.60 -66.61
N ASP I 287 7.06 0.53 -65.92
CA ASP I 287 6.00 0.82 -64.99
C ASP I 287 4.62 0.75 -65.62
N TYR I 288 4.45 1.33 -66.81
CA TYR I 288 3.14 1.35 -67.45
C TYR I 288 2.88 0.14 -68.32
N GLU I 289 3.88 -0.73 -68.46
CA GLU I 289 3.80 -1.90 -69.36
C GLU I 289 2.47 -2.64 -69.22
N PHE I 290 2.03 -2.85 -67.99
CA PHE I 290 0.72 -3.44 -67.72
C PHE I 290 -0.41 -2.85 -68.60
N VAL I 291 -0.46 -1.52 -68.66
CA VAL I 291 -1.47 -0.86 -69.48
C VAL I 291 -1.15 -0.96 -70.98
N THR I 292 0.13 -0.73 -71.33
CA THR I 292 0.62 -1.04 -72.68
C THR I 292 0.14 -2.43 -73.22
N ILE I 293 0.34 -3.45 -72.41
CA ILE I 293 -0.06 -4.77 -72.82
C ILE I 293 -1.53 -4.89 -73.20
N LEU I 294 -2.38 -4.47 -72.29
CA LEU I 294 -3.82 -4.57 -72.45
C LEU I 294 -4.31 -3.74 -73.59
N HIS I 295 -3.74 -2.54 -73.76
CA HIS I 295 -3.92 -1.76 -74.99
C HIS I 295 -3.68 -2.63 -76.25
N SER I 296 -2.49 -3.22 -76.37
CA SER I 296 -2.10 -3.96 -77.56
C SER I 296 -2.99 -5.19 -77.83
N LYS I 297 -3.65 -5.73 -76.81
CA LYS I 297 -4.62 -6.80 -77.07
C LYS I 297 -5.99 -6.29 -77.39
N GLY I 298 -6.15 -4.98 -77.48
CA GLY I 298 -7.47 -4.39 -77.73
C GLY I 298 -8.51 -4.62 -76.65
N LYS I 299 -8.07 -4.61 -75.40
CA LYS I 299 -8.98 -4.80 -74.27
C LYS I 299 -9.03 -3.59 -73.33
N LEU I 300 -9.12 -2.39 -73.89
CA LEU I 300 -9.25 -1.16 -73.13
C LEU I 300 -10.07 -0.13 -73.87
N ASP I 301 -11.30 0.10 -73.45
CA ASP I 301 -12.11 1.15 -74.08
C ASP I 301 -11.80 2.51 -73.49
N TRP I 302 -11.27 2.52 -72.25
CA TRP I 302 -10.92 3.77 -71.55
C TRP I 302 -9.96 3.45 -70.41
N ILE I 303 -9.25 4.46 -69.93
CA ILE I 303 -8.27 4.35 -68.85
C ILE I 303 -8.63 5.22 -67.66
N GLY I 304 -8.61 4.60 -66.49
CA GLY I 304 -8.76 5.33 -65.25
C GLY I 304 -7.42 5.77 -64.74
N VAL I 305 -7.15 7.06 -64.85
CA VAL I 305 -5.91 7.62 -64.30
C VAL I 305 -6.06 7.93 -62.80
N ASN I 306 -5.14 7.39 -62.02
CA ASN I 306 -5.04 7.66 -60.58
C ASN I 306 -3.73 8.32 -60.32
N TYR I 307 -3.75 9.63 -60.12
CA TYR I 307 -2.53 10.36 -59.97
C TYR I 307 -2.55 11.07 -58.63
N TYR I 308 -1.38 11.06 -57.97
CA TYR I 308 -1.17 11.74 -56.65
C TYR I 308 0.18 12.56 -56.56
N SER I 309 1.29 11.95 -56.98
CA SER I 309 2.57 12.58 -56.92
C SER I 309 3.48 11.95 -57.92
N ARG I 310 4.79 12.06 -57.69
CA ARG I 310 5.81 11.63 -58.65
C ARG I 310 6.90 10.85 -57.96
N LEU I 311 7.85 10.35 -58.73
CA LEU I 311 9.05 9.74 -58.19
C LEU I 311 10.25 10.37 -58.89
N VAL I 312 11.30 10.73 -58.15
CA VAL I 312 12.47 11.35 -58.75
C VAL I 312 13.66 10.42 -58.64
N TYR I 313 14.33 10.20 -59.76
CA TYR I 313 15.45 9.27 -59.79
C TYR I 313 16.80 9.92 -59.87
N GLY I 314 17.75 9.33 -59.14
CA GLY I 314 19.18 9.69 -59.19
C GLY I 314 20.10 8.53 -58.75
N ALA I 315 21.41 8.83 -58.59
CA ALA I 315 22.44 8.03 -57.77
C ALA I 315 21.82 6.96 -56.87
N LEU I 320 20.73 3.41 -59.96
CA LEU I 320 19.72 4.38 -60.34
C LEU I 320 18.36 4.07 -59.65
N VAL I 321 18.01 4.86 -58.66
CA VAL I 321 16.86 4.60 -57.81
C VAL I 321 16.06 5.86 -57.44
N PRO I 322 14.79 5.68 -57.06
CA PRO I 322 13.95 6.77 -56.62
C PRO I 322 14.46 7.36 -55.31
N LEU I 323 14.64 8.69 -55.28
CA LEU I 323 15.34 9.38 -54.21
C LEU I 323 14.41 9.88 -53.11
N PRO I 324 14.86 9.77 -51.85
CA PRO I 324 14.05 10.31 -50.77
C PRO I 324 14.01 11.82 -50.87
N GLY I 325 12.95 12.42 -50.30
CA GLY I 325 12.75 13.87 -50.31
C GLY I 325 12.06 14.41 -51.54
N TYR I 326 11.49 13.49 -52.31
CA TYR I 326 10.79 13.83 -53.55
C TYR I 326 9.56 12.94 -53.76
N GLY I 327 8.45 13.55 -54.15
CA GLY I 327 7.29 12.83 -54.58
C GLY I 327 6.74 12.05 -53.45
N PHE I 328 6.44 10.77 -53.71
CA PHE I 328 5.91 9.86 -52.67
C PHE I 328 6.89 9.62 -51.47
N MET I 329 8.08 10.18 -51.50
CA MET I 329 9.09 9.81 -50.54
C MET I 329 9.57 11.03 -49.79
N SER I 330 8.66 11.97 -49.63
CA SER I 330 8.95 13.21 -48.97
C SER I 330 8.56 13.04 -47.51
N GLU I 331 8.99 13.96 -46.67
CA GLU I 331 8.63 13.96 -45.26
C GLU I 331 7.14 14.21 -45.04
N ARG I 332 6.55 13.38 -44.21
CA ARG I 332 5.13 13.48 -43.91
C ARG I 332 4.78 14.79 -43.23
N GLY I 333 3.89 15.56 -43.84
CA GLY I 333 3.44 16.85 -43.29
C GLY I 333 4.45 17.97 -43.45
N GLY I 334 5.55 17.69 -44.20
CA GLY I 334 6.70 18.57 -44.29
C GLY I 334 6.85 19.20 -45.64
N PHE I 335 8.08 19.28 -46.12
CA PHE I 335 8.33 19.81 -47.48
C PHE I 335 9.27 18.89 -48.20
N ALA I 336 9.07 18.75 -49.50
CA ALA I 336 10.01 17.97 -50.29
C ALA I 336 11.23 18.80 -50.46
N LYS I 337 12.28 18.17 -50.97
CA LYS I 337 13.45 18.93 -51.29
C LYS I 337 13.16 20.07 -52.24
N SER I 338 12.20 19.87 -53.13
CA SER I 338 11.90 20.82 -54.15
C SER I 338 11.39 22.07 -53.51
N GLY I 339 10.88 21.95 -52.31
CA GLY I 339 10.29 23.08 -51.61
C GLY I 339 8.79 23.05 -51.67
N ARG I 340 8.23 22.09 -52.41
CA ARG I 340 6.79 21.88 -52.43
C ARG I 340 6.39 21.15 -51.20
N PRO I 341 5.20 21.47 -50.69
CA PRO I 341 4.79 20.81 -49.45
C PRO I 341 4.43 19.38 -49.75
N ALA I 342 4.37 18.53 -48.74
CA ALA I 342 3.90 17.16 -48.91
C ALA I 342 2.64 16.88 -48.04
N SER I 343 1.81 15.94 -48.49
CA SER I 343 0.65 15.47 -47.73
C SER I 343 1.06 14.76 -46.44
N ASP I 344 0.07 14.52 -45.59
CA ASP I 344 0.28 13.77 -44.37
C ASP I 344 0.90 12.42 -44.69
N PHE I 345 0.75 11.95 -45.91
CA PHE I 345 1.34 10.66 -46.34
C PHE I 345 2.79 10.85 -46.76
N GLY I 346 3.22 12.11 -46.84
CA GLY I 346 4.57 12.47 -47.28
C GLY I 346 4.71 12.42 -48.77
N TRP I 347 3.68 12.92 -49.46
CA TRP I 347 3.61 12.82 -50.93
C TRP I 347 3.61 14.23 -51.44
N GLU I 348 4.62 14.52 -52.24
CA GLU I 348 4.79 15.86 -52.76
C GLU I 348 3.55 16.38 -53.49
N MET I 349 3.36 17.69 -53.40
CA MET I 349 2.36 18.36 -54.21
C MET I 349 2.98 18.68 -55.58
N TYR I 350 2.47 18.07 -56.65
CA TYR I 350 3.11 18.19 -57.96
C TYR I 350 2.14 18.10 -59.15
N PRO I 351 1.30 19.14 -59.32
CA PRO I 351 0.31 19.14 -60.42
C PRO I 351 0.96 19.01 -61.80
N GLU I 352 2.16 19.55 -61.95
CA GLU I 352 2.92 19.43 -63.21
C GLU I 352 2.97 17.99 -63.74
N GLY I 353 3.16 17.03 -62.83
CA GLY I 353 3.27 15.62 -63.19
C GLY I 353 2.04 15.05 -63.89
N LEU I 354 0.87 15.56 -63.49
CA LEU I 354 -0.43 15.10 -64.03
C LEU I 354 -0.60 15.64 -65.41
N GLU I 355 -0.24 16.91 -65.58
CA GLU I 355 -0.23 17.55 -66.89
C GLU I 355 0.68 16.78 -67.81
N ASN I 356 1.92 16.54 -67.38
CA ASN I 356 2.84 15.80 -68.23
C ASN I 356 2.27 14.44 -68.51
N LEU I 357 1.74 13.79 -67.48
CA LEU I 357 1.30 12.40 -67.60
C LEU I 357 0.22 12.26 -68.67
N LEU I 358 -0.79 13.11 -68.59
CA LEU I 358 -1.93 13.00 -69.46
C LEU I 358 -1.52 13.16 -70.90
N LYS I 359 -0.57 14.03 -71.19
CA LYS I 359 -0.08 14.17 -72.55
C LYS I 359 0.72 12.93 -72.94
N TYR I 360 1.50 12.37 -72.04
CA TYR I 360 2.16 11.11 -72.28
C TYR I 360 1.20 9.98 -72.65
N LEU I 361 0.07 9.89 -71.94
CA LEU I 361 -0.84 8.73 -72.07
C LEU I 361 -1.75 8.86 -73.27
N ASN I 362 -2.03 10.11 -73.62
CA ASN I 362 -2.83 10.41 -74.79
C ASN I 362 -2.02 10.10 -76.00
N ASN I 363 -0.76 10.54 -76.00
CA ASN I 363 0.10 10.23 -77.13
C ASN I 363 0.35 8.74 -77.23
N ALA I 364 0.61 8.10 -76.10
CA ALA I 364 0.98 6.69 -76.09
C ALA I 364 -0.15 5.75 -76.44
N TYR I 365 -1.38 6.08 -76.02
CA TYR I 365 -2.54 5.14 -76.15
C TYR I 365 -3.75 5.69 -76.94
N GLU I 366 -3.87 7.01 -77.04
CA GLU I 366 -4.96 7.67 -77.77
C GLU I 366 -6.35 7.18 -77.35
N LEU I 367 -6.51 6.94 -76.06
CA LEU I 367 -7.76 6.47 -75.52
C LEU I 367 -8.50 7.54 -74.66
N PRO I 368 -9.83 7.42 -74.48
CA PRO I 368 -10.51 8.25 -73.51
C PRO I 368 -10.07 8.02 -72.06
N MET I 369 -9.85 9.10 -71.32
CA MET I 369 -9.32 9.01 -69.94
C MET I 369 -10.23 9.67 -68.93
N ILE I 370 -10.24 9.13 -67.72
CA ILE I 370 -10.90 9.77 -66.62
C ILE I 370 -9.97 9.75 -65.44
N ILE I 371 -9.81 10.90 -64.82
CA ILE I 371 -9.04 10.97 -63.58
C ILE I 371 -9.95 10.28 -62.56
N THR I 372 -9.66 9.01 -62.29
CA THR I 372 -10.49 8.18 -61.39
C THR I 372 -10.01 8.26 -59.95
N GLU I 373 -8.91 8.98 -59.70
CA GLU I 373 -8.42 9.18 -58.32
C GLU I 373 -7.43 10.33 -58.30
N ASN I 374 -7.70 11.35 -57.48
CA ASN I 374 -6.75 12.43 -57.24
C ASN I 374 -7.17 13.22 -56.03
N GLY I 375 -6.24 13.39 -55.09
CA GLY I 375 -6.54 13.99 -53.78
C GLY I 375 -5.34 13.93 -52.86
N MET I 376 -5.52 14.28 -51.58
CA MET I 376 -4.39 14.23 -50.64
C MET I 376 -4.78 14.08 -49.22
N ALA I 377 -3.92 13.40 -48.48
CA ALA I 377 -4.07 13.27 -47.03
C ALA I 377 -3.69 14.58 -46.32
N ASP I 378 -4.71 15.24 -45.78
CA ASP I 378 -4.60 16.58 -45.19
C ASP I 378 -5.72 16.69 -44.20
N ALA I 379 -5.40 16.42 -42.95
CA ALA I 379 -6.42 16.46 -41.89
C ALA I 379 -6.91 17.92 -41.65
N ALA I 380 -5.99 18.83 -41.87
CA ALA I 380 -6.18 20.24 -41.60
C ALA I 380 -6.78 21.04 -42.74
N ASP I 381 -6.98 20.43 -43.92
CA ASP I 381 -7.45 21.19 -45.09
C ASP I 381 -6.49 22.38 -45.42
N ARG I 382 -5.25 22.29 -44.95
CA ARG I 382 -4.26 23.34 -45.17
C ARG I 382 -3.99 23.50 -46.67
N TYR I 383 -3.87 22.38 -47.38
CA TYR I 383 -3.43 22.42 -48.77
C TYR I 383 -4.46 21.88 -49.77
N ARG I 384 -5.37 21.05 -49.31
CA ARG I 384 -6.36 20.52 -50.20
C ARG I 384 -6.90 21.58 -51.21
N PRO I 385 -7.40 22.75 -50.76
CA PRO I 385 -7.97 23.71 -51.71
C PRO I 385 -7.04 23.99 -52.86
N HIS I 386 -5.77 24.25 -52.58
CA HIS I 386 -4.83 24.49 -53.66
C HIS I 386 -4.61 23.24 -54.49
N TYR I 387 -4.55 22.11 -53.81
CA TYR I 387 -4.30 20.84 -54.48
C TYR I 387 -5.32 20.62 -55.59
N LEU I 388 -6.57 20.91 -55.23
CA LEU I 388 -7.70 20.69 -56.07
C LEU I 388 -7.57 21.57 -57.31
N VAL I 389 -7.40 22.87 -57.08
CA VAL I 389 -7.42 23.85 -58.13
C VAL I 389 -6.16 23.74 -58.99
N SER I 390 -5.02 23.50 -58.37
CA SER I 390 -3.79 23.30 -59.14
C SER I 390 -3.94 22.07 -60.06
N HIS I 391 -4.49 20.97 -59.55
CA HIS I 391 -4.57 19.74 -60.33
C HIS I 391 -5.64 19.78 -61.43
N LEU I 392 -6.75 20.46 -61.16
CA LEU I 392 -7.75 20.70 -62.20
C LEU I 392 -7.17 21.55 -63.33
N LYS I 393 -6.34 22.54 -62.98
CA LYS I 393 -5.64 23.36 -63.95
C LYS I 393 -4.74 22.47 -64.82
N ALA I 394 -4.02 21.56 -64.18
CA ALA I 394 -3.18 20.61 -64.88
C ALA I 394 -3.96 19.76 -65.88
N VAL I 395 -5.19 19.37 -65.53
CA VAL I 395 -6.02 18.53 -66.44
C VAL I 395 -6.50 19.40 -67.61
N TYR I 396 -7.06 20.56 -67.28
CA TYR I 396 -7.43 21.57 -68.26
C TYR I 396 -6.32 21.94 -69.26
N ASN I 397 -5.08 22.11 -68.80
CA ASN I 397 -3.97 22.31 -69.72
C ASN I 397 -3.74 21.11 -70.65
N ALA I 398 -3.78 19.90 -70.10
CA ALA I 398 -3.48 18.70 -70.88
C ALA I 398 -4.52 18.53 -71.97
N MET I 399 -5.76 18.90 -71.64
CA MET I 399 -6.86 18.76 -72.57
C MET I 399 -6.73 19.71 -73.79
N LYS I 400 -6.21 20.91 -73.52
CA LYS I 400 -6.01 21.93 -74.54
C LYS I 400 -4.99 21.45 -75.55
N GLU I 401 -4.02 20.68 -75.10
CA GLU I 401 -3.07 20.13 -75.97
C GLU I 401 -3.47 18.80 -76.55
N GLY I 402 -4.76 18.47 -76.44
CA GLY I 402 -5.35 17.32 -77.13
C GLY I 402 -5.71 16.09 -76.31
N ALA I 403 -5.33 16.06 -75.03
CA ALA I 403 -5.61 14.90 -74.18
C ALA I 403 -7.11 14.69 -74.05
N ASP I 404 -7.57 13.46 -74.27
CA ASP I 404 -9.03 13.20 -74.22
C ASP I 404 -9.48 12.82 -72.82
N VAL I 405 -9.77 13.84 -72.02
CA VAL I 405 -10.18 13.63 -70.64
C VAL I 405 -11.68 13.93 -70.46
N ARG I 406 -12.44 12.93 -70.02
CA ARG I 406 -13.88 13.03 -69.93
C ARG I 406 -14.41 13.33 -68.50
N GLY I 407 -13.52 13.40 -67.52
CA GLY I 407 -13.97 13.71 -66.16
C GLY I 407 -12.87 13.71 -65.12
N TYR I 408 -13.22 14.17 -63.92
CA TYR I 408 -12.30 14.18 -62.77
C TYR I 408 -13.05 13.72 -61.56
N LEU I 409 -12.51 12.70 -60.89
CA LEU I 409 -13.10 12.15 -59.67
C LEU I 409 -12.10 12.28 -58.53
N HIS I 410 -12.49 13.04 -57.51
CA HIS I 410 -11.58 13.29 -56.40
C HIS I 410 -11.57 12.05 -55.56
N TRP I 411 -10.48 11.81 -54.86
CA TRP I 411 -10.44 10.82 -53.75
C TRP I 411 -10.15 11.55 -52.47
N SER I 412 -11.16 11.83 -51.66
CA SER I 412 -12.48 11.28 -51.84
C SER I 412 -13.47 12.16 -51.12
N LEU I 413 -14.76 11.85 -51.22
CA LEU I 413 -15.78 12.69 -50.58
C LEU I 413 -15.50 12.71 -49.11
N THR I 414 -15.45 11.52 -48.52
CA THR I 414 -15.28 11.36 -47.09
C THR I 414 -13.97 10.68 -46.74
N ASP I 415 -13.55 10.89 -45.50
CA ASP I 415 -12.43 10.18 -44.94
C ASP I 415 -12.82 8.72 -44.89
N ASN I 416 -11.81 7.86 -44.89
CA ASN I 416 -12.03 6.43 -44.97
C ASN I 416 -10.81 5.68 -44.37
N TYR I 417 -10.79 4.35 -44.47
CA TYR I 417 -9.71 3.51 -43.93
C TYR I 417 -8.56 3.34 -44.93
N GLU I 418 -7.48 4.08 -44.72
CA GLU I 418 -6.34 4.02 -45.63
C GLU I 418 -5.44 2.81 -45.33
N TRP I 419 -6.01 1.65 -45.61
CA TRP I 419 -5.30 0.38 -45.51
C TRP I 419 -4.36 0.24 -44.27
N ALA I 420 -3.07 0.03 -44.50
CA ALA I 420 -2.13 -0.31 -43.44
C ALA I 420 -1.88 0.90 -42.54
N GLN I 421 -2.20 2.08 -43.04
CA GLN I 421 -2.03 3.33 -42.31
C GLN I 421 -3.27 3.70 -41.46
N GLY I 422 -4.32 2.90 -41.49
CA GLY I 422 -5.52 3.23 -40.71
C GLY I 422 -6.18 4.55 -41.08
N PHE I 423 -6.73 5.24 -40.08
CA PHE I 423 -7.53 6.45 -40.27
C PHE I 423 -6.70 7.76 -40.23
N ARG I 424 -5.43 7.67 -39.84
CA ARG I 424 -4.56 8.87 -39.75
C ARG I 424 -4.34 9.58 -41.12
N MET I 425 -4.46 8.86 -42.23
CA MET I 425 -4.47 9.48 -43.53
C MET I 425 -5.90 9.84 -43.95
N ARG I 426 -6.25 11.12 -43.92
CA ARG I 426 -7.61 11.56 -44.23
C ARG I 426 -7.68 12.31 -45.53
N PHE I 427 -8.31 11.69 -46.52
CA PHE I 427 -8.34 12.22 -47.88
C PHE I 427 -9.61 12.94 -48.26
N GLY I 428 -10.54 13.03 -47.31
CA GLY I 428 -11.90 13.54 -47.59
C GLY I 428 -12.05 15.05 -47.77
N LEU I 429 -12.87 15.46 -48.72
CA LEU I 429 -13.41 16.80 -48.76
C LEU I 429 -14.42 16.95 -47.57
N VAL I 430 -14.84 15.80 -47.03
CA VAL I 430 -15.71 15.73 -45.89
C VAL I 430 -15.01 14.99 -44.77
N TYR I 431 -14.88 15.64 -43.62
CA TYR I 431 -14.34 15.00 -42.42
C TYR I 431 -15.40 14.07 -41.89
N VAL I 432 -14.96 12.96 -41.30
CA VAL I 432 -15.86 12.04 -40.63
C VAL I 432 -15.33 11.70 -39.24
N ASP I 433 -16.21 11.88 -38.24
CA ASP I 433 -15.96 11.49 -36.88
C ASP I 433 -16.28 10.00 -36.77
N PHE I 434 -15.24 9.16 -36.77
CA PHE I 434 -15.43 7.71 -36.80
C PHE I 434 -16.06 7.10 -35.54
N GLU I 435 -16.19 7.87 -34.46
CA GLU I 435 -16.96 7.44 -33.29
C GLU I 435 -18.43 7.63 -33.51
N THR I 436 -18.82 8.77 -34.04
CA THR I 436 -20.22 9.13 -34.22
C THR I 436 -20.76 8.89 -35.63
N LYS I 437 -19.84 8.67 -36.57
CA LYS I 437 -20.15 8.53 -37.97
C LYS I 437 -20.74 9.79 -38.59
N LYS I 438 -20.35 10.93 -38.05
CA LYS I 438 -20.96 12.18 -38.49
C LYS I 438 -20.06 12.84 -39.50
N ARG I 439 -20.72 13.42 -40.51
CA ARG I 439 -20.09 14.14 -41.58
C ARG I 439 -20.03 15.62 -41.28
N TYR I 440 -18.88 16.22 -41.51
CA TYR I 440 -18.73 17.65 -41.49
C TYR I 440 -17.86 18.05 -42.67
N LEU I 441 -18.32 18.99 -43.51
CA LEU I 441 -17.58 19.37 -44.71
C LEU I 441 -16.37 20.19 -44.35
N ARG I 442 -15.24 19.90 -44.98
CA ARG I 442 -14.09 20.78 -44.93
C ARG I 442 -14.31 21.93 -45.90
N PRO I 443 -13.68 23.08 -45.64
CA PRO I 443 -13.94 24.25 -46.49
C PRO I 443 -13.61 23.96 -47.94
N SER I 444 -12.55 23.17 -48.17
CA SER I 444 -12.14 22.79 -49.53
C SER I 444 -13.28 22.22 -50.38
N ALA I 445 -14.28 21.66 -49.72
CA ALA I 445 -15.43 21.11 -50.41
C ALA I 445 -16.19 22.16 -51.19
N LEU I 446 -15.99 23.43 -50.86
CA LEU I 446 -16.77 24.52 -51.45
C LEU I 446 -16.13 25.11 -52.66
N VAL I 447 -14.90 24.70 -52.92
CA VAL I 447 -14.23 25.03 -54.17
C VAL I 447 -15.06 24.40 -55.25
N SER I 448 -15.62 23.23 -54.93
CA SER I 448 -16.48 22.41 -55.82
C SER I 448 -17.90 22.95 -56.15
N VAL I 449 -18.39 23.92 -55.38
CA VAL I 449 -19.74 24.49 -55.53
C VAL I 449 -19.70 25.74 -56.40
N LYS I 450 -18.48 26.09 -56.77
CA LYS I 450 -18.25 27.08 -57.81
C LYS I 450 -17.15 26.61 -58.79
N LYS J 3 -36.14 32.98 -57.04
CA LYS J 3 -35.07 34.01 -57.07
C LYS J 3 -35.47 35.21 -56.21
N PHE J 4 -34.45 35.82 -55.61
CA PHE J 4 -34.62 37.01 -54.82
C PHE J 4 -34.05 38.18 -55.62
N PRO J 5 -34.57 39.41 -55.40
CA PRO J 5 -34.01 40.58 -56.07
C PRO J 5 -32.48 40.63 -56.15
N LYS J 6 -31.98 41.45 -57.05
CA LYS J 6 -30.54 41.57 -57.29
C LYS J 6 -29.80 42.06 -56.04
N ASN J 7 -30.44 42.97 -55.29
CA ASN J 7 -29.81 43.60 -54.15
C ASN J 7 -30.14 42.97 -52.79
N PHE J 8 -30.75 41.78 -52.82
CA PHE J 8 -31.13 41.11 -51.59
C PHE J 8 -29.94 40.44 -50.91
N MET J 9 -29.68 40.81 -49.65
CA MET J 9 -28.49 40.36 -48.93
C MET J 9 -28.71 39.03 -48.17
N PHE J 10 -27.73 38.13 -48.28
CA PHE J 10 -27.68 36.90 -47.47
C PHE J 10 -26.46 36.99 -46.56
N GLY J 11 -26.62 36.50 -45.33
CA GLY J 11 -25.53 36.63 -44.35
C GLY J 11 -25.75 36.01 -43.01
N TYR J 12 -25.30 36.70 -41.97
CA TYR J 12 -25.39 36.20 -40.59
C TYR J 12 -25.13 37.26 -39.53
N SER J 13 -25.41 36.93 -38.28
CA SER J 13 -25.35 37.93 -37.24
C SER J 13 -24.55 37.36 -36.12
N TRP J 14 -23.81 38.22 -35.43
CA TRP J 14 -23.12 37.84 -34.20
C TRP J 14 -23.29 38.99 -33.20
N SER J 15 -23.08 38.65 -31.92
CA SER J 15 -23.11 39.61 -30.82
C SER J 15 -21.84 39.37 -30.07
N GLY J 16 -21.31 40.43 -29.46
CA GLY J 16 -20.05 40.38 -28.73
C GLY J 16 -19.95 39.39 -27.59
N PHE J 17 -20.96 39.35 -26.74
CA PHE J 17 -20.91 38.50 -25.56
C PHE J 17 -20.83 37.03 -25.95
N GLN J 18 -21.52 36.66 -27.02
CA GLN J 18 -21.68 35.24 -27.37
C GLN J 18 -20.54 34.71 -28.25
N PHE J 19 -19.76 35.62 -28.82
CA PHE J 19 -18.80 35.26 -29.86
C PHE J 19 -17.37 35.65 -29.51
N GLU J 20 -17.18 36.87 -29.00
CA GLU J 20 -15.86 37.45 -28.90
C GLU J 20 -14.91 36.58 -28.07
N MET J 21 -15.36 36.19 -26.89
CA MET J 21 -14.51 35.58 -25.88
C MET J 21 -14.23 34.11 -26.14
N GLY J 22 -13.13 33.60 -25.60
CA GLY J 22 -12.74 32.21 -25.88
C GLY J 22 -11.27 31.89 -25.72
N LEU J 23 -10.41 32.84 -26.05
CA LEU J 23 -8.99 32.71 -25.70
C LEU J 23 -8.60 33.88 -24.79
N PRO J 24 -7.62 33.67 -23.88
CA PRO J 24 -7.18 34.76 -23.01
C PRO J 24 -6.80 36.08 -23.73
N GLY J 25 -7.10 37.20 -23.06
CA GLY J 25 -6.98 38.53 -23.66
C GLY J 25 -8.35 39.09 -24.00
N SER J 26 -9.29 38.19 -24.25
CA SER J 26 -10.62 38.51 -24.79
C SER J 26 -11.58 39.10 -23.76
N GLU J 27 -11.27 38.86 -22.51
CA GLU J 27 -12.31 38.71 -21.50
C GLU J 27 -12.81 40.09 -21.09
N VAL J 28 -14.10 40.22 -20.73
CA VAL J 28 -14.67 41.56 -20.42
C VAL J 28 -15.75 41.58 -19.37
N GLU J 29 -15.54 42.39 -18.34
CA GLU J 29 -16.51 42.50 -17.25
C GLU J 29 -17.75 43.27 -17.68
N SER J 30 -18.90 42.71 -17.35
CA SER J 30 -20.19 43.28 -17.67
C SER J 30 -21.19 42.76 -16.65
N ASP J 31 -22.40 43.28 -16.63
CA ASP J 31 -23.42 42.73 -15.72
C ASP J 31 -23.64 41.24 -16.06
N TRP J 32 -23.71 40.92 -17.36
CA TRP J 32 -23.94 39.51 -17.78
C TRP J 32 -22.81 38.57 -17.36
N TRP J 33 -21.57 39.04 -17.48
CA TRP J 33 -20.41 38.25 -17.09
C TRP J 33 -20.51 37.83 -15.61
N VAL J 34 -20.70 38.83 -14.77
CA VAL J 34 -20.86 38.56 -13.35
C VAL J 34 -21.98 37.54 -13.15
N TRP J 35 -23.07 37.75 -13.87
CA TRP J 35 -24.27 36.96 -13.69
C TRP J 35 -24.07 35.48 -14.01
N VAL J 36 -23.39 35.17 -15.11
CA VAL J 36 -23.11 33.77 -15.45
C VAL J 36 -21.98 33.15 -14.61
N HIS J 37 -21.21 33.98 -13.89
CA HIS J 37 -20.19 33.46 -12.96
C HIS J 37 -20.67 33.31 -11.51
N ASP J 38 -21.75 33.99 -11.16
CA ASP J 38 -22.33 33.96 -9.80
C ASP J 38 -22.54 32.55 -9.28
N LYS J 39 -21.91 32.23 -8.15
CA LYS J 39 -21.96 30.90 -7.51
C LYS J 39 -23.40 30.48 -7.22
N GLU J 40 -24.18 31.37 -6.60
CA GLU J 40 -25.59 31.09 -6.30
C GLU J 40 -26.37 30.67 -7.55
N ASN J 41 -26.22 31.46 -8.61
CA ASN J 41 -26.89 31.18 -9.87
C ASN J 41 -26.50 29.84 -10.48
N ILE J 42 -25.19 29.55 -10.53
CA ILE J 42 -24.63 28.26 -11.06
C ILE J 42 -25.22 27.07 -10.31
N ALA J 43 -25.09 27.13 -8.98
CA ALA J 43 -25.52 26.08 -8.08
C ALA J 43 -27.01 25.79 -8.16
N SER J 44 -27.84 26.82 -8.27
CA SER J 44 -29.29 26.64 -8.34
C SER J 44 -29.79 26.22 -9.73
N GLY J 45 -28.89 26.02 -10.69
CA GLY J 45 -29.27 25.63 -12.05
C GLY J 45 -29.85 26.76 -12.91
N LEU J 46 -29.84 27.99 -12.39
CA LEU J 46 -30.45 29.14 -13.08
C LEU J 46 -29.63 29.52 -14.28
N VAL J 47 -28.33 29.24 -14.24
CA VAL J 47 -27.51 29.33 -15.44
C VAL J 47 -26.76 28.03 -15.66
N SER J 48 -26.33 27.83 -16.89
CA SER J 48 -25.65 26.61 -17.30
C SER J 48 -24.44 26.29 -16.46
N GLY J 49 -23.68 27.30 -16.08
CA GLY J 49 -22.36 27.05 -15.50
C GLY J 49 -21.26 26.99 -16.58
N ASP J 50 -21.65 26.84 -17.83
CA ASP J 50 -20.76 27.15 -18.95
C ASP J 50 -20.37 28.62 -18.85
N LEU J 51 -19.21 28.96 -19.40
CA LEU J 51 -18.73 30.34 -19.32
C LEU J 51 -18.33 30.85 -20.71
N PRO J 52 -18.54 32.16 -20.93
CA PRO J 52 -18.29 32.74 -22.24
C PRO J 52 -16.83 32.81 -22.64
N GLU J 53 -15.93 32.83 -21.65
CA GLU J 53 -14.49 32.78 -21.92
C GLU J 53 -14.05 31.44 -22.52
N ASN J 54 -14.97 30.49 -22.63
CA ASN J 54 -14.74 29.23 -23.33
C ASN J 54 -15.42 29.19 -24.69
N GLY J 55 -15.72 30.37 -25.22
CA GLY J 55 -16.48 30.48 -26.44
C GLY J 55 -15.63 30.34 -27.70
N PRO J 56 -16.20 30.72 -28.85
CA PRO J 56 -15.60 30.49 -30.16
C PRO J 56 -14.43 31.43 -30.46
N ALA J 57 -14.15 32.38 -29.57
CA ALA J 57 -13.00 33.28 -29.67
C ALA J 57 -12.93 34.07 -30.99
N TYR J 58 -14.04 34.65 -31.40
CA TYR J 58 -14.10 35.42 -32.65
C TYR J 58 -13.17 36.63 -32.60
N TRP J 59 -12.97 37.17 -31.40
CA TRP J 59 -12.08 38.31 -31.17
C TRP J 59 -10.70 38.04 -31.78
N HIS J 60 -10.25 36.79 -31.70
CA HIS J 60 -8.98 36.39 -32.31
C HIS J 60 -9.18 35.75 -33.67
N LEU J 61 -10.18 34.87 -33.79
CA LEU J 61 -10.38 34.10 -34.97
C LEU J 61 -11.66 34.92 -35.36
N TYR J 62 -11.46 35.92 -36.16
CA TYR J 62 -12.45 36.44 -37.10
C TYR J 62 -12.10 36.23 -38.58
N LYS J 63 -10.82 36.24 -38.89
CA LYS J 63 -10.33 36.11 -40.26
C LYS J 63 -10.84 34.83 -40.94
N GLN J 64 -10.72 33.70 -40.27
CA GLN J 64 -11.22 32.42 -40.78
C GLN J 64 -12.71 32.45 -41.01
N ASP J 65 -13.42 32.90 -39.98
CA ASP J 65 -14.88 32.92 -39.98
C ASP J 65 -15.37 33.76 -41.17
N HIS J 66 -14.76 34.92 -41.36
CA HIS J 66 -15.07 35.76 -42.50
C HIS J 66 -14.83 34.95 -43.76
N ASP J 67 -13.64 34.36 -43.91
CA ASP J 67 -13.31 33.55 -45.11
C ASP J 67 -14.42 32.57 -45.42
N ILE J 68 -14.81 31.83 -44.40
CA ILE J 68 -15.87 30.83 -44.56
C ILE J 68 -17.14 31.48 -45.09
N ALA J 69 -17.57 32.57 -44.45
CA ALA J 69 -18.83 33.21 -44.84
C ALA J 69 -18.72 33.70 -46.28
N GLU J 70 -17.54 34.21 -46.64
CA GLU J 70 -17.36 34.75 -47.99
C GLU J 70 -17.60 33.66 -49.00
N LYS J 71 -16.88 32.55 -48.85
CA LYS J 71 -16.97 31.49 -49.84
C LYS J 71 -18.29 30.68 -49.72
N LEU J 72 -19.14 31.04 -48.76
CA LEU J 72 -20.50 30.50 -48.68
C LEU J 72 -21.49 31.38 -49.42
N GLY J 73 -20.96 32.38 -50.13
CA GLY J 73 -21.77 33.31 -50.89
C GLY J 73 -22.41 34.41 -50.07
N MET J 74 -22.03 34.55 -48.79
CA MET J 74 -22.61 35.60 -47.94
C MET J 74 -22.01 36.94 -48.31
N ASP J 75 -22.86 37.98 -48.30
CA ASP J 75 -22.44 39.35 -48.66
C ASP J 75 -22.69 40.40 -47.56
N CYS J 76 -23.36 40.00 -46.48
CA CYS J 76 -23.71 40.93 -45.39
C CYS J 76 -23.56 40.27 -44.02
N ILE J 77 -22.96 40.99 -43.07
CA ILE J 77 -22.91 40.56 -41.69
C ILE J 77 -23.46 41.63 -40.79
N ARG J 78 -24.15 41.22 -39.73
CA ARG J 78 -24.55 42.14 -38.73
C ARG J 78 -23.87 41.69 -37.48
N GLY J 79 -23.06 42.59 -36.93
CA GLY J 79 -22.36 42.30 -35.71
C GLY J 79 -22.48 43.44 -34.74
N GLY J 80 -21.78 43.31 -33.62
CA GLY J 80 -21.92 44.30 -32.56
C GLY J 80 -20.64 44.95 -32.10
N ILE J 81 -20.83 45.82 -31.12
CA ILE J 81 -19.75 46.45 -30.41
C ILE J 81 -20.21 46.55 -28.98
N GLU J 82 -19.34 46.15 -28.05
CA GLU J 82 -19.73 46.05 -26.65
C GLU J 82 -19.36 47.29 -25.80
N TRP J 83 -20.39 47.97 -25.30
CA TRP J 83 -20.25 49.15 -24.45
C TRP J 83 -19.21 48.95 -23.36
N ALA J 84 -19.39 47.87 -22.59
CA ALA J 84 -18.50 47.54 -21.47
C ALA J 84 -17.06 47.26 -21.94
N ARG J 85 -16.87 46.89 -23.21
CA ARG J 85 -15.52 46.75 -23.74
C ARG J 85 -14.92 48.09 -24.11
N ILE J 86 -15.74 49.09 -24.45
CA ILE J 86 -15.21 50.37 -24.91
C ILE J 86 -15.02 51.34 -23.72
N PHE J 87 -15.91 51.27 -22.74
CA PHE J 87 -15.86 52.12 -21.56
C PHE J 87 -15.86 51.29 -20.27
N PRO J 88 -14.76 50.55 -20.03
CA PRO J 88 -14.69 49.83 -18.77
C PRO J 88 -14.82 50.78 -17.56
N LYS J 89 -14.31 52.02 -17.69
CA LYS J 89 -14.40 53.06 -16.65
C LYS J 89 -15.55 54.00 -16.95
N PRO J 90 -16.27 54.50 -15.91
CA PRO J 90 -17.49 55.36 -16.02
C PRO J 90 -17.30 56.64 -16.83
N THR J 91 -18.36 57.05 -17.51
CA THR J 91 -18.35 58.25 -18.36
C THR J 91 -19.06 59.43 -17.70
N PHE J 92 -19.64 59.19 -16.52
CA PHE J 92 -20.51 60.19 -15.87
C PHE J 92 -19.86 61.58 -15.73
N ASP J 93 -18.56 61.60 -15.45
CA ASP J 93 -17.84 62.87 -15.19
C ASP J 93 -17.58 63.70 -16.44
N VAL J 94 -17.67 63.10 -17.62
CA VAL J 94 -17.60 63.86 -18.86
C VAL J 94 -18.99 64.46 -19.10
N LYS J 95 -19.16 65.74 -18.78
CA LYS J 95 -20.48 66.37 -18.74
C LYS J 95 -21.06 66.75 -20.12
N VAL J 96 -22.38 66.65 -20.24
CA VAL J 96 -23.05 67.03 -21.48
C VAL J 96 -24.39 67.74 -21.27
N ASP J 97 -24.77 68.58 -22.24
CA ASP J 97 -26.06 69.31 -22.32
C ASP J 97 -27.25 68.48 -22.93
N VAL J 98 -28.36 68.34 -22.18
CA VAL J 98 -29.55 67.59 -22.63
C VAL J 98 -30.82 68.32 -22.24
N GLU J 99 -31.72 68.55 -23.22
CA GLU J 99 -32.95 69.32 -22.98
C GLU J 99 -34.15 68.36 -22.87
N LYS J 100 -34.94 68.51 -21.81
CA LYS J 100 -36.15 67.68 -21.64
C LYS J 100 -37.38 68.55 -21.36
N ASP J 101 -38.56 67.98 -21.61
CA ASP J 101 -39.85 68.64 -21.31
C ASP J 101 -40.38 68.17 -19.87
N GLU J 102 -41.56 68.67 -19.49
CA GLU J 102 -42.17 68.43 -18.16
C GLU J 102 -42.24 66.96 -17.71
N GLU J 103 -42.82 66.13 -18.57
CA GLU J 103 -43.00 64.67 -18.30
C GLU J 103 -41.69 63.90 -18.12
N GLY J 104 -40.58 64.45 -18.61
CA GLY J 104 -39.29 63.80 -18.56
C GLY J 104 -38.97 63.10 -19.88
N ASN J 105 -39.40 63.71 -21.00
CA ASN J 105 -39.10 63.21 -22.35
C ASN J 105 -37.78 63.88 -22.84
N ILE J 106 -37.13 63.27 -23.83
CA ILE J 106 -35.89 63.82 -24.40
C ILE J 106 -36.23 64.58 -25.69
N ILE J 107 -35.86 65.86 -25.75
CA ILE J 107 -36.07 66.67 -26.99
C ILE J 107 -34.76 67.01 -27.73
N SER J 108 -33.61 67.10 -27.05
CA SER J 108 -32.30 67.20 -27.73
C SER J 108 -31.16 66.72 -26.82
N VAL J 109 -29.96 66.61 -27.41
CA VAL J 109 -28.77 66.12 -26.72
C VAL J 109 -27.45 66.54 -27.35
N ASP J 110 -26.60 67.32 -26.68
CA ASP J 110 -25.37 67.67 -27.40
C ASP J 110 -24.13 66.86 -26.90
N VAL J 111 -23.51 66.23 -27.89
CA VAL J 111 -22.24 65.56 -27.73
C VAL J 111 -21.35 66.04 -28.86
N PRO J 112 -20.78 67.24 -28.71
CA PRO J 112 -19.88 67.78 -29.73
C PRO J 112 -18.58 67.03 -29.88
N GLU J 113 -17.79 67.48 -30.84
CA GLU J 113 -16.55 66.85 -31.13
C GLU J 113 -15.60 66.92 -29.94
N SER J 114 -15.69 67.98 -29.13
CA SER J 114 -14.84 68.13 -27.95
C SER J 114 -15.14 67.07 -26.89
N THR J 115 -16.42 66.80 -26.65
CA THR J 115 -16.81 65.74 -25.72
C THR J 115 -16.24 64.39 -26.18
N ILE J 116 -16.25 64.13 -27.48
CA ILE J 116 -15.68 62.87 -27.99
C ILE J 116 -14.21 62.77 -27.58
N LYS J 117 -13.49 63.89 -27.60
CA LYS J 117 -12.06 63.90 -27.26
C LYS J 117 -11.85 63.62 -25.79
N GLU J 118 -12.73 64.17 -24.97
CA GLU J 118 -12.67 63.93 -23.52
C GLU J 118 -12.96 62.47 -23.21
N LEU J 119 -13.83 61.86 -24.03
CA LEU J 119 -14.15 60.47 -23.88
C LEU J 119 -13.02 59.58 -24.34
N GLU J 120 -12.28 60.00 -25.36
CA GLU J 120 -11.14 59.20 -25.84
C GLU J 120 -10.11 58.93 -24.77
N LYS J 121 -10.00 59.85 -23.80
CA LYS J 121 -9.03 59.74 -22.70
C LYS J 121 -9.30 58.56 -21.77
N ILE J 122 -10.57 58.32 -21.45
CA ILE J 122 -11.00 57.24 -20.54
C ILE J 122 -11.49 55.96 -21.25
N ALA J 123 -11.62 56.01 -22.58
CA ALA J 123 -12.06 54.84 -23.36
C ALA J 123 -10.91 53.87 -23.58
N ASN J 124 -11.25 52.66 -23.99
CA ASN J 124 -10.26 51.69 -24.34
C ASN J 124 -10.01 51.80 -25.84
N MET J 125 -9.09 52.68 -26.23
CA MET J 125 -8.82 52.89 -27.65
C MET J 125 -8.11 51.69 -28.26
N GLU J 126 -7.53 50.85 -27.42
CA GLU J 126 -6.97 49.60 -27.89
C GLU J 126 -8.07 48.68 -28.51
N ALA J 127 -9.19 48.59 -27.80
CA ALA J 127 -10.31 47.73 -28.18
C ALA J 127 -11.06 48.26 -29.40
N LEU J 128 -11.27 49.57 -29.40
CA LEU J 128 -11.81 50.25 -30.56
C LEU J 128 -11.01 49.93 -31.80
N GLU J 129 -9.69 50.04 -31.74
CA GLU J 129 -8.84 49.70 -32.91
C GLU J 129 -9.01 48.25 -33.36
N HIS J 130 -9.17 47.33 -32.40
CA HIS J 130 -9.40 45.90 -32.75
C HIS J 130 -10.77 45.75 -33.45
N TYR J 131 -11.81 46.43 -32.98
CA TYR J 131 -13.08 46.44 -33.72
C TYR J 131 -12.89 46.92 -35.17
N ARG J 132 -12.11 47.98 -35.39
CA ARG J 132 -11.83 48.42 -36.76
C ARG J 132 -11.19 47.32 -37.58
N LYS J 133 -10.19 46.66 -37.01
CA LYS J 133 -9.57 45.58 -37.77
C LYS J 133 -10.61 44.56 -38.18
N ILE J 134 -11.46 44.18 -37.23
CA ILE J 134 -12.45 43.14 -37.48
C ILE J 134 -13.43 43.60 -38.54
N TYR J 135 -13.94 44.80 -38.41
CA TYR J 135 -14.93 45.23 -39.38
C TYR J 135 -14.28 45.39 -40.74
N SER J 136 -13.07 45.94 -40.76
CA SER J 136 -12.34 46.14 -42.01
C SER J 136 -12.09 44.83 -42.70
N ASP J 137 -11.73 43.81 -41.93
CA ASP J 137 -11.42 42.54 -42.55
C ASP J 137 -12.53 42.11 -43.51
N TRP J 138 -13.77 42.40 -43.12
CA TRP J 138 -14.96 42.01 -43.87
C TRP J 138 -15.32 43.02 -44.94
N LYS J 139 -15.22 44.30 -44.56
CA LYS J 139 -15.60 45.40 -45.44
C LYS J 139 -14.68 45.48 -46.64
N GLU J 140 -13.39 45.28 -46.42
CA GLU J 140 -12.43 45.37 -47.52
C GLU J 140 -12.48 44.22 -48.51
N ARG J 141 -13.29 43.21 -48.20
CA ARG J 141 -13.65 42.16 -49.15
C ARG J 141 -14.77 42.58 -50.09
N GLY J 142 -15.22 43.83 -49.97
CA GLY J 142 -16.29 44.36 -50.80
C GLY J 142 -17.63 43.81 -50.36
N LYS J 143 -17.87 43.85 -49.06
CA LYS J 143 -19.11 43.30 -48.50
C LYS J 143 -19.81 44.33 -47.65
N THR J 144 -21.04 44.03 -47.23
CA THR J 144 -21.83 44.92 -46.38
C THR J 144 -21.71 44.59 -44.88
N PHE J 145 -21.65 45.62 -44.05
CA PHE J 145 -21.65 45.43 -42.61
C PHE J 145 -22.68 46.30 -41.90
N ILE J 146 -23.39 45.69 -40.94
CA ILE J 146 -24.37 46.38 -40.12
C ILE J 146 -23.93 46.33 -38.68
N LEU J 147 -23.85 47.48 -38.02
CA LEU J 147 -23.43 47.50 -36.65
C LEU J 147 -24.64 47.77 -35.72
N ASN J 148 -24.68 46.99 -34.64
CA ASN J 148 -25.72 47.07 -33.64
C ASN J 148 -25.08 47.53 -32.35
N LEU J 149 -25.54 48.62 -31.73
CA LEU J 149 -24.78 49.19 -30.62
C LEU J 149 -24.94 48.45 -29.28
N TYR J 150 -26.13 47.90 -29.05
CA TYR J 150 -26.46 47.22 -27.80
C TYR J 150 -26.99 45.81 -28.03
N HIS J 151 -26.38 44.82 -27.36
CA HIS J 151 -26.81 43.41 -27.42
C HIS J 151 -26.77 42.73 -26.03
N TRP J 152 -27.24 43.49 -25.03
CA TRP J 152 -27.66 43.07 -23.66
C TRP J 152 -26.69 43.40 -22.52
N PRO J 153 -25.40 43.05 -22.68
CA PRO J 153 -24.56 43.38 -21.54
C PRO J 153 -24.34 44.88 -21.36
N LEU J 154 -24.29 45.27 -20.09
CA LEU J 154 -24.06 46.62 -19.68
C LEU J 154 -22.78 46.66 -18.87
N PRO J 155 -22.09 47.81 -18.89
CA PRO J 155 -21.04 48.11 -17.91
C PRO J 155 -21.43 47.85 -16.43
N LEU J 156 -20.48 47.32 -15.66
CA LEU J 156 -20.74 47.09 -14.25
C LEU J 156 -21.04 48.36 -13.51
N TRP J 157 -20.48 49.47 -13.98
CA TRP J 157 -20.75 50.79 -13.39
C TRP J 157 -22.12 51.36 -13.78
N ILE J 158 -22.78 50.67 -14.71
CA ILE J 158 -24.15 50.96 -15.13
C ILE J 158 -25.12 50.04 -14.42
N HIS J 159 -24.73 48.77 -14.19
CA HIS J 159 -25.65 47.75 -13.63
C HIS J 159 -24.88 46.66 -12.86
N ASP J 160 -25.24 46.47 -11.60
CA ASP J 160 -24.68 45.42 -10.76
C ASP J 160 -25.85 44.51 -10.34
N PRO J 161 -26.17 43.49 -11.18
CA PRO J 161 -27.33 42.65 -11.02
C PRO J 161 -26.97 41.46 -10.10
N ILE J 162 -26.29 41.68 -8.99
CA ILE J 162 -26.20 40.74 -7.92
C ILE J 162 -26.73 41.57 -6.80
N ALA J 163 -26.16 42.77 -6.68
CA ALA J 163 -26.57 43.76 -5.68
C ALA J 163 -28.03 44.18 -5.84
N VAL J 164 -28.39 44.52 -7.07
CA VAL J 164 -29.75 44.96 -7.34
C VAL J 164 -30.74 43.89 -6.85
N ARG J 165 -30.48 42.62 -7.16
CA ARG J 165 -31.38 41.54 -6.73
C ARG J 165 -31.46 41.40 -5.20
N LYS J 166 -30.33 41.48 -4.48
CA LYS J 166 -30.32 41.31 -3.00
C LYS J 166 -30.86 42.51 -2.24
N LEU J 167 -30.46 43.70 -2.66
CA LEU J 167 -30.75 44.93 -1.92
C LEU J 167 -31.82 45.81 -2.57
N GLY J 168 -32.13 45.55 -3.84
CA GLY J 168 -33.13 46.36 -4.56
C GLY J 168 -32.46 47.46 -5.36
N PRO J 169 -33.17 48.02 -6.35
CA PRO J 169 -32.61 48.98 -7.33
C PRO J 169 -32.15 50.32 -6.76
N ASP J 170 -32.61 50.69 -5.57
CA ASP J 170 -32.19 51.95 -4.95
C ASP J 170 -30.78 51.85 -4.34
N ALA J 171 -30.27 50.63 -4.22
CA ALA J 171 -29.02 50.36 -3.51
C ALA J 171 -27.82 50.15 -4.43
N ALA J 172 -28.04 50.08 -5.74
CA ALA J 172 -26.93 49.83 -6.66
C ALA J 172 -27.22 50.40 -8.04
N PRO J 173 -26.20 50.39 -8.93
CA PRO J 173 -26.44 50.73 -10.34
C PRO J 173 -27.55 49.86 -10.94
N ALA J 174 -28.71 50.47 -11.24
CA ALA J 174 -29.95 49.71 -11.53
C ALA J 174 -30.16 49.33 -13.02
N GLY J 175 -29.30 49.84 -13.89
CA GLY J 175 -29.30 49.43 -15.29
C GLY J 175 -30.26 50.30 -16.04
N TRP J 176 -31.19 49.69 -16.77
CA TRP J 176 -32.22 50.45 -17.50
C TRP J 176 -33.34 51.01 -16.60
N LEU J 177 -33.19 50.84 -15.29
CA LEU J 177 -34.09 51.46 -14.33
C LEU J 177 -33.63 52.87 -13.98
N ASP J 178 -32.32 53.13 -14.08
CA ASP J 178 -31.76 54.46 -13.79
C ASP J 178 -31.80 55.30 -15.05
N GLU J 179 -32.53 56.40 -14.97
CA GLU J 179 -32.69 57.29 -16.09
C GLU J 179 -31.31 57.83 -16.57
N LYS J 180 -30.36 57.93 -15.65
CA LYS J 180 -28.95 58.23 -15.95
C LYS J 180 -28.27 57.38 -17.04
N THR J 181 -28.63 56.10 -17.11
CA THR J 181 -28.03 55.14 -18.01
C THR J 181 -28.21 55.50 -19.48
N VAL J 182 -29.33 56.15 -19.76
CA VAL J 182 -29.74 56.50 -21.11
C VAL J 182 -28.79 57.53 -21.70
N VAL J 183 -28.48 58.53 -20.89
CA VAL J 183 -27.59 59.62 -21.28
C VAL J 183 -26.19 59.07 -21.59
N GLU J 184 -25.72 58.13 -20.76
CA GLU J 184 -24.38 57.59 -20.92
C GLU J 184 -24.31 56.74 -22.19
N PHE J 185 -25.41 56.05 -22.47
CA PHE J 185 -25.54 55.25 -23.68
C PHE J 185 -25.47 56.15 -24.91
N VAL J 186 -26.22 57.23 -24.87
CA VAL J 186 -26.16 58.24 -25.92
C VAL J 186 -24.74 58.73 -26.21
N LYS J 187 -23.94 58.93 -25.17
CA LYS J 187 -22.55 59.33 -25.37
C LYS J 187 -21.80 58.22 -26.11
N PHE J 188 -22.11 57.00 -25.69
CA PHE J 188 -21.55 55.83 -26.31
C PHE J 188 -21.89 55.75 -27.80
N ALA J 189 -23.14 56.02 -28.13
CA ALA J 189 -23.60 55.98 -29.51
C ALA J 189 -22.85 56.98 -30.35
N ALA J 190 -22.79 58.21 -29.87
CA ALA J 190 -22.12 59.26 -30.61
C ALA J 190 -20.62 58.95 -30.76
N PHE J 191 -20.01 58.49 -29.67
CA PHE J 191 -18.61 58.07 -29.71
C PHE J 191 -18.36 57.09 -30.88
N VAL J 192 -19.25 56.10 -30.98
CA VAL J 192 -19.10 55.01 -31.95
C VAL J 192 -19.37 55.48 -33.37
N ALA J 193 -20.42 56.27 -33.56
CA ALA J 193 -20.72 56.85 -34.85
C ALA J 193 -19.50 57.59 -35.34
N TYR J 194 -19.02 58.50 -34.51
CA TYR J 194 -17.92 59.37 -34.86
C TYR J 194 -16.72 58.59 -35.37
N HIS J 195 -16.43 57.46 -34.75
CA HIS J 195 -15.21 56.75 -35.02
C HIS J 195 -15.32 55.71 -36.13
N LEU J 196 -16.48 55.08 -36.26
CA LEU J 196 -16.59 53.88 -37.11
C LEU J 196 -17.54 53.99 -38.29
N ASP J 197 -18.03 55.19 -38.57
CA ASP J 197 -19.03 55.32 -39.60
C ASP J 197 -18.48 54.94 -40.97
N ASP J 198 -17.18 55.12 -41.15
CA ASP J 198 -16.56 54.79 -42.42
C ASP J 198 -16.62 53.30 -42.72
N LEU J 199 -16.81 52.48 -41.71
CA LEU J 199 -16.89 51.02 -41.88
C LEU J 199 -18.32 50.46 -41.81
N VAL J 200 -19.31 51.27 -41.42
CA VAL J 200 -20.67 50.81 -41.22
C VAL J 200 -21.61 51.22 -42.36
N ASP J 201 -22.37 50.29 -42.96
CA ASP J 201 -23.37 50.62 -43.98
C ASP J 201 -24.76 50.97 -43.43
N MET J 202 -25.10 50.42 -42.26
CA MET J 202 -26.42 50.59 -41.66
C MET J 202 -26.32 50.36 -40.17
N TRP J 203 -27.14 51.06 -39.40
CA TRP J 203 -27.07 50.99 -37.95
C TRP J 203 -28.31 50.40 -37.30
N SER J 204 -28.09 49.79 -36.14
CA SER J 204 -29.16 49.43 -35.27
C SER J 204 -28.74 49.89 -33.90
N THR J 205 -29.66 50.55 -33.21
CA THR J 205 -29.42 51.07 -31.88
C THR J 205 -29.28 49.97 -30.85
N MET J 206 -30.01 48.87 -31.04
CA MET J 206 -30.09 47.84 -30.00
C MET J 206 -30.75 46.57 -30.51
N ASN J 207 -30.72 45.53 -29.68
CA ASN J 207 -31.15 44.19 -30.05
C ASN J 207 -32.14 43.55 -29.07
N GLU J 208 -33.31 43.18 -29.54
CA GLU J 208 -34.31 42.55 -28.67
C GLU J 208 -34.52 43.21 -27.26
N PRO J 209 -34.76 44.53 -27.23
CA PRO J 209 -34.94 45.18 -25.94
C PRO J 209 -36.14 44.63 -25.15
N ASN J 210 -37.17 44.25 -25.89
CA ASN J 210 -38.30 43.55 -25.32
C ASN J 210 -37.93 42.28 -24.57
N VAL J 211 -36.90 41.59 -25.04
CA VAL J 211 -36.42 40.41 -24.33
C VAL J 211 -35.72 40.83 -23.04
N VAL J 212 -35.00 41.94 -23.11
CA VAL J 212 -34.26 42.43 -21.97
C VAL J 212 -35.17 42.81 -20.81
N TYR J 213 -36.11 43.74 -21.05
CA TYR J 213 -37.00 44.17 -19.97
C TYR J 213 -37.97 43.09 -19.48
N ASN J 214 -38.51 42.27 -20.39
CA ASN J 214 -39.47 41.25 -19.98
C ASN J 214 -38.82 40.10 -19.22
N GLN J 215 -37.71 39.59 -19.73
CA GLN J 215 -37.01 38.46 -19.11
C GLN J 215 -36.30 38.84 -17.85
N GLY J 216 -35.79 40.05 -17.81
CA GLY J 216 -35.04 40.52 -16.65
C GLY J 216 -35.88 40.81 -15.42
N TYR J 217 -37.11 41.26 -15.64
CA TYR J 217 -37.95 41.78 -14.56
C TYR J 217 -39.33 41.11 -14.43
N ILE J 218 -39.64 40.11 -15.28
CA ILE J 218 -40.92 39.34 -15.18
C ILE J 218 -40.74 37.80 -15.23
N ASN J 219 -40.23 37.26 -16.33
CA ASN J 219 -39.97 35.80 -16.43
C ASN J 219 -38.66 35.42 -15.77
N LEU J 220 -38.69 35.34 -14.44
CA LEU J 220 -37.50 34.98 -13.65
C LEU J 220 -36.87 33.66 -14.09
N ALA J 221 -37.71 32.70 -14.50
CA ALA J 221 -37.24 31.38 -14.93
C ALA J 221 -36.19 31.45 -16.05
N SER J 222 -36.10 32.61 -16.70
CA SER J 222 -35.26 32.79 -17.88
C SER J 222 -33.78 32.85 -17.57
N GLY J 223 -33.45 33.13 -16.31
CA GLY J 223 -32.07 33.34 -15.92
C GLY J 223 -31.47 34.63 -16.47
N PHE J 224 -32.33 35.64 -16.74
CA PHE J 224 -31.84 36.97 -17.13
C PHE J 224 -31.64 37.85 -15.91
N PRO J 225 -30.68 38.77 -15.97
CA PRO J 225 -30.50 39.70 -14.88
C PRO J 225 -31.48 40.86 -15.01
N PRO J 226 -31.77 41.56 -13.89
CA PRO J 226 -31.27 41.20 -12.56
C PRO J 226 -32.10 40.17 -11.79
N GLY J 227 -33.10 39.58 -12.45
CA GLY J 227 -33.83 38.45 -11.90
C GLY J 227 -34.62 38.77 -10.64
N PHE J 228 -35.48 39.78 -10.72
CA PHE J 228 -36.47 40.05 -9.66
C PHE J 228 -37.80 40.51 -10.26
N LEU J 229 -38.89 40.15 -9.60
CA LEU J 229 -40.21 40.26 -10.20
C LEU J 229 -40.88 41.60 -9.91
N SER J 230 -41.13 42.36 -10.97
CA SER J 230 -41.81 43.65 -10.85
C SER J 230 -42.22 44.20 -12.22
N PHE J 231 -43.53 44.24 -12.47
CA PHE J 231 -44.06 44.80 -13.73
C PHE J 231 -43.74 46.29 -13.85
N GLU J 232 -43.71 46.97 -12.72
CA GLU J 232 -43.32 48.37 -12.67
C GLU J 232 -41.88 48.55 -13.16
N ALA J 233 -40.96 47.72 -12.67
CA ALA J 233 -39.57 47.71 -13.14
C ALA J 233 -39.52 47.50 -14.65
N ALA J 234 -40.20 46.46 -15.14
CA ALA J 234 -40.26 46.18 -16.56
C ALA J 234 -40.72 47.40 -17.37
N GLU J 235 -41.81 48.03 -16.94
CA GLU J 235 -42.36 49.19 -17.65
C GLU J 235 -41.36 50.34 -17.72
N LYS J 236 -40.66 50.56 -16.60
CA LYS J 236 -39.65 51.63 -16.47
C LYS J 236 -38.43 51.36 -17.37
N ALA J 237 -37.99 50.10 -17.42
CA ALA J 237 -36.88 49.69 -18.28
C ALA J 237 -37.27 49.86 -19.75
N LYS J 238 -38.45 49.35 -20.11
CA LYS J 238 -39.03 49.59 -21.42
C LYS J 238 -39.01 51.07 -21.79
N PHE J 239 -39.49 51.91 -20.88
CA PHE J 239 -39.55 53.35 -21.14
C PHE J 239 -38.15 53.96 -21.40
N ASN J 240 -37.19 53.65 -20.54
CA ASN J 240 -35.83 54.13 -20.78
C ASN J 240 -35.13 53.53 -22.02
N LEU J 241 -35.53 52.33 -22.43
CA LEU J 241 -34.93 51.77 -23.64
C LEU J 241 -35.43 52.47 -24.90
N ILE J 242 -36.66 52.96 -24.82
CA ILE J 242 -37.24 53.78 -25.88
C ILE J 242 -36.47 55.09 -26.01
N GLN J 243 -36.20 55.71 -24.87
CA GLN J 243 -35.41 56.95 -24.81
C GLN J 243 -34.01 56.68 -25.36
N ALA J 244 -33.38 55.61 -24.89
CA ALA J 244 -32.03 55.27 -25.33
C ALA J 244 -31.99 55.12 -26.84
N HIS J 245 -33.01 54.49 -27.41
CA HIS J 245 -33.08 54.39 -28.87
C HIS J 245 -33.19 55.76 -29.57
N ILE J 246 -34.17 56.55 -29.16
CA ILE J 246 -34.41 57.88 -29.71
C ILE J 246 -33.13 58.71 -29.66
N GLY J 247 -32.53 58.77 -28.48
CA GLY J 247 -31.28 59.53 -28.28
C GLY J 247 -30.10 59.03 -29.12
N ALA J 248 -29.91 57.72 -29.11
CA ALA J 248 -28.88 57.10 -29.94
C ALA J 248 -29.14 57.34 -31.44
N TYR J 249 -30.41 57.32 -31.85
CA TYR J 249 -30.77 57.64 -33.22
C TYR J 249 -30.27 59.06 -33.60
N ASP J 250 -30.57 60.02 -32.75
CA ASP J 250 -30.14 61.39 -32.98
C ASP J 250 -28.62 61.55 -32.93
N ALA J 251 -27.96 60.81 -32.04
CA ALA J 251 -26.49 60.86 -31.93
C ALA J 251 -25.79 60.31 -33.17
N ILE J 252 -26.28 59.19 -33.68
CA ILE J 252 -25.71 58.59 -34.86
C ILE J 252 -25.92 59.51 -36.05
N LYS J 253 -27.12 60.10 -36.14
CA LYS J 253 -27.44 60.96 -37.27
C LYS J 253 -26.58 62.21 -37.30
N GLU J 254 -26.08 62.62 -36.12
CA GLU J 254 -25.28 63.83 -36.04
C GLU J 254 -23.86 63.59 -36.58
N TYR J 255 -23.43 62.33 -36.67
CA TYR J 255 -22.10 61.98 -37.19
C TYR J 255 -22.11 61.01 -38.37
N SER J 256 -23.28 60.76 -38.94
CA SER J 256 -23.42 59.78 -40.02
C SER J 256 -24.68 60.07 -40.80
N GLU J 257 -24.68 59.74 -42.09
CA GLU J 257 -25.82 60.03 -42.97
C GLU J 257 -26.55 58.75 -43.39
N LYS J 258 -26.44 57.71 -42.56
CA LYS J 258 -26.86 56.36 -42.92
C LYS J 258 -28.13 55.92 -42.23
N SER J 259 -28.68 54.82 -42.71
CA SER J 259 -29.95 54.32 -42.22
C SER J 259 -29.78 53.81 -40.80
N VAL J 260 -30.64 54.26 -39.88
CA VAL J 260 -30.61 53.81 -38.49
C VAL J 260 -31.95 53.21 -38.13
N GLY J 261 -31.89 52.07 -37.45
CA GLY J 261 -33.09 51.33 -37.12
C GLY J 261 -32.92 50.63 -35.79
N VAL J 262 -33.73 49.59 -35.58
CA VAL J 262 -33.68 48.78 -34.36
C VAL J 262 -33.92 47.34 -34.73
N ILE J 263 -33.44 46.43 -33.88
CA ILE J 263 -33.59 44.97 -34.06
C ILE J 263 -34.40 44.41 -32.89
N TYR J 264 -35.45 43.66 -33.21
CA TYR J 264 -36.50 43.37 -32.23
C TYR J 264 -36.90 41.89 -32.27
N ALA J 265 -37.38 41.39 -31.14
CA ALA J 265 -37.85 40.01 -31.05
C ALA J 265 -39.32 39.94 -31.39
N PHE J 266 -39.62 39.40 -32.55
CA PHE J 266 -41.00 39.33 -33.01
C PHE J 266 -41.53 37.90 -32.92
N ALA J 267 -42.11 37.57 -31.78
CA ALA J 267 -42.86 36.33 -31.67
C ALA J 267 -44.11 36.52 -32.52
N TRP J 268 -44.54 35.49 -33.25
CA TRP J 268 -45.85 35.52 -33.90
C TRP J 268 -46.87 34.95 -32.95
N HIS J 269 -47.96 35.68 -32.75
CA HIS J 269 -48.99 35.30 -31.78
C HIS J 269 -50.20 34.70 -32.48
N ASP J 270 -50.66 33.55 -32.00
CA ASP J 270 -51.75 32.78 -32.62
C ASP J 270 -52.83 32.43 -31.59
N PRO J 271 -54.10 32.59 -31.97
CA PRO J 271 -55.20 32.18 -31.09
C PRO J 271 -55.47 30.69 -31.25
N LEU J 272 -55.54 29.95 -30.14
CA LEU J 272 -55.80 28.51 -30.23
C LEU J 272 -57.11 28.24 -30.98
N ALA J 273 -58.11 29.04 -30.64
CA ALA J 273 -59.44 28.93 -31.20
C ALA J 273 -59.89 30.28 -31.73
N GLU J 274 -60.62 30.23 -32.85
CA GLU J 274 -61.25 31.38 -33.50
C GLU J 274 -61.87 32.45 -32.56
N GLU J 275 -62.43 32.04 -31.42
CA GLU J 275 -63.06 32.98 -30.47
C GLU J 275 -62.09 33.97 -29.81
N TYR J 276 -60.81 33.64 -29.78
CA TYR J 276 -59.80 34.52 -29.18
C TYR J 276 -59.15 35.50 -30.17
N LYS J 277 -59.39 35.32 -31.47
CA LYS J 277 -58.79 36.13 -32.57
C LYS J 277 -58.61 37.62 -32.29
N ASP J 278 -59.64 38.26 -31.70
CA ASP J 278 -59.61 39.68 -31.34
C ASP J 278 -58.67 39.95 -30.20
N GLU J 279 -58.80 39.14 -29.16
CA GLU J 279 -58.06 39.30 -27.91
C GLU J 279 -56.58 39.09 -28.17
N VAL J 280 -56.25 38.16 -29.07
CA VAL J 280 -54.85 37.94 -29.47
C VAL J 280 -54.29 39.10 -30.29
N GLU J 281 -55.07 39.66 -31.22
CA GLU J 281 -54.62 40.86 -31.93
C GLU J 281 -54.30 42.04 -31.01
N GLU J 282 -54.98 42.08 -29.87
CA GLU J 282 -54.73 43.12 -28.88
C GLU J 282 -53.34 42.92 -28.31
N ILE J 283 -52.98 41.66 -28.10
CA ILE J 283 -51.68 41.27 -27.58
C ILE J 283 -50.56 41.57 -28.58
N ARG J 284 -50.80 41.31 -29.87
CA ARG J 284 -49.86 41.71 -30.92
C ARG J 284 -49.51 43.18 -30.79
N LYS J 285 -50.54 44.00 -30.62
CA LYS J 285 -50.35 45.43 -30.50
C LYS J 285 -49.48 45.74 -29.28
N LYS J 286 -49.81 45.18 -28.13
CA LYS J 286 -49.04 45.46 -26.92
C LYS J 286 -47.62 44.99 -27.06
N ASP J 287 -47.44 43.76 -27.53
CA ASP J 287 -46.10 43.19 -27.73
C ASP J 287 -45.22 44.02 -28.67
N TYR J 288 -45.78 44.49 -29.78
CA TYR J 288 -44.99 45.28 -30.73
C TYR J 288 -45.01 46.79 -30.44
N GLU J 289 -45.77 47.22 -29.42
CA GLU J 289 -45.95 48.64 -29.11
C GLU J 289 -44.63 49.38 -29.13
N PHE J 290 -43.59 48.78 -28.54
CA PHE J 290 -42.24 49.34 -28.56
C PHE J 290 -41.84 49.87 -29.94
N VAL J 291 -42.06 49.05 -30.96
CA VAL J 291 -41.74 49.45 -32.32
C VAL J 291 -42.75 50.46 -32.88
N THR J 292 -44.04 50.22 -32.63
CA THR J 292 -45.09 51.22 -32.92
C THR J 292 -44.72 52.63 -32.42
N ILE J 293 -44.33 52.70 -31.15
CA ILE J 293 -44.06 53.94 -30.43
C ILE J 293 -42.75 54.71 -30.78
N LEU J 294 -41.78 54.04 -31.46
CA LEU J 294 -40.68 54.62 -32.22
C LEU J 294 -41.05 55.03 -33.65
N HIS J 295 -41.81 54.18 -34.35
CA HIS J 295 -42.34 54.51 -35.67
C HIS J 295 -43.00 55.87 -35.63
N SER J 296 -43.96 56.02 -34.72
CA SER J 296 -44.74 57.25 -34.62
C SER J 296 -43.91 58.50 -34.28
N LYS J 297 -42.75 58.35 -33.64
CA LYS J 297 -41.86 59.48 -33.45
C LYS J 297 -40.93 59.73 -34.65
N GLY J 298 -41.07 58.96 -35.73
CA GLY J 298 -40.20 59.11 -36.89
C GLY J 298 -38.74 58.76 -36.64
N LYS J 299 -38.48 57.78 -35.78
CA LYS J 299 -37.11 57.38 -35.42
C LYS J 299 -36.79 55.92 -35.83
N LEU J 300 -37.20 55.53 -37.04
CA LEU J 300 -36.94 54.20 -37.58
C LEU J 300 -36.80 54.23 -39.09
N ASP J 301 -35.58 54.14 -39.59
CA ASP J 301 -35.39 54.11 -41.04
C ASP J 301 -35.59 52.69 -41.57
N TRP J 302 -35.43 51.70 -40.69
CA TRP J 302 -35.62 50.28 -41.06
C TRP J 302 -35.76 49.42 -39.81
N ILE J 303 -36.30 48.21 -39.98
CA ILE J 303 -36.55 47.31 -38.87
C ILE J 303 -35.78 46.01 -39.02
N GLY J 304 -35.09 45.62 -37.97
CA GLY J 304 -34.48 44.30 -37.89
C GLY J 304 -35.42 43.25 -37.32
N VAL J 305 -35.95 42.38 -38.18
CA VAL J 305 -36.84 41.33 -37.72
C VAL J 305 -36.01 40.15 -37.23
N ASN J 306 -36.27 39.72 -35.99
CA ASN J 306 -35.70 38.50 -35.42
C ASN J 306 -36.83 37.53 -35.17
N TYR J 307 -36.95 36.52 -36.00
CA TYR J 307 -38.04 35.59 -35.88
C TYR J 307 -37.49 34.18 -35.74
N TYR J 308 -38.14 33.41 -34.84
CA TYR J 308 -37.77 32.03 -34.53
C TYR J 308 -39.02 31.05 -34.45
N SER J 309 -40.02 31.45 -33.70
CA SER J 309 -41.22 30.64 -33.54
C SER J 309 -42.39 31.52 -33.18
N ARG J 310 -43.38 30.95 -32.51
CA ARG J 310 -44.65 31.61 -32.23
C ARG J 310 -45.07 31.35 -30.83
N LEU J 311 -46.17 31.99 -30.42
CA LEU J 311 -46.82 31.69 -29.16
C LEU J 311 -48.28 31.41 -29.44
N VAL J 312 -48.84 30.37 -28.84
CA VAL J 312 -50.28 30.06 -29.02
C VAL J 312 -51.07 30.30 -27.73
N TYR J 313 -52.17 31.05 -27.82
CA TYR J 313 -52.93 31.43 -26.65
C TYR J 313 -54.26 30.71 -26.53
N GLY J 314 -54.59 30.37 -25.29
CA GLY J 314 -55.86 29.77 -24.91
C GLY J 314 -56.21 30.02 -23.43
N ALA J 315 -57.28 29.36 -22.95
CA ALA J 315 -57.56 29.08 -21.49
C ALA J 315 -56.41 29.39 -20.52
N LEU J 320 -56.36 34.05 -20.08
CA LEU J 320 -55.89 33.96 -21.48
C LEU J 320 -54.37 34.07 -21.55
N VAL J 321 -53.72 32.93 -21.76
CA VAL J 321 -52.26 32.81 -21.65
C VAL J 321 -51.65 31.94 -22.75
N PRO J 322 -50.34 32.15 -23.02
CA PRO J 322 -49.61 31.31 -23.95
C PRO J 322 -49.50 29.88 -23.45
N LEU J 323 -49.89 28.93 -24.29
CA LEU J 323 -50.05 27.52 -23.91
C LEU J 323 -48.79 26.69 -24.11
N PRO J 324 -48.47 25.79 -23.16
CA PRO J 324 -47.38 24.86 -23.39
C PRO J 324 -47.69 23.91 -24.55
N GLY J 325 -46.62 23.40 -25.18
CA GLY J 325 -46.70 22.48 -26.32
C GLY J 325 -46.85 23.19 -27.66
N TYR J 326 -46.61 24.51 -27.67
CA TYR J 326 -46.72 25.31 -28.88
C TYR J 326 -45.63 26.37 -28.94
N GLY J 327 -44.99 26.50 -30.11
CA GLY J 327 -44.07 27.60 -30.33
C GLY J 327 -42.87 27.47 -29.42
N PHE J 328 -42.51 28.57 -28.76
CA PHE J 328 -41.38 28.61 -27.82
C PHE J 328 -41.55 27.71 -26.61
N MET J 329 -42.68 27.05 -26.47
CA MET J 329 -42.97 26.35 -25.23
C MET J 329 -43.24 24.89 -25.52
N SER J 330 -42.56 24.39 -26.55
CA SER J 330 -42.70 23.01 -26.97
C SER J 330 -41.60 22.22 -26.29
N GLU J 331 -41.70 20.90 -26.31
CA GLU J 331 -40.70 20.05 -25.72
C GLU J 331 -39.38 20.14 -26.48
N ARG J 332 -38.29 20.27 -25.73
CA ARG J 332 -36.95 20.35 -26.30
C ARG J 332 -36.54 19.10 -27.03
N GLY J 333 -36.26 19.24 -28.33
CA GLY J 333 -35.88 18.10 -29.17
C GLY J 333 -37.00 17.15 -29.54
N GLY J 334 -38.24 17.56 -29.23
CA GLY J 334 -39.45 16.74 -29.42
C GLY J 334 -40.38 17.27 -30.48
N PHE J 335 -41.67 17.24 -30.20
CA PHE J 335 -42.66 17.73 -31.14
C PHE J 335 -43.67 18.58 -30.44
N ALA J 336 -44.11 19.62 -31.10
CA ALA J 336 -45.14 20.45 -30.55
C ALA J 336 -46.44 19.69 -30.65
N LYS J 337 -47.47 20.21 -29.99
CA LYS J 337 -48.79 19.67 -30.11
C LYS J 337 -49.28 19.67 -31.55
N SER J 338 -48.86 20.66 -32.32
CA SER J 338 -49.24 20.76 -33.73
C SER J 338 -48.70 19.58 -34.53
N GLY J 339 -47.66 18.93 -34.04
CA GLY J 339 -47.02 17.86 -34.78
C GLY J 339 -45.77 18.33 -35.49
N ARG J 340 -45.51 19.63 -35.46
CA ARG J 340 -44.25 20.14 -35.96
C ARG J 340 -43.16 19.82 -34.97
N PRO J 341 -41.94 19.54 -35.48
CA PRO J 341 -40.82 19.32 -34.56
C PRO J 341 -40.38 20.60 -33.89
N ALA J 342 -39.68 20.48 -32.76
CA ALA J 342 -39.12 21.63 -32.09
C ALA J 342 -37.59 21.57 -31.99
N SER J 343 -36.95 22.73 -31.94
CA SER J 343 -35.51 22.83 -31.78
C SER J 343 -35.04 22.29 -30.44
N ASP J 344 -33.74 22.14 -30.28
CA ASP J 344 -33.16 21.77 -28.99
C ASP J 344 -33.58 22.73 -27.92
N PHE J 345 -33.99 23.93 -28.30
CA PHE J 345 -34.46 24.93 -27.32
C PHE J 345 -35.96 24.74 -27.01
N GLY J 346 -36.58 23.83 -27.75
CA GLY J 346 -37.98 23.54 -27.56
C GLY J 346 -38.82 24.63 -28.21
N TRP J 347 -38.41 25.05 -29.40
CA TRP J 347 -39.10 26.08 -30.13
C TRP J 347 -39.64 25.49 -31.41
N GLU J 348 -40.96 25.56 -31.56
CA GLU J 348 -41.61 24.96 -32.72
C GLU J 348 -41.04 25.47 -34.06
N MET J 349 -41.07 24.59 -35.05
CA MET J 349 -40.74 24.95 -36.40
C MET J 349 -41.99 25.53 -37.03
N TYR J 350 -41.97 26.81 -37.37
CA TYR J 350 -43.19 27.47 -37.85
C TYR J 350 -42.87 28.59 -38.83
N PRO J 351 -42.42 28.24 -40.05
CA PRO J 351 -42.22 29.25 -41.10
C PRO J 351 -43.46 30.12 -41.42
N GLU J 352 -44.65 29.54 -41.34
CA GLU J 352 -45.90 30.29 -41.54
C GLU J 352 -45.95 31.61 -40.76
N GLY J 353 -45.47 31.59 -39.51
CA GLY J 353 -45.50 32.76 -38.62
C GLY J 353 -44.69 33.95 -39.09
N LEU J 354 -43.59 33.65 -39.78
CA LEU J 354 -42.73 34.66 -40.37
C LEU J 354 -43.41 35.30 -41.57
N GLU J 355 -44.02 34.47 -42.41
CA GLU J 355 -44.76 34.94 -43.59
C GLU J 355 -45.86 35.85 -43.07
N ASN J 356 -46.65 35.38 -42.10
CA ASN J 356 -47.73 36.22 -41.56
C ASN J 356 -47.15 37.49 -40.98
N LEU J 357 -46.07 37.36 -40.22
CA LEU J 357 -45.48 38.49 -39.51
C LEU J 357 -45.02 39.61 -40.44
N LEU J 358 -44.30 39.23 -41.48
CA LEU J 358 -43.79 40.21 -42.45
C LEU J 358 -44.90 40.99 -43.11
N LYS J 359 -46.01 40.34 -43.43
CA LYS J 359 -47.13 41.07 -44.01
C LYS J 359 -47.77 41.98 -42.96
N TYR J 360 -47.89 41.50 -41.72
CA TYR J 360 -48.38 42.34 -40.62
C TYR J 360 -47.55 43.62 -40.39
N LEU J 361 -46.22 43.48 -40.48
CA LEU J 361 -45.28 44.60 -40.19
C LEU J 361 -45.17 45.58 -41.36
N ASN J 362 -45.30 45.06 -42.57
CA ASN J 362 -45.27 45.89 -43.77
C ASN J 362 -46.54 46.71 -43.84
N ASN J 363 -47.68 46.08 -43.57
CA ASN J 363 -48.92 46.82 -43.53
C ASN J 363 -48.90 47.84 -42.38
N ALA J 364 -48.44 47.42 -41.20
CA ALA J 364 -48.50 48.25 -40.01
C ALA J 364 -47.54 49.43 -40.06
N TYR J 365 -46.37 49.24 -40.66
CA TYR J 365 -45.28 50.26 -40.60
C TYR J 365 -44.76 50.77 -41.97
N GLU J 366 -44.96 49.98 -43.03
CA GLU J 366 -44.51 50.33 -44.41
C GLU J 366 -43.05 50.72 -44.49
N LEU J 367 -42.23 50.05 -43.71
CA LEU J 367 -40.86 50.41 -43.55
C LEU J 367 -39.90 49.27 -44.13
N PRO J 368 -38.67 49.62 -44.59
CA PRO J 368 -37.76 48.55 -45.07
C PRO J 368 -37.34 47.57 -43.96
N MET J 369 -37.37 46.27 -44.25
CA MET J 369 -37.08 45.25 -43.23
C MET J 369 -35.92 44.35 -43.60
N ILE J 370 -35.19 43.90 -42.58
CA ILE J 370 -34.21 42.85 -42.77
C ILE J 370 -34.41 41.78 -41.71
N ILE J 371 -34.44 40.53 -42.15
CA ILE J 371 -34.46 39.42 -41.21
C ILE J 371 -33.06 39.40 -40.59
N THR J 372 -32.94 39.99 -39.41
CA THR J 372 -31.63 40.16 -38.75
C THR J 372 -31.31 38.96 -37.85
N GLU J 373 -32.23 38.02 -37.73
CA GLU J 373 -31.99 36.82 -36.93
C GLU J 373 -33.05 35.76 -37.26
N ASN J 374 -32.60 34.58 -37.71
CA ASN J 374 -33.47 33.43 -37.94
C ASN J 374 -32.62 32.19 -38.08
N GLY J 375 -32.95 31.17 -37.28
CA GLY J 375 -32.17 29.94 -37.20
C GLY J 375 -32.74 29.00 -36.16
N MET J 376 -32.02 27.93 -35.83
CA MET J 376 -32.49 27.03 -34.78
C MET J 376 -31.40 26.23 -34.12
N ALA J 377 -31.61 25.95 -32.83
CA ALA J 377 -30.73 25.10 -32.05
C ALA J 377 -30.95 23.64 -32.48
N ASP J 378 -29.94 23.09 -33.17
CA ASP J 378 -29.99 21.75 -33.76
C ASP J 378 -28.56 21.24 -33.84
N ALA J 379 -28.13 20.48 -32.83
CA ALA J 379 -26.74 20.00 -32.79
C ALA J 379 -26.49 19.01 -33.93
N ALA J 380 -27.56 18.30 -34.29
CA ALA J 380 -27.51 17.21 -35.26
C ALA J 380 -27.73 17.63 -36.68
N ASP J 381 -28.05 18.90 -36.94
CA ASP J 381 -28.35 19.32 -38.31
C ASP J 381 -29.52 18.50 -38.89
N ARG J 382 -30.32 17.92 -38.01
CA ARG J 382 -31.48 17.13 -38.42
C ARG J 382 -32.50 17.98 -39.18
N TYR J 383 -32.75 19.19 -38.71
CA TYR J 383 -33.81 20.00 -39.26
C TYR J 383 -33.33 21.30 -39.89
N ARG J 384 -32.18 21.81 -39.45
CA ARG J 384 -31.70 23.08 -39.98
C ARG J 384 -31.92 23.24 -41.50
N PRO J 385 -31.50 22.26 -42.34
CA PRO J 385 -31.69 22.44 -43.78
C PRO J 385 -33.12 22.79 -44.18
N HIS J 386 -34.10 22.06 -43.66
CA HIS J 386 -35.49 22.40 -43.95
C HIS J 386 -35.85 23.75 -43.34
N TYR J 387 -35.35 24.01 -42.14
CA TYR J 387 -35.69 25.24 -41.44
C TYR J 387 -35.34 26.44 -42.31
N LEU J 388 -34.17 26.32 -42.92
CA LEU J 388 -33.65 27.39 -43.74
C LEU J 388 -34.53 27.62 -44.90
N VAL J 389 -34.77 26.56 -45.63
CA VAL J 389 -35.43 26.64 -46.92
C VAL J 389 -36.89 26.99 -46.69
N SER J 390 -37.50 26.41 -45.66
CA SER J 390 -38.89 26.75 -45.35
C SER J 390 -39.00 28.21 -45.02
N HIS J 391 -38.09 28.74 -44.21
CA HIS J 391 -38.20 30.13 -43.77
C HIS J 391 -37.85 31.15 -44.86
N LEU J 392 -36.89 30.81 -45.72
CA LEU J 392 -36.61 31.63 -46.89
C LEU J 392 -37.83 31.70 -47.82
N LYS J 393 -38.52 30.57 -47.98
CA LYS J 393 -39.74 30.52 -48.76
C LYS J 393 -40.76 31.49 -48.14
N ALA J 394 -40.89 31.45 -46.81
CA ALA J 394 -41.81 32.33 -46.08
C ALA J 394 -41.51 33.80 -46.31
N VAL J 395 -40.23 34.15 -46.43
CA VAL J 395 -39.85 35.54 -46.72
C VAL J 395 -40.22 35.87 -48.17
N TYR J 396 -39.80 35.01 -49.09
CA TYR J 396 -40.12 35.14 -50.52
C TYR J 396 -41.62 35.31 -50.79
N ASN J 397 -42.46 34.56 -50.08
CA ASN J 397 -43.92 34.74 -50.19
C ASN J 397 -44.36 36.11 -49.71
N ALA J 398 -43.83 36.55 -48.57
CA ALA J 398 -44.25 37.82 -47.98
C ALA J 398 -43.89 38.98 -48.90
N MET J 399 -42.75 38.86 -49.58
CA MET J 399 -42.26 39.89 -50.49
C MET J 399 -43.13 40.04 -51.73
N LYS J 400 -43.65 38.91 -52.20
CA LYS J 400 -44.55 38.87 -53.35
C LYS J 400 -45.83 39.61 -53.06
N GLU J 401 -46.27 39.56 -51.80
CA GLU J 401 -47.46 40.28 -51.40
C GLU J 401 -47.14 41.66 -50.89
N GLY J 402 -45.94 42.15 -51.22
CA GLY J 402 -45.59 43.56 -51.06
C GLY J 402 -44.65 43.92 -49.93
N ALA J 403 -44.32 42.94 -49.08
CA ALA J 403 -43.43 43.22 -47.95
C ALA J 403 -42.07 43.67 -48.45
N ASP J 404 -41.55 44.77 -47.89
CA ASP J 404 -40.26 45.31 -48.33
C ASP J 404 -39.09 44.70 -47.54
N VAL J 405 -38.62 43.55 -47.99
CA VAL J 405 -37.53 42.86 -47.30
C VAL J 405 -36.25 42.92 -48.11
N ARG J 406 -35.19 43.50 -47.52
CA ARG J 406 -33.92 43.76 -48.20
C ARG J 406 -32.81 42.74 -47.91
N GLY J 407 -33.08 41.77 -47.05
CA GLY J 407 -32.09 40.73 -46.77
C GLY J 407 -32.50 39.72 -45.72
N TYR J 408 -31.67 38.68 -45.58
CA TYR J 408 -31.87 37.62 -44.61
C TYR J 408 -30.51 37.30 -44.00
N LEU J 409 -30.44 37.38 -42.66
CA LEU J 409 -29.24 37.05 -41.92
C LEU J 409 -29.53 35.89 -40.97
N HIS J 410 -28.87 34.76 -41.19
CA HIS J 410 -29.13 33.59 -40.39
C HIS J 410 -28.46 33.81 -39.03
N TRP J 411 -28.99 33.19 -37.99
CA TRP J 411 -28.28 33.10 -36.71
C TRP J 411 -28.03 31.64 -36.44
N SER J 412 -26.81 31.18 -36.67
CA SER J 412 -25.69 32.04 -37.00
C SER J 412 -24.67 31.24 -37.78
N LEU J 413 -23.59 31.86 -38.21
CA LEU J 413 -22.52 31.11 -38.91
C LEU J 413 -22.00 30.00 -38.00
N THR J 414 -21.52 30.38 -36.82
CA THR J 414 -20.94 29.43 -35.86
C THR J 414 -21.76 29.27 -34.60
N ASP J 415 -21.50 28.17 -33.91
CA ASP J 415 -22.04 27.96 -32.58
C ASP J 415 -21.44 29.00 -31.66
N ASN J 416 -22.12 29.29 -30.56
CA ASN J 416 -21.72 30.37 -29.66
C ASN J 416 -22.36 30.18 -28.28
N TYR J 417 -22.23 31.16 -27.39
CA TYR J 417 -22.70 31.03 -26.00
C TYR J 417 -24.14 31.52 -25.86
N GLU J 418 -25.06 30.57 -25.77
CA GLU J 418 -26.49 30.93 -25.66
C GLU J 418 -26.85 31.29 -24.23
N TRP J 419 -26.29 32.42 -23.78
CA TRP J 419 -26.62 33.03 -22.51
C TRP J 419 -26.76 32.05 -21.32
N ALA J 420 -27.93 32.02 -20.69
CA ALA J 420 -28.14 31.22 -19.48
C ALA J 420 -28.10 29.73 -19.79
N GLN J 421 -28.27 29.38 -21.06
CA GLN J 421 -28.28 27.99 -21.52
C GLN J 421 -26.89 27.48 -21.92
N GLY J 422 -25.88 28.34 -21.84
CA GLY J 422 -24.55 27.89 -22.19
C GLY J 422 -24.42 27.42 -23.63
N PHE J 423 -23.58 26.41 -23.86
CA PHE J 423 -23.22 25.94 -25.20
C PHE J 423 -24.12 24.83 -25.76
N ARG J 424 -24.99 24.28 -24.91
CA ARG J 424 -25.87 23.16 -25.32
C ARG J 424 -26.88 23.55 -26.43
N MET J 425 -27.20 24.84 -26.54
CA MET J 425 -27.97 25.33 -27.69
C MET J 425 -27.01 25.76 -28.82
N ARG J 426 -26.93 24.97 -29.89
CA ARG J 426 -26.01 25.23 -30.99
C ARG J 426 -26.75 25.64 -32.25
N PHE J 427 -26.61 26.92 -32.59
CA PHE J 427 -27.38 27.52 -33.70
C PHE J 427 -26.62 27.62 -35.01
N GLY J 428 -25.37 27.17 -35.01
CA GLY J 428 -24.44 27.42 -36.12
C GLY J 428 -24.67 26.58 -37.38
N LEU J 429 -24.53 27.19 -38.55
CA LEU J 429 -24.31 26.48 -39.81
C LEU J 429 -22.91 25.84 -39.78
N VAL J 430 -22.09 26.33 -38.85
CA VAL J 430 -20.78 25.80 -38.60
C VAL J 430 -20.71 25.32 -37.15
N TYR J 431 -20.35 24.05 -36.98
CA TYR J 431 -20.05 23.51 -35.65
C TYR J 431 -18.71 24.05 -35.17
N VAL J 432 -18.59 24.27 -33.86
CA VAL J 432 -17.33 24.67 -33.25
C VAL J 432 -17.02 23.80 -32.05
N ASP J 433 -15.81 23.24 -32.05
CA ASP J 433 -15.26 22.49 -30.93
C ASP J 433 -14.68 23.49 -29.94
N PHE J 434 -15.41 23.78 -28.87
CA PHE J 434 -15.00 24.83 -27.93
C PHE J 434 -13.72 24.54 -27.13
N GLU J 435 -13.22 23.32 -27.19
CA GLU J 435 -11.90 23.00 -26.60
C GLU J 435 -10.77 23.41 -27.53
N THR J 436 -10.92 23.10 -28.82
CA THR J 436 -9.90 23.37 -29.81
C THR J 436 -10.12 24.66 -30.61
N LYS J 437 -11.34 25.21 -30.52
CA LYS J 437 -11.75 26.38 -31.28
C LYS J 437 -11.75 26.10 -32.80
N LYS J 438 -11.98 24.85 -33.17
CA LYS J 438 -11.93 24.48 -34.57
C LYS J 438 -13.31 24.46 -35.20
N ARG J 439 -13.35 24.93 -36.44
CA ARG J 439 -14.58 25.07 -37.22
C ARG J 439 -14.74 23.87 -38.11
N TYR J 440 -15.94 23.32 -38.15
CA TYR J 440 -16.31 22.30 -39.10
C TYR J 440 -17.73 22.62 -39.59
N LEU J 441 -17.93 22.69 -40.91
CA LEU J 441 -19.22 23.07 -41.47
C LEU J 441 -20.22 21.96 -41.36
N ARG J 442 -21.44 22.29 -40.96
CA ARG J 442 -22.54 21.33 -41.01
C ARG J 442 -23.02 21.28 -42.46
N PRO J 443 -23.59 20.14 -42.90
CA PRO J 443 -24.10 20.04 -44.27
C PRO J 443 -25.08 21.14 -44.65
N SER J 444 -25.95 21.53 -43.71
CA SER J 444 -26.91 22.64 -43.93
C SER J 444 -26.26 23.94 -44.45
N ALA J 445 -24.96 24.11 -44.17
CA ALA J 445 -24.21 25.26 -44.66
C ALA J 445 -24.14 25.31 -46.18
N LEU J 446 -24.39 24.18 -46.84
CA LEU J 446 -24.25 24.09 -48.31
C LEU J 446 -25.52 24.33 -49.07
N VAL J 447 -26.61 24.46 -48.33
CA VAL J 447 -27.86 24.93 -48.89
C VAL J 447 -27.60 26.36 -49.39
N SER J 448 -26.74 27.06 -48.63
CA SER J 448 -26.33 28.47 -48.88
C SER J 448 -25.40 28.72 -50.09
N VAL J 449 -24.78 27.66 -50.62
CA VAL J 449 -23.82 27.76 -51.75
C VAL J 449 -24.51 27.48 -53.09
N LYS J 450 -25.77 27.05 -52.98
CA LYS J 450 -26.66 26.77 -54.10
C LYS J 450 -27.93 27.66 -53.94
N LYS K 3 35.01 62.33 -24.64
CA LYS K 3 33.87 62.62 -25.55
C LYS K 3 33.98 61.80 -26.81
N PHE K 4 32.83 61.45 -27.36
CA PHE K 4 32.74 60.82 -28.66
C PHE K 4 32.20 61.87 -29.63
N PRO K 5 32.58 61.78 -30.92
CA PRO K 5 32.04 62.66 -31.90
C PRO K 5 30.56 62.96 -31.78
N LYS K 6 30.17 64.02 -32.42
CA LYS K 6 28.85 64.50 -32.40
C LYS K 6 27.81 63.50 -32.93
N ASN K 7 28.18 62.82 -34.01
CA ASN K 7 27.25 61.95 -34.73
C ASN K 7 27.41 60.48 -34.27
N PHE K 8 28.13 60.21 -33.18
CA PHE K 8 28.38 58.84 -32.74
C PHE K 8 27.16 58.25 -32.03
N MET K 9 26.66 57.11 -32.52
CA MET K 9 25.40 56.54 -32.05
C MET K 9 25.58 55.54 -30.92
N PHE K 10 24.72 55.65 -29.90
CA PHE K 10 24.65 54.69 -28.77
C PHE K 10 23.32 54.00 -28.82
N GLY K 11 23.31 52.70 -28.56
CA GLY K 11 22.08 51.94 -28.71
C GLY K 11 22.17 50.48 -28.34
N TYR K 12 21.50 49.65 -29.16
CA TYR K 12 21.38 48.21 -28.85
C TYR K 12 20.86 47.39 -30.02
N SER K 13 20.96 46.08 -29.91
CA SER K 13 20.56 45.25 -31.00
C SER K 13 19.62 44.16 -30.49
N TRP K 14 18.70 43.74 -31.35
CA TRP K 14 17.82 42.61 -31.09
C TRP K 14 17.72 41.79 -32.37
N SER K 15 17.30 40.53 -32.19
CA SER K 15 17.04 39.62 -33.28
C SER K 15 15.72 39.01 -33.01
N GLY K 16 15.00 38.68 -34.08
CA GLY K 16 13.59 38.23 -33.99
C GLY K 16 13.36 36.97 -33.16
N PHE K 17 14.23 35.98 -33.36
CA PHE K 17 14.02 34.70 -32.68
C PHE K 17 14.16 34.86 -31.18
N GLN K 18 15.11 35.71 -30.74
CA GLN K 18 15.45 35.81 -29.34
C GLN K 18 14.49 36.77 -28.55
N PHE K 19 13.74 37.61 -29.27
CA PHE K 19 13.00 38.72 -28.64
C PHE K 19 11.49 38.71 -28.93
N GLU K 20 11.10 38.42 -30.19
CA GLU K 20 9.74 38.63 -30.63
C GLU K 20 8.73 37.84 -29.79
N MET K 21 9.03 36.54 -29.61
CA MET K 21 8.06 35.62 -29.05
C MET K 21 7.96 35.69 -27.53
N GLY K 22 6.80 35.28 -26.98
CA GLY K 22 6.60 35.37 -25.53
C GLY K 22 5.17 35.45 -25.04
N LEU K 23 4.30 36.08 -25.83
CA LEU K 23 2.87 35.93 -25.60
C LEU K 23 2.18 35.35 -26.82
N PRO K 24 1.05 34.64 -26.62
CA PRO K 24 0.41 34.01 -27.78
C PRO K 24 0.06 34.95 -28.94
N GLY K 25 0.14 34.42 -30.16
CA GLY K 25 0.03 35.23 -31.38
C GLY K 25 1.37 35.43 -32.04
N SER K 26 2.43 35.37 -31.23
CA SER K 26 3.79 35.71 -31.63
C SER K 26 4.47 34.63 -32.46
N GLU K 27 3.96 33.43 -32.36
CA GLU K 27 4.80 32.24 -32.47
C GLU K 27 5.11 31.94 -33.94
N VAL K 28 6.29 31.40 -34.26
CA VAL K 28 6.69 31.23 -35.67
C VAL K 28 7.56 30.03 -35.96
N GLU K 29 7.08 29.20 -36.89
CA GLU K 29 7.82 27.98 -37.26
C GLU K 29 9.05 28.29 -38.11
N SER K 30 10.16 27.68 -37.74
CA SER K 30 11.43 27.88 -38.40
C SER K 30 12.26 26.63 -38.19
N ASP K 31 13.41 26.50 -38.85
CA ASP K 31 14.32 25.40 -38.53
C ASP K 31 14.74 25.45 -37.04
N TRP K 32 15.09 26.64 -36.54
CA TRP K 32 15.50 26.79 -35.11
C TRP K 32 14.38 26.41 -34.14
N TRP K 33 13.15 26.81 -34.45
CA TRP K 33 12.03 26.50 -33.57
C TRP K 33 11.91 24.99 -33.37
N VAL K 34 11.83 24.29 -34.49
CA VAL K 34 11.75 22.87 -34.43
C VAL K 34 12.89 22.37 -33.54
N TRP K 35 14.08 22.91 -33.78
CA TRP K 35 15.29 22.37 -33.22
C TRP K 35 15.30 22.48 -31.69
N VAL K 36 14.86 23.60 -31.16
CA VAL K 36 14.75 23.74 -29.71
C VAL K 36 13.56 23.02 -29.07
N HIS K 37 12.60 22.61 -29.88
CA HIS K 37 11.47 21.76 -29.40
C HIS K 37 11.71 20.22 -29.51
N ASP K 38 12.66 19.80 -30.35
CA ASP K 38 12.95 18.42 -30.58
C ASP K 38 13.18 17.66 -29.31
N LYS K 39 12.40 16.60 -29.11
CA LYS K 39 12.46 15.75 -27.90
C LYS K 39 13.82 15.15 -27.68
N GLU K 40 14.39 14.58 -28.74
CA GLU K 40 15.76 14.00 -28.66
C GLU K 40 16.77 15.04 -28.14
N ASN K 41 16.72 16.23 -28.73
CA ASN K 41 17.67 17.29 -28.40
C ASN K 41 17.53 17.74 -26.97
N ILE K 42 16.29 17.97 -26.54
CA ILE K 42 16.03 18.37 -25.15
C ILE K 42 16.56 17.32 -24.13
N ALA K 43 16.17 16.06 -24.36
CA ALA K 43 16.51 14.95 -23.48
C ALA K 43 18.00 14.74 -23.36
N SER K 44 18.73 14.89 -24.46
CA SER K 44 20.19 14.68 -24.44
C SER K 44 20.96 15.91 -23.89
N GLY K 45 20.25 16.94 -23.46
CA GLY K 45 20.90 18.11 -22.92
C GLY K 45 21.51 19.05 -23.97
N LEU K 46 21.29 18.75 -25.24
CA LEU K 46 21.93 19.50 -26.33
C LEU K 46 21.32 20.88 -26.43
N VAL K 47 20.07 20.99 -26.01
CA VAL K 47 19.47 22.30 -25.85
C VAL K 47 18.88 22.42 -24.46
N SER K 48 18.71 23.65 -24.05
CA SER K 48 18.22 23.96 -22.72
C SER K 48 16.90 23.28 -22.39
N GLY K 49 15.99 23.21 -23.34
CA GLY K 49 14.62 22.84 -23.00
C GLY K 49 13.77 24.04 -22.65
N ASP K 50 14.39 25.17 -22.40
CA ASP K 50 13.69 26.46 -22.47
C ASP K 50 13.15 26.66 -23.89
N LEU K 51 12.09 27.43 -24.01
CA LEU K 51 11.47 27.67 -25.29
C LEU K 51 11.28 29.16 -25.57
N PRO K 52 11.40 29.56 -26.86
CA PRO K 52 11.35 30.95 -27.21
C PRO K 52 9.96 31.59 -27.03
N GLU K 53 8.91 30.78 -27.07
CA GLU K 53 7.56 31.30 -26.84
C GLU K 53 7.35 31.74 -25.40
N ASN K 54 8.38 31.54 -24.56
CA ASN K 54 8.38 32.08 -23.17
C ASN K 54 9.30 33.27 -23.02
N GLY K 55 9.60 33.92 -24.14
CA GLY K 55 10.55 35.01 -24.15
C GLY K 55 9.97 36.33 -23.72
N PRO K 56 10.69 37.40 -24.01
CA PRO K 56 10.35 38.75 -23.57
C PRO K 56 9.21 39.41 -24.33
N ALA K 57 8.70 38.76 -25.38
CA ALA K 57 7.50 39.20 -26.08
C ALA K 57 7.58 40.61 -26.66
N TYR K 58 8.69 40.91 -27.30
CA TYR K 58 8.90 42.26 -27.88
C TYR K 58 7.87 42.57 -28.97
N TRP K 59 7.41 41.51 -29.64
CA TRP K 59 6.41 41.61 -30.68
C TRP K 59 5.20 42.37 -30.17
N HIS K 60 4.85 42.16 -28.92
CA HIS K 60 3.76 42.92 -28.28
C HIS K 60 4.26 44.13 -27.48
N LEU K 61 5.37 43.98 -26.74
CA LEU K 61 5.77 45.00 -25.76
C LEU K 61 6.87 45.94 -26.21
N TYR K 62 6.89 46.30 -27.48
CA TYR K 62 8.02 47.03 -28.06
C TYR K 62 7.96 48.48 -27.63
N LYS K 63 6.75 49.00 -27.45
CA LYS K 63 6.51 50.37 -27.04
C LYS K 63 7.25 50.72 -25.74
N GLN K 64 7.11 49.88 -24.71
CA GLN K 64 7.81 50.12 -23.41
C GLN K 64 9.29 50.08 -23.59
N ASP K 65 9.75 49.04 -24.27
CA ASP K 65 11.19 48.82 -24.46
C ASP K 65 11.82 50.02 -25.17
N HIS K 66 11.16 50.49 -26.23
CA HIS K 66 11.58 51.70 -26.91
C HIS K 66 11.63 52.87 -25.93
N ASP K 67 10.53 53.12 -25.19
CA ASP K 67 10.51 54.17 -24.16
C ASP K 67 11.75 54.12 -23.24
N ILE K 68 12.03 52.95 -22.69
CA ILE K 68 13.17 52.75 -21.82
C ILE K 68 14.47 53.12 -22.52
N ALA K 69 14.69 52.59 -23.72
CA ALA K 69 15.89 52.91 -24.43
C ALA K 69 15.99 54.43 -24.66
N GLU K 70 14.88 55.06 -25.03
CA GLU K 70 14.90 56.47 -25.36
C GLU K 70 15.42 57.21 -24.15
N LYS K 71 14.79 57.00 -22.99
CA LYS K 71 15.11 57.79 -21.80
C LYS K 71 16.41 57.31 -21.15
N LEU K 72 17.05 56.32 -21.76
CA LEU K 72 18.43 55.94 -21.38
C LEU K 72 19.45 56.63 -22.27
N GLY K 73 18.96 57.55 -23.10
CA GLY K 73 19.82 58.31 -24.03
C GLY K 73 20.17 57.62 -25.35
N MET K 74 19.56 56.47 -25.63
CA MET K 74 19.89 55.70 -26.81
C MET K 74 19.25 56.34 -28.03
N ASP K 75 19.99 56.34 -29.16
CA ASP K 75 19.56 57.03 -30.39
C ASP K 75 19.51 56.11 -31.61
N CYS K 76 20.01 54.91 -31.46
CA CYS K 76 20.04 53.96 -32.56
C CYS K 76 19.70 52.54 -32.09
N ILE K 77 18.88 51.84 -32.86
CA ILE K 77 18.67 50.39 -32.64
C ILE K 77 19.00 49.60 -33.90
N ARG K 78 19.56 48.40 -33.73
CA ARG K 78 19.66 47.52 -34.84
C ARG K 78 18.84 46.28 -34.51
N GLY K 79 17.89 45.99 -35.39
CA GLY K 79 16.97 44.91 -35.16
C GLY K 79 16.78 44.17 -36.44
N GLY K 80 15.87 43.21 -36.40
CA GLY K 80 15.76 42.31 -37.53
C GLY K 80 14.37 42.16 -38.09
N ILE K 81 14.29 41.29 -39.07
CA ILE K 81 13.04 40.89 -39.66
C ILE K 81 13.24 39.44 -40.03
N GLU K 82 12.26 38.63 -39.67
CA GLU K 82 12.40 37.18 -39.81
C GLU K 82 11.77 36.62 -41.10
N TRP K 83 12.61 36.06 -41.95
CA TRP K 83 12.22 35.43 -43.21
C TRP K 83 11.02 34.53 -43.03
N ALA K 84 11.16 33.59 -42.11
CA ALA K 84 10.12 32.60 -41.84
C ALA K 84 8.85 33.25 -41.36
N ARG K 85 8.92 34.45 -40.83
CA ARG K 85 7.71 35.14 -40.45
C ARG K 85 7.05 35.78 -41.64
N ILE K 86 7.81 36.14 -42.65
CA ILE K 86 7.26 36.91 -43.75
C ILE K 86 6.78 35.96 -44.84
N PHE K 87 7.49 34.85 -45.01
CA PHE K 87 7.11 33.83 -45.97
C PHE K 87 6.99 32.45 -45.31
N PRO K 88 5.95 32.28 -44.49
CA PRO K 88 5.70 30.95 -43.98
C PRO K 88 5.48 29.94 -45.08
N LYS K 89 4.90 30.34 -46.23
CA LYS K 89 4.70 29.47 -47.42
C LYS K 89 5.80 29.71 -48.43
N PRO K 90 6.25 28.66 -49.12
CA PRO K 90 7.42 28.72 -50.08
C PRO K 90 7.25 29.74 -51.19
N THR K 91 8.38 30.28 -51.65
CA THR K 91 8.41 31.27 -52.72
C THR K 91 8.92 30.68 -54.06
N PHE K 92 9.30 29.40 -54.06
CA PHE K 92 9.90 28.79 -55.22
C PHE K 92 9.09 28.99 -56.51
N ASP K 93 7.77 28.93 -56.41
CA ASP K 93 6.91 28.98 -57.59
C ASP K 93 6.74 30.37 -58.22
N VAL K 94 7.10 31.42 -57.49
CA VAL K 94 7.21 32.74 -58.08
C VAL K 94 8.57 32.83 -58.79
N LYS K 95 8.55 32.68 -60.11
CA LYS K 95 9.76 32.51 -60.89
C LYS K 95 10.53 33.82 -61.10
N VAL K 96 11.87 33.70 -61.13
CA VAL K 96 12.71 34.83 -61.46
C VAL K 96 13.85 34.48 -62.40
N ASP K 97 14.22 35.46 -63.21
CA ASP K 97 15.29 35.28 -64.18
C ASP K 97 16.60 35.35 -63.47
N VAL K 98 17.37 34.28 -63.56
CA VAL K 98 18.63 34.17 -62.82
C VAL K 98 19.76 33.81 -63.75
N GLU K 99 20.82 34.62 -63.74
CA GLU K 99 21.96 34.42 -64.64
C GLU K 99 23.15 33.85 -63.86
N LYS K 100 23.71 32.76 -64.37
CA LYS K 100 24.79 32.07 -63.71
C LYS K 100 25.93 31.78 -64.73
N ASP K 101 27.19 31.71 -64.27
CA ASP K 101 28.33 31.31 -65.15
C ASP K 101 28.60 29.79 -65.05
N GLU K 102 29.65 29.35 -65.73
CA GLU K 102 30.06 27.92 -65.76
C GLU K 102 30.21 27.23 -64.41
N GLU K 103 31.03 27.83 -63.55
CA GLU K 103 31.35 27.29 -62.22
C GLU K 103 30.14 27.20 -61.28
N GLY K 104 29.08 27.93 -61.58
CA GLY K 104 27.88 27.97 -60.75
C GLY K 104 27.91 29.17 -59.81
N ASN K 105 28.42 30.30 -60.31
CA ASN K 105 28.38 31.56 -59.57
C ASN K 105 27.11 32.32 -59.93
N ILE K 106 26.74 33.26 -59.08
CA ILE K 106 25.54 34.06 -59.25
C ILE K 106 25.95 35.40 -59.85
N ILE K 107 25.48 35.74 -61.04
CA ILE K 107 25.75 37.06 -61.57
C ILE K 107 24.57 38.01 -61.27
N SER K 108 23.34 37.53 -61.41
CA SER K 108 22.17 38.36 -61.16
C SER K 108 20.93 37.51 -60.85
N VAL K 109 19.88 38.19 -60.40
CA VAL K 109 18.65 37.58 -60.02
C VAL K 109 17.60 38.67 -60.15
N ASP K 110 16.99 38.85 -61.31
CA ASP K 110 16.12 40.01 -61.52
C ASP K 110 14.89 39.80 -60.67
N VAL K 111 14.51 40.82 -59.88
CA VAL K 111 13.27 40.83 -59.10
C VAL K 111 12.52 42.17 -59.30
N PRO K 112 11.79 42.32 -60.42
CA PRO K 112 11.10 43.54 -60.73
C PRO K 112 9.93 43.76 -59.87
N GLU K 113 9.29 44.88 -60.10
CA GLU K 113 8.19 45.29 -59.24
C GLU K 113 7.06 44.30 -59.34
N SER K 114 6.89 43.68 -60.51
CA SER K 114 5.80 42.71 -60.73
C SER K 114 6.01 41.47 -59.89
N THR K 115 7.25 40.97 -59.82
CA THR K 115 7.55 39.85 -58.93
C THR K 115 7.23 40.17 -57.46
N ILE K 116 7.49 41.39 -57.03
CA ILE K 116 7.14 41.81 -55.66
C ILE K 116 5.63 41.64 -55.43
N LYS K 117 4.83 41.95 -56.44
CA LYS K 117 3.37 41.85 -56.35
C LYS K 117 2.90 40.40 -56.26
N GLU K 118 3.55 39.54 -57.02
CA GLU K 118 3.26 38.11 -56.96
C GLU K 118 3.64 37.52 -55.60
N LEU K 119 4.68 38.08 -55.00
CA LEU K 119 5.09 37.65 -53.69
C LEU K 119 4.15 38.14 -52.65
N GLU K 120 3.58 39.33 -52.83
CA GLU K 120 2.64 39.87 -51.82
C GLU K 120 1.49 38.93 -51.55
N LYS K 121 1.12 38.17 -52.56
CA LYS K 121 -0.04 37.26 -52.50
C LYS K 121 0.15 36.13 -51.52
N ILE K 122 1.38 35.58 -51.50
CA ILE K 122 1.74 34.45 -50.61
C ILE K 122 2.48 34.85 -49.30
N ALA K 123 2.84 36.12 -49.16
CA ALA K 123 3.50 36.62 -47.96
C ALA K 123 2.50 36.85 -46.85
N ASN K 124 3.02 37.02 -45.64
CA ASN K 124 2.18 37.36 -44.53
C ASN K 124 2.21 38.88 -44.40
N MET K 125 1.30 39.56 -45.10
CA MET K 125 1.29 41.03 -45.10
C MET K 125 0.82 41.56 -43.74
N GLU K 126 0.17 40.72 -42.97
CA GLU K 126 -0.19 41.07 -41.60
C GLU K 126 1.09 41.34 -40.75
N ALA K 127 2.08 40.46 -40.90
CA ALA K 127 3.32 40.52 -40.12
C ALA K 127 4.21 41.65 -40.57
N LEU K 128 4.29 41.81 -41.87
CA LEU K 128 4.99 42.95 -42.45
C LEU K 128 4.46 44.22 -41.88
N GLU K 129 3.14 44.40 -41.86
CA GLU K 129 2.54 45.62 -41.28
C GLU K 129 2.94 45.80 -39.81
N HIS K 130 3.00 44.71 -39.08
CA HIS K 130 3.42 44.82 -37.69
C HIS K 130 4.90 45.26 -37.58
N TYR K 131 5.79 44.71 -38.43
CA TYR K 131 7.18 45.22 -38.48
C TYR K 131 7.25 46.72 -38.76
N ARG K 132 6.44 47.21 -39.68
CA ARG K 132 6.32 48.66 -39.83
C ARG K 132 5.92 49.37 -38.53
N LYS K 133 4.88 48.90 -37.85
CA LYS K 133 4.49 49.57 -36.60
C LYS K 133 5.69 49.64 -35.67
N ILE K 134 6.40 48.51 -35.54
CA ILE K 134 7.50 48.43 -34.61
C ILE K 134 8.62 49.35 -35.00
N TYR K 135 9.00 49.33 -36.26
CA TYR K 135 10.08 50.21 -36.68
C TYR K 135 9.65 51.66 -36.52
N SER K 136 8.42 51.97 -36.93
CA SER K 136 7.93 53.35 -36.87
C SER K 136 7.92 53.84 -35.46
N ASP K 137 7.54 52.97 -34.53
CA ASP K 137 7.44 53.42 -33.15
C ASP K 137 8.74 54.08 -32.69
N TRP K 138 9.86 53.56 -33.17
CA TRP K 138 11.20 54.05 -32.83
C TRP K 138 11.63 55.19 -33.74
N LYS K 139 11.36 55.04 -35.04
CA LYS K 139 11.76 56.03 -36.03
C LYS K 139 11.06 57.37 -35.83
N GLU K 140 9.76 57.34 -35.52
CA GLU K 140 8.98 58.57 -35.38
C GLU K 140 9.34 59.32 -34.10
N ARG K 141 10.19 58.75 -33.27
CA ARG K 141 10.78 59.46 -32.12
C ARG K 141 12.01 60.29 -32.51
N GLY K 142 12.33 60.29 -33.80
CA GLY K 142 13.51 60.98 -34.32
C GLY K 142 14.76 60.23 -34.00
N LYS K 143 14.77 58.91 -34.26
CA LYS K 143 15.92 58.07 -33.92
C LYS K 143 16.38 57.28 -35.15
N THR K 144 17.54 56.65 -35.04
CA THR K 144 18.08 55.85 -36.13
C THR K 144 17.74 54.36 -36.02
N PHE K 145 17.43 53.73 -37.15
CA PHE K 145 17.20 52.29 -37.17
C PHE K 145 18.01 51.58 -38.25
N ILE K 146 18.59 50.46 -37.86
CA ILE K 146 19.36 49.59 -38.78
C ILE K 146 18.64 48.24 -38.89
N LEU K 147 18.32 47.80 -40.09
CA LEU K 147 17.66 46.52 -40.28
C LEU K 147 18.63 45.43 -40.87
N ASN K 148 18.58 44.25 -40.24
CA ASN K 148 19.44 43.15 -40.55
C ASN K 148 18.57 42.05 -41.10
N LEU K 149 18.85 41.52 -42.31
CA LEU K 149 17.81 40.67 -42.97
C LEU K 149 17.79 39.20 -42.51
N TYR K 150 18.97 38.70 -42.14
CA TYR K 150 19.13 37.33 -41.61
C TYR K 150 19.85 37.22 -40.23
N HIS K 151 19.23 36.52 -39.28
CA HIS K 151 19.79 36.31 -37.90
C HIS K 151 19.60 34.86 -37.40
N TRP K 152 19.79 33.93 -38.36
CA TRP K 152 19.94 32.46 -38.19
C TRP K 152 18.73 31.54 -38.54
N PRO K 153 17.54 31.78 -38.01
CA PRO K 153 16.46 30.95 -38.43
C PRO K 153 16.06 31.05 -39.91
N LEU K 154 15.73 29.89 -40.45
CA LEU K 154 15.34 29.75 -41.81
C LEU K 154 13.93 29.18 -41.82
N PRO K 155 13.13 29.50 -42.86
CA PRO K 155 11.92 28.77 -43.16
C PRO K 155 12.08 27.23 -43.12
N LEU K 156 11.06 26.55 -42.63
CA LEU K 156 11.06 25.11 -42.66
C LEU K 156 11.12 24.55 -44.05
N TRP K 157 10.55 25.28 -45.01
CA TRP K 157 10.58 24.87 -46.43
C TRP K 157 11.93 25.12 -47.11
N ILE K 158 12.81 25.80 -46.37
CA ILE K 158 14.20 26.01 -46.73
C ILE K 158 15.11 25.00 -46.04
N HIS K 159 14.80 24.67 -44.78
CA HIS K 159 15.67 23.80 -43.96
C HIS K 159 14.91 23.01 -42.90
N ASP K 160 15.05 21.68 -42.95
CA ASP K 160 14.44 20.76 -41.98
C ASP K 160 15.58 20.00 -41.30
N PRO K 161 16.13 20.58 -40.22
CA PRO K 161 17.37 20.13 -39.63
C PRO K 161 17.25 18.75 -38.95
N ILE K 162 16.06 18.39 -38.54
CA ILE K 162 15.88 17.08 -37.94
C ILE K 162 16.14 16.05 -39.01
N ALA K 163 15.45 16.20 -40.15
CA ALA K 163 15.55 15.28 -41.30
C ALA K 163 16.95 15.26 -41.84
N VAL K 164 17.50 16.45 -42.03
CA VAL K 164 18.83 16.56 -42.57
C VAL K 164 19.80 15.74 -41.72
N ARG K 165 19.70 15.87 -40.40
CA ARG K 165 20.62 15.14 -39.54
C ARG K 165 20.45 13.64 -39.62
N LYS K 166 19.21 13.13 -39.67
CA LYS K 166 18.95 11.67 -39.70
C LYS K 166 19.29 11.04 -41.05
N LEU K 167 18.85 11.70 -42.13
CA LEU K 167 18.88 11.12 -43.47
C LEU K 167 19.96 11.71 -44.34
N GLY K 168 20.50 12.87 -43.95
CA GLY K 168 21.55 13.54 -44.75
C GLY K 168 20.94 14.60 -45.65
N PRO K 169 21.75 15.55 -46.14
CA PRO K 169 21.29 16.72 -46.87
C PRO K 169 20.65 16.47 -48.24
N ASP K 170 20.87 15.30 -48.84
CA ASP K 170 20.22 14.97 -50.11
C ASP K 170 18.74 14.59 -49.93
N ALA K 171 18.32 14.36 -48.70
CA ALA K 171 17.00 13.83 -48.40
C ALA K 171 16.01 14.88 -47.91
N ALA K 172 16.48 16.11 -47.68
CA ALA K 172 15.55 17.15 -47.17
C ALA K 172 16.01 18.53 -47.58
N PRO K 173 15.16 19.54 -47.37
CA PRO K 173 15.63 20.92 -47.49
C PRO K 173 16.91 21.18 -46.65
N ALA K 174 18.03 21.38 -47.33
CA ALA K 174 19.35 21.37 -46.68
C ALA K 174 19.88 22.72 -46.14
N GLY K 175 19.14 23.80 -46.41
CA GLY K 175 19.42 25.08 -45.81
C GLY K 175 20.43 25.79 -46.66
N TRP K 176 21.51 26.27 -46.05
CA TRP K 176 22.58 26.93 -46.80
C TRP K 176 23.45 25.97 -47.64
N LEU K 177 23.09 24.69 -47.63
CA LEU K 177 23.75 23.71 -48.47
C LEU K 177 23.11 23.66 -49.85
N ASP K 178 21.83 24.03 -49.95
CA ASP K 178 21.13 24.03 -51.24
C ASP K 178 21.29 25.39 -51.89
N GLU K 179 21.90 25.37 -53.05
CA GLU K 179 22.17 26.58 -53.79
C GLU K 179 20.87 27.36 -54.05
N LYS K 180 19.77 26.63 -54.17
CA LYS K 180 18.41 27.18 -54.30
C LYS K 180 18.04 28.24 -53.26
N THR K 181 18.55 28.05 -52.05
CA THR K 181 18.17 28.86 -50.89
C THR K 181 18.56 30.32 -51.06
N VAL K 182 19.65 30.51 -51.77
CA VAL K 182 20.24 31.79 -51.96
C VAL K 182 19.27 32.66 -52.75
N VAL K 183 18.73 32.08 -53.81
CA VAL K 183 17.86 32.79 -54.75
C VAL K 183 16.64 33.23 -54.02
N GLU K 184 16.13 32.35 -53.17
CA GLU K 184 14.90 32.66 -52.46
C GLU K 184 15.13 33.75 -51.45
N PHE K 185 16.33 33.73 -50.86
CA PHE K 185 16.74 34.77 -49.92
C PHE K 185 16.79 36.13 -50.65
N VAL K 186 17.42 36.14 -51.82
CA VAL K 186 17.45 37.32 -52.66
C VAL K 186 16.08 37.92 -52.94
N LYS K 187 15.11 37.08 -53.19
CA LYS K 187 13.74 37.56 -53.36
C LYS K 187 13.30 38.25 -52.07
N PHE K 188 13.62 37.60 -50.97
CA PHE K 188 13.26 38.08 -49.65
C PHE K 188 13.87 39.45 -49.41
N ALA K 189 15.12 39.61 -49.80
CA ALA K 189 15.82 40.88 -49.60
C ALA K 189 15.14 41.99 -50.38
N ALA K 190 14.86 41.74 -51.64
CA ALA K 190 14.26 42.73 -52.50
C ALA K 190 12.86 43.05 -52.02
N PHE K 191 12.10 42.03 -51.64
CA PHE K 191 10.77 42.25 -51.07
C PHE K 191 10.85 43.27 -49.92
N VAL K 192 11.85 43.06 -49.04
CA VAL K 192 11.96 43.84 -47.80
C VAL K 192 12.44 45.26 -48.08
N ALA K 193 13.43 45.38 -48.94
CA ALA K 193 13.88 46.68 -49.38
C ALA K 193 12.69 47.49 -49.89
N TYR K 194 11.97 46.89 -50.83
CA TYR K 194 10.89 47.57 -51.54
C TYR K 194 9.90 48.13 -50.57
N HIS K 195 9.61 47.39 -49.53
CA HIS K 195 8.50 47.76 -48.64
C HIS K 195 8.91 48.63 -47.47
N LEU K 196 10.12 48.46 -46.95
CA LEU K 196 10.49 49.08 -45.66
C LEU K 196 11.61 50.13 -45.72
N ASP K 197 12.03 50.50 -46.92
CA ASP K 197 13.21 51.34 -47.01
C ASP K 197 12.92 52.71 -46.38
N ASP K 198 11.67 53.13 -46.40
CA ASP K 198 11.30 54.40 -45.84
C ASP K 198 11.52 54.48 -44.31
N LEU K 199 11.65 53.34 -43.65
CA LEU K 199 11.92 53.25 -42.24
C LEU K 199 13.34 52.86 -41.85
N VAL K 200 14.16 52.46 -42.82
CA VAL K 200 15.52 51.96 -42.55
C VAL K 200 16.60 52.97 -42.91
N ASP K 201 17.53 53.27 -41.98
CA ASP K 201 18.68 54.17 -42.27
C ASP K 201 19.91 53.48 -42.84
N MET K 202 20.10 52.20 -42.49
CA MET K 202 21.27 51.42 -42.92
C MET K 202 20.94 49.92 -42.91
N TRP K 203 21.53 49.15 -43.83
CA TRP K 203 21.20 47.74 -43.96
C TRP K 203 22.35 46.80 -43.65
N SER K 204 22.00 45.60 -43.21
CA SER K 204 22.91 44.54 -43.05
C SER K 204 22.21 43.37 -43.61
N THR K 205 22.93 42.62 -44.44
CA THR K 205 22.40 41.48 -45.12
C THR K 205 22.19 40.35 -44.16
N MET K 206 23.03 40.24 -43.15
CA MET K 206 22.99 39.04 -42.29
C MET K 206 23.81 39.25 -41.02
N ASN K 207 23.73 38.26 -40.10
CA ASN K 207 24.35 38.35 -38.77
C ASN K 207 25.21 37.11 -38.39
N GLU K 208 26.48 37.33 -38.06
CA GLU K 208 27.36 36.21 -37.72
C GLU K 208 27.24 34.90 -38.61
N PRO K 209 27.31 35.05 -39.92
CA PRO K 209 27.27 33.85 -40.75
C PRO K 209 28.36 32.81 -40.46
N ASN K 210 29.52 33.30 -40.09
CA ASN K 210 30.58 32.46 -39.63
C ASN K 210 30.20 31.58 -38.46
N VAL K 211 29.33 32.10 -37.60
CA VAL K 211 28.87 31.28 -36.51
C VAL K 211 27.96 30.19 -37.04
N VAL K 212 27.15 30.55 -38.03
CA VAL K 212 26.14 29.64 -38.58
C VAL K 212 26.77 28.43 -39.20
N TYR K 213 27.65 28.65 -40.18
CA TYR K 213 28.31 27.53 -40.83
C TYR K 213 29.24 26.73 -39.97
N ASN K 214 30.02 27.40 -39.12
CA ASN K 214 30.98 26.67 -38.28
C ASN K 214 30.32 25.85 -37.18
N GLN K 215 29.35 26.45 -36.47
CA GLN K 215 28.68 25.77 -35.37
C GLN K 215 27.76 24.71 -35.86
N GLY K 216 27.15 24.94 -37.02
CA GLY K 216 26.11 24.03 -37.54
C GLY K 216 26.67 22.74 -38.09
N TYR K 217 27.88 22.82 -38.64
CA TYR K 217 28.46 21.71 -39.39
C TYR K 217 29.85 21.27 -38.91
N ILE K 218 30.40 21.89 -37.86
CA ILE K 218 31.69 21.45 -37.26
C ILE K 218 31.68 21.27 -35.70
N ASN K 219 31.42 22.32 -34.93
CA ASN K 219 31.30 22.23 -33.45
C ASN K 219 29.93 21.75 -33.04
N LEU K 220 29.71 20.45 -33.15
CA LEU K 220 28.44 19.83 -32.78
C LEU K 220 28.01 20.16 -31.35
N ALA K 221 28.98 20.25 -30.45
CA ALA K 221 28.73 20.53 -29.04
C ALA K 221 27.91 21.81 -28.82
N SER K 222 27.82 22.64 -29.87
CA SER K 222 27.18 23.95 -29.79
C SER K 222 25.67 23.92 -29.74
N GLY K 223 25.10 22.78 -30.15
CA GLY K 223 23.66 22.66 -30.24
C GLY K 223 23.08 23.49 -31.36
N PHE K 224 23.88 23.78 -32.40
CA PHE K 224 23.34 24.44 -33.59
C PHE K 224 22.84 23.41 -34.59
N PRO K 225 21.83 23.78 -35.38
CA PRO K 225 21.38 22.91 -36.44
C PRO K 225 22.27 23.06 -37.67
N PRO K 226 22.28 22.03 -38.54
CA PRO K 226 21.58 20.76 -38.35
C PRO K 226 22.36 19.72 -37.56
N GLY K 227 23.51 20.09 -37.00
CA GLY K 227 24.21 19.26 -36.04
C GLY K 227 24.70 17.96 -36.66
N PHE K 228 25.46 18.05 -37.74
CA PHE K 228 26.25 16.91 -38.22
C PHE K 228 27.62 17.34 -38.75
N LEU K 229 28.59 16.46 -38.63
CA LEU K 229 30.00 16.83 -38.79
C LEU K 229 30.51 16.67 -40.21
N SER K 230 30.91 17.78 -40.83
CA SER K 230 31.42 17.81 -42.20
C SER K 230 32.00 19.17 -42.60
N PHE K 231 33.31 19.21 -42.75
CA PHE K 231 34.01 20.43 -43.19
C PHE K 231 33.55 20.83 -44.57
N GLU K 232 33.27 19.84 -45.41
CA GLU K 232 32.78 20.07 -46.76
C GLU K 232 31.44 20.80 -46.70
N ALA K 233 30.52 20.33 -45.86
CA ALA K 233 29.26 21.02 -45.62
C ALA K 233 29.48 22.48 -45.16
N ALA K 234 30.32 22.67 -44.14
CA ALA K 234 30.67 24.00 -43.69
C ALA K 234 31.14 24.92 -44.86
N GLU K 235 32.06 24.43 -45.67
CA GLU K 235 32.65 25.22 -46.72
C GLU K 235 31.57 25.65 -47.70
N LYS K 236 30.70 24.73 -48.01
CA LYS K 236 29.63 24.94 -48.96
C LYS K 236 28.69 25.99 -48.42
N ALA K 237 28.40 25.92 -47.12
CA ALA K 237 27.44 26.84 -46.48
C ALA K 237 28.04 28.23 -46.47
N LYS K 238 29.30 28.28 -46.06
CA LYS K 238 30.06 29.51 -46.18
C LYS K 238 29.96 30.09 -47.60
N PHE K 239 30.20 29.25 -48.62
CA PHE K 239 30.17 29.72 -49.99
C PHE K 239 28.80 30.32 -50.40
N ASN K 240 27.73 29.62 -50.10
CA ASN K 240 26.44 30.14 -50.39
C ASN K 240 26.03 31.35 -49.55
N LEU K 241 26.58 31.49 -48.35
CA LEU K 241 26.27 32.65 -47.56
C LEU K 241 26.93 33.92 -48.12
N ILE K 242 28.09 33.74 -48.72
CA ILE K 242 28.74 34.79 -49.46
C ILE K 242 27.88 35.25 -50.64
N GLN K 243 27.36 34.27 -51.39
CA GLN K 243 26.48 34.56 -52.52
C GLN K 243 25.26 35.31 -52.02
N ALA K 244 24.64 34.76 -51.00
CA ALA K 244 23.41 35.35 -50.47
C ALA K 244 23.65 36.78 -50.10
N HIS K 245 24.80 37.07 -49.50
CA HIS K 245 25.15 38.45 -49.22
C HIS K 245 25.26 39.32 -50.48
N ILE K 246 26.11 38.87 -51.41
CA ILE K 246 26.28 39.60 -52.67
C ILE K 246 24.94 39.89 -53.37
N GLY K 247 24.14 38.86 -53.54
CA GLY K 247 22.81 38.98 -54.12
C GLY K 247 21.87 39.91 -53.41
N ALA K 248 21.79 39.72 -52.11
CA ALA K 248 20.98 40.60 -51.28
C ALA K 248 21.49 42.07 -51.36
N TYR K 249 22.81 42.24 -51.42
CA TYR K 249 23.37 43.59 -51.55
C TYR K 249 22.84 44.25 -52.83
N ASP K 250 22.87 43.50 -53.94
CA ASP K 250 22.37 44.00 -55.23
C ASP K 250 20.86 44.21 -55.23
N ALA K 251 20.12 43.34 -54.55
CA ALA K 251 18.69 43.51 -54.42
C ALA K 251 18.30 44.77 -53.64
N ILE K 252 18.97 45.02 -52.52
CA ILE K 252 18.63 46.16 -51.66
C ILE K 252 18.95 47.42 -52.42
N LYS K 253 20.08 47.39 -53.13
CA LYS K 253 20.53 48.60 -53.87
C LYS K 253 19.55 48.95 -54.98
N GLU K 254 18.81 47.96 -55.46
CA GLU K 254 17.93 48.18 -56.56
C GLU K 254 16.65 48.88 -56.12
N TYR K 255 16.37 48.85 -54.83
CA TYR K 255 15.19 49.53 -54.29
C TYR K 255 15.51 50.54 -53.16
N SER K 256 16.79 50.86 -52.98
CA SER K 256 17.17 51.75 -51.89
C SER K 256 18.53 52.34 -52.19
N GLU K 257 18.81 53.54 -51.66
CA GLU K 257 20.05 54.27 -51.96
C GLU K 257 20.93 54.37 -50.73
N LYS K 258 20.75 53.41 -49.82
CA LYS K 258 21.37 53.46 -48.50
C LYS K 258 22.56 52.55 -48.33
N SER K 259 23.28 52.74 -47.23
CA SER K 259 24.49 51.96 -46.94
C SER K 259 24.17 50.52 -46.57
N VAL K 260 24.82 49.58 -47.22
CA VAL K 260 24.54 48.16 -46.99
C VAL K 260 25.80 47.49 -46.61
N GLY K 261 25.71 46.64 -45.59
CA GLY K 261 26.87 46.01 -45.03
C GLY K 261 26.53 44.68 -44.50
N VAL K 262 27.36 44.19 -43.59
CA VAL K 262 27.19 42.85 -43.01
C VAL K 262 27.67 42.93 -41.60
N ILE K 263 27.16 42.03 -40.76
CA ILE K 263 27.46 41.97 -39.32
C ILE K 263 28.11 40.61 -39.06
N TYR K 264 29.26 40.62 -38.38
CA TYR K 264 30.13 39.47 -38.33
C TYR K 264 30.70 39.23 -36.92
N ALA K 265 31.01 37.96 -36.61
CA ALA K 265 31.53 37.58 -35.30
C ALA K 265 33.04 37.65 -35.37
N PHE K 266 33.58 38.67 -34.72
CA PHE K 266 35.00 38.89 -34.75
C PHE K 266 35.61 38.50 -33.40
N ALA K 267 36.02 37.24 -33.29
CA ALA K 267 36.86 36.85 -32.20
C ALA K 267 38.21 37.53 -32.41
N TRP K 268 38.84 38.01 -31.32
CA TRP K 268 40.22 38.44 -31.39
C TRP K 268 41.13 37.24 -31.11
N HIS K 269 42.11 36.98 -32.00
CA HIS K 269 43.02 35.84 -31.88
C HIS K 269 44.40 36.26 -31.34
N ASP K 270 44.89 35.54 -30.32
CA ASP K 270 46.10 35.89 -29.57
C ASP K 270 47.02 34.69 -29.46
N PRO K 271 48.31 34.91 -29.62
CA PRO K 271 49.27 33.83 -29.51
C PRO K 271 49.71 33.68 -28.07
N LEU K 272 49.69 32.48 -27.52
CA LEU K 272 50.09 32.30 -26.12
C LEU K 272 51.50 32.76 -25.89
N ALA K 273 52.37 32.41 -26.83
CA ALA K 273 53.80 32.77 -26.80
C ALA K 273 54.20 33.46 -28.08
N GLU K 274 55.07 34.46 -27.94
CA GLU K 274 55.66 35.23 -29.04
C GLU K 274 56.05 34.44 -30.31
N GLU K 275 56.50 33.20 -30.15
CA GLU K 275 56.86 32.35 -31.28
C GLU K 275 55.72 32.01 -32.25
N TYR K 276 54.47 32.09 -31.79
CA TYR K 276 53.33 31.78 -32.64
C TYR K 276 52.71 33.00 -33.36
N LYS K 277 53.15 34.20 -33.00
CA LYS K 277 52.65 35.46 -33.59
C LYS K 277 52.31 35.48 -35.08
N ASP K 278 53.21 34.94 -35.90
CA ASP K 278 53.00 34.86 -37.36
C ASP K 278 51.86 33.87 -37.66
N GLU K 279 51.91 32.71 -37.03
CA GLU K 279 50.98 31.62 -37.32
C GLU K 279 49.58 31.99 -36.93
N VAL K 280 49.48 32.75 -35.85
CA VAL K 280 48.19 33.26 -35.40
C VAL K 280 47.64 34.32 -36.33
N GLU K 281 48.48 35.22 -36.84
CA GLU K 281 47.99 36.11 -37.90
C GLU K 281 47.46 35.43 -39.16
N GLU K 282 48.00 34.25 -39.45
CA GLU K 282 47.51 33.45 -40.57
C GLU K 282 46.06 33.05 -40.32
N ILE K 283 45.77 32.71 -39.07
CA ILE K 283 44.45 32.34 -38.62
C ILE K 283 43.49 33.51 -38.65
N ARG K 284 43.94 34.69 -38.23
CA ARG K 284 43.14 35.91 -38.35
C ARG K 284 42.64 36.01 -39.79
N LYS K 285 43.54 35.79 -40.73
CA LYS K 285 43.19 35.95 -42.10
C LYS K 285 42.12 34.95 -42.45
N LYS K 286 42.33 33.68 -42.11
CA LYS K 286 41.35 32.64 -42.49
C LYS K 286 39.99 32.92 -41.85
N ASP K 287 40.01 33.23 -40.56
CA ASP K 287 38.79 33.57 -39.82
C ASP K 287 37.99 34.76 -40.37
N TYR K 288 38.69 35.83 -40.74
CA TYR K 288 38.03 36.98 -41.33
C TYR K 288 37.85 36.92 -42.86
N GLU K 289 38.35 35.84 -43.49
CA GLU K 289 38.32 35.72 -44.96
C GLU K 289 36.99 36.06 -45.55
N PHE K 290 35.93 35.59 -44.94
CA PHE K 290 34.57 35.91 -45.34
C PHE K 290 34.36 37.40 -45.61
N VAL K 291 34.80 38.22 -44.68
CA VAL K 291 34.68 39.67 -44.87
C VAL K 291 35.68 40.21 -45.90
N THR K 292 36.95 39.77 -45.81
CA THR K 292 37.96 40.00 -46.88
C THR K 292 37.40 39.76 -48.29
N ILE K 293 36.78 38.60 -48.51
CA ILE K 293 36.18 38.29 -49.82
C ILE K 293 35.17 39.36 -50.33
N LEU K 294 34.18 39.65 -49.48
CA LEU K 294 33.14 40.61 -49.82
C LEU K 294 33.69 41.99 -50.04
N HIS K 295 34.63 42.41 -49.19
CA HIS K 295 35.40 43.63 -49.43
C HIS K 295 35.87 43.64 -50.86
N SER K 296 36.63 42.62 -51.25
CA SER K 296 37.33 42.61 -52.54
C SER K 296 36.35 42.63 -53.70
N LYS K 297 35.12 42.19 -53.50
CA LYS K 297 34.13 42.30 -54.60
C LYS K 297 33.46 43.65 -54.61
N GLY K 298 33.86 44.54 -53.73
CA GLY K 298 33.15 45.83 -53.58
C GLY K 298 31.69 45.77 -53.10
N LYS K 299 31.37 44.82 -52.22
CA LYS K 299 30.03 44.65 -51.71
C LYS K 299 29.95 44.84 -50.18
N LEU K 300 30.60 45.89 -49.66
CA LEU K 300 30.53 46.29 -48.24
C LEU K 300 30.65 47.79 -48.03
N ASP K 301 29.55 48.44 -47.74
CA ASP K 301 29.65 49.88 -47.50
C ASP K 301 30.11 50.13 -46.09
N TRP K 302 29.87 49.15 -45.21
CA TRP K 302 30.18 49.27 -43.77
C TRP K 302 30.17 47.90 -43.11
N ILE K 303 30.82 47.78 -41.97
CA ILE K 303 30.94 46.54 -41.26
C ILE K 303 30.35 46.61 -39.88
N GLY K 304 29.52 45.64 -39.56
CA GLY K 304 29.04 45.47 -38.20
C GLY K 304 29.95 44.61 -37.39
N VAL K 305 30.68 45.23 -36.46
CA VAL K 305 31.57 44.48 -35.58
C VAL K 305 30.77 43.94 -34.39
N ASN K 306 30.87 42.62 -34.17
CA ASN K 306 30.32 41.94 -32.97
C ASN K 306 31.47 41.37 -32.22
N TYR K 307 31.82 42.01 -31.11
CA TYR K 307 32.94 41.58 -30.31
C TYR K 307 32.49 41.28 -28.90
N TYR K 308 33.02 40.18 -28.36
CA TYR K 308 32.73 39.70 -26.99
C TYR K 308 34.00 39.28 -26.20
N SER K 309 34.85 38.45 -26.83
CA SER K 309 36.07 37.98 -26.19
C SER K 309 37.08 37.58 -27.24
N ARG K 310 37.99 36.68 -26.89
CA ARG K 310 39.14 36.36 -27.71
C ARG K 310 39.34 34.88 -27.72
N LEU K 311 40.33 34.42 -28.51
CA LEU K 311 40.79 33.03 -28.46
C LEU K 311 42.28 33.07 -28.29
N VAL K 312 42.83 32.23 -27.40
CA VAL K 312 44.28 32.13 -27.25
C VAL K 312 44.84 30.80 -27.76
N TYR K 313 45.91 30.88 -28.56
CA TYR K 313 46.45 29.68 -29.20
C TYR K 313 47.79 29.26 -28.68
N GLY K 314 47.94 27.94 -28.58
CA GLY K 314 49.19 27.32 -28.18
C GLY K 314 49.32 25.93 -28.76
N ALA K 315 50.43 25.27 -28.46
CA ALA K 315 50.64 23.96 -29.01
C ALA K 315 49.97 22.88 -28.20
N LEU K 320 48.74 23.30 -33.32
CA LEU K 320 48.39 24.64 -32.86
C LEU K 320 46.87 24.94 -32.74
N VAL K 321 46.36 25.06 -31.51
CA VAL K 321 44.90 25.14 -31.26
C VAL K 321 44.52 26.11 -30.17
N PRO K 322 43.26 26.56 -30.17
CA PRO K 322 42.75 27.46 -29.15
C PRO K 322 42.70 26.77 -27.82
N LEU K 323 43.29 27.40 -26.80
CA LEU K 323 43.50 26.77 -25.48
C LEU K 323 42.36 27.02 -24.50
N PRO K 324 41.99 25.99 -23.72
CA PRO K 324 41.02 26.21 -22.66
C PRO K 324 41.59 27.12 -21.55
N GLY K 325 40.67 27.80 -20.84
CA GLY K 325 41.01 28.78 -19.81
C GLY K 325 41.29 30.20 -20.34
N TYR K 326 40.91 30.48 -21.59
CA TYR K 326 41.16 31.76 -22.20
C TYR K 326 40.02 32.13 -23.15
N GLY K 327 39.58 33.38 -23.07
CA GLY K 327 38.60 33.90 -23.99
C GLY K 327 37.29 33.19 -23.87
N PHE K 328 36.75 32.77 -25.01
CA PHE K 328 35.49 32.01 -25.09
C PHE K 328 35.55 30.64 -24.48
N MET K 329 36.70 30.23 -23.97
CA MET K 329 36.84 28.88 -23.45
C MET K 329 37.25 28.90 -21.96
N SER K 330 36.77 29.93 -21.25
CA SER K 330 37.11 30.08 -19.85
C SER K 330 35.96 29.47 -19.06
N GLU K 331 36.17 29.26 -17.78
CA GLU K 331 35.15 28.68 -16.92
C GLU K 331 33.98 29.63 -16.73
N ARG K 332 32.79 29.08 -16.86
CA ARG K 332 31.56 29.85 -16.70
C ARG K 332 31.41 30.42 -15.31
N GLY K 333 31.33 31.74 -15.22
CA GLY K 333 31.13 32.43 -13.93
C GLY K 333 32.39 32.47 -13.09
N GLY K 334 33.53 32.06 -13.70
CA GLY K 334 34.80 31.92 -13.00
C GLY K 334 35.83 32.91 -13.47
N PHE K 335 37.04 32.43 -13.64
CA PHE K 335 38.14 33.30 -14.05
C PHE K 335 38.98 32.60 -15.09
N ALA K 336 39.47 33.35 -16.05
CA ALA K 336 40.32 32.78 -17.06
C ALA K 336 41.66 32.57 -16.41
N LYS K 337 42.53 31.85 -17.10
CA LYS K 337 43.89 31.76 -16.67
C LYS K 337 44.58 33.08 -16.50
N SER K 338 44.22 34.04 -17.34
CA SER K 338 44.82 35.37 -17.27
C SER K 338 44.54 36.03 -15.97
N GLY K 339 43.48 35.58 -15.29
CA GLY K 339 43.03 36.22 -14.04
C GLY K 339 41.86 37.16 -14.26
N ARG K 340 41.48 37.38 -15.53
CA ARG K 340 40.30 38.14 -15.86
C ARG K 340 39.08 37.31 -15.61
N PRO K 341 38.00 37.93 -15.16
CA PRO K 341 36.79 37.18 -14.89
C PRO K 341 36.09 36.82 -16.20
N ALA K 342 35.22 35.81 -16.16
CA ALA K 342 34.50 35.40 -17.36
C ALA K 342 33.01 35.46 -17.13
N SER K 343 32.27 35.70 -18.20
CA SER K 343 30.83 35.82 -18.13
C SER K 343 30.20 34.48 -17.76
N ASP K 344 28.92 34.51 -17.50
CA ASP K 344 28.16 33.32 -17.23
C ASP K 344 28.30 32.36 -18.40
N PHE K 345 28.65 32.88 -19.59
CA PHE K 345 28.88 31.99 -20.77
C PHE K 345 30.29 31.41 -20.79
N GLY K 346 31.11 31.87 -19.87
CA GLY K 346 32.50 31.46 -19.77
C GLY K 346 33.34 32.14 -20.82
N TRP K 347 33.09 33.44 -21.01
CA TRP K 347 33.82 34.22 -21.99
C TRP K 347 34.61 35.31 -21.28
N GLU K 348 35.90 35.28 -21.46
CA GLU K 348 36.80 36.19 -20.78
C GLU K 348 36.45 37.66 -21.04
N MET K 349 36.72 38.47 -20.02
CA MET K 349 36.59 39.91 -20.13
C MET K 349 37.87 40.40 -20.76
N TYR K 350 37.80 40.96 -21.96
CA TYR K 350 39.02 41.37 -22.65
C TYR K 350 38.84 42.57 -23.58
N PRO K 351 38.66 43.76 -23.00
CA PRO K 351 38.47 44.96 -23.83
C PRO K 351 39.65 45.23 -24.76
N GLU K 352 40.85 44.89 -24.32
CA GLU K 352 42.05 45.03 -25.16
C GLU K 352 41.86 44.47 -26.59
N GLY K 353 41.19 43.34 -26.69
CA GLY K 353 40.96 42.67 -27.96
C GLY K 353 40.18 43.50 -28.99
N LEU K 354 39.26 44.29 -28.46
CA LEU K 354 38.39 45.12 -29.29
C LEU K 354 39.17 46.28 -29.82
N GLU K 355 40.00 46.87 -28.94
CA GLU K 355 40.90 47.96 -29.34
C GLU K 355 41.83 47.44 -30.43
N ASN K 356 42.49 46.30 -30.20
CA ASN K 356 43.36 45.76 -31.21
C ASN K 356 42.57 45.49 -32.47
N LEU K 357 41.39 44.88 -32.32
CA LEU K 357 40.59 44.44 -33.50
C LEU K 357 40.22 45.59 -34.40
N LEU K 358 39.72 46.65 -33.82
CA LEU K 358 39.29 47.80 -34.59
C LEU K 358 40.43 48.40 -35.40
N LYS K 359 41.62 48.43 -34.84
CA LYS K 359 42.78 48.95 -35.58
C LYS K 359 43.17 47.98 -36.70
N TYR K 360 43.11 46.69 -36.40
CA TYR K 360 43.31 45.69 -37.43
C TYR K 360 42.32 45.80 -38.64
N LEU K 361 41.03 46.05 -38.35
CA LEU K 361 39.99 46.09 -39.35
C LEU K 361 40.00 47.40 -40.16
N ASN K 362 40.39 48.48 -39.50
CA ASN K 362 40.48 49.76 -40.13
C ASN K 362 41.64 49.75 -41.08
N ASN K 363 42.75 49.20 -40.64
CA ASN K 363 43.89 49.10 -41.52
C ASN K 363 43.60 48.15 -42.67
N ALA K 364 43.00 47.01 -42.37
CA ALA K 364 42.78 45.97 -43.38
C ALA K 364 41.75 46.35 -44.43
N TYR K 365 40.70 47.06 -44.02
CA TYR K 365 39.55 47.33 -44.91
C TYR K 365 39.24 48.82 -45.17
N GLU K 366 39.68 49.71 -44.27
CA GLU K 366 39.42 51.17 -44.36
C GLU K 366 37.94 51.51 -44.62
N LEU K 367 37.06 50.77 -43.96
CA LEU K 367 35.62 50.99 -44.08
C LEU K 367 34.98 51.56 -42.82
N PRO K 368 33.79 52.16 -42.94
CA PRO K 368 33.09 52.62 -41.72
C PRO K 368 32.59 51.45 -40.86
N MET K 369 32.81 51.51 -39.54
CA MET K 369 32.43 50.41 -38.64
C MET K 369 31.39 50.83 -37.58
N ILE K 370 30.53 49.89 -37.20
CA ILE K 370 29.69 50.06 -36.05
C ILE K 370 29.77 48.80 -35.15
N ILE K 371 29.99 49.02 -33.85
CA ILE K 371 29.96 47.93 -32.91
C ILE K 371 28.51 47.55 -32.81
N THR K 372 28.15 46.52 -33.53
CA THR K 372 26.76 46.10 -33.63
C THR K 372 26.38 45.09 -32.56
N GLU K 373 27.36 44.64 -31.79
CA GLU K 373 27.08 43.70 -30.70
C GLU K 373 28.24 43.67 -29.73
N ASN K 374 27.96 44.00 -28.46
CA ASN K 374 28.96 43.92 -27.40
C ASN K 374 28.26 43.97 -26.06
N GLY K 375 28.53 42.97 -25.23
CA GLY K 375 27.87 42.82 -23.93
C GLY K 375 28.31 41.54 -23.23
N MET K 376 27.64 41.15 -22.16
CA MET K 376 28.02 39.92 -21.48
C MET K 376 26.91 39.32 -20.67
N ALA K 377 26.93 38.00 -20.61
CA ALA K 377 26.01 37.22 -19.78
C ALA K 377 26.38 37.32 -18.29
N ASP K 378 25.55 38.04 -17.53
CA ASP K 378 25.82 38.42 -16.14
C ASP K 378 24.48 38.65 -15.48
N ALA K 379 23.97 37.62 -14.81
CA ALA K 379 22.65 37.71 -14.19
C ALA K 379 22.67 38.68 -12.99
N ALA K 380 23.84 38.74 -12.37
CA ALA K 380 24.05 39.52 -11.18
C ALA K 380 24.45 40.98 -11.41
N ASP K 381 24.69 41.40 -12.64
CA ASP K 381 25.23 42.76 -12.88
C ASP K 381 26.57 42.98 -12.12
N ARG K 382 27.26 41.88 -11.79
CA ARG K 382 28.55 41.93 -11.09
C ARG K 382 29.60 42.63 -11.90
N TYR K 383 29.61 42.37 -13.20
CA TYR K 383 30.69 42.90 -14.03
C TYR K 383 30.22 43.83 -15.15
N ARG K 384 28.97 43.67 -15.55
CA ARG K 384 28.50 44.47 -16.69
C ARG K 384 29.00 45.94 -16.63
N PRO K 385 28.83 46.64 -15.49
CA PRO K 385 29.24 48.06 -15.45
C PRO K 385 30.66 48.30 -15.90
N HIS K 386 31.57 47.52 -15.39
CA HIS K 386 32.93 47.62 -15.86
C HIS K 386 33.08 47.18 -17.35
N TYR K 387 32.36 46.14 -17.73
CA TYR K 387 32.43 45.63 -19.08
C TYR K 387 32.12 46.73 -20.09
N LEU K 388 31.07 47.49 -19.76
CA LEU K 388 30.57 48.56 -20.58
C LEU K 388 31.63 49.65 -20.76
N VAL K 389 32.13 50.12 -19.63
CA VAL K 389 33.03 51.25 -19.60
C VAL K 389 34.37 50.85 -20.17
N SER K 390 34.85 49.66 -19.84
CA SER K 390 36.14 49.24 -20.35
C SER K 390 36.06 49.18 -21.86
N HIS K 391 34.96 48.64 -22.39
CA HIS K 391 34.89 48.37 -23.84
C HIS K 391 34.65 49.64 -24.63
N LEU K 392 33.90 50.59 -24.06
CA LEU K 392 33.75 51.90 -24.68
C LEU K 392 35.09 52.63 -24.72
N LYS K 393 35.89 52.49 -23.67
CA LYS K 393 37.22 53.04 -23.65
C LYS K 393 38.06 52.43 -24.80
N ALA K 394 37.98 51.12 -24.98
CA ALA K 394 38.67 50.43 -26.06
C ALA K 394 38.28 50.95 -27.44
N VAL K 395 37.02 51.31 -27.62
CA VAL K 395 36.57 51.86 -28.90
C VAL K 395 37.16 53.27 -29.07
N TYR K 396 37.00 54.07 -28.04
CA TYR K 396 37.53 55.40 -28.01
C TYR K 396 39.03 55.47 -28.32
N ASN K 397 39.79 54.55 -27.76
CA ASN K 397 41.22 54.46 -28.08
C ASN K 397 41.46 54.14 -29.57
N ALA K 398 40.68 53.20 -30.11
CA ALA K 398 40.87 52.77 -31.44
C ALA K 398 40.59 53.91 -32.43
N MET K 399 39.59 54.72 -32.08
CA MET K 399 39.19 55.84 -32.91
C MET K 399 40.26 56.93 -32.99
N LYS K 400 40.98 57.13 -31.87
CA LYS K 400 42.08 58.11 -31.76
C LYS K 400 43.23 57.71 -32.68
N GLU K 401 43.46 56.41 -32.85
CA GLU K 401 44.49 55.95 -33.76
C GLU K 401 43.90 55.77 -35.17
N GLY K 402 42.73 56.36 -35.44
CA GLY K 402 42.21 56.49 -36.81
C GLY K 402 41.05 55.59 -37.22
N ALA K 403 40.64 54.68 -36.34
CA ALA K 403 39.60 53.72 -36.68
C ALA K 403 38.30 54.48 -36.91
N ASP K 404 37.59 54.18 -38.01
CA ASP K 404 36.38 54.92 -38.34
C ASP K 404 35.15 54.24 -37.73
N VAL K 405 34.86 54.56 -36.47
CA VAL K 405 33.75 53.95 -35.78
C VAL K 405 32.65 54.95 -35.60
N ARG K 406 31.48 54.63 -36.12
CA ARG K 406 30.34 55.55 -36.12
C ARG K 406 29.29 55.27 -35.02
N GLY K 407 29.51 54.22 -34.23
CA GLY K 407 28.55 53.94 -33.13
C GLY K 407 28.83 52.69 -32.33
N TYR K 408 28.09 52.53 -31.25
CA TYR K 408 28.21 51.37 -30.36
C TYR K 408 26.80 50.94 -29.99
N LEU K 409 26.48 49.66 -30.26
CA LEU K 409 25.19 49.06 -29.91
C LEU K 409 25.40 47.89 -28.94
N HIS K 410 24.88 48.01 -27.71
CA HIS K 410 25.12 46.99 -26.69
C HIS K 410 24.22 45.83 -27.03
N TRP K 411 24.64 44.63 -26.65
CA TRP K 411 23.73 43.46 -26.66
C TRP K 411 23.55 43.02 -25.23
N SER K 412 22.44 43.41 -24.58
CA SER K 412 21.33 44.04 -25.27
C SER K 412 20.54 44.79 -24.26
N LEU K 413 19.48 45.47 -24.69
CA LEU K 413 18.65 46.18 -23.73
C LEU K 413 18.10 45.19 -22.71
N THR K 414 17.34 44.21 -23.19
CA THR K 414 16.68 43.23 -22.33
C THR K 414 17.25 41.82 -22.46
N ASP K 415 16.97 41.01 -21.46
CA ASP K 415 17.31 39.60 -21.49
C ASP K 415 16.46 39.00 -22.56
N ASN K 416 16.91 37.88 -23.11
CA ASN K 416 16.27 37.26 -24.25
C ASN K 416 16.65 35.78 -24.32
N TYR K 417 16.26 35.08 -25.38
CA TYR K 417 16.51 33.66 -25.51
C TYR K 417 17.84 33.35 -26.18
N GLU K 418 18.83 32.96 -25.38
CA GLU K 418 20.16 32.67 -25.95
C GLU K 418 20.23 31.28 -26.53
N TRP K 419 19.52 31.12 -27.63
CA TRP K 419 19.55 29.91 -28.47
C TRP K 419 19.55 28.57 -27.70
N ALA K 420 20.58 27.74 -27.90
CA ALA K 420 20.64 26.43 -27.27
C ALA K 420 20.81 26.49 -25.72
N GLN K 421 21.29 27.62 -25.23
CA GLN K 421 21.48 27.84 -23.83
C GLN K 421 20.23 28.39 -23.11
N GLY K 422 19.16 28.63 -23.83
CA GLY K 422 17.94 29.12 -23.19
C GLY K 422 18.11 30.46 -22.51
N PHE K 423 17.41 30.65 -21.39
CA PHE K 423 17.36 31.95 -20.70
C PHE K 423 18.46 32.16 -19.64
N ARG K 424 19.20 31.10 -19.32
CA ARG K 424 20.22 31.18 -18.27
C ARG K 424 21.33 32.19 -18.63
N MET K 425 21.52 32.46 -19.93
CA MET K 425 22.47 33.51 -20.34
C MET K 425 21.73 34.82 -20.49
N ARG K 426 21.92 35.75 -19.54
CA ARG K 426 21.15 36.99 -19.51
C ARG K 426 22.03 38.17 -19.82
N PHE K 427 21.84 38.75 -21.01
CA PHE K 427 22.76 39.80 -21.53
C PHE K 427 22.25 41.22 -21.36
N GLY K 428 21.07 41.35 -20.77
CA GLY K 428 20.32 42.61 -20.72
C GLY K 428 20.87 43.63 -19.75
N LEU K 429 20.89 44.89 -20.15
CA LEU K 429 20.96 46.01 -19.21
C LEU K 429 19.64 46.06 -18.41
N VAL K 430 18.62 45.41 -18.96
CA VAL K 430 17.33 45.31 -18.34
C VAL K 430 17.03 43.84 -18.07
N TYR K 431 16.77 43.51 -16.81
CA TYR K 431 16.30 42.19 -16.43
C TYR K 431 14.87 42.04 -16.89
N VAL K 432 14.50 40.82 -17.28
CA VAL K 432 13.12 40.51 -17.63
C VAL K 432 12.66 39.23 -16.89
N ASP K 433 11.52 39.35 -16.19
CA ASP K 433 10.85 38.23 -15.55
C ASP K 433 10.01 37.54 -16.60
N PHE K 434 10.53 36.44 -17.12
CA PHE K 434 9.85 35.78 -18.26
C PHE K 434 8.49 35.15 -17.93
N GLU K 435 8.11 35.06 -16.67
CA GLU K 435 6.73 34.68 -16.29
C GLU K 435 5.75 35.86 -16.43
N THR K 436 6.16 37.03 -15.94
CA THR K 436 5.31 38.22 -15.95
C THR K 436 5.57 39.17 -17.12
N LYS K 437 6.70 38.96 -17.80
CA LYS K 437 7.15 39.83 -18.91
C LYS K 437 7.46 41.25 -18.44
N LYS K 438 7.90 41.37 -17.20
CA LYS K 438 8.15 42.66 -16.63
C LYS K 438 9.58 43.02 -16.69
N ARG K 439 9.80 44.30 -16.99
CA ARG K 439 11.12 44.86 -17.12
C ARG K 439 11.53 45.53 -15.80
N TYR K 440 12.76 45.26 -15.40
CA TYR K 440 13.39 45.95 -14.28
C TYR K 440 14.83 46.25 -14.68
N LEU K 441 15.26 47.51 -14.57
CA LEU K 441 16.58 47.90 -15.04
C LEU K 441 17.63 47.43 -14.07
N ARG K 442 18.72 46.90 -14.59
CA ARG K 442 19.85 46.60 -13.76
C ARG K 442 20.58 47.92 -13.54
N PRO K 443 21.28 48.05 -12.42
CA PRO K 443 22.03 49.29 -12.19
C PRO K 443 22.98 49.70 -13.32
N SER K 444 23.64 48.72 -13.94
CA SER K 444 24.54 48.99 -15.08
C SER K 444 23.87 49.82 -16.20
N ALA K 445 22.54 49.78 -16.26
CA ALA K 445 21.79 50.57 -17.24
C ALA K 445 21.98 52.06 -17.03
N LEU K 446 22.43 52.48 -15.86
CA LEU K 446 22.56 53.90 -15.51
C LEU K 446 23.93 54.47 -15.75
N VAL K 447 24.87 53.60 -16.10
CA VAL K 447 26.14 54.04 -16.68
C VAL K 447 25.84 54.82 -17.97
N SER K 448 24.81 54.34 -18.69
CA SER K 448 24.32 54.90 -19.98
C SER K 448 23.58 56.26 -19.93
N VAL K 449 23.15 56.69 -18.73
CA VAL K 449 22.38 57.94 -18.53
C VAL K 449 23.32 59.08 -18.11
N LYS K 450 24.57 58.69 -17.88
CA LYS K 450 25.71 59.57 -17.60
C LYS K 450 26.84 59.31 -18.61
N LYS L 3 6.60 73.18 -14.52
CA LYS L 3 7.85 73.47 -13.77
C LYS L 3 7.53 73.77 -12.32
N PHE L 4 8.44 73.38 -11.45
CA PHE L 4 8.35 73.67 -10.05
C PHE L 4 9.42 74.68 -9.69
N PRO L 5 9.23 75.45 -8.60
CA PRO L 5 10.22 76.44 -8.18
C PRO L 5 11.65 75.90 -8.15
N LYS L 6 12.61 76.81 -8.13
CA LYS L 6 14.04 76.45 -8.19
C LYS L 6 14.44 75.62 -6.96
N ASN L 7 13.87 75.95 -5.81
CA ASN L 7 14.24 75.31 -4.55
C ASN L 7 13.30 74.18 -4.12
N PHE L 8 12.45 73.72 -5.01
CA PHE L 8 11.51 72.63 -4.71
C PHE L 8 12.24 71.28 -4.71
N MET L 9 12.15 70.56 -3.58
CA MET L 9 12.90 69.32 -3.41
C MET L 9 12.14 68.07 -3.90
N PHE L 10 12.85 67.18 -4.61
CA PHE L 10 12.35 65.85 -4.99
C PHE L 10 13.18 64.81 -4.28
N GLY L 11 12.54 63.74 -3.81
CA GLY L 11 13.25 62.73 -3.01
C GLY L 11 12.45 61.53 -2.57
N TYR L 12 12.70 61.11 -1.35
CA TYR L 12 12.05 59.90 -0.79
C TYR L 12 12.20 59.76 0.73
N SER L 13 11.45 58.83 1.31
CA SER L 13 11.42 58.71 2.75
C SER L 13 11.58 57.25 3.14
N TRP L 14 12.25 57.05 4.26
CA TRP L 14 12.46 55.72 4.81
C TRP L 14 12.28 55.81 6.29
N SER L 15 12.00 54.67 6.87
CA SER L 15 11.89 54.54 8.30
C SER L 15 12.75 53.37 8.69
N GLY L 16 13.30 53.43 9.90
CA GLY L 16 14.24 52.40 10.40
C GLY L 16 13.75 50.95 10.43
N PHE L 17 12.53 50.76 10.90
CA PHE L 17 12.03 49.42 11.05
C PHE L 17 11.90 48.76 9.70
N GLN L 18 11.50 49.52 8.70
CA GLN L 18 11.10 48.93 7.42
C GLN L 18 12.31 48.73 6.48
N PHE L 19 13.42 49.36 6.81
CA PHE L 19 14.52 49.45 5.90
C PHE L 19 15.83 48.88 6.49
N GLU L 20 16.12 49.24 7.74
CA GLU L 20 17.45 49.05 8.25
C GLU L 20 17.87 47.58 8.19
N MET L 21 16.99 46.71 8.67
CA MET L 21 17.33 45.31 8.93
C MET L 21 17.34 44.46 7.67
N GLY L 22 18.10 43.36 7.69
CA GLY L 22 18.19 42.53 6.48
C GLY L 22 19.42 41.65 6.36
N LEU L 23 20.54 42.14 6.86
CA LEU L 23 21.70 41.27 7.09
C LEU L 23 22.11 41.24 8.58
N PRO L 24 22.73 40.13 9.03
CA PRO L 24 23.04 40.05 10.47
C PRO L 24 23.90 41.20 11.00
N GLY L 25 23.68 41.56 12.26
CA GLY L 25 24.27 42.74 12.86
C GLY L 25 23.26 43.87 13.00
N SER L 26 22.25 43.84 12.12
CA SER L 26 21.29 44.93 11.97
C SER L 26 20.23 44.99 13.12
N GLU L 27 20.05 43.88 13.79
CA GLU L 27 18.73 43.49 14.25
C GLU L 27 18.44 44.28 15.50
N VAL L 28 17.19 44.63 15.78
CA VAL L 28 16.86 45.45 16.96
C VAL L 28 15.55 45.17 17.65
N GLU L 29 15.61 44.88 18.94
CA GLU L 29 14.41 44.56 19.71
C GLU L 29 13.58 45.83 19.93
N SER L 30 12.28 45.71 19.69
CA SER L 30 11.32 46.78 19.88
C SER L 30 9.97 46.15 20.17
N ASP L 31 8.96 46.95 20.51
CA ASP L 31 7.61 46.39 20.65
C ASP L 31 7.15 45.77 19.32
N TRP L 32 7.40 46.48 18.22
CA TRP L 32 7.00 45.96 16.89
C TRP L 32 7.68 44.65 16.53
N TRP L 33 8.97 44.54 16.85
CA TRP L 33 9.73 43.33 16.54
C TRP L 33 9.06 42.13 17.19
N VAL L 34 8.85 42.26 18.49
CA VAL L 34 8.22 41.19 19.24
C VAL L 34 6.90 40.85 18.57
N TRP L 35 6.18 41.90 18.18
CA TRP L 35 4.82 41.76 17.67
C TRP L 35 4.73 41.00 16.36
N VAL L 36 5.65 41.28 15.43
CA VAL L 36 5.71 40.48 14.19
C VAL L 36 6.34 39.10 14.32
N HIS L 37 7.01 38.82 15.45
CA HIS L 37 7.54 37.47 15.73
C HIS L 37 6.62 36.59 16.58
N ASP L 38 5.66 37.20 17.28
CA ASP L 38 4.69 36.50 18.13
C ASP L 38 3.98 35.34 17.42
N LYS L 39 4.14 34.14 17.95
CA LYS L 39 3.58 32.90 17.37
C LYS L 39 2.07 33.01 17.18
N GLU L 40 1.37 33.47 18.22
CA GLU L 40 -0.10 33.62 18.18
C GLU L 40 -0.49 34.49 17.00
N ASN L 41 0.17 35.64 16.88
CA ASN L 41 -0.13 36.61 15.83
C ASN L 41 0.11 36.08 14.45
N ILE L 42 1.25 35.43 14.25
CA ILE L 42 1.54 34.79 12.96
C ILE L 42 0.47 33.74 12.58
N ALA L 43 0.21 32.82 13.52
CA ALA L 43 -0.69 31.69 13.29
C ALA L 43 -2.10 32.13 12.96
N SER L 44 -2.58 33.17 13.63
CA SER L 44 -3.92 33.65 13.38
C SER L 44 -4.04 34.53 12.12
N GLY L 45 -2.94 34.72 11.39
CA GLY L 45 -2.97 35.52 10.18
C GLY L 45 -2.97 37.02 10.41
N LEU L 46 -2.85 37.45 11.67
CA LEU L 46 -2.92 38.86 12.03
C LEU L 46 -1.69 39.58 11.50
N VAL L 47 -0.59 38.88 11.36
CA VAL L 47 0.58 39.43 10.72
C VAL L 47 1.06 38.48 9.67
N SER L 48 1.82 39.02 8.73
CA SER L 48 2.28 38.28 7.57
C SER L 48 3.03 37.05 7.93
N GLY L 49 3.84 37.12 8.97
CA GLY L 49 4.82 36.05 9.19
C GLY L 49 6.16 36.27 8.44
N ASP L 50 6.16 37.20 7.48
CA ASP L 50 7.41 37.82 7.02
C ASP L 50 8.08 38.54 8.20
N LEU L 51 9.41 38.68 8.13
CA LEU L 51 10.15 39.27 9.22
C LEU L 51 11.08 40.36 8.72
N PRO L 52 11.31 41.40 9.56
CA PRO L 52 12.04 42.56 9.12
C PRO L 52 13.53 42.30 8.97
N GLU L 53 14.03 41.29 9.66
CA GLU L 53 15.44 40.87 9.48
C GLU L 53 15.73 40.27 8.10
N ASN L 54 14.70 40.12 7.28
CA ASN L 54 14.85 39.75 5.87
C ASN L 54 14.68 40.89 4.93
N GLY L 55 14.84 42.10 5.44
CA GLY L 55 14.49 43.28 4.70
C GLY L 55 15.61 43.69 3.77
N PRO L 56 15.53 44.93 3.27
CA PRO L 56 16.46 45.43 2.27
C PRO L 56 17.83 45.77 2.79
N ALA L 57 18.06 45.64 4.10
CA ALA L 57 19.36 45.83 4.72
C ALA L 57 20.02 47.18 4.42
N TYR L 58 19.26 48.26 4.55
CA TYR L 58 19.78 49.62 4.30
C TYR L 58 20.91 49.97 5.27
N TRP L 59 20.85 49.42 6.48
CA TRP L 59 21.85 49.65 7.52
C TRP L 59 23.26 49.33 6.96
N HIS L 60 23.36 48.33 6.11
CA HIS L 60 24.61 48.02 5.44
C HIS L 60 24.70 48.62 4.04
N LEU L 61 23.61 48.59 3.26
CA LEU L 61 23.69 48.91 1.83
C LEU L 61 23.22 50.33 1.46
N TYR L 62 23.48 51.30 2.32
CA TYR L 62 22.93 52.64 2.15
C TYR L 62 23.64 53.34 1.02
N LYS L 63 24.93 53.04 0.88
CA LYS L 63 25.80 53.67 -0.12
C LYS L 63 25.24 53.52 -1.55
N GLN L 64 24.86 52.29 -1.93
CA GLN L 64 24.25 52.05 -3.26
C GLN L 64 22.96 52.81 -3.42
N ASP L 65 22.11 52.68 -2.41
CA ASP L 65 20.79 53.27 -2.45
C ASP L 65 20.90 54.77 -2.65
N HIS L 66 21.77 55.37 -1.88
CA HIS L 66 22.05 56.78 -2.05
C HIS L 66 22.47 57.03 -3.50
N ASP L 67 23.48 56.29 -4.01
CA ASP L 67 24.00 56.46 -5.39
C ASP L 67 22.83 56.48 -6.38
N ILE L 68 21.95 55.49 -6.24
CA ILE L 68 20.78 55.41 -7.09
C ILE L 68 19.91 56.67 -7.01
N ALA L 69 19.58 57.08 -5.79
CA ALA L 69 18.73 58.23 -5.64
C ALA L 69 19.41 59.45 -6.26
N GLU L 70 20.71 59.57 -6.06
CA GLU L 70 21.44 60.74 -6.55
C GLU L 70 21.24 60.81 -8.05
N LYS L 71 21.60 59.74 -8.74
CA LYS L 71 21.60 59.77 -10.20
C LYS L 71 20.17 59.68 -10.77
N LEU L 72 19.17 59.62 -9.89
CA LEU L 72 17.77 59.76 -10.30
C LEU L 72 17.29 61.21 -10.16
N GLY L 73 18.25 62.10 -9.85
CA GLY L 73 17.97 63.54 -9.69
C GLY L 73 17.40 63.93 -8.36
N MET L 74 17.40 63.02 -7.39
CA MET L 74 16.85 63.32 -6.09
C MET L 74 17.82 64.18 -5.33
N ASP L 75 17.27 65.14 -4.56
CA ASP L 75 18.07 66.09 -3.76
C ASP L 75 17.76 66.09 -2.25
N CYS L 76 16.70 65.40 -1.84
CA CYS L 76 16.29 65.39 -0.45
C CYS L 76 15.84 64.01 -0.02
N ILE L 77 16.25 63.59 1.19
CA ILE L 77 15.73 62.36 1.79
C ILE L 77 15.17 62.66 3.13
N ARG L 78 14.13 61.97 3.50
CA ARG L 78 13.67 62.04 4.87
C ARG L 78 13.79 60.63 5.41
N GLY L 79 14.55 60.49 6.47
CA GLY L 79 14.74 59.21 7.08
C GLY L 79 14.60 59.30 8.58
N GLY L 80 14.86 58.20 9.25
CA GLY L 80 14.66 58.17 10.68
C GLY L 80 15.85 57.77 11.53
N ILE L 81 15.59 57.73 12.83
CA ILE L 81 16.52 57.21 13.79
C ILE L 81 15.66 56.49 14.81
N GLU L 82 16.08 55.29 15.16
CA GLU L 82 15.24 54.43 16.00
C GLU L 82 15.60 54.48 17.49
N TRP L 83 14.65 54.96 18.29
CA TRP L 83 14.79 55.06 19.75
C TRP L 83 15.36 53.77 20.34
N ALA L 84 14.70 52.66 20.03
CA ALA L 84 15.08 51.36 20.56
C ALA L 84 16.50 50.93 20.11
N ARG L 85 16.99 51.50 19.02
CA ARG L 85 18.37 51.22 18.61
C ARG L 85 19.35 52.06 19.37
N ILE L 86 18.93 53.23 19.85
CA ILE L 86 19.86 54.14 20.52
C ILE L 86 19.90 53.84 22.04
N PHE L 87 18.75 53.48 22.60
CA PHE L 87 18.63 53.19 24.02
C PHE L 87 18.03 51.82 24.28
N PRO L 88 18.79 50.78 23.93
CA PRO L 88 18.29 49.44 24.22
C PRO L 88 18.06 49.23 25.71
N LYS L 89 18.86 49.89 26.55
CA LYS L 89 18.69 49.90 28.01
C LYS L 89 17.91 51.14 28.47
N PRO L 90 17.02 51.02 29.49
CA PRO L 90 16.16 52.11 30.00
C PRO L 90 16.89 53.37 30.43
N THR L 91 16.22 54.50 30.27
CA THR L 91 16.76 55.82 30.61
C THR L 91 16.15 56.40 31.90
N PHE L 92 15.19 55.68 32.48
CA PHE L 92 14.45 56.18 33.63
C PHE L 92 15.35 56.69 34.78
N ASP L 93 16.48 56.01 35.02
CA ASP L 93 17.34 56.33 36.15
C ASP L 93 18.18 57.57 35.97
N VAL L 94 18.33 58.05 34.75
CA VAL L 94 18.97 59.34 34.51
C VAL L 94 17.90 60.41 34.75
N LYS L 95 17.94 61.05 35.91
CA LYS L 95 16.85 61.93 36.36
C LYS L 95 16.84 63.31 35.71
N VAL L 96 15.64 63.85 35.50
CA VAL L 96 15.50 65.20 34.95
C VAL L 96 14.36 65.99 35.60
N ASP L 97 14.49 67.30 35.59
CA ASP L 97 13.43 68.23 36.07
C ASP L 97 12.35 68.56 35.04
N VAL L 98 11.08 68.37 35.40
CA VAL L 98 9.95 68.68 34.52
C VAL L 98 8.78 69.31 35.29
N GLU L 99 8.31 70.46 34.82
CA GLU L 99 7.25 71.18 35.53
C GLU L 99 5.91 71.01 34.82
N LYS L 100 4.86 70.66 35.58
CA LYS L 100 3.50 70.57 35.00
C LYS L 100 2.48 71.37 35.82
N ASP L 101 1.37 71.70 35.17
CA ASP L 101 0.27 72.45 35.79
C ASP L 101 -0.83 71.53 36.29
N GLU L 102 -1.91 72.13 36.78
CA GLU L 102 -3.09 71.42 37.32
C GLU L 102 -3.67 70.33 36.43
N GLU L 103 -4.02 70.70 35.20
CA GLU L 103 -4.64 69.80 34.22
C GLU L 103 -3.76 68.61 33.80
N GLY L 104 -2.44 68.72 34.02
CA GLY L 104 -1.47 67.70 33.65
C GLY L 104 -0.71 68.04 32.38
N ASN L 105 -0.58 69.34 32.10
CA ASN L 105 0.08 69.81 30.87
C ASN L 105 1.59 69.98 31.15
N ILE L 106 2.39 70.00 30.10
CA ILE L 106 3.84 70.21 30.25
C ILE L 106 4.15 71.70 30.06
N ILE L 107 4.79 72.33 31.04
CA ILE L 107 5.15 73.76 30.93
C ILE L 107 6.67 73.98 30.76
N SER L 108 7.51 73.06 31.26
CA SER L 108 8.95 73.09 30.94
C SER L 108 9.60 71.72 31.14
N VAL L 109 10.85 71.62 30.68
CA VAL L 109 11.61 70.36 30.73
C VAL L 109 13.10 70.53 30.63
N ASP L 110 13.84 70.16 31.64
CA ASP L 110 15.23 70.41 31.47
C ASP L 110 16.09 69.19 31.20
N VAL L 111 16.85 69.28 30.11
CA VAL L 111 17.85 68.26 29.75
C VAL L 111 19.15 68.96 29.39
N PRO L 112 19.92 69.37 30.39
CA PRO L 112 21.18 70.07 30.15
C PRO L 112 22.24 69.21 29.55
N GLU L 113 23.38 69.83 29.27
CA GLU L 113 24.46 69.16 28.63
C GLU L 113 24.97 68.02 29.50
N SER L 114 24.89 68.17 30.81
CA SER L 114 25.34 67.12 31.75
C SER L 114 24.47 65.85 31.63
N THR L 115 23.15 66.03 31.56
CA THR L 115 22.26 64.89 31.38
C THR L 115 22.58 64.15 30.09
N ILE L 116 22.91 64.89 29.03
CA ILE L 116 23.33 64.23 27.78
C ILE L 116 24.54 63.31 28.02
N LYS L 117 25.46 63.74 28.86
CA LYS L 117 26.67 62.96 29.15
C LYS L 117 26.34 61.69 29.94
N GLU L 118 25.39 61.81 30.86
CA GLU L 118 24.94 60.66 31.65
C GLU L 118 24.24 59.65 30.75
N LEU L 119 23.56 60.17 29.72
CA LEU L 119 22.89 59.32 28.76
C LEU L 119 23.88 58.64 27.85
N GLU L 120 24.98 59.30 27.52
CA GLU L 120 25.98 58.69 26.63
C GLU L 120 26.51 57.39 27.17
N LYS L 121 26.51 57.26 28.49
CA LYS L 121 27.05 56.08 29.18
C LYS L 121 26.24 54.81 28.90
N ILE L 122 24.92 54.96 28.87
CA ILE L 122 23.99 53.83 28.66
C ILE L 122 23.46 53.68 27.22
N ALA L 123 23.76 54.67 26.37
CA ALA L 123 23.33 54.65 24.97
C ALA L 123 24.23 53.75 24.16
N ASN L 124 23.76 53.39 22.99
CA ASN L 124 24.57 52.63 22.07
C ASN L 124 25.28 53.61 21.16
N MET L 125 26.45 54.06 21.58
CA MET L 125 27.18 55.09 20.81
C MET L 125 27.75 54.49 19.54
N GLU L 126 27.84 53.17 19.49
CA GLU L 126 28.19 52.47 18.26
C GLU L 126 27.14 52.77 17.12
N ALA L 127 25.87 52.67 17.48
CA ALA L 127 24.77 52.80 16.54
C ALA L 127 24.59 54.24 16.11
N LEU L 128 24.73 55.12 17.08
CA LEU L 128 24.74 56.55 16.81
C LEU L 128 25.79 56.90 15.78
N GLU L 129 27.02 56.43 15.97
CA GLU L 129 28.09 56.66 14.97
C GLU L 129 27.76 56.12 13.59
N HIS L 130 27.10 54.95 13.54
CA HIS L 130 26.64 54.46 12.26
C HIS L 130 25.56 55.36 11.61
N TYR L 131 24.61 55.89 12.40
CA TYR L 131 23.66 56.85 11.87
C TYR L 131 24.38 58.08 11.26
N ARG L 132 25.42 58.57 11.94
CA ARG L 132 26.23 59.64 11.34
C ARG L 132 26.79 59.23 9.98
N LYS L 133 27.39 58.05 9.89
CA LYS L 133 27.97 57.64 8.62
C LYS L 133 26.88 57.69 7.55
N ILE L 134 25.71 57.15 7.89
CA ILE L 134 24.64 57.03 6.90
C ILE L 134 24.17 58.42 6.50
N TYR L 135 23.94 59.29 7.47
CA TYR L 135 23.45 60.61 7.10
C TYR L 135 24.52 61.36 6.31
N SER L 136 25.77 61.26 6.76
CA SER L 136 26.88 61.94 6.09
C SER L 136 27.02 61.47 4.66
N ASP L 137 26.86 60.18 4.43
CA ASP L 137 27.04 59.67 3.09
C ASP L 137 26.20 60.46 2.07
N TRP L 138 25.00 60.86 2.50
CA TRP L 138 24.05 61.60 1.67
C TRP L 138 24.30 63.11 1.71
N LYS L 139 24.58 63.62 2.92
CA LYS L 139 24.81 65.03 3.13
C LYS L 139 26.06 65.51 2.42
N GLU L 140 27.14 64.75 2.47
CA GLU L 140 28.41 65.16 1.88
C GLU L 140 28.38 65.11 0.35
N ARG L 141 27.29 64.60 -0.24
CA ARG L 141 27.03 64.73 -1.71
C ARG L 141 26.42 66.08 -2.08
N GLY L 142 26.25 66.96 -1.08
CA GLY L 142 25.62 68.26 -1.27
C GLY L 142 24.11 68.12 -1.42
N LYS L 143 23.47 67.38 -0.52
CA LYS L 143 22.03 67.13 -0.60
C LYS L 143 21.36 67.46 0.71
N THR L 144 20.03 67.48 0.72
CA THR L 144 19.26 67.82 1.91
C THR L 144 18.80 66.56 2.68
N PHE L 145 18.85 66.63 4.01
CA PHE L 145 18.34 65.55 4.84
C PHE L 145 17.37 66.02 5.93
N ILE L 146 16.28 65.28 6.09
CA ILE L 146 15.27 65.56 7.11
C ILE L 146 15.19 64.37 8.05
N LEU L 147 15.31 64.61 9.34
CA LEU L 147 15.27 63.54 10.30
C LEU L 147 13.97 63.55 11.05
N ASN L 148 13.40 62.35 11.19
CA ASN L 148 12.16 62.13 11.90
C ASN L 148 12.42 61.28 13.11
N LEU L 149 12.05 61.73 14.30
CA LEU L 149 12.55 61.04 15.49
C LEU L 149 11.81 59.72 15.84
N TYR L 150 10.51 59.68 15.53
CA TYR L 150 9.65 58.55 15.87
C TYR L 150 8.88 58.02 14.66
N HIS L 151 9.00 56.70 14.41
CA HIS L 151 8.29 56.05 13.27
C HIS L 151 7.71 54.68 13.67
N TRP L 152 7.14 54.67 14.87
CA TRP L 152 6.25 53.63 15.46
C TRP L 152 6.87 52.67 16.51
N PRO L 153 8.02 52.05 16.22
CA PRO L 153 8.51 51.17 17.22
C PRO L 153 9.01 51.89 18.47
N LEU L 154 8.78 51.25 19.61
CA LEU L 154 9.19 51.74 20.91
C LEU L 154 10.08 50.70 21.53
N PRO L 155 11.00 51.15 22.38
CA PRO L 155 11.73 50.27 23.26
C PRO L 155 10.84 49.25 23.99
N LEU L 156 11.35 48.05 24.17
CA LEU L 156 10.65 47.05 24.96
C LEU L 156 10.46 47.43 26.41
N TRP L 157 11.41 48.20 26.95
CA TRP L 157 11.28 48.75 28.31
C TRP L 157 10.26 49.93 28.42
N ILE L 158 9.76 50.40 27.26
CA ILE L 158 8.71 51.38 27.14
C ILE L 158 7.37 50.69 26.89
N HIS L 159 7.36 49.62 26.11
CA HIS L 159 6.11 48.97 25.69
C HIS L 159 6.28 47.48 25.41
N ASP L 160 5.50 46.64 26.09
CA ASP L 160 5.51 45.18 25.90
C ASP L 160 4.09 44.81 25.47
N PRO L 161 3.80 44.86 24.16
CA PRO L 161 2.46 44.73 23.63
C PRO L 161 1.84 43.34 23.81
N ILE L 162 2.66 42.32 23.95
CA ILE L 162 2.14 40.97 24.21
C ILE L 162 1.50 40.93 25.57
N ALA L 163 2.26 41.35 26.57
CA ALA L 163 1.78 41.46 27.95
C ALA L 163 0.59 42.40 28.09
N VAL L 164 0.71 43.59 27.52
CA VAL L 164 -0.34 44.59 27.63
C VAL L 164 -1.66 44.01 27.11
N ARG L 165 -1.62 43.32 25.97
CA ARG L 165 -2.83 42.69 25.44
C ARG L 165 -3.43 41.58 26.33
N LYS L 166 -2.60 40.70 26.91
CA LYS L 166 -3.11 39.61 27.76
C LYS L 166 -3.58 40.07 29.13
N LEU L 167 -2.80 40.95 29.76
CA LEU L 167 -3.00 41.31 31.16
C LEU L 167 -3.58 42.71 31.35
N GLY L 168 -3.54 43.53 30.30
CA GLY L 168 -4.01 44.91 30.38
C GLY L 168 -2.85 45.85 30.66
N PRO L 169 -3.03 47.13 30.35
CA PRO L 169 -2.00 48.18 30.53
C PRO L 169 -1.45 48.46 31.93
N ASP L 170 -2.17 48.08 32.97
CA ASP L 170 -1.68 48.29 34.35
C ASP L 170 -0.60 47.26 34.73
N ALA L 171 -0.47 46.22 33.92
CA ALA L 171 0.41 45.08 34.23
C ALA L 171 1.75 45.12 33.51
N ALA L 172 1.94 46.04 32.58
CA ALA L 172 3.20 46.05 31.82
C ALA L 172 3.50 47.45 31.30
N PRO L 173 4.72 47.64 30.72
CA PRO L 173 5.04 48.91 30.06
C PRO L 173 4.01 49.21 28.97
N ALA L 174 3.18 50.24 29.19
CA ALA L 174 1.96 50.45 28.39
C ALA L 174 2.13 51.30 27.08
N GLY L 175 3.32 51.88 26.92
CA GLY L 175 3.66 52.56 25.71
C GLY L 175 3.21 53.98 25.83
N TRP L 176 2.45 54.46 24.86
CA TRP L 176 1.92 55.83 24.91
C TRP L 176 0.75 56.00 25.91
N LEU L 177 0.43 54.95 26.64
CA LEU L 177 -0.57 55.04 27.69
C LEU L 177 0.07 55.49 28.99
N ASP L 178 1.38 55.24 29.15
CA ASP L 178 2.10 55.65 30.36
C ASP L 178 2.67 57.05 30.14
N GLU L 179 2.23 57.97 30.99
CA GLU L 179 2.64 59.36 30.92
C GLU L 179 4.19 59.44 31.03
N LYS L 180 4.79 58.50 31.74
CA LYS L 180 6.29 58.31 31.80
C LYS L 180 7.03 58.32 30.47
N THR L 181 6.41 57.72 29.47
CA THR L 181 7.02 57.47 28.17
C THR L 181 7.41 58.77 27.49
N VAL L 182 6.64 59.79 27.76
CA VAL L 182 6.76 61.08 27.10
C VAL L 182 8.05 61.74 27.50
N VAL L 183 8.33 61.67 28.79
CA VAL L 183 9.52 62.27 29.36
C VAL L 183 10.75 61.61 28.77
N GLU L 184 10.69 60.29 28.64
CA GLU L 184 11.86 59.55 28.20
C GLU L 184 12.12 59.86 26.74
N PHE L 185 11.03 60.05 25.99
CA PHE L 185 11.10 60.40 24.59
C PHE L 185 11.76 61.77 24.44
N VAL L 186 11.31 62.71 25.25
CA VAL L 186 11.95 64.04 25.31
C VAL L 186 13.47 63.98 25.56
N LYS L 187 13.93 63.10 26.42
CA LYS L 187 15.37 62.94 26.63
C LYS L 187 16.00 62.48 25.33
N PHE L 188 15.30 61.57 24.69
CA PHE L 188 15.74 61.00 23.42
C PHE L 188 15.88 62.10 22.38
N ALA L 189 14.89 62.98 22.31
CA ALA L 189 14.89 64.05 21.32
C ALA L 189 16.08 64.95 21.54
N ALA L 190 16.28 65.35 22.78
CA ALA L 190 17.39 66.25 23.12
C ALA L 190 18.73 65.57 22.83
N PHE L 191 18.85 64.31 23.21
CA PHE L 191 20.05 63.54 22.95
C PHE L 191 20.40 63.63 21.46
N VAL L 192 19.38 63.43 20.62
CA VAL L 192 19.57 63.32 19.18
C VAL L 192 19.89 64.71 18.56
N ALA L 193 19.15 65.73 18.99
CA ALA L 193 19.43 67.10 18.56
C ALA L 193 20.88 67.43 18.84
N TYR L 194 21.26 67.26 20.08
CA TYR L 194 22.60 67.58 20.54
C TYR L 194 23.67 66.96 19.64
N HIS L 195 23.49 65.72 19.23
CA HIS L 195 24.56 64.98 18.55
C HIS L 195 24.55 65.10 17.04
N LEU L 196 23.38 65.26 16.44
CA LEU L 196 23.26 65.13 14.99
C LEU L 196 22.79 66.38 14.25
N ASP L 197 22.71 67.51 14.94
CA ASP L 197 22.12 68.66 14.31
C ASP L 197 22.96 69.12 13.14
N ASP L 198 24.26 68.87 13.22
CA ASP L 198 25.15 69.27 12.14
C ASP L 198 24.87 68.57 10.82
N LEU L 199 24.18 67.43 10.85
CA LEU L 199 23.79 66.68 9.66
C LEU L 199 22.34 66.84 9.23
N VAL L 200 21.50 67.46 10.06
CA VAL L 200 20.06 67.59 9.80
C VAL L 200 19.67 68.98 9.33
N ASP L 201 18.93 69.09 8.22
CA ASP L 201 18.41 70.41 7.74
C ASP L 201 17.05 70.80 8.32
N MET L 202 16.24 69.80 8.68
CA MET L 202 14.87 70.02 9.13
C MET L 202 14.41 68.82 9.95
N TRP L 203 13.57 69.06 10.93
CA TRP L 203 13.16 68.02 11.85
C TRP L 203 11.70 67.69 11.76
N SER L 204 11.39 66.45 12.09
CA SER L 204 10.03 66.03 12.39
C SER L 204 10.08 65.21 13.65
N THR L 205 9.17 65.51 14.58
CA THR L 205 9.13 64.87 15.87
C THR L 205 8.70 63.42 15.73
N MET L 206 7.82 63.14 14.77
CA MET L 206 7.18 61.84 14.72
C MET L 206 6.40 61.67 13.41
N ASN L 207 5.90 60.45 13.18
CA ASN L 207 5.33 60.02 11.91
C ASN L 207 3.98 59.34 12.06
N GLU L 208 2.97 59.86 11.41
CA GLU L 208 1.62 59.29 11.51
C GLU L 208 1.14 58.83 12.96
N PRO L 209 1.19 59.72 13.94
CA PRO L 209 0.76 59.35 15.30
C PRO L 209 -0.71 58.96 15.36
N ASN L 210 -1.50 59.62 14.54
CA ASN L 210 -2.88 59.23 14.35
C ASN L 210 -3.07 57.79 13.91
N VAL L 211 -2.13 57.28 13.11
CA VAL L 211 -2.20 55.87 12.71
C VAL L 211 -1.86 54.98 13.89
N VAL L 212 -0.91 55.46 14.70
CA VAL L 212 -0.47 54.70 15.88
C VAL L 212 -1.60 54.51 16.88
N TYR L 213 -2.16 55.63 17.40
CA TYR L 213 -3.24 55.50 18.40
C TYR L 213 -4.50 54.82 17.87
N ASN L 214 -4.90 55.12 16.62
CA ASN L 214 -6.17 54.60 16.10
C ASN L 214 -6.09 53.16 15.79
N GLN L 215 -5.03 52.75 15.12
CA GLN L 215 -4.85 51.32 14.71
C GLN L 215 -4.50 50.43 15.87
N GLY L 216 -3.76 50.98 16.82
CA GLY L 216 -3.32 50.19 17.97
C GLY L 216 -4.40 49.88 18.98
N TYR L 217 -5.37 50.79 19.14
CA TYR L 217 -6.35 50.71 20.20
C TYR L 217 -7.82 50.77 19.73
N ILE L 218 -8.07 50.82 18.41
CA ILE L 218 -9.45 50.76 17.87
C ILE L 218 -9.64 49.77 16.70
N ASN L 219 -8.97 49.97 15.57
CA ASN L 219 -9.05 49.04 14.43
C ASN L 219 -8.14 47.83 14.63
N LEU L 220 -8.59 46.88 15.44
CA LEU L 220 -7.85 45.65 15.74
C LEU L 220 -7.44 44.88 14.49
N ALA L 221 -8.30 44.90 13.47
CA ALA L 221 -8.07 44.20 12.23
C ALA L 221 -6.73 44.60 11.54
N SER L 222 -6.16 45.72 11.97
CA SER L 222 -4.97 46.27 11.37
C SER L 222 -3.69 45.49 11.66
N GLY L 223 -3.71 44.69 12.72
CA GLY L 223 -2.51 44.04 13.21
C GLY L 223 -1.49 44.98 13.84
N PHE L 224 -1.95 46.12 14.36
CA PHE L 224 -1.05 47.00 15.11
C PHE L 224 -1.04 46.63 16.58
N PRO L 225 0.08 46.87 17.26
CA PRO L 225 0.11 46.68 18.69
C PRO L 225 -0.52 47.87 19.42
N PRO L 226 -1.00 47.64 20.65
CA PRO L 226 -0.99 46.34 21.32
C PRO L 226 -2.22 45.53 21.04
N GLY L 227 -3.05 45.99 20.13
CA GLY L 227 -4.17 45.21 19.62
C GLY L 227 -5.20 44.87 20.69
N PHE L 228 -5.73 45.90 21.37
CA PHE L 228 -6.93 45.73 22.22
C PHE L 228 -7.86 46.93 22.12
N LEU L 229 -9.16 46.69 22.27
CA LEU L 229 -10.17 47.69 21.90
C LEU L 229 -10.58 48.59 23.04
N SER L 230 -10.30 49.88 22.90
CA SER L 230 -10.64 50.87 23.91
C SER L 230 -10.45 52.30 23.40
N PHE L 231 -11.56 53.01 23.21
CA PHE L 231 -11.52 54.42 22.78
C PHE L 231 -10.82 55.28 23.81
N GLU L 232 -10.99 54.93 25.08
CA GLU L 232 -10.32 55.62 26.18
C GLU L 232 -8.81 55.50 26.03
N ALA L 233 -8.33 54.29 25.75
CA ALA L 233 -6.90 54.07 25.48
C ALA L 233 -6.41 54.93 24.32
N ALA L 234 -7.13 54.87 23.20
CA ALA L 234 -6.81 55.70 22.05
C ALA L 234 -6.70 57.20 22.40
N GLU L 235 -7.68 57.73 23.13
CA GLU L 235 -7.70 59.15 23.51
C GLU L 235 -6.48 59.51 24.37
N LYS L 236 -6.15 58.63 25.30
CA LYS L 236 -5.01 58.81 26.20
C LYS L 236 -3.68 58.79 25.42
N ALA L 237 -3.57 57.87 24.47
CA ALA L 237 -2.38 57.78 23.68
C ALA L 237 -2.25 59.06 22.86
N LYS L 238 -3.35 59.44 22.21
CA LYS L 238 -3.37 60.66 21.43
C LYS L 238 -2.88 61.82 22.25
N PHE L 239 -3.40 61.90 23.47
CA PHE L 239 -3.02 62.99 24.38
C PHE L 239 -1.52 63.00 24.71
N ASN L 240 -0.96 61.85 25.08
CA ASN L 240 0.46 61.78 25.32
C ASN L 240 1.33 61.98 24.09
N LEU L 241 0.82 61.67 22.91
CA LEU L 241 1.60 61.89 21.68
C LEU L 241 1.72 63.38 21.34
N ILE L 242 0.66 64.13 21.71
CA ILE L 242 0.69 65.57 21.60
C ILE L 242 1.75 66.17 22.53
N GLN L 243 1.79 65.67 23.76
CA GLN L 243 2.78 66.11 24.74
C GLN L 243 4.16 65.79 24.20
N ALA L 244 4.34 64.55 23.75
CA ALA L 244 5.63 64.13 23.28
C ALA L 244 6.10 65.05 22.20
N HIS L 245 5.20 65.43 21.30
CA HIS L 245 5.59 66.35 20.24
C HIS L 245 6.03 67.71 20.79
N ILE L 246 5.19 68.31 21.62
CA ILE L 246 5.49 69.61 22.22
C ILE L 246 6.84 69.59 22.93
N GLY L 247 7.04 68.58 23.78
CA GLY L 247 8.30 68.43 24.53
C GLY L 247 9.51 68.24 23.63
N ALA L 248 9.38 67.35 22.66
CA ALA L 248 10.44 67.12 21.69
C ALA L 248 10.72 68.39 20.87
N TYR L 249 9.68 69.13 20.53
CA TYR L 249 9.89 70.39 19.84
C TYR L 249 10.81 71.31 20.68
N ASP L 250 10.50 71.46 21.96
CA ASP L 250 11.28 72.33 22.83
C ASP L 250 12.68 71.80 23.01
N ALA L 251 12.81 70.48 23.10
CA ALA L 251 14.13 69.87 23.26
C ALA L 251 15.03 70.10 22.06
N ILE L 252 14.49 69.93 20.87
CA ILE L 252 15.26 70.12 19.66
C ILE L 252 15.66 71.58 19.56
N LYS L 253 14.73 72.47 19.90
CA LYS L 253 14.99 73.90 19.77
C LYS L 253 16.09 74.36 20.71
N GLU L 254 16.28 73.63 21.81
CA GLU L 254 17.26 74.01 22.79
C GLU L 254 18.67 73.70 22.28
N TYR L 255 18.80 72.80 21.29
CA TYR L 255 20.12 72.42 20.76
C TYR L 255 20.26 72.61 19.25
N SER L 256 19.30 73.28 18.64
CA SER L 256 19.29 73.44 17.19
C SER L 256 18.43 74.65 16.84
N GLU L 257 18.74 75.32 15.72
CA GLU L 257 17.99 76.53 15.32
C GLU L 257 17.15 76.32 14.08
N LYS L 258 16.76 75.07 13.86
CA LYS L 258 16.21 74.64 12.60
C LYS L 258 14.73 74.41 12.67
N SER L 259 14.12 74.23 11.50
CA SER L 259 12.68 74.11 11.41
C SER L 259 12.25 72.74 11.96
N VAL L 260 11.28 72.74 12.87
CA VAL L 260 10.78 71.53 13.47
C VAL L 260 9.30 71.45 13.22
N GLY L 261 8.87 70.25 12.81
CA GLY L 261 7.48 70.02 12.47
C GLY L 261 7.04 68.63 12.86
N VAL L 262 5.98 68.15 12.19
CA VAL L 262 5.44 66.81 12.42
C VAL L 262 4.98 66.26 11.08
N ILE L 263 4.94 64.93 10.98
CA ILE L 263 4.51 64.23 9.76
C ILE L 263 3.27 63.44 10.09
N TYR L 264 2.23 63.57 9.27
CA TYR L 264 0.92 63.11 9.64
C TYR L 264 0.21 62.38 8.52
N ALA L 265 -0.70 61.48 8.87
CA ALA L 265 -1.50 60.76 7.88
C ALA L 265 -2.77 61.52 7.55
N PHE L 266 -2.81 62.11 6.36
CA PHE L 266 -3.93 62.95 5.95
C PHE L 266 -4.80 62.23 4.92
N ALA L 267 -5.80 61.50 5.40
CA ALA L 267 -6.78 60.98 4.51
C ALA L 267 -7.59 62.18 4.02
N TRP L 268 -7.99 62.19 2.74
CA TRP L 268 -8.97 63.15 2.29
C TRP L 268 -10.36 62.59 2.44
N HIS L 269 -11.25 63.37 3.07
CA HIS L 269 -12.61 62.93 3.37
C HIS L 269 -13.62 63.54 2.40
N ASP L 270 -14.47 62.67 1.82
CA ASP L 270 -15.42 63.05 0.79
C ASP L 270 -16.84 62.60 1.14
N PRO L 271 -17.85 63.46 0.91
CA PRO L 271 -19.23 63.09 1.12
C PRO L 271 -19.78 62.40 -0.11
N LEU L 272 -20.40 61.23 0.06
CA LEU L 272 -20.92 60.50 -1.11
C LEU L 272 -21.90 61.36 -1.87
N ALA L 273 -22.75 62.06 -1.11
CA ALA L 273 -23.78 62.92 -1.64
C ALA L 273 -23.68 64.29 -0.99
N GLU L 274 -23.98 65.30 -1.80
CA GLU L 274 -24.05 66.72 -1.39
C GLU L 274 -24.68 67.02 -0.01
N GLU L 275 -25.69 66.26 0.38
CA GLU L 275 -26.37 66.46 1.68
C GLU L 275 -25.47 66.26 2.92
N TYR L 276 -24.39 65.49 2.76
CA TYR L 276 -23.49 65.19 3.88
C TYR L 276 -22.31 66.17 4.00
N LYS L 277 -22.13 67.02 2.99
CA LYS L 277 -21.02 68.01 2.94
C LYS L 277 -20.60 68.67 4.27
N ASP L 278 -21.57 69.10 5.06
CA ASP L 278 -21.33 69.73 6.36
C ASP L 278 -20.82 68.74 7.37
N GLU L 279 -21.51 67.61 7.43
CA GLU L 279 -21.23 66.57 8.40
C GLU L 279 -19.84 65.97 8.15
N VAL L 280 -19.45 65.88 6.88
CA VAL L 280 -18.11 65.43 6.54
C VAL L 280 -17.05 66.44 6.95
N GLU L 281 -17.31 67.74 6.74
CA GLU L 281 -16.37 68.77 7.19
C GLU L 281 -16.11 68.73 8.70
N GLU L 282 -17.09 68.27 9.43
CA GLU L 282 -16.97 68.12 10.85
C GLU L 282 -15.92 67.05 11.14
N ILE L 283 -15.97 65.99 10.35
CA ILE L 283 -15.07 64.88 10.48
C ILE L 283 -13.64 65.28 10.11
N ARG L 284 -13.47 66.07 9.07
CA ARG L 284 -12.16 66.62 8.73
C ARG L 284 -11.55 67.27 9.96
N LYS L 285 -12.36 68.07 10.64
CA LYS L 285 -11.87 68.77 11.80
C LYS L 285 -11.41 67.80 12.88
N LYS L 286 -12.24 66.82 13.20
CA LYS L 286 -11.87 65.83 14.23
C LYS L 286 -10.62 65.05 13.84
N ASP L 287 -10.60 64.56 12.62
CA ASP L 287 -9.44 63.83 12.10
C ASP L 287 -8.14 64.62 12.17
N TYR L 288 -8.17 65.89 11.80
CA TYR L 288 -6.93 66.69 11.76
C TYR L 288 -6.68 67.41 13.07
N GLU L 289 -7.61 67.26 14.03
CA GLU L 289 -7.53 67.99 15.31
C GLU L 289 -6.14 67.96 15.94
N PHE L 290 -5.51 66.77 15.91
CA PHE L 290 -4.13 66.61 16.35
C PHE L 290 -3.22 67.72 15.85
N VAL L 291 -3.29 67.99 14.56
CA VAL L 291 -2.45 69.02 13.98
C VAL L 291 -2.96 70.41 14.35
N THR L 292 -4.28 70.60 14.28
CA THR L 292 -4.92 71.84 14.75
C THR L 292 -4.42 72.22 16.13
N ILE L 293 -4.44 71.26 17.06
CA ILE L 293 -3.98 71.51 18.41
C ILE L 293 -2.54 72.08 18.48
N LEU L 294 -1.62 71.39 17.85
CA LEU L 294 -0.23 71.76 17.86
C LEU L 294 -0.02 73.11 17.22
N HIS L 295 -0.71 73.33 16.11
CA HIS L 295 -0.73 74.65 15.47
C HIS L 295 -1.02 75.72 16.50
N SER L 296 -2.15 75.57 17.20
CA SER L 296 -2.62 76.59 18.14
C SER L 296 -1.66 76.81 19.32
N LYS L 297 -0.83 75.83 19.66
CA LYS L 297 0.20 76.06 20.68
C LYS L 297 1.48 76.67 20.12
N GLY L 298 1.51 76.96 18.82
CA GLY L 298 2.70 77.51 18.18
C GLY L 298 3.88 76.54 18.15
N LYS L 299 3.61 75.24 18.00
CA LYS L 299 4.66 74.23 17.95
C LYS L 299 4.70 73.46 16.63
N LEU L 300 4.63 74.19 15.52
CA LEU L 300 4.75 73.63 14.18
C LEU L 300 5.37 74.61 13.18
N ASP L 301 6.63 74.43 12.82
CA ASP L 301 7.26 75.31 11.84
C ASP L 301 6.89 74.86 10.44
N TRP L 302 6.53 73.59 10.31
CA TRP L 302 6.16 73.04 8.99
C TRP L 302 5.44 71.72 9.17
N ILE L 303 4.73 71.29 8.14
CA ILE L 303 3.91 70.07 8.18
C ILE L 303 4.33 69.04 7.12
N GLY L 304 4.51 67.81 7.56
CA GLY L 304 4.76 66.72 6.66
C GLY L 304 3.47 66.08 6.26
N VAL L 305 3.05 66.33 5.03
CA VAL L 305 1.86 65.72 4.48
C VAL L 305 2.19 64.33 3.95
N ASN L 306 1.45 63.34 4.44
CA ASN L 306 1.50 61.98 3.95
C ASN L 306 0.15 61.67 3.34
N TYR L 307 0.07 61.63 2.03
CA TYR L 307 -1.19 61.38 1.36
C TYR L 307 -1.07 60.19 0.47
N TYR L 308 -2.12 59.37 0.49
CA TYR L 308 -2.23 58.16 -0.34
C TYR L 308 -3.62 58.00 -1.07
N SER L 309 -4.70 58.13 -0.32
CA SER L 309 -6.03 58.01 -0.89
C SER L 309 -7.02 58.79 -0.04
N ARG L 310 -8.29 58.40 -0.09
CA ARG L 310 -9.36 59.15 0.52
C ARG L 310 -10.31 58.20 1.23
N LEU L 311 -11.29 58.79 1.91
CA LEU L 311 -12.39 58.02 2.51
C LEU L 311 -13.69 58.65 2.06
N VAL L 312 -14.66 57.83 1.62
CA VAL L 312 -15.95 58.35 1.19
C VAL L 312 -17.07 57.98 2.16
N TYR L 313 -17.85 58.96 2.60
CA TYR L 313 -18.87 58.74 3.62
C TYR L 313 -20.29 58.74 3.07
N GLY L 314 -21.09 57.82 3.60
CA GLY L 314 -22.52 57.73 3.33
C GLY L 314 -23.28 57.13 4.49
N ALA L 315 -24.58 57.00 4.34
CA ALA L 315 -25.38 56.51 5.43
C ALA L 315 -25.44 54.99 5.46
N LYS L 316 -25.30 54.45 6.66
CA LYS L 316 -25.55 53.06 6.91
C LYS L 316 -26.28 52.94 8.23
N ASP L 317 -27.37 52.18 8.20
CA ASP L 317 -28.26 51.93 9.35
C ASP L 317 -28.21 53.22 10.19
N GLY L 318 -28.46 54.38 9.54
CA GLY L 318 -28.55 55.67 10.26
C GLY L 318 -27.33 56.49 10.63
N HIS L 319 -26.22 55.82 10.94
CA HIS L 319 -24.97 56.56 11.18
C HIS L 319 -24.22 56.78 9.88
N LEU L 320 -23.47 57.88 9.85
CA LEU L 320 -22.69 58.19 8.68
C LEU L 320 -21.30 57.58 8.85
N VAL L 321 -20.92 56.73 7.91
CA VAL L 321 -19.66 55.99 7.99
C VAL L 321 -18.93 55.90 6.65
N PRO L 322 -17.60 55.65 6.70
CA PRO L 322 -16.80 55.46 5.50
C PRO L 322 -17.19 54.18 4.76
N LEU L 323 -17.48 54.32 3.47
CA LEU L 323 -18.09 53.26 2.67
C LEU L 323 -17.06 52.38 2.00
N PRO L 324 -17.33 51.07 1.98
CA PRO L 324 -16.45 50.17 1.21
C PRO L 324 -16.55 50.47 -0.27
N GLY L 325 -15.48 50.12 -1.00
CA GLY L 325 -15.37 50.34 -2.45
C GLY L 325 -14.86 51.73 -2.83
N TYR L 326 -14.34 52.46 -1.85
CA TYR L 326 -13.87 53.82 -2.06
C TYR L 326 -12.62 54.10 -1.22
N GLY L 327 -11.62 54.68 -1.84
CA GLY L 327 -10.43 55.12 -1.13
C GLY L 327 -9.64 53.97 -0.56
N PHE L 328 -9.28 54.09 0.72
CA PHE L 328 -8.58 53.03 1.45
C PHE L 328 -9.37 51.72 1.59
N MET L 329 -10.60 51.66 1.11
CA MET L 329 -11.44 50.53 1.39
C MET L 329 -11.92 49.93 0.09
N SER L 330 -11.05 50.00 -0.91
CA SER L 330 -11.37 49.45 -2.23
C SER L 330 -10.78 48.07 -2.28
N GLU L 331 -11.17 47.29 -3.30
CA GLU L 331 -10.62 45.95 -3.49
C GLU L 331 -9.16 45.95 -3.86
N ARG L 332 -8.40 45.12 -3.19
CA ARG L 332 -6.95 45.00 -3.43
C ARG L 332 -6.63 44.57 -4.85
N GLY L 333 -5.91 45.40 -5.59
CA GLY L 333 -5.53 45.07 -6.97
C GLY L 333 -6.66 45.16 -7.98
N GLY L 334 -7.79 45.73 -7.54
CA GLY L 334 -9.02 45.82 -8.34
C GLY L 334 -9.40 47.24 -8.74
N PHE L 335 -10.68 47.56 -8.62
CA PHE L 335 -11.16 48.91 -8.96
C PHE L 335 -12.14 49.39 -7.92
N ALA L 336 -12.10 50.68 -7.62
CA ALA L 336 -13.01 51.24 -6.65
C ALA L 336 -14.33 51.34 -7.37
N LYS L 337 -15.39 51.63 -6.59
CA LYS L 337 -16.69 51.90 -7.17
C LYS L 337 -16.65 53.08 -8.13
N SER L 338 -15.76 54.03 -7.90
CA SER L 338 -15.59 55.19 -8.80
C SER L 338 -15.09 54.78 -10.17
N GLY L 339 -14.47 53.61 -10.25
CA GLY L 339 -13.90 53.15 -11.50
C GLY L 339 -12.41 53.38 -11.55
N ARG L 340 -11.88 54.08 -10.55
CA ARG L 340 -10.42 54.27 -10.42
C ARG L 340 -9.81 52.99 -9.93
N PRO L 341 -8.61 52.68 -10.40
CA PRO L 341 -7.97 51.44 -9.93
C PRO L 341 -7.47 51.62 -8.52
N ALA L 342 -7.23 50.51 -7.81
CA ALA L 342 -6.70 50.58 -6.46
C ALA L 342 -5.35 49.89 -6.38
N SER L 343 -4.51 50.33 -5.44
CA SER L 343 -3.23 49.67 -5.21
C SER L 343 -3.38 48.23 -4.69
N ASP L 344 -2.29 47.49 -4.68
CA ASP L 344 -2.25 46.18 -4.05
C ASP L 344 -2.76 46.22 -2.60
N PHE L 345 -2.71 47.39 -1.96
CA PHE L 345 -3.21 47.55 -0.60
C PHE L 345 -4.73 47.77 -0.61
N GLY L 346 -5.28 47.94 -1.80
CA GLY L 346 -6.70 48.26 -1.95
C GLY L 346 -7.00 49.72 -1.59
N TRP L 347 -6.13 50.61 -2.06
CA TRP L 347 -6.30 52.03 -1.85
C TRP L 347 -6.50 52.73 -3.19
N GLU L 348 -7.62 53.41 -3.32
CA GLU L 348 -7.99 54.08 -4.56
C GLU L 348 -6.92 55.05 -5.05
N MET L 349 -6.82 55.17 -6.37
CA MET L 349 -5.98 56.18 -7.00
C MET L 349 -6.79 57.47 -7.04
N TYR L 350 -6.35 58.50 -6.33
CA TYR L 350 -7.15 59.70 -6.24
C TYR L 350 -6.30 60.94 -6.03
N PRO L 351 -5.58 61.35 -7.08
CA PRO L 351 -4.81 62.61 -7.00
C PRO L 351 -5.64 63.86 -6.62
N GLU L 352 -6.88 63.91 -7.06
CA GLU L 352 -7.77 65.03 -6.70
C GLU L 352 -7.76 65.36 -5.19
N GLY L 353 -7.74 64.31 -4.36
CA GLY L 353 -7.78 64.46 -2.91
C GLY L 353 -6.61 65.23 -2.33
N LEU L 354 -5.46 65.06 -2.96
CA LEU L 354 -4.25 65.72 -2.54
C LEU L 354 -4.32 67.20 -2.86
N GLU L 355 -4.82 67.49 -4.08
CA GLU L 355 -4.99 68.86 -4.52
C GLU L 355 -5.94 69.53 -3.58
N ASN L 356 -7.09 68.91 -3.33
CA ASN L 356 -8.06 69.50 -2.36
C ASN L 356 -7.45 69.65 -0.97
N LEU L 357 -6.73 68.62 -0.53
CA LEU L 357 -6.11 68.60 0.82
C LEU L 357 -5.13 69.73 1.05
N LEU L 358 -4.22 69.91 0.11
CA LEU L 358 -3.22 70.95 0.23
C LEU L 358 -3.86 72.34 0.34
N LYS L 359 -4.92 72.60 -0.39
CA LYS L 359 -5.59 73.89 -0.30
C LYS L 359 -6.30 74.01 1.03
N TYR L 360 -6.91 72.93 1.48
CA TYR L 360 -7.50 72.90 2.82
C TYR L 360 -6.51 73.21 3.96
N LEU L 361 -5.30 72.66 3.87
CA LEU L 361 -4.29 72.78 4.94
C LEU L 361 -3.57 74.13 4.91
N ASN L 362 -3.42 74.67 3.71
CA ASN L 362 -2.81 75.96 3.55
C ASN L 362 -3.76 77.01 4.10
N ASN L 363 -5.03 76.90 3.76
CA ASN L 363 -5.99 77.85 4.26
C ASN L 363 -6.13 77.71 5.77
N ALA L 364 -6.19 76.47 6.24
CA ALA L 364 -6.42 76.20 7.66
C ALA L 364 -5.25 76.59 8.54
N TYR L 365 -4.03 76.42 8.05
CA TYR L 365 -2.84 76.57 8.90
C TYR L 365 -1.82 77.60 8.41
N GLU L 366 -1.83 77.90 7.11
CA GLU L 366 -0.89 78.85 6.50
C GLU L 366 0.59 78.56 6.81
N LEU L 367 0.95 77.27 6.84
CA LEU L 367 2.30 76.83 7.16
C LEU L 367 3.03 76.22 5.95
N PRO L 368 4.38 76.24 5.97
CA PRO L 368 5.12 75.50 4.92
C PRO L 368 4.88 74.00 4.95
N MET L 369 4.64 73.39 3.79
CA MET L 369 4.35 71.96 3.71
C MET L 369 5.32 71.18 2.83
N ILE L 370 5.54 69.92 3.19
CA ILE L 370 6.28 68.99 2.32
C ILE L 370 5.55 67.68 2.23
N ILE L 371 5.37 67.21 1.01
CA ILE L 371 4.76 65.91 0.82
C ILE L 371 5.83 64.94 1.28
N THR L 372 5.71 64.48 2.52
CA THR L 372 6.70 63.62 3.14
C THR L 372 6.40 62.12 2.88
N GLU L 373 5.28 61.82 2.23
CA GLU L 373 5.00 60.47 1.86
C GLU L 373 3.91 60.46 0.78
N ASN L 374 4.18 59.80 -0.34
CA ASN L 374 3.17 59.56 -1.37
C ASN L 374 3.69 58.54 -2.32
N GLY L 375 2.88 57.54 -2.57
CA GLY L 375 3.27 56.39 -3.45
C GLY L 375 2.19 55.33 -3.50
N MET L 376 2.50 54.16 -4.03
CA MET L 376 1.52 53.08 -3.98
C MET L 376 2.12 51.69 -4.07
N ALA L 377 1.45 50.72 -3.44
CA ALA L 377 1.80 49.31 -3.53
C ALA L 377 1.38 48.76 -4.90
N ASP L 378 2.39 48.47 -5.71
CA ASP L 378 2.22 48.05 -7.10
C ASP L 378 3.43 47.23 -7.44
N ALA L 379 3.33 45.92 -7.31
CA ALA L 379 4.47 45.04 -7.59
C ALA L 379 4.83 45.06 -9.08
N ALA L 380 3.79 45.26 -9.88
CA ALA L 380 3.86 45.21 -11.34
C ALA L 380 4.25 46.54 -12.02
N ASP L 381 4.37 47.63 -11.27
CA ASP L 381 4.62 48.94 -11.89
C ASP L 381 3.51 49.30 -12.93
N ARG L 382 2.35 48.65 -12.79
CA ARG L 382 1.21 48.87 -13.71
C ARG L 382 0.71 50.29 -13.62
N TYR L 383 0.64 50.84 -12.41
CA TYR L 383 0.05 52.17 -12.21
C TYR L 383 0.99 53.21 -11.65
N ARG L 384 2.04 52.78 -10.97
CA ARG L 384 2.98 53.74 -10.39
C ARG L 384 3.33 54.96 -11.31
N PRO L 385 3.78 54.72 -12.55
CA PRO L 385 4.05 55.86 -13.41
C PRO L 385 2.95 56.92 -13.47
N HIS L 386 1.72 56.51 -13.71
CA HIS L 386 0.65 57.47 -13.70
C HIS L 386 0.44 58.08 -12.29
N TYR L 387 0.59 57.24 -11.27
CA TYR L 387 0.35 57.68 -9.89
C TYR L 387 1.25 58.87 -9.58
N LEU L 388 2.49 58.72 -10.01
CA LEU L 388 3.52 59.70 -9.77
C LEU L 388 3.14 61.02 -10.44
N VAL L 389 2.86 60.94 -11.73
CA VAL L 389 2.66 62.13 -12.55
C VAL L 389 1.34 62.78 -12.20
N SER L 390 0.30 61.98 -11.98
CA SER L 390 -0.97 62.55 -11.58
C SER L 390 -0.83 63.31 -10.28
N HIS L 391 -0.14 62.72 -9.30
CA HIS L 391 -0.07 63.34 -7.97
C HIS L 391 0.84 64.57 -7.94
N LEU L 392 1.90 64.55 -8.72
CA LEU L 392 2.73 65.75 -8.86
C LEU L 392 1.94 66.90 -9.49
N LYS L 393 1.09 66.57 -10.47
CA LYS L 393 0.20 67.55 -11.08
C LYS L 393 -0.71 68.15 -9.99
N ALA L 394 -1.25 67.29 -9.14
CA ALA L 394 -2.11 67.73 -8.05
C ALA L 394 -1.40 68.70 -7.10
N VAL L 395 -0.11 68.48 -6.86
CA VAL L 395 0.65 69.38 -5.97
C VAL L 395 0.84 70.70 -6.69
N TYR L 396 1.33 70.61 -7.92
CA TYR L 396 1.51 71.77 -8.77
C TYR L 396 0.26 72.66 -8.89
N ASN L 397 -0.91 72.06 -9.03
CA ASN L 397 -2.15 72.81 -9.00
C ASN L 397 -2.35 73.54 -7.68
N ALA L 398 -2.11 72.85 -6.57
CA ALA L 398 -2.39 73.39 -5.25
C ALA L 398 -1.50 74.59 -4.99
N MET L 399 -0.28 74.52 -5.48
CA MET L 399 0.71 75.59 -5.31
C MET L 399 0.32 76.86 -6.04
N LYS L 400 -0.29 76.69 -7.21
CA LYS L 400 -0.77 77.79 -8.04
C LYS L 400 -1.85 78.56 -7.34
N GLU L 401 -2.67 77.86 -6.57
CA GLU L 401 -3.74 78.53 -5.81
C GLU L 401 -3.23 78.93 -4.45
N GLY L 402 -1.90 78.97 -4.28
CA GLY L 402 -1.29 79.59 -3.09
C GLY L 402 -0.71 78.67 -2.03
N ALA L 403 -0.90 77.36 -2.17
CA ALA L 403 -0.40 76.41 -1.18
C ALA L 403 1.13 76.49 -1.11
N ASP L 404 1.68 76.60 0.10
CA ASP L 404 3.14 76.72 0.24
C ASP L 404 3.83 75.35 0.36
N VAL L 405 4.11 74.74 -0.79
CA VAL L 405 4.69 73.38 -0.81
C VAL L 405 6.14 73.47 -1.24
N ARG L 406 7.05 73.01 -0.37
CA ARG L 406 8.50 73.13 -0.58
C ARG L 406 9.18 71.85 -1.13
N GLY L 407 8.41 70.78 -1.30
CA GLY L 407 8.98 69.56 -1.84
C GLY L 407 8.03 68.37 -1.93
N TYR L 408 8.51 67.31 -2.57
CA TYR L 408 7.77 66.06 -2.70
C TYR L 408 8.74 64.91 -2.46
N LEU L 409 8.40 64.02 -1.51
CA LEU L 409 9.19 62.82 -1.21
C LEU L 409 8.33 61.59 -1.45
N HIS L 410 8.75 60.78 -2.41
CA HIS L 410 7.98 59.58 -2.75
C HIS L 410 8.22 58.54 -1.66
N TRP L 411 7.24 57.66 -1.47
CA TRP L 411 7.43 56.47 -0.63
C TRP L 411 7.23 55.29 -1.51
N SER L 412 8.33 54.67 -1.95
CA SER L 412 9.67 54.99 -1.49
C SER L 412 10.66 54.59 -2.58
N LEU L 413 11.95 54.84 -2.38
CA LEU L 413 12.94 54.41 -3.34
C LEU L 413 12.84 52.92 -3.53
N THR L 414 13.01 52.16 -2.45
CA THR L 414 13.05 50.69 -2.48
C THR L 414 11.88 50.07 -1.77
N ASP L 415 11.61 48.82 -2.13
CA ASP L 415 10.65 48.02 -1.45
C ASP L 415 11.18 47.81 -0.04
N ASN L 416 10.27 47.53 0.89
CA ASN L 416 10.61 47.45 2.30
C ASN L 416 9.55 46.62 3.05
N TYR L 417 9.62 46.57 4.38
CA TYR L 417 8.73 45.74 5.19
C TYR L 417 7.46 46.50 5.60
N GLU L 418 6.33 46.23 4.94
CA GLU L 418 5.10 46.99 5.20
C GLU L 418 4.39 46.41 6.41
N TRP L 419 5.05 46.58 7.56
CA TRP L 419 4.50 46.23 8.84
C TRP L 419 3.76 44.85 8.89
N ALA L 420 2.47 44.86 9.23
CA ALA L 420 1.73 43.63 9.45
C ALA L 420 1.51 42.88 8.12
N GLN L 421 1.66 43.59 7.02
CA GLN L 421 1.44 43.04 5.71
C GLN L 421 2.71 42.45 5.11
N GLY L 422 3.82 42.53 5.83
CA GLY L 422 5.07 41.96 5.32
C GLY L 422 5.55 42.60 4.05
N PHE L 423 6.13 41.78 3.18
CA PHE L 423 6.75 42.26 1.94
C PHE L 423 5.80 42.32 0.72
N ARG L 424 4.59 41.78 0.85
CA ARG L 424 3.66 41.69 -0.29
C ARG L 424 3.21 43.06 -0.79
N MET L 425 3.28 44.05 0.09
CA MET L 425 3.04 45.43 -0.35
C MET L 425 4.39 46.02 -0.74
N ARG L 426 4.60 46.21 -2.05
CA ARG L 426 5.84 46.80 -2.53
C ARG L 426 5.62 48.21 -3.06
N PHE L 427 6.15 49.20 -2.32
CA PHE L 427 5.96 50.61 -2.68
C PHE L 427 7.12 51.25 -3.46
N GLY L 428 8.17 50.47 -3.77
CA GLY L 428 9.45 50.99 -4.30
C GLY L 428 9.44 51.39 -5.77
N LEU L 429 10.07 52.52 -6.09
CA LEU L 429 10.50 52.83 -7.46
C LEU L 429 11.61 51.83 -7.86
N VAL L 430 12.20 51.19 -6.85
CA VAL L 430 13.21 50.19 -7.01
C VAL L 430 12.72 48.89 -6.40
N TYR L 431 12.70 47.84 -7.21
CA TYR L 431 12.40 46.50 -6.71
C TYR L 431 13.60 46.01 -5.94
N VAL L 432 13.34 45.23 -4.89
CA VAL L 432 14.42 44.55 -4.14
C VAL L 432 14.12 43.06 -3.98
N ASP L 433 15.10 42.23 -4.38
CA ASP L 433 15.08 40.78 -4.17
C ASP L 433 15.56 40.50 -2.76
N PHE L 434 14.61 40.26 -1.85
CA PHE L 434 14.95 40.16 -0.43
C PHE L 434 15.82 38.95 -0.07
N GLU L 435 16.01 38.00 -1.00
CA GLU L 435 16.96 36.91 -0.78
C GLU L 435 18.38 37.37 -1.07
N THR L 436 18.58 38.08 -2.18
CA THR L 436 19.92 38.52 -2.63
C THR L 436 20.25 39.96 -2.23
N LYS L 437 19.23 40.72 -1.79
CA LYS L 437 19.37 42.14 -1.43
C LYS L 437 19.73 43.00 -2.61
N LYS L 438 19.32 42.56 -3.79
CA LYS L 438 19.73 43.24 -5.02
C LYS L 438 18.65 44.15 -5.49
N ARG L 439 19.11 45.31 -5.97
CA ARG L 439 18.25 46.38 -6.44
C ARG L 439 18.11 46.26 -7.94
N TYR L 440 16.87 46.40 -8.40
CA TYR L 440 16.58 46.55 -9.82
C TYR L 440 15.51 47.63 -9.96
N LEU L 441 15.77 48.64 -10.78
CA LEU L 441 14.85 49.79 -10.89
C LEU L 441 13.62 49.40 -11.68
N ARG L 442 12.45 49.82 -11.22
CA ARG L 442 11.26 49.68 -12.00
C ARG L 442 11.26 50.79 -13.02
N PRO L 443 10.58 50.59 -14.16
CA PRO L 443 10.56 51.65 -15.19
C PRO L 443 10.06 52.99 -14.67
N SER L 444 9.07 52.96 -13.78
CA SER L 444 8.52 54.19 -13.17
C SER L 444 9.61 55.10 -12.54
N ALA L 445 10.75 54.51 -12.19
CA ALA L 445 11.86 55.25 -11.63
C ALA L 445 12.42 56.26 -12.62
N LEU L 446 12.13 56.08 -13.90
CA LEU L 446 12.70 56.94 -14.95
C LEU L 446 11.82 58.10 -15.37
N VAL L 447 10.62 58.13 -14.82
CA VAL L 447 9.79 59.32 -14.88
C VAL L 447 10.55 60.43 -14.17
N SER L 448 11.24 60.04 -13.08
CA SER L 448 12.02 60.93 -12.19
C SER L 448 13.31 61.55 -12.79
N VAL L 449 13.79 61.02 -13.92
CA VAL L 449 15.08 61.46 -14.53
C VAL L 449 15.02 62.77 -15.36
N LYS L 450 14.26 63.78 -14.90
CA LYS L 450 14.04 65.01 -15.67
C LYS L 450 13.60 66.27 -14.86
#